data_3E47
#
_entry.id   3E47
#
_cell.length_a   135.490
_cell.length_b   301.057
_cell.length_c   144.453
_cell.angle_alpha   90.00
_cell.angle_beta   112.78
_cell.angle_gamma   90.00
#
_symmetry.space_group_name_H-M   'P 1 21 1'
#
loop_
_entity.id
_entity.type
_entity.pdbx_description
1 polymer 'Proteasome component Y7'
2 polymer 'Proteasome component Y13'
3 polymer 'Proteasome component PRE6'
4 polymer 'Proteasome component PUP2'
5 polymer 'Proteasome component PRE5'
6 polymer 'Proteasome component C1'
7 polymer 'Proteasome component C7-alpha'
8 polymer 'Proteasome component PUP1'
9 polymer 'Proteasome component PUP3'
10 polymer 'Proteasome component C11'
11 polymer 'Proteasome component PRE2'
12 polymer 'Proteasome component C5'
13 polymer 'Proteasome component PRE4'
14 polymer 'Proteasome component PRE3'
15 non-polymer 'benzyl N-[(benzyloxy)carbonyl]-L-alanyl-N~6~-[(2R,3S,4S)-3-formyl-2-hydroxy-4-methylhexanoyl]-L-lysinate'
16 water water
#
loop_
_entity_poly.entity_id
_entity_poly.type
_entity_poly.pdbx_seq_one_letter_code
_entity_poly.pdbx_strand_id
1 'polypeptide(L)'
;MTDRYSFSLTTFSPSGKLGQIDYALTAVKQGVTSLGIKATNGVVIATEKKSSSPLAMSETLSKVSLLTPDIGAVYSGMGP
DYRVLVDKSRKVAHTSYKRIYGEYPPTKLLVSEVAKIMQEATQSGGVRPFGVSLLIAGHDEFNGFSLYQVDPSGSYFPWK
ATAIGKGSVAAKTFLEKRWNDELELEDAIHIALLTLKESVEGEFNGDTIELAIIGDENPDLLGYTGIPTDKGPRFRKLTS
QEINDRLEAL
;
A,O
2 'polypeptide(L)'
;GSRRYDSRTTIFSPEGRLYQVEYALESISHAGTAIGIMASDGIVLAAERKVTSTLLEQDTSTEKLYKLNDKIAVAVAGLT
ADAEILINTARIHAQNYLKTYNEDIPVEILVRRLSDIKQGYTQHGGLRPFGVSFIYAGYDDRYGYQLYTSNPSGNYTGWK
AISVGANTSAAQTLLQMDYKDDMKVDDAIELALKTLSKTTDSSALTYDRLEFATIRKGANDGEVYQKIFKPQEIKDILVK
TGIT
;
B,P
3 'polypeptide(L)'
;GYDRALSIFSPDGHIFQVEYALEAVKRGTCAVGVKGKNCVVLGCERRSTLKLQDTRITPSKVSKIDSHVVLSFSGLNADS
RILIEKARVEAQSHRLTLEDPVTVEYLTRYVAGVQQRYTQSGGVRPFGVSTLIAGFDPRDDEPKLYQTEPSGIYSSWSAQ
TIGRNSKTVREFLEKNYDRKEPPATVEECVKLTVRSLLEVVQTGAKNIEITVVKPDSDIVALSSEEINQYVTQIEQEKQE
Q
;
C,Q
4 'polypeptide(L)'
;DRGVSTFSPEGRLFQVEYSLEAIKLGSTAIGIATKEGVVLGVEKRATSPLLESDSIEKIVEIDRHIGCAMSGLTADARSM
IEHARTAAVTHNLYYDEDINVESLTQSVCDLALRFGEGASGEERLMSRPFGVALLIAGHDADDGYQLFHAEPSGTFYRYN
AKAIGSGSEGAQAELLNEWHSSLTLKEAELLVLKILKQVMEEKLDENNAQLSCITKQDGFKIYDNEKTAELIKELKEKEA
AE
;
D,R
5 'polypeptide(L)'
;FRNNYDGDTVTFSPTGRLFQVEYALEAIKQGSVTVGLRSNTHAVLVALKRNADELSSYQKKIIKCDEHMGLSLAGLAPDA
RVLSNYLRQQCNYSSLVFNRKLAVERAGHLLCDKAQKNTQSYGGRPYGVGLLIIGYDKSGAHLLEFQPSGNVTELYGTAI
GARSQGAKTYLERTLDTFIKIDGNPDELIKAGVEAISQSLRDESLTVDNLSIAIVGKDTPFTIYDGEAVAKYI
;
E,S
6 'polypeptide(L)'
;GTGYDLSNSVFSPDGRNFQVEYAVKAVENGTTSIGIKCNDGVVFAVEKLITSKLLVPQKNVKIQVVDRHIGCVYSGLIPD
GRHLVNRGREEAASFKKLYKTPIPIPAFADRLGQYVQAHTLYNSVRPFGVSTIFGGVDKNGAHLYMLEPSGSYWGYKGAA
TGKGRQSAKAELEKLVDHHPEGLSAREAVKQAAKIIYLAHEDNKEKDFELEISWCSLSETNGLHKFVKGDLLQEAIDFAQ
KEIN
;
F,T
7 'polypeptide(L)'
;AGYDRHITIFSPEGRLYQVEYAFKATNQTNINSLAVRGKDCTVVISQKKVPDKLLDPTTVSYIFCISRTIGMVVNGPIPD
ARNAALRAKAEAAEFRYKYGYDMPCDVLAKRMANLSQIYTQRAYMRPLGVILTFVSVDEELGPSIYKTDPAGYYVGYKAT
ATGPKQQEITTNLENHFKKSKIDHINEESWEKVVEFAITHMIDALGTEFSKNDLEVGVATKDKFFTLSAENIEERLVAIA
EQD
;
G,U
8 'polypeptide(L)'
;TTIVGVKFNNGVVIAADTRSTQGPIVADKNCAKLHRISPKIWCAGAGTAADTEAVTQLIGSNIELHSLYTSREPRVVSAL
QMLKQHLFKYQGHIGAYLIVAGVDPTGSHLFSIHAHGSTDVGYYLSLGSGSLAAMAVLESHWKQDLTKEEAIKLASDAIQ
AGIWNDLGSGSNVDVCVMEIGKDAEYLRNYLTPNVREEKQKSYKFPRGTTAVLKESIVNICD
;
H,V
9 'polypeptide(L)'
;SDPSSINGGIVVAMTGKDCVAIACDLRLGSQSLGVSNKFEKIFHYGHVFLGITGLATDVTTLNEMFRYKTNLYKLKEERA
IEPETFTQLVSSSLYERRFGPYFVGPVVAGINSKSGKPFIAGFDLIGCIDEAKDFIVSGTASDQLFGMCESLYEPNLEPE
DLFETISQALLNAADRDALSGWGAVVYIIKKDEVVKRYLKMRQD
;
I,W
10 'polypeptide(L)'
;MDIILGIRVQDSVILASSKAVTRGISVLKDSDDKTRQLSPHTLMSFAGEAGDTVQFAEYIQANIQLYSIREDYELSPQAV
SSFVRQELAKSIRSRRPYQVNVLIGGYDKKKNKPELYQIDYLGTKVELPYGAHGYSGFYTFSLLDHHYRPDMTTEEGLDL
LKLCVQELEKRMPMDFKGVIVKIVDKDGIRQVDDFQAQ
;
J,X
11 'polypeptide(L)'
;TTTLAFRFQGGIIVAVDSRATAGNWVASQTVKKVIEINPFLLGTMAGGAADCQFWETWLGSQCRLHELREKERISVAAAS
KILSNLVYQYKGAGLSMGTMICGYTRKEGPTIYYVDSDGTRLKGDIFCVGSGQTFAYGVLDSNYKWDLSVEDALYLGKRS
ILAAAHRDAYSGGSVNLYHVTEDGWIYHGNHDVGELFWKVKEEEGSFNNVIG
;
K,Y
12 'polypeptide(L)'
;QFNPYGDNGGTILGIAGEDFAVLAGDTRNITDYSINSRYEPKVFDCGDNIVMSANGFAADGDALVKRFKNSVKWYHFDHN
DKKLSINSAARNIQHLLYGKRFFPYYVHTIIAGLDEDGKGAVYSFDPVGSYEREQCRAGGAAASLIMPFLDNQVNFKNQY
EPGTNGKVKKPLKYLSVEEVIKLVRDSFTSATERHIQVGDGLEILIVTKDGVRKEFYELKRD
;
L,Z
13 'polypeptide(L)'
;TQQPIVTGTSVISMKYDNGVIIAADNLGSYGSLLRFNGVERLIPVGDNTVVGISGDISDMQHIERLLKDLVTENAYDNPL
ADAEEALEPSYIFEYLATVMYQRRSKMNPLWNAIIVAGVQSNGDQFLRYVNLLGVTYSSPTLATGFGAHMANPLLRKVVD
RESDIPKTTVQVAEEAIVNAMRVLYYRDARSSRNFSLAIIDKNTGLTFKKNLQVENMKWDFAKDIKGYGTQKI
;
M,1
14 'polypeptide(L)'
;TSIMAVTFKDGVILGADSRTTTGAYIANRVTDKLTRVHDKIWCCRSGSAADTQAIADIVQYHLELYTSQYGTPSTETAAS
VFKELCYENKDNLTAGIIVAGYDDKNKGEVYTIPLGGSVHKLPYAIAGSGSTFIYGYCDKNFRENMSKEETVDFIKHSLS
QAIKWDGSSGGVIRMVVLTAAGVERLIFYPDEYEQL
;
N,2
#
loop_
_chem_comp.id
_chem_comp.type
_chem_comp.name
_chem_comp.formula
ESY non-polymer 'benzyl N-[(benzyloxy)carbonyl]-L-alanyl-N~6~-[(2R,3S,4S)-3-formyl-2-hydroxy-4-methylhexanoyl]-L-lysinate' 'C32 H43 N3 O8'
#
# COMPACT_ATOMS: atom_id res chain seq x y z
N MET A 1 -34.36 -11.71 42.41
CA MET A 1 -32.99 -12.07 42.88
C MET A 1 -32.25 -10.76 43.16
N THR A 2 -30.95 -10.77 42.90
CA THR A 2 -30.06 -9.63 43.11
C THR A 2 -30.06 -9.24 44.59
N ASP A 3 -28.90 -9.27 45.21
CA ASP A 3 -28.78 -8.90 46.60
C ASP A 3 -29.41 -7.51 46.71
N ARG A 4 -30.54 -7.43 47.39
CA ARG A 4 -31.21 -6.15 47.54
C ARG A 4 -30.84 -5.55 48.90
N TYR A 5 -29.98 -6.26 49.60
CA TYR A 5 -29.48 -5.84 50.90
C TYR A 5 -28.25 -4.98 50.68
N SER A 6 -28.49 -3.73 50.30
CA SER A 6 -27.43 -2.77 50.03
C SER A 6 -27.26 -1.78 51.17
N PHE A 7 -27.83 -2.09 52.33
CA PHE A 7 -27.74 -1.23 53.51
C PHE A 7 -27.02 -1.96 54.64
N SER A 8 -26.43 -1.21 55.57
CA SER A 8 -25.71 -1.81 56.68
C SER A 8 -26.59 -2.67 57.57
N LEU A 9 -26.02 -3.78 58.05
CA LEU A 9 -26.74 -4.68 58.94
C LEU A 9 -26.14 -4.50 60.32
N THR A 10 -25.14 -3.63 60.37
CA THR A 10 -24.49 -3.29 61.62
C THR A 10 -24.67 -1.78 61.71
N THR A 11 -25.41 -1.31 62.71
CA THR A 11 -25.63 0.13 62.88
C THR A 11 -25.43 0.53 64.31
N PHE A 12 -25.43 1.83 64.57
CA PHE A 12 -25.23 2.33 65.92
C PHE A 12 -26.53 2.33 66.73
N SER A 13 -26.46 1.81 67.95
CA SER A 13 -27.63 1.80 68.81
C SER A 13 -27.46 3.06 69.68
N PRO A 14 -28.55 3.57 70.25
CA PRO A 14 -28.50 4.78 71.07
C PRO A 14 -27.35 4.88 72.06
N SER A 15 -27.01 3.77 72.72
CA SER A 15 -25.91 3.77 73.69
C SER A 15 -24.56 3.90 72.99
N GLY A 16 -24.57 3.86 71.66
CA GLY A 16 -23.35 3.97 70.90
C GLY A 16 -22.65 2.64 70.70
N LYS A 17 -23.40 1.56 70.87
CA LYS A 17 -22.82 0.24 70.70
C LYS A 17 -23.11 -0.26 69.29
N LEU A 18 -22.22 -1.11 68.79
CA LEU A 18 -22.43 -1.68 67.47
C LEU A 18 -22.79 -3.15 67.73
N GLY A 19 -24.10 -3.38 67.89
CA GLY A 19 -24.63 -4.69 68.15
C GLY A 19 -23.88 -5.88 67.59
N GLN A 20 -23.90 -6.02 66.26
CA GLN A 20 -23.24 -7.13 65.63
C GLN A 20 -21.78 -7.31 66.03
N ILE A 21 -21.03 -6.21 66.16
CA ILE A 21 -19.62 -6.34 66.55
C ILE A 21 -19.62 -7.06 67.89
N ASP A 22 -20.45 -6.56 68.80
CA ASP A 22 -20.60 -7.13 70.12
C ASP A 22 -20.97 -8.60 70.10
N TYR A 23 -22.08 -8.93 69.42
CA TYR A 23 -22.53 -10.31 69.36
C TYR A 23 -21.46 -11.21 68.74
N ALA A 24 -20.78 -10.74 67.72
CA ALA A 24 -19.73 -11.53 67.11
C ALA A 24 -18.69 -11.81 68.18
N LEU A 25 -18.27 -10.77 68.90
CA LEU A 25 -17.27 -10.95 69.95
C LEU A 25 -17.74 -12.01 70.93
N THR A 26 -19.05 -12.01 71.21
CA THR A 26 -19.64 -12.98 72.11
C THR A 26 -19.40 -14.37 71.53
N ALA A 27 -19.71 -14.52 70.25
CA ALA A 27 -19.53 -15.80 69.57
C ALA A 27 -18.08 -16.26 69.69
N VAL A 28 -17.17 -15.30 69.75
CA VAL A 28 -15.75 -15.58 69.86
C VAL A 28 -15.38 -16.09 71.24
N LYS A 29 -15.98 -15.50 72.27
CA LYS A 29 -15.73 -15.89 73.65
C LYS A 29 -16.08 -17.35 73.90
N GLN A 30 -16.93 -17.91 73.06
CA GLN A 30 -17.37 -19.30 73.17
C GLN A 30 -16.42 -20.24 72.45
N GLY A 31 -15.61 -19.70 71.55
CA GLY A 31 -14.69 -20.52 70.81
C GLY A 31 -13.63 -21.17 71.67
N VAL A 32 -13.04 -22.24 71.15
CA VAL A 32 -12.00 -22.94 71.88
C VAL A 32 -10.84 -22.00 72.09
N THR A 33 -10.22 -22.08 73.26
CA THR A 33 -9.09 -21.22 73.58
C THR A 33 -7.92 -21.41 72.63
N SER A 34 -7.29 -20.29 72.26
CA SER A 34 -6.10 -20.28 71.41
C SER A 34 -5.20 -19.19 71.98
N LEU A 35 -3.89 -19.36 71.90
CA LEU A 35 -2.98 -18.37 72.47
C LEU A 35 -1.74 -18.16 71.64
N GLY A 36 -0.95 -17.17 72.01
CA GLY A 36 0.28 -16.86 71.30
C GLY A 36 1.30 -16.24 72.23
N ILE A 37 2.55 -16.62 72.08
CA ILE A 37 3.61 -16.10 72.93
C ILE A 37 4.79 -15.73 72.06
N LYS A 38 5.34 -14.55 72.29
CA LYS A 38 6.48 -14.11 71.52
C LYS A 38 7.73 -14.25 72.37
N ALA A 39 8.74 -14.92 71.83
CA ALA A 39 10.01 -15.07 72.54
C ALA A 39 10.98 -14.09 71.89
N THR A 40 12.26 -14.20 72.20
CA THR A 40 13.23 -13.29 71.60
C THR A 40 13.63 -13.77 70.22
N ASN A 41 13.56 -15.08 70.01
CA ASN A 41 13.94 -15.63 68.73
C ASN A 41 12.85 -16.49 68.13
N GLY A 42 11.60 -16.06 68.30
CA GLY A 42 10.51 -16.82 67.74
C GLY A 42 9.16 -16.47 68.33
N VAL A 43 8.11 -17.05 67.75
CA VAL A 43 6.77 -16.82 68.23
C VAL A 43 6.08 -18.17 68.21
N VAL A 44 5.14 -18.38 69.13
CA VAL A 44 4.43 -19.64 69.16
C VAL A 44 2.93 -19.39 69.30
N ILE A 45 2.17 -20.12 68.51
CA ILE A 45 0.73 -20.01 68.57
C ILE A 45 0.24 -21.42 68.73
N ALA A 46 -0.83 -21.59 69.49
CA ALA A 46 -1.37 -22.91 69.72
C ALA A 46 -2.83 -22.85 70.12
N THR A 47 -3.53 -23.93 69.82
CA THR A 47 -4.94 -24.03 70.14
C THR A 47 -5.22 -25.49 70.42
N GLU A 48 -6.48 -25.85 70.58
CA GLU A 48 -6.85 -27.23 70.87
C GLU A 48 -7.76 -27.80 69.78
N LYS A 49 -7.42 -28.97 69.28
CA LYS A 49 -8.22 -29.63 68.25
C LYS A 49 -9.39 -30.38 68.91
N LYS A 50 -10.50 -29.68 69.08
CA LYS A 50 -11.69 -30.23 69.70
C LYS A 50 -12.48 -31.14 68.74
N SER A 51 -11.96 -32.33 68.47
CA SER A 51 -12.61 -33.28 67.58
C SER A 51 -14.11 -33.42 67.92
N SER A 52 -14.97 -32.99 67.00
CA SER A 52 -16.41 -33.04 67.20
C SER A 52 -16.98 -34.46 67.06
N SER A 53 -16.09 -35.45 67.09
CA SER A 53 -16.44 -36.88 66.98
C SER A 53 -15.15 -37.69 66.88
N PRO A 54 -15.11 -38.86 67.54
CA PRO A 54 -13.90 -39.69 67.48
C PRO A 54 -13.71 -40.33 66.11
N LEU A 55 -14.76 -40.24 65.29
CA LEU A 55 -14.72 -40.78 63.92
C LEU A 55 -14.09 -39.80 62.94
N ALA A 56 -14.06 -38.54 63.33
CA ALA A 56 -13.48 -37.50 62.50
C ALA A 56 -11.96 -37.64 62.61
N MET A 57 -11.27 -37.25 61.55
CA MET A 57 -9.82 -37.32 61.52
C MET A 57 -9.27 -35.95 61.87
N SER A 58 -8.94 -35.79 63.14
CA SER A 58 -8.41 -34.54 63.68
C SER A 58 -7.41 -33.82 62.75
N GLU A 59 -6.59 -34.59 62.04
CA GLU A 59 -5.61 -34.01 61.14
C GLU A 59 -6.25 -33.22 60.00
N THR A 60 -7.29 -33.80 59.40
CA THR A 60 -8.02 -33.17 58.29
C THR A 60 -8.70 -31.86 58.67
N LEU A 61 -8.20 -31.24 59.72
CA LEU A 61 -8.77 -29.99 60.15
C LEU A 61 -7.72 -29.25 60.96
N SER A 62 -7.08 -28.28 60.32
CA SER A 62 -6.08 -27.49 61.00
C SER A 62 -6.72 -26.18 61.40
N LYS A 63 -6.32 -25.69 62.57
CA LYS A 63 -6.81 -24.42 63.06
C LYS A 63 -5.63 -23.47 62.93
N VAL A 64 -4.47 -24.05 62.66
CA VAL A 64 -3.25 -23.28 62.50
C VAL A 64 -2.87 -23.30 61.03
N SER A 65 -2.97 -22.13 60.39
CA SER A 65 -2.67 -22.01 58.97
C SER A 65 -1.50 -21.12 58.62
N LEU A 66 -0.83 -21.48 57.53
CA LEU A 66 0.30 -20.71 57.03
C LEU A 66 -0.29 -19.71 56.02
N LEU A 67 0.04 -18.43 56.20
CA LEU A 67 -0.44 -17.37 55.32
C LEU A 67 0.65 -17.04 54.33
N THR A 68 1.88 -16.95 54.83
CA THR A 68 3.06 -16.70 54.01
C THR A 68 4.13 -17.55 54.67
N PRO A 69 5.22 -17.85 53.97
CA PRO A 69 6.25 -18.67 54.59
C PRO A 69 6.84 -18.15 55.91
N ASP A 70 6.46 -16.94 56.33
CA ASP A 70 6.95 -16.35 57.57
C ASP A 70 5.80 -15.84 58.42
N ILE A 71 4.57 -16.21 58.08
CA ILE A 71 3.41 -15.75 58.84
C ILE A 71 2.40 -16.89 59.03
N GLY A 72 1.93 -17.04 60.26
CA GLY A 72 0.96 -18.08 60.55
C GLY A 72 -0.19 -17.51 61.34
N ALA A 73 -1.36 -18.11 61.21
CA ALA A 73 -2.52 -17.62 61.93
C ALA A 73 -3.25 -18.72 62.65
N VAL A 74 -4.01 -18.32 63.66
CA VAL A 74 -4.81 -19.24 64.45
C VAL A 74 -6.00 -18.43 64.94
N TYR A 75 -7.06 -19.10 65.36
CA TYR A 75 -8.23 -18.37 65.78
C TYR A 75 -9.04 -18.97 66.94
N SER A 76 -10.14 -18.28 67.22
CA SER A 76 -11.11 -18.65 68.22
C SER A 76 -12.39 -18.06 67.70
N GLY A 77 -13.43 -18.87 67.59
CA GLY A 77 -14.69 -18.37 67.07
C GLY A 77 -15.20 -19.35 66.05
N MET A 78 -15.91 -18.86 65.04
CA MET A 78 -16.47 -19.70 63.99
C MET A 78 -15.46 -20.17 62.95
N GLY A 79 -15.18 -21.47 62.97
CA GLY A 79 -14.23 -22.08 62.04
C GLY A 79 -14.41 -21.70 60.59
N PRO A 80 -15.61 -21.81 60.03
CA PRO A 80 -15.83 -21.44 58.61
C PRO A 80 -15.44 -20.00 58.28
N ASP A 81 -15.75 -19.05 59.16
CA ASP A 81 -15.38 -17.66 58.91
C ASP A 81 -13.85 -17.58 58.90
N TYR A 82 -13.20 -18.36 59.75
CA TYR A 82 -11.74 -18.38 59.83
C TYR A 82 -11.14 -18.90 58.52
N ARG A 83 -11.66 -20.03 58.06
CA ARG A 83 -11.16 -20.65 56.83
C ARG A 83 -11.20 -19.71 55.62
N VAL A 84 -12.31 -19.03 55.37
CA VAL A 84 -12.36 -18.14 54.22
C VAL A 84 -11.50 -16.93 54.44
N LEU A 85 -11.28 -16.54 55.70
CA LEU A 85 -10.44 -15.39 55.96
C LEU A 85 -9.01 -15.73 55.62
N VAL A 86 -8.65 -17.01 55.81
CA VAL A 86 -7.32 -17.51 55.51
C VAL A 86 -7.08 -17.51 53.99
N ASP A 87 -8.09 -17.90 53.22
CA ASP A 87 -7.93 -17.91 51.78
C ASP A 87 -7.73 -16.46 51.31
N LYS A 88 -8.62 -15.57 51.74
CA LYS A 88 -8.55 -14.18 51.37
C LYS A 88 -7.21 -13.59 51.79
N SER A 89 -6.72 -13.98 52.97
CA SER A 89 -5.45 -13.48 53.46
C SER A 89 -4.29 -13.92 52.60
N ARG A 90 -4.27 -15.20 52.25
CA ARG A 90 -3.18 -15.70 51.42
C ARG A 90 -3.18 -15.02 50.07
N LYS A 91 -4.37 -14.81 49.51
CA LYS A 91 -4.49 -14.18 48.20
C LYS A 91 -4.07 -12.73 48.21
N VAL A 92 -4.55 -11.98 49.20
CA VAL A 92 -4.19 -10.57 49.25
C VAL A 92 -2.70 -10.44 49.51
N ALA A 93 -2.13 -11.46 50.15
CA ALA A 93 -0.71 -11.44 50.45
C ALA A 93 0.06 -11.36 49.15
N HIS A 94 -0.56 -11.87 48.08
CA HIS A 94 0.04 -11.88 46.75
C HIS A 94 -0.39 -10.69 45.93
N THR A 95 -1.70 -10.56 45.73
CA THR A 95 -2.27 -9.48 44.91
C THR A 95 -1.86 -8.08 45.33
N SER A 96 -1.91 -7.80 46.63
CA SER A 96 -1.58 -6.47 47.10
C SER A 96 -0.15 -6.28 47.50
N TYR A 97 0.66 -7.32 47.38
CA TYR A 97 2.03 -7.15 47.81
C TYR A 97 3.10 -7.92 47.04
N LYS A 98 3.06 -9.24 47.05
CA LYS A 98 4.09 -9.99 46.35
C LYS A 98 4.17 -9.68 44.85
N ARG A 99 3.01 -9.59 44.21
CA ARG A 99 2.96 -9.31 42.78
C ARG A 99 3.32 -7.86 42.44
N ILE A 100 3.69 -7.09 43.46
CA ILE A 100 4.07 -5.69 43.27
C ILE A 100 5.51 -5.45 43.68
N TYR A 101 5.86 -5.86 44.90
CA TYR A 101 7.21 -5.65 45.41
C TYR A 101 8.11 -6.86 45.32
N GLY A 102 7.57 -7.98 44.82
CA GLY A 102 8.39 -9.16 44.67
C GLY A 102 8.81 -9.85 45.96
N GLU A 103 8.19 -9.46 47.07
CA GLU A 103 8.49 -10.08 48.35
C GLU A 103 7.20 -10.20 49.15
N TYR A 104 7.19 -11.04 50.17
CA TYR A 104 5.99 -11.21 50.96
C TYR A 104 5.77 -10.04 51.87
N PRO A 105 4.51 -9.75 52.19
CA PRO A 105 4.23 -8.61 53.07
C PRO A 105 4.77 -8.79 54.47
N PRO A 106 5.06 -7.69 55.17
CA PRO A 106 5.57 -7.78 56.53
C PRO A 106 4.34 -8.03 57.43
N THR A 107 4.53 -8.76 58.51
CA THR A 107 3.42 -9.08 59.41
C THR A 107 2.38 -7.95 59.64
N LYS A 108 2.83 -6.81 60.14
CA LYS A 108 1.89 -5.71 60.39
C LYS A 108 0.99 -5.36 59.21
N LEU A 109 1.56 -5.30 58.02
CA LEU A 109 0.78 -4.96 56.85
C LEU A 109 -0.25 -6.01 56.50
N LEU A 110 0.18 -7.27 56.42
CA LEU A 110 -0.74 -8.36 56.11
C LEU A 110 -1.87 -8.34 57.12
N VAL A 111 -1.51 -8.22 58.39
CA VAL A 111 -2.49 -8.17 59.46
C VAL A 111 -3.41 -7.01 59.13
N SER A 112 -2.81 -5.88 58.80
CA SER A 112 -3.54 -4.69 58.45
C SER A 112 -4.53 -4.98 57.34
N GLU A 113 -4.11 -5.80 56.38
CA GLU A 113 -4.95 -6.18 55.26
C GLU A 113 -6.15 -7.00 55.70
N VAL A 114 -5.91 -7.99 56.56
CA VAL A 114 -6.98 -8.86 57.03
C VAL A 114 -7.98 -8.01 57.78
N ALA A 115 -7.44 -7.13 58.63
CA ALA A 115 -8.26 -6.22 59.43
C ALA A 115 -9.19 -5.41 58.53
N LYS A 116 -8.68 -5.02 57.37
CA LYS A 116 -9.49 -4.24 56.45
C LYS A 116 -10.67 -5.09 56.00
N ILE A 117 -10.39 -6.34 55.67
CA ILE A 117 -11.44 -7.26 55.22
C ILE A 117 -12.53 -7.35 56.27
N MET A 118 -12.12 -7.49 57.52
CA MET A 118 -13.09 -7.59 58.59
C MET A 118 -13.83 -6.29 58.83
N GLN A 119 -13.14 -5.16 58.74
CA GLN A 119 -13.79 -3.87 58.94
C GLN A 119 -14.99 -3.75 58.01
N GLU A 120 -14.77 -4.11 56.75
CA GLU A 120 -15.81 -4.01 55.75
C GLU A 120 -17.07 -4.80 56.06
N ALA A 121 -16.90 -6.02 56.56
CA ALA A 121 -18.05 -6.88 56.90
C ALA A 121 -18.79 -6.29 58.10
N THR A 122 -18.34 -5.12 58.51
CA THR A 122 -18.89 -4.39 59.65
C THR A 122 -19.65 -3.15 59.19
N GLN A 123 -19.50 -2.80 57.91
CA GLN A 123 -20.12 -1.61 57.38
C GLN A 123 -20.75 -1.77 55.98
N SER A 124 -20.25 -2.71 55.18
CA SER A 124 -20.77 -2.95 53.83
C SER A 124 -22.23 -3.38 53.90
N GLY A 125 -22.92 -3.25 52.78
CA GLY A 125 -24.32 -3.62 52.77
C GLY A 125 -24.59 -5.11 52.80
N GLY A 126 -25.67 -5.49 53.48
CA GLY A 126 -26.09 -6.88 53.57
C GLY A 126 -25.16 -7.97 54.07
N VAL A 127 -24.40 -7.73 55.13
CA VAL A 127 -23.50 -8.75 55.66
C VAL A 127 -23.37 -8.64 57.17
N ARG A 128 -22.79 -9.68 57.77
CA ARG A 128 -22.59 -9.72 59.22
C ARG A 128 -21.11 -9.78 59.48
N PRO A 129 -20.65 -9.21 60.59
CA PRO A 129 -19.22 -9.24 60.90
C PRO A 129 -18.75 -10.68 61.03
N PHE A 130 -17.46 -10.91 60.83
CA PHE A 130 -16.91 -12.24 60.96
C PHE A 130 -16.99 -12.63 62.42
N GLY A 131 -17.34 -13.89 62.68
CA GLY A 131 -17.47 -14.37 64.03
C GLY A 131 -16.18 -14.96 64.53
N VAL A 132 -15.07 -14.29 64.28
CA VAL A 132 -13.81 -14.82 64.76
C VAL A 132 -12.85 -13.73 65.21
N SER A 133 -11.77 -14.18 65.84
CA SER A 133 -10.70 -13.32 66.29
C SER A 133 -9.50 -14.16 65.95
N LEU A 134 -8.48 -13.54 65.39
CA LEU A 134 -7.32 -14.27 65.00
C LEU A 134 -6.09 -13.78 65.73
N LEU A 135 -5.09 -14.66 65.79
CA LEU A 135 -3.81 -14.34 66.38
C LEU A 135 -2.89 -14.69 65.23
N ILE A 136 -2.25 -13.67 64.66
CA ILE A 136 -1.34 -13.87 63.55
C ILE A 136 0.06 -13.64 64.07
N ALA A 137 0.96 -14.55 63.71
CA ALA A 137 2.33 -14.45 64.17
C ALA A 137 3.27 -14.57 63.00
N GLY A 138 4.23 -13.66 62.91
CA GLY A 138 5.16 -13.71 61.80
C GLY A 138 6.46 -12.97 62.05
N HIS A 139 7.29 -12.95 61.01
CA HIS A 139 8.58 -12.28 61.10
C HIS A 139 9.01 -11.71 59.76
N ASP A 140 9.35 -10.42 59.75
CA ASP A 140 9.84 -9.81 58.54
C ASP A 140 11.21 -9.24 58.90
N GLU A 141 12.03 -8.97 57.88
CA GLU A 141 13.38 -8.47 58.10
C GLU A 141 13.57 -7.18 58.90
N PHE A 142 12.75 -6.18 58.65
CA PHE A 142 12.93 -4.93 59.36
C PHE A 142 12.16 -4.76 60.67
N ASN A 143 11.33 -5.74 61.01
CA ASN A 143 10.54 -5.63 62.23
C ASN A 143 10.77 -6.81 63.16
N GLY A 144 11.43 -7.83 62.64
CA GLY A 144 11.70 -9.01 63.45
C GLY A 144 10.45 -9.86 63.68
N PHE A 145 10.30 -10.35 64.91
CA PHE A 145 9.16 -11.18 65.23
C PHE A 145 8.05 -10.34 65.79
N SER A 146 6.81 -10.74 65.51
CA SER A 146 5.67 -10.01 66.03
C SER A 146 4.44 -10.89 66.18
N LEU A 147 3.52 -10.44 67.03
CA LEU A 147 2.28 -11.16 67.30
C LEU A 147 1.15 -10.14 67.35
N TYR A 148 0.10 -10.40 66.59
CA TYR A 148 -1.01 -9.48 66.53
C TYR A 148 -2.32 -10.19 66.78
N GLN A 149 -3.32 -9.41 67.21
CA GLN A 149 -4.64 -9.96 67.45
C GLN A 149 -5.57 -9.14 66.59
N VAL A 150 -6.56 -9.79 65.98
CA VAL A 150 -7.50 -9.08 65.12
C VAL A 150 -8.92 -9.45 65.53
N ASP A 151 -9.74 -8.43 65.78
CA ASP A 151 -11.12 -8.65 66.20
C ASP A 151 -12.15 -8.39 65.12
N PRO A 152 -13.36 -8.92 65.30
CA PRO A 152 -14.47 -8.76 64.36
C PRO A 152 -14.70 -7.31 64.00
N SER A 153 -14.33 -6.43 64.93
CA SER A 153 -14.49 -5.00 64.73
C SER A 153 -13.56 -4.54 63.63
N GLY A 154 -12.45 -5.25 63.49
CA GLY A 154 -11.46 -4.89 62.49
C GLY A 154 -10.26 -4.29 63.20
N SER A 155 -10.38 -4.15 64.52
CA SER A 155 -9.31 -3.59 65.35
C SER A 155 -8.24 -4.63 65.59
N TYR A 156 -6.98 -4.22 65.61
CA TYR A 156 -5.89 -5.14 65.84
C TYR A 156 -4.83 -4.48 66.69
N PHE A 157 -4.13 -5.29 67.49
CA PHE A 157 -3.09 -4.79 68.37
C PHE A 157 -2.01 -5.82 68.52
N PRO A 158 -0.77 -5.38 68.76
CA PRO A 158 0.42 -6.21 68.93
C PRO A 158 0.55 -6.64 70.38
N TRP A 159 0.91 -7.91 70.58
CA TRP A 159 1.07 -8.46 71.93
C TRP A 159 2.43 -9.09 72.14
N LYS A 160 2.74 -9.34 73.41
CA LYS A 160 3.97 -10.00 73.78
C LYS A 160 3.49 -11.43 73.98
N ALA A 161 2.27 -11.51 74.48
CA ALA A 161 1.59 -12.77 74.70
C ALA A 161 0.12 -12.46 75.00
N THR A 162 -0.76 -13.38 74.66
CA THR A 162 -2.18 -13.19 74.90
C THR A 162 -2.94 -14.43 74.49
N ALA A 163 -4.22 -14.50 74.86
CA ALA A 163 -5.06 -15.63 74.53
C ALA A 163 -6.45 -15.14 74.23
N ILE A 164 -7.17 -15.90 73.41
CA ILE A 164 -8.52 -15.53 73.03
C ILE A 164 -9.43 -16.74 73.15
N GLY A 165 -10.73 -16.48 73.27
CA GLY A 165 -11.69 -17.57 73.38
C GLY A 165 -12.01 -17.92 74.82
N LYS A 166 -12.73 -19.02 74.98
CA LYS A 166 -13.15 -19.54 76.27
C LYS A 166 -12.43 -19.04 77.53
N GLY A 167 -11.34 -19.70 77.89
CA GLY A 167 -10.63 -19.30 79.10
C GLY A 167 -9.56 -18.25 78.89
N SER A 168 -9.86 -17.25 78.09
CA SER A 168 -8.89 -16.20 77.80
C SER A 168 -8.45 -15.44 79.04
N VAL A 169 -9.39 -15.04 79.87
CA VAL A 169 -9.04 -14.28 81.07
C VAL A 169 -8.07 -15.03 81.97
N ALA A 170 -8.40 -16.30 82.26
CA ALA A 170 -7.55 -17.13 83.08
C ALA A 170 -6.16 -17.26 82.44
N ALA A 171 -6.15 -17.57 81.14
CA ALA A 171 -4.92 -17.73 80.40
C ALA A 171 -4.10 -16.46 80.35
N LYS A 172 -4.73 -15.33 80.07
CA LYS A 172 -3.99 -14.08 80.00
C LYS A 172 -3.30 -13.85 81.32
N THR A 173 -3.99 -14.17 82.40
CA THR A 173 -3.42 -14.00 83.72
C THR A 173 -2.22 -14.92 83.89
N PHE A 174 -2.39 -16.19 83.57
CA PHE A 174 -1.26 -17.11 83.72
C PHE A 174 -0.07 -16.70 82.87
N LEU A 175 -0.34 -16.02 81.77
CA LEU A 175 0.73 -15.58 80.89
C LEU A 175 1.48 -14.39 81.45
N GLU A 176 0.77 -13.44 82.04
CA GLU A 176 1.41 -12.26 82.61
C GLU A 176 2.46 -12.63 83.66
N LYS A 177 2.24 -13.75 84.34
CA LYS A 177 3.17 -14.22 85.37
C LYS A 177 4.45 -14.77 84.79
N ARG A 178 4.30 -15.74 83.89
CA ARG A 178 5.43 -16.43 83.29
C ARG A 178 6.22 -15.69 82.19
N TRP A 179 5.62 -14.68 81.56
CA TRP A 179 6.31 -13.97 80.48
C TRP A 179 7.30 -12.89 80.89
N ASN A 180 8.44 -12.86 80.21
CA ASN A 180 9.48 -11.86 80.45
C ASN A 180 10.12 -11.57 79.09
N ASP A 181 10.93 -10.52 79.00
CA ASP A 181 11.56 -10.16 77.73
C ASP A 181 12.87 -10.87 77.40
N GLU A 182 13.20 -11.92 78.13
CA GLU A 182 14.42 -12.67 77.87
C GLU A 182 14.12 -14.14 77.58
N LEU A 183 12.89 -14.42 77.18
CA LEU A 183 12.47 -15.79 76.87
C LEU A 183 13.09 -16.30 75.58
N GLU A 184 13.38 -17.59 75.55
CA GLU A 184 13.94 -18.22 74.36
C GLU A 184 12.73 -18.97 73.78
N LEU A 185 12.76 -19.30 72.49
CA LEU A 185 11.64 -19.99 71.87
C LEU A 185 11.14 -21.22 72.64
N GLU A 186 12.03 -22.18 72.89
CA GLU A 186 11.68 -23.40 73.62
C GLU A 186 10.98 -23.09 74.95
N ASP A 187 11.47 -22.05 75.62
CA ASP A 187 10.90 -21.63 76.89
C ASP A 187 9.45 -21.25 76.64
N ALA A 188 9.20 -20.50 75.58
CA ALA A 188 7.85 -20.07 75.24
C ALA A 188 6.94 -21.25 74.91
N ILE A 189 7.43 -22.18 74.09
CA ILE A 189 6.66 -23.35 73.73
C ILE A 189 6.21 -24.05 75.00
N HIS A 190 7.13 -24.11 75.95
CA HIS A 190 6.86 -24.73 77.23
C HIS A 190 5.69 -23.97 77.88
N ILE A 191 5.89 -22.67 78.10
CA ILE A 191 4.86 -21.83 78.71
C ILE A 191 3.54 -22.00 77.99
N ALA A 192 3.61 -22.15 76.67
CA ALA A 192 2.43 -22.33 75.84
C ALA A 192 1.66 -23.58 76.25
N LEU A 193 2.37 -24.70 76.25
CA LEU A 193 1.77 -25.98 76.61
C LEU A 193 1.14 -25.95 78.00
N LEU A 194 1.84 -25.35 78.96
CA LEU A 194 1.32 -25.25 80.31
C LEU A 194 0.01 -24.47 80.35
N THR A 195 0.02 -23.28 79.76
CA THR A 195 -1.16 -22.42 79.74
C THR A 195 -2.34 -23.11 79.10
N LEU A 196 -2.07 -23.87 78.05
CA LEU A 196 -3.11 -24.58 77.34
C LEU A 196 -3.70 -25.71 78.17
N LYS A 197 -2.84 -26.43 78.88
CA LYS A 197 -3.26 -27.55 79.73
C LYS A 197 -4.43 -27.18 80.64
N GLU A 198 -4.44 -25.93 81.12
CA GLU A 198 -5.50 -25.47 82.00
C GLU A 198 -6.85 -25.46 81.28
N SER A 199 -6.84 -25.00 80.03
CA SER A 199 -8.07 -24.90 79.23
C SER A 199 -8.50 -26.21 78.59
N VAL A 200 -7.72 -27.27 78.78
CA VAL A 200 -8.04 -28.56 78.20
C VAL A 200 -8.70 -29.52 79.21
N GLU A 201 -9.90 -29.97 78.86
CA GLU A 201 -10.67 -30.88 79.70
C GLU A 201 -10.18 -32.32 79.59
N GLY A 202 -10.52 -32.97 78.47
CA GLY A 202 -10.13 -34.35 78.22
C GLY A 202 -8.66 -34.67 77.99
N GLU A 203 -8.39 -35.44 76.95
CA GLU A 203 -7.04 -35.83 76.61
C GLU A 203 -6.18 -34.65 76.21
N PHE A 204 -4.93 -34.64 76.68
CA PHE A 204 -3.99 -33.56 76.39
C PHE A 204 -2.68 -34.11 75.83
N ASN A 205 -2.64 -34.33 74.52
CA ASN A 205 -1.44 -34.86 73.88
C ASN A 205 -1.26 -34.24 72.49
N GLY A 206 -0.19 -34.65 71.82
CA GLY A 206 0.12 -34.12 70.50
C GLY A 206 -0.89 -34.44 69.40
N ASP A 207 -1.96 -35.14 69.74
CA ASP A 207 -2.97 -35.48 68.76
C ASP A 207 -4.22 -34.64 68.99
N THR A 208 -4.23 -33.92 70.10
CA THR A 208 -5.36 -33.06 70.46
C THR A 208 -4.94 -31.59 70.57
N ILE A 209 -3.64 -31.35 70.46
CA ILE A 209 -3.05 -30.03 70.53
C ILE A 209 -2.42 -29.70 69.17
N GLU A 210 -2.77 -28.56 68.61
CA GLU A 210 -2.21 -28.10 67.33
C GLU A 210 -1.31 -26.95 67.73
N LEU A 211 -0.04 -27.02 67.37
CA LEU A 211 0.88 -25.95 67.74
C LEU A 211 1.93 -25.72 66.66
N ALA A 212 2.16 -24.45 66.35
CA ALA A 212 3.13 -24.05 65.33
C ALA A 212 3.92 -22.84 65.77
N ILE A 213 5.12 -22.66 65.24
CA ILE A 213 5.93 -21.52 65.62
C ILE A 213 6.50 -20.75 64.44
N ILE A 214 7.12 -19.61 64.74
CA ILE A 214 7.76 -18.79 63.72
C ILE A 214 9.15 -18.62 64.30
N GLY A 215 10.16 -19.22 63.69
CA GLY A 215 11.50 -19.09 64.21
C GLY A 215 12.57 -19.02 63.16
N ASP A 216 13.57 -19.88 63.26
CA ASP A 216 14.67 -19.91 62.29
C ASP A 216 14.16 -20.31 60.92
N GLU A 217 15.02 -20.11 59.93
CA GLU A 217 14.71 -20.47 58.56
C GLU A 217 14.91 -21.99 58.42
N ASN A 218 13.97 -22.66 57.75
CA ASN A 218 14.03 -24.10 57.54
C ASN A 218 14.39 -24.48 56.12
N PRO A 219 15.70 -24.49 55.80
CA PRO A 219 16.13 -24.84 54.44
C PRO A 219 15.58 -26.20 53.98
N ASP A 220 15.55 -27.15 54.90
CA ASP A 220 15.06 -28.48 54.61
C ASP A 220 13.59 -28.50 54.13
N LEU A 221 12.88 -27.39 54.32
CA LEU A 221 11.49 -27.30 53.90
C LEU A 221 11.28 -26.41 52.67
N LEU A 222 12.37 -25.89 52.11
CA LEU A 222 12.29 -25.02 50.94
C LEU A 222 11.91 -25.80 49.70
N GLY A 223 12.53 -26.94 49.48
CA GLY A 223 12.20 -27.75 48.33
C GLY A 223 13.16 -27.65 47.15
N TYR A 224 14.14 -26.76 47.25
CA TYR A 224 15.13 -26.58 46.20
C TYR A 224 16.37 -25.89 46.74
N THR A 225 17.46 -25.94 45.98
CA THR A 225 18.69 -25.28 46.39
C THR A 225 19.34 -24.60 45.21
N GLY A 226 20.19 -23.62 45.52
CA GLY A 226 20.87 -22.89 44.47
C GLY A 226 20.65 -21.39 44.52
N ILE A 227 19.84 -20.95 45.46
CA ILE A 227 19.59 -19.52 45.61
C ILE A 227 19.92 -19.09 47.03
N PRO A 228 21.17 -18.68 47.26
CA PRO A 228 21.65 -18.25 48.57
C PRO A 228 20.74 -17.33 49.38
N THR A 229 19.96 -16.49 48.70
CA THR A 229 19.07 -15.58 49.41
C THR A 229 17.76 -16.26 49.82
N ASP A 230 17.52 -17.46 49.30
CA ASP A 230 16.31 -18.21 49.63
C ASP A 230 16.71 -19.33 50.59
N LYS A 231 16.51 -19.09 51.88
CA LYS A 231 16.90 -20.07 52.92
C LYS A 231 15.77 -20.92 53.52
N GLY A 232 14.53 -20.67 53.11
CA GLY A 232 13.44 -21.46 53.63
C GLY A 232 12.50 -20.69 54.53
N PRO A 233 11.31 -21.26 54.83
CA PRO A 233 10.28 -20.65 55.67
C PRO A 233 10.58 -20.64 57.17
N ARG A 234 10.12 -19.59 57.85
CA ARG A 234 10.31 -19.44 59.28
C ARG A 234 9.10 -20.01 60.02
N PHE A 235 8.11 -20.43 59.24
CA PHE A 235 6.89 -21.00 59.80
C PHE A 235 6.95 -22.52 59.79
N ARG A 236 6.88 -23.11 60.96
CA ARG A 236 6.88 -24.57 61.07
C ARG A 236 5.81 -25.00 62.06
N LYS A 237 5.01 -25.98 61.66
CA LYS A 237 3.96 -26.52 62.50
C LYS A 237 4.59 -27.75 63.14
N LEU A 238 4.46 -27.90 64.45
CA LEU A 238 5.02 -29.07 65.12
C LEU A 238 4.23 -30.34 64.81
N THR A 239 4.90 -31.49 64.93
CA THR A 239 4.24 -32.77 64.66
C THR A 239 3.69 -33.36 65.94
N SER A 240 2.71 -34.23 65.80
CA SER A 240 2.10 -34.91 66.94
C SER A 240 3.21 -35.42 67.87
N GLN A 241 4.22 -36.04 67.26
CA GLN A 241 5.36 -36.58 67.98
C GLN A 241 6.18 -35.50 68.71
N GLU A 242 6.46 -34.38 68.03
CA GLU A 242 7.24 -33.32 68.65
C GLU A 242 6.56 -32.70 69.87
N ILE A 243 5.23 -32.74 69.88
CA ILE A 243 4.47 -32.17 71.00
C ILE A 243 4.75 -33.04 72.23
N ASN A 244 4.48 -34.33 72.10
CA ASN A 244 4.67 -35.31 73.16
C ASN A 244 6.04 -35.26 73.81
N ASP A 245 7.08 -35.19 73.01
CA ASP A 245 8.43 -35.14 73.55
C ASP A 245 8.61 -34.00 74.56
N ARG A 246 7.90 -32.90 74.35
CA ARG A 246 8.00 -31.75 75.25
C ARG A 246 7.01 -31.84 76.41
N LEU A 247 6.01 -32.73 76.27
CA LEU A 247 5.01 -32.93 77.31
C LEU A 247 5.60 -33.81 78.41
N GLU A 248 6.53 -34.68 78.03
CA GLU A 248 7.19 -35.56 78.99
C GLU A 248 8.05 -34.76 79.97
N ALA A 249 8.58 -33.64 79.50
CA ALA A 249 9.40 -32.77 80.33
C ALA A 249 8.53 -31.59 80.80
N LEU A 250 7.26 -31.86 81.02
CA LEU A 250 6.31 -30.84 81.47
C LEU A 250 6.26 -30.80 82.99
N GLY B 1 -40.02 -8.63 50.86
CA GLY B 1 -38.70 -8.17 50.35
C GLY B 1 -37.70 -7.82 51.46
N SER B 2 -36.66 -7.09 51.09
CA SER B 2 -35.62 -6.67 52.04
C SER B 2 -35.93 -5.43 52.86
N ARG B 3 -36.72 -4.51 52.28
CA ARG B 3 -37.11 -3.26 52.94
C ARG B 3 -37.34 -3.45 54.43
N ARG B 4 -37.81 -4.64 54.78
CA ARG B 4 -38.09 -5.00 56.15
C ARG B 4 -36.94 -4.74 57.12
N TYR B 5 -35.76 -5.28 56.82
CA TYR B 5 -34.60 -5.16 57.69
C TYR B 5 -33.73 -3.90 57.54
N ASP B 6 -34.20 -2.94 56.73
CA ASP B 6 -33.46 -1.70 56.49
C ASP B 6 -33.60 -0.70 57.64
N SER B 7 -32.49 -0.36 58.26
CA SER B 7 -32.48 0.58 59.39
C SER B 7 -32.59 2.02 58.94
N ARG B 8 -32.41 2.28 57.65
CA ARG B 8 -32.49 3.64 57.10
C ARG B 8 -31.56 4.53 57.91
N THR B 9 -30.27 4.26 57.76
CA THR B 9 -29.24 4.99 58.47
C THR B 9 -29.14 6.46 58.12
N THR B 10 -29.75 6.88 57.03
CA THR B 10 -29.64 8.28 56.65
C THR B 10 -30.93 9.09 56.63
N ILE B 11 -31.71 9.06 57.71
CA ILE B 11 -32.92 9.86 57.71
C ILE B 11 -32.93 10.85 58.86
N PHE B 12 -33.83 11.82 58.76
CA PHE B 12 -33.97 12.87 59.75
C PHE B 12 -34.93 12.46 60.85
N SER B 13 -34.65 12.93 62.07
CA SER B 13 -35.54 12.67 63.19
C SER B 13 -36.56 13.79 63.09
N PRO B 14 -37.73 13.62 63.71
CA PRO B 14 -38.74 14.68 63.63
C PRO B 14 -38.19 16.03 64.04
N GLU B 15 -37.11 16.02 64.81
CA GLU B 15 -36.49 17.25 65.28
C GLU B 15 -35.44 17.78 64.29
N GLY B 16 -35.23 17.05 63.21
CA GLY B 16 -34.26 17.48 62.21
C GLY B 16 -32.84 17.11 62.56
N ARG B 17 -32.67 16.03 63.32
CA ARG B 17 -31.34 15.57 63.71
C ARG B 17 -31.08 14.26 62.97
N LEU B 18 -29.82 13.85 62.93
CA LEU B 18 -29.46 12.62 62.24
C LEU B 18 -29.15 11.49 63.22
N TYR B 19 -30.16 10.66 63.49
CA TYR B 19 -30.04 9.53 64.41
C TYR B 19 -28.66 8.92 64.50
N GLN B 20 -28.27 8.22 63.43
CA GLN B 20 -26.99 7.56 63.37
C GLN B 20 -25.79 8.43 63.70
N VAL B 21 -25.80 9.69 63.25
CA VAL B 21 -24.68 10.57 63.54
C VAL B 21 -24.62 10.79 65.05
N GLU B 22 -25.76 11.14 65.64
CA GLU B 22 -25.84 11.38 67.07
C GLU B 22 -25.32 10.16 67.85
N TYR B 23 -25.78 8.97 67.46
CA TYR B 23 -25.35 7.73 68.14
C TYR B 23 -23.88 7.46 67.94
N ALA B 24 -23.36 7.76 66.75
CA ALA B 24 -21.95 7.55 66.50
C ALA B 24 -21.21 8.48 67.44
N LEU B 25 -21.67 9.73 67.49
CA LEU B 25 -21.08 10.76 68.35
C LEU B 25 -21.04 10.25 69.79
N GLU B 26 -22.10 9.53 70.15
CA GLU B 26 -22.21 8.94 71.48
C GLU B 26 -21.12 7.89 71.64
N SER B 27 -20.96 7.06 70.63
CA SER B 27 -19.95 6.01 70.67
C SER B 27 -18.58 6.64 70.88
N ILE B 28 -18.34 7.75 70.17
CA ILE B 28 -17.08 8.48 70.24
C ILE B 28 -16.78 8.96 71.65
N SER B 29 -17.82 9.39 72.36
CA SER B 29 -17.64 9.90 73.72
C SER B 29 -17.02 8.89 74.68
N HIS B 30 -17.15 7.60 74.39
CA HIS B 30 -16.56 6.58 75.26
C HIS B 30 -15.14 6.23 74.84
N ALA B 31 -14.59 6.99 73.90
CA ALA B 31 -13.24 6.71 73.41
C ALA B 31 -12.13 7.44 74.18
N GLY B 32 -10.93 6.87 74.12
CA GLY B 32 -9.80 7.48 74.80
C GLY B 32 -9.72 8.93 74.37
N THR B 33 -9.51 9.83 75.32
CA THR B 33 -9.44 11.26 75.02
C THR B 33 -8.19 11.68 74.24
N ALA B 34 -8.39 12.56 73.27
CA ALA B 34 -7.29 13.08 72.47
C ALA B 34 -7.32 14.59 72.57
N ILE B 35 -6.13 15.19 72.65
CA ILE B 35 -6.01 16.64 72.76
C ILE B 35 -5.06 17.24 71.75
N GLY B 36 -5.47 18.39 71.22
CA GLY B 36 -4.66 19.12 70.26
C GLY B 36 -4.54 20.56 70.71
N ILE B 37 -3.30 21.00 70.93
CA ILE B 37 -3.03 22.38 71.36
C ILE B 37 -2.03 23.02 70.41
N MET B 38 -2.37 24.20 69.89
CA MET B 38 -1.50 24.87 68.96
C MET B 38 -0.77 26.08 69.55
N ALA B 39 0.55 26.02 69.53
CA ALA B 39 1.37 27.10 70.05
C ALA B 39 1.81 28.04 68.94
N SER B 40 2.72 28.94 69.27
CA SER B 40 3.23 29.90 68.29
C SER B 40 4.30 29.27 67.42
N ASP B 41 5.07 28.36 68.02
CA ASP B 41 6.16 27.68 67.31
C ASP B 41 5.89 26.20 67.06
N GLY B 42 4.64 25.76 67.16
CA GLY B 42 4.34 24.36 66.93
C GLY B 42 2.95 23.87 67.34
N ILE B 43 2.73 22.58 67.17
CA ILE B 43 1.45 21.96 67.51
C ILE B 43 1.72 20.69 68.31
N VAL B 44 0.84 20.41 69.26
CA VAL B 44 0.99 19.23 70.10
C VAL B 44 -0.23 18.32 70.09
N LEU B 45 0.00 17.04 69.83
CA LEU B 45 -1.09 16.06 69.82
C LEU B 45 -0.80 15.05 70.93
N ALA B 46 -1.79 14.85 71.78
CA ALA B 46 -1.65 13.91 72.88
C ALA B 46 -2.94 13.13 73.02
N ALA B 47 -2.83 11.83 73.27
CA ALA B 47 -4.03 11.00 73.42
C ALA B 47 -3.82 9.84 74.39
N GLU B 48 -4.89 9.45 75.05
CA GLU B 48 -4.91 8.39 76.03
C GLU B 48 -5.33 7.06 75.42
N ARG B 49 -4.44 6.06 75.48
CA ARG B 49 -4.74 4.73 74.96
C ARG B 49 -5.85 4.10 75.78
N LYS B 50 -6.98 3.83 75.14
CA LYS B 50 -8.10 3.22 75.85
C LYS B 50 -7.83 1.73 76.06
N VAL B 51 -7.91 1.31 77.33
CA VAL B 51 -7.67 -0.08 77.74
C VAL B 51 -6.32 -0.66 77.29
N THR B 52 -5.58 -1.19 78.26
CA THR B 52 -4.30 -1.78 77.96
C THR B 52 -4.09 -3.00 78.83
N SER B 53 -2.89 -3.54 78.79
CA SER B 53 -2.54 -4.71 79.57
C SER B 53 -1.04 -4.63 79.81
N THR B 54 -0.54 -5.53 80.64
CA THR B 54 0.89 -5.55 80.94
C THR B 54 1.58 -6.18 79.75
N LEU B 55 0.84 -7.05 79.06
CA LEU B 55 1.37 -7.76 77.90
C LEU B 55 1.20 -7.04 76.58
N LEU B 56 0.44 -5.95 76.58
CA LEU B 56 0.25 -5.21 75.34
C LEU B 56 1.60 -4.63 74.92
N GLU B 57 2.03 -5.00 73.72
CA GLU B 57 3.29 -4.51 73.16
C GLU B 57 3.07 -3.05 72.80
N GLN B 58 3.67 -2.12 73.54
CA GLN B 58 3.45 -0.71 73.27
C GLN B 58 4.39 -0.05 72.27
N ASP B 59 5.64 -0.51 72.21
CA ASP B 59 6.58 0.05 71.26
C ASP B 59 6.01 -0.12 69.85
N THR B 60 5.62 -1.36 69.54
CA THR B 60 5.05 -1.73 68.25
C THR B 60 3.58 -1.32 68.07
N SER B 61 3.09 -0.40 68.90
CA SER B 61 1.68 0.00 68.81
C SER B 61 1.43 1.45 68.37
N THR B 62 0.24 1.65 67.77
CA THR B 62 -0.23 2.94 67.29
C THR B 62 -1.73 2.81 67.05
N GLU B 63 -2.53 3.47 67.89
CA GLU B 63 -3.99 3.41 67.75
C GLU B 63 -4.64 4.79 67.80
N LYS B 64 -3.84 5.84 68.02
CA LYS B 64 -4.43 7.16 68.11
C LYS B 64 -3.74 8.28 67.33
N LEU B 65 -2.45 8.14 67.07
CA LEU B 65 -1.72 9.15 66.33
C LEU B 65 -1.21 8.58 65.02
N TYR B 66 -1.73 9.12 63.93
CA TYR B 66 -1.35 8.66 62.59
C TYR B 66 -0.78 9.78 61.73
N LYS B 67 0.21 9.41 60.93
CA LYS B 67 0.87 10.34 60.04
C LYS B 67 0.17 10.27 58.68
N LEU B 68 -0.39 11.38 58.21
CA LEU B 68 -1.07 11.38 56.91
C LEU B 68 -0.12 11.83 55.81
N ASN B 69 0.69 12.80 56.18
CA ASN B 69 1.62 13.45 55.26
C ASN B 69 2.87 13.68 56.08
N ASP B 70 3.79 14.49 55.57
CA ASP B 70 4.99 14.81 56.33
C ASP B 70 4.75 16.09 57.10
N LYS B 71 3.59 16.71 56.85
CA LYS B 71 3.23 17.95 57.50
C LYS B 71 1.87 17.87 58.16
N ILE B 72 1.19 16.75 57.97
CA ILE B 72 -0.13 16.59 58.57
C ILE B 72 -0.25 15.27 59.32
N ALA B 73 -0.75 15.33 60.54
CA ALA B 73 -0.93 14.14 61.37
C ALA B 73 -2.29 14.26 62.03
N VAL B 74 -2.88 13.14 62.41
CA VAL B 74 -4.19 13.23 63.05
C VAL B 74 -4.26 12.42 64.32
N ALA B 75 -5.16 12.81 65.20
CA ALA B 75 -5.38 12.09 66.45
C ALA B 75 -6.77 11.48 66.28
N VAL B 76 -6.88 10.18 66.55
CA VAL B 76 -8.13 9.48 66.38
C VAL B 76 -8.92 9.21 67.64
N ALA B 77 -10.24 9.29 67.53
CA ALA B 77 -11.13 9.00 68.65
C ALA B 77 -12.32 8.25 68.07
N GLY B 78 -12.51 7.02 68.51
CA GLY B 78 -13.60 6.20 68.02
C GLY B 78 -13.10 4.88 67.45
N LEU B 79 -13.83 4.30 66.50
CA LEU B 79 -13.45 3.02 65.87
C LEU B 79 -12.11 3.03 65.16
N THR B 80 -11.12 2.35 65.73
CA THR B 80 -9.81 2.29 65.11
C THR B 80 -9.91 1.88 63.65
N ALA B 81 -10.54 0.74 63.39
CA ALA B 81 -10.69 0.23 62.02
C ALA B 81 -11.34 1.25 61.07
N ASP B 82 -12.41 1.91 61.51
CA ASP B 82 -13.08 2.91 60.67
C ASP B 82 -12.10 4.02 60.35
N ALA B 83 -11.31 4.39 61.35
CA ALA B 83 -10.33 5.45 61.15
C ALA B 83 -9.34 5.06 60.08
N GLU B 84 -8.75 3.88 60.20
CA GLU B 84 -7.78 3.45 59.20
C GLU B 84 -8.28 3.55 57.77
N ILE B 85 -9.56 3.24 57.55
CA ILE B 85 -10.09 3.33 56.20
C ILE B 85 -9.97 4.77 55.71
N LEU B 86 -10.48 5.70 56.51
CA LEU B 86 -10.44 7.11 56.17
C LEU B 86 -9.01 7.62 56.04
N ILE B 87 -8.17 7.26 57.01
CA ILE B 87 -6.78 7.68 57.03
C ILE B 87 -6.09 7.35 55.73
N ASN B 88 -6.24 6.12 55.26
CA ASN B 88 -5.60 5.73 54.02
C ASN B 88 -6.11 6.54 52.83
N THR B 89 -7.42 6.72 52.70
CA THR B 89 -7.90 7.50 51.57
C THR B 89 -7.35 8.92 51.70
N ALA B 90 -7.19 9.37 52.94
CA ALA B 90 -6.65 10.70 53.21
C ALA B 90 -5.23 10.78 52.66
N ARG B 91 -4.42 9.77 52.96
CA ARG B 91 -3.05 9.74 52.48
C ARG B 91 -3.00 9.74 50.96
N ILE B 92 -3.98 9.10 50.31
CA ILE B 92 -4.03 9.06 48.85
C ILE B 92 -4.32 10.44 48.29
N HIS B 93 -5.35 11.10 48.82
CA HIS B 93 -5.70 12.43 48.37
C HIS B 93 -4.47 13.34 48.40
N ALA B 94 -3.76 13.30 49.52
CA ALA B 94 -2.57 14.11 49.72
C ALA B 94 -1.55 13.90 48.62
N GLN B 95 -1.36 12.64 48.22
CA GLN B 95 -0.41 12.32 47.17
C GLN B 95 -0.95 12.66 45.78
N ASN B 96 -2.27 12.62 45.59
CA ASN B 96 -2.81 12.98 44.28
C ASN B 96 -2.53 14.45 44.05
N TYR B 97 -2.77 15.24 45.10
CA TYR B 97 -2.56 16.68 45.05
C TYR B 97 -1.10 16.95 44.72
N LEU B 98 -0.20 16.32 45.46
CA LEU B 98 1.21 16.50 45.23
C LEU B 98 1.61 16.18 43.79
N LYS B 99 1.07 15.09 43.25
CA LYS B 99 1.40 14.71 41.88
C LYS B 99 0.83 15.69 40.87
N THR B 100 -0.34 16.23 41.17
CA THR B 100 -0.98 17.16 40.26
C THR B 100 -0.40 18.55 40.24
N TYR B 101 -0.06 19.06 41.42
CA TYR B 101 0.44 20.42 41.52
C TYR B 101 1.91 20.58 41.89
N ASN B 102 2.51 19.49 42.33
CA ASN B 102 3.91 19.53 42.75
C ASN B 102 4.11 20.48 43.92
N GLU B 103 3.18 20.38 44.87
CA GLU B 103 3.19 21.18 46.08
C GLU B 103 2.43 20.36 47.10
N ASP B 104 2.79 20.47 48.38
CA ASP B 104 2.10 19.71 49.41
C ASP B 104 0.66 20.21 49.58
N ILE B 105 -0.24 19.28 49.82
CA ILE B 105 -1.66 19.57 49.99
C ILE B 105 -1.87 20.51 51.19
N PRO B 106 -2.58 21.64 51.00
CA PRO B 106 -2.85 22.60 52.07
C PRO B 106 -3.74 21.93 53.11
N VAL B 107 -3.36 22.04 54.38
CA VAL B 107 -4.08 21.39 55.45
C VAL B 107 -5.60 21.41 55.38
N GLU B 108 -6.19 22.57 55.11
CA GLU B 108 -7.64 22.64 55.05
C GLU B 108 -8.25 21.90 53.88
N ILE B 109 -7.56 21.88 52.76
CA ILE B 109 -8.07 21.20 51.59
C ILE B 109 -8.19 19.72 51.91
N LEU B 110 -7.22 19.18 52.63
CA LEU B 110 -7.22 17.76 52.99
C LEU B 110 -8.31 17.48 54.00
N VAL B 111 -8.42 18.34 55.01
CA VAL B 111 -9.44 18.18 56.03
C VAL B 111 -10.85 18.25 55.43
N ARG B 112 -11.06 19.12 54.46
CA ARG B 112 -12.37 19.25 53.84
C ARG B 112 -12.71 17.98 53.05
N ARG B 113 -11.78 17.58 52.20
CA ARG B 113 -11.96 16.40 51.36
C ARG B 113 -12.40 15.21 52.20
N LEU B 114 -11.73 14.98 53.31
CA LEU B 114 -12.04 13.86 54.19
C LEU B 114 -13.40 14.04 54.86
N SER B 115 -13.71 15.28 55.24
CA SER B 115 -14.99 15.56 55.89
C SER B 115 -16.13 15.36 54.92
N ASP B 116 -15.89 15.70 53.66
CA ASP B 116 -16.89 15.55 52.61
C ASP B 116 -17.25 14.07 52.46
N ILE B 117 -16.26 13.21 52.61
CA ILE B 117 -16.48 11.78 52.49
C ILE B 117 -17.38 11.35 53.63
N LYS B 118 -17.08 11.80 54.84
CA LYS B 118 -17.89 11.45 55.98
C LYS B 118 -19.31 11.91 55.75
N GLN B 119 -19.45 13.15 55.28
CA GLN B 119 -20.77 13.72 55.02
C GLN B 119 -21.54 12.88 54.02
N GLY B 120 -20.85 12.22 53.11
CA GLY B 120 -21.52 11.41 52.11
C GLY B 120 -22.31 10.28 52.74
N TYR B 121 -21.67 9.55 53.64
CA TYR B 121 -22.31 8.44 54.33
C TYR B 121 -23.48 8.93 55.14
N THR B 122 -23.65 10.25 55.18
CA THR B 122 -24.73 10.90 55.92
C THR B 122 -25.97 11.19 55.08
N GLN B 123 -25.79 11.33 53.77
CA GLN B 123 -26.92 11.69 52.92
C GLN B 123 -27.39 10.63 51.93
N HIS B 124 -26.59 9.60 51.72
CA HIS B 124 -26.99 8.55 50.78
C HIS B 124 -26.17 7.28 50.94
N GLY B 125 -26.73 6.16 50.49
CA GLY B 125 -25.99 4.93 50.56
C GLY B 125 -26.51 3.88 51.51
N GLY B 126 -27.37 4.26 52.43
CA GLY B 126 -27.89 3.29 53.37
C GLY B 126 -26.86 2.60 54.24
N LEU B 127 -25.65 3.15 54.33
CA LEU B 127 -24.60 2.58 55.17
C LEU B 127 -24.46 3.34 56.49
N ARG B 128 -23.81 2.75 57.47
CA ARG B 128 -23.64 3.41 58.75
C ARG B 128 -22.49 4.40 58.64
N PRO B 129 -22.53 5.47 59.43
CA PRO B 129 -21.47 6.48 59.40
C PRO B 129 -20.22 5.85 59.99
N PHE B 130 -19.10 6.55 59.90
CA PHE B 130 -17.87 6.04 60.48
C PHE B 130 -17.86 6.53 61.91
N GLY B 131 -17.62 5.63 62.86
CA GLY B 131 -17.60 6.04 64.26
C GLY B 131 -16.24 6.63 64.56
N VAL B 132 -15.96 7.80 64.00
CA VAL B 132 -14.67 8.43 64.18
C VAL B 132 -14.67 9.95 64.19
N SER B 133 -13.82 10.51 65.05
CA SER B 133 -13.64 11.95 65.13
C SER B 133 -12.15 12.16 65.03
N PHE B 134 -11.75 13.20 64.30
CA PHE B 134 -10.34 13.49 64.10
C PHE B 134 -9.92 14.87 64.59
N ILE B 135 -8.65 14.97 64.96
CA ILE B 135 -8.06 16.25 65.32
C ILE B 135 -6.91 16.27 64.33
N TYR B 136 -6.89 17.26 63.44
CA TYR B 136 -5.82 17.35 62.45
C TYR B 136 -4.80 18.40 62.88
N ALA B 137 -3.54 18.01 62.88
CA ALA B 137 -2.47 18.92 63.24
C ALA B 137 -1.54 18.99 62.04
N GLY B 138 -1.44 20.16 61.43
CA GLY B 138 -0.58 20.29 60.27
C GLY B 138 -0.07 21.69 60.01
N TYR B 139 0.82 21.80 59.03
CA TYR B 139 1.41 23.06 58.64
C TYR B 139 1.54 23.22 57.14
N ASP B 140 1.22 24.41 56.66
CA ASP B 140 1.36 24.72 55.25
C ASP B 140 1.76 26.20 55.16
N ASP B 141 2.40 26.58 54.07
CA ASP B 141 2.87 27.94 53.89
C ASP B 141 1.80 29.00 53.55
N ARG B 142 0.58 28.80 54.03
CA ARG B 142 -0.47 29.78 53.77
C ARG B 142 -1.11 30.24 55.07
N TYR B 143 -1.29 29.30 56.00
CA TYR B 143 -1.88 29.58 57.29
C TYR B 143 -0.98 29.10 58.40
N GLY B 144 0.21 28.63 58.02
CA GLY B 144 1.15 28.13 59.01
C GLY B 144 0.52 27.01 59.81
N TYR B 145 0.90 26.92 61.09
CA TYR B 145 0.36 25.89 61.95
C TYR B 145 -1.15 25.96 62.03
N GLN B 146 -1.80 24.82 61.84
CA GLN B 146 -3.25 24.76 61.90
C GLN B 146 -3.69 23.57 62.73
N LEU B 147 -4.93 23.64 63.25
CA LEU B 147 -5.47 22.58 64.07
C LEU B 147 -6.94 22.47 63.71
N TYR B 148 -7.36 21.29 63.31
CA TYR B 148 -8.75 21.07 62.91
C TYR B 148 -9.41 19.90 63.62
N THR B 149 -10.71 19.77 63.39
CA THR B 149 -11.45 18.69 64.00
C THR B 149 -12.62 18.33 63.09
N SER B 150 -12.91 17.04 62.99
CA SER B 150 -14.03 16.58 62.19
C SER B 150 -14.68 15.41 62.90
N ASN B 151 -15.99 15.26 62.75
CA ASN B 151 -16.75 14.19 63.37
C ASN B 151 -17.63 13.50 62.34
N PRO B 152 -18.30 12.40 62.74
CA PRO B 152 -19.18 11.62 61.84
C PRO B 152 -20.15 12.43 60.97
N SER B 153 -20.57 13.59 61.46
CA SER B 153 -21.51 14.44 60.72
C SER B 153 -20.90 14.89 59.41
N GLY B 154 -19.59 15.08 59.42
CA GLY B 154 -18.89 15.54 58.23
C GLY B 154 -18.60 17.02 58.37
N ASN B 155 -18.67 17.50 59.59
CA ASN B 155 -18.43 18.90 59.84
C ASN B 155 -17.05 19.08 60.42
N TYR B 156 -16.40 20.19 60.09
CA TYR B 156 -15.07 20.45 60.62
C TYR B 156 -14.92 21.91 60.99
N THR B 157 -14.01 22.17 61.92
CA THR B 157 -13.75 23.52 62.40
C THR B 157 -12.31 23.67 62.87
N GLY B 158 -11.84 24.90 63.00
CA GLY B 158 -10.47 25.16 63.41
C GLY B 158 -10.38 25.55 64.87
N TRP B 159 -9.25 25.26 65.51
CA TRP B 159 -9.07 25.57 66.92
C TRP B 159 -7.67 25.98 67.32
N LYS B 160 -7.57 26.57 68.50
CA LYS B 160 -6.27 26.98 69.05
C LYS B 160 -5.87 25.82 69.95
N ALA B 161 -6.89 25.16 70.49
CA ALA B 161 -6.71 24.01 71.34
C ALA B 161 -8.05 23.29 71.41
N ILE B 162 -8.03 21.96 71.27
CA ILE B 162 -9.28 21.21 71.33
C ILE B 162 -9.07 19.75 71.73
N SER B 163 -10.17 19.09 72.04
CA SER B 163 -10.12 17.69 72.44
C SER B 163 -11.30 16.91 71.88
N VAL B 164 -11.14 15.60 71.80
CA VAL B 164 -12.21 14.74 71.30
C VAL B 164 -12.16 13.44 72.08
N GLY B 165 -13.31 12.75 72.13
CA GLY B 165 -13.39 11.50 72.84
C GLY B 165 -14.12 11.65 74.17
N ALA B 166 -13.60 10.97 75.19
CA ALA B 166 -14.19 11.01 76.52
C ALA B 166 -13.94 12.32 77.24
N ASN B 167 -14.92 12.71 78.04
CA ASN B 167 -14.85 13.92 78.86
C ASN B 167 -14.34 15.15 78.10
N THR B 168 -14.93 15.41 76.94
CA THR B 168 -14.49 16.57 76.18
C THR B 168 -14.82 17.84 76.93
N SER B 169 -16.01 17.87 77.52
CA SER B 169 -16.48 19.02 78.27
C SER B 169 -15.50 19.43 79.37
N ALA B 170 -15.12 18.48 80.21
CA ALA B 170 -14.18 18.73 81.30
C ALA B 170 -12.85 19.24 80.77
N ALA B 171 -12.34 18.59 79.74
CA ALA B 171 -11.06 18.97 79.15
C ALA B 171 -11.13 20.34 78.48
N GLN B 172 -12.19 20.55 77.71
CA GLN B 172 -12.38 21.81 77.00
C GLN B 172 -12.41 23.00 77.95
N THR B 173 -12.84 22.76 79.19
CA THR B 173 -12.89 23.83 80.17
C THR B 173 -11.50 24.08 80.76
N LEU B 174 -10.75 23.03 81.06
CA LEU B 174 -9.40 23.17 81.62
C LEU B 174 -8.45 23.85 80.66
N LEU B 175 -8.69 23.66 79.36
CA LEU B 175 -7.87 24.25 78.30
C LEU B 175 -8.23 25.71 78.15
N GLN B 176 -9.53 25.96 78.08
CA GLN B 176 -10.06 27.31 77.93
C GLN B 176 -9.63 28.15 79.13
N MET B 177 -9.08 27.48 80.14
CA MET B 177 -8.67 28.13 81.38
C MET B 177 -7.20 28.51 81.45
N ASP B 178 -6.31 27.61 81.02
CA ASP B 178 -4.88 27.90 81.09
C ASP B 178 -4.22 28.17 79.75
N TYR B 179 -5.01 28.33 78.70
CA TYR B 179 -4.44 28.58 77.38
C TYR B 179 -4.20 30.06 77.11
N LYS B 180 -3.07 30.36 76.48
CA LYS B 180 -2.73 31.73 76.13
C LYS B 180 -2.08 31.78 74.75
N ASP B 181 -2.58 32.68 73.90
CA ASP B 181 -2.09 32.85 72.52
C ASP B 181 -0.58 32.73 72.33
N ASP B 182 0.16 33.57 73.03
CA ASP B 182 1.61 33.60 72.95
C ASP B 182 2.28 32.37 73.55
N MET B 183 1.55 31.26 73.68
CA MET B 183 2.13 30.06 74.25
C MET B 183 3.36 29.62 73.47
N LYS B 184 4.01 28.58 73.96
CA LYS B 184 5.19 28.06 73.32
C LYS B 184 4.97 26.55 73.34
N VAL B 185 5.51 25.83 72.36
CA VAL B 185 5.34 24.39 72.30
C VAL B 185 5.55 23.68 73.63
N ASP B 186 6.68 23.96 74.30
CA ASP B 186 6.96 23.33 75.59
C ASP B 186 5.83 23.59 76.57
N ASP B 187 5.27 24.79 76.52
CA ASP B 187 4.17 25.16 77.41
C ASP B 187 2.96 24.28 77.09
N ALA B 188 2.64 24.16 75.80
CA ALA B 188 1.49 23.35 75.34
C ALA B 188 1.63 21.90 75.75
N ILE B 189 2.81 21.33 75.52
CA ILE B 189 3.05 19.94 75.88
C ILE B 189 2.58 19.73 77.31
N GLU B 190 3.02 20.62 78.18
CA GLU B 190 2.71 20.57 79.60
C GLU B 190 1.20 20.66 79.83
N LEU B 191 0.54 21.65 79.24
CA LEU B 191 -0.89 21.81 79.40
C LEU B 191 -1.62 20.55 78.94
N ALA B 192 -1.21 20.02 77.79
CA ALA B 192 -1.83 18.83 77.22
C ALA B 192 -1.82 17.69 78.24
N LEU B 193 -0.65 17.41 78.78
CA LEU B 193 -0.49 16.37 79.78
C LEU B 193 -1.31 16.61 81.04
N LYS B 194 -1.31 17.84 81.53
CA LYS B 194 -2.08 18.16 82.72
C LYS B 194 -3.54 17.86 82.47
N THR B 195 -4.06 18.38 81.38
CA THR B 195 -5.47 18.20 81.04
C THR B 195 -5.87 16.74 81.05
N LEU B 196 -5.12 15.91 80.32
CA LEU B 196 -5.42 14.49 80.27
C LEU B 196 -5.33 13.90 81.65
N SER B 197 -4.29 14.28 82.37
CA SER B 197 -4.04 13.82 83.71
C SER B 197 -5.21 14.07 84.65
N LYS B 198 -5.99 15.12 84.39
CA LYS B 198 -7.13 15.45 85.23
C LYS B 198 -8.48 15.00 84.69
N THR B 199 -8.50 14.46 83.48
CA THR B 199 -9.74 13.99 82.87
C THR B 199 -9.74 12.49 82.62
N THR B 200 -8.74 11.80 83.14
CA THR B 200 -8.64 10.35 82.97
C THR B 200 -9.74 9.68 83.77
N ASP B 201 -9.92 8.39 83.53
CA ASP B 201 -10.92 7.62 84.26
C ASP B 201 -10.12 6.50 84.90
N SER B 202 -8.80 6.58 84.77
CA SER B 202 -7.91 5.57 85.31
C SER B 202 -7.09 6.10 86.47
N SER B 203 -6.55 5.17 87.24
CA SER B 203 -5.72 5.44 88.41
C SER B 203 -4.89 6.72 88.22
N ALA B 204 -3.69 6.54 87.66
CA ALA B 204 -2.82 7.67 87.39
C ALA B 204 -2.68 7.78 85.88
N LEU B 205 -1.61 8.43 85.44
CA LEU B 205 -1.36 8.61 84.03
C LEU B 205 0.10 8.21 83.77
N THR B 206 0.31 6.98 83.33
CA THR B 206 1.65 6.51 83.04
C THR B 206 1.91 6.56 81.54
N TYR B 207 3.18 6.55 81.17
CA TYR B 207 3.56 6.60 79.77
C TYR B 207 2.91 5.50 78.96
N ASP B 208 2.91 4.29 79.51
CA ASP B 208 2.35 3.12 78.82
C ASP B 208 0.89 3.28 78.39
N ARG B 209 0.28 4.42 78.70
CA ARG B 209 -1.11 4.64 78.32
C ARG B 209 -1.24 5.92 77.51
N LEU B 210 -0.15 6.33 76.87
CA LEU B 210 -0.14 7.55 76.09
C LEU B 210 0.54 7.52 74.75
N GLU B 211 0.12 8.44 73.89
CA GLU B 211 0.71 8.62 72.57
C GLU B 211 0.94 10.12 72.52
N PHE B 212 2.10 10.52 72.03
CA PHE B 212 2.42 11.92 71.96
C PHE B 212 3.09 12.26 70.64
N ALA B 213 2.73 13.40 70.09
CA ALA B 213 3.31 13.84 68.83
C ALA B 213 3.37 15.35 68.77
N THR B 214 4.39 15.88 68.12
CA THR B 214 4.56 17.32 67.97
C THR B 214 5.00 17.69 66.57
N ILE B 215 4.50 18.82 66.06
CA ILE B 215 4.90 19.29 64.74
C ILE B 215 5.60 20.63 64.95
N ARG B 216 6.92 20.61 64.99
CA ARG B 216 7.71 21.83 65.17
C ARG B 216 8.39 22.20 63.86
N LYS B 217 9.04 23.35 63.85
CA LYS B 217 9.75 23.79 62.65
C LYS B 217 11.24 23.89 62.97
N GLY B 218 11.67 23.06 63.92
CA GLY B 218 13.06 23.00 64.36
C GLY B 218 13.96 24.14 63.93
N ALA B 219 13.95 25.24 64.70
CA ALA B 219 14.73 26.46 64.43
C ALA B 219 15.99 26.22 63.58
N ASN B 220 16.83 25.29 64.01
CA ASN B 220 18.07 24.94 63.31
C ASN B 220 17.74 24.02 62.13
N ASP B 221 17.12 24.58 61.10
CA ASP B 221 16.74 23.83 59.89
C ASP B 221 15.94 24.71 58.93
N GLY B 222 14.84 25.27 59.41
CA GLY B 222 14.01 26.11 58.56
C GLY B 222 12.80 25.38 57.98
N GLU B 223 12.72 24.07 58.22
CA GLU B 223 11.60 23.26 57.73
C GLU B 223 10.86 22.55 58.87
N VAL B 224 9.64 22.08 58.57
CA VAL B 224 8.76 21.39 59.53
C VAL B 224 9.07 19.91 59.73
N TYR B 225 8.98 19.45 60.98
CA TYR B 225 9.27 18.06 61.33
C TYR B 225 8.28 17.46 62.33
N GLN B 226 7.74 16.28 62.00
CA GLN B 226 6.79 15.59 62.87
C GLN B 226 7.55 14.66 63.78
N LYS B 227 7.15 14.60 65.04
CA LYS B 227 7.80 13.73 65.99
C LYS B 227 6.80 12.95 66.82
N ILE B 228 6.75 11.65 66.58
CA ILE B 228 5.85 10.79 67.32
C ILE B 228 6.73 10.23 68.45
N PHE B 229 6.52 10.72 69.66
CA PHE B 229 7.32 10.29 70.80
C PHE B 229 7.30 8.80 71.04
N LYS B 230 8.47 8.29 71.40
CA LYS B 230 8.63 6.88 71.69
C LYS B 230 8.26 6.70 73.16
N PRO B 231 7.88 5.48 73.56
CA PRO B 231 7.50 5.20 74.95
C PRO B 231 8.45 5.85 75.97
N GLN B 232 9.75 5.62 75.81
CA GLN B 232 10.72 6.19 76.73
C GLN B 232 10.63 7.71 76.74
N GLU B 233 10.41 8.31 75.58
CA GLU B 233 10.33 9.77 75.50
C GLU B 233 9.11 10.31 76.21
N ILE B 234 8.02 9.56 76.21
CA ILE B 234 6.81 9.99 76.89
C ILE B 234 7.05 9.81 78.38
N LYS B 235 7.83 8.80 78.74
CA LYS B 235 8.15 8.52 80.14
C LYS B 235 8.95 9.68 80.69
N ASP B 236 9.87 10.19 79.88
CA ASP B 236 10.72 11.32 80.26
C ASP B 236 9.87 12.58 80.44
N ILE B 237 9.31 13.07 79.34
CA ILE B 237 8.48 14.26 79.36
C ILE B 237 7.45 14.20 80.50
N LEU B 238 7.14 13.00 80.96
CA LEU B 238 6.17 12.82 82.02
C LEU B 238 6.77 13.10 83.40
N VAL B 239 8.06 12.82 83.56
CA VAL B 239 8.76 13.05 84.82
C VAL B 239 9.12 14.54 85.01
N LYS B 240 9.59 15.16 83.94
CA LYS B 240 9.97 16.56 83.99
C LYS B 240 8.78 17.46 84.25
N THR B 241 7.65 17.15 83.63
CA THR B 241 6.45 17.95 83.84
C THR B 241 5.93 17.73 85.25
N GLY B 242 6.62 16.86 85.98
CA GLY B 242 6.22 16.58 87.35
C GLY B 242 5.01 15.71 87.54
N ILE B 243 5.02 14.51 86.95
CA ILE B 243 3.93 13.55 87.08
C ILE B 243 4.60 12.18 87.30
N THR B 244 5.92 12.20 87.48
CA THR B 244 6.76 11.00 87.67
C THR B 244 6.24 9.80 86.88
N GLY C 1 -26.28 0.99 45.11
CA GLY C 1 -27.50 0.23 44.67
C GLY C 1 -28.66 0.49 45.60
N TYR C 2 -28.42 1.25 46.66
CA TYR C 2 -29.43 1.60 47.63
C TYR C 2 -30.38 2.64 47.04
N ASP C 3 -31.68 2.36 47.01
CA ASP C 3 -32.62 3.33 46.46
C ASP C 3 -33.95 3.45 47.20
N ARG C 4 -33.94 3.09 48.49
CA ARG C 4 -35.15 3.17 49.30
C ARG C 4 -35.71 4.57 49.24
N ALA C 5 -37.02 4.68 49.05
CA ALA C 5 -37.67 5.98 49.00
C ALA C 5 -37.74 6.54 50.42
N LEU C 6 -36.83 7.47 50.73
CA LEU C 6 -36.81 8.05 52.06
C LEU C 6 -37.72 9.29 52.20
N SER C 7 -37.93 10.00 51.10
CA SER C 7 -38.80 11.16 51.11
C SER C 7 -40.06 10.73 50.40
N ILE C 8 -41.13 10.50 51.16
CA ILE C 8 -42.39 10.08 50.56
C ILE C 8 -43.57 10.78 51.24
N PHE C 9 -44.75 10.67 50.63
CA PHE C 9 -45.94 11.31 51.16
C PHE C 9 -46.53 10.54 52.33
N SER C 10 -47.13 11.27 53.26
CA SER C 10 -47.82 10.69 54.41
C SER C 10 -49.31 11.00 54.16
N PRO C 11 -50.22 10.35 54.88
CA PRO C 11 -51.66 10.55 54.72
C PRO C 11 -52.19 11.98 54.64
N ASP C 12 -51.62 12.89 55.43
CA ASP C 12 -52.07 14.28 55.41
C ASP C 12 -51.45 15.07 54.25
N GLY C 13 -50.68 14.39 53.41
CA GLY C 13 -50.05 15.05 52.27
C GLY C 13 -48.73 15.73 52.59
N HIS C 14 -48.02 15.24 53.60
CA HIS C 14 -46.74 15.82 53.99
C HIS C 14 -45.55 14.93 53.65
N ILE C 15 -44.39 15.54 53.51
CA ILE C 15 -43.19 14.78 53.23
C ILE C 15 -42.28 15.04 54.43
N PHE C 16 -42.41 14.18 55.43
CA PHE C 16 -41.68 14.32 56.68
C PHE C 16 -40.18 14.51 56.62
N GLN C 17 -39.52 13.91 55.65
CA GLN C 17 -38.08 14.11 55.60
C GLN C 17 -37.78 15.57 55.25
N VAL C 18 -38.59 16.14 54.34
CA VAL C 18 -38.39 17.53 53.94
C VAL C 18 -38.75 18.40 55.14
N GLU C 19 -39.81 17.99 55.82
CA GLU C 19 -40.31 18.68 56.99
C GLU C 19 -39.21 18.77 58.05
N TYR C 20 -38.67 17.62 58.40
CA TYR C 20 -37.62 17.50 59.39
C TYR C 20 -36.35 18.20 58.95
N ALA C 21 -36.15 18.29 57.64
CA ALA C 21 -34.97 18.96 57.14
C ALA C 21 -35.09 20.40 57.59
N LEU C 22 -36.30 20.95 57.42
CA LEU C 22 -36.57 22.32 57.83
C LEU C 22 -36.26 22.49 59.31
N GLU C 23 -36.66 21.49 60.09
CA GLU C 23 -36.40 21.51 61.52
C GLU C 23 -34.91 21.67 61.83
N ALA C 24 -34.08 21.11 60.95
CA ALA C 24 -32.64 21.18 61.13
C ALA C 24 -32.20 22.61 60.84
N VAL C 25 -32.92 23.27 59.94
CA VAL C 25 -32.57 24.65 59.59
C VAL C 25 -32.83 25.56 60.76
N LYS C 26 -33.99 25.41 61.40
CA LYS C 26 -34.35 26.22 62.56
C LYS C 26 -33.19 26.18 63.55
N ARG C 27 -32.74 24.97 63.85
CA ARG C 27 -31.65 24.75 64.78
C ARG C 27 -30.33 25.43 64.38
N GLY C 28 -30.17 25.71 63.09
CA GLY C 28 -28.94 26.35 62.64
C GLY C 28 -28.89 27.80 63.07
N THR C 29 -27.67 28.34 63.15
CA THR C 29 -27.47 29.74 63.54
C THR C 29 -28.21 30.68 62.59
N CYS C 30 -28.62 31.83 63.10
CA CYS C 30 -29.36 32.79 62.31
C CYS C 30 -28.57 33.46 61.20
N ALA C 31 -29.26 33.69 60.08
CA ALA C 31 -28.67 34.34 58.92
C ALA C 31 -29.69 35.36 58.41
N VAL C 32 -29.18 36.50 57.97
CA VAL C 32 -30.04 37.55 57.47
C VAL C 32 -29.39 38.25 56.30
N GLY C 33 -30.22 38.87 55.48
CA GLY C 33 -29.73 39.62 54.33
C GLY C 33 -30.72 40.71 53.99
N VAL C 34 -30.21 41.91 53.72
CA VAL C 34 -31.08 43.03 53.37
C VAL C 34 -30.48 43.79 52.21
N LYS C 35 -31.33 44.13 51.25
CA LYS C 35 -30.84 44.85 50.09
C LYS C 35 -31.07 46.36 50.20
N GLY C 36 -30.04 47.09 49.79
CA GLY C 36 -30.08 48.54 49.81
C GLY C 36 -30.53 49.05 48.45
N LYS C 37 -30.02 50.21 48.06
CA LYS C 37 -30.39 50.78 46.78
C LYS C 37 -29.25 50.52 45.81
N ASN C 38 -28.07 50.28 46.37
CA ASN C 38 -26.88 50.03 45.57
C ASN C 38 -26.00 48.99 46.26
N CYS C 39 -26.62 48.07 46.98
CA CYS C 39 -25.87 47.03 47.66
C CYS C 39 -26.78 46.05 48.37
N VAL C 40 -26.19 44.93 48.78
CA VAL C 40 -26.91 43.88 49.51
C VAL C 40 -25.98 43.52 50.66
N VAL C 41 -26.56 43.32 51.84
CA VAL C 41 -25.74 42.98 53.00
C VAL C 41 -26.17 41.65 53.60
N LEU C 42 -25.19 40.84 53.98
CA LEU C 42 -25.45 39.54 54.58
C LEU C 42 -24.84 39.45 55.97
N GLY C 43 -25.69 39.17 56.95
CA GLY C 43 -25.22 39.05 58.31
C GLY C 43 -25.50 37.66 58.83
N CYS C 44 -24.61 37.16 59.68
CA CYS C 44 -24.76 35.83 60.28
C CYS C 44 -24.24 35.90 61.70
N GLU C 45 -24.77 35.03 62.56
CA GLU C 45 -24.33 35.00 63.95
C GLU C 45 -23.39 33.84 64.19
N ARG C 46 -22.59 33.94 65.25
CA ARG C 46 -21.65 32.88 65.57
C ARG C 46 -22.01 32.25 66.91
N ARG C 47 -22.21 30.94 66.89
CA ARG C 47 -22.54 30.20 68.10
C ARG C 47 -21.36 30.40 69.06
N SER C 48 -21.57 30.03 70.33
CA SER C 48 -20.52 30.12 71.35
C SER C 48 -20.50 28.89 72.25
N THR C 49 -21.12 27.80 71.77
CA THR C 49 -21.17 26.53 72.50
C THR C 49 -19.76 26.19 73.01
N LEU C 50 -18.78 26.45 72.13
CA LEU C 50 -17.36 26.24 72.42
C LEU C 50 -16.58 27.38 71.75
N LYS C 51 -15.84 28.15 72.54
CA LYS C 51 -15.05 29.26 71.99
C LYS C 51 -13.60 29.10 72.48
N LEU C 52 -12.72 28.79 71.52
CA LEU C 52 -11.29 28.58 71.75
C LEU C 52 -10.83 28.19 70.35
N GLN C 53 -11.63 28.64 69.38
CA GLN C 53 -11.46 28.41 67.97
C GLN C 53 -10.27 29.14 67.35
N ASP C 54 -10.14 29.00 66.04
CA ASP C 54 -9.08 29.64 65.28
C ASP C 54 -9.75 30.33 64.10
N THR C 55 -10.35 31.48 64.37
CA THR C 55 -11.06 32.30 63.37
C THR C 55 -10.42 32.42 61.99
N ARG C 56 -9.09 32.33 61.92
CA ARG C 56 -8.40 32.43 60.64
C ARG C 56 -8.89 31.32 59.72
N ILE C 57 -8.63 30.08 60.13
CA ILE C 57 -8.99 28.90 59.36
C ILE C 57 -10.45 28.42 59.42
N THR C 58 -11.01 28.28 60.63
CA THR C 58 -12.40 27.82 60.75
C THR C 58 -13.29 28.45 59.68
N PRO C 59 -14.00 27.61 58.91
CA PRO C 59 -14.91 28.01 57.84
C PRO C 59 -15.92 29.10 58.22
N SER C 60 -15.98 30.16 57.41
CA SER C 60 -16.91 31.27 57.66
C SER C 60 -18.21 31.06 56.89
N LYS C 61 -19.32 31.59 57.44
CA LYS C 61 -20.65 31.43 56.88
C LYS C 61 -20.92 31.94 55.46
N VAL C 62 -20.47 33.14 55.13
CA VAL C 62 -20.72 33.66 53.78
C VAL C 62 -19.67 33.14 52.82
N SER C 63 -20.13 32.52 51.73
CA SER C 63 -19.23 31.96 50.70
C SER C 63 -19.48 32.54 49.31
N LYS C 64 -18.41 32.72 48.53
CA LYS C 64 -18.54 33.26 47.19
C LYS C 64 -18.73 32.13 46.19
N ILE C 65 -19.76 32.24 45.35
CA ILE C 65 -19.96 31.24 44.34
C ILE C 65 -19.15 31.72 43.15
N ASP C 66 -19.17 33.04 42.96
CA ASP C 66 -18.40 33.67 41.90
C ASP C 66 -18.00 35.06 42.42
N SER C 67 -17.14 35.74 41.68
CA SER C 67 -16.66 37.05 42.08
C SER C 67 -17.78 38.08 42.35
N HIS C 68 -18.97 37.82 41.84
CA HIS C 68 -20.09 38.73 41.99
C HIS C 68 -21.30 38.16 42.72
N VAL C 69 -21.20 36.93 43.24
CA VAL C 69 -22.34 36.35 43.92
C VAL C 69 -21.93 35.58 45.17
N VAL C 70 -22.66 35.78 46.26
CA VAL C 70 -22.35 35.08 47.50
C VAL C 70 -23.54 34.29 48.05
N LEU C 71 -23.21 33.29 48.86
CA LEU C 71 -24.22 32.44 49.44
C LEU C 71 -23.98 32.17 50.92
N SER C 72 -25.00 32.43 51.73
CA SER C 72 -24.94 32.18 53.17
C SER C 72 -26.02 31.15 53.43
N PHE C 73 -25.96 30.49 54.58
CA PHE C 73 -26.94 29.44 54.85
C PHE C 73 -27.21 29.22 56.34
N SER C 74 -28.14 28.32 56.61
CA SER C 74 -28.51 27.93 57.96
C SER C 74 -28.93 26.47 57.92
N GLY C 75 -28.37 25.68 58.81
CA GLY C 75 -28.70 24.27 58.84
C GLY C 75 -27.43 23.48 58.99
N LEU C 76 -27.44 22.27 58.44
CA LEU C 76 -26.28 21.38 58.52
C LEU C 76 -25.11 21.91 57.69
N ASN C 77 -24.02 22.23 58.36
CA ASN C 77 -22.84 22.74 57.67
C ASN C 77 -22.37 21.77 56.60
N ALA C 78 -22.10 20.53 56.99
CA ALA C 78 -21.64 19.53 56.05
C ALA C 78 -22.46 19.54 54.76
N ASP C 79 -23.78 19.65 54.88
CA ASP C 79 -24.63 19.68 53.70
C ASP C 79 -24.41 20.92 52.88
N SER C 80 -24.25 22.06 53.54
CA SER C 80 -24.05 23.30 52.84
C SER C 80 -22.82 23.23 51.92
N ARG C 81 -21.79 22.50 52.34
CA ARG C 81 -20.58 22.36 51.54
C ARG C 81 -20.87 21.74 50.18
N ILE C 82 -21.70 20.71 50.18
CA ILE C 82 -22.05 20.02 48.95
C ILE C 82 -22.71 20.98 47.98
N LEU C 83 -23.69 21.74 48.46
CA LEU C 83 -24.39 22.71 47.61
C LEU C 83 -23.44 23.78 47.06
N ILE C 84 -22.61 24.35 47.93
CA ILE C 84 -21.67 25.37 47.51
C ILE C 84 -20.79 24.89 46.36
N GLU C 85 -20.14 23.75 46.55
CA GLU C 85 -19.28 23.21 45.51
C GLU C 85 -20.06 23.06 44.19
N LYS C 86 -21.21 22.43 44.27
CA LYS C 86 -22.03 22.23 43.08
C LYS C 86 -22.36 23.54 42.41
N ALA C 87 -22.51 24.60 43.20
CA ALA C 87 -22.84 25.92 42.67
C ALA C 87 -21.63 26.55 42.00
N ARG C 88 -20.48 26.49 42.67
CA ARG C 88 -19.26 27.07 42.14
C ARG C 88 -18.87 26.43 40.83
N VAL C 89 -19.21 25.17 40.67
CA VAL C 89 -18.89 24.46 39.44
C VAL C 89 -19.84 24.88 38.35
N GLU C 90 -21.13 24.92 38.68
CA GLU C 90 -22.11 25.33 37.70
C GLU C 90 -21.88 26.77 37.27
N ALA C 91 -21.17 27.52 38.12
CA ALA C 91 -20.86 28.91 37.84
C ALA C 91 -19.80 28.97 36.74
N GLN C 92 -18.71 28.25 36.94
CA GLN C 92 -17.64 28.23 35.96
C GLN C 92 -18.11 27.59 34.65
N SER C 93 -19.00 26.61 34.74
CA SER C 93 -19.52 25.95 33.56
C SER C 93 -20.34 26.93 32.73
N HIS C 94 -21.16 27.72 33.41
CA HIS C 94 -22.01 28.70 32.74
C HIS C 94 -21.17 29.76 32.03
N ARG C 95 -20.10 30.23 32.67
CA ARG C 95 -19.22 31.22 32.07
C ARG C 95 -18.57 30.63 30.83
N LEU C 96 -18.22 29.35 30.93
CA LEU C 96 -17.56 28.64 29.85
C LEU C 96 -18.40 28.37 28.60
N THR C 97 -19.71 28.19 28.74
CA THR C 97 -20.53 27.93 27.57
C THR C 97 -21.44 29.05 27.09
N LEU C 98 -21.67 30.05 27.93
CA LEU C 98 -22.52 31.18 27.54
C LEU C 98 -21.66 32.42 27.42
N GLU C 99 -20.43 32.30 27.89
CA GLU C 99 -19.48 33.40 27.87
C GLU C 99 -20.01 34.61 28.61
N ASP C 100 -20.54 34.35 29.79
CA ASP C 100 -21.11 35.39 30.63
C ASP C 100 -21.46 34.79 31.98
N PRO C 101 -20.98 35.39 33.09
CA PRO C 101 -21.28 34.85 34.41
C PRO C 101 -22.78 34.73 34.70
N VAL C 102 -23.13 33.89 35.66
CA VAL C 102 -24.52 33.64 35.99
C VAL C 102 -25.23 34.83 36.60
N THR C 103 -26.54 34.92 36.37
CA THR C 103 -27.32 35.97 36.98
C THR C 103 -27.50 35.44 38.40
N VAL C 104 -28.06 36.21 39.31
CA VAL C 104 -28.24 35.71 40.67
C VAL C 104 -29.44 34.78 40.70
N GLU C 105 -30.42 35.10 39.87
CA GLU C 105 -31.65 34.32 39.80
C GLU C 105 -31.34 32.94 39.26
N TYR C 106 -30.43 32.87 38.29
CA TYR C 106 -30.06 31.60 37.71
C TYR C 106 -29.34 30.74 38.74
N LEU C 107 -28.19 31.24 39.20
CA LEU C 107 -27.39 30.52 40.18
C LEU C 107 -28.28 30.01 41.30
N THR C 108 -29.31 30.79 41.64
CA THR C 108 -30.23 30.41 42.71
C THR C 108 -31.12 29.28 42.21
N ARG C 109 -31.74 29.49 41.06
CA ARG C 109 -32.61 28.48 40.47
C ARG C 109 -31.89 27.13 40.38
N TYR C 110 -30.57 27.16 40.16
CA TYR C 110 -29.79 25.94 40.06
C TYR C 110 -29.75 25.27 41.42
N VAL C 111 -29.21 25.96 42.42
CA VAL C 111 -29.11 25.39 43.77
C VAL C 111 -30.45 24.80 44.22
N ALA C 112 -31.53 25.54 44.00
CA ALA C 112 -32.84 25.06 44.38
C ALA C 112 -33.13 23.73 43.69
N GLY C 113 -32.87 23.68 42.39
CA GLY C 113 -33.10 22.46 41.65
C GLY C 113 -32.38 21.26 42.26
N VAL C 114 -31.15 21.49 42.71
CA VAL C 114 -30.38 20.43 43.31
C VAL C 114 -31.11 19.98 44.58
N GLN C 115 -31.49 20.92 45.43
CA GLN C 115 -32.18 20.58 46.66
C GLN C 115 -33.46 19.83 46.36
N GLN C 116 -34.21 20.31 45.39
CA GLN C 116 -35.46 19.65 45.05
C GLN C 116 -35.24 18.21 44.66
N ARG C 117 -34.27 17.98 43.76
CA ARG C 117 -33.94 16.65 43.25
C ARG C 117 -33.72 15.67 44.40
N TYR C 118 -33.10 16.15 45.47
CA TYR C 118 -32.83 15.32 46.63
C TYR C 118 -34.08 15.02 47.46
N THR C 119 -35.21 15.60 47.08
CA THR C 119 -36.44 15.37 47.81
C THR C 119 -37.27 14.29 47.15
N GLN C 120 -36.88 13.85 45.96
CA GLN C 120 -37.64 12.78 45.33
C GLN C 120 -36.78 11.81 44.51
N SER C 121 -35.65 11.45 45.11
CA SER C 121 -34.70 10.50 44.54
C SER C 121 -34.49 9.41 45.60
N GLY C 122 -34.31 8.17 45.15
CA GLY C 122 -34.13 7.07 46.08
C GLY C 122 -32.79 7.07 46.82
N GLY C 123 -32.78 6.48 48.01
CA GLY C 123 -31.55 6.39 48.78
C GLY C 123 -30.86 7.67 49.19
N VAL C 124 -31.60 8.78 49.26
CA VAL C 124 -31.01 10.06 49.64
C VAL C 124 -31.96 10.87 50.50
N ARG C 125 -31.41 11.61 51.44
CA ARG C 125 -32.23 12.47 52.31
C ARG C 125 -32.03 13.90 51.85
N PRO C 126 -33.05 14.76 52.07
CA PRO C 126 -33.00 16.16 51.68
C PRO C 126 -31.90 16.92 52.41
N PHE C 127 -31.52 18.07 51.86
CA PHE C 127 -30.50 18.89 52.46
C PHE C 127 -31.09 19.59 53.67
N GLY C 128 -30.37 19.52 54.80
CA GLY C 128 -30.85 20.19 55.99
C GLY C 128 -30.28 21.59 55.94
N VAL C 129 -30.60 22.30 54.87
CA VAL C 129 -30.11 23.64 54.67
C VAL C 129 -31.11 24.53 53.96
N SER C 130 -30.97 25.83 54.21
CA SER C 130 -31.78 26.85 53.57
C SER C 130 -30.73 27.88 53.23
N THR C 131 -30.89 28.58 52.12
CA THR C 131 -29.88 29.54 51.74
C THR C 131 -30.36 30.90 51.32
N LEU C 132 -29.43 31.83 51.44
CA LEU C 132 -29.62 33.22 51.05
C LEU C 132 -28.51 33.43 50.07
N ILE C 133 -28.89 33.83 48.86
CA ILE C 133 -27.92 34.09 47.80
C ILE C 133 -28.12 35.53 47.37
N ALA C 134 -27.02 36.27 47.27
CA ALA C 134 -27.11 37.66 46.88
C ALA C 134 -25.95 38.06 45.99
N GLY C 135 -26.20 39.08 45.16
CA GLY C 135 -25.18 39.55 44.25
C GLY C 135 -25.76 40.46 43.19
N PHE C 136 -24.99 40.72 42.16
CA PHE C 136 -25.41 41.59 41.08
C PHE C 136 -25.24 40.94 39.71
N ASP C 137 -26.33 40.87 38.95
CA ASP C 137 -26.25 40.30 37.61
C ASP C 137 -25.13 41.06 36.90
N PRO C 138 -24.43 40.42 35.95
CA PRO C 138 -23.34 41.11 35.25
C PRO C 138 -23.83 42.37 34.52
N ARG C 139 -23.03 43.44 34.61
CA ARG C 139 -23.36 44.72 33.97
C ARG C 139 -24.67 45.36 34.46
N ASP C 140 -25.08 45.05 35.68
CA ASP C 140 -26.31 45.59 36.25
C ASP C 140 -25.95 46.13 37.64
N ASP C 141 -26.72 47.10 38.11
CA ASP C 141 -26.50 47.72 39.41
C ASP C 141 -27.64 47.46 40.39
N GLU C 142 -28.78 47.00 39.88
CA GLU C 142 -29.94 46.69 40.71
C GLU C 142 -29.59 45.44 41.56
N PRO C 143 -29.57 45.58 42.91
CA PRO C 143 -29.24 44.47 43.81
C PRO C 143 -30.20 43.29 43.76
N LYS C 144 -29.68 42.09 44.06
CA LYS C 144 -30.47 40.88 44.04
C LYS C 144 -30.28 40.06 45.33
N LEU C 145 -31.39 39.56 45.87
CA LEU C 145 -31.39 38.76 47.07
C LEU C 145 -32.42 37.64 46.93
N TYR C 146 -31.97 36.40 47.06
CA TYR C 146 -32.85 35.26 46.94
C TYR C 146 -32.68 34.30 48.11
N GLN C 147 -33.65 33.40 48.26
CA GLN C 147 -33.62 32.43 49.34
C GLN C 147 -34.16 31.09 48.91
N THR C 148 -33.52 30.02 49.35
CA THR C 148 -33.95 28.67 49.02
C THR C 148 -34.11 27.83 50.28
N GLU C 149 -34.90 26.76 50.17
CA GLU C 149 -35.12 25.87 51.30
C GLU C 149 -35.15 24.41 50.85
N PRO C 150 -35.04 23.49 51.81
CA PRO C 150 -35.03 22.06 51.49
C PRO C 150 -36.03 21.59 50.42
N SER C 151 -37.28 22.02 50.52
CA SER C 151 -38.30 21.61 49.55
C SER C 151 -37.89 21.90 48.13
N GLY C 152 -36.92 22.81 47.98
CA GLY C 152 -36.45 23.18 46.66
C GLY C 152 -37.13 24.46 46.17
N ILE C 153 -37.89 25.11 47.03
CA ILE C 153 -38.55 26.34 46.64
C ILE C 153 -37.67 27.56 46.85
N TYR C 154 -37.77 28.53 45.95
CA TYR C 154 -36.98 29.74 46.05
C TYR C 154 -37.77 30.97 45.61
N SER C 155 -37.30 32.14 46.03
CA SER C 155 -37.94 33.42 45.69
C SER C 155 -37.04 34.56 46.15
N SER C 156 -37.37 35.79 45.74
CA SER C 156 -36.55 36.95 46.13
C SER C 156 -37.19 37.73 47.24
N TRP C 157 -36.36 38.44 47.98
CA TRP C 157 -36.80 39.23 49.12
C TRP C 157 -36.12 40.59 49.13
N SER C 158 -36.73 41.54 49.83
CA SER C 158 -36.18 42.88 49.97
C SER C 158 -35.21 42.74 51.13
N ALA C 159 -35.57 41.82 52.02
CA ALA C 159 -34.77 41.50 53.21
C ALA C 159 -35.40 40.22 53.74
N GLN C 160 -34.57 39.34 54.28
CA GLN C 160 -35.06 38.07 54.79
C GLN C 160 -34.03 37.46 55.71
N THR C 161 -34.48 36.49 56.51
CA THR C 161 -33.61 35.81 57.45
C THR C 161 -34.07 34.37 57.60
N ILE C 162 -33.14 33.50 58.00
CA ILE C 162 -33.43 32.08 58.20
C ILE C 162 -32.63 31.61 59.40
N GLY C 163 -33.07 30.51 60.00
CA GLY C 163 -32.35 30.00 61.14
C GLY C 163 -33.14 30.19 62.42
N ARG C 164 -32.45 30.06 63.55
CA ARG C 164 -33.10 30.20 64.85
C ARG C 164 -33.47 31.64 65.18
N ASN C 165 -34.67 31.81 65.71
CA ASN C 165 -35.17 33.12 66.09
C ASN C 165 -35.35 34.00 64.85
N SER C 166 -35.28 33.37 63.68
CA SER C 166 -35.46 34.10 62.43
C SER C 166 -36.87 34.69 62.50
N LYS C 167 -37.74 33.98 63.22
CA LYS C 167 -39.13 34.41 63.40
C LYS C 167 -39.09 35.84 63.89
N THR C 168 -38.32 36.03 64.95
CA THR C 168 -38.12 37.32 65.60
C THR C 168 -37.57 38.37 64.66
N VAL C 169 -36.31 38.19 64.28
CA VAL C 169 -35.64 39.14 63.40
C VAL C 169 -36.42 39.46 62.13
N ARG C 170 -37.24 38.53 61.64
CA ARG C 170 -38.00 38.82 60.44
C ARG C 170 -38.99 39.92 60.77
N GLU C 171 -39.65 39.78 61.91
CA GLU C 171 -40.62 40.76 62.36
C GLU C 171 -39.95 42.13 62.40
N PHE C 172 -38.79 42.20 63.06
CA PHE C 172 -38.05 43.45 63.15
C PHE C 172 -38.00 44.09 61.76
N LEU C 173 -37.53 43.33 60.80
CA LEU C 173 -37.40 43.80 59.43
C LEU C 173 -38.73 44.19 58.80
N GLU C 174 -39.81 43.49 59.15
CA GLU C 174 -41.11 43.82 58.57
C GLU C 174 -41.62 45.19 59.02
N LYS C 175 -41.14 45.65 60.17
CA LYS C 175 -41.55 46.95 60.70
C LYS C 175 -40.33 47.86 60.84
N ASN C 176 -39.39 47.71 59.91
CA ASN C 176 -38.18 48.50 59.90
C ASN C 176 -37.61 48.62 58.49
N TYR C 177 -38.23 47.93 57.53
CA TYR C 177 -37.77 47.98 56.14
C TYR C 177 -38.84 48.59 55.26
N ASP C 178 -38.52 49.76 54.74
CA ASP C 178 -39.42 50.50 53.87
C ASP C 178 -39.00 50.27 52.43
N ARG C 179 -39.90 49.74 51.62
CA ARG C 179 -39.60 49.52 50.21
C ARG C 179 -39.58 50.87 49.50
N LYS C 180 -40.30 51.83 50.09
CA LYS C 180 -40.37 53.18 49.55
C LYS C 180 -39.00 53.87 49.65
N GLU C 181 -38.20 53.47 50.64
CA GLU C 181 -36.88 54.08 50.83
C GLU C 181 -35.83 53.12 51.40
N PRO C 182 -35.50 52.06 50.65
CA PRO C 182 -34.49 51.10 51.10
C PRO C 182 -33.15 51.78 51.37
N PRO C 183 -32.43 51.33 52.42
CA PRO C 183 -31.14 51.87 52.84
C PRO C 183 -30.30 52.47 51.70
N ALA C 184 -30.46 53.78 51.49
CA ALA C 184 -29.74 54.49 50.43
C ALA C 184 -28.23 54.52 50.64
N THR C 185 -27.76 53.97 51.75
CA THR C 185 -26.31 53.97 52.02
C THR C 185 -25.83 52.58 52.38
N VAL C 186 -24.58 52.29 52.02
CA VAL C 186 -23.98 51.03 52.38
C VAL C 186 -24.00 51.03 53.90
N GLU C 187 -23.65 52.18 54.48
CA GLU C 187 -23.61 52.34 55.93
C GLU C 187 -24.95 52.14 56.60
N GLU C 188 -25.97 52.86 56.16
CA GLU C 188 -27.28 52.71 56.80
C GLU C 188 -27.93 51.35 56.49
N CYS C 189 -27.33 50.60 55.56
CA CYS C 189 -27.86 49.28 55.23
C CYS C 189 -27.23 48.26 56.16
N VAL C 190 -25.95 48.43 56.43
CA VAL C 190 -25.25 47.53 57.33
C VAL C 190 -25.78 47.69 58.75
N LYS C 191 -26.17 48.92 59.08
CA LYS C 191 -26.70 49.23 60.41
C LYS C 191 -28.03 48.49 60.58
N LEU C 192 -28.94 48.72 59.65
CA LEU C 192 -30.25 48.08 59.69
C LEU C 192 -30.07 46.58 59.88
N THR C 193 -29.00 46.04 59.32
CA THR C 193 -28.70 44.62 59.44
C THR C 193 -28.28 44.31 60.87
N VAL C 194 -27.27 45.02 61.35
CA VAL C 194 -26.80 44.81 62.71
C VAL C 194 -27.98 44.89 63.68
N ARG C 195 -28.78 45.94 63.56
CA ARG C 195 -29.94 46.12 64.42
C ARG C 195 -30.79 44.85 64.50
N SER C 196 -31.17 44.33 63.34
CA SER C 196 -32.01 43.12 63.28
C SER C 196 -31.34 41.94 63.97
N LEU C 197 -30.03 41.84 63.84
CA LEU C 197 -29.30 40.75 64.48
C LEU C 197 -29.22 40.89 65.99
N LEU C 198 -29.08 42.12 66.47
CA LEU C 198 -29.00 42.35 67.90
C LEU C 198 -30.28 41.95 68.61
N GLU C 199 -31.38 41.86 67.88
CA GLU C 199 -32.65 41.47 68.46
C GLU C 199 -32.54 40.02 68.93
N VAL C 200 -31.52 39.31 68.44
CA VAL C 200 -31.36 37.89 68.79
C VAL C 200 -29.97 37.45 69.24
N VAL C 201 -28.92 38.07 68.72
CA VAL C 201 -27.57 37.66 69.09
C VAL C 201 -27.19 37.84 70.56
N GLN C 202 -27.72 38.90 71.18
CA GLN C 202 -27.43 39.17 72.58
C GLN C 202 -25.93 39.38 72.81
N THR C 203 -25.52 40.65 72.79
CA THR C 203 -24.12 41.03 72.98
C THR C 203 -23.15 40.03 72.37
N GLY C 204 -22.84 40.25 71.09
CA GLY C 204 -21.94 39.37 70.40
C GLY C 204 -21.10 40.08 69.36
N ALA C 205 -20.15 40.90 69.80
CA ALA C 205 -19.29 41.60 68.87
C ALA C 205 -18.58 40.54 68.03
N LYS C 206 -18.02 39.54 68.73
CA LYS C 206 -17.31 38.44 68.06
C LYS C 206 -18.31 37.41 67.54
N ASN C 207 -19.59 37.63 67.85
CA ASN C 207 -20.67 36.73 67.41
C ASN C 207 -21.48 37.29 66.25
N ILE C 208 -20.98 38.33 65.59
CA ILE C 208 -21.65 38.93 64.45
C ILE C 208 -20.67 39.27 63.35
N GLU C 209 -20.98 38.83 62.13
CA GLU C 209 -20.15 39.11 60.98
C GLU C 209 -21.03 39.66 59.85
N ILE C 210 -20.48 40.62 59.12
CA ILE C 210 -21.20 41.25 58.03
C ILE C 210 -20.36 41.34 56.76
N THR C 211 -20.98 40.96 55.65
CA THR C 211 -20.32 41.00 54.35
C THR C 211 -21.14 41.90 53.42
N VAL C 212 -20.46 42.85 52.78
CA VAL C 212 -21.14 43.77 51.88
C VAL C 212 -20.81 43.49 50.43
N VAL C 213 -21.86 43.41 49.62
CA VAL C 213 -21.71 43.16 48.21
C VAL C 213 -22.21 44.37 47.42
N LYS C 214 -21.33 44.89 46.55
CA LYS C 214 -21.66 46.04 45.72
C LYS C 214 -21.55 45.61 44.25
N PRO C 215 -22.07 46.42 43.34
CA PRO C 215 -22.00 46.07 41.91
C PRO C 215 -20.57 45.81 41.43
N ASP C 216 -20.46 45.09 40.31
CA ASP C 216 -19.18 44.76 39.69
C ASP C 216 -18.19 44.04 40.58
N SER C 217 -18.60 42.89 41.11
CA SER C 217 -17.76 42.05 41.95
C SER C 217 -17.05 42.71 43.13
N ASP C 218 -17.63 43.78 43.66
CA ASP C 218 -17.04 44.44 44.82
C ASP C 218 -17.57 43.74 46.06
N ILE C 219 -16.77 42.83 46.62
CA ILE C 219 -17.21 42.11 47.81
C ILE C 219 -16.17 42.16 48.91
N VAL C 220 -16.58 42.70 50.06
CA VAL C 220 -15.71 42.82 51.21
C VAL C 220 -16.42 42.45 52.50
N ALA C 221 -15.66 41.88 53.44
CA ALA C 221 -16.20 41.48 54.73
C ALA C 221 -15.61 42.40 55.80
N LEU C 222 -16.46 42.88 56.69
CA LEU C 222 -16.03 43.78 57.75
C LEU C 222 -15.25 43.04 58.83
N SER C 223 -14.52 43.80 59.63
CA SER C 223 -13.74 43.22 60.72
C SER C 223 -14.40 43.57 62.05
N SER C 224 -14.10 42.76 63.06
CA SER C 224 -14.66 42.95 64.40
C SER C 224 -14.94 44.40 64.73
N GLU C 225 -13.88 45.23 64.70
CA GLU C 225 -13.99 46.65 65.02
C GLU C 225 -15.00 47.40 64.17
N GLU C 226 -14.87 47.28 62.84
CA GLU C 226 -15.79 47.97 61.95
C GLU C 226 -17.24 47.75 62.37
N ILE C 227 -17.54 46.52 62.77
CA ILE C 227 -18.89 46.15 63.23
C ILE C 227 -19.04 46.65 64.66
N ASN C 228 -17.98 46.45 65.44
CA ASN C 228 -17.91 46.85 66.83
C ASN C 228 -18.32 48.31 66.96
N GLN C 229 -17.98 49.11 65.95
CA GLN C 229 -18.31 50.54 65.94
C GLN C 229 -19.78 50.74 65.61
N TYR C 230 -20.37 49.78 64.90
CA TYR C 230 -21.78 49.84 64.54
C TYR C 230 -22.60 49.48 65.77
N VAL C 231 -22.23 48.38 66.40
CA VAL C 231 -22.92 47.92 67.61
C VAL C 231 -22.91 49.08 68.60
N THR C 232 -21.73 49.63 68.84
CA THR C 232 -21.53 50.75 69.77
C THR C 232 -22.51 51.90 69.56
N GLN C 233 -22.56 52.43 68.34
CA GLN C 233 -23.45 53.55 68.05
C GLN C 233 -24.94 53.17 68.09
N ILE C 234 -25.25 51.88 68.06
CA ILE C 234 -26.66 51.46 68.09
C ILE C 234 -27.21 51.42 69.51
N GLU C 235 -26.35 51.09 70.47
CA GLU C 235 -26.76 51.03 71.87
C GLU C 235 -26.78 52.43 72.45
N GLN C 236 -26.42 53.40 71.62
CA GLN C 236 -26.44 54.81 72.01
C GLN C 236 -27.78 55.37 71.56
N GLU C 237 -28.30 54.85 70.45
CA GLU C 237 -29.59 55.29 69.92
C GLU C 237 -30.65 54.85 70.93
N LYS C 238 -30.39 53.71 71.58
CA LYS C 238 -31.28 53.14 72.58
C LYS C 238 -31.16 53.90 73.90
N GLN C 239 -29.93 54.04 74.38
CA GLN C 239 -29.67 54.74 75.64
C GLN C 239 -30.17 56.18 75.63
N GLU C 240 -29.98 56.88 74.52
CA GLU C 240 -30.45 58.26 74.40
C GLU C 240 -31.97 58.25 74.32
N GLN C 241 -32.57 57.27 74.99
CA GLN C 241 -34.01 57.10 75.05
C GLN C 241 -34.34 56.03 76.07
N ASP D 1 -41.28 -1.38 56.43
CA ASP D 1 -42.34 -0.38 56.09
C ASP D 1 -43.27 -0.93 55.00
N ARG D 2 -43.88 -0.05 54.22
CA ARG D 2 -44.79 -0.46 53.14
C ARG D 2 -44.38 0.16 51.80
N GLY D 3 -44.47 -0.63 50.73
CA GLY D 3 -44.10 -0.17 49.41
C GLY D 3 -44.72 1.15 48.97
N VAL D 4 -43.95 1.94 48.22
CA VAL D 4 -44.45 3.23 47.75
C VAL D 4 -45.38 3.09 46.56
N SER D 5 -45.52 1.87 46.07
CA SER D 5 -46.41 1.60 44.95
C SER D 5 -47.36 0.47 45.34
N THR D 6 -47.92 0.59 46.53
CA THR D 6 -48.85 -0.40 47.06
C THR D 6 -50.29 0.06 46.85
N PHE D 7 -51.19 -0.92 46.72
CA PHE D 7 -52.60 -0.68 46.52
C PHE D 7 -53.38 -0.76 47.83
N SER D 8 -54.36 0.12 47.98
CA SER D 8 -55.21 0.12 49.17
C SER D 8 -56.26 -0.95 48.90
N PRO D 9 -56.93 -1.42 49.95
CA PRO D 9 -57.96 -2.45 49.73
C PRO D 9 -59.08 -1.97 48.82
N GLU D 10 -59.17 -0.66 48.58
CA GLU D 10 -60.20 -0.10 47.71
C GLU D 10 -59.71 0.03 46.27
N GLY D 11 -58.47 -0.37 46.03
CA GLY D 11 -57.90 -0.30 44.69
C GLY D 11 -57.26 1.03 44.34
N ARG D 12 -56.80 1.75 45.35
CA ARG D 12 -56.16 3.04 45.12
C ARG D 12 -54.68 2.97 45.51
N LEU D 13 -53.87 3.85 44.93
CA LEU D 13 -52.46 3.89 45.23
C LEU D 13 -52.23 4.95 46.29
N PHE D 14 -51.84 4.50 47.47
CA PHE D 14 -51.60 5.41 48.59
C PHE D 14 -50.79 6.63 48.23
N GLN D 15 -49.57 6.43 47.76
CA GLN D 15 -48.73 7.57 47.42
C GLN D 15 -49.40 8.59 46.51
N VAL D 16 -50.27 8.13 45.61
CA VAL D 16 -50.96 9.04 44.71
C VAL D 16 -52.05 9.79 45.45
N GLU D 17 -52.77 9.09 46.32
CA GLU D 17 -53.84 9.70 47.09
C GLU D 17 -53.27 10.75 48.01
N TYR D 18 -52.29 10.37 48.81
CA TYR D 18 -51.66 11.30 49.74
C TYR D 18 -51.10 12.48 48.96
N SER D 19 -50.74 12.22 47.71
CA SER D 19 -50.20 13.24 46.83
C SER D 19 -51.29 14.30 46.63
N LEU D 20 -52.46 13.81 46.23
CA LEU D 20 -53.62 14.65 45.97
C LEU D 20 -53.97 15.52 47.16
N GLU D 21 -53.53 15.09 48.35
CA GLU D 21 -53.81 15.86 49.56
C GLU D 21 -52.92 17.07 49.63
N ALA D 22 -51.63 16.88 49.39
CA ALA D 22 -50.66 17.97 49.42
C ALA D 22 -51.07 19.06 48.46
N ILE D 23 -51.70 18.65 47.37
CA ILE D 23 -52.17 19.56 46.33
C ILE D 23 -53.34 20.43 46.80
N LYS D 24 -54.24 19.83 47.57
CA LYS D 24 -55.38 20.59 48.08
C LYS D 24 -54.90 21.78 48.92
N LEU D 25 -53.66 21.71 49.38
CA LEU D 25 -53.08 22.77 50.20
C LEU D 25 -52.41 23.85 49.39
N GLY D 26 -52.31 23.67 48.09
CA GLY D 26 -51.65 24.65 47.25
C GLY D 26 -52.47 25.89 46.98
N SER D 27 -51.81 26.89 46.42
CA SER D 27 -52.45 28.14 46.06
C SER D 27 -53.46 27.81 44.99
N THR D 28 -54.62 28.46 45.05
CA THR D 28 -55.67 28.23 44.07
C THR D 28 -55.21 28.65 42.67
N ALA D 29 -55.63 27.87 41.67
CA ALA D 29 -55.31 28.16 40.28
C ALA D 29 -56.56 27.83 39.47
N ILE D 30 -56.91 28.72 38.53
CA ILE D 30 -58.11 28.53 37.72
C ILE D 30 -57.87 28.78 36.24
N GLY D 31 -58.61 28.06 35.42
CA GLY D 31 -58.51 28.21 33.98
C GLY D 31 -59.88 28.11 33.33
N ILE D 32 -60.14 28.98 32.35
CA ILE D 32 -61.42 28.99 31.62
C ILE D 32 -61.13 28.95 30.12
N ALA D 33 -61.81 28.07 29.42
CA ALA D 33 -61.62 27.90 27.99
C ALA D 33 -62.78 28.44 27.16
N THR D 34 -62.53 29.52 26.43
CA THR D 34 -63.57 30.12 25.60
C THR D 34 -63.21 29.91 24.14
N LYS D 35 -64.09 30.33 23.23
CA LYS D 35 -63.82 30.17 21.81
C LYS D 35 -62.95 31.34 21.34
N GLU D 36 -62.55 32.18 22.28
CA GLU D 36 -61.70 33.34 21.98
C GLU D 36 -60.33 33.20 22.66
N GLY D 37 -60.12 32.07 23.33
CA GLY D 37 -58.86 31.88 24.03
C GLY D 37 -59.05 31.17 25.35
N VAL D 38 -57.95 30.91 26.06
CA VAL D 38 -58.05 30.24 27.33
C VAL D 38 -57.38 31.15 28.35
N VAL D 39 -58.02 31.31 29.51
CA VAL D 39 -57.46 32.16 30.55
C VAL D 39 -56.98 31.33 31.73
N LEU D 40 -55.82 31.70 32.24
CA LEU D 40 -55.23 31.01 33.37
C LEU D 40 -54.97 32.05 34.44
N GLY D 41 -55.41 31.76 35.66
CA GLY D 41 -55.20 32.68 36.75
C GLY D 41 -54.76 31.94 37.99
N VAL D 42 -53.86 32.56 38.75
CA VAL D 42 -53.37 31.92 39.95
C VAL D 42 -53.31 32.88 41.14
N GLU D 43 -53.20 32.31 42.32
CA GLU D 43 -53.11 33.07 43.56
C GLU D 43 -51.64 33.07 43.94
N LYS D 44 -50.98 34.23 43.90
CA LYS D 44 -49.57 34.28 44.26
C LYS D 44 -49.37 33.71 45.67
N ARG D 45 -50.01 34.33 46.66
CA ARG D 45 -49.91 33.90 48.05
C ARG D 45 -48.50 33.96 48.66
N ALA D 46 -47.95 35.16 48.81
CA ALA D 46 -46.64 35.31 49.41
C ALA D 46 -46.77 35.02 50.91
N THR D 47 -45.67 34.65 51.56
CA THR D 47 -45.71 34.35 52.98
C THR D 47 -45.17 35.49 53.85
N SER D 48 -45.04 36.67 53.25
CA SER D 48 -44.52 37.83 53.95
C SER D 48 -44.46 39.02 53.02
N PRO D 49 -44.74 40.23 53.55
CA PRO D 49 -44.70 41.45 52.75
C PRO D 49 -43.29 41.80 52.24
N LEU D 50 -42.29 41.14 52.80
CA LEU D 50 -40.91 41.36 52.42
C LEU D 50 -40.52 40.59 51.16
N LEU D 51 -41.25 39.52 50.88
CA LEU D 51 -41.04 38.67 49.72
C LEU D 51 -41.52 39.43 48.49
N GLU D 52 -40.66 39.58 47.49
CA GLU D 52 -41.04 40.30 46.28
C GLU D 52 -42.02 39.44 45.50
N SER D 53 -43.28 39.84 45.54
CA SER D 53 -44.39 39.11 44.91
C SER D 53 -44.28 38.73 43.44
N ASP D 54 -43.50 39.46 42.66
CA ASP D 54 -43.42 39.11 41.24
C ASP D 54 -42.41 38.02 40.92
N SER D 55 -41.65 37.60 41.94
CA SER D 55 -40.69 36.53 41.74
C SER D 55 -41.42 35.22 42.05
N ILE D 56 -42.74 35.23 42.01
CA ILE D 56 -43.52 34.02 42.27
C ILE D 56 -44.09 33.57 40.93
N GLU D 57 -43.41 32.59 40.33
CA GLU D 57 -43.76 32.06 39.02
C GLU D 57 -44.60 30.78 39.12
N LYS D 58 -45.90 30.92 38.91
CA LYS D 58 -46.79 29.78 38.97
C LYS D 58 -47.53 29.62 37.66
N ILE D 59 -47.18 30.47 36.71
CA ILE D 59 -47.75 30.41 35.38
C ILE D 59 -46.55 30.48 34.45
N VAL D 60 -46.30 29.40 33.71
CA VAL D 60 -45.17 29.36 32.81
C VAL D 60 -45.58 29.01 31.40
N GLU D 61 -44.69 29.34 30.45
CA GLU D 61 -44.89 29.08 29.04
C GLU D 61 -44.22 27.76 28.64
N ILE D 62 -44.97 26.88 28.00
CA ILE D 62 -44.42 25.61 27.55
C ILE D 62 -43.89 25.93 26.14
N ASP D 63 -44.74 26.58 25.36
CA ASP D 63 -44.40 26.99 24.01
C ASP D 63 -45.26 28.21 23.70
N ARG D 64 -45.14 28.76 22.50
CA ARG D 64 -45.92 29.94 22.16
C ARG D 64 -47.42 29.66 22.09
N HIS D 65 -47.81 28.40 22.00
CA HIS D 65 -49.22 28.05 21.91
C HIS D 65 -49.68 27.22 23.09
N ILE D 66 -48.83 27.13 24.10
CA ILE D 66 -49.14 26.35 25.30
C ILE D 66 -48.54 27.00 26.52
N GLY D 67 -49.32 27.06 27.59
CA GLY D 67 -48.85 27.64 28.85
C GLY D 67 -49.54 26.87 29.95
N CYS D 68 -49.01 26.93 31.17
CA CYS D 68 -49.71 26.19 32.22
C CYS D 68 -49.55 26.81 33.60
N ALA D 69 -50.50 26.48 34.48
CA ALA D 69 -50.51 26.96 35.85
C ALA D 69 -50.36 25.75 36.74
N MET D 70 -49.71 25.96 37.88
CA MET D 70 -49.45 24.88 38.82
C MET D 70 -50.07 25.13 40.19
N SER D 71 -50.26 24.06 40.94
CA SER D 71 -50.81 24.17 42.28
C SER D 71 -50.26 23.01 43.13
N GLY D 72 -49.78 23.32 44.32
CA GLY D 72 -49.23 22.29 45.19
C GLY D 72 -47.76 22.53 45.41
N LEU D 73 -46.99 21.48 45.64
CA LEU D 73 -45.55 21.62 45.83
C LEU D 73 -45.00 22.09 44.50
N THR D 74 -44.80 23.40 44.36
CA THR D 74 -44.34 23.97 43.11
C THR D 74 -42.95 23.57 42.64
N ALA D 75 -42.02 23.33 43.56
CA ALA D 75 -40.68 22.93 43.14
C ALA D 75 -40.75 21.63 42.36
N ASP D 76 -41.74 20.81 42.67
CA ASP D 76 -41.92 19.53 42.00
C ASP D 76 -42.27 19.68 40.53
N ALA D 77 -42.76 20.85 40.13
CA ALA D 77 -43.14 21.03 38.74
C ALA D 77 -42.01 21.53 37.85
N ARG D 78 -40.88 21.91 38.43
CA ARG D 78 -39.76 22.42 37.62
C ARG D 78 -39.34 21.47 36.53
N SER D 79 -39.13 20.20 36.89
CA SER D 79 -38.72 19.20 35.92
C SER D 79 -39.85 18.84 34.97
N MET D 80 -41.09 18.95 35.44
CA MET D 80 -42.24 18.66 34.59
C MET D 80 -42.33 19.69 33.48
N ILE D 81 -41.96 20.93 33.80
CA ILE D 81 -42.00 22.01 32.85
C ILE D 81 -40.86 21.78 31.85
N GLU D 82 -39.68 21.50 32.38
CA GLU D 82 -38.51 21.27 31.54
C GLU D 82 -38.85 20.20 30.51
N HIS D 83 -39.42 19.10 30.98
CA HIS D 83 -39.80 18.00 30.13
C HIS D 83 -40.84 18.44 29.09
N ALA D 84 -41.82 19.23 29.53
CA ALA D 84 -42.87 19.69 28.63
C ALA D 84 -42.29 20.61 27.57
N ARG D 85 -41.47 21.58 27.99
CA ARG D 85 -40.85 22.48 27.04
C ARG D 85 -40.02 21.67 26.04
N THR D 86 -39.24 20.72 26.55
CA THR D 86 -38.40 19.89 25.71
C THR D 86 -39.23 19.04 24.73
N ALA D 87 -40.36 18.51 25.18
CA ALA D 87 -41.20 17.70 24.30
C ALA D 87 -41.76 18.53 23.15
N ALA D 88 -42.19 19.75 23.45
CA ALA D 88 -42.76 20.63 22.43
C ALA D 88 -41.70 21.02 21.40
N VAL D 89 -40.53 21.45 21.87
CA VAL D 89 -39.46 21.83 20.98
C VAL D 89 -39.03 20.63 20.14
N THR D 90 -38.82 19.49 20.80
CA THR D 90 -38.42 18.27 20.11
C THR D 90 -39.42 17.90 19.05
N HIS D 91 -40.70 17.87 19.41
CA HIS D 91 -41.70 17.53 18.41
C HIS D 91 -41.58 18.46 17.22
N ASN D 92 -41.28 19.73 17.47
CA ASN D 92 -41.16 20.67 16.38
C ASN D 92 -39.96 20.37 15.50
N LEU D 93 -38.82 20.05 16.12
CA LEU D 93 -37.61 19.73 15.39
C LEU D 93 -37.84 18.55 14.46
N TYR D 94 -38.51 17.50 14.97
CA TYR D 94 -38.79 16.32 14.17
C TYR D 94 -39.86 16.50 13.09
N TYR D 95 -40.89 17.29 13.37
CA TYR D 95 -41.96 17.44 12.38
C TYR D 95 -42.24 18.79 11.77
N ASP D 96 -41.45 19.79 12.12
CA ASP D 96 -41.65 21.13 11.57
C ASP D 96 -43.11 21.58 11.74
N GLU D 97 -43.60 21.51 12.96
CA GLU D 97 -44.97 21.87 13.25
C GLU D 97 -45.15 22.04 14.75
N ASP D 98 -46.35 22.42 15.17
CA ASP D 98 -46.67 22.61 16.58
C ASP D 98 -47.21 21.33 17.22
N ILE D 99 -46.65 20.96 18.36
CA ILE D 99 -47.11 19.77 19.06
C ILE D 99 -48.55 20.01 19.50
N ASN D 100 -49.43 19.05 19.26
CA ASN D 100 -50.84 19.19 19.67
C ASN D 100 -50.92 19.28 21.20
N VAL D 101 -51.79 20.15 21.70
CA VAL D 101 -51.94 20.35 23.13
C VAL D 101 -52.16 19.07 23.92
N GLU D 102 -52.99 18.19 23.40
CA GLU D 102 -53.27 16.94 24.08
C GLU D 102 -51.98 16.11 24.21
N SER D 103 -51.22 16.05 23.12
CA SER D 103 -49.99 15.29 23.09
C SER D 103 -49.01 15.81 24.14
N LEU D 104 -48.78 17.12 24.16
CA LEU D 104 -47.88 17.70 25.15
C LEU D 104 -48.34 17.26 26.53
N THR D 105 -49.65 17.29 26.77
CA THR D 105 -50.19 16.90 28.06
C THR D 105 -49.91 15.41 28.32
N GLN D 106 -50.28 14.56 27.37
CA GLN D 106 -50.07 13.13 27.51
C GLN D 106 -48.59 12.81 27.78
N SER D 107 -47.70 13.56 27.16
CA SER D 107 -46.28 13.38 27.34
C SER D 107 -45.86 13.68 28.77
N VAL D 108 -46.45 14.72 29.35
CA VAL D 108 -46.15 15.11 30.71
C VAL D 108 -46.67 14.08 31.69
N CYS D 109 -47.90 13.63 31.46
CA CYS D 109 -48.51 12.64 32.34
C CYS D 109 -47.82 11.28 32.32
N ASP D 110 -46.98 11.05 31.31
CA ASP D 110 -46.28 9.78 31.23
C ASP D 110 -45.26 9.66 32.36
N LEU D 111 -44.77 10.78 32.86
CA LEU D 111 -43.81 10.75 33.95
C LEU D 111 -44.50 10.36 35.24
N ALA D 112 -45.67 10.96 35.45
CA ALA D 112 -46.48 10.72 36.65
C ALA D 112 -46.19 9.45 37.45
N LEU D 113 -46.65 8.31 36.94
CA LEU D 113 -46.47 7.05 37.67
C LEU D 113 -45.07 6.44 37.58
N ARG D 114 -44.12 7.16 37.01
CA ARG D 114 -42.74 6.67 36.92
C ARG D 114 -42.04 6.73 38.27
N PHE D 115 -42.65 6.17 39.30
CA PHE D 115 -42.02 6.18 40.60
C PHE D 115 -42.07 4.80 41.21
N GLY D 116 -41.22 4.59 42.21
CA GLY D 116 -41.16 3.30 42.88
C GLY D 116 -39.77 3.00 43.41
N GLU D 117 -39.52 1.74 43.74
CA GLU D 117 -38.22 1.32 44.25
C GLU D 117 -37.63 0.19 43.41
N GLY D 118 -38.00 0.16 42.13
CA GLY D 118 -37.50 -0.87 41.23
C GLY D 118 -38.65 -1.62 40.59
N ALA D 119 -39.70 -0.89 40.19
CA ALA D 119 -40.89 -1.46 39.56
C ALA D 119 -40.61 -2.11 38.19
N SER D 120 -41.11 -3.34 38.03
CA SER D 120 -40.94 -4.13 36.81
C SER D 120 -41.80 -3.64 35.62
N GLY D 121 -41.13 -3.12 34.60
CA GLY D 121 -41.82 -2.61 33.41
C GLY D 121 -40.93 -1.71 32.58
N GLU D 122 -39.71 -1.46 33.07
CA GLU D 122 -38.71 -0.61 32.42
C GLU D 122 -37.76 -0.16 33.55
N GLU D 123 -37.56 1.15 33.70
CA GLU D 123 -36.71 1.68 34.77
C GLU D 123 -37.27 2.99 35.33
N ARG D 124 -38.31 2.86 36.16
CA ARG D 124 -38.95 4.02 36.78
C ARG D 124 -38.31 4.41 38.12
N LEU D 125 -37.28 5.24 38.05
CA LEU D 125 -36.61 5.72 39.24
C LEU D 125 -37.11 7.13 39.58
N MET D 126 -37.71 7.24 40.75
CA MET D 126 -38.27 8.48 41.27
C MET D 126 -38.96 7.98 42.53
N SER D 127 -38.40 8.34 43.69
CA SER D 127 -38.92 7.85 44.95
C SER D 127 -40.38 8.13 45.26
N ARG D 128 -40.94 9.20 44.74
CA ARG D 128 -42.33 9.54 45.04
C ARG D 128 -43.01 10.27 43.90
N PRO D 129 -44.36 10.31 43.92
CA PRO D 129 -45.11 11.00 42.85
C PRO D 129 -44.94 12.51 43.00
N PHE D 130 -45.23 13.25 41.95
CA PHE D 130 -45.11 14.70 42.03
C PHE D 130 -46.19 15.20 42.98
N GLY D 131 -45.89 16.26 43.72
CA GLY D 131 -46.87 16.80 44.64
C GLY D 131 -47.44 18.08 44.09
N VAL D 132 -47.91 18.02 42.84
CA VAL D 132 -48.44 19.21 42.20
C VAL D 132 -49.33 18.85 41.02
N ALA D 133 -50.37 19.65 40.80
CA ALA D 133 -51.28 19.43 39.70
C ALA D 133 -50.99 20.51 38.69
N LEU D 134 -51.44 20.33 37.47
CA LEU D 134 -51.17 21.32 36.45
C LEU D 134 -52.35 21.56 35.54
N LEU D 135 -52.54 22.82 35.20
CA LEU D 135 -53.59 23.19 34.27
C LEU D 135 -52.81 23.58 33.03
N ILE D 136 -52.95 22.79 31.98
CA ILE D 136 -52.25 23.06 30.74
C ILE D 136 -53.26 23.60 29.75
N ALA D 137 -53.02 24.83 29.30
CA ALA D 137 -53.93 25.46 28.36
C ALA D 137 -53.20 25.82 27.08
N GLY D 138 -53.90 25.70 25.97
CA GLY D 138 -53.27 26.04 24.71
C GLY D 138 -54.21 25.90 23.52
N HIS D 139 -53.65 26.06 22.33
CA HIS D 139 -54.42 25.96 21.11
C HIS D 139 -53.67 25.22 20.00
N ASP D 140 -54.41 24.50 19.18
CA ASP D 140 -53.82 23.79 18.06
C ASP D 140 -54.90 23.71 16.98
N ALA D 141 -54.46 23.71 15.73
CA ALA D 141 -55.39 23.69 14.61
C ALA D 141 -56.45 22.59 14.58
N ASP D 142 -56.18 21.43 15.19
CA ASP D 142 -57.15 20.34 15.14
C ASP D 142 -58.30 20.41 16.13
N ASP D 143 -58.02 20.82 17.37
CA ASP D 143 -59.07 20.91 18.39
C ASP D 143 -59.19 22.28 19.04
N GLY D 144 -58.66 23.30 18.37
CA GLY D 144 -58.74 24.64 18.88
C GLY D 144 -58.26 24.85 20.29
N TYR D 145 -58.91 25.76 20.99
CA TYR D 145 -58.55 26.09 22.37
C TYR D 145 -58.89 24.94 23.31
N GLN D 146 -57.89 24.54 24.10
CA GLN D 146 -58.05 23.43 25.03
C GLN D 146 -57.47 23.72 26.42
N LEU D 147 -58.13 23.13 27.43
CA LEU D 147 -57.71 23.26 28.82
C LEU D 147 -57.64 21.86 29.39
N PHE D 148 -56.48 21.54 29.98
CA PHE D 148 -56.26 20.21 30.55
C PHE D 148 -55.81 20.26 32.00
N HIS D 149 -56.18 19.24 32.74
CA HIS D 149 -55.80 19.12 34.13
C HIS D 149 -54.93 17.86 34.25
N ALA D 150 -53.68 18.03 34.64
CA ALA D 150 -52.77 16.89 34.79
C ALA D 150 -52.53 16.59 36.26
N GLU D 151 -52.74 15.33 36.64
CA GLU D 151 -52.56 14.91 38.02
C GLU D 151 -51.33 14.02 38.20
N PRO D 152 -50.93 13.79 39.47
CA PRO D 152 -49.77 12.94 39.75
C PRO D 152 -50.16 11.50 39.49
N SER D 153 -51.46 11.28 39.33
CA SER D 153 -52.02 9.95 39.08
C SER D 153 -51.54 9.45 37.73
N GLY D 154 -51.34 10.38 36.81
CA GLY D 154 -50.89 10.00 35.49
C GLY D 154 -52.01 10.24 34.49
N THR D 155 -53.22 10.38 35.01
CA THR D 155 -54.36 10.62 34.13
C THR D 155 -54.62 12.12 34.02
N PHE D 156 -55.18 12.53 32.89
CA PHE D 156 -55.48 13.95 32.66
C PHE D 156 -56.88 14.08 32.09
N TYR D 157 -57.50 15.21 32.39
CA TYR D 157 -58.85 15.47 31.95
C TYR D 157 -58.92 16.78 31.21
N ARG D 158 -59.91 16.89 30.34
CA ARG D 158 -60.11 18.13 29.60
C ARG D 158 -61.36 18.77 30.22
N TYR D 159 -61.26 20.06 30.53
CA TYR D 159 -62.37 20.81 31.13
C TYR D 159 -62.65 22.06 30.30
N ASN D 160 -63.82 22.64 30.50
CA ASN D 160 -64.18 23.87 29.81
C ASN D 160 -63.73 24.96 30.78
N ALA D 161 -63.57 24.54 32.02
CA ALA D 161 -63.12 25.39 33.10
C ALA D 161 -62.74 24.44 34.22
N LYS D 162 -61.77 24.82 35.02
CA LYS D 162 -61.35 23.96 36.11
C LYS D 162 -60.53 24.74 37.12
N ALA D 163 -60.69 24.38 38.38
CA ALA D 163 -59.98 25.03 39.46
C ALA D 163 -59.32 23.96 40.32
N ILE D 164 -58.07 24.21 40.70
CA ILE D 164 -57.33 23.27 41.53
C ILE D 164 -56.68 24.08 42.62
N GLY D 165 -56.44 23.45 43.76
CA GLY D 165 -55.82 24.16 44.87
C GLY D 165 -56.69 24.18 46.12
N SER D 166 -56.40 25.10 47.03
CA SER D 166 -57.16 25.19 48.27
C SER D 166 -58.66 25.42 48.04
N GLY D 167 -59.02 26.46 47.29
CA GLY D 167 -60.44 26.70 47.10
C GLY D 167 -61.05 25.99 45.91
N SER D 168 -60.47 24.85 45.53
CA SER D 168 -60.95 24.09 44.36
C SER D 168 -62.41 23.65 44.33
N GLU D 169 -62.83 22.83 45.29
CA GLU D 169 -64.22 22.34 45.32
C GLU D 169 -65.21 23.51 45.38
N GLY D 170 -64.82 24.57 46.10
CA GLY D 170 -65.68 25.73 46.21
C GLY D 170 -65.78 26.45 44.88
N ALA D 171 -64.64 26.94 44.42
CA ALA D 171 -64.54 27.65 43.14
C ALA D 171 -65.07 26.85 41.96
N GLN D 172 -64.98 25.53 42.03
CA GLN D 172 -65.45 24.68 40.96
C GLN D 172 -66.94 24.86 40.80
N ALA D 173 -67.68 24.56 41.86
CA ALA D 173 -69.14 24.71 41.86
C ALA D 173 -69.50 26.08 41.30
N GLU D 174 -68.69 27.07 41.62
CA GLU D 174 -68.91 28.42 41.15
C GLU D 174 -68.89 28.42 39.62
N LEU D 175 -67.85 27.82 39.06
CA LEU D 175 -67.68 27.73 37.61
C LEU D 175 -68.84 27.00 36.94
N LEU D 176 -69.40 26.02 37.65
CA LEU D 176 -70.53 25.26 37.13
C LEU D 176 -71.67 26.14 36.63
N ASN D 177 -71.94 27.21 37.38
CA ASN D 177 -73.01 28.14 37.03
C ASN D 177 -72.55 29.17 36.00
N GLU D 178 -71.44 29.83 36.31
CA GLU D 178 -70.89 30.87 35.45
C GLU D 178 -70.49 30.52 34.01
N TRP D 179 -70.02 29.29 33.78
CA TRP D 179 -69.58 28.91 32.44
C TRP D 179 -70.66 28.52 31.42
N HIS D 180 -70.53 29.08 30.23
CA HIS D 180 -71.43 28.79 29.11
C HIS D 180 -70.62 28.85 27.81
N SER D 181 -71.01 28.02 26.85
CA SER D 181 -70.32 27.93 25.56
C SER D 181 -70.24 29.21 24.73
N SER D 182 -70.56 30.36 25.32
CA SER D 182 -70.53 31.60 24.56
C SER D 182 -69.75 32.71 25.24
N LEU D 183 -68.98 32.35 26.24
CA LEU D 183 -68.18 33.33 26.98
C LEU D 183 -67.20 34.01 26.05
N THR D 184 -66.79 35.22 26.41
CA THR D 184 -65.82 35.96 25.62
C THR D 184 -64.58 36.07 26.48
N LEU D 185 -63.43 36.32 25.85
CA LEU D 185 -62.19 36.42 26.61
C LEU D 185 -62.35 37.38 27.77
N LYS D 186 -62.80 38.59 27.46
CA LYS D 186 -63.03 39.62 28.46
C LYS D 186 -63.83 39.09 29.66
N GLU D 187 -64.90 38.36 29.35
CA GLU D 187 -65.76 37.79 30.38
C GLU D 187 -65.03 36.77 31.22
N ALA D 188 -64.31 35.86 30.56
CA ALA D 188 -63.55 34.85 31.27
C ALA D 188 -62.51 35.49 32.18
N GLU D 189 -61.81 36.47 31.67
CA GLU D 189 -60.80 37.15 32.45
C GLU D 189 -61.42 37.62 33.76
N LEU D 190 -62.49 38.41 33.64
CA LEU D 190 -63.18 38.94 34.80
C LEU D 190 -63.62 37.82 35.72
N LEU D 191 -64.30 36.84 35.14
CA LEU D 191 -64.78 35.68 35.90
C LEU D 191 -63.67 35.04 36.73
N VAL D 192 -62.55 34.68 36.10
CA VAL D 192 -61.43 34.07 36.82
C VAL D 192 -61.05 34.96 37.98
N LEU D 193 -60.81 36.21 37.64
CA LEU D 193 -60.42 37.24 38.58
C LEU D 193 -61.40 37.29 39.77
N LYS D 194 -62.68 37.05 39.49
CA LYS D 194 -63.71 37.07 40.51
C LYS D 194 -63.61 35.89 41.45
N ILE D 195 -63.73 34.67 40.91
CA ILE D 195 -63.65 33.47 41.74
C ILE D 195 -62.38 33.49 42.58
N LEU D 196 -61.27 33.93 42.00
CA LEU D 196 -60.03 34.00 42.77
C LEU D 196 -60.31 34.80 44.02
N LYS D 197 -60.89 35.98 43.82
CA LYS D 197 -61.23 36.88 44.91
C LYS D 197 -62.06 36.21 46.01
N GLN D 198 -63.02 35.38 45.63
CA GLN D 198 -63.84 34.69 46.62
C GLN D 198 -63.02 33.71 47.46
N VAL D 199 -62.40 32.73 46.82
CA VAL D 199 -61.63 31.72 47.53
C VAL D 199 -60.32 32.17 48.16
N MET D 200 -59.78 33.29 47.71
CA MET D 200 -58.53 33.76 48.28
C MET D 200 -58.71 34.23 49.71
N GLU D 201 -57.67 34.06 50.52
CA GLU D 201 -57.71 34.51 51.91
C GLU D 201 -57.51 36.01 51.91
N GLU D 202 -56.49 36.45 51.17
CA GLU D 202 -56.15 37.85 51.06
C GLU D 202 -57.11 38.64 50.17
N LYS D 203 -56.98 39.97 50.22
CA LYS D 203 -57.81 40.83 49.41
C LYS D 203 -57.10 40.95 48.07
N LEU D 204 -57.68 40.30 47.07
CA LEU D 204 -57.14 40.27 45.72
C LEU D 204 -56.83 41.61 45.09
N ASP D 205 -55.55 41.88 44.88
CA ASP D 205 -55.10 43.10 44.21
C ASP D 205 -54.19 42.57 43.11
N GLU D 206 -53.57 43.44 42.30
CA GLU D 206 -52.74 42.96 41.21
C GLU D 206 -51.33 42.54 41.62
N ASN D 207 -51.11 42.35 42.91
CA ASN D 207 -49.80 41.94 43.40
C ASN D 207 -49.81 40.56 44.05
N ASN D 208 -50.98 40.02 44.31
CA ASN D 208 -51.06 38.70 44.92
C ASN D 208 -51.86 37.75 44.05
N ALA D 209 -52.13 38.17 42.82
CA ALA D 209 -52.87 37.35 41.87
C ALA D 209 -52.30 37.63 40.48
N GLN D 210 -52.39 36.65 39.59
CA GLN D 210 -51.85 36.83 38.26
C GLN D 210 -52.70 36.16 37.19
N LEU D 211 -52.90 36.88 36.10
CA LEU D 211 -53.67 36.39 34.97
C LEU D 211 -52.79 36.21 33.75
N SER D 212 -53.31 35.48 32.79
CA SER D 212 -52.62 35.21 31.54
C SER D 212 -53.59 34.43 30.67
N CYS D 213 -53.28 34.36 29.38
CA CYS D 213 -54.14 33.65 28.45
C CYS D 213 -53.31 33.14 27.29
N ILE D 214 -54.00 32.63 26.28
CA ILE D 214 -53.35 32.11 25.11
C ILE D 214 -54.38 32.10 23.99
N THR D 215 -54.11 32.94 22.99
CA THR D 215 -54.99 33.06 21.82
C THR D 215 -54.21 32.69 20.57
N LYS D 216 -54.95 32.23 19.56
CA LYS D 216 -54.35 31.83 18.29
C LYS D 216 -53.50 32.95 17.71
N GLN D 217 -53.98 34.18 17.82
CA GLN D 217 -53.26 35.32 17.26
C GLN D 217 -51.94 35.65 17.93
N ASP D 218 -51.96 35.96 19.23
CA ASP D 218 -50.73 36.34 19.91
C ASP D 218 -50.08 35.27 20.79
N GLY D 219 -50.68 34.07 20.81
CA GLY D 219 -50.10 33.01 21.62
C GLY D 219 -50.25 33.24 23.10
N PHE D 220 -49.41 32.56 23.89
CA PHE D 220 -49.46 32.67 25.34
C PHE D 220 -48.75 33.89 25.91
N LYS D 221 -49.53 34.72 26.60
CA LYS D 221 -49.02 35.94 27.23
C LYS D 221 -49.41 35.98 28.70
N ILE D 222 -48.52 36.53 29.53
CA ILE D 222 -48.81 36.67 30.95
C ILE D 222 -49.11 38.15 31.19
N TYR D 223 -50.32 38.45 31.64
CA TYR D 223 -50.72 39.84 31.90
C TYR D 223 -49.83 40.50 32.94
N ASP D 224 -49.27 41.66 32.57
CA ASP D 224 -48.44 42.40 33.53
C ASP D 224 -49.39 43.03 34.53
N ASN D 225 -48.88 43.32 35.72
CA ASN D 225 -49.69 43.90 36.78
C ASN D 225 -50.63 45.05 36.39
N GLU D 226 -50.11 46.04 35.67
CA GLU D 226 -50.94 47.17 35.25
C GLU D 226 -52.18 46.73 34.48
N LYS D 227 -52.01 45.78 33.57
CA LYS D 227 -53.14 45.29 32.79
C LYS D 227 -54.16 44.56 33.67
N THR D 228 -53.65 43.90 34.71
CA THR D 228 -54.50 43.16 35.63
C THR D 228 -55.22 44.16 36.52
N ALA D 229 -54.46 45.11 37.05
CA ALA D 229 -55.01 46.15 37.93
C ALA D 229 -56.33 46.70 37.42
N GLU D 230 -56.35 47.11 36.16
CA GLU D 230 -57.56 47.66 35.58
C GLU D 230 -58.66 46.64 35.40
N LEU D 231 -58.29 45.37 35.29
CA LEU D 231 -59.31 44.34 35.13
C LEU D 231 -59.97 44.09 36.48
N ILE D 232 -59.20 44.32 37.54
CA ILE D 232 -59.69 44.15 38.91
C ILE D 232 -60.74 45.23 39.12
N LYS D 233 -60.36 46.46 38.79
CA LYS D 233 -61.22 47.63 38.90
C LYS D 233 -62.49 47.40 38.08
N GLU D 234 -62.32 47.06 36.80
CA GLU D 234 -63.46 46.80 35.93
C GLU D 234 -64.39 45.76 36.54
N LEU D 235 -63.83 44.91 37.40
CA LEU D 235 -64.61 43.85 38.06
C LEU D 235 -65.42 44.49 39.19
N LYS D 236 -64.69 45.17 40.09
CA LYS D 236 -65.31 45.85 41.22
C LYS D 236 -66.55 46.63 40.80
N GLU D 237 -66.41 47.41 39.74
CA GLU D 237 -67.49 48.23 39.22
C GLU D 237 -68.72 47.46 38.76
N LYS D 238 -68.52 46.42 37.97
CA LYS D 238 -69.65 45.64 37.47
C LYS D 238 -70.36 44.86 38.56
N GLU D 239 -69.71 44.72 39.71
CA GLU D 239 -70.28 43.99 40.84
C GLU D 239 -71.03 44.97 41.72
N ALA D 240 -70.41 46.12 41.95
CA ALA D 240 -71.01 47.16 42.76
C ALA D 240 -72.19 47.74 41.98
N ALA D 241 -72.42 47.22 40.77
CA ALA D 241 -73.51 47.69 39.92
C ALA D 241 -74.75 46.81 40.05
N GLU D 242 -74.81 46.03 41.13
CA GLU D 242 -75.93 45.14 41.43
C GLU D 242 -75.48 44.00 42.32
N PHE E 1 -54.48 -10.87 60.41
CA PHE E 1 -54.49 -11.65 59.13
C PHE E 1 -54.04 -10.75 57.97
N ARG E 2 -54.84 -10.73 56.90
CA ARG E 2 -54.60 -9.95 55.68
C ARG E 2 -53.64 -8.80 55.87
N ASN E 3 -53.85 -8.04 56.94
CA ASN E 3 -53.02 -6.90 57.26
C ASN E 3 -51.50 -7.18 57.18
N ASN E 4 -51.10 -8.43 57.38
CA ASN E 4 -49.68 -8.77 57.32
C ASN E 4 -49.27 -9.45 56.02
N TYR E 5 -50.25 -9.80 55.19
CA TYR E 5 -49.95 -10.49 53.95
C TYR E 5 -50.31 -9.70 52.70
N ASP E 6 -50.66 -8.44 52.86
CA ASP E 6 -51.03 -7.61 51.71
C ASP E 6 -50.05 -6.45 51.50
N GLY E 7 -48.84 -6.59 52.02
CA GLY E 7 -47.83 -5.54 51.90
C GLY E 7 -47.14 -5.40 50.56
N ASP E 8 -47.20 -6.44 49.74
CA ASP E 8 -46.58 -6.45 48.42
C ASP E 8 -46.89 -7.77 47.72
N THR E 9 -46.89 -7.73 46.38
CA THR E 9 -47.22 -8.90 45.56
C THR E 9 -46.38 -10.15 45.75
N VAL E 10 -45.17 -9.98 46.25
CA VAL E 10 -44.28 -11.11 46.42
C VAL E 10 -44.64 -12.00 47.62
N THR E 11 -45.70 -11.67 48.34
CA THR E 11 -46.11 -12.46 49.51
C THR E 11 -47.42 -13.22 49.36
N PHE E 12 -47.38 -14.50 49.72
CA PHE E 12 -48.56 -15.37 49.67
C PHE E 12 -49.26 -15.31 51.02
N SER E 13 -50.59 -15.37 51.01
CA SER E 13 -51.32 -15.38 52.27
C SER E 13 -51.27 -16.83 52.75
N PRO E 14 -51.70 -17.11 53.98
CA PRO E 14 -51.64 -18.50 54.44
C PRO E 14 -52.62 -19.41 53.69
N THR E 15 -53.63 -18.84 53.06
CA THR E 15 -54.59 -19.64 52.33
C THR E 15 -54.15 -19.83 50.88
N GLY E 16 -53.12 -19.09 50.47
CA GLY E 16 -52.61 -19.21 49.11
C GLY E 16 -53.09 -18.09 48.20
N ARG E 17 -53.32 -16.92 48.76
CA ARG E 17 -53.79 -15.78 47.99
C ARG E 17 -52.76 -14.68 47.83
N LEU E 18 -53.00 -13.81 46.86
CA LEU E 18 -52.12 -12.68 46.58
C LEU E 18 -52.96 -11.43 46.65
N PHE E 19 -53.11 -10.90 47.85
CA PHE E 19 -53.92 -9.72 48.08
C PHE E 19 -53.59 -8.52 47.21
N GLN E 20 -52.31 -8.17 47.10
CA GLN E 20 -51.96 -7.04 46.27
C GLN E 20 -52.66 -7.12 44.93
N VAL E 21 -52.68 -8.32 44.36
CA VAL E 21 -53.32 -8.55 43.07
C VAL E 21 -54.82 -8.36 43.19
N GLU E 22 -55.40 -8.97 44.22
CA GLU E 22 -56.83 -8.88 44.45
C GLU E 22 -57.24 -7.43 44.61
N TYR E 23 -56.37 -6.66 45.26
CA TYR E 23 -56.61 -5.24 45.46
C TYR E 23 -56.60 -4.58 44.09
N ALA E 24 -55.68 -5.03 43.24
CA ALA E 24 -55.59 -4.50 41.89
C ALA E 24 -56.93 -4.76 41.22
N LEU E 25 -57.34 -6.03 41.21
CA LEU E 25 -58.60 -6.43 40.61
C LEU E 25 -59.74 -5.54 41.04
N GLU E 26 -59.58 -4.89 42.20
CA GLU E 26 -60.62 -4.02 42.71
C GLU E 26 -60.70 -2.67 41.98
N ALA E 27 -59.56 -2.10 41.63
CA ALA E 27 -59.56 -0.82 40.93
C ALA E 27 -60.40 -0.95 39.66
N ILE E 28 -60.57 -2.19 39.23
CA ILE E 28 -61.36 -2.50 38.04
C ILE E 28 -62.83 -2.18 38.25
N LYS E 29 -63.45 -2.88 39.19
CA LYS E 29 -64.86 -2.68 39.51
C LYS E 29 -65.17 -1.23 39.85
N GLN E 30 -64.14 -0.46 40.15
CA GLN E 30 -64.33 0.95 40.49
C GLN E 30 -64.28 1.80 39.22
N GLY E 31 -64.02 1.16 38.09
CA GLY E 31 -63.95 1.88 36.83
C GLY E 31 -65.27 1.79 36.06
N SER E 32 -65.47 2.70 35.11
CA SER E 32 -66.70 2.70 34.33
C SER E 32 -66.85 1.38 33.60
N VAL E 33 -68.08 1.02 33.25
CA VAL E 33 -68.31 -0.23 32.56
C VAL E 33 -68.04 -0.15 31.05
N THR E 34 -67.77 -1.31 30.46
CA THR E 34 -67.51 -1.44 29.03
C THR E 34 -67.97 -2.84 28.64
N VAL E 35 -68.35 -3.02 27.39
CA VAL E 35 -68.84 -4.31 26.94
C VAL E 35 -68.24 -4.77 25.62
N GLY E 36 -68.17 -6.08 25.46
CA GLY E 36 -67.64 -6.67 24.26
C GLY E 36 -68.45 -7.89 23.85
N LEU E 37 -68.66 -8.05 22.55
CA LEU E 37 -69.41 -9.19 22.02
C LEU E 37 -69.05 -9.38 20.54
N ARG E 38 -69.24 -10.59 20.05
CA ARG E 38 -68.90 -10.89 18.66
C ARG E 38 -69.84 -11.88 17.99
N SER E 39 -69.95 -11.76 16.67
CA SER E 39 -70.77 -12.70 15.89
C SER E 39 -69.68 -13.57 15.26
N ASN E 40 -69.88 -14.02 14.04
CA ASN E 40 -68.85 -14.84 13.40
C ASN E 40 -68.12 -13.98 12.39
N THR E 41 -68.63 -12.76 12.21
CA THR E 41 -68.04 -11.83 11.25
C THR E 41 -67.57 -10.53 11.88
N HIS E 42 -68.03 -10.24 13.10
CA HIS E 42 -67.62 -9.01 13.76
C HIS E 42 -67.46 -9.14 15.27
N ALA E 43 -66.85 -8.13 15.85
CA ALA E 43 -66.63 -8.05 17.29
C ALA E 43 -66.81 -6.57 17.61
N VAL E 44 -67.54 -6.30 18.68
CA VAL E 44 -67.81 -4.92 19.07
C VAL E 44 -67.45 -4.59 20.50
N LEU E 45 -66.98 -3.37 20.69
CA LEU E 45 -66.65 -2.89 22.00
C LEU E 45 -67.52 -1.67 22.23
N VAL E 46 -68.34 -1.73 23.27
CA VAL E 46 -69.21 -0.62 23.64
C VAL E 46 -68.74 -0.22 25.02
N ALA E 47 -68.16 0.96 25.12
CA ALA E 47 -67.67 1.39 26.42
C ALA E 47 -68.33 2.67 26.85
N LEU E 48 -68.63 2.72 28.14
CA LEU E 48 -69.24 3.89 28.74
C LEU E 48 -68.16 4.84 29.26
N LYS E 49 -67.90 5.91 28.52
CA LYS E 49 -66.89 6.87 28.95
C LYS E 49 -67.45 7.55 30.19
N ARG E 50 -66.59 7.89 31.15
CA ARG E 50 -67.03 8.54 32.39
C ARG E 50 -66.41 9.93 32.58
N ASN E 51 -67.23 10.87 33.04
CA ASN E 51 -66.75 12.23 33.27
C ASN E 51 -66.58 12.56 34.76
N ALA E 52 -65.57 13.37 35.08
CA ALA E 52 -65.30 13.76 36.46
C ALA E 52 -66.38 14.74 36.93
N ASP E 53 -66.43 15.90 36.27
CA ASP E 53 -67.42 16.94 36.57
C ASP E 53 -68.29 17.10 35.34
N GLU E 54 -69.21 18.04 35.37
CA GLU E 54 -70.09 18.28 34.24
C GLU E 54 -69.46 19.29 33.29
N LEU E 55 -68.15 19.49 33.48
CA LEU E 55 -67.37 20.39 32.64
C LEU E 55 -66.20 19.60 32.09
N SER E 56 -66.07 18.34 32.54
CA SER E 56 -64.99 17.46 32.12
C SER E 56 -65.39 16.57 30.94
N SER E 57 -64.38 16.05 30.26
CA SER E 57 -64.59 15.16 29.13
C SER E 57 -64.87 13.80 29.72
N TYR E 58 -65.44 12.91 28.92
CA TYR E 58 -65.73 11.55 29.38
C TYR E 58 -64.58 10.64 28.94
N GLN E 59 -63.44 10.74 29.64
CA GLN E 59 -62.21 9.97 29.36
C GLN E 59 -62.34 8.77 28.41
N LYS E 60 -61.53 8.79 27.34
CA LYS E 60 -61.53 7.75 26.32
C LYS E 60 -61.22 6.37 26.88
N LYS E 61 -61.97 5.36 26.46
CA LYS E 61 -61.76 4.00 26.98
C LYS E 61 -61.49 2.92 25.92
N ILE E 62 -61.37 3.32 24.66
CA ILE E 62 -61.07 2.37 23.59
C ILE E 62 -59.81 2.78 22.83
N ILE E 63 -58.90 1.82 22.68
CA ILE E 63 -57.62 2.06 22.02
C ILE E 63 -57.39 1.08 20.88
N LYS E 64 -56.88 1.59 19.77
CA LYS E 64 -56.61 0.76 18.61
C LYS E 64 -55.17 0.27 18.65
N CYS E 65 -54.98 -1.04 18.66
CA CYS E 65 -53.64 -1.60 18.70
C CYS E 65 -53.07 -1.89 17.32
N ASP E 66 -53.96 -2.10 16.35
CA ASP E 66 -53.55 -2.35 14.96
C ASP E 66 -54.81 -2.20 14.11
N GLU E 67 -54.70 -2.49 12.82
CA GLU E 67 -55.83 -2.37 11.92
C GLU E 67 -56.87 -3.46 12.17
N HIS E 68 -56.42 -4.54 12.80
CA HIS E 68 -57.30 -5.67 13.06
C HIS E 68 -57.46 -5.99 14.53
N MET E 69 -57.01 -5.11 15.41
CA MET E 69 -57.10 -5.37 16.84
C MET E 69 -57.23 -4.12 17.70
N GLY E 70 -58.00 -4.23 18.79
CA GLY E 70 -58.20 -3.11 19.68
C GLY E 70 -58.80 -3.58 20.99
N LEU E 71 -58.78 -2.70 22.00
CA LEU E 71 -59.28 -3.08 23.31
C LEU E 71 -60.00 -1.97 24.04
N SER E 72 -60.75 -2.34 25.07
CA SER E 72 -61.47 -1.39 25.91
C SER E 72 -60.87 -1.57 27.29
N LEU E 73 -60.74 -0.47 28.03
CA LEU E 73 -60.16 -0.48 29.36
C LEU E 73 -61.15 -0.11 30.46
N ALA E 74 -60.87 -0.59 31.66
CA ALA E 74 -61.70 -0.30 32.82
C ALA E 74 -60.77 -0.37 34.02
N GLY E 75 -60.46 0.78 34.58
CA GLY E 75 -59.55 0.81 35.71
C GLY E 75 -58.55 1.94 35.53
N LEU E 76 -57.30 1.71 35.94
CA LEU E 76 -56.27 2.72 35.80
C LEU E 76 -55.91 3.02 34.35
N ALA E 77 -56.20 4.24 33.91
CA ALA E 77 -55.89 4.66 32.56
C ALA E 77 -54.41 4.43 32.21
N PRO E 78 -53.49 5.00 33.01
CA PRO E 78 -52.05 4.85 32.76
C PRO E 78 -51.66 3.42 32.42
N ASP E 79 -52.12 2.47 33.21
CA ASP E 79 -51.79 1.07 32.96
C ASP E 79 -52.28 0.55 31.61
N ALA E 80 -53.48 0.96 31.22
CA ALA E 80 -54.03 0.52 29.94
C ALA E 80 -53.16 1.09 28.82
N ARG E 81 -52.66 2.30 29.05
CA ARG E 81 -51.79 2.98 28.09
C ARG E 81 -50.52 2.16 27.91
N VAL E 82 -49.95 1.73 29.04
CA VAL E 82 -48.74 0.92 29.03
C VAL E 82 -48.99 -0.37 28.28
N LEU E 83 -49.98 -1.14 28.72
CA LEU E 83 -50.33 -2.43 28.12
C LEU E 83 -50.77 -2.36 26.65
N SER E 84 -51.58 -1.37 26.32
CA SER E 84 -52.05 -1.24 24.94
C SER E 84 -50.85 -0.89 24.08
N ASN E 85 -49.99 -0.03 24.61
CA ASN E 85 -48.81 0.38 23.88
C ASN E 85 -47.91 -0.83 23.60
N TYR E 86 -47.75 -1.69 24.59
CA TYR E 86 -46.94 -2.88 24.43
C TYR E 86 -47.61 -3.77 23.39
N LEU E 87 -48.93 -3.87 23.44
CA LEU E 87 -49.66 -4.69 22.47
C LEU E 87 -49.51 -4.10 21.07
N ARG E 88 -49.38 -2.79 21.00
CA ARG E 88 -49.20 -2.14 19.72
C ARG E 88 -47.86 -2.54 19.11
N GLN E 89 -46.85 -2.70 19.96
CA GLN E 89 -45.53 -3.07 19.50
C GLN E 89 -45.50 -4.52 19.05
N GLN E 90 -46.09 -5.41 19.84
CA GLN E 90 -46.10 -6.82 19.50
C GLN E 90 -46.79 -7.04 18.16
N CYS E 91 -47.80 -6.23 17.88
CA CYS E 91 -48.51 -6.34 16.61
C CYS E 91 -47.55 -5.88 15.52
N ASN E 92 -46.97 -4.70 15.74
CA ASN E 92 -46.03 -4.09 14.82
C ASN E 92 -44.88 -5.03 14.51
N TYR E 93 -44.29 -5.60 15.55
CA TYR E 93 -43.20 -6.54 15.35
C TYR E 93 -43.60 -7.67 14.42
N SER E 94 -44.77 -8.26 14.68
CA SER E 94 -45.25 -9.36 13.85
C SER E 94 -45.40 -8.98 12.39
N SER E 95 -45.92 -7.79 12.14
CA SER E 95 -46.09 -7.31 10.78
C SER E 95 -44.77 -7.01 10.11
N LEU E 96 -43.91 -6.26 10.81
CA LEU E 96 -42.61 -5.90 10.26
C LEU E 96 -41.72 -7.09 9.98
N VAL E 97 -41.44 -7.88 10.99
CA VAL E 97 -40.57 -9.04 10.84
C VAL E 97 -41.13 -10.22 10.08
N PHE E 98 -42.40 -10.55 10.28
CA PHE E 98 -42.98 -11.70 9.59
C PHE E 98 -44.04 -11.40 8.55
N ASN E 99 -44.41 -10.13 8.43
CA ASN E 99 -45.42 -9.73 7.45
C ASN E 99 -46.67 -10.56 7.74
N ARG E 100 -47.00 -10.68 9.01
CA ARG E 100 -48.12 -11.47 9.48
C ARG E 100 -48.91 -10.72 10.55
N LYS E 101 -50.22 -10.61 10.36
CA LYS E 101 -51.03 -9.94 11.36
C LYS E 101 -51.05 -10.83 12.60
N LEU E 102 -50.78 -10.25 13.75
CA LEU E 102 -50.72 -10.99 15.01
C LEU E 102 -52.06 -11.58 15.45
N ALA E 103 -52.06 -12.88 15.74
CA ALA E 103 -53.25 -13.60 16.20
C ALA E 103 -53.78 -13.02 17.50
N VAL E 104 -55.11 -12.81 17.56
CA VAL E 104 -55.73 -12.25 18.75
C VAL E 104 -55.46 -13.14 19.93
N GLU E 105 -55.45 -14.45 19.69
CA GLU E 105 -55.19 -15.40 20.76
C GLU E 105 -53.78 -15.25 21.29
N ARG E 106 -52.86 -14.85 20.43
CA ARG E 106 -51.47 -14.70 20.84
C ARG E 106 -51.25 -13.40 21.58
N ALA E 107 -52.06 -12.39 21.25
CA ALA E 107 -51.98 -11.09 21.91
C ALA E 107 -52.36 -11.31 23.36
N GLY E 108 -53.31 -12.21 23.57
CA GLY E 108 -53.75 -12.50 24.92
C GLY E 108 -52.61 -13.14 25.67
N HIS E 109 -51.98 -14.14 25.04
CA HIS E 109 -50.86 -14.83 25.66
C HIS E 109 -49.82 -13.81 26.11
N LEU E 110 -49.47 -12.92 25.20
CA LEU E 110 -48.49 -11.89 25.48
C LEU E 110 -48.88 -11.07 26.70
N LEU E 111 -50.06 -10.45 26.65
CA LEU E 111 -50.53 -9.64 27.76
C LEU E 111 -50.47 -10.44 29.05
N CYS E 112 -50.98 -11.67 29.01
CA CYS E 112 -50.94 -12.50 30.20
C CYS E 112 -49.52 -12.58 30.77
N ASP E 113 -48.57 -12.95 29.91
CA ASP E 113 -47.18 -13.08 30.34
C ASP E 113 -46.59 -11.78 30.86
N LYS E 114 -47.05 -10.64 30.35
CA LYS E 114 -46.52 -9.37 30.81
C LYS E 114 -47.01 -9.04 32.21
N ALA E 115 -48.31 -9.25 32.43
CA ALA E 115 -48.91 -8.98 33.72
C ALA E 115 -48.36 -9.89 34.81
N GLN E 116 -48.06 -11.13 34.44
CA GLN E 116 -47.57 -12.11 35.39
C GLN E 116 -46.26 -11.68 36.05
N LYS E 117 -45.38 -11.07 35.28
CA LYS E 117 -44.09 -10.65 35.80
C LYS E 117 -44.23 -9.63 36.92
N ASN E 118 -45.32 -8.87 36.89
CA ASN E 118 -45.55 -7.86 37.90
C ASN E 118 -46.24 -8.44 39.12
N THR E 119 -46.25 -9.76 39.26
CA THR E 119 -46.91 -10.41 40.38
C THR E 119 -46.02 -11.43 41.08
N GLN E 120 -44.74 -11.47 40.72
CA GLN E 120 -43.85 -12.44 41.33
C GLN E 120 -42.53 -11.81 41.79
N SER E 121 -42.29 -10.57 41.36
CA SER E 121 -41.06 -9.87 41.73
C SER E 121 -41.31 -8.69 42.65
N TYR E 122 -40.43 -8.60 43.63
CA TYR E 122 -40.49 -7.55 44.63
C TYR E 122 -40.29 -6.18 43.99
N GLY E 123 -40.87 -5.16 44.61
CA GLY E 123 -40.71 -3.80 44.09
C GLY E 123 -41.73 -3.33 43.06
N GLY E 124 -42.36 -4.27 42.35
CA GLY E 124 -43.33 -3.89 41.35
C GLY E 124 -44.75 -3.91 41.89
N ARG E 125 -45.73 -3.73 41.01
CA ARG E 125 -47.12 -3.77 41.42
C ARG E 125 -47.95 -4.29 40.26
N PRO E 126 -49.03 -5.01 40.55
CA PRO E 126 -49.87 -5.55 39.47
C PRO E 126 -50.49 -4.41 38.71
N TYR E 127 -50.90 -4.67 37.48
CA TYR E 127 -51.52 -3.61 36.70
C TYR E 127 -52.92 -3.45 37.25
N GLY E 128 -53.36 -2.21 37.43
CA GLY E 128 -54.68 -1.95 37.97
C GLY E 128 -55.71 -1.61 36.90
N VAL E 129 -55.86 -2.50 35.94
CA VAL E 129 -56.82 -2.25 34.87
C VAL E 129 -57.22 -3.54 34.16
N GLY E 130 -58.50 -3.63 33.81
CA GLY E 130 -59.00 -4.79 33.10
C GLY E 130 -59.15 -4.37 31.65
N LEU E 131 -59.05 -5.33 30.74
CA LEU E 131 -59.15 -5.02 29.32
C LEU E 131 -59.97 -6.01 28.54
N LEU E 132 -60.65 -5.50 27.52
CA LEU E 132 -61.46 -6.32 26.64
C LEU E 132 -60.84 -6.11 25.26
N ILE E 133 -60.35 -7.18 24.65
CA ILE E 133 -59.71 -7.11 23.35
C ILE E 133 -60.49 -7.84 22.26
N ILE E 134 -60.78 -7.13 21.18
CA ILE E 134 -61.52 -7.72 20.08
C ILE E 134 -60.61 -7.67 18.87
N GLY E 135 -60.88 -8.50 17.89
CA GLY E 135 -60.06 -8.51 16.70
C GLY E 135 -60.50 -9.54 15.69
N TYR E 136 -60.23 -9.27 14.42
CA TYR E 136 -60.59 -10.19 13.35
C TYR E 136 -59.27 -10.63 12.73
N ASP E 137 -58.92 -11.90 12.94
CA ASP E 137 -57.68 -12.41 12.38
C ASP E 137 -57.96 -13.56 11.43
N LYS E 138 -56.93 -14.35 11.13
CA LYS E 138 -57.07 -15.46 10.20
C LYS E 138 -58.04 -16.56 10.64
N SER E 139 -58.50 -16.52 11.87
CA SER E 139 -59.43 -17.55 12.32
C SER E 139 -60.78 -16.94 12.73
N GLY E 140 -61.12 -15.81 12.12
CA GLY E 140 -62.39 -15.18 12.44
C GLY E 140 -62.38 -14.08 13.49
N ALA E 141 -63.56 -13.79 14.03
CA ALA E 141 -63.72 -12.77 15.06
C ALA E 141 -63.33 -13.30 16.43
N HIS E 142 -62.83 -12.41 17.27
CA HIS E 142 -62.38 -12.77 18.60
C HIS E 142 -62.64 -11.71 19.67
N LEU E 143 -62.92 -12.17 20.88
CA LEU E 143 -63.14 -11.30 22.03
C LEU E 143 -62.34 -11.88 23.19
N LEU E 144 -61.55 -11.02 23.82
CA LEU E 144 -60.71 -11.44 24.94
C LEU E 144 -60.94 -10.61 26.18
N GLU E 145 -60.84 -11.24 27.35
CA GLU E 145 -60.99 -10.52 28.61
C GLU E 145 -59.70 -10.68 29.40
N PHE E 146 -59.04 -9.55 29.67
CA PHE E 146 -57.78 -9.53 30.39
C PHE E 146 -57.94 -9.05 31.82
N GLN E 147 -57.40 -9.82 32.77
CA GLN E 147 -57.46 -9.46 34.19
C GLN E 147 -56.04 -9.31 34.72
N PRO E 148 -55.77 -8.23 35.45
CA PRO E 148 -54.47 -7.90 36.05
C PRO E 148 -53.75 -9.07 36.70
N SER E 149 -54.50 -10.11 37.05
CA SER E 149 -53.90 -11.28 37.67
C SER E 149 -53.12 -12.01 36.60
N GLY E 150 -53.35 -11.60 35.35
CA GLY E 150 -52.69 -12.23 34.22
C GLY E 150 -53.56 -13.30 33.61
N ASN E 151 -54.86 -13.20 33.83
CA ASN E 151 -55.81 -14.17 33.31
C ASN E 151 -56.58 -13.62 32.12
N VAL E 152 -56.34 -14.23 30.96
CA VAL E 152 -57.01 -13.83 29.73
C VAL E 152 -57.89 -14.98 29.29
N THR E 153 -59.13 -14.67 28.91
CA THR E 153 -60.06 -15.71 28.47
C THR E 153 -60.80 -15.29 27.21
N GLU E 154 -61.08 -16.26 26.34
CA GLU E 154 -61.80 -15.99 25.09
C GLU E 154 -63.28 -16.21 25.32
N LEU E 155 -64.09 -15.24 24.88
CA LEU E 155 -65.54 -15.30 25.07
C LEU E 155 -66.29 -14.82 23.84
N TYR E 156 -67.61 -15.07 23.83
CA TYR E 156 -68.47 -14.62 22.76
C TYR E 156 -68.84 -13.19 23.10
N GLY E 157 -68.88 -12.92 24.42
CA GLY E 157 -69.20 -11.60 24.91
C GLY E 157 -68.89 -11.46 26.40
N THR E 158 -68.91 -10.23 26.89
CA THR E 158 -68.65 -9.95 28.30
C THR E 158 -68.50 -8.46 28.59
N ALA E 159 -68.38 -8.13 29.87
CA ALA E 159 -68.23 -6.76 30.30
C ALA E 159 -67.51 -6.75 31.63
N ILE E 160 -66.88 -5.61 31.94
CA ILE E 160 -66.13 -5.43 33.16
C ILE E 160 -66.36 -4.03 33.71
N GLY E 161 -66.10 -3.87 35.01
CA GLY E 161 -66.28 -2.57 35.64
C GLY E 161 -67.44 -2.52 36.62
N ALA E 162 -67.94 -1.31 36.84
CA ALA E 162 -69.03 -1.08 37.75
C ALA E 162 -70.36 -1.59 37.19
N ARG E 163 -71.00 -2.48 37.93
CA ARG E 163 -72.29 -3.03 37.52
C ARG E 163 -72.14 -3.93 36.30
N SER E 164 -70.91 -4.27 35.97
CA SER E 164 -70.63 -5.13 34.84
C SER E 164 -71.57 -6.36 34.79
N GLN E 165 -71.73 -7.01 35.94
CA GLN E 165 -72.56 -8.20 36.06
C GLN E 165 -73.95 -8.01 35.45
N GLY E 166 -74.38 -6.76 35.32
CA GLY E 166 -75.67 -6.49 34.72
C GLY E 166 -75.68 -6.94 33.27
N ALA E 167 -74.89 -6.25 32.46
CA ALA E 167 -74.80 -6.57 31.04
C ALA E 167 -74.29 -7.98 30.82
N LYS E 168 -73.48 -8.48 31.75
CA LYS E 168 -72.94 -9.82 31.60
C LYS E 168 -74.05 -10.88 31.64
N THR E 169 -75.09 -10.61 32.41
CA THR E 169 -76.21 -11.56 32.49
C THR E 169 -76.99 -11.44 31.18
N TYR E 170 -77.24 -10.19 30.78
CA TYR E 170 -77.97 -9.90 29.55
C TYR E 170 -77.38 -10.72 28.41
N LEU E 171 -76.07 -10.58 28.22
CA LEU E 171 -75.36 -11.30 27.16
C LEU E 171 -75.46 -12.80 27.30
N GLU E 172 -75.31 -13.28 28.53
CA GLU E 172 -75.36 -14.72 28.79
C GLU E 172 -76.69 -15.30 28.36
N ARG E 173 -77.67 -14.43 28.13
CA ARG E 173 -78.99 -14.83 27.71
C ARG E 173 -79.18 -14.57 26.21
N THR E 174 -78.90 -13.33 25.80
CA THR E 174 -79.01 -12.89 24.41
C THR E 174 -78.03 -13.64 23.49
N LEU E 175 -77.24 -14.57 24.04
CA LEU E 175 -76.24 -15.30 23.27
C LEU E 175 -76.70 -15.86 21.92
N ASP E 176 -77.40 -16.99 21.95
CA ASP E 176 -77.87 -17.64 20.72
C ASP E 176 -78.38 -16.67 19.67
N THR E 177 -78.74 -15.47 20.11
CA THR E 177 -79.25 -14.41 19.23
C THR E 177 -78.17 -13.63 18.50
N PHE E 178 -77.27 -12.97 19.26
CA PHE E 178 -76.22 -12.16 18.65
C PHE E 178 -75.05 -12.91 18.01
N ILE E 179 -74.75 -14.12 18.49
CA ILE E 179 -73.67 -14.91 17.92
C ILE E 179 -73.98 -15.20 16.45
N LYS E 180 -75.12 -14.70 16.00
CA LYS E 180 -75.55 -14.92 14.63
C LYS E 180 -75.77 -13.63 13.84
N ILE E 181 -75.46 -12.49 14.44
CA ILE E 181 -75.63 -11.21 13.76
C ILE E 181 -74.47 -11.06 12.77
N ASP E 182 -74.37 -11.99 11.83
CA ASP E 182 -73.30 -11.95 10.84
C ASP E 182 -73.77 -11.14 9.64
N GLY E 183 -72.88 -10.32 9.08
CA GLY E 183 -73.27 -9.53 7.93
C GLY E 183 -73.95 -8.22 8.28
N ASN E 184 -74.24 -8.00 9.56
CA ASN E 184 -74.87 -6.73 9.93
C ASN E 184 -74.27 -6.14 11.19
N PRO E 185 -73.29 -5.25 11.03
CA PRO E 185 -72.64 -4.59 12.17
C PRO E 185 -73.63 -3.74 12.96
N ASP E 186 -74.42 -2.94 12.25
CA ASP E 186 -75.41 -2.08 12.90
C ASP E 186 -76.21 -2.77 13.98
N GLU E 187 -76.52 -4.05 13.76
CA GLU E 187 -77.29 -4.81 14.73
C GLU E 187 -76.45 -5.23 15.92
N LEU E 188 -75.24 -5.71 15.66
CA LEU E 188 -74.34 -6.11 16.74
C LEU E 188 -74.11 -4.93 17.71
N ILE E 189 -73.87 -3.75 17.15
CA ILE E 189 -73.66 -2.57 17.97
C ILE E 189 -74.92 -2.29 18.79
N LYS E 190 -76.07 -2.26 18.12
CA LYS E 190 -77.34 -2.01 18.80
C LYS E 190 -77.46 -2.96 19.98
N ALA E 191 -77.06 -4.22 19.77
CA ALA E 191 -77.10 -5.24 20.81
C ALA E 191 -76.05 -4.95 21.87
N GLY E 192 -74.93 -4.37 21.45
CA GLY E 192 -73.87 -4.05 22.40
C GLY E 192 -74.31 -2.91 23.30
N VAL E 193 -75.15 -2.03 22.77
CA VAL E 193 -75.65 -0.89 23.52
C VAL E 193 -76.82 -1.30 24.42
N GLU E 194 -77.52 -2.36 24.03
CA GLU E 194 -78.65 -2.85 24.79
C GLU E 194 -78.12 -3.63 25.98
N ALA E 195 -76.86 -4.03 25.90
CA ALA E 195 -76.23 -4.79 26.97
C ALA E 195 -75.62 -3.79 27.95
N ILE E 196 -74.97 -2.77 27.41
CA ILE E 196 -74.33 -1.76 28.25
C ILE E 196 -75.35 -1.00 29.07
N SER E 197 -76.58 -0.91 28.58
CA SER E 197 -77.63 -0.20 29.30
C SER E 197 -78.13 -1.06 30.46
N GLN E 198 -77.89 -2.37 30.34
CA GLN E 198 -78.27 -3.34 31.36
C GLN E 198 -77.44 -3.12 32.62
N SER E 199 -76.54 -2.15 32.59
CA SER E 199 -75.67 -1.83 33.72
C SER E 199 -75.72 -0.35 34.06
N LEU E 200 -76.77 0.31 33.59
CA LEU E 200 -76.97 1.72 33.86
C LEU E 200 -77.72 1.81 35.18
N ARG E 201 -78.06 3.03 35.60
CA ARG E 201 -78.74 3.22 36.88
C ARG E 201 -78.65 4.71 37.19
N ASP E 202 -77.45 5.24 37.03
CA ASP E 202 -77.15 6.64 37.25
C ASP E 202 -77.94 7.45 36.22
N GLU E 203 -77.35 7.60 35.04
CA GLU E 203 -77.96 8.34 33.94
C GLU E 203 -78.32 7.40 32.80
N SER E 204 -78.40 7.98 31.61
CA SER E 204 -78.70 7.24 30.38
C SER E 204 -77.66 7.66 29.36
N LEU E 205 -76.98 6.69 28.77
CA LEU E 205 -75.94 6.94 27.77
C LEU E 205 -76.32 8.03 26.77
N THR E 206 -75.57 9.14 26.80
CA THR E 206 -75.79 10.28 25.92
C THR E 206 -74.81 10.25 24.75
N VAL E 207 -74.92 11.22 23.85
CA VAL E 207 -74.06 11.27 22.67
C VAL E 207 -72.56 11.42 23.01
N ASP E 208 -72.17 12.56 23.56
CA ASP E 208 -70.77 12.79 23.90
C ASP E 208 -70.30 11.88 25.04
N ASN E 209 -71.22 11.06 25.52
CA ASN E 209 -70.92 10.14 26.61
C ASN E 209 -70.56 8.73 26.11
N LEU E 210 -71.32 8.22 25.16
CA LEU E 210 -71.10 6.88 24.60
C LEU E 210 -69.83 6.79 23.73
N SER E 211 -69.38 5.56 23.52
CA SER E 211 -68.20 5.27 22.71
C SER E 211 -68.26 3.82 22.24
N ILE E 212 -68.11 3.63 20.94
CA ILE E 212 -68.16 2.29 20.36
C ILE E 212 -67.05 2.07 19.34
N ALA E 213 -66.60 0.82 19.24
CA ALA E 213 -65.56 0.46 18.30
C ALA E 213 -65.93 -0.85 17.65
N ILE E 214 -65.52 -1.03 16.39
CA ILE E 214 -65.83 -2.24 15.67
C ILE E 214 -64.71 -2.71 14.74
N VAL E 215 -64.71 -4.00 14.45
CA VAL E 215 -63.72 -4.61 13.56
C VAL E 215 -64.32 -5.91 13.01
N GLY E 216 -63.99 -6.24 11.78
CA GLY E 216 -64.53 -7.46 11.19
C GLY E 216 -64.21 -7.70 9.73
N LYS E 217 -64.56 -8.89 9.27
CA LYS E 217 -64.36 -9.36 7.89
C LYS E 217 -63.87 -8.27 6.96
N ASP E 218 -64.76 -7.36 6.60
CA ASP E 218 -64.38 -6.28 5.70
C ASP E 218 -64.56 -4.95 6.39
N THR E 219 -63.92 -4.82 7.55
CA THR E 219 -63.98 -3.62 8.35
C THR E 219 -62.78 -3.54 9.27
N PRO E 220 -61.92 -2.53 9.08
CA PRO E 220 -60.73 -2.34 9.90
C PRO E 220 -61.15 -1.70 11.23
N PHE E 221 -60.54 -2.15 12.31
CA PHE E 221 -60.85 -1.63 13.64
C PHE E 221 -60.96 -0.11 13.63
N THR E 222 -62.15 0.40 13.91
CA THR E 222 -62.35 1.85 13.94
C THR E 222 -63.23 2.31 15.11
N ILE E 223 -62.92 3.50 15.61
CA ILE E 223 -63.60 4.10 16.76
C ILE E 223 -64.65 5.15 16.43
N TYR E 224 -65.83 4.97 17.00
CA TYR E 224 -66.93 5.90 16.79
C TYR E 224 -67.28 6.64 18.08
N ASP E 225 -67.13 7.97 18.06
CA ASP E 225 -67.43 8.81 19.22
C ASP E 225 -68.34 9.99 18.89
N GLY E 226 -69.25 10.28 19.82
CA GLY E 226 -70.19 11.37 19.64
C GLY E 226 -71.20 11.12 18.54
N GLU E 227 -71.63 12.20 17.91
CA GLU E 227 -72.58 12.17 16.80
C GLU E 227 -72.51 10.86 16.01
N ALA E 228 -71.31 10.33 15.88
CA ALA E 228 -71.08 9.09 15.15
C ALA E 228 -71.85 7.91 15.76
N VAL E 229 -72.19 8.02 17.04
CA VAL E 229 -72.93 6.96 17.73
C VAL E 229 -74.36 7.40 18.06
N ALA E 230 -74.71 8.62 17.65
CA ALA E 230 -76.04 9.17 17.88
C ALA E 230 -77.16 8.24 17.42
N LYS E 231 -77.00 7.65 16.23
CA LYS E 231 -78.01 6.74 15.70
C LYS E 231 -78.14 5.43 16.48
N TYR E 232 -77.67 5.43 17.72
CA TYR E 232 -77.75 4.24 18.57
C TYR E 232 -78.36 4.58 19.92
N ILE E 233 -78.71 5.85 20.12
CA ILE E 233 -79.29 6.29 21.38
C ILE E 233 -80.83 6.30 21.32
N GLY F 1 -40.15 -16.33 68.47
CA GLY F 1 -41.32 -15.47 68.09
C GLY F 1 -42.06 -15.97 66.86
N THR F 2 -42.53 -15.06 66.02
CA THR F 2 -43.25 -15.41 64.79
C THR F 2 -42.83 -14.51 63.64
N GLY F 3 -43.50 -14.66 62.49
CA GLY F 3 -43.18 -13.87 61.31
C GLY F 3 -42.38 -14.70 60.32
N TYR F 4 -42.06 -15.93 60.74
CA TYR F 4 -41.30 -16.86 59.93
C TYR F 4 -41.98 -17.16 58.60
N ASP F 5 -43.23 -16.75 58.46
CA ASP F 5 -43.99 -17.03 57.25
C ASP F 5 -44.27 -15.80 56.39
N LEU F 6 -43.58 -14.70 56.65
CA LEU F 6 -43.80 -13.48 55.86
C LEU F 6 -42.81 -13.33 54.71
N SER F 7 -41.56 -13.75 54.93
CA SER F 7 -40.56 -13.68 53.88
C SER F 7 -40.38 -15.06 53.26
N ASN F 8 -40.00 -15.10 52.00
CA ASN F 8 -39.83 -16.35 51.29
C ASN F 8 -38.72 -17.27 51.83
N SER F 9 -37.48 -17.03 51.43
CA SER F 9 -36.39 -17.90 51.84
C SER F 9 -36.11 -18.12 53.33
N VAL F 10 -37.05 -17.77 54.20
CA VAL F 10 -36.84 -17.90 55.65
C VAL F 10 -37.19 -19.26 56.24
N PHE F 11 -36.24 -19.85 56.96
CA PHE F 11 -36.46 -21.14 57.60
C PHE F 11 -37.22 -20.90 58.89
N SER F 12 -38.25 -21.69 59.16
CA SER F 12 -38.99 -21.54 60.41
C SER F 12 -38.27 -22.44 61.39
N PRO F 13 -38.50 -22.28 62.70
CA PRO F 13 -37.81 -23.12 63.68
C PRO F 13 -37.79 -24.62 63.42
N ASP F 14 -38.85 -25.15 62.80
CA ASP F 14 -38.91 -26.57 62.51
C ASP F 14 -38.33 -26.94 61.13
N GLY F 15 -37.66 -25.98 60.50
CA GLY F 15 -37.02 -26.22 59.21
C GLY F 15 -37.87 -26.10 57.96
N ARG F 16 -39.08 -25.55 58.09
CA ARG F 16 -39.98 -25.43 56.95
C ARG F 16 -39.91 -24.05 56.31
N ASN F 17 -40.44 -23.92 55.09
CA ASN F 17 -40.48 -22.65 54.39
C ASN F 17 -41.96 -22.39 54.16
N PHE F 18 -42.59 -21.74 55.11
CA PHE F 18 -44.02 -21.47 55.05
C PHE F 18 -44.51 -20.84 53.75
N GLN F 19 -43.77 -19.88 53.22
CA GLN F 19 -44.20 -19.25 51.99
C GLN F 19 -44.43 -20.27 50.88
N VAL F 20 -43.59 -21.29 50.82
CA VAL F 20 -43.73 -22.33 49.83
C VAL F 20 -45.00 -23.13 50.09
N GLU F 21 -45.21 -23.47 51.36
CA GLU F 21 -46.38 -24.24 51.77
C GLU F 21 -47.65 -23.47 51.46
N TYR F 22 -47.60 -22.16 51.62
CA TYR F 22 -48.75 -21.33 51.34
C TYR F 22 -49.00 -21.38 49.83
N ALA F 23 -47.90 -21.44 49.08
CA ALA F 23 -48.02 -21.52 47.63
C ALA F 23 -48.80 -22.78 47.30
N VAL F 24 -48.38 -23.90 47.90
CA VAL F 24 -49.06 -25.16 47.65
C VAL F 24 -50.57 -25.01 47.82
N LYS F 25 -50.98 -24.17 48.76
CA LYS F 25 -52.40 -23.96 48.99
C LYS F 25 -53.08 -23.44 47.74
N ALA F 26 -52.45 -22.50 47.04
CA ALA F 26 -53.04 -21.96 45.82
C ALA F 26 -53.16 -23.06 44.78
N VAL F 27 -52.28 -24.05 44.87
CA VAL F 27 -52.25 -25.18 43.94
C VAL F 27 -53.44 -26.11 44.17
N GLU F 28 -53.72 -26.40 45.43
CA GLU F 28 -54.83 -27.27 45.75
C GLU F 28 -56.13 -26.59 45.39
N ASN F 29 -56.17 -25.27 45.54
CA ASN F 29 -57.38 -24.52 45.24
C ASN F 29 -57.66 -24.49 43.74
N GLY F 30 -56.78 -25.08 42.95
CA GLY F 30 -56.98 -25.06 41.52
C GLY F 30 -57.59 -26.32 40.92
N THR F 31 -57.90 -26.24 39.63
CA THR F 31 -58.46 -27.34 38.84
C THR F 31 -57.57 -28.56 38.97
N THR F 32 -58.13 -29.74 38.76
CA THR F 32 -57.33 -30.95 38.83
C THR F 32 -56.84 -31.32 37.44
N SER F 33 -55.65 -31.90 37.39
CA SER F 33 -55.02 -32.32 36.15
C SER F 33 -54.18 -33.57 36.43
N ILE F 34 -54.03 -34.45 35.45
CA ILE F 34 -53.25 -35.65 35.69
C ILE F 34 -52.39 -36.09 34.55
N GLY F 35 -51.64 -37.14 34.81
CA GLY F 35 -50.74 -37.70 33.82
C GLY F 35 -50.68 -39.20 34.03
N ILE F 36 -50.75 -39.93 32.93
CA ILE F 36 -50.71 -41.37 32.97
C ILE F 36 -49.62 -41.88 32.04
N LYS F 37 -48.63 -42.56 32.62
CA LYS F 37 -47.53 -43.11 31.84
C LYS F 37 -47.94 -44.47 31.31
N CYS F 38 -47.93 -44.62 29.99
CA CYS F 38 -48.30 -45.89 29.41
C CYS F 38 -47.06 -46.71 29.04
N ASN F 39 -47.26 -47.76 28.26
CA ASN F 39 -46.15 -48.64 27.86
C ASN F 39 -45.20 -48.05 26.83
N ASP F 40 -45.59 -46.95 26.18
CA ASP F 40 -44.72 -46.31 25.19
C ASP F 40 -44.98 -44.82 25.06
N GLY F 41 -45.38 -44.18 26.14
CA GLY F 41 -45.64 -42.75 26.10
C GLY F 41 -46.35 -42.24 27.33
N VAL F 42 -47.04 -41.11 27.20
CA VAL F 42 -47.75 -40.53 28.31
C VAL F 42 -48.99 -39.79 27.82
N VAL F 43 -49.94 -39.63 28.71
CA VAL F 43 -51.18 -38.93 28.39
C VAL F 43 -51.34 -37.85 29.43
N PHE F 44 -51.82 -36.70 29.00
CA PHE F 44 -52.06 -35.60 29.91
C PHE F 44 -53.51 -35.22 29.73
N ALA F 45 -54.14 -34.80 30.82
CA ALA F 45 -55.54 -34.41 30.79
C ALA F 45 -55.82 -33.41 31.90
N VAL F 46 -56.73 -32.48 31.64
CA VAL F 46 -57.03 -31.47 32.64
C VAL F 46 -58.49 -31.02 32.58
N GLU F 47 -59.01 -30.68 33.76
CA GLU F 47 -60.37 -30.20 33.93
C GLU F 47 -60.42 -28.71 33.63
N LYS F 48 -61.43 -28.27 32.87
CA LYS F 48 -61.55 -26.85 32.55
C LYS F 48 -62.91 -26.37 33.03
N LEU F 49 -62.94 -25.46 34.02
CA LEU F 49 -64.21 -24.96 34.55
C LEU F 49 -64.94 -23.96 33.67
N ILE F 50 -66.20 -24.27 33.35
CA ILE F 50 -67.02 -23.41 32.51
C ILE F 50 -67.76 -22.40 33.38
N THR F 51 -67.14 -21.24 33.57
CA THR F 51 -67.72 -20.19 34.39
C THR F 51 -69.11 -19.80 33.88
N SER F 52 -69.30 -19.87 32.56
CA SER F 52 -70.59 -19.54 31.96
C SER F 52 -70.67 -20.04 30.52
N LYS F 53 -71.75 -19.71 29.83
CA LYS F 53 -71.93 -20.13 28.45
C LYS F 53 -71.16 -19.23 27.50
N LEU F 54 -70.70 -18.09 28.01
CA LEU F 54 -69.96 -17.15 27.18
C LEU F 54 -68.57 -17.64 26.79
N LEU F 55 -68.05 -18.62 27.51
CA LEU F 55 -66.74 -19.17 27.19
C LEU F 55 -66.81 -19.94 25.88
N VAL F 56 -66.01 -19.54 24.90
CA VAL F 56 -66.02 -20.26 23.63
C VAL F 56 -65.50 -21.68 23.89
N PRO F 57 -66.30 -22.71 23.56
CA PRO F 57 -65.92 -24.10 23.78
C PRO F 57 -64.68 -24.51 22.98
N GLN F 58 -63.81 -25.27 23.64
CA GLN F 58 -62.58 -25.77 23.02
C GLN F 58 -61.46 -24.73 22.80
N LYS F 59 -61.75 -23.45 23.02
CA LYS F 59 -60.74 -22.43 22.80
C LYS F 59 -59.64 -22.23 23.83
N ASN F 60 -60.00 -21.74 25.01
CA ASN F 60 -59.01 -21.47 26.04
C ASN F 60 -58.18 -22.68 26.42
N VAL F 61 -57.26 -23.08 25.54
CA VAL F 61 -56.42 -24.25 25.79
C VAL F 61 -55.54 -24.08 27.02
N LYS F 62 -55.26 -25.17 27.73
CA LYS F 62 -54.45 -25.09 28.93
C LYS F 62 -53.20 -25.95 28.93
N ILE F 63 -53.20 -27.02 28.13
CA ILE F 63 -52.02 -27.87 28.05
C ILE F 63 -51.01 -27.19 27.13
N GLN F 64 -49.74 -27.33 27.46
CA GLN F 64 -48.69 -26.72 26.66
C GLN F 64 -47.60 -27.69 26.26
N VAL F 65 -47.07 -27.49 25.06
CA VAL F 65 -46.01 -28.34 24.56
C VAL F 65 -44.69 -27.57 24.63
N VAL F 66 -43.66 -28.27 25.07
CA VAL F 66 -42.34 -27.68 25.14
C VAL F 66 -41.58 -28.41 24.06
N ASP F 67 -40.94 -27.65 23.18
CA ASP F 67 -40.20 -28.22 22.08
C ASP F 67 -41.21 -28.91 21.17
N ARG F 68 -40.91 -30.14 20.78
CA ARG F 68 -41.80 -30.87 19.89
C ARG F 68 -42.29 -32.17 20.52
N HIS F 69 -41.59 -32.63 21.55
CA HIS F 69 -41.89 -33.88 22.22
C HIS F 69 -42.27 -33.81 23.69
N ILE F 70 -42.41 -32.62 24.26
CA ILE F 70 -42.74 -32.55 25.68
C ILE F 70 -44.11 -31.94 25.94
N GLY F 71 -44.83 -32.51 26.89
CA GLY F 71 -46.15 -31.99 27.21
C GLY F 71 -46.16 -31.54 28.65
N CYS F 72 -46.78 -30.39 28.91
CA CYS F 72 -46.89 -29.85 30.25
C CYS F 72 -48.30 -29.47 30.58
N VAL F 73 -48.68 -29.74 31.83
CA VAL F 73 -49.99 -29.40 32.32
C VAL F 73 -49.77 -29.04 33.79
N TYR F 74 -50.49 -28.02 34.25
CA TYR F 74 -50.35 -27.56 35.62
C TYR F 74 -51.65 -27.14 36.25
N SER F 75 -51.66 -27.16 37.59
CA SER F 75 -52.82 -26.77 38.38
C SER F 75 -52.41 -25.63 39.28
N GLY F 76 -53.31 -24.68 39.47
CA GLY F 76 -53.01 -23.55 40.34
C GLY F 76 -53.11 -22.21 39.64
N LEU F 77 -52.10 -21.38 39.83
CA LEU F 77 -52.06 -20.06 39.20
C LEU F 77 -51.64 -20.19 37.74
N ILE F 78 -52.61 -20.24 36.84
CA ILE F 78 -52.35 -20.38 35.41
C ILE F 78 -51.18 -19.55 34.94
N PRO F 79 -51.20 -18.23 35.16
CA PRO F 79 -50.07 -17.41 34.70
C PRO F 79 -48.71 -17.93 35.14
N ASP F 80 -48.60 -18.36 36.40
CA ASP F 80 -47.32 -18.90 36.86
C ASP F 80 -46.93 -20.13 36.03
N GLY F 81 -47.92 -20.89 35.59
CA GLY F 81 -47.65 -22.07 34.79
C GLY F 81 -47.03 -21.70 33.45
N ARG F 82 -47.66 -20.76 32.75
CA ARG F 82 -47.14 -20.32 31.46
C ARG F 82 -45.69 -19.88 31.61
N HIS F 83 -45.45 -19.01 32.59
CA HIS F 83 -44.10 -18.51 32.88
C HIS F 83 -43.11 -19.66 32.96
N LEU F 84 -43.48 -20.71 33.70
CA LEU F 84 -42.62 -21.87 33.84
C LEU F 84 -42.40 -22.54 32.48
N VAL F 85 -43.46 -22.62 31.67
CA VAL F 85 -43.34 -23.22 30.33
C VAL F 85 -42.40 -22.38 29.46
N ASN F 86 -42.58 -21.07 29.51
CA ASN F 86 -41.74 -20.15 28.75
C ASN F 86 -40.29 -20.42 29.05
N ARG F 87 -39.98 -20.55 30.34
CA ARG F 87 -38.62 -20.83 30.76
C ARG F 87 -38.24 -22.22 30.25
N GLY F 88 -39.21 -23.13 30.32
CA GLY F 88 -38.93 -24.48 29.85
C GLY F 88 -38.53 -24.49 28.40
N ARG F 89 -39.28 -23.76 27.58
CA ARG F 89 -39.01 -23.68 26.16
C ARG F 89 -37.62 -23.13 25.89
N GLU F 90 -37.24 -22.10 26.63
CA GLU F 90 -35.92 -21.50 26.47
C GLU F 90 -34.86 -22.51 26.85
N GLU F 91 -35.09 -23.15 27.98
CA GLU F 91 -34.15 -24.14 28.49
C GLU F 91 -33.97 -25.25 27.44
N ALA F 92 -35.05 -25.63 26.78
CA ALA F 92 -35.02 -26.69 25.78
C ALA F 92 -34.29 -26.29 24.51
N ALA F 93 -34.52 -25.07 24.05
CA ALA F 93 -33.87 -24.57 22.85
C ALA F 93 -32.37 -24.50 23.06
N SER F 94 -31.97 -23.93 24.20
CA SER F 94 -30.56 -23.83 24.55
C SER F 94 -29.88 -25.21 24.44
N PHE F 95 -30.52 -26.20 25.04
CA PHE F 95 -29.99 -27.57 25.05
C PHE F 95 -29.88 -28.18 23.66
N LYS F 96 -30.93 -28.07 22.85
CA LYS F 96 -30.90 -28.64 21.50
C LYS F 96 -29.89 -27.89 20.63
N LYS F 97 -29.75 -26.59 20.87
CA LYS F 97 -28.82 -25.78 20.09
C LYS F 97 -27.39 -26.22 20.29
N LEU F 98 -27.03 -26.57 21.52
CA LEU F 98 -25.67 -26.99 21.81
C LEU F 98 -25.40 -28.46 21.55
N TYR F 99 -26.38 -29.29 21.92
CA TYR F 99 -26.26 -30.75 21.77
C TYR F 99 -26.91 -31.41 20.58
N LYS F 100 -27.66 -30.64 19.79
CA LYS F 100 -28.33 -31.13 18.58
C LYS F 100 -29.52 -32.02 18.88
N THR F 101 -29.31 -33.01 19.75
CA THR F 101 -30.38 -33.91 20.13
C THR F 101 -31.40 -33.19 21.01
N PRO F 102 -32.70 -33.37 20.75
CA PRO F 102 -33.71 -32.72 21.57
C PRO F 102 -33.57 -33.17 23.04
N ILE F 103 -33.81 -32.24 23.96
CA ILE F 103 -33.66 -32.49 25.39
C ILE F 103 -34.40 -33.68 26.01
N PRO F 104 -33.66 -34.60 26.66
CA PRO F 104 -34.18 -35.80 27.32
C PRO F 104 -35.13 -35.36 28.43
N ILE F 105 -36.22 -36.09 28.60
CA ILE F 105 -37.19 -35.71 29.62
C ILE F 105 -36.59 -35.56 31.00
N PRO F 106 -35.72 -36.50 31.42
CA PRO F 106 -35.13 -36.37 32.75
C PRO F 106 -34.40 -35.02 32.87
N ALA F 107 -33.58 -34.72 31.88
CA ALA F 107 -32.84 -33.47 31.85
C ALA F 107 -33.81 -32.29 31.92
N PHE F 108 -34.84 -32.31 31.07
CA PHE F 108 -35.80 -31.23 31.04
C PHE F 108 -36.44 -30.99 32.38
N ALA F 109 -36.63 -32.06 33.14
CA ALA F 109 -37.25 -31.94 34.44
C ALA F 109 -36.33 -31.20 35.40
N ASP F 110 -35.05 -31.55 35.38
CA ASP F 110 -34.11 -30.88 36.29
C ASP F 110 -34.03 -29.41 35.96
N ARG F 111 -34.14 -29.08 34.67
CA ARG F 111 -34.09 -27.70 34.25
C ARG F 111 -35.22 -26.94 34.94
N LEU F 112 -36.43 -27.47 34.83
CA LEU F 112 -37.58 -26.86 35.47
C LEU F 112 -37.42 -26.91 36.98
N GLY F 113 -36.88 -28.02 37.47
CA GLY F 113 -36.67 -28.20 38.89
C GLY F 113 -35.74 -27.17 39.49
N GLN F 114 -34.53 -27.07 38.93
CA GLN F 114 -33.54 -26.12 39.40
C GLN F 114 -34.08 -24.69 39.39
N TYR F 115 -34.83 -24.35 38.33
CA TYR F 115 -35.41 -23.02 38.16
C TYR F 115 -36.47 -22.71 39.21
N VAL F 116 -37.34 -23.68 39.48
CA VAL F 116 -38.38 -23.50 40.47
C VAL F 116 -37.74 -23.42 41.87
N GLN F 117 -36.81 -24.33 42.15
CA GLN F 117 -36.13 -24.35 43.43
C GLN F 117 -35.51 -22.98 43.67
N ALA F 118 -35.00 -22.39 42.60
CA ALA F 118 -34.38 -21.07 42.67
C ALA F 118 -35.31 -20.04 43.30
N HIS F 119 -36.59 -20.08 42.96
CA HIS F 119 -37.53 -19.11 43.52
C HIS F 119 -37.91 -19.34 44.98
N THR F 120 -37.05 -20.05 45.70
CA THR F 120 -37.27 -20.31 47.12
C THR F 120 -35.98 -20.01 47.86
N LEU F 121 -35.07 -19.30 47.19
CA LEU F 121 -33.77 -18.95 47.78
C LEU F 121 -33.67 -17.50 48.26
N TYR F 122 -34.50 -16.63 47.70
CA TYR F 122 -34.47 -15.20 48.03
C TYR F 122 -35.85 -14.68 48.43
N ASN F 123 -35.88 -13.69 49.33
CA ASN F 123 -37.15 -13.12 49.75
C ASN F 123 -37.59 -12.06 48.75
N SER F 124 -36.80 -11.87 47.71
CA SER F 124 -37.12 -10.89 46.72
C SER F 124 -38.03 -11.47 45.64
N VAL F 125 -38.36 -12.76 45.77
CA VAL F 125 -39.25 -13.40 44.79
C VAL F 125 -40.24 -14.29 45.47
N ARG F 126 -41.32 -14.56 44.75
CA ARG F 126 -42.40 -15.41 45.23
C ARG F 126 -42.27 -16.80 44.63
N PRO F 127 -42.65 -17.85 45.38
CA PRO F 127 -42.56 -19.21 44.86
C PRO F 127 -43.61 -19.42 43.78
N PHE F 128 -43.49 -20.50 43.02
CA PHE F 128 -44.46 -20.77 41.96
C PHE F 128 -45.76 -21.34 42.47
N GLY F 129 -46.86 -20.67 42.12
CA GLY F 129 -48.16 -21.13 42.56
C GLY F 129 -48.75 -22.24 41.71
N VAL F 130 -47.94 -23.23 41.34
CA VAL F 130 -48.45 -24.33 40.53
C VAL F 130 -47.65 -25.62 40.68
N SER F 131 -48.31 -26.72 40.35
CA SER F 131 -47.70 -28.03 40.34
C SER F 131 -47.79 -28.36 38.88
N THR F 132 -46.79 -29.06 38.37
CA THR F 132 -46.78 -29.36 36.96
C THR F 132 -46.54 -30.83 36.67
N ILE F 133 -47.40 -31.39 35.83
CA ILE F 133 -47.27 -32.77 35.42
C ILE F 133 -46.81 -32.63 33.97
N PHE F 134 -45.67 -33.25 33.66
CA PHE F 134 -45.13 -33.14 32.32
C PHE F 134 -44.32 -34.38 31.96
N GLY F 135 -44.09 -34.59 30.67
CA GLY F 135 -43.32 -35.74 30.26
C GLY F 135 -43.25 -35.82 28.76
N GLY F 136 -42.71 -36.93 28.26
CA GLY F 136 -42.58 -37.14 26.83
C GLY F 136 -41.80 -38.40 26.56
N VAL F 137 -41.40 -38.60 25.31
CA VAL F 137 -40.64 -39.79 24.92
C VAL F 137 -39.23 -39.42 24.49
N ASP F 138 -38.24 -40.23 24.82
CA ASP F 138 -36.89 -39.91 24.41
C ASP F 138 -36.03 -41.11 24.03
N LYS F 139 -34.74 -40.89 23.82
CA LYS F 139 -33.79 -41.94 23.46
C LYS F 139 -34.07 -43.27 24.13
N ASN F 140 -34.51 -43.22 25.39
CA ASN F 140 -34.79 -44.46 26.09
C ASN F 140 -36.07 -44.44 26.92
N GLY F 141 -37.19 -44.59 26.23
CA GLY F 141 -38.46 -44.67 26.91
C GLY F 141 -39.31 -43.43 27.10
N ALA F 142 -40.39 -43.63 27.83
CA ALA F 142 -41.33 -42.59 28.16
C ALA F 142 -41.05 -42.18 29.60
N HIS F 143 -41.36 -40.94 29.93
CA HIS F 143 -41.13 -40.46 31.28
C HIS F 143 -42.26 -39.53 31.70
N LEU F 144 -42.74 -39.67 32.93
CA LEU F 144 -43.80 -38.82 33.46
C LEU F 144 -43.26 -38.13 34.71
N TYR F 145 -43.55 -36.84 34.87
CA TYR F 145 -43.04 -36.10 36.02
C TYR F 145 -44.05 -35.13 36.62
N MET F 146 -43.83 -34.80 37.89
CA MET F 146 -44.67 -33.83 38.57
C MET F 146 -43.75 -32.97 39.44
N LEU F 147 -43.92 -31.65 39.32
CA LEU F 147 -43.10 -30.68 40.03
C LEU F 147 -43.87 -29.83 41.03
N GLU F 148 -43.35 -29.76 42.25
CA GLU F 148 -43.99 -29.00 43.33
C GLU F 148 -43.36 -27.62 43.47
N PRO F 149 -44.11 -26.66 44.04
CA PRO F 149 -43.62 -25.29 44.23
C PRO F 149 -42.28 -25.25 44.98
N SER F 150 -42.03 -26.28 45.78
CA SER F 150 -40.77 -26.37 46.53
C SER F 150 -39.65 -26.70 45.56
N GLY F 151 -40.02 -26.94 44.31
CA GLY F 151 -39.04 -27.29 43.31
C GLY F 151 -38.77 -28.79 43.31
N SER F 152 -39.47 -29.52 44.18
CA SER F 152 -39.28 -30.96 44.24
C SER F 152 -40.04 -31.66 43.11
N TYR F 153 -39.50 -32.78 42.65
CA TYR F 153 -40.14 -33.54 41.58
C TYR F 153 -39.62 -34.98 41.54
N TRP F 154 -40.40 -35.87 40.96
CA TRP F 154 -40.03 -37.28 40.82
C TRP F 154 -40.68 -37.88 39.59
N GLY F 155 -40.23 -39.09 39.23
CA GLY F 155 -40.78 -39.81 38.10
C GLY F 155 -42.05 -40.49 38.59
N TYR F 156 -43.07 -40.57 37.74
CA TYR F 156 -44.32 -41.20 38.14
C TYR F 156 -44.88 -42.21 37.16
N LYS F 157 -45.69 -43.12 37.71
CA LYS F 157 -46.38 -44.13 36.91
C LYS F 157 -47.65 -43.38 36.51
N GLY F 158 -48.17 -42.62 37.46
CA GLY F 158 -49.35 -41.83 37.24
C GLY F 158 -49.23 -40.66 38.21
N ALA F 159 -49.81 -39.53 37.87
CA ALA F 159 -49.71 -38.37 38.74
C ALA F 159 -50.92 -37.49 38.58
N ALA F 160 -51.25 -36.77 39.66
CA ALA F 160 -52.39 -35.89 39.65
C ALA F 160 -52.20 -34.82 40.69
N THR F 161 -52.87 -33.69 40.47
CA THR F 161 -52.77 -32.57 41.38
C THR F 161 -53.96 -31.66 41.15
N GLY F 162 -54.27 -30.84 42.15
CA GLY F 162 -55.40 -29.92 42.06
C GLY F 162 -56.51 -30.29 43.04
N LYS F 163 -57.65 -29.66 42.86
CA LYS F 163 -58.82 -29.88 43.71
C LYS F 163 -59.15 -31.36 43.91
N GLY F 164 -59.34 -32.09 42.80
CA GLY F 164 -59.70 -33.49 42.90
C GLY F 164 -58.53 -34.46 42.91
N ARG F 165 -57.40 -33.99 43.40
CA ARG F 165 -56.17 -34.77 43.46
C ARG F 165 -56.25 -36.16 44.13
N GLN F 166 -57.04 -36.28 45.21
CA GLN F 166 -57.17 -37.54 45.93
C GLN F 166 -57.98 -38.61 45.19
N SER F 167 -59.07 -38.21 44.54
CA SER F 167 -59.90 -39.13 43.77
C SER F 167 -58.99 -39.73 42.73
N ALA F 168 -58.33 -38.85 41.99
CA ALA F 168 -57.41 -39.25 40.94
C ALA F 168 -56.43 -40.27 41.47
N LYS F 169 -55.54 -39.84 42.37
CA LYS F 169 -54.54 -40.75 42.92
C LYS F 169 -55.11 -42.13 43.24
N ALA F 170 -56.31 -42.15 43.82
CA ALA F 170 -56.95 -43.42 44.15
C ALA F 170 -57.14 -44.19 42.85
N GLU F 171 -57.91 -43.59 41.94
CA GLU F 171 -58.17 -44.18 40.63
C GLU F 171 -56.90 -44.65 39.94
N LEU F 172 -55.83 -43.87 40.12
CA LEU F 172 -54.54 -44.17 39.54
C LEU F 172 -53.90 -45.39 40.19
N GLU F 173 -53.92 -45.45 41.52
CA GLU F 173 -53.35 -46.59 42.22
C GLU F 173 -54.02 -47.88 41.75
N LYS F 174 -55.33 -47.80 41.49
CA LYS F 174 -56.07 -48.97 41.00
C LYS F 174 -55.45 -49.42 39.70
N LEU F 175 -55.46 -48.53 38.71
CA LEU F 175 -54.88 -48.82 37.41
C LEU F 175 -53.49 -49.44 37.52
N VAL F 176 -52.70 -48.96 38.48
CA VAL F 176 -51.34 -49.45 38.66
C VAL F 176 -51.28 -50.91 39.09
N ASP F 177 -52.17 -51.30 39.99
CA ASP F 177 -52.19 -52.67 40.47
C ASP F 177 -52.76 -53.62 39.43
N HIS F 178 -53.90 -53.24 38.85
CA HIS F 178 -54.58 -54.04 37.84
C HIS F 178 -53.86 -54.16 36.49
N HIS F 179 -52.75 -53.46 36.33
CA HIS F 179 -52.01 -53.51 35.07
C HIS F 179 -50.50 -53.43 35.31
N PRO F 180 -49.92 -54.49 35.89
CA PRO F 180 -48.48 -54.56 36.17
C PRO F 180 -47.64 -54.65 34.90
N GLU F 181 -48.30 -54.99 33.79
CA GLU F 181 -47.65 -55.12 32.50
C GLU F 181 -47.62 -53.79 31.74
N GLY F 182 -48.40 -52.82 32.22
CA GLY F 182 -48.43 -51.51 31.58
C GLY F 182 -49.61 -51.27 30.65
N LEU F 183 -50.35 -50.20 30.93
CA LEU F 183 -51.50 -49.81 30.12
C LEU F 183 -51.03 -49.43 28.72
N SER F 184 -51.94 -49.09 27.82
CA SER F 184 -51.52 -48.71 26.47
C SER F 184 -51.89 -47.26 26.20
N ALA F 185 -51.28 -46.71 25.16
CA ALA F 185 -51.56 -45.33 24.77
C ALA F 185 -53.06 -45.16 24.60
N ARG F 186 -53.63 -45.96 23.71
CA ARG F 186 -55.06 -45.95 23.40
C ARG F 186 -55.89 -46.03 24.69
N GLU F 187 -55.55 -46.99 25.53
CA GLU F 187 -56.24 -47.23 26.80
C GLU F 187 -56.19 -46.03 27.73
N ALA F 188 -54.97 -45.59 28.04
CA ALA F 188 -54.73 -44.46 28.93
C ALA F 188 -55.54 -43.22 28.55
N VAL F 189 -55.75 -43.01 27.26
CA VAL F 189 -56.51 -41.85 26.80
C VAL F 189 -57.91 -41.83 27.39
N LYS F 190 -58.61 -42.96 27.32
CA LYS F 190 -59.97 -43.07 27.84
C LYS F 190 -59.89 -43.08 29.36
N GLN F 191 -58.98 -43.93 29.84
CA GLN F 191 -58.74 -44.10 31.27
C GLN F 191 -58.58 -42.74 31.93
N ALA F 192 -57.82 -41.86 31.30
CA ALA F 192 -57.60 -40.51 31.80
C ALA F 192 -58.90 -39.72 31.73
N ALA F 193 -59.64 -39.90 30.66
CA ALA F 193 -60.92 -39.22 30.48
C ALA F 193 -61.85 -39.56 31.63
N LYS F 194 -61.71 -40.77 32.16
CA LYS F 194 -62.53 -41.23 33.27
C LYS F 194 -62.08 -40.53 34.54
N ILE F 195 -60.83 -40.78 34.93
CA ILE F 195 -60.27 -40.20 36.14
C ILE F 195 -60.56 -38.70 36.32
N ILE F 196 -60.72 -37.96 35.23
CA ILE F 196 -61.02 -36.54 35.35
C ILE F 196 -62.50 -36.39 35.64
N TYR F 197 -63.31 -37.22 34.99
CA TYR F 197 -64.74 -37.20 35.19
C TYR F 197 -65.05 -37.48 36.66
N LEU F 198 -64.36 -38.46 37.23
CA LEU F 198 -64.56 -38.80 38.64
C LEU F 198 -64.05 -37.63 39.47
N ALA F 199 -62.76 -37.35 39.34
CA ALA F 199 -62.13 -36.25 40.07
C ALA F 199 -62.88 -34.94 39.95
N HIS F 200 -63.82 -34.85 39.01
CA HIS F 200 -64.58 -33.61 38.85
C HIS F 200 -65.65 -33.45 39.93
N GLU F 201 -66.00 -34.55 40.59
CA GLU F 201 -67.02 -34.53 41.66
C GLU F 201 -66.74 -33.46 42.71
N ASP F 202 -65.47 -33.33 43.09
CA ASP F 202 -65.05 -32.35 44.09
C ASP F 202 -65.23 -30.94 43.54
N ASN F 203 -65.95 -30.82 42.43
CA ASN F 203 -66.19 -29.53 41.77
C ASN F 203 -67.48 -29.59 40.96
N LYS F 204 -68.29 -30.63 41.22
CA LYS F 204 -69.55 -30.87 40.52
C LYS F 204 -70.53 -29.71 40.41
N GLU F 205 -70.25 -28.62 41.11
CA GLU F 205 -71.11 -27.45 41.09
C GLU F 205 -71.11 -26.67 39.78
N LYS F 206 -69.98 -26.69 39.08
CA LYS F 206 -69.84 -25.99 37.81
C LYS F 206 -69.66 -26.98 36.68
N ASP F 207 -70.10 -26.60 35.47
CA ASP F 207 -69.96 -27.46 34.30
C ASP F 207 -68.49 -27.35 33.84
N PHE F 208 -67.98 -28.36 33.15
CA PHE F 208 -66.59 -28.32 32.69
C PHE F 208 -66.37 -28.79 31.26
N GLU F 209 -65.10 -28.83 30.87
CA GLU F 209 -64.68 -29.24 29.54
C GLU F 209 -63.41 -30.07 29.68
N LEU F 210 -63.38 -31.25 29.06
CA LEU F 210 -62.22 -32.11 29.15
C LEU F 210 -61.16 -31.77 28.11
N GLU F 211 -59.90 -31.96 28.48
CA GLU F 211 -58.80 -31.69 27.56
C GLU F 211 -57.77 -32.80 27.76
N ILE F 212 -57.42 -33.48 26.67
CA ILE F 212 -56.45 -34.56 26.73
C ILE F 212 -55.41 -34.41 25.64
N SER F 213 -54.20 -34.88 25.93
CA SER F 213 -53.10 -34.84 24.98
C SER F 213 -52.24 -36.07 25.22
N TRP F 214 -51.42 -36.43 24.25
CA TRP F 214 -50.58 -37.60 24.43
C TRP F 214 -49.32 -37.57 23.59
N CYS F 215 -48.40 -38.44 23.98
CA CYS F 215 -47.12 -38.55 23.34
C CYS F 215 -46.83 -40.07 23.36
N SER F 216 -46.92 -40.70 22.20
CA SER F 216 -46.70 -42.13 22.10
C SER F 216 -45.79 -42.47 20.92
N LEU F 217 -44.77 -43.26 21.22
CA LEU F 217 -43.81 -43.70 20.23
C LEU F 217 -44.52 -44.31 19.02
N SER F 218 -45.60 -45.02 19.28
CA SER F 218 -46.34 -45.68 18.21
C SER F 218 -47.60 -44.95 17.74
N GLU F 219 -48.25 -44.20 18.61
CA GLU F 219 -49.46 -43.51 18.20
C GLU F 219 -49.28 -42.09 17.68
N THR F 220 -48.17 -41.45 18.04
CA THR F 220 -47.91 -40.08 17.60
C THR F 220 -46.49 -39.91 17.06
N ASN F 221 -45.72 -40.98 17.05
CA ASN F 221 -44.35 -40.93 16.57
C ASN F 221 -43.42 -40.21 17.53
N GLY F 222 -43.76 -40.24 18.80
CA GLY F 222 -42.91 -39.60 19.79
C GLY F 222 -43.15 -38.12 19.92
N LEU F 223 -44.08 -37.59 19.14
CA LEU F 223 -44.38 -36.17 19.20
C LEU F 223 -45.59 -35.94 20.08
N HIS F 224 -45.64 -34.79 20.74
CA HIS F 224 -46.77 -34.48 21.60
C HIS F 224 -47.93 -33.92 20.76
N LYS F 225 -49.08 -34.59 20.83
CA LYS F 225 -50.23 -34.15 20.08
C LYS F 225 -51.48 -34.10 20.96
N PHE F 226 -52.46 -33.30 20.53
CA PHE F 226 -53.72 -33.16 21.24
C PHE F 226 -54.74 -34.19 20.78
N VAL F 227 -55.55 -34.66 21.70
CA VAL F 227 -56.58 -35.63 21.36
C VAL F 227 -57.78 -34.80 20.95
N LYS F 228 -58.09 -34.82 19.65
CA LYS F 228 -59.20 -34.05 19.11
C LYS F 228 -60.20 -34.94 18.36
N GLY F 229 -61.36 -34.37 18.05
CA GLY F 229 -62.40 -35.08 17.31
C GLY F 229 -62.85 -36.45 17.78
N ASP F 230 -62.85 -37.41 16.85
CA ASP F 230 -63.29 -38.77 17.14
C ASP F 230 -62.69 -39.40 18.38
N LEU F 231 -61.37 -39.59 18.36
CA LEU F 231 -60.69 -40.20 19.50
C LEU F 231 -61.03 -39.50 20.80
N LEU F 232 -61.32 -38.20 20.72
CA LEU F 232 -61.67 -37.42 21.90
C LEU F 232 -63.07 -37.80 22.36
N GLN F 233 -64.05 -37.62 21.46
CA GLN F 233 -65.45 -37.94 21.75
C GLN F 233 -65.62 -39.37 22.24
N GLU F 234 -64.88 -40.30 21.64
CA GLU F 234 -64.92 -41.69 22.03
C GLU F 234 -64.55 -41.91 23.50
N ALA F 235 -63.59 -41.15 23.99
CA ALA F 235 -63.15 -41.27 25.39
C ALA F 235 -64.04 -40.46 26.32
N ILE F 236 -64.80 -39.53 25.74
CA ILE F 236 -65.71 -38.73 26.54
C ILE F 236 -66.94 -39.58 26.80
N ASP F 237 -67.24 -40.45 25.85
CA ASP F 237 -68.37 -41.35 25.99
C ASP F 237 -68.00 -42.39 27.04
N PHE F 238 -66.82 -43.00 26.88
CA PHE F 238 -66.33 -44.01 27.81
C PHE F 238 -66.38 -43.52 29.25
N ALA F 239 -66.28 -42.21 29.43
CA ALA F 239 -66.32 -41.62 30.76
C ALA F 239 -67.76 -41.49 31.23
N GLN F 240 -68.58 -40.80 30.43
CA GLN F 240 -69.99 -40.61 30.74
C GLN F 240 -70.72 -41.93 30.97
N LYS F 241 -70.10 -43.02 30.56
CA LYS F 241 -70.68 -44.35 30.73
C LYS F 241 -70.32 -44.94 32.09
N GLU F 242 -69.04 -44.93 32.43
CA GLU F 242 -68.60 -45.49 33.71
C GLU F 242 -68.78 -44.55 34.90
N ILE F 243 -69.35 -43.37 34.64
CA ILE F 243 -69.60 -42.40 35.70
C ILE F 243 -70.94 -42.79 36.32
N ASN F 244 -71.66 -43.68 35.63
CA ASN F 244 -72.95 -44.19 36.07
C ASN F 244 -72.85 -45.71 36.14
N ALA G 1 -36.30 -6.21 65.96
CA ALA G 1 -35.47 -6.99 66.92
C ALA G 1 -35.58 -8.50 66.66
N GLY G 2 -36.81 -9.01 66.65
CA GLY G 2 -37.03 -10.44 66.42
C GLY G 2 -36.59 -10.92 65.05
N TYR G 3 -36.10 -9.99 64.22
CA TYR G 3 -35.65 -10.33 62.88
C TYR G 3 -34.31 -11.01 62.87
N ASP G 4 -33.60 -11.00 63.99
CA ASP G 4 -32.30 -11.65 64.05
C ASP G 4 -32.49 -13.16 64.01
N ARG G 5 -33.69 -13.59 63.65
CA ARG G 5 -33.99 -15.00 63.57
C ARG G 5 -34.48 -15.36 62.19
N HIS G 6 -34.62 -14.34 61.34
CA HIS G 6 -35.08 -14.55 59.98
C HIS G 6 -33.94 -14.52 58.96
N ILE G 7 -32.93 -13.70 59.22
CA ILE G 7 -31.79 -13.58 58.34
C ILE G 7 -30.56 -13.99 59.12
N THR G 8 -29.46 -14.20 58.41
CA THR G 8 -28.25 -14.65 59.09
C THR G 8 -27.38 -13.60 59.75
N ILE G 9 -27.95 -12.90 60.73
CA ILE G 9 -27.19 -11.91 61.49
C ILE G 9 -27.04 -12.55 62.87
N PHE G 10 -26.26 -11.96 63.76
CA PHE G 10 -26.09 -12.59 65.05
C PHE G 10 -27.20 -12.37 66.05
N SER G 11 -27.40 -13.37 66.91
CA SER G 11 -28.39 -13.27 67.97
C SER G 11 -27.55 -12.68 69.10
N PRO G 12 -28.19 -12.10 70.12
CA PRO G 12 -27.36 -11.54 71.19
C PRO G 12 -26.43 -12.56 71.83
N GLU G 13 -26.73 -13.85 71.67
CA GLU G 13 -25.90 -14.92 72.22
C GLU G 13 -24.78 -15.25 71.24
N GLY G 14 -24.78 -14.57 70.10
CA GLY G 14 -23.76 -14.81 69.09
C GLY G 14 -24.07 -16.06 68.29
N ARG G 15 -25.35 -16.29 68.01
CA ARG G 15 -25.78 -17.47 67.27
C ARG G 15 -26.48 -17.10 65.98
N LEU G 16 -26.59 -18.08 65.07
CA LEU G 16 -27.26 -17.87 63.79
C LEU G 16 -28.42 -18.84 63.66
N TYR G 17 -29.60 -18.44 64.11
CA TYR G 17 -30.75 -19.32 64.08
C TYR G 17 -31.10 -19.91 62.73
N GLN G 18 -31.00 -19.11 61.67
CA GLN G 18 -31.32 -19.62 60.35
C GLN G 18 -30.45 -20.79 59.99
N VAL G 19 -29.22 -20.79 60.48
CA VAL G 19 -28.30 -21.89 60.20
C VAL G 19 -28.78 -23.11 60.97
N GLU G 20 -29.22 -22.88 62.19
CA GLU G 20 -29.71 -23.96 63.02
C GLU G 20 -30.92 -24.61 62.38
N TYR G 21 -31.95 -23.82 62.13
CA TYR G 21 -33.16 -24.32 61.52
C TYR G 21 -32.86 -25.06 60.21
N ALA G 22 -31.80 -24.63 59.54
CA ALA G 22 -31.41 -25.26 58.29
C ALA G 22 -30.95 -26.67 58.60
N PHE G 23 -30.23 -26.80 59.70
CA PHE G 23 -29.75 -28.11 60.12
C PHE G 23 -30.98 -28.97 60.36
N LYS G 24 -32.02 -28.35 60.90
CA LYS G 24 -33.25 -29.06 61.16
C LYS G 24 -33.79 -29.66 59.88
N ALA G 25 -33.88 -28.85 58.84
CA ALA G 25 -34.40 -29.31 57.56
C ALA G 25 -33.71 -30.57 57.04
N THR G 26 -32.44 -30.75 57.35
CA THR G 26 -31.72 -31.92 56.86
C THR G 26 -32.36 -33.26 57.22
N ASN G 27 -33.16 -33.28 58.28
CA ASN G 27 -33.81 -34.52 58.69
C ASN G 27 -35.21 -34.68 58.16
N GLN G 28 -35.72 -33.65 57.51
CA GLN G 28 -37.07 -33.64 56.94
C GLN G 28 -37.43 -34.91 56.15
N THR G 29 -36.44 -35.55 55.54
CA THR G 29 -36.65 -36.76 54.74
C THR G 29 -36.78 -38.02 55.59
N ASN G 30 -36.23 -37.96 56.80
CA ASN G 30 -36.28 -39.08 57.72
C ASN G 30 -35.53 -40.26 57.11
N ILE G 31 -34.34 -39.98 56.61
CA ILE G 31 -33.52 -41.01 55.98
C ILE G 31 -32.13 -41.01 56.63
N ASN G 32 -31.60 -42.20 56.86
CA ASN G 32 -30.28 -42.34 57.46
C ASN G 32 -29.33 -42.90 56.43
N SER G 33 -28.06 -42.54 56.53
CA SER G 33 -27.04 -43.03 55.62
C SER G 33 -25.73 -43.13 56.35
N LEU G 34 -24.78 -43.85 55.78
CA LEU G 34 -23.49 -43.97 56.42
C LEU G 34 -22.45 -44.31 55.40
N ALA G 35 -21.21 -44.05 55.73
CA ALA G 35 -20.13 -44.34 54.80
C ALA G 35 -18.98 -44.97 55.54
N VAL G 36 -18.34 -45.92 54.89
CA VAL G 36 -17.20 -46.60 55.48
C VAL G 36 -16.11 -46.72 54.44
N ARG G 37 -14.88 -46.87 54.92
CA ARG G 37 -13.76 -46.99 54.02
C ARG G 37 -13.17 -48.39 53.97
N GLY G 38 -13.04 -48.89 52.75
CA GLY G 38 -12.46 -50.21 52.55
C GLY G 38 -10.95 -50.09 52.58
N LYS G 39 -10.27 -51.10 52.05
CA LYS G 39 -8.82 -51.11 52.02
C LYS G 39 -8.42 -50.28 50.80
N ASP G 40 -9.32 -50.27 49.81
CA ASP G 40 -9.09 -49.55 48.57
C ASP G 40 -10.40 -49.14 47.89
N CYS G 41 -11.42 -48.80 48.69
CA CYS G 41 -12.71 -48.38 48.15
C CYS G 41 -13.47 -47.61 49.22
N THR G 42 -14.58 -46.98 48.83
CA THR G 42 -15.37 -46.25 49.80
C THR G 42 -16.82 -46.57 49.50
N VAL G 43 -17.56 -46.92 50.55
CA VAL G 43 -18.96 -47.30 50.40
C VAL G 43 -19.91 -46.43 51.21
N VAL G 44 -21.05 -46.12 50.61
CA VAL G 44 -22.06 -45.33 51.30
C VAL G 44 -23.40 -46.00 51.16
N ILE G 45 -24.01 -46.30 52.31
CA ILE G 45 -25.33 -46.90 52.32
C ILE G 45 -26.29 -45.78 52.70
N SER G 46 -27.49 -45.85 52.15
CA SER G 46 -28.48 -44.85 52.45
C SER G 46 -29.81 -45.56 52.33
N GLN G 47 -30.74 -45.19 53.19
CA GLN G 47 -32.05 -45.79 53.15
C GLN G 47 -32.81 -45.29 51.96
N LYS G 48 -33.56 -46.18 51.32
CA LYS G 48 -34.38 -45.81 50.18
C LYS G 48 -35.81 -46.05 50.62
N LYS G 49 -36.60 -44.99 50.71
CA LYS G 49 -37.98 -45.14 51.12
C LYS G 49 -38.91 -44.54 50.10
N VAL G 50 -39.80 -45.36 49.56
CA VAL G 50 -40.75 -44.90 48.56
C VAL G 50 -42.19 -45.05 49.06
N PRO G 51 -42.81 -43.95 49.53
CA PRO G 51 -44.18 -44.03 50.03
C PRO G 51 -45.22 -44.23 48.93
N ASP G 52 -45.50 -43.18 48.18
CA ASP G 52 -46.48 -43.24 47.11
C ASP G 52 -46.23 -44.44 46.18
N LYS G 53 -47.30 -45.16 45.81
CA LYS G 53 -47.20 -46.30 44.92
C LYS G 53 -47.06 -45.85 43.48
N LEU G 54 -47.58 -44.65 43.20
CA LEU G 54 -47.54 -44.05 41.86
C LEU G 54 -46.17 -43.51 41.43
N LEU G 55 -45.20 -43.57 42.35
CA LEU G 55 -43.86 -43.11 42.04
C LEU G 55 -43.08 -44.15 41.27
N ASP G 56 -42.18 -43.68 40.40
CA ASP G 56 -41.32 -44.55 39.64
C ASP G 56 -40.09 -44.72 40.54
N PRO G 57 -40.02 -45.86 41.23
CA PRO G 57 -38.94 -46.23 42.15
C PRO G 57 -37.52 -45.92 41.69
N THR G 58 -37.29 -46.04 40.38
CA THR G 58 -35.96 -45.78 39.84
C THR G 58 -35.50 -44.33 39.90
N THR G 59 -36.47 -43.41 39.99
CA THR G 59 -36.12 -42.00 40.04
C THR G 59 -35.98 -41.44 41.45
N VAL G 60 -36.21 -42.28 42.45
CA VAL G 60 -36.11 -41.80 43.84
C VAL G 60 -34.76 -42.11 44.46
N SER G 61 -33.81 -41.20 44.25
CA SER G 61 -32.49 -41.39 44.81
C SER G 61 -31.92 -40.14 45.45
N TYR G 62 -31.05 -40.32 46.43
CA TYR G 62 -30.40 -39.21 47.10
C TYR G 62 -28.89 -39.42 46.98
N ILE G 63 -28.52 -40.35 46.11
CA ILE G 63 -27.11 -40.65 45.86
C ILE G 63 -26.80 -39.99 44.51
N PHE G 64 -25.63 -39.34 44.42
CA PHE G 64 -25.25 -38.66 43.19
C PHE G 64 -23.86 -38.98 42.64
N CYS G 65 -23.72 -38.91 41.32
CA CYS G 65 -22.45 -39.15 40.65
C CYS G 65 -21.96 -37.77 40.20
N ILE G 66 -21.07 -37.18 40.97
CA ILE G 66 -20.54 -35.86 40.67
C ILE G 66 -19.53 -35.90 39.53
N SER G 67 -18.60 -36.84 39.60
CA SER G 67 -17.62 -36.97 38.54
C SER G 67 -17.30 -38.45 38.41
N ARG G 68 -16.54 -38.79 37.38
CA ARG G 68 -16.18 -40.18 37.20
C ARG G 68 -15.65 -40.76 38.53
N THR G 69 -15.01 -39.92 39.34
CA THR G 69 -14.44 -40.37 40.62
C THR G 69 -15.15 -39.97 41.91
N ILE G 70 -15.77 -38.78 41.95
CA ILE G 70 -16.45 -38.35 43.17
C ILE G 70 -17.92 -38.76 43.20
N GLY G 71 -18.34 -39.29 44.35
CA GLY G 71 -19.72 -39.67 44.56
C GLY G 71 -20.23 -38.88 45.75
N MET G 72 -21.49 -38.48 45.72
CA MET G 72 -22.05 -37.69 46.81
C MET G 72 -23.47 -38.09 47.21
N VAL G 73 -23.68 -38.27 48.52
CA VAL G 73 -24.99 -38.62 49.07
C VAL G 73 -25.49 -37.41 49.87
N VAL G 74 -26.78 -37.13 49.75
CA VAL G 74 -27.37 -35.98 50.43
C VAL G 74 -28.45 -36.29 51.45
N ASN G 75 -28.32 -35.69 52.63
CA ASN G 75 -29.32 -35.86 53.68
C ASN G 75 -30.08 -34.55 53.77
N GLY G 76 -31.27 -34.50 53.19
CA GLY G 76 -32.07 -33.29 53.22
C GLY G 76 -33.06 -33.29 52.07
N PRO G 77 -33.91 -32.26 51.95
CA PRO G 77 -34.91 -32.14 50.89
C PRO G 77 -34.30 -32.38 49.51
N ILE G 78 -35.09 -32.91 48.58
CA ILE G 78 -34.56 -33.20 47.27
C ILE G 78 -34.19 -31.95 46.46
N PRO G 79 -35.05 -30.90 46.47
CA PRO G 79 -34.68 -29.73 45.69
C PRO G 79 -33.32 -29.12 46.08
N ASP G 80 -33.09 -28.90 47.36
CA ASP G 80 -31.79 -28.36 47.78
C ASP G 80 -30.69 -29.35 47.44
N ALA G 81 -30.94 -30.63 47.66
CA ALA G 81 -29.96 -31.66 47.36
C ALA G 81 -29.52 -31.58 45.90
N ARG G 82 -30.49 -31.43 45.01
CA ARG G 82 -30.21 -31.35 43.58
C ARG G 82 -29.48 -30.06 43.21
N ASN G 83 -29.80 -28.98 43.90
CA ASN G 83 -29.15 -27.71 43.69
C ASN G 83 -27.67 -27.91 44.02
N ALA G 84 -27.42 -28.52 45.17
CA ALA G 84 -26.05 -28.79 45.62
C ALA G 84 -25.32 -29.74 44.68
N ALA G 85 -26.05 -30.73 44.17
CA ALA G 85 -25.48 -31.72 43.26
C ALA G 85 -25.04 -31.09 41.94
N LEU G 86 -25.88 -30.23 41.38
CA LEU G 86 -25.57 -29.57 40.11
C LEU G 86 -24.32 -28.71 40.23
N ARG G 87 -24.33 -27.84 41.22
CA ARG G 87 -23.20 -26.97 41.46
C ARG G 87 -21.93 -27.79 41.61
N ALA G 88 -22.00 -28.85 42.40
CA ALA G 88 -20.84 -29.70 42.62
C ALA G 88 -20.30 -30.31 41.33
N LYS G 89 -21.20 -30.77 40.47
CA LYS G 89 -20.80 -31.37 39.19
C LYS G 89 -20.10 -30.33 38.31
N ALA G 90 -20.66 -29.12 38.31
CA ALA G 90 -20.12 -28.00 37.54
C ALA G 90 -18.73 -27.66 38.05
N GLU G 91 -18.62 -27.49 39.36
CA GLU G 91 -17.36 -27.16 40.00
C GLU G 91 -16.29 -28.20 39.67
N ALA G 92 -16.68 -29.47 39.65
CA ALA G 92 -15.74 -30.55 39.38
C ALA G 92 -15.32 -30.63 37.92
N ALA G 93 -16.19 -30.18 37.04
CA ALA G 93 -15.88 -30.20 35.61
C ALA G 93 -14.93 -29.04 35.30
N GLU G 94 -15.25 -27.88 35.85
CA GLU G 94 -14.44 -26.69 35.65
C GLU G 94 -13.05 -26.87 36.21
N PHE G 95 -12.96 -27.45 37.40
CA PHE G 95 -11.66 -27.66 38.03
C PHE G 95 -10.74 -28.41 37.08
N ARG G 96 -11.28 -29.46 36.45
CA ARG G 96 -10.50 -30.27 35.53
C ARG G 96 -9.95 -29.43 34.39
N TYR G 97 -10.84 -28.67 33.76
CA TYR G 97 -10.48 -27.80 32.65
C TYR G 97 -9.37 -26.82 33.01
N LYS G 98 -9.53 -26.15 34.15
CA LYS G 98 -8.57 -25.17 34.59
C LYS G 98 -7.27 -25.69 35.13
N TYR G 99 -7.29 -26.80 35.84
CA TYR G 99 -6.05 -27.31 36.45
C TYR G 99 -5.42 -28.59 35.91
N GLY G 100 -6.07 -29.20 34.93
CA GLY G 100 -5.52 -30.40 34.30
C GLY G 100 -5.57 -31.73 35.00
N TYR G 101 -6.29 -31.82 36.12
CA TYR G 101 -6.41 -33.09 36.81
C TYR G 101 -7.73 -33.13 37.55
N ASP G 102 -8.19 -34.33 37.83
CA ASP G 102 -9.46 -34.53 38.50
C ASP G 102 -9.56 -33.90 39.87
N MET G 103 -10.64 -33.18 40.10
CA MET G 103 -10.82 -32.51 41.37
C MET G 103 -10.89 -33.51 42.51
N PRO G 104 -10.05 -33.32 43.53
CA PRO G 104 -10.02 -34.21 44.69
C PRO G 104 -11.25 -34.06 45.57
N CYS G 105 -11.77 -35.19 46.02
CA CYS G 105 -12.94 -35.26 46.90
C CYS G 105 -12.92 -34.22 48.03
N ASP G 106 -11.82 -34.17 48.77
CA ASP G 106 -11.71 -33.22 49.87
C ASP G 106 -11.77 -31.78 49.40
N VAL G 107 -11.14 -31.49 48.27
CA VAL G 107 -11.14 -30.13 47.75
C VAL G 107 -12.57 -29.72 47.39
N LEU G 108 -13.27 -30.61 46.67
CA LEU G 108 -14.65 -30.34 46.28
C LEU G 108 -15.50 -30.08 47.51
N ALA G 109 -15.22 -30.81 48.58
CA ALA G 109 -15.98 -30.61 49.80
C ALA G 109 -15.66 -29.21 50.31
N LYS G 110 -14.38 -28.89 50.39
CA LYS G 110 -14.00 -27.57 50.88
C LYS G 110 -14.69 -26.48 50.06
N ARG G 111 -14.65 -26.62 48.75
CA ARG G 111 -15.27 -25.64 47.87
C ARG G 111 -16.75 -25.49 48.17
N MET G 112 -17.45 -26.60 48.31
CA MET G 112 -18.87 -26.55 48.58
C MET G 112 -19.14 -25.98 49.97
N ALA G 113 -18.21 -26.21 50.89
CA ALA G 113 -18.35 -25.72 52.27
C ALA G 113 -18.19 -24.20 52.27
N ASN G 114 -17.22 -23.72 51.49
CA ASN G 114 -16.97 -22.29 51.39
C ASN G 114 -18.21 -21.57 50.85
N LEU G 115 -18.87 -22.19 49.88
CA LEU G 115 -20.08 -21.61 49.30
C LEU G 115 -21.17 -21.55 50.37
N SER G 116 -21.23 -22.57 51.22
CA SER G 116 -22.26 -22.56 52.26
C SER G 116 -21.90 -21.51 53.28
N GLN G 117 -20.61 -21.45 53.64
CA GLN G 117 -20.17 -20.45 54.60
C GLN G 117 -20.73 -19.09 54.20
N ILE G 118 -20.76 -18.82 52.90
CA ILE G 118 -21.25 -17.56 52.38
C ILE G 118 -22.74 -17.31 52.69
N TYR G 119 -23.61 -18.26 52.43
CA TYR G 119 -25.03 -18.04 52.70
C TYR G 119 -25.22 -17.69 54.18
N THR G 120 -24.20 -18.04 54.95
CA THR G 120 -24.13 -17.83 56.39
C THR G 120 -23.81 -16.39 56.78
N GLN G 121 -23.16 -15.67 55.87
CA GLN G 121 -22.75 -14.29 56.11
C GLN G 121 -23.54 -13.26 55.30
N ARG G 122 -23.85 -13.60 54.05
CA ARG G 122 -24.62 -12.72 53.20
C ARG G 122 -26.09 -12.92 53.50
N ALA G 123 -26.79 -11.83 53.75
CA ALA G 123 -28.19 -11.87 54.12
C ALA G 123 -29.25 -12.27 53.08
N TYR G 124 -29.00 -12.05 51.79
CA TYR G 124 -30.04 -12.40 50.82
C TYR G 124 -30.09 -13.89 50.43
N MET G 125 -28.99 -14.60 50.69
CA MET G 125 -28.92 -16.03 50.38
C MET G 125 -29.25 -16.86 51.62
N ARG G 126 -30.16 -17.83 51.46
CA ARG G 126 -30.53 -18.72 52.57
C ARG G 126 -29.65 -19.96 52.52
N PRO G 127 -29.36 -20.57 53.67
CA PRO G 127 -28.52 -21.76 53.61
C PRO G 127 -29.32 -22.90 52.95
N LEU G 128 -28.60 -23.91 52.44
CA LEU G 128 -29.29 -25.05 51.86
C LEU G 128 -29.45 -26.04 53.01
N GLY G 129 -30.67 -26.52 53.21
CA GLY G 129 -30.93 -27.45 54.29
C GLY G 129 -30.45 -28.85 54.01
N VAL G 130 -29.16 -29.02 53.81
CA VAL G 130 -28.65 -30.34 53.52
C VAL G 130 -27.26 -30.56 54.07
N ILE G 131 -26.92 -31.84 54.17
CA ILE G 131 -25.62 -32.25 54.64
C ILE G 131 -25.10 -33.10 53.50
N LEU G 132 -23.88 -32.78 53.05
CA LEU G 132 -23.28 -33.48 51.92
C LEU G 132 -22.11 -34.35 52.31
N THR G 133 -22.18 -35.61 51.89
CA THR G 133 -21.13 -36.58 52.16
C THR G 133 -20.50 -36.89 50.82
N PHE G 134 -19.21 -36.61 50.70
CA PHE G 134 -18.50 -36.88 49.47
C PHE G 134 -17.58 -38.05 49.71
N VAL G 135 -17.52 -38.95 48.73
CA VAL G 135 -16.69 -40.13 48.82
C VAL G 135 -16.01 -40.42 47.50
N SER G 136 -14.84 -41.03 47.59
CA SER G 136 -14.07 -41.41 46.42
C SER G 136 -12.81 -42.09 46.92
N VAL G 137 -11.97 -42.49 45.98
CA VAL G 137 -10.70 -43.10 46.32
C VAL G 137 -9.68 -42.15 45.70
N ASP G 138 -9.43 -41.05 46.40
CA ASP G 138 -8.50 -40.05 45.91
C ASP G 138 -7.18 -40.66 45.48
N GLU G 139 -6.63 -40.16 44.38
CA GLU G 139 -5.37 -40.69 43.88
C GLU G 139 -4.19 -40.42 44.79
N GLU G 140 -4.34 -39.47 45.71
CA GLU G 140 -3.24 -39.15 46.63
C GLU G 140 -3.54 -39.62 48.06
N LEU G 141 -4.76 -39.39 48.49
CA LEU G 141 -5.17 -39.75 49.84
C LEU G 141 -5.74 -41.14 50.01
N GLY G 142 -6.30 -41.69 48.95
CA GLY G 142 -6.89 -43.02 49.03
C GLY G 142 -8.37 -42.90 49.36
N PRO G 143 -8.99 -43.96 49.88
CA PRO G 143 -10.42 -43.93 50.22
C PRO G 143 -10.69 -42.69 51.07
N SER G 144 -11.69 -41.90 50.70
CA SER G 144 -11.99 -40.68 51.42
C SER G 144 -13.45 -40.35 51.65
N ILE G 145 -13.74 -39.82 52.83
CA ILE G 145 -15.09 -39.40 53.18
C ILE G 145 -14.99 -37.98 53.77
N TYR G 146 -15.63 -37.03 53.10
CA TYR G 146 -15.64 -35.64 53.55
C TYR G 146 -17.08 -35.18 53.53
N LYS G 147 -17.51 -34.58 54.63
CA LYS G 147 -18.88 -34.12 54.75
C LYS G 147 -18.98 -32.64 55.17
N THR G 148 -19.98 -31.96 54.61
CA THR G 148 -20.21 -30.54 54.90
C THR G 148 -21.65 -30.33 55.31
N ASP G 149 -21.89 -29.27 56.08
CA ASP G 149 -23.21 -28.93 56.58
C ASP G 149 -23.62 -27.51 56.24
N PRO G 150 -24.76 -27.04 56.75
CA PRO G 150 -25.18 -25.67 56.44
C PRO G 150 -24.40 -24.59 57.19
N ALA G 151 -23.53 -25.00 58.09
CA ALA G 151 -22.73 -24.04 58.84
C ALA G 151 -21.51 -23.68 58.03
N GLY G 152 -21.24 -24.45 56.98
CA GLY G 152 -20.10 -24.19 56.14
C GLY G 152 -18.90 -24.92 56.70
N TYR G 153 -19.19 -25.85 57.59
CA TYR G 153 -18.16 -26.65 58.23
C TYR G 153 -17.97 -27.94 57.43
N TYR G 154 -16.75 -28.47 57.45
CA TYR G 154 -16.47 -29.71 56.74
C TYR G 154 -15.25 -30.41 57.34
N VAL G 155 -15.23 -31.72 57.21
CA VAL G 155 -14.09 -32.48 57.73
C VAL G 155 -14.08 -33.87 57.14
N GLY G 156 -12.95 -34.56 57.30
CA GLY G 156 -12.82 -35.91 56.80
C GLY G 156 -13.06 -36.90 57.92
N TYR G 157 -13.68 -38.02 57.58
CA TYR G 157 -13.98 -39.06 58.56
C TYR G 157 -13.37 -40.41 58.19
N LYS G 158 -13.26 -41.30 59.18
CA LYS G 158 -12.75 -42.64 58.98
C LYS G 158 -13.97 -43.42 58.49
N ALA G 159 -15.12 -42.94 58.96
CA ALA G 159 -16.44 -43.48 58.61
C ALA G 159 -17.41 -42.46 59.23
N THR G 160 -18.64 -42.42 58.75
CA THR G 160 -19.58 -41.44 59.28
C THR G 160 -21.02 -41.84 58.98
N ALA G 161 -21.95 -41.20 59.70
CA ALA G 161 -23.37 -41.46 59.53
C ALA G 161 -24.15 -40.16 59.63
N THR G 162 -25.27 -40.11 58.92
CA THR G 162 -26.11 -38.93 58.91
C THR G 162 -27.59 -39.30 58.82
N GLY G 163 -28.41 -38.55 59.56
CA GLY G 163 -29.84 -38.80 59.55
C GLY G 163 -30.43 -38.69 60.95
N PRO G 164 -31.74 -38.95 61.11
CA PRO G 164 -32.38 -38.88 62.41
C PRO G 164 -31.68 -39.79 63.42
N LYS G 165 -31.34 -40.99 62.97
CA LYS G 165 -30.68 -41.96 63.84
C LYS G 165 -29.16 -41.95 63.72
N GLN G 166 -28.62 -40.78 63.42
CA GLN G 166 -27.20 -40.58 63.27
C GLN G 166 -26.37 -41.13 64.43
N GLN G 167 -26.81 -40.85 65.66
CA GLN G 167 -26.06 -41.28 66.84
C GLN G 167 -25.87 -42.78 67.00
N GLU G 168 -26.92 -43.57 66.78
CA GLU G 168 -26.80 -45.02 66.91
C GLU G 168 -25.79 -45.57 65.94
N ILE G 169 -25.92 -45.21 64.67
CA ILE G 169 -25.01 -45.69 63.64
C ILE G 169 -23.60 -45.31 64.03
N THR G 170 -23.41 -44.04 64.40
CA THR G 170 -22.11 -43.50 64.78
C THR G 170 -21.47 -44.28 65.93
N THR G 171 -22.21 -44.45 67.02
CA THR G 171 -21.68 -45.20 68.16
C THR G 171 -21.46 -46.67 67.79
N ASN G 172 -22.34 -47.22 66.95
CA ASN G 172 -22.18 -48.60 66.53
C ASN G 172 -20.81 -48.73 65.88
N LEU G 173 -20.56 -47.84 64.92
CA LEU G 173 -19.29 -47.80 64.20
C LEU G 173 -18.13 -47.46 65.13
N GLU G 174 -18.34 -46.46 65.99
CA GLU G 174 -17.31 -46.06 66.94
C GLU G 174 -16.77 -47.27 67.65
N ASN G 175 -17.69 -48.13 68.07
CA ASN G 175 -17.36 -49.36 68.77
C ASN G 175 -16.49 -50.28 67.95
N HIS G 176 -16.98 -50.68 66.79
CA HIS G 176 -16.23 -51.58 65.92
C HIS G 176 -14.78 -51.19 65.71
N PHE G 177 -14.50 -49.89 65.64
CA PHE G 177 -13.14 -49.43 65.41
C PHE G 177 -12.28 -49.44 66.67
N LYS G 178 -12.91 -49.26 67.82
CA LYS G 178 -12.18 -49.29 69.09
C LYS G 178 -11.67 -50.71 69.24
N LYS G 179 -12.48 -51.65 68.76
CA LYS G 179 -12.17 -53.07 68.81
C LYS G 179 -11.10 -53.48 67.79
N SER G 180 -11.37 -53.21 66.50
CA SER G 180 -10.43 -53.56 65.43
C SER G 180 -9.11 -52.80 65.49
N LYS G 181 -9.09 -51.68 66.21
CA LYS G 181 -7.90 -50.86 66.38
C LYS G 181 -7.34 -50.21 65.09
N ILE G 182 -8.08 -50.34 64.00
CA ILE G 182 -7.68 -49.74 62.73
C ILE G 182 -8.76 -48.76 62.31
N ASP G 183 -8.48 -48.02 61.24
CA ASP G 183 -9.41 -47.00 60.74
C ASP G 183 -10.04 -47.35 59.39
N HIS G 184 -10.47 -48.60 59.23
CA HIS G 184 -11.09 -49.02 57.97
C HIS G 184 -11.42 -50.49 57.98
N ILE G 185 -12.30 -50.89 57.08
CA ILE G 185 -12.69 -52.29 56.96
C ILE G 185 -11.50 -52.98 56.30
N ASN G 186 -10.93 -53.99 56.94
CA ASN G 186 -9.78 -54.67 56.36
C ASN G 186 -10.21 -55.74 55.37
N GLU G 187 -11.08 -55.37 54.44
CA GLU G 187 -11.56 -56.31 53.43
C GLU G 187 -10.97 -55.94 52.06
N GLU G 188 -10.85 -56.94 51.19
CA GLU G 188 -10.28 -56.71 49.86
C GLU G 188 -11.32 -56.33 48.83
N SER G 189 -12.41 -57.09 48.75
CA SER G 189 -13.44 -56.76 47.77
C SER G 189 -14.37 -55.70 48.35
N TRP G 190 -14.84 -54.80 47.48
CA TRP G 190 -15.75 -53.78 47.95
C TRP G 190 -17.04 -54.47 48.35
N GLU G 191 -17.32 -55.62 47.71
CA GLU G 191 -18.53 -56.40 48.01
C GLU G 191 -18.67 -56.73 49.49
N LYS G 192 -17.56 -57.12 50.11
CA LYS G 192 -17.60 -57.45 51.54
C LYS G 192 -17.71 -56.17 52.36
N VAL G 193 -17.13 -55.07 51.84
CA VAL G 193 -17.19 -53.78 52.53
C VAL G 193 -18.65 -53.32 52.48
N VAL G 194 -19.30 -53.50 51.33
CA VAL G 194 -20.70 -53.13 51.20
C VAL G 194 -21.52 -53.96 52.18
N GLU G 195 -21.11 -55.23 52.32
CA GLU G 195 -21.82 -56.13 53.22
C GLU G 195 -21.66 -55.71 54.68
N PHE G 196 -20.42 -55.36 55.06
CA PHE G 196 -20.13 -54.90 56.41
C PHE G 196 -21.00 -53.66 56.68
N ALA G 197 -20.99 -52.75 55.71
CA ALA G 197 -21.75 -51.51 55.81
C ALA G 197 -23.22 -51.83 56.09
N ILE G 198 -23.84 -52.61 55.22
CA ILE G 198 -25.25 -52.98 55.38
C ILE G 198 -25.53 -53.69 56.71
N THR G 199 -24.62 -54.55 57.13
CA THR G 199 -24.79 -55.27 58.39
C THR G 199 -24.95 -54.29 59.55
N HIS G 200 -23.91 -53.51 59.83
CA HIS G 200 -23.97 -52.55 60.92
C HIS G 200 -25.13 -51.56 60.78
N MET G 201 -25.50 -51.23 59.55
CA MET G 201 -26.63 -50.34 59.33
C MET G 201 -27.85 -50.99 59.96
N ILE G 202 -27.90 -52.32 59.90
CA ILE G 202 -29.00 -53.09 60.46
C ILE G 202 -28.96 -53.15 61.98
N ASP G 203 -27.79 -53.46 62.55
CA ASP G 203 -27.64 -53.53 64.00
C ASP G 203 -28.05 -52.24 64.68
N ALA G 204 -27.60 -51.12 64.12
CA ALA G 204 -27.88 -49.81 64.69
C ALA G 204 -29.34 -49.40 64.53
N LEU G 205 -29.92 -49.65 63.37
CA LEU G 205 -31.31 -49.27 63.17
C LEU G 205 -32.26 -50.36 63.64
N GLY G 206 -31.70 -51.53 63.93
CA GLY G 206 -32.50 -52.66 64.36
C GLY G 206 -33.58 -53.01 63.34
N THR G 207 -33.23 -52.94 62.06
CA THR G 207 -34.20 -53.24 61.03
C THR G 207 -33.66 -54.13 59.94
N GLU G 208 -34.57 -54.85 59.28
CA GLU G 208 -34.24 -55.77 58.21
C GLU G 208 -34.52 -55.01 56.90
N PHE G 209 -33.67 -55.22 55.90
CA PHE G 209 -33.85 -54.53 54.62
C PHE G 209 -34.07 -55.49 53.46
N SER G 210 -34.89 -55.07 52.50
CA SER G 210 -35.12 -55.88 51.31
C SER G 210 -34.27 -55.18 50.25
N LYS G 211 -34.19 -55.75 49.05
CA LYS G 211 -33.39 -55.14 47.98
C LYS G 211 -33.86 -53.74 47.55
N ASN G 212 -35.01 -53.30 48.04
CA ASN G 212 -35.54 -51.98 47.67
C ASN G 212 -35.67 -51.01 48.83
N ASP G 213 -35.00 -51.31 49.94
CA ASP G 213 -35.04 -50.47 51.13
C ASP G 213 -33.73 -49.72 51.25
N LEU G 214 -32.77 -50.13 50.43
CA LEU G 214 -31.46 -49.53 50.43
C LEU G 214 -31.07 -48.89 49.11
N GLU G 215 -29.94 -48.18 49.17
CA GLU G 215 -29.35 -47.48 48.04
C GLU G 215 -27.88 -47.57 48.36
N VAL G 216 -27.07 -48.03 47.42
CA VAL G 216 -25.65 -48.17 47.66
C VAL G 216 -24.77 -47.54 46.60
N GLY G 217 -23.67 -46.94 47.04
CA GLY G 217 -22.75 -46.33 46.13
C GLY G 217 -21.37 -46.86 46.48
N VAL G 218 -20.54 -47.09 45.47
CA VAL G 218 -19.20 -47.60 45.70
C VAL G 218 -18.19 -46.78 44.92
N ALA G 219 -17.09 -46.46 45.58
CA ALA G 219 -16.04 -45.68 44.97
C ALA G 219 -14.78 -46.54 44.99
N THR G 220 -14.14 -46.67 43.83
CA THR G 220 -12.93 -47.46 43.69
C THR G 220 -11.94 -46.64 42.88
N LYS G 221 -10.71 -47.16 42.77
CA LYS G 221 -9.69 -46.47 41.99
C LYS G 221 -10.26 -46.14 40.60
N ASP G 222 -10.36 -44.84 40.33
CA ASP G 222 -10.84 -44.34 39.04
C ASP G 222 -12.30 -44.57 38.70
N LYS G 223 -13.14 -44.76 39.71
CA LYS G 223 -14.56 -44.92 39.42
C LYS G 223 -15.49 -44.98 40.62
N PHE G 224 -16.65 -44.34 40.46
CA PHE G 224 -17.68 -44.35 41.47
C PHE G 224 -18.97 -44.77 40.79
N PHE G 225 -19.62 -45.78 41.35
CA PHE G 225 -20.86 -46.32 40.79
C PHE G 225 -21.85 -46.70 41.87
N THR G 226 -23.11 -46.86 41.46
CA THR G 226 -24.18 -47.23 42.38
C THR G 226 -24.80 -48.59 42.01
N LEU G 227 -24.86 -49.50 42.99
CA LEU G 227 -25.42 -50.82 42.80
C LEU G 227 -26.91 -50.75 42.44
N SER G 228 -27.40 -51.79 41.79
CA SER G 228 -28.81 -51.86 41.40
C SER G 228 -29.53 -52.76 42.38
N ALA G 229 -30.85 -52.76 42.31
CA ALA G 229 -31.64 -53.60 43.20
C ALA G 229 -31.06 -55.02 43.25
N GLU G 230 -30.77 -55.59 42.09
CA GLU G 230 -30.22 -56.94 42.02
C GLU G 230 -28.82 -57.06 42.60
N ASN G 231 -28.00 -56.03 42.39
CA ASN G 231 -26.63 -56.04 42.93
C ASN G 231 -26.75 -56.05 44.44
N ILE G 232 -27.72 -55.30 44.94
CA ILE G 232 -27.97 -55.20 46.36
C ILE G 232 -28.44 -56.56 46.88
N GLU G 233 -29.46 -57.12 46.23
CA GLU G 233 -30.03 -58.41 46.60
C GLU G 233 -28.94 -59.45 46.79
N GLU G 234 -28.02 -59.50 45.85
CA GLU G 234 -26.90 -60.43 45.91
C GLU G 234 -26.12 -60.20 47.21
N ARG G 235 -26.09 -58.94 47.65
CA ARG G 235 -25.40 -58.54 48.87
C ARG G 235 -26.18 -59.02 50.09
N LEU G 236 -27.50 -58.80 50.06
CA LEU G 236 -28.39 -59.20 51.14
C LEU G 236 -28.38 -60.71 51.36
N VAL G 237 -28.37 -61.46 50.26
CA VAL G 237 -28.34 -62.92 50.32
C VAL G 237 -27.05 -63.43 50.94
N ALA G 238 -25.95 -62.74 50.68
CA ALA G 238 -24.66 -63.14 51.23
C ALA G 238 -24.60 -62.99 52.74
N ILE G 239 -25.08 -61.88 53.27
CA ILE G 239 -25.05 -61.69 54.71
C ILE G 239 -26.10 -62.56 55.40
N ALA G 240 -26.97 -63.20 54.61
CA ALA G 240 -28.00 -64.07 55.16
C ALA G 240 -27.30 -65.31 55.71
N GLU G 241 -26.52 -65.96 54.85
CA GLU G 241 -25.76 -67.15 55.20
C GLU G 241 -24.55 -66.73 56.03
N GLN G 242 -24.75 -66.58 57.33
CA GLN G 242 -23.69 -66.14 58.23
C GLN G 242 -24.40 -65.91 59.55
N ASP G 243 -25.60 -65.35 59.43
CA ASP G 243 -26.49 -65.07 60.56
C ASP G 243 -27.48 -66.23 60.65
N THR H 1 18.99 -16.77 22.31
CA THR H 1 18.53 -17.56 23.49
C THR H 1 18.56 -19.07 23.13
N THR H 2 19.17 -19.90 23.98
CA THR H 2 19.22 -21.35 23.76
C THR H 2 18.77 -22.08 25.01
N ILE H 3 17.63 -22.77 24.94
CA ILE H 3 17.14 -23.50 26.09
C ILE H 3 16.75 -24.92 25.71
N VAL H 4 17.00 -25.86 26.62
CA VAL H 4 16.66 -27.27 26.41
C VAL H 4 16.09 -27.94 27.64
N GLY H 5 15.39 -29.05 27.39
CA GLY H 5 14.79 -29.85 28.43
C GLY H 5 15.14 -31.29 28.08
N VAL H 6 15.55 -32.07 29.08
CA VAL H 6 15.91 -33.47 28.84
C VAL H 6 15.46 -34.37 29.97
N LYS H 7 14.73 -35.42 29.60
CA LYS H 7 14.23 -36.40 30.58
C LYS H 7 15.24 -37.50 30.82
N PHE H 8 15.37 -37.93 32.08
CA PHE H 8 16.25 -39.03 32.43
C PHE H 8 15.50 -40.06 33.28
N ASN H 9 16.06 -41.25 33.43
CA ASN H 9 15.41 -42.34 34.19
C ASN H 9 14.56 -41.96 35.42
N ASN H 10 15.00 -40.99 36.21
CA ASN H 10 14.23 -40.64 37.39
C ASN H 10 14.07 -39.13 37.64
N GLY H 11 13.79 -38.38 36.58
CA GLY H 11 13.63 -36.96 36.73
C GLY H 11 13.68 -36.24 35.40
N VAL H 12 14.05 -34.97 35.45
CA VAL H 12 14.15 -34.14 34.27
C VAL H 12 15.12 -33.00 34.57
N VAL H 13 15.80 -32.54 33.54
CA VAL H 13 16.76 -31.45 33.70
C VAL H 13 16.56 -30.41 32.59
N ILE H 14 16.73 -29.15 32.93
CA ILE H 14 16.60 -28.10 31.93
C ILE H 14 17.82 -27.18 32.07
N ALA H 15 18.24 -26.59 30.96
CA ALA H 15 19.38 -25.69 30.96
C ALA H 15 19.21 -24.61 29.91
N ALA H 16 20.03 -23.56 30.03
CA ALA H 16 19.97 -22.44 29.09
C ALA H 16 21.24 -21.60 29.17
N ASP H 17 21.42 -20.71 28.20
CA ASP H 17 22.60 -19.84 28.19
C ASP H 17 22.29 -18.60 29.02
N THR H 18 23.18 -17.62 29.01
CA THR H 18 22.97 -16.42 29.82
C THR H 18 23.09 -15.09 29.11
N ARG H 19 23.10 -15.11 27.78
CA ARG H 19 23.22 -13.88 27.00
C ARG H 19 21.87 -13.22 26.71
N SER H 20 21.81 -11.91 26.96
CA SER H 20 20.60 -11.12 26.72
C SER H 20 21.02 -10.08 25.69
N THR H 21 20.17 -9.83 24.69
CA THR H 21 20.56 -8.88 23.66
C THR H 21 19.54 -7.85 23.19
N GLN H 22 20.04 -6.64 22.89
CA GLN H 22 19.23 -5.55 22.36
C GLN H 22 19.71 -5.45 20.91
N GLY H 23 18.93 -5.97 19.99
CA GLY H 23 19.36 -5.94 18.60
C GLY H 23 20.67 -6.72 18.54
N PRO H 24 21.76 -6.09 18.09
CA PRO H 24 23.01 -6.86 18.04
C PRO H 24 23.94 -6.60 19.22
N ILE H 25 23.46 -5.86 20.22
CA ILE H 25 24.30 -5.59 21.37
C ILE H 25 23.96 -6.46 22.58
N VAL H 26 25.01 -6.88 23.29
CA VAL H 26 24.86 -7.71 24.46
C VAL H 26 24.59 -6.82 25.67
N ALA H 27 23.34 -6.82 26.14
CA ALA H 27 22.95 -6.02 27.29
C ALA H 27 23.42 -6.68 28.59
N ASP H 28 22.95 -7.90 28.84
CA ASP H 28 23.34 -8.63 30.04
C ASP H 28 24.14 -9.85 29.60
N LYS H 29 25.37 -9.97 30.11
CA LYS H 29 26.24 -11.09 29.76
C LYS H 29 26.00 -12.28 30.65
N ASN H 30 25.07 -12.12 31.60
CA ASN H 30 24.76 -13.19 32.52
C ASN H 30 23.36 -12.99 33.10
N CYS H 31 22.34 -13.24 32.29
CA CYS H 31 20.98 -13.07 32.77
C CYS H 31 20.42 -14.47 32.93
N ALA H 32 19.47 -14.64 33.85
CA ALA H 32 18.89 -15.95 34.07
C ALA H 32 17.69 -16.22 33.17
N LYS H 33 17.70 -17.36 32.49
CA LYS H 33 16.61 -17.70 31.61
C LYS H 33 15.80 -18.87 32.20
N LEU H 34 16.22 -19.29 33.40
CA LEU H 34 15.57 -20.38 34.12
C LEU H 34 14.67 -19.74 35.18
N HIS H 35 13.42 -20.17 35.21
CA HIS H 35 12.44 -19.61 36.15
C HIS H 35 11.81 -20.65 37.06
N ARG H 36 11.50 -20.26 38.29
CA ARG H 36 10.86 -21.19 39.22
C ARG H 36 9.36 -20.89 39.28
N ILE H 37 8.55 -21.92 39.10
CA ILE H 37 7.11 -21.73 39.16
C ILE H 37 6.68 -22.17 40.55
N SER H 38 7.20 -23.33 40.93
CA SER H 38 6.93 -23.95 42.23
C SER H 38 8.30 -24.48 42.62
N PRO H 39 8.49 -24.91 43.88
CA PRO H 39 9.81 -25.42 44.24
C PRO H 39 10.29 -26.52 43.33
N LYS H 40 9.37 -27.36 42.85
CA LYS H 40 9.78 -28.46 41.98
C LYS H 40 9.30 -28.41 40.53
N ILE H 41 8.78 -27.26 40.11
CA ILE H 41 8.36 -27.09 38.73
C ILE H 41 9.16 -25.90 38.23
N TRP H 42 10.14 -26.15 37.36
CA TRP H 42 10.92 -25.05 36.84
C TRP H 42 10.67 -24.83 35.36
N CYS H 43 10.95 -23.62 34.92
CA CYS H 43 10.71 -23.25 33.56
C CYS H 43 11.93 -22.66 32.89
N ALA H 44 12.01 -22.85 31.58
CA ALA H 44 13.09 -22.30 30.79
C ALA H 44 12.36 -21.43 29.77
N GLY H 45 12.72 -20.15 29.68
CA GLY H 45 12.03 -19.26 28.78
C GLY H 45 12.81 -18.51 27.72
N ALA H 46 12.22 -18.49 26.52
CA ALA H 46 12.77 -17.80 25.35
C ALA H 46 11.67 -16.88 24.86
N GLY H 47 12.04 -15.88 24.05
CA GLY H 47 11.06 -14.93 23.53
C GLY H 47 11.28 -13.55 24.15
N THR H 48 10.20 -12.90 24.58
CA THR H 48 10.32 -11.59 25.19
C THR H 48 10.58 -11.79 26.68
N ALA H 49 11.77 -11.40 27.10
CA ALA H 49 12.22 -11.54 28.49
C ALA H 49 11.27 -11.09 29.57
N ALA H 50 10.65 -9.92 29.38
CA ALA H 50 9.72 -9.41 30.37
C ALA H 50 8.53 -10.34 30.43
N ASP H 51 8.17 -10.89 29.28
CA ASP H 51 7.04 -11.80 29.20
C ASP H 51 7.27 -13.15 29.85
N THR H 52 8.43 -13.76 29.60
CA THR H 52 8.70 -15.06 30.20
C THR H 52 8.75 -14.92 31.70
N GLU H 53 9.33 -13.85 32.19
CA GLU H 53 9.42 -13.65 33.63
C GLU H 53 8.04 -13.38 34.18
N ALA H 54 7.32 -12.50 33.51
CA ALA H 54 5.99 -12.09 33.92
C ALA H 54 4.99 -13.24 33.99
N VAL H 55 4.93 -14.01 32.92
CA VAL H 55 3.98 -15.12 32.85
C VAL H 55 4.38 -16.22 33.84
N THR H 56 5.69 -16.45 33.94
CA THR H 56 6.22 -17.46 34.84
C THR H 56 5.86 -17.15 36.30
N GLN H 57 5.93 -15.88 36.69
CA GLN H 57 5.61 -15.49 38.05
C GLN H 57 4.13 -15.39 38.35
N LEU H 58 3.34 -15.05 37.35
CA LEU H 58 1.89 -14.93 37.54
C LEU H 58 1.33 -16.29 37.83
N ILE H 59 1.70 -17.26 36.99
CA ILE H 59 1.21 -18.62 37.18
C ILE H 59 1.80 -19.18 38.47
N GLY H 60 3.08 -18.92 38.71
CA GLY H 60 3.70 -19.39 39.93
C GLY H 60 2.92 -18.93 41.14
N SER H 61 2.48 -17.68 41.12
CA SER H 61 1.70 -17.11 42.22
C SER H 61 0.40 -17.87 42.38
N ASN H 62 -0.31 -18.06 41.28
CA ASN H 62 -1.56 -18.77 41.34
C ASN H 62 -1.36 -20.21 41.71
N ILE H 63 -0.28 -20.82 41.23
CA ILE H 63 0.01 -22.21 41.57
C ILE H 63 0.20 -22.31 43.09
N GLU H 64 1.01 -21.41 43.65
CA GLU H 64 1.25 -21.40 45.08
C GLU H 64 -0.06 -21.31 45.86
N LEU H 65 -0.94 -20.41 45.42
CA LEU H 65 -2.23 -20.21 46.06
C LEU H 65 -3.11 -21.44 45.92
N HIS H 66 -2.95 -22.16 44.82
CA HIS H 66 -3.73 -23.37 44.57
C HIS H 66 -3.24 -24.46 45.51
N SER H 67 -1.92 -24.60 45.60
CA SER H 67 -1.30 -25.58 46.48
C SER H 67 -1.80 -25.42 47.92
N LEU H 68 -1.80 -24.19 48.42
CA LEU H 68 -2.25 -23.95 49.78
C LEU H 68 -3.72 -24.29 49.96
N TYR H 69 -4.53 -23.96 48.97
CA TYR H 69 -5.95 -24.20 49.03
C TYR H 69 -6.29 -25.67 48.96
N THR H 70 -5.49 -26.43 48.20
CA THR H 70 -5.73 -27.86 48.03
C THR H 70 -4.81 -28.76 48.85
N SER H 71 -3.97 -28.15 49.68
CA SER H 71 -3.05 -28.92 50.52
C SER H 71 -2.23 -29.98 49.78
N ARG H 72 -2.02 -29.78 48.48
CA ARG H 72 -1.25 -30.72 47.67
C ARG H 72 -0.08 -30.06 46.95
N GLU H 73 0.96 -30.85 46.70
CA GLU H 73 2.12 -30.39 45.96
C GLU H 73 1.59 -30.01 44.59
N PRO H 74 2.12 -28.93 44.00
CA PRO H 74 1.68 -28.46 42.68
C PRO H 74 2.04 -29.47 41.62
N ARG H 75 1.19 -29.60 40.61
CA ARG H 75 1.45 -30.51 39.51
C ARG H 75 1.83 -29.77 38.22
N VAL H 76 2.78 -30.32 37.47
CA VAL H 76 3.21 -29.72 36.23
C VAL H 76 2.04 -29.51 35.26
N VAL H 77 1.14 -30.47 35.12
CA VAL H 77 0.01 -30.28 34.20
C VAL H 77 -0.85 -29.08 34.59
N SER H 78 -0.78 -28.66 35.85
CA SER H 78 -1.54 -27.50 36.26
C SER H 78 -0.80 -26.27 35.76
N ALA H 79 0.49 -26.16 36.09
CA ALA H 79 1.28 -25.03 35.63
C ALA H 79 1.10 -24.90 34.12
N LEU H 80 1.11 -26.06 33.45
CA LEU H 80 0.96 -26.13 32.00
C LEU H 80 -0.41 -25.71 31.52
N GLN H 81 -1.46 -26.17 32.19
CA GLN H 81 -2.79 -25.81 31.77
C GLN H 81 -3.02 -24.32 31.93
N MET H 82 -2.50 -23.76 33.02
CA MET H 82 -2.68 -22.36 33.31
C MET H 82 -1.90 -21.48 32.36
N LEU H 83 -0.63 -21.80 32.15
CA LEU H 83 0.20 -21.03 31.22
C LEU H 83 -0.48 -21.07 29.87
N LYS H 84 -0.70 -22.26 29.36
CA LYS H 84 -1.34 -22.45 28.07
C LYS H 84 -2.59 -21.61 27.87
N GLN H 85 -3.54 -21.68 28.79
CA GLN H 85 -4.78 -20.93 28.64
C GLN H 85 -4.59 -19.42 28.71
N HIS H 86 -3.54 -19.00 29.40
CA HIS H 86 -3.22 -17.58 29.54
C HIS H 86 -2.62 -17.06 28.25
N LEU H 87 -1.56 -17.72 27.79
CA LEU H 87 -0.91 -17.32 26.56
C LEU H 87 -1.89 -17.34 25.41
N PHE H 88 -2.82 -18.28 25.43
CA PHE H 88 -3.80 -18.40 24.36
C PHE H 88 -4.72 -17.19 24.33
N LYS H 89 -5.19 -16.79 25.51
CA LYS H 89 -6.09 -15.65 25.58
C LYS H 89 -5.48 -14.47 24.86
N TYR H 90 -4.18 -14.27 25.04
CA TYR H 90 -3.46 -13.16 24.42
C TYR H 90 -2.97 -13.35 22.99
N GLN H 91 -3.61 -14.26 22.28
CA GLN H 91 -3.27 -14.54 20.90
C GLN H 91 -1.82 -14.37 20.46
N GLY H 92 -0.88 -14.70 21.33
CA GLY H 92 0.51 -14.59 20.95
C GLY H 92 1.20 -13.28 21.27
N HIS H 93 0.44 -12.29 21.75
CA HIS H 93 1.02 -11.01 22.07
C HIS H 93 1.91 -11.05 23.29
N ILE H 94 1.98 -12.19 23.95
CA ILE H 94 2.86 -12.34 25.08
C ILE H 94 3.90 -13.29 24.56
N GLY H 95 5.04 -12.73 24.20
CA GLY H 95 6.13 -13.49 23.63
C GLY H 95 6.82 -14.49 24.51
N ALA H 96 6.05 -15.38 25.12
CA ALA H 96 6.61 -16.41 25.97
C ALA H 96 6.65 -17.76 25.27
N TYR H 97 7.86 -18.32 25.17
CA TYR H 97 8.07 -19.63 24.57
C TYR H 97 8.83 -20.35 25.67
N LEU H 98 8.16 -21.28 26.34
CA LEU H 98 8.76 -21.98 27.46
C LEU H 98 8.93 -23.50 27.33
N ILE H 99 9.90 -24.00 28.10
CA ILE H 99 10.17 -25.43 28.23
C ILE H 99 9.87 -25.57 29.72
N VAL H 100 8.75 -26.20 30.06
CA VAL H 100 8.39 -26.35 31.47
C VAL H 100 8.52 -27.80 31.95
N ALA H 101 9.31 -27.98 33.01
CA ALA H 101 9.57 -29.29 33.59
C ALA H 101 9.34 -29.31 35.10
N GLY H 102 9.50 -30.48 35.69
CA GLY H 102 9.31 -30.60 37.12
C GLY H 102 8.81 -31.96 37.54
N VAL H 103 8.80 -32.17 38.86
CA VAL H 103 8.33 -33.44 39.44
C VAL H 103 7.21 -33.13 40.43
N ASP H 104 6.34 -34.10 40.62
CA ASP H 104 5.22 -33.96 41.53
C ASP H 104 4.72 -35.37 41.87
N PRO H 105 3.68 -35.47 42.70
CA PRO H 105 3.14 -36.78 43.07
C PRO H 105 2.94 -37.77 41.91
N THR H 106 2.62 -37.27 40.73
CA THR H 106 2.39 -38.18 39.62
C THR H 106 3.62 -38.60 38.82
N GLY H 107 4.77 -37.98 39.11
CA GLY H 107 5.99 -38.33 38.39
C GLY H 107 6.77 -37.15 37.84
N SER H 108 7.60 -37.40 36.83
CA SER H 108 8.39 -36.33 36.23
C SER H 108 7.82 -36.00 34.86
N HIS H 109 7.84 -34.70 34.50
CA HIS H 109 7.29 -34.22 33.24
C HIS H 109 8.15 -33.23 32.45
N LEU H 110 7.92 -33.16 31.15
CA LEU H 110 8.63 -32.24 30.27
C LEU H 110 7.68 -31.80 29.17
N PHE H 111 7.47 -30.49 29.09
CA PHE H 111 6.60 -29.90 28.09
C PHE H 111 7.19 -28.63 27.51
N SER H 112 6.56 -28.17 26.44
CA SER H 112 6.95 -26.93 25.79
C SER H 112 5.69 -26.16 25.46
N ILE H 113 5.76 -24.84 25.54
CA ILE H 113 4.62 -24.00 25.23
C ILE H 113 5.03 -22.86 24.34
N HIS H 114 4.25 -22.61 23.29
CA HIS H 114 4.57 -21.51 22.42
C HIS H 114 3.65 -20.32 22.74
N ALA H 115 4.14 -19.12 22.46
CA ALA H 115 3.43 -17.89 22.73
C ALA H 115 1.94 -17.93 22.41
N HIS H 116 1.57 -18.69 21.39
CA HIS H 116 0.17 -18.77 20.99
C HIS H 116 -0.71 -19.69 21.82
N GLY H 117 -0.09 -20.52 22.66
CA GLY H 117 -0.86 -21.40 23.51
C GLY H 117 -0.80 -22.89 23.20
N SER H 118 -0.07 -23.28 22.17
CA SER H 118 0.04 -24.69 21.84
C SER H 118 1.09 -25.32 22.73
N THR H 119 0.93 -26.61 23.04
CA THR H 119 1.89 -27.32 23.88
C THR H 119 2.22 -28.68 23.30
N ASP H 120 3.43 -29.14 23.56
CA ASP H 120 3.91 -30.43 23.08
C ASP H 120 4.61 -31.18 24.21
N VAL H 121 4.79 -32.46 24.02
CA VAL H 121 5.47 -33.28 25.02
C VAL H 121 6.60 -34.05 24.34
N GLY H 122 7.67 -34.32 25.10
CA GLY H 122 8.79 -35.05 24.54
C GLY H 122 9.82 -35.39 25.59
N TYR H 123 10.83 -36.18 25.23
CA TYR H 123 11.86 -36.55 26.20
C TYR H 123 13.00 -35.56 26.15
N TYR H 124 13.11 -34.87 25.02
CA TYR H 124 14.13 -33.86 24.84
C TYR H 124 13.55 -32.76 23.95
N LEU H 125 13.70 -31.52 24.40
CA LEU H 125 13.18 -30.38 23.66
C LEU H 125 14.18 -29.22 23.66
N SER H 126 13.98 -28.28 22.74
CA SER H 126 14.82 -27.08 22.66
C SER H 126 13.99 -25.93 22.09
N LEU H 127 14.42 -24.71 22.40
CA LEU H 127 13.74 -23.50 21.94
C LEU H 127 14.75 -22.37 21.92
N GLY H 128 14.45 -21.32 21.14
CA GLY H 128 15.34 -20.19 21.05
C GLY H 128 16.01 -20.13 19.69
N SER H 129 16.86 -19.14 19.50
CA SER H 129 17.56 -18.99 18.23
C SER H 129 18.60 -20.09 18.10
N GLY H 130 19.01 -20.67 19.24
CA GLY H 130 19.98 -21.76 19.21
C GLY H 130 19.28 -23.11 19.13
N SER H 131 17.96 -23.04 19.08
CA SER H 131 17.09 -24.18 18.97
C SER H 131 17.70 -25.28 18.10
N LEU H 132 18.03 -24.95 16.87
CA LEU H 132 18.58 -25.90 15.94
C LEU H 132 19.96 -26.45 16.26
N ALA H 133 20.83 -25.61 16.80
CA ALA H 133 22.17 -26.06 17.17
C ALA H 133 22.09 -27.09 18.30
N ALA H 134 21.30 -26.76 19.32
CA ALA H 134 21.10 -27.66 20.45
C ALA H 134 20.44 -28.94 19.98
N MET H 135 19.34 -28.82 19.26
CA MET H 135 18.62 -29.98 18.77
C MET H 135 19.47 -30.91 17.93
N ALA H 136 20.45 -30.38 17.22
CA ALA H 136 21.31 -31.25 16.42
C ALA H 136 22.02 -32.17 17.38
N VAL H 137 22.57 -31.60 18.45
CA VAL H 137 23.28 -32.37 19.45
C VAL H 137 22.36 -33.40 20.12
N LEU H 138 21.19 -32.98 20.55
CA LEU H 138 20.27 -33.89 21.19
C LEU H 138 19.92 -35.02 20.24
N GLU H 139 19.59 -34.69 19.00
CA GLU H 139 19.22 -35.73 18.06
C GLU H 139 20.36 -36.73 17.91
N SER H 140 21.57 -36.28 18.21
CA SER H 140 22.74 -37.14 18.06
C SER H 140 23.16 -38.01 19.24
N HIS H 141 22.89 -37.56 20.45
CA HIS H 141 23.29 -38.34 21.61
C HIS H 141 22.20 -38.83 22.56
N TRP H 142 20.95 -38.45 22.32
CA TRP H 142 19.92 -38.89 23.23
C TRP H 142 19.62 -40.36 23.05
N LYS H 143 19.31 -40.99 24.17
CA LYS H 143 18.96 -42.40 24.24
C LYS H 143 18.04 -42.53 25.45
N GLN H 144 17.20 -43.55 25.44
CA GLN H 144 16.28 -43.78 26.54
C GLN H 144 17.07 -44.29 27.76
N ASP H 145 16.69 -43.84 28.95
CA ASP H 145 17.35 -44.27 30.18
C ASP H 145 18.71 -43.63 30.41
N LEU H 146 18.72 -42.31 30.46
CA LEU H 146 19.95 -41.59 30.71
C LEU H 146 20.07 -41.42 32.21
N THR H 147 21.29 -41.44 32.71
CA THR H 147 21.49 -41.27 34.14
C THR H 147 21.42 -39.78 34.40
N LYS H 148 21.30 -39.39 35.65
CA LYS H 148 21.25 -37.98 35.99
C LYS H 148 22.50 -37.29 35.45
N GLU H 149 23.64 -37.97 35.53
CA GLU H 149 24.87 -37.36 35.04
C GLU H 149 24.96 -37.36 33.52
N GLU H 150 24.40 -38.39 32.91
CA GLU H 150 24.39 -38.47 31.45
C GLU H 150 23.47 -37.36 30.91
N ALA H 151 22.42 -37.04 31.66
CA ALA H 151 21.49 -36.00 31.26
C ALA H 151 22.11 -34.61 31.34
N ILE H 152 22.70 -34.26 32.48
CA ILE H 152 23.35 -32.96 32.62
C ILE H 152 24.35 -32.77 31.48
N LYS H 153 25.22 -33.76 31.29
CA LYS H 153 26.23 -33.71 30.23
C LYS H 153 25.57 -33.33 28.92
N LEU H 154 24.54 -34.09 28.57
CA LEU H 154 23.80 -33.89 27.34
C LEU H 154 23.13 -32.52 27.26
N ALA H 155 22.38 -32.14 28.29
CA ALA H 155 21.71 -30.85 28.28
C ALA H 155 22.76 -29.77 28.20
N SER H 156 23.81 -29.91 29.00
CA SER H 156 24.90 -28.95 29.05
C SER H 156 25.56 -28.80 27.67
N ASP H 157 25.79 -29.93 27.02
CA ASP H 157 26.40 -29.92 25.69
C ASP H 157 25.50 -29.21 24.69
N ALA H 158 24.21 -29.49 24.75
CA ALA H 158 23.26 -28.85 23.84
C ALA H 158 23.32 -27.33 23.91
N ILE H 159 23.32 -26.79 25.14
CA ILE H 159 23.38 -25.33 25.28
C ILE H 159 24.68 -24.82 24.66
N GLN H 160 25.79 -25.47 24.96
CA GLN H 160 27.07 -25.06 24.40
C GLN H 160 26.99 -24.97 22.87
N ALA H 161 26.19 -25.84 22.26
CA ALA H 161 26.04 -25.85 20.81
C ALA H 161 25.55 -24.47 20.37
N GLY H 162 24.52 -23.99 21.06
CA GLY H 162 23.97 -22.69 20.77
C GLY H 162 24.92 -21.57 21.15
N ILE H 163 25.62 -21.72 22.25
CA ILE H 163 26.54 -20.68 22.67
C ILE H 163 27.53 -20.37 21.54
N TRP H 164 28.30 -21.39 21.15
CA TRP H 164 29.31 -21.26 20.12
C TRP H 164 28.78 -20.96 18.72
N ASN H 165 27.84 -21.76 18.25
CA ASN H 165 27.29 -21.59 16.90
C ASN H 165 26.17 -20.57 16.66
N ASP H 166 25.50 -20.14 17.72
CA ASP H 166 24.43 -19.16 17.58
C ASP H 166 24.86 -17.80 18.11
N LEU H 167 24.62 -16.77 17.30
CA LEU H 167 25.00 -15.41 17.66
C LEU H 167 24.07 -14.81 18.72
N GLY H 168 22.88 -15.38 18.85
CA GLY H 168 21.95 -14.87 19.83
C GLY H 168 22.13 -15.49 21.19
N SER H 169 23.04 -16.46 21.27
CA SER H 169 23.32 -17.16 22.52
C SER H 169 24.80 -17.10 22.85
N GLY H 170 25.10 -17.14 24.15
CA GLY H 170 26.48 -17.09 24.60
C GLY H 170 26.67 -17.05 26.10
N SER H 171 27.90 -16.71 26.52
CA SER H 171 28.27 -16.61 27.91
C SER H 171 28.30 -17.90 28.71
N ASN H 172 27.41 -18.02 29.69
CA ASN H 172 27.39 -19.20 30.55
C ASN H 172 26.24 -20.17 30.39
N VAL H 173 26.33 -21.29 31.09
CA VAL H 173 25.31 -22.34 31.06
C VAL H 173 24.63 -22.53 32.41
N ASP H 174 23.33 -22.28 32.49
CA ASP H 174 22.58 -22.48 33.72
C ASP H 174 21.84 -23.80 33.59
N VAL H 175 21.74 -24.52 34.71
CA VAL H 175 21.07 -25.82 34.72
C VAL H 175 20.26 -26.03 35.99
N CYS H 176 19.16 -26.76 35.85
CA CYS H 176 18.33 -27.08 36.99
C CYS H 176 17.89 -28.52 36.87
N VAL H 177 18.14 -29.29 37.93
CA VAL H 177 17.80 -30.69 37.95
C VAL H 177 16.66 -30.99 38.92
N MET H 178 15.67 -31.72 38.44
CA MET H 178 14.54 -32.08 39.26
C MET H 178 14.42 -33.59 39.27
N GLU H 179 14.89 -34.21 40.36
CA GLU H 179 14.84 -35.67 40.47
C GLU H 179 13.62 -36.08 41.31
N ILE H 180 12.95 -37.15 40.91
CA ILE H 180 11.74 -37.60 41.57
C ILE H 180 11.74 -37.67 43.10
N GLY H 181 12.81 -38.15 43.69
CA GLY H 181 12.78 -38.24 45.15
C GLY H 181 13.39 -37.09 45.93
N LYS H 182 14.31 -36.37 45.30
CA LYS H 182 15.01 -35.30 45.99
C LYS H 182 14.49 -33.87 45.78
N ASP H 183 15.26 -32.90 46.29
CA ASP H 183 14.94 -31.48 46.14
C ASP H 183 15.38 -31.10 44.74
N ALA H 184 14.77 -30.06 44.18
CA ALA H 184 15.17 -29.61 42.87
C ALA H 184 16.46 -28.82 43.08
N GLU H 185 17.47 -29.05 42.26
CA GLU H 185 18.70 -28.28 42.44
C GLU H 185 19.05 -27.38 41.27
N TYR H 186 19.08 -26.09 41.59
CA TYR H 186 19.37 -25.04 40.64
C TYR H 186 20.85 -24.71 40.60
N LEU H 187 21.49 -25.07 39.49
CA LEU H 187 22.89 -24.81 39.31
C LEU H 187 23.09 -23.60 38.40
N ARG H 188 23.19 -22.42 39.01
CA ARG H 188 23.41 -21.19 38.27
C ARG H 188 24.87 -21.16 37.83
N ASN H 189 25.12 -20.77 36.58
CA ASN H 189 26.47 -20.72 36.05
C ASN H 189 27.17 -22.05 36.28
N TYR H 190 26.48 -23.13 35.93
CA TYR H 190 27.00 -24.48 36.06
C TYR H 190 28.26 -24.59 35.22
N LEU H 191 28.36 -23.71 34.22
CA LEU H 191 29.50 -23.66 33.31
C LEU H 191 29.79 -22.21 32.91
N THR H 192 31.06 -21.83 32.97
CA THR H 192 31.48 -20.49 32.59
C THR H 192 32.70 -20.63 31.67
N PRO H 193 32.48 -21.01 30.40
CA PRO H 193 33.54 -21.20 29.41
C PRO H 193 33.89 -19.95 28.60
N ASN H 194 33.44 -18.80 29.09
CA ASN H 194 33.71 -17.53 28.39
C ASN H 194 34.24 -16.42 29.28
N VAL H 195 35.36 -16.66 29.94
CA VAL H 195 35.96 -15.68 30.82
C VAL H 195 36.82 -14.72 29.98
N ARG H 196 36.47 -13.43 29.99
CA ARG H 196 37.22 -12.44 29.22
C ARG H 196 38.67 -12.35 29.68
N GLU H 197 39.60 -12.42 28.72
CA GLU H 197 41.03 -12.36 29.01
C GLU H 197 41.40 -11.01 29.61
N GLU H 198 42.43 -10.99 30.45
CA GLU H 198 42.85 -9.75 31.08
C GLU H 198 43.16 -8.70 30.02
N LYS H 199 42.75 -7.46 30.28
CA LYS H 199 43.01 -6.41 29.32
C LYS H 199 44.49 -6.14 29.19
N GLN H 200 44.85 -5.43 28.13
CA GLN H 200 46.24 -5.12 27.83
C GLN H 200 46.78 -3.92 28.59
N LYS H 201 45.89 -3.17 29.23
CA LYS H 201 46.30 -1.96 29.94
C LYS H 201 45.25 -1.58 30.99
N SER H 202 45.60 -0.71 31.93
CA SER H 202 44.63 -0.29 32.94
C SER H 202 44.19 1.13 32.59
N TYR H 203 42.89 1.37 32.56
CA TYR H 203 42.36 2.67 32.20
C TYR H 203 41.96 3.51 33.39
N LYS H 204 42.56 3.19 34.52
CA LYS H 204 42.32 3.90 35.75
C LYS H 204 42.89 5.32 35.58
N PHE H 205 42.02 6.32 35.62
CA PHE H 205 42.42 7.72 35.43
C PHE H 205 43.05 8.33 36.68
N PRO H 206 43.92 9.34 36.49
CA PRO H 206 44.55 9.98 37.66
C PRO H 206 43.53 11.00 38.19
N ARG H 207 43.30 10.99 39.50
CA ARG H 207 42.33 11.90 40.09
C ARG H 207 42.52 13.37 39.74
N GLY H 208 41.42 14.01 39.35
CA GLY H 208 41.47 15.41 38.97
C GLY H 208 41.40 15.51 37.47
N THR H 209 41.33 14.36 36.81
CA THR H 209 41.27 14.33 35.35
C THR H 209 40.02 14.96 34.79
N THR H 210 38.91 14.84 35.50
CA THR H 210 37.64 15.39 35.04
C THR H 210 37.42 16.81 35.50
N ALA H 211 36.93 17.66 34.60
CA ALA H 211 36.65 19.05 34.91
C ALA H 211 35.30 19.17 35.61
N VAL H 212 35.29 19.79 36.78
CA VAL H 212 34.06 19.97 37.57
C VAL H 212 33.68 21.44 37.68
N LEU H 213 32.38 21.74 37.59
CA LEU H 213 31.89 23.11 37.68
C LEU H 213 31.34 23.46 39.05
N LYS H 214 30.46 22.61 39.56
CA LYS H 214 29.85 22.83 40.85
C LYS H 214 29.91 21.54 41.65
N GLU H 215 29.81 21.64 42.98
CA GLU H 215 29.89 20.45 43.81
C GLU H 215 29.00 20.68 45.04
N SER H 216 28.19 19.69 45.38
CA SER H 216 27.30 19.82 46.54
C SER H 216 26.97 18.49 47.19
N ILE H 217 26.45 18.56 48.41
CA ILE H 217 26.07 17.37 49.16
C ILE H 217 24.59 17.17 48.95
N VAL H 218 24.17 15.93 48.75
CA VAL H 218 22.76 15.65 48.54
C VAL H 218 22.11 15.21 49.83
N ASN H 219 20.96 15.78 50.15
CA ASN H 219 20.26 15.45 51.36
C ASN H 219 19.34 14.24 51.23
N ILE H 220 19.75 13.13 51.84
CA ILE H 220 18.98 11.89 51.83
C ILE H 220 17.99 11.88 52.99
N CYS H 221 18.50 12.18 54.18
CA CYS H 221 17.69 12.22 55.40
C CYS H 221 16.44 13.07 55.31
N ASP H 222 15.45 12.73 56.14
CA ASP H 222 14.18 13.43 56.17
C ASP H 222 13.99 14.39 57.36
N SER I 1 9.95 9.83 15.13
CA SER I 1 8.85 8.83 15.08
C SER I 1 9.08 7.73 16.11
N ASP I 2 10.29 7.67 16.65
CA ASP I 2 10.63 6.71 17.69
C ASP I 2 10.66 7.52 18.97
N PRO I 3 9.64 7.37 19.82
CA PRO I 3 9.56 8.12 21.08
C PRO I 3 10.85 8.09 21.87
N SER I 4 11.60 7.00 21.72
CA SER I 4 12.86 6.83 22.44
C SER I 4 14.00 7.70 21.94
N SER I 5 13.77 8.39 20.84
CA SER I 5 14.83 9.23 20.28
C SER I 5 14.38 10.65 19.92
N ILE I 6 13.37 11.17 20.60
CA ILE I 6 12.90 12.50 20.29
C ILE I 6 13.61 13.54 21.13
N ASN I 7 13.71 13.26 22.43
CA ASN I 7 14.33 14.17 23.37
C ASN I 7 15.80 13.88 23.67
N GLY I 8 16.24 12.66 23.36
CA GLY I 8 17.62 12.26 23.59
C GLY I 8 17.99 12.19 25.05
N GLY I 9 19.28 11.98 25.32
CA GLY I 9 19.72 11.91 26.71
C GLY I 9 20.23 10.54 27.12
N ILE I 10 21.12 10.51 28.10
CA ILE I 10 21.67 9.26 28.59
C ILE I 10 21.81 9.20 30.10
N VAL I 11 21.98 7.97 30.61
CA VAL I 11 22.16 7.70 32.04
C VAL I 11 23.06 6.49 32.17
N VAL I 12 23.84 6.44 33.25
CA VAL I 12 24.74 5.31 33.46
C VAL I 12 25.03 5.12 34.96
N ALA I 13 25.00 3.87 35.41
CA ALA I 13 25.28 3.55 36.80
C ALA I 13 26.42 2.55 36.86
N MET I 14 27.19 2.61 37.94
CA MET I 14 28.31 1.72 38.14
C MET I 14 28.48 1.38 39.62
N THR I 15 29.15 0.26 39.90
CA THR I 15 29.42 -0.14 41.27
C THR I 15 30.89 -0.02 41.62
N GLY I 16 31.15 0.23 42.89
CA GLY I 16 32.52 0.37 43.35
C GLY I 16 32.65 -0.23 44.73
N LYS I 17 33.78 0.00 45.36
CA LYS I 17 34.02 -0.54 46.69
C LYS I 17 33.13 0.22 47.67
N ASP I 18 32.12 -0.47 48.19
CA ASP I 18 31.20 0.12 49.15
C ASP I 18 30.53 1.39 48.66
N CYS I 19 30.28 1.47 47.36
CA CYS I 19 29.64 2.67 46.80
C CYS I 19 29.09 2.40 45.40
N VAL I 20 28.26 3.31 44.92
CA VAL I 20 27.68 3.23 43.58
C VAL I 20 27.69 4.62 42.99
N ALA I 21 27.61 4.71 41.67
CA ALA I 21 27.60 5.99 40.98
C ALA I 21 26.55 5.98 39.88
N ILE I 22 25.83 7.09 39.73
CA ILE I 22 24.79 7.23 38.71
C ILE I 22 24.99 8.59 38.04
N ALA I 23 25.06 8.62 36.72
CA ALA I 23 25.27 9.88 36.01
C ALA I 23 24.39 10.07 34.76
N CYS I 24 24.15 11.32 34.39
CA CYS I 24 23.34 11.61 33.23
C CYS I 24 23.74 12.93 32.57
N ASP I 25 23.33 13.10 31.31
CA ASP I 25 23.61 14.34 30.58
C ASP I 25 22.45 15.27 30.96
N LEU I 26 22.45 16.48 30.45
CA LEU I 26 21.39 17.40 30.81
C LEU I 26 20.56 17.86 29.63
N ARG I 27 20.77 17.27 28.47
CA ARG I 27 20.04 17.70 27.29
C ARG I 27 18.61 17.23 27.17
N LEU I 28 17.80 18.11 26.61
CA LEU I 28 16.39 17.85 26.31
C LEU I 28 16.20 18.60 25.00
N GLY I 29 15.99 17.87 23.92
CA GLY I 29 15.80 18.54 22.67
C GLY I 29 14.49 18.10 22.05
N SER I 30 14.30 18.47 20.80
CA SER I 30 13.12 18.08 20.05
C SER I 30 13.69 17.82 18.67
N GLN I 31 14.10 16.57 18.45
CA GLN I 31 14.71 16.16 17.21
C GLN I 31 16.04 16.90 17.18
N SER I 32 16.32 17.64 16.11
CA SER I 32 17.59 18.33 16.02
C SER I 32 17.72 19.56 16.91
N LEU I 33 16.59 20.18 17.26
CA LEU I 33 16.60 21.39 18.08
C LEU I 33 16.81 21.19 19.57
N GLY I 34 17.87 21.79 20.12
CA GLY I 34 18.12 21.68 21.55
C GLY I 34 17.14 22.59 22.29
N VAL I 35 16.51 22.10 23.36
CA VAL I 35 15.55 22.92 24.08
C VAL I 35 15.95 23.31 25.50
N SER I 36 16.54 22.38 26.24
CA SER I 36 16.97 22.67 27.60
C SER I 36 18.26 21.99 27.95
N ASN I 37 19.14 22.72 28.64
CA ASN I 37 20.43 22.24 29.08
C ASN I 37 20.34 21.97 30.58
N LYS I 38 19.12 21.84 31.07
CA LYS I 38 18.92 21.64 32.49
C LYS I 38 18.00 20.49 32.84
N PHE I 39 17.73 19.63 31.86
CA PHE I 39 16.84 18.52 32.12
C PHE I 39 17.61 17.40 32.78
N GLU I 40 17.60 17.36 34.11
CA GLU I 40 18.30 16.31 34.82
C GLU I 40 17.47 15.04 34.70
N LYS I 41 18.14 13.90 34.68
CA LYS I 41 17.42 12.66 34.52
C LYS I 41 17.59 11.72 35.71
N ILE I 42 18.14 12.25 36.80
CA ILE I 42 18.35 11.47 38.01
C ILE I 42 17.44 12.01 39.10
N PHE I 43 16.73 11.12 39.78
CA PHE I 43 15.84 11.49 40.88
C PHE I 43 16.11 10.52 42.00
N HIS I 44 15.67 10.85 43.20
CA HIS I 44 15.88 9.96 44.31
C HIS I 44 14.69 9.95 45.25
N TYR I 45 14.48 8.81 45.89
CA TYR I 45 13.40 8.63 46.85
C TYR I 45 14.09 8.02 48.05
N GLY I 46 14.39 8.87 49.03
CA GLY I 46 15.09 8.40 50.19
C GLY I 46 16.51 8.22 49.72
N HIS I 47 17.10 7.06 49.98
CA HIS I 47 18.46 6.80 49.55
C HIS I 47 18.51 6.05 48.24
N VAL I 48 17.35 5.84 47.61
CA VAL I 48 17.31 5.13 46.34
C VAL I 48 17.29 6.10 45.16
N PHE I 49 18.17 5.87 44.18
CA PHE I 49 18.25 6.74 43.02
C PHE I 49 17.77 6.12 41.76
N LEU I 50 17.06 6.92 40.98
CA LEU I 50 16.49 6.46 39.73
C LEU I 50 16.80 7.40 38.59
N GLY I 51 17.34 6.84 37.51
CA GLY I 51 17.65 7.62 36.32
C GLY I 51 16.65 7.16 35.26
N ILE I 52 16.15 8.08 34.45
CA ILE I 52 15.19 7.69 33.42
C ILE I 52 15.48 8.39 32.09
N THR I 53 15.87 7.62 31.07
CA THR I 53 16.12 8.19 29.74
C THR I 53 14.88 7.85 28.92
N GLY I 54 14.71 8.51 27.77
CA GLY I 54 13.55 8.23 26.94
C GLY I 54 12.71 9.44 26.64
N LEU I 55 11.43 9.24 26.37
CA LEU I 55 10.49 10.32 26.08
C LEU I 55 10.36 11.17 27.35
N ALA I 56 10.71 12.46 27.26
CA ALA I 56 10.68 13.36 28.42
C ALA I 56 9.37 13.41 29.21
N THR I 57 8.23 13.46 28.52
CA THR I 57 6.96 13.51 29.23
C THR I 57 6.82 12.29 30.15
N ASP I 58 7.28 11.13 29.67
CA ASP I 58 7.22 9.88 30.43
C ASP I 58 8.22 9.87 31.56
N VAL I 59 9.40 10.42 31.32
CA VAL I 59 10.42 10.50 32.36
C VAL I 59 9.81 11.28 33.51
N THR I 60 9.25 12.45 33.18
CA THR I 60 8.60 13.30 34.16
C THR I 60 7.47 12.54 34.88
N THR I 61 6.60 11.92 34.12
CA THR I 61 5.48 11.18 34.70
C THR I 61 5.92 10.07 35.64
N LEU I 62 6.90 9.27 35.24
CA LEU I 62 7.34 8.17 36.09
C LEU I 62 7.93 8.66 37.39
N ASN I 63 8.71 9.74 37.31
CA ASN I 63 9.29 10.30 38.51
C ASN I 63 8.18 10.69 39.46
N GLU I 64 7.17 11.40 38.93
CA GLU I 64 6.02 11.82 39.71
C GLU I 64 5.27 10.61 40.26
N MET I 65 5.23 9.53 39.49
CA MET I 65 4.57 8.32 39.92
C MET I 65 5.32 7.65 41.08
N PHE I 66 6.61 7.41 40.91
CA PHE I 66 7.37 6.77 41.97
C PHE I 66 7.48 7.61 43.25
N ARG I 67 7.44 8.93 43.13
CA ARG I 67 7.49 9.76 44.33
C ARG I 67 6.24 9.33 45.10
N TYR I 68 5.11 9.45 44.42
CA TYR I 68 3.80 9.08 44.94
C TYR I 68 3.82 7.68 45.58
N LYS I 69 4.27 6.68 44.84
CA LYS I 69 4.31 5.30 45.36
C LYS I 69 5.24 5.08 46.54
N THR I 70 6.45 5.66 46.49
CA THR I 70 7.39 5.49 47.59
C THR I 70 6.97 6.25 48.83
N ASN I 71 6.20 7.31 48.63
CA ASN I 71 5.72 8.11 49.74
C ASN I 71 4.74 7.27 50.55
N LEU I 72 3.75 6.72 49.87
CA LEU I 72 2.75 5.88 50.50
C LEU I 72 3.40 4.64 51.08
N TYR I 73 4.49 4.19 50.46
CA TYR I 73 5.19 3.02 50.93
C TYR I 73 5.80 3.32 52.29
N LYS I 74 6.51 4.43 52.36
CA LYS I 74 7.16 4.86 53.58
C LYS I 74 6.16 5.00 54.73
N LEU I 75 4.99 5.56 54.43
CA LEU I 75 3.95 5.78 55.43
C LEU I 75 3.40 4.48 56.02
N LYS I 76 3.37 3.42 55.22
CA LYS I 76 2.84 2.16 55.67
C LYS I 76 3.91 1.27 56.30
N GLU I 77 5.02 1.13 55.60
CA GLU I 77 6.10 0.29 56.09
C GLU I 77 6.86 0.97 57.22
N GLU I 78 6.69 2.29 57.34
CA GLU I 78 7.38 3.07 58.35
C GLU I 78 8.88 2.92 58.26
N ARG I 79 9.37 2.86 57.03
CA ARG I 79 10.79 2.75 56.75
C ARG I 79 10.91 3.10 55.27
N ALA I 80 12.10 3.49 54.84
CA ALA I 80 12.31 3.86 53.44
C ALA I 80 12.56 2.66 52.55
N ILE I 81 12.00 2.73 51.35
CA ILE I 81 12.12 1.67 50.34
C ILE I 81 13.62 1.39 50.03
N GLU I 82 13.96 0.12 49.76
CA GLU I 82 15.33 -0.27 49.44
C GLU I 82 15.53 -0.44 47.94
N PRO I 83 16.79 -0.39 47.48
CA PRO I 83 17.06 -0.54 46.05
C PRO I 83 16.37 -1.76 45.45
N GLU I 84 16.63 -2.93 46.03
CA GLU I 84 16.05 -4.17 45.57
C GLU I 84 14.54 -4.12 45.48
N THR I 85 13.88 -3.75 46.58
CA THR I 85 12.42 -3.68 46.58
C THR I 85 11.94 -2.65 45.56
N PHE I 86 12.64 -1.54 45.46
CA PHE I 86 12.22 -0.49 44.53
C PHE I 86 12.26 -1.04 43.11
N THR I 87 13.37 -1.70 42.78
CA THR I 87 13.54 -2.28 41.46
C THR I 87 12.31 -3.12 41.12
N GLN I 88 11.93 -3.99 42.05
CA GLN I 88 10.77 -4.84 41.86
C GLN I 88 9.53 -4.01 41.58
N LEU I 89 9.46 -2.82 42.18
CA LEU I 89 8.31 -1.94 42.00
C LEU I 89 8.33 -1.29 40.60
N VAL I 90 9.49 -0.78 40.23
CA VAL I 90 9.64 -0.15 38.91
C VAL I 90 9.22 -1.17 37.84
N SER I 91 9.69 -2.40 38.02
CA SER I 91 9.39 -3.49 37.12
C SER I 91 7.90 -3.81 37.00
N SER I 92 7.25 -4.03 38.13
CA SER I 92 5.84 -4.34 38.08
C SER I 92 5.06 -3.15 37.57
N SER I 93 5.50 -1.94 37.90
CA SER I 93 4.81 -0.75 37.46
C SER I 93 4.89 -0.60 35.95
N LEU I 94 6.03 -0.92 35.37
CA LEU I 94 6.17 -0.79 33.93
C LEU I 94 5.37 -1.85 33.18
N TYR I 95 5.46 -3.10 33.63
CA TYR I 95 4.76 -4.20 32.96
C TYR I 95 3.26 -4.02 33.01
N GLU I 96 2.80 -3.19 33.92
CA GLU I 96 1.38 -2.97 34.04
C GLU I 96 0.83 -2.30 32.79
N ARG I 97 1.72 -1.65 32.04
CA ARG I 97 1.38 -0.96 30.82
C ARG I 97 1.96 -1.75 29.66
N ARG I 98 2.02 -3.05 29.82
CA ARG I 98 2.58 -3.94 28.80
C ARG I 98 2.17 -3.64 27.35
N PHE I 99 0.93 -3.23 27.14
CA PHE I 99 0.51 -2.97 25.77
C PHE I 99 0.24 -1.50 25.45
N GLY I 100 1.08 -0.65 25.99
CA GLY I 100 1.00 0.79 25.79
C GLY I 100 1.95 1.33 26.81
N PRO I 101 3.21 0.89 26.76
CA PRO I 101 4.31 1.24 27.65
C PRO I 101 4.78 2.66 27.66
N TYR I 102 5.55 2.95 28.70
CA TYR I 102 6.18 4.24 28.87
C TYR I 102 7.47 4.05 28.09
N PHE I 103 7.80 5.00 27.23
CA PHE I 103 9.01 4.91 26.43
C PHE I 103 10.17 5.44 27.22
N VAL I 104 10.68 4.60 28.11
CA VAL I 104 11.75 4.99 28.98
C VAL I 104 12.72 3.85 29.20
N GLY I 105 13.92 4.21 29.68
CA GLY I 105 14.94 3.24 29.97
C GLY I 105 15.41 3.55 31.38
N PRO I 106 14.73 3.01 32.39
CA PRO I 106 15.05 3.22 33.81
C PRO I 106 16.37 2.61 34.30
N VAL I 107 16.94 3.23 35.32
CA VAL I 107 18.18 2.78 35.94
C VAL I 107 18.11 3.03 37.44
N VAL I 108 18.29 1.98 38.24
CA VAL I 108 18.24 2.11 39.68
C VAL I 108 19.62 1.95 40.28
N ALA I 109 19.94 2.80 41.25
CA ALA I 109 21.23 2.76 41.94
C ALA I 109 21.04 3.12 43.41
N GLY I 110 21.74 2.42 44.30
CA GLY I 110 21.62 2.69 45.72
C GLY I 110 22.36 1.69 46.57
N ILE I 111 22.46 1.99 47.87
CA ILE I 111 23.14 1.10 48.81
C ILE I 111 22.11 0.61 49.80
N ASN I 112 22.08 -0.69 50.05
CA ASN I 112 21.12 -1.23 51.00
C ASN I 112 21.47 -0.73 52.39
N SER I 113 20.53 -0.05 53.02
CA SER I 113 20.78 0.51 54.35
C SER I 113 21.13 -0.54 55.39
N LYS I 114 20.64 -1.76 55.22
CA LYS I 114 20.92 -2.80 56.20
C LYS I 114 22.12 -3.69 55.88
N SER I 115 22.23 -4.15 54.62
CA SER I 115 23.34 -5.00 54.22
C SER I 115 24.58 -4.20 53.82
N GLY I 116 24.38 -2.95 53.44
CA GLY I 116 25.49 -2.11 53.02
C GLY I 116 26.00 -2.46 51.63
N LYS I 117 25.36 -3.46 51.02
CA LYS I 117 25.74 -3.93 49.69
C LYS I 117 25.31 -2.98 48.57
N PRO I 118 26.24 -2.66 47.64
CA PRO I 118 25.93 -1.77 46.52
C PRO I 118 24.99 -2.46 45.55
N PHE I 119 24.10 -1.69 44.95
CA PHE I 119 23.11 -2.23 44.02
C PHE I 119 22.78 -1.31 42.84
N ILE I 120 22.68 -1.91 41.65
CA ILE I 120 22.34 -1.18 40.44
C ILE I 120 21.54 -2.13 39.57
N ALA I 121 20.65 -1.56 38.74
CA ALA I 121 19.83 -2.34 37.83
C ALA I 121 19.22 -1.48 36.73
N GLY I 122 18.85 -2.13 35.63
CA GLY I 122 18.25 -1.42 34.52
C GLY I 122 17.06 -2.21 34.01
N PHE I 123 16.16 -1.56 33.28
CA PHE I 123 14.97 -2.24 32.76
C PHE I 123 14.65 -1.76 31.36
N ASP I 124 13.89 -2.55 30.61
CA ASP I 124 13.46 -2.13 29.28
C ASP I 124 12.09 -1.46 29.48
N LEU I 125 11.58 -0.79 28.46
CA LEU I 125 10.32 -0.09 28.59
C LEU I 125 9.19 -0.92 29.17
N ILE I 126 9.28 -2.24 29.11
CA ILE I 126 8.21 -3.02 29.71
C ILE I 126 8.52 -3.70 31.03
N GLY I 127 9.59 -3.29 31.69
CA GLY I 127 9.87 -3.86 32.99
C GLY I 127 10.86 -5.00 33.18
N CYS I 128 11.35 -5.61 32.12
CA CYS I 128 12.30 -6.69 32.32
C CYS I 128 13.49 -6.18 33.11
N ILE I 129 13.85 -6.86 34.18
CA ILE I 129 14.96 -6.44 35.02
C ILE I 129 16.33 -7.00 34.67
N ASP I 130 17.32 -6.13 34.64
CA ASP I 130 18.71 -6.52 34.35
C ASP I 130 19.53 -6.14 35.57
N GLU I 131 19.92 -7.13 36.36
CA GLU I 131 20.72 -6.82 37.54
C GLU I 131 22.16 -7.16 37.28
N ALA I 132 22.94 -6.13 37.01
CA ALA I 132 24.35 -6.32 36.72
C ALA I 132 25.18 -5.93 37.91
N LYS I 133 26.38 -6.50 37.98
CA LYS I 133 27.29 -6.23 39.06
C LYS I 133 28.20 -5.06 38.67
N ASP I 134 28.51 -4.95 37.39
CA ASP I 134 29.39 -3.90 36.90
C ASP I 134 28.71 -2.57 36.61
N PHE I 135 28.00 -2.50 35.48
CA PHE I 135 27.36 -1.25 35.08
C PHE I 135 26.10 -1.44 34.25
N ILE I 136 25.31 -0.37 34.18
CA ILE I 136 24.06 -0.32 33.41
C ILE I 136 24.07 0.97 32.60
N VAL I 137 23.66 0.88 31.34
CA VAL I 137 23.61 2.06 30.48
C VAL I 137 22.22 2.21 29.88
N SER I 138 21.88 3.43 29.50
CA SER I 138 20.57 3.70 28.95
C SER I 138 20.60 5.02 28.19
N GLY I 139 19.78 5.14 27.15
CA GLY I 139 19.76 6.38 26.40
C GLY I 139 20.10 6.26 24.92
N THR I 140 20.12 7.39 24.24
CA THR I 140 20.40 7.44 22.81
C THR I 140 21.86 7.17 22.45
N ALA I 141 22.73 7.08 23.46
CA ALA I 141 24.15 6.81 23.24
C ALA I 141 24.58 5.58 24.03
N SER I 142 23.66 4.64 24.18
CA SER I 142 23.89 3.40 24.93
C SER I 142 24.97 2.52 24.32
N ASP I 143 25.08 2.49 23.00
CA ASP I 143 26.10 1.68 22.37
C ASP I 143 27.47 2.26 22.74
N GLN I 144 27.59 3.57 22.60
CA GLN I 144 28.81 4.29 22.93
C GLN I 144 29.13 4.06 24.40
N LEU I 145 28.11 4.11 25.24
CA LEU I 145 28.30 3.89 26.67
C LEU I 145 28.78 2.47 26.94
N PHE I 146 28.25 1.51 26.19
CA PHE I 146 28.63 0.12 26.35
C PHE I 146 30.10 -0.01 26.01
N GLY I 147 30.49 0.70 24.96
CA GLY I 147 31.87 0.65 24.56
C GLY I 147 32.75 1.27 25.63
N MET I 148 32.37 2.45 26.10
CA MET I 148 33.17 3.10 27.12
C MET I 148 33.31 2.18 28.32
N CYS I 149 32.20 1.90 28.98
CA CYS I 149 32.20 1.05 30.17
C CYS I 149 32.96 -0.26 30.02
N GLU I 150 32.73 -0.96 28.92
CA GLU I 150 33.38 -2.25 28.73
C GLU I 150 34.89 -2.17 28.91
N SER I 151 35.51 -1.10 28.42
CA SER I 151 36.96 -0.96 28.53
C SER I 151 37.36 -0.21 29.80
N LEU I 152 36.79 0.96 30.00
CA LEU I 152 37.10 1.80 31.14
C LEU I 152 36.85 1.20 32.52
N TYR I 153 35.88 0.30 32.62
CA TYR I 153 35.53 -0.27 33.91
C TYR I 153 36.40 -1.36 34.52
N GLU I 154 36.46 -1.35 35.85
CA GLU I 154 37.15 -2.35 36.65
C GLU I 154 36.50 -2.35 38.05
N PRO I 155 36.42 -3.53 38.69
CA PRO I 155 35.83 -3.77 40.01
C PRO I 155 36.40 -3.04 41.21
N ASN I 156 35.55 -2.89 42.22
CA ASN I 156 35.93 -2.27 43.47
C ASN I 156 36.70 -0.95 43.45
N LEU I 157 36.33 -0.06 42.55
CA LEU I 157 37.01 1.22 42.52
C LEU I 157 36.55 2.04 43.72
N GLU I 158 37.44 2.85 44.27
CA GLU I 158 37.09 3.69 45.41
C GLU I 158 36.23 4.83 44.88
N PRO I 159 35.47 5.49 45.76
CA PRO I 159 34.61 6.61 45.34
C PRO I 159 35.28 7.67 44.48
N GLU I 160 36.51 8.05 44.82
CA GLU I 160 37.22 9.08 44.05
C GLU I 160 37.66 8.59 42.69
N ASP I 161 37.85 7.28 42.58
CA ASP I 161 38.25 6.66 41.34
C ASP I 161 37.04 6.41 40.46
N LEU I 162 36.01 5.77 41.03
CA LEU I 162 34.81 5.48 40.28
C LEU I 162 34.27 6.74 39.64
N PHE I 163 34.37 7.85 40.37
CA PHE I 163 33.89 9.11 39.83
C PHE I 163 34.55 9.45 38.51
N GLU I 164 35.87 9.43 38.50
CA GLU I 164 36.63 9.74 37.29
C GLU I 164 36.17 8.81 36.19
N THR I 165 36.14 7.52 36.49
CA THR I 165 35.73 6.53 35.50
C THR I 165 34.34 6.76 34.93
N ILE I 166 33.34 6.83 35.79
CA ILE I 166 31.99 7.03 35.31
C ILE I 166 31.87 8.32 34.52
N SER I 167 32.58 9.37 34.95
CA SER I 167 32.52 10.67 34.28
C SER I 167 33.07 10.61 32.88
N GLN I 168 34.19 9.92 32.73
CA GLN I 168 34.82 9.79 31.43
C GLN I 168 33.97 8.92 30.52
N ALA I 169 33.24 7.98 31.12
CA ALA I 169 32.39 7.09 30.37
C ALA I 169 31.26 7.90 29.78
N LEU I 170 30.53 8.59 30.66
CA LEU I 170 29.42 9.43 30.24
C LEU I 170 29.86 10.48 29.23
N LEU I 171 30.85 11.27 29.63
CA LEU I 171 31.40 12.35 28.83
C LEU I 171 31.81 12.02 27.39
N ASN I 172 32.56 10.95 27.21
CA ASN I 172 33.00 10.59 25.88
C ASN I 172 31.93 9.96 25.03
N ALA I 173 31.00 9.26 25.67
CA ALA I 173 29.90 8.65 24.94
C ALA I 173 29.00 9.78 24.44
N ALA I 174 28.70 10.73 25.31
CA ALA I 174 27.84 11.85 24.98
C ALA I 174 28.38 12.72 23.84
N ASP I 175 29.70 12.80 23.75
CA ASP I 175 30.28 13.63 22.72
C ASP I 175 30.16 12.99 21.37
N ARG I 176 29.85 11.69 21.35
CA ARG I 176 29.67 10.94 20.10
C ARG I 176 28.19 10.71 19.76
N ASP I 177 27.32 11.33 20.54
CA ASP I 177 25.90 11.23 20.32
C ASP I 177 25.38 12.64 20.07
N ALA I 178 24.68 12.81 18.95
CA ALA I 178 24.13 14.09 18.55
C ALA I 178 23.03 14.59 19.47
N LEU I 179 22.27 13.65 20.05
CA LEU I 179 21.17 14.01 20.93
C LEU I 179 21.50 14.04 22.42
N SER I 180 22.77 13.87 22.77
CA SER I 180 23.18 13.92 24.17
C SER I 180 24.23 14.99 24.45
N GLY I 181 24.33 15.41 25.70
CA GLY I 181 25.29 16.43 26.08
C GLY I 181 24.66 17.66 26.72
N TRP I 182 25.23 18.84 26.45
CA TRP I 182 24.74 20.09 27.01
C TRP I 182 24.78 20.09 28.53
N GLY I 183 25.80 19.44 29.08
CA GLY I 183 25.92 19.38 30.52
C GLY I 183 25.82 17.95 30.98
N ALA I 184 26.19 17.71 32.23
CA ALA I 184 26.15 16.37 32.79
C ALA I 184 26.32 16.50 34.30
N VAL I 185 25.65 15.63 35.03
CA VAL I 185 25.75 15.62 36.48
C VAL I 185 26.05 14.20 36.93
N VAL I 186 26.96 14.07 37.90
CA VAL I 186 27.34 12.76 38.41
C VAL I 186 27.06 12.65 39.90
N TYR I 187 26.60 11.49 40.32
CA TYR I 187 26.27 11.22 41.72
C TYR I 187 27.15 10.10 42.25
N ILE I 188 27.87 10.39 43.35
CA ILE I 188 28.70 9.38 43.99
C ILE I 188 27.99 9.07 45.29
N ILE I 189 27.39 7.88 45.34
CA ILE I 189 26.62 7.44 46.50
C ILE I 189 27.39 6.49 47.41
N LYS I 190 27.35 6.78 48.71
CA LYS I 190 28.00 5.97 49.73
C LYS I 190 26.97 5.67 50.80
N LYS I 191 27.28 4.73 51.69
CA LYS I 191 26.35 4.36 52.77
C LYS I 191 25.82 5.55 53.55
N ASP I 192 26.72 6.44 53.90
CA ASP I 192 26.41 7.62 54.70
C ASP I 192 26.11 8.89 53.93
N GLU I 193 26.97 9.27 52.99
CA GLU I 193 26.76 10.50 52.23
C GLU I 193 26.71 10.33 50.72
N VAL I 194 26.11 11.34 50.07
CA VAL I 194 25.97 11.38 48.62
C VAL I 194 26.43 12.75 48.12
N VAL I 195 27.31 12.73 47.11
CA VAL I 195 27.84 13.95 46.52
C VAL I 195 27.41 14.08 45.07
N LYS I 196 27.01 15.28 44.68
CA LYS I 196 26.56 15.57 43.33
C LYS I 196 27.46 16.62 42.65
N ARG I 197 28.09 16.24 41.53
CA ARG I 197 28.97 17.16 40.81
C ARG I 197 28.54 17.40 39.36
N TYR I 198 28.66 18.65 38.91
CA TYR I 198 28.33 18.99 37.53
C TYR I 198 29.63 19.02 36.76
N LEU I 199 29.65 18.38 35.59
CA LEU I 199 30.85 18.33 34.79
C LEU I 199 30.90 19.42 33.72
N LYS I 200 32.11 19.71 33.23
CA LYS I 200 32.26 20.72 32.18
C LYS I 200 32.51 20.00 30.86
N MET I 201 31.64 20.23 29.88
CA MET I 201 31.76 19.57 28.58
C MET I 201 31.39 20.47 27.42
N ARG I 202 31.69 20.02 26.20
CA ARG I 202 31.36 20.79 25.00
C ARG I 202 29.89 21.17 25.08
N GLN I 203 29.51 22.25 24.44
CA GLN I 203 28.11 22.63 24.46
C GLN I 203 27.54 22.62 23.06
N ASP I 204 27.95 21.64 22.26
CA ASP I 204 27.45 21.52 20.90
C ASP I 204 27.00 20.09 20.60
N MET J 1 2.88 26.70 11.18
CA MET J 1 2.23 26.95 12.49
C MET J 1 2.31 28.45 12.90
N ASP J 2 1.70 28.76 14.04
CA ASP J 2 1.65 30.12 14.56
C ASP J 2 2.86 30.44 15.42
N ILE J 3 3.12 31.73 15.62
CA ILE J 3 4.25 32.14 16.46
C ILE J 3 3.81 32.23 17.90
N ILE J 4 4.65 31.71 18.78
CA ILE J 4 4.39 31.71 20.20
C ILE J 4 5.74 31.93 20.87
N LEU J 5 5.97 33.16 21.33
CA LEU J 5 7.24 33.48 21.96
C LEU J 5 7.06 33.89 23.41
N GLY J 6 8.13 33.72 24.17
CA GLY J 6 8.08 34.09 25.56
C GLY J 6 9.45 34.43 26.11
N ILE J 7 9.50 35.49 26.90
CA ILE J 7 10.77 35.88 27.50
C ILE J 7 10.58 36.40 28.92
N ARG J 8 11.36 35.82 29.81
CA ARG J 8 11.35 36.15 31.22
C ARG J 8 12.50 37.12 31.51
N VAL J 9 12.15 38.36 31.81
CA VAL J 9 13.15 39.37 32.10
C VAL J 9 13.41 39.49 33.60
N GLN J 10 13.65 40.70 34.08
CA GLN J 10 13.93 40.88 35.50
C GLN J 10 12.69 40.81 36.35
N ASP J 11 11.70 41.61 36.02
CA ASP J 11 10.50 41.64 36.84
C ASP J 11 9.22 41.36 36.11
N SER J 12 9.30 40.57 35.04
CA SER J 12 8.10 40.24 34.29
C SER J 12 8.35 39.20 33.21
N VAL J 13 7.26 38.74 32.60
CA VAL J 13 7.33 37.77 31.53
C VAL J 13 6.65 38.40 30.32
N ILE J 14 7.27 38.28 29.15
CA ILE J 14 6.70 38.86 27.94
C ILE J 14 6.24 37.74 27.04
N LEU J 15 5.04 37.83 26.50
CA LEU J 15 4.54 36.81 25.58
C LEU J 15 4.12 37.42 24.25
N ALA J 16 4.80 37.01 23.18
CA ALA J 16 4.48 37.48 21.84
C ALA J 16 3.80 36.33 21.09
N SER J 17 2.64 36.62 20.49
CA SER J 17 1.91 35.59 19.78
C SER J 17 1.35 36.13 18.48
N SER J 18 1.60 35.43 17.37
CA SER J 18 1.13 35.88 16.06
C SER J 18 -0.36 36.12 16.05
N LYS J 19 -0.83 36.92 15.10
CA LYS J 19 -2.24 37.25 15.03
C LYS J 19 -3.00 36.60 13.87
N ALA J 20 -2.27 35.90 13.01
CA ALA J 20 -2.89 35.27 11.86
C ALA J 20 -3.61 33.97 12.15
N VAL J 21 -4.69 33.74 11.41
CA VAL J 21 -5.47 32.53 11.49
C VAL J 21 -5.81 32.14 10.08
N THR J 22 -5.09 31.16 9.55
CA THR J 22 -5.29 30.71 8.18
C THR J 22 -6.08 29.44 8.17
N ARG J 23 -7.02 29.36 7.23
CA ARG J 23 -7.86 28.20 7.04
C ARG J 23 -7.85 27.86 5.57
N GLY J 24 -6.93 26.97 5.19
CA GLY J 24 -6.82 26.57 3.81
C GLY J 24 -6.16 27.59 2.91
N ILE J 25 -6.96 28.15 2.00
CA ILE J 25 -6.50 29.12 1.00
C ILE J 25 -6.42 30.58 1.46
N SER J 26 -7.27 30.96 2.40
CA SER J 26 -7.28 32.33 2.88
C SER J 26 -6.93 32.50 4.33
N VAL J 27 -6.76 33.76 4.70
CA VAL J 27 -6.45 34.14 6.06
C VAL J 27 -7.72 34.75 6.65
N LEU J 28 -8.47 33.93 7.38
CA LEU J 28 -9.72 34.35 8.00
C LEU J 28 -9.64 35.51 8.96
N LYS J 29 -8.54 35.63 9.70
CA LYS J 29 -8.41 36.70 10.66
C LYS J 29 -6.96 37.10 10.82
N ASP J 30 -6.74 38.37 11.10
CA ASP J 30 -5.39 38.93 11.29
C ASP J 30 -5.26 39.62 12.65
N SER J 31 -6.21 39.35 13.53
CA SER J 31 -6.23 39.95 14.85
C SER J 31 -6.54 38.94 15.95
N ASP J 32 -6.11 37.70 15.76
CA ASP J 32 -6.37 36.67 16.74
C ASP J 32 -5.53 36.80 17.99
N ASP J 33 -6.17 36.73 19.14
CA ASP J 33 -5.46 36.81 20.41
C ASP J 33 -5.28 35.39 20.96
N LYS J 34 -4.14 34.79 20.67
CA LYS J 34 -3.88 33.42 21.08
C LYS J 34 -3.45 33.27 22.53
N THR J 35 -4.25 33.83 23.43
CA THR J 35 -3.94 33.76 24.86
C THR J 35 -5.17 33.80 25.77
N ARG J 36 -5.03 33.29 26.99
CA ARG J 36 -6.10 33.31 28.00
C ARG J 36 -5.47 33.68 29.34
N GLN J 37 -6.25 34.34 30.19
CA GLN J 37 -5.76 34.71 31.51
C GLN J 37 -6.26 33.66 32.49
N LEU J 38 -5.35 32.87 33.04
CA LEU J 38 -5.75 31.82 33.97
C LEU J 38 -6.07 32.38 35.36
N SER J 39 -5.32 33.38 35.78
CA SER J 39 -5.54 34.02 37.07
C SER J 39 -5.01 35.43 36.91
N PRO J 40 -5.25 36.32 37.87
CA PRO J 40 -4.77 37.68 37.75
C PRO J 40 -3.27 37.87 37.48
N HIS J 41 -2.47 36.86 37.79
CA HIS J 41 -1.01 36.96 37.55
C HIS J 41 -0.42 35.82 36.71
N THR J 42 -1.29 35.03 36.07
CA THR J 42 -0.84 33.93 35.23
C THR J 42 -1.48 33.98 33.86
N LEU J 43 -0.62 34.00 32.83
CA LEU J 43 -1.07 34.06 31.44
C LEU J 43 -0.55 32.87 30.64
N MET J 44 -1.40 32.32 29.78
CA MET J 44 -1.01 31.18 28.95
C MET J 44 -1.33 31.40 27.48
N SER J 45 -0.31 31.32 26.65
CA SER J 45 -0.45 31.46 25.20
C SER J 45 -0.46 30.04 24.64
N PHE J 46 -1.07 29.86 23.47
CA PHE J 46 -1.19 28.52 22.90
C PHE J 46 -1.23 28.51 21.38
N ALA J 47 -0.75 27.41 20.80
CA ALA J 47 -0.74 27.24 19.35
C ALA J 47 -0.93 25.79 18.99
N GLY J 48 -1.66 25.50 17.92
CA GLY J 48 -1.84 24.12 17.52
C GLY J 48 -3.06 23.82 16.67
N GLU J 49 -3.55 22.59 16.80
CA GLU J 49 -4.69 22.07 16.06
C GLU J 49 -5.93 22.94 16.15
N ALA J 50 -6.55 23.17 15.00
CA ALA J 50 -7.74 23.99 14.86
C ALA J 50 -8.68 24.15 16.05
N GLY J 51 -9.36 23.08 16.46
CA GLY J 51 -10.28 23.24 17.57
C GLY J 51 -9.68 23.11 18.96
N ASP J 52 -8.86 22.08 19.14
CA ASP J 52 -8.21 21.75 20.40
C ASP J 52 -7.58 22.95 21.08
N THR J 53 -6.90 23.75 20.28
CA THR J 53 -6.21 24.92 20.75
C THR J 53 -7.01 25.79 21.75
N VAL J 54 -8.10 26.38 21.30
CA VAL J 54 -8.94 27.21 22.17
C VAL J 54 -9.66 26.37 23.23
N GLN J 55 -10.25 25.25 22.84
CA GLN J 55 -10.96 24.37 23.78
C GLN J 55 -10.13 24.02 24.99
N PHE J 56 -8.88 23.64 24.75
CA PHE J 56 -7.99 23.27 25.83
C PHE J 56 -7.72 24.47 26.72
N ALA J 57 -7.28 25.57 26.13
CA ALA J 57 -7.00 26.78 26.89
C ALA J 57 -8.20 27.19 27.75
N GLU J 58 -9.39 27.21 27.16
CA GLU J 58 -10.56 27.59 27.91
C GLU J 58 -10.88 26.59 29.01
N TYR J 59 -10.61 25.31 28.75
CA TYR J 59 -10.84 24.26 29.73
C TYR J 59 -9.92 24.49 30.92
N ILE J 60 -8.65 24.77 30.63
CA ILE J 60 -7.67 25.02 31.69
C ILE J 60 -8.00 26.28 32.49
N GLN J 61 -8.43 27.33 31.80
CA GLN J 61 -8.81 28.59 32.44
C GLN J 61 -9.95 28.35 33.43
N ALA J 62 -11.01 27.70 32.96
CA ALA J 62 -12.17 27.40 33.79
C ALA J 62 -11.76 26.70 35.08
N ASN J 63 -10.81 25.79 34.98
CA ASN J 63 -10.37 25.05 36.15
C ASN J 63 -9.57 25.86 37.13
N ILE J 64 -8.74 26.76 36.64
CA ILE J 64 -7.97 27.59 37.56
C ILE J 64 -8.91 28.56 38.27
N GLN J 65 -9.83 29.16 37.53
CA GLN J 65 -10.79 30.09 38.11
C GLN J 65 -11.60 29.40 39.19
N LEU J 66 -12.04 28.17 38.92
CA LEU J 66 -12.80 27.42 39.90
C LEU J 66 -11.94 27.19 41.15
N TYR J 67 -10.66 26.88 40.95
CA TYR J 67 -9.79 26.65 42.09
C TYR J 67 -9.64 27.92 42.91
N SER J 68 -9.52 29.06 42.22
CA SER J 68 -9.37 30.34 42.89
C SER J 68 -10.58 30.66 43.76
N ILE J 69 -11.78 30.45 43.21
CA ILE J 69 -12.98 30.73 43.96
C ILE J 69 -13.09 29.83 45.19
N ARG J 70 -12.79 28.55 45.02
CA ARG J 70 -12.90 27.59 46.11
C ARG J 70 -11.98 27.86 47.29
N GLU J 71 -10.72 28.15 47.00
CA GLU J 71 -9.75 28.40 48.05
C GLU J 71 -9.45 29.89 48.31
N ASP J 72 -10.08 30.77 47.53
CA ASP J 72 -9.84 32.21 47.65
C ASP J 72 -8.33 32.42 47.76
N TYR J 73 -7.63 31.88 46.76
CA TYR J 73 -6.19 31.95 46.70
C TYR J 73 -5.79 31.81 45.24
N GLU J 74 -4.58 32.26 44.90
CA GLU J 74 -4.11 32.15 43.53
C GLU J 74 -2.94 31.19 43.47
N LEU J 75 -3.15 30.04 42.82
CA LEU J 75 -2.11 29.03 42.71
C LEU J 75 -0.87 29.65 42.13
N SER J 76 0.29 29.16 42.54
CA SER J 76 1.53 29.68 42.03
C SER J 76 1.65 29.33 40.55
N PRO J 77 2.49 30.06 39.81
CA PRO J 77 2.62 29.73 38.38
C PRO J 77 3.09 28.29 38.26
N GLN J 78 4.06 27.92 39.10
CA GLN J 78 4.61 26.58 39.09
C GLN J 78 3.51 25.54 39.20
N ALA J 79 2.58 25.77 40.10
CA ALA J 79 1.49 24.83 40.29
C ALA J 79 0.61 24.79 39.06
N VAL J 80 0.16 25.96 38.61
CA VAL J 80 -0.69 26.02 37.44
C VAL J 80 -0.10 25.26 36.28
N SER J 81 1.21 25.37 36.08
CA SER J 81 1.83 24.69 34.96
C SER J 81 1.86 23.18 35.16
N SER J 82 2.11 22.72 36.39
CA SER J 82 2.14 21.28 36.65
C SER J 82 0.77 20.69 36.40
N PHE J 83 -0.26 21.47 36.67
CA PHE J 83 -1.61 21.02 36.45
C PHE J 83 -1.77 20.87 34.95
N VAL J 84 -1.38 21.90 34.22
CA VAL J 84 -1.49 21.89 32.77
C VAL J 84 -0.68 20.78 32.13
N ARG J 85 0.50 20.47 32.69
CA ARG J 85 1.29 19.39 32.10
C ARG J 85 0.53 18.09 32.25
N GLN J 86 0.05 17.83 33.46
CA GLN J 86 -0.70 16.61 33.71
C GLN J 86 -1.89 16.48 32.80
N GLU J 87 -2.59 17.57 32.53
CA GLU J 87 -3.73 17.47 31.64
C GLU J 87 -3.26 17.01 30.27
N LEU J 88 -2.18 17.61 29.77
CA LEU J 88 -1.66 17.24 28.47
C LEU J 88 -1.11 15.83 28.46
N ALA J 89 -0.39 15.47 29.52
CA ALA J 89 0.19 14.14 29.62
C ALA J 89 -0.88 13.04 29.56
N LYS J 90 -2.10 13.34 30.01
CA LYS J 90 -3.20 12.38 29.97
C LYS J 90 -3.62 12.31 28.53
N SER J 91 -4.07 13.45 28.03
CA SER J 91 -4.52 13.62 26.67
C SER J 91 -3.65 12.87 25.65
N ILE J 92 -2.36 12.81 25.91
CA ILE J 92 -1.46 12.15 24.98
C ILE J 92 -1.75 10.66 24.75
N ARG J 93 -2.21 9.95 25.77
CA ARG J 93 -2.50 8.53 25.60
C ARG J 93 -4.00 8.22 25.48
N SER J 94 -4.79 9.22 25.13
CA SER J 94 -6.22 9.04 25.00
C SER J 94 -6.62 8.75 23.56
N ARG J 95 -7.92 8.56 23.34
CA ARG J 95 -8.43 8.26 22.01
C ARG J 95 -8.08 9.34 21.01
N ARG J 96 -8.35 10.59 21.37
CA ARG J 96 -8.04 11.70 20.48
C ARG J 96 -7.36 12.81 21.28
N PRO J 97 -6.02 12.79 21.30
CA PRO J 97 -5.19 13.78 22.01
C PRO J 97 -5.34 15.21 21.57
N TYR J 98 -5.20 16.11 22.53
CA TYR J 98 -5.26 17.54 22.28
C TYR J 98 -3.93 17.87 21.60
N GLN J 99 -4.00 18.56 20.48
CA GLN J 99 -2.78 18.93 19.79
C GLN J 99 -2.53 20.40 20.06
N VAL J 100 -2.09 20.71 21.27
CA VAL J 100 -1.85 22.08 21.64
C VAL J 100 -0.52 22.23 22.34
N ASN J 101 0.16 23.33 22.07
CA ASN J 101 1.44 23.63 22.71
C ASN J 101 1.18 24.92 23.45
N VAL J 102 1.81 25.10 24.61
CA VAL J 102 1.54 26.33 25.34
C VAL J 102 2.73 26.91 26.06
N LEU J 103 2.59 28.19 26.39
CA LEU J 103 3.60 28.92 27.13
C LEU J 103 2.85 29.49 28.30
N ILE J 104 3.38 29.31 29.50
CA ILE J 104 2.73 29.86 30.64
C ILE J 104 3.63 30.86 31.31
N GLY J 105 3.17 32.11 31.34
CA GLY J 105 3.94 33.17 31.94
C GLY J 105 3.19 33.71 33.13
N GLY J 106 3.87 33.80 34.26
CA GLY J 106 3.24 34.31 35.46
C GLY J 106 4.21 34.92 36.44
N TYR J 107 3.67 35.76 37.33
CA TYR J 107 4.47 36.40 38.34
C TYR J 107 4.07 35.80 39.68
N ASP J 108 5.01 35.12 40.31
CA ASP J 108 4.78 34.48 41.60
C ASP J 108 4.80 35.54 42.69
N LYS J 109 3.62 36.01 43.07
CA LYS J 109 3.51 37.03 44.10
C LYS J 109 4.19 36.65 45.40
N LYS J 110 4.47 35.36 45.59
CA LYS J 110 5.11 34.89 46.82
C LYS J 110 6.65 34.94 46.76
N LYS J 111 7.24 34.46 45.67
CA LYS J 111 8.70 34.50 45.53
C LYS J 111 9.12 35.87 45.00
N ASN J 112 8.13 36.61 44.49
CA ASN J 112 8.31 37.94 43.91
C ASN J 112 9.28 37.91 42.75
N LYS J 113 9.05 36.95 41.86
CA LYS J 113 9.88 36.74 40.67
C LYS J 113 9.00 36.24 39.53
N PRO J 114 9.36 36.57 38.29
CA PRO J 114 8.56 36.12 37.14
C PRO J 114 8.98 34.71 36.75
N GLU J 115 8.09 33.99 36.08
CA GLU J 115 8.39 32.62 35.65
C GLU J 115 7.77 32.29 34.30
N LEU J 116 8.54 31.60 33.46
CA LEU J 116 8.09 31.20 32.12
C LEU J 116 8.19 29.70 31.95
N TYR J 117 7.07 29.09 31.59
CA TYR J 117 6.99 27.65 31.39
C TYR J 117 6.58 27.28 29.98
N GLN J 118 7.28 26.29 29.42
CA GLN J 118 7.00 25.84 28.08
C GLN J 118 6.56 24.39 28.15
N ILE J 119 5.41 24.08 27.54
CA ILE J 119 4.90 22.71 27.56
C ILE J 119 4.31 22.32 26.20
N ASP J 120 4.77 21.21 25.63
CA ASP J 120 4.23 20.78 24.34
C ASP J 120 3.05 19.82 24.54
N TYR J 121 2.36 19.50 23.46
CA TYR J 121 1.20 18.64 23.54
C TYR J 121 1.49 17.26 24.11
N LEU J 122 2.76 16.87 24.17
CA LEU J 122 3.12 15.56 24.71
C LEU J 122 3.15 15.58 26.23
N GLY J 123 3.18 16.79 26.79
CA GLY J 123 3.23 16.93 28.24
C GLY J 123 4.67 17.12 28.65
N THR J 124 5.47 17.69 27.75
CA THR J 124 6.87 17.94 28.03
C THR J 124 7.00 19.36 28.56
N LYS J 125 7.27 19.48 29.86
CA LYS J 125 7.41 20.79 30.46
C LYS J 125 8.84 21.10 30.81
N VAL J 126 9.20 22.37 30.73
CA VAL J 126 10.54 22.82 31.06
C VAL J 126 10.44 24.30 31.41
N GLU J 127 11.30 24.77 32.31
CA GLU J 127 11.29 26.18 32.71
C GLU J 127 12.46 26.89 32.05
N LEU J 128 12.20 28.04 31.44
CA LEU J 128 13.23 28.76 30.71
C LEU J 128 13.20 30.28 30.84
N PRO J 129 14.29 30.94 30.42
CA PRO J 129 14.47 32.39 30.42
C PRO J 129 13.61 32.90 29.28
N TYR J 130 13.69 32.16 28.17
CA TYR J 130 12.94 32.47 26.96
C TYR J 130 12.65 31.16 26.23
N GLY J 131 11.49 31.09 25.59
CA GLY J 131 11.12 29.89 24.87
C GLY J 131 10.24 30.18 23.67
N ALA J 132 10.04 29.15 22.86
CA ALA J 132 9.22 29.25 21.65
C ALA J 132 8.77 27.86 21.24
N HIS J 133 7.62 27.77 20.58
CA HIS J 133 7.11 26.49 20.12
C HIS J 133 7.23 26.33 18.61
N GLY J 134 7.26 25.08 18.16
CA GLY J 134 7.36 24.80 16.75
C GLY J 134 8.65 25.27 16.10
N TYR J 135 8.49 25.96 14.97
CA TYR J 135 9.63 26.47 14.21
C TYR J 135 10.22 27.77 14.74
N SER J 136 9.42 28.54 15.46
CA SER J 136 9.86 29.81 15.99
C SER J 136 11.23 29.79 16.65
N GLY J 137 11.53 28.74 17.41
CA GLY J 137 12.84 28.68 18.05
C GLY J 137 13.96 28.80 17.04
N PHE J 138 13.84 28.04 15.96
CA PHE J 138 14.81 28.01 14.88
C PHE J 138 15.29 29.37 14.39
N TYR J 139 14.38 30.35 14.32
CA TYR J 139 14.73 31.67 13.83
C TYR J 139 15.18 32.65 14.91
N THR J 140 14.66 32.47 16.12
CA THR J 140 14.96 33.39 17.20
C THR J 140 15.89 32.95 18.32
N PHE J 141 16.18 31.67 18.42
CA PHE J 141 17.04 31.24 19.51
C PHE J 141 18.47 31.74 19.49
N SER J 142 19.04 31.88 18.30
CA SER J 142 20.42 32.34 18.22
C SER J 142 20.47 33.80 18.64
N LEU J 143 19.39 34.54 18.40
CA LEU J 143 19.34 35.95 18.80
C LEU J 143 19.24 36.03 20.31
N LEU J 144 18.23 35.39 20.87
CA LEU J 144 18.03 35.39 22.30
C LEU J 144 19.28 34.87 23.02
N ASP J 145 19.85 33.77 22.54
CA ASP J 145 21.06 33.23 23.16
C ASP J 145 22.13 34.30 23.32
N HIS J 146 22.24 35.13 22.30
CA HIS J 146 23.22 36.19 22.25
C HIS J 146 22.91 37.36 23.20
N HIS J 147 21.80 38.05 22.91
CA HIS J 147 21.36 39.23 23.66
C HIS J 147 20.67 39.04 25.00
N TYR J 148 20.50 37.81 25.47
CA TYR J 148 19.79 37.65 26.73
C TYR J 148 20.61 37.85 28.00
N ARG J 149 20.03 38.59 28.94
CA ARG J 149 20.64 38.85 30.25
C ARG J 149 19.50 38.78 31.26
N PRO J 150 19.68 38.01 32.34
CA PRO J 150 18.68 37.84 33.40
C PRO J 150 18.15 39.12 34.02
N ASP J 151 18.94 40.19 33.98
CA ASP J 151 18.55 41.46 34.57
C ASP J 151 18.01 42.52 33.60
N MET J 152 17.54 42.08 32.44
CA MET J 152 16.98 42.98 31.43
C MET J 152 15.74 43.68 31.97
N THR J 153 15.58 44.94 31.62
CA THR J 153 14.40 45.66 32.07
C THR J 153 13.32 45.24 31.11
N THR J 154 12.07 45.53 31.45
CA THR J 154 10.97 45.17 30.58
C THR J 154 11.15 45.82 29.23
N GLU J 155 11.73 47.02 29.21
CA GLU J 155 11.93 47.71 27.95
C GLU J 155 12.97 47.03 27.09
N GLU J 156 14.00 46.49 27.73
CA GLU J 156 15.08 45.80 27.05
C GLU J 156 14.55 44.51 26.46
N GLY J 157 13.59 43.90 27.14
CA GLY J 157 13.00 42.68 26.67
C GLY J 157 12.23 42.96 25.39
N LEU J 158 11.35 43.93 25.44
CA LEU J 158 10.55 44.30 24.28
C LEU J 158 11.42 44.64 23.07
N ASP J 159 12.65 45.09 23.32
CA ASP J 159 13.55 45.44 22.24
C ASP J 159 14.13 44.17 21.64
N LEU J 160 14.51 43.25 22.51
CA LEU J 160 15.07 41.97 22.06
C LEU J 160 13.98 41.22 21.30
N LEU J 161 12.75 41.31 21.80
CA LEU J 161 11.60 40.65 21.16
C LEU J 161 11.40 41.23 19.78
N LYS J 162 11.34 42.55 19.73
CA LYS J 162 11.14 43.25 18.48
C LYS J 162 12.16 42.75 17.47
N LEU J 163 13.39 42.57 17.93
CA LEU J 163 14.44 42.09 17.05
C LEU J 163 14.07 40.71 16.51
N CYS J 164 13.62 39.83 17.40
CA CYS J 164 13.23 38.46 17.03
C CYS J 164 12.12 38.45 15.99
N VAL J 165 11.10 39.27 16.23
CA VAL J 165 9.97 39.33 15.33
C VAL J 165 10.39 39.79 13.93
N GLN J 166 11.41 40.63 13.86
CA GLN J 166 11.88 41.13 12.59
C GLN J 166 12.56 40.01 11.83
N GLU J 167 13.36 39.23 12.53
CA GLU J 167 14.05 38.10 11.93
C GLU J 167 13.01 37.10 11.44
N LEU J 168 11.96 36.92 12.21
CA LEU J 168 10.89 36.01 11.83
C LEU J 168 10.17 36.52 10.59
N GLU J 169 9.94 37.83 10.55
CA GLU J 169 9.25 38.40 9.41
C GLU J 169 10.14 38.37 8.18
N LYS J 170 11.44 38.29 8.37
CA LYS J 170 12.37 38.26 7.26
C LYS J 170 12.59 36.88 6.65
N ARG J 171 13.11 35.96 7.45
CA ARG J 171 13.43 34.61 7.01
C ARG J 171 12.30 33.57 6.96
N MET J 172 11.18 33.82 7.65
CA MET J 172 10.11 32.84 7.65
C MET J 172 9.11 32.99 6.50
N PRO J 173 8.92 31.90 5.74
CA PRO J 173 8.04 31.73 4.57
C PRO J 173 6.62 32.25 4.65
N MET J 174 6.05 32.33 5.84
CA MET J 174 4.67 32.79 5.94
C MET J 174 4.39 34.11 6.63
N ASP J 175 3.35 34.79 6.18
CA ASP J 175 2.93 36.07 6.74
C ASP J 175 2.05 35.78 7.94
N PHE J 176 2.59 35.89 9.16
CA PHE J 176 1.78 35.61 10.33
C PHE J 176 1.06 36.86 10.85
N LYS J 177 0.94 37.86 9.97
CA LYS J 177 0.27 39.13 10.27
C LYS J 177 0.63 39.83 11.59
N GLY J 178 1.92 39.82 11.94
CA GLY J 178 2.39 40.46 13.16
C GLY J 178 2.00 39.74 14.44
N VAL J 179 2.38 40.29 15.58
CA VAL J 179 2.08 39.67 16.87
C VAL J 179 1.32 40.58 17.84
N ILE J 180 0.99 40.03 19.01
CA ILE J 180 0.33 40.77 20.07
C ILE J 180 1.17 40.44 21.29
N VAL J 181 1.71 41.46 21.94
CA VAL J 181 2.55 41.27 23.10
C VAL J 181 1.80 41.53 24.39
N LYS J 182 2.22 40.89 25.48
CA LYS J 182 1.57 41.09 26.78
C LYS J 182 2.58 40.95 27.90
N ILE J 183 2.43 41.75 28.95
CA ILE J 183 3.36 41.69 30.07
C ILE J 183 2.65 41.20 31.32
N VAL J 184 3.31 40.30 32.04
CA VAL J 184 2.78 39.77 33.28
C VAL J 184 3.80 40.18 34.34
N ASP J 185 3.37 40.95 35.34
CA ASP J 185 4.25 41.40 36.43
C ASP J 185 3.47 41.53 37.72
N LYS J 186 4.17 41.94 38.77
CA LYS J 186 3.58 42.09 40.09
C LYS J 186 2.24 42.81 40.07
N ASP J 187 1.95 43.51 38.97
CA ASP J 187 0.71 44.26 38.86
C ASP J 187 -0.32 43.69 37.90
N GLY J 188 -0.19 42.42 37.53
CA GLY J 188 -1.14 41.81 36.61
C GLY J 188 -0.71 41.66 35.17
N ILE J 189 -1.69 41.48 34.29
CA ILE J 189 -1.41 41.32 32.87
C ILE J 189 -1.91 42.53 32.08
N ARG J 190 -1.00 43.14 31.32
CA ARG J 190 -1.35 44.29 30.49
C ARG J 190 -0.87 44.05 29.07
N GLN J 191 -1.55 44.66 28.11
CA GLN J 191 -1.20 44.48 26.70
C GLN J 191 -0.56 45.69 26.04
N VAL J 192 0.60 45.49 25.42
CA VAL J 192 1.30 46.55 24.72
C VAL J 192 0.57 46.86 23.42
N ASP J 193 -0.48 47.68 23.52
CA ASP J 193 -1.31 48.05 22.37
C ASP J 193 -0.56 48.76 21.23
N ASP J 194 0.74 48.95 21.41
CA ASP J 194 1.56 49.62 20.40
C ASP J 194 2.86 48.89 20.05
N PHE J 195 2.75 47.85 19.22
CA PHE J 195 3.93 47.10 18.79
C PHE J 195 3.89 47.07 17.27
N GLN J 196 2.93 47.80 16.70
CA GLN J 196 2.74 47.91 15.26
C GLN J 196 3.83 48.82 14.69
N ALA J 197 4.40 49.63 15.58
CA ALA J 197 5.47 50.59 15.24
C ALA J 197 6.06 51.17 16.53
N GLN J 198 6.71 50.32 17.32
CA GLN J 198 7.32 50.75 18.58
C GLN J 198 8.78 51.19 18.38
N THR K 1 -19.44 26.70 -4.03
CA THR K 1 -20.17 27.46 -2.98
C THR K 1 -19.48 28.75 -2.57
N THR K 2 -20.26 29.81 -2.49
CA THR K 2 -19.73 31.10 -2.07
C THR K 2 -20.73 31.71 -1.10
N THR K 3 -20.26 32.01 0.10
CA THR K 3 -21.10 32.62 1.11
C THR K 3 -20.31 33.69 1.85
N LEU K 4 -20.96 34.80 2.15
CA LEU K 4 -20.31 35.88 2.87
C LEU K 4 -21.26 36.56 3.81
N ALA K 5 -20.68 37.25 4.78
CA ALA K 5 -21.44 37.99 5.76
C ALA K 5 -20.54 39.06 6.33
N PHE K 6 -21.05 40.29 6.40
CA PHE K 6 -20.27 41.37 6.97
C PHE K 6 -21.08 42.30 7.85
N ARG K 7 -20.34 42.96 8.74
CA ARG K 7 -20.87 43.88 9.74
C ARG K 7 -20.65 45.32 9.31
N PHE K 8 -21.58 46.19 9.67
CA PHE K 8 -21.47 47.62 9.36
C PHE K 8 -22.47 48.44 10.16
N GLN K 9 -22.51 49.74 9.89
CA GLN K 9 -23.43 50.65 10.56
C GLN K 9 -24.86 50.11 10.62
N GLY K 10 -25.40 49.72 9.47
CA GLY K 10 -26.77 49.23 9.42
C GLY K 10 -27.02 47.79 9.85
N GLY K 11 -26.02 47.16 10.46
CA GLY K 11 -26.18 45.78 10.89
C GLY K 11 -25.31 44.76 10.15
N ILE K 12 -25.96 43.73 9.61
CA ILE K 12 -25.25 42.67 8.90
C ILE K 12 -25.87 42.29 7.57
N ILE K 13 -25.01 42.12 6.57
CA ILE K 13 -25.46 41.69 5.26
C ILE K 13 -25.01 40.25 5.10
N VAL K 14 -25.86 39.44 4.50
CA VAL K 14 -25.52 38.05 4.28
C VAL K 14 -25.90 37.68 2.85
N ALA K 15 -24.92 37.19 2.11
CA ALA K 15 -25.15 36.81 0.72
C ALA K 15 -24.57 35.43 0.41
N VAL K 16 -25.35 34.62 -0.31
CA VAL K 16 -24.95 33.28 -0.67
C VAL K 16 -25.34 32.96 -2.11
N ASP K 17 -24.72 31.95 -2.71
CA ASP K 17 -25.06 31.54 -4.07
C ASP K 17 -26.05 30.40 -3.89
N SER K 18 -26.46 29.73 -4.96
CA SER K 18 -27.43 28.67 -4.79
C SER K 18 -27.17 27.44 -5.64
N ARG K 19 -25.92 27.21 -5.99
CA ARG K 19 -25.55 26.05 -6.80
C ARG K 19 -25.12 24.83 -5.98
N ALA K 20 -25.45 23.64 -6.47
CA ALA K 20 -25.09 22.39 -5.83
C ALA K 20 -24.69 21.39 -6.90
N THR K 21 -23.52 20.80 -6.74
CA THR K 21 -22.99 19.86 -7.71
C THR K 21 -22.51 18.52 -7.17
N ALA K 22 -22.64 17.49 -7.99
CA ALA K 22 -22.17 16.15 -7.65
C ALA K 22 -21.10 15.89 -8.69
N GLY K 23 -19.88 16.27 -8.36
CA GLY K 23 -18.79 16.08 -9.30
C GLY K 23 -18.80 17.29 -10.21
N ASN K 24 -19.06 17.08 -11.49
CA ASN K 24 -19.11 18.18 -12.46
C ASN K 24 -20.55 18.40 -12.87
N TRP K 25 -21.41 17.58 -12.30
CA TRP K 25 -22.82 17.62 -12.58
C TRP K 25 -23.52 18.59 -11.64
N VAL K 26 -24.22 19.56 -12.21
CA VAL K 26 -24.94 20.56 -11.44
C VAL K 26 -26.31 19.99 -11.08
N ALA K 27 -26.47 19.59 -9.84
CA ALA K 27 -27.70 19.00 -9.36
C ALA K 27 -28.79 20.02 -9.09
N SER K 28 -28.39 21.22 -8.65
CA SER K 28 -29.38 22.25 -8.37
C SER K 28 -28.82 23.66 -8.42
N GLN K 29 -29.66 24.59 -8.87
CA GLN K 29 -29.27 25.99 -8.97
C GLN K 29 -30.23 26.79 -8.08
N THR K 30 -31.05 26.06 -7.34
CA THR K 30 -32.06 26.66 -6.47
C THR K 30 -31.95 26.17 -5.05
N VAL K 31 -30.73 26.18 -4.51
CA VAL K 31 -30.49 25.71 -3.14
C VAL K 31 -30.43 26.84 -2.11
N LYS K 32 -31.07 26.64 -0.96
CA LYS K 32 -31.04 27.65 0.09
C LYS K 32 -29.81 27.40 0.93
N LYS K 33 -28.85 28.33 0.88
CA LYS K 33 -27.64 28.16 1.65
C LYS K 33 -27.62 29.03 2.89
N VAL K 34 -28.77 29.56 3.25
CA VAL K 34 -28.89 30.36 4.46
C VAL K 34 -29.99 29.70 5.26
N ILE K 35 -29.65 29.29 6.47
CA ILE K 35 -30.63 28.65 7.34
C ILE K 35 -31.17 29.72 8.31
N GLU K 36 -32.48 29.82 8.38
CA GLU K 36 -33.10 30.77 9.28
C GLU K 36 -33.25 30.13 10.66
N ILE K 37 -32.20 30.22 11.47
CA ILE K 37 -32.18 29.65 12.82
C ILE K 37 -33.47 30.03 13.53
N ASN K 38 -33.86 31.28 13.37
CA ASN K 38 -35.10 31.80 13.93
C ASN K 38 -35.24 33.22 13.36
N PRO K 39 -36.26 33.98 13.78
CA PRO K 39 -36.41 35.34 13.25
C PRO K 39 -35.28 36.33 13.54
N PHE K 40 -34.35 35.98 14.41
CA PHE K 40 -33.27 36.88 14.76
C PHE K 40 -31.88 36.42 14.38
N LEU K 41 -31.74 35.12 14.13
CA LEU K 41 -30.45 34.54 13.80
C LEU K 41 -30.41 33.88 12.43
N LEU K 42 -29.26 34.03 11.77
CA LEU K 42 -29.05 33.46 10.44
C LEU K 42 -27.78 32.62 10.39
N GLY K 43 -27.82 31.53 9.64
CA GLY K 43 -26.66 30.67 9.51
C GLY K 43 -26.39 30.40 8.05
N THR K 44 -25.13 30.45 7.67
CA THR K 44 -24.75 30.17 6.28
C THR K 44 -24.38 28.70 6.17
N MET K 45 -24.54 28.16 4.97
CA MET K 45 -24.29 26.75 4.69
C MET K 45 -23.10 26.56 3.75
N ALA K 46 -22.07 25.83 4.18
CA ALA K 46 -20.90 25.58 3.35
C ALA K 46 -20.26 24.26 3.76
N GLY K 47 -19.85 23.46 2.78
CA GLY K 47 -19.26 22.16 3.07
C GLY K 47 -20.31 21.10 2.82
N GLY K 48 -20.81 20.48 3.89
CA GLY K 48 -21.83 19.46 3.74
C GLY K 48 -23.22 20.04 3.99
N ALA K 49 -24.09 19.97 2.99
CA ALA K 49 -25.44 20.50 3.12
C ALA K 49 -26.16 19.89 4.32
N ALA K 50 -26.22 18.56 4.35
CA ALA K 50 -26.87 17.86 5.45
C ALA K 50 -26.34 18.34 6.79
N ASP K 51 -25.03 18.22 6.98
CA ASP K 51 -24.40 18.63 8.23
C ASP K 51 -24.76 20.02 8.66
N CYS K 52 -24.69 20.98 7.75
CA CYS K 52 -25.02 22.36 8.08
C CYS K 52 -26.51 22.54 8.34
N GLN K 53 -27.31 22.06 7.39
CA GLN K 53 -28.76 22.17 7.48
C GLN K 53 -29.29 21.56 8.76
N PHE K 54 -28.86 20.33 9.03
CA PHE K 54 -29.29 19.59 10.21
C PHE K 54 -28.92 20.27 11.53
N TRP K 55 -27.62 20.44 11.76
CA TRP K 55 -27.14 21.02 13.00
C TRP K 55 -27.51 22.46 13.27
N GLU K 56 -27.77 23.22 12.21
CA GLU K 56 -28.18 24.61 12.38
C GLU K 56 -29.68 24.67 12.68
N THR K 57 -30.44 23.70 12.19
CA THR K 57 -31.87 23.63 12.50
C THR K 57 -31.94 23.20 13.95
N TRP K 58 -31.06 22.27 14.33
CA TRP K 58 -30.99 21.80 15.70
C TRP K 58 -30.62 22.98 16.59
N LEU K 59 -29.71 23.83 16.11
CA LEU K 59 -29.27 25.00 16.87
C LEU K 59 -30.50 25.84 17.20
N GLY K 60 -31.33 26.07 16.18
CA GLY K 60 -32.53 26.84 16.35
C GLY K 60 -33.35 26.34 17.53
N SER K 61 -33.43 25.03 17.68
CA SER K 61 -34.18 24.44 18.78
C SER K 61 -33.50 24.69 20.11
N GLN K 62 -32.18 24.61 20.12
CA GLN K 62 -31.44 24.86 21.34
C GLN K 62 -31.65 26.28 21.81
N CYS K 63 -31.74 27.19 20.85
CA CYS K 63 -31.95 28.61 21.14
C CYS K 63 -33.33 28.87 21.71
N ARG K 64 -34.35 28.28 21.10
CA ARG K 64 -35.72 28.45 21.57
C ARG K 64 -35.86 27.95 23.01
N LEU K 65 -35.16 26.88 23.32
CA LEU K 65 -35.17 26.29 24.65
C LEU K 65 -34.46 27.19 25.65
N HIS K 66 -33.42 27.88 25.18
CA HIS K 66 -32.68 28.78 26.04
C HIS K 66 -33.62 29.90 26.44
N GLU K 67 -34.25 30.50 25.43
CA GLU K 67 -35.17 31.60 25.65
C GLU K 67 -36.39 31.29 26.51
N LEU K 68 -36.81 30.02 26.54
CA LEU K 68 -37.95 29.67 27.36
C LEU K 68 -37.46 29.60 28.79
N ARG K 69 -36.27 29.04 28.95
CA ARG K 69 -35.68 28.86 30.25
C ARG K 69 -35.28 30.18 30.92
N GLU K 70 -34.51 30.98 30.20
CA GLU K 70 -34.01 32.25 30.73
C GLU K 70 -34.84 33.48 30.41
N LYS K 71 -36.01 33.30 29.79
CA LYS K 71 -36.88 34.43 29.46
C LYS K 71 -36.09 35.64 28.93
N GLU K 72 -35.17 35.39 28.04
CA GLU K 72 -34.38 36.46 27.45
C GLU K 72 -33.76 36.00 26.15
N ARG K 73 -33.75 36.89 25.16
CA ARG K 73 -33.19 36.58 23.86
C ARG K 73 -31.73 36.11 23.96
N ILE K 74 -31.48 34.92 23.43
CA ILE K 74 -30.14 34.30 23.45
C ILE K 74 -29.11 35.14 22.70
N SER K 75 -27.89 35.23 23.23
CA SER K 75 -26.84 36.03 22.60
C SER K 75 -26.11 35.33 21.49
N VAL K 76 -25.76 36.08 20.46
CA VAL K 76 -25.06 35.52 19.31
C VAL K 76 -23.81 34.76 19.74
N ALA K 77 -23.18 35.20 20.82
CA ALA K 77 -21.98 34.54 21.32
C ALA K 77 -22.34 33.13 21.78
N ALA K 78 -23.40 33.03 22.57
CA ALA K 78 -23.85 31.76 23.10
C ALA K 78 -24.37 30.81 22.04
N ALA K 79 -25.16 31.31 21.10
CA ALA K 79 -25.72 30.45 20.09
C ALA K 79 -24.60 29.82 19.29
N SER K 80 -23.60 30.62 18.98
CA SER K 80 -22.47 30.14 18.20
C SER K 80 -21.74 29.05 18.98
N LYS K 81 -21.46 29.32 20.25
CA LYS K 81 -20.75 28.35 21.05
C LYS K 81 -21.53 27.05 21.19
N ILE K 82 -22.85 27.13 21.22
CA ILE K 82 -23.66 25.92 21.34
C ILE K 82 -23.33 25.02 20.17
N LEU K 83 -23.36 25.60 18.97
CA LEU K 83 -23.08 24.85 17.74
C LEU K 83 -21.63 24.40 17.73
N SER K 84 -20.74 25.35 17.98
CA SER K 84 -19.32 25.10 18.02
C SER K 84 -18.98 23.89 18.90
N ASN K 85 -19.46 23.93 20.14
CA ASN K 85 -19.19 22.85 21.07
C ASN K 85 -19.78 21.52 20.62
N LEU K 86 -20.93 21.54 19.97
CA LEU K 86 -21.52 20.31 19.48
C LEU K 86 -20.58 19.72 18.45
N VAL K 87 -20.31 20.50 17.42
CA VAL K 87 -19.39 20.09 16.37
C VAL K 87 -18.08 19.53 16.93
N TYR K 88 -17.51 20.20 17.92
CA TYR K 88 -16.25 19.74 18.50
C TYR K 88 -16.38 18.33 19.08
N GLN K 89 -17.59 17.98 19.47
CA GLN K 89 -17.87 16.65 20.03
C GLN K 89 -17.59 15.60 18.95
N TYR K 90 -17.79 15.99 17.71
CA TYR K 90 -17.62 15.10 16.58
C TYR K 90 -16.31 15.26 15.83
N LYS K 91 -15.34 15.96 16.43
CA LYS K 91 -14.07 16.18 15.76
C LYS K 91 -13.46 14.85 15.32
N GLY K 92 -13.18 14.76 14.03
CA GLY K 92 -12.59 13.56 13.47
C GLY K 92 -13.61 12.60 12.87
N ALA K 93 -14.87 12.72 13.26
CA ALA K 93 -15.90 11.82 12.76
C ALA K 93 -16.23 12.04 11.28
N GLY K 94 -15.81 13.16 10.72
CA GLY K 94 -16.10 13.40 9.32
C GLY K 94 -17.13 14.46 8.99
N LEU K 95 -17.65 15.16 10.00
CA LEU K 95 -18.61 16.23 9.74
C LEU K 95 -17.90 17.26 8.88
N SER K 96 -18.63 17.90 7.97
CA SER K 96 -18.03 18.92 7.14
C SER K 96 -18.90 20.16 7.07
N MET K 97 -18.41 21.25 7.64
CA MET K 97 -19.16 22.50 7.62
C MET K 97 -18.39 23.76 7.99
N GLY K 98 -18.49 24.75 7.11
CA GLY K 98 -17.88 26.06 7.31
C GLY K 98 -19.11 26.96 7.43
N THR K 99 -19.26 27.64 8.55
CA THR K 99 -20.48 28.42 8.68
C THR K 99 -20.38 29.75 9.42
N MET K 100 -21.25 30.69 9.05
CA MET K 100 -21.31 31.99 9.69
C MET K 100 -22.59 32.06 10.49
N ILE K 101 -22.48 32.48 11.75
CA ILE K 101 -23.66 32.60 12.59
C ILE K 101 -23.81 34.10 12.85
N CYS K 102 -24.88 34.66 12.30
CA CYS K 102 -25.12 36.09 12.37
C CYS K 102 -26.32 36.53 13.21
N GLY K 103 -26.10 37.54 14.04
CA GLY K 103 -27.16 38.05 14.89
C GLY K 103 -26.91 39.48 15.33
N TYR K 104 -27.98 40.15 15.75
CA TYR K 104 -27.90 41.53 16.19
C TYR K 104 -28.65 41.68 17.50
N THR K 105 -27.95 41.52 18.61
CA THR K 105 -28.58 41.64 19.92
C THR K 105 -28.24 42.99 20.51
N ARG K 106 -29.15 43.52 21.31
CA ARG K 106 -28.96 44.82 21.93
C ARG K 106 -27.67 44.84 22.73
N LYS K 107 -27.40 43.72 23.40
CA LYS K 107 -26.22 43.55 24.22
C LYS K 107 -24.89 43.56 23.47
N GLU K 108 -24.87 42.99 22.27
CA GLU K 108 -23.65 42.88 21.47
C GLU K 108 -23.54 43.75 20.22
N GLY K 109 -24.68 44.09 19.63
CA GLY K 109 -24.65 44.87 18.40
C GLY K 109 -24.57 43.90 17.26
N PRO K 110 -24.14 44.33 16.07
CA PRO K 110 -24.06 43.34 14.99
C PRO K 110 -22.95 42.36 15.33
N THR K 111 -23.24 41.06 15.21
CA THR K 111 -22.24 40.06 15.51
C THR K 111 -22.22 38.89 14.52
N ILE K 112 -21.02 38.51 14.10
CA ILE K 112 -20.83 37.39 13.18
C ILE K 112 -19.78 36.43 13.75
N TYR K 113 -20.14 35.16 13.85
CA TYR K 113 -19.21 34.15 14.36
C TYR K 113 -18.99 33.12 13.29
N TYR K 114 -17.72 32.87 12.98
CA TYR K 114 -17.36 31.86 11.98
C TYR K 114 -17.16 30.56 12.74
N VAL K 115 -17.85 29.51 12.29
CA VAL K 115 -17.73 28.20 12.94
C VAL K 115 -17.53 27.11 11.91
N ASP K 116 -16.51 26.27 12.09
CA ASP K 116 -16.30 25.18 11.14
C ASP K 116 -16.17 23.85 11.85
N SER K 117 -16.34 22.77 11.09
CA SER K 117 -16.29 21.42 11.63
C SER K 117 -14.97 21.00 12.25
N ASP K 118 -13.99 21.89 12.29
CA ASP K 118 -12.71 21.57 12.91
C ASP K 118 -12.75 22.01 14.35
N GLY K 119 -13.81 22.73 14.70
CA GLY K 119 -13.97 23.23 16.05
C GLY K 119 -13.57 24.69 16.20
N THR K 120 -13.35 25.33 15.06
CA THR K 120 -12.97 26.72 15.06
C THR K 120 -14.17 27.64 15.25
N ARG K 121 -14.00 28.62 16.14
CA ARG K 121 -15.02 29.64 16.44
C ARG K 121 -14.30 30.97 16.47
N LEU K 122 -14.68 31.86 15.54
CA LEU K 122 -14.07 33.18 15.42
C LEU K 122 -15.06 34.31 15.24
N LYS K 123 -14.79 35.43 15.91
CA LYS K 123 -15.65 36.59 15.80
C LYS K 123 -15.00 37.53 14.77
N GLY K 124 -15.81 38.14 13.93
CA GLY K 124 -15.24 39.03 12.93
C GLY K 124 -16.23 39.99 12.30
N ASP K 125 -15.74 40.75 11.32
CA ASP K 125 -16.55 41.76 10.63
C ASP K 125 -16.85 41.35 9.19
N ILE K 126 -15.93 40.62 8.57
CA ILE K 126 -16.12 40.17 7.20
C ILE K 126 -15.63 38.74 7.05
N PHE K 127 -16.52 37.86 6.61
CA PHE K 127 -16.16 36.46 6.43
C PHE K 127 -16.67 35.89 5.12
N CYS K 128 -15.83 35.08 4.48
CA CYS K 128 -16.19 34.42 3.22
C CYS K 128 -15.84 32.95 3.31
N VAL K 129 -16.77 32.10 2.90
CA VAL K 129 -16.55 30.67 2.97
C VAL K 129 -17.02 29.97 1.72
N GLY K 130 -16.18 29.10 1.18
CA GLY K 130 -16.55 28.35 -0.01
C GLY K 130 -15.52 28.35 -1.11
N SER K 131 -15.74 27.52 -2.12
CA SER K 131 -14.83 27.42 -3.24
C SER K 131 -14.71 28.75 -3.98
N GLY K 132 -15.66 29.66 -3.76
CA GLY K 132 -15.62 30.95 -4.43
C GLY K 132 -15.21 32.09 -3.51
N GLN K 133 -14.87 31.76 -2.28
CA GLN K 133 -14.48 32.77 -1.31
C GLN K 133 -13.51 33.87 -1.76
N THR K 134 -12.36 33.49 -2.29
CA THR K 134 -11.35 34.47 -2.68
C THR K 134 -11.86 35.51 -3.69
N PHE K 135 -12.86 35.13 -4.48
CA PHE K 135 -13.42 36.04 -5.47
C PHE K 135 -14.27 37.07 -4.75
N ALA K 136 -15.08 36.63 -3.81
CA ALA K 136 -15.92 37.53 -3.02
C ALA K 136 -15.08 38.47 -2.16
N TYR K 137 -14.03 37.92 -1.52
CA TYR K 137 -13.14 38.71 -0.67
C TYR K 137 -12.50 39.83 -1.45
N GLY K 138 -12.27 39.60 -2.74
CA GLY K 138 -11.68 40.64 -3.57
C GLY K 138 -12.56 41.88 -3.57
N VAL K 139 -13.77 41.74 -4.11
CA VAL K 139 -14.74 42.82 -4.17
C VAL K 139 -14.90 43.48 -2.81
N LEU K 140 -15.19 42.67 -1.80
CA LEU K 140 -15.37 43.16 -0.44
C LEU K 140 -14.21 44.00 0.12
N ASP K 141 -13.01 43.45 0.13
CA ASP K 141 -11.87 44.17 0.69
C ASP K 141 -11.66 45.58 0.17
N SER K 142 -11.99 45.82 -1.10
CA SER K 142 -11.77 47.14 -1.68
C SER K 142 -12.98 48.08 -1.69
N ASN K 143 -14.15 47.59 -1.35
CA ASN K 143 -15.34 48.42 -1.33
C ASN K 143 -15.96 48.56 0.05
N TYR K 144 -15.52 47.73 1.00
CA TYR K 144 -16.10 47.80 2.33
C TYR K 144 -15.69 49.02 3.16
N LYS K 145 -16.72 49.65 3.71
CA LYS K 145 -16.61 50.82 4.57
C LYS K 145 -17.61 50.54 5.69
N TRP K 146 -17.30 50.96 6.91
CA TRP K 146 -18.23 50.74 8.01
C TRP K 146 -19.48 51.62 7.82
N ASP K 147 -19.27 52.77 7.20
CA ASP K 147 -20.34 53.74 6.99
C ASP K 147 -21.20 53.51 5.76
N LEU K 148 -21.19 52.29 5.24
CA LEU K 148 -22.00 52.00 4.07
C LEU K 148 -23.48 52.13 4.36
N SER K 149 -24.24 52.58 3.38
CA SER K 149 -25.67 52.69 3.57
C SER K 149 -26.19 51.26 3.47
N VAL K 150 -27.42 51.01 3.90
CA VAL K 150 -27.96 49.66 3.81
C VAL K 150 -28.15 49.27 2.35
N GLU K 151 -28.73 50.18 1.57
CA GLU K 151 -28.96 49.95 0.15
C GLU K 151 -27.64 49.55 -0.54
N ASP K 152 -26.58 50.30 -0.23
CA ASP K 152 -25.26 50.05 -0.79
C ASP K 152 -24.64 48.76 -0.27
N ALA K 153 -24.77 48.52 1.03
CA ALA K 153 -24.24 47.30 1.63
C ALA K 153 -24.84 46.10 0.91
N LEU K 154 -26.17 46.06 0.81
CA LEU K 154 -26.86 44.98 0.13
C LEU K 154 -26.28 44.75 -1.24
N TYR K 155 -25.95 45.83 -1.94
CA TYR K 155 -25.39 45.71 -3.28
C TYR K 155 -23.96 45.15 -3.23
N LEU K 156 -23.11 45.71 -2.38
CA LEU K 156 -21.75 45.22 -2.27
C LEU K 156 -21.76 43.72 -2.08
N GLY K 157 -22.67 43.24 -1.24
CA GLY K 157 -22.79 41.82 -1.03
C GLY K 157 -23.11 41.19 -2.37
N LYS K 158 -24.36 41.35 -2.78
CA LYS K 158 -24.83 40.83 -4.05
C LYS K 158 -23.73 40.83 -5.12
N ARG K 159 -23.00 41.93 -5.21
CA ARG K 159 -21.95 42.06 -6.22
C ARG K 159 -20.82 41.07 -5.98
N SER K 160 -20.37 40.97 -4.74
CA SER K 160 -19.28 40.05 -4.39
C SER K 160 -19.57 38.60 -4.72
N ILE K 161 -20.81 38.17 -4.56
CA ILE K 161 -21.18 36.81 -4.90
C ILE K 161 -21.12 36.68 -6.41
N LEU K 162 -21.63 37.68 -7.13
CA LEU K 162 -21.60 37.65 -8.59
C LEU K 162 -20.16 37.43 -9.07
N ALA K 163 -19.23 38.14 -8.44
CA ALA K 163 -17.82 38.01 -8.77
C ALA K 163 -17.42 36.54 -8.69
N ALA K 164 -17.82 35.87 -7.61
CA ALA K 164 -17.54 34.46 -7.42
C ALA K 164 -18.27 33.64 -8.48
N ALA K 165 -19.59 33.74 -8.49
CA ALA K 165 -20.42 33.01 -9.43
C ALA K 165 -19.80 32.96 -10.80
N HIS K 166 -19.20 34.06 -11.22
CA HIS K 166 -18.60 34.12 -12.54
C HIS K 166 -17.35 33.23 -12.72
N ARG K 167 -16.35 33.44 -11.85
CA ARG K 167 -15.10 32.71 -11.89
C ARG K 167 -15.14 31.28 -11.35
N ASP K 168 -15.79 31.08 -10.21
CA ASP K 168 -15.88 29.74 -9.63
C ASP K 168 -16.88 28.86 -10.35
N ALA K 169 -16.43 27.70 -10.80
CA ALA K 169 -17.30 26.79 -11.51
C ALA K 169 -18.33 26.17 -10.59
N TYR K 170 -18.02 26.11 -9.30
CA TYR K 170 -18.93 25.49 -8.35
C TYR K 170 -19.90 26.43 -7.66
N SER K 171 -19.86 27.69 -8.05
CA SER K 171 -20.77 28.70 -7.51
C SER K 171 -21.60 29.28 -8.65
N GLY K 172 -22.83 29.67 -8.34
CA GLY K 172 -23.69 30.25 -9.35
C GLY K 172 -25.16 30.03 -9.10
N GLY K 173 -25.96 30.07 -10.16
CA GLY K 173 -27.41 29.90 -10.03
C GLY K 173 -28.11 31.23 -9.78
N SER K 174 -28.14 31.64 -8.52
CA SER K 174 -28.76 32.89 -8.12
C SER K 174 -28.18 33.33 -6.80
N VAL K 175 -28.43 34.57 -6.43
CA VAL K 175 -27.93 35.11 -5.18
C VAL K 175 -29.10 35.34 -4.22
N ASN K 176 -28.92 34.97 -2.96
CA ASN K 176 -29.92 35.18 -1.93
C ASN K 176 -29.34 36.22 -0.97
N LEU K 177 -30.15 37.24 -0.68
CA LEU K 177 -29.73 38.35 0.17
C LEU K 177 -30.50 38.48 1.46
N TYR K 178 -29.78 38.91 2.50
CA TYR K 178 -30.38 39.10 3.81
C TYR K 178 -29.77 40.29 4.53
N HIS K 179 -30.60 41.00 5.29
CA HIS K 179 -30.17 42.15 6.08
C HIS K 179 -30.56 41.82 7.51
N VAL K 180 -29.59 41.83 8.41
CA VAL K 180 -29.85 41.52 9.82
C VAL K 180 -29.82 42.75 10.68
N THR K 181 -30.98 43.07 11.27
CA THR K 181 -31.16 44.23 12.14
C THR K 181 -31.44 43.73 13.54
N GLU K 182 -31.44 44.64 14.51
CA GLU K 182 -31.69 44.28 15.88
C GLU K 182 -33.11 43.72 16.07
N ASP K 183 -34.03 44.10 15.18
CA ASP K 183 -35.41 43.61 15.29
C ASP K 183 -35.64 42.33 14.49
N GLY K 184 -34.57 41.79 13.93
CA GLY K 184 -34.67 40.57 13.13
C GLY K 184 -34.02 40.75 11.79
N TRP K 185 -34.11 39.73 10.93
CA TRP K 185 -33.52 39.84 9.60
C TRP K 185 -34.60 40.10 8.58
N ILE K 186 -34.20 40.71 7.46
CA ILE K 186 -35.14 40.99 6.41
C ILE K 186 -34.59 40.34 5.17
N TYR K 187 -35.42 39.54 4.50
CA TYR K 187 -35.00 38.87 3.27
C TYR K 187 -35.07 39.89 2.16
N HIS K 188 -34.02 39.94 1.34
CA HIS K 188 -33.99 40.89 0.23
C HIS K 188 -33.95 40.28 -1.15
N GLY K 189 -34.66 39.17 -1.31
CA GLY K 189 -34.78 38.50 -2.60
C GLY K 189 -33.71 37.57 -3.15
N ASN K 190 -34.15 36.81 -4.15
CA ASN K 190 -33.30 35.85 -4.85
C ASN K 190 -33.06 36.42 -6.23
N HIS K 191 -31.78 36.53 -6.62
CA HIS K 191 -31.47 37.10 -7.92
C HIS K 191 -30.74 36.17 -8.87
N ASP K 192 -31.43 35.69 -9.90
CA ASP K 192 -30.81 34.81 -10.88
C ASP K 192 -29.52 35.42 -11.38
N VAL K 193 -28.40 34.75 -11.15
CA VAL K 193 -27.09 35.24 -11.57
C VAL K 193 -27.09 35.45 -13.08
N GLY K 194 -27.82 34.58 -13.77
CA GLY K 194 -27.89 34.68 -15.22
C GLY K 194 -28.21 36.11 -15.59
N GLU K 195 -29.43 36.54 -15.30
CA GLU K 195 -29.90 37.88 -15.59
C GLU K 195 -29.12 38.97 -14.88
N LEU K 196 -28.76 38.73 -13.63
CA LEU K 196 -28.01 39.73 -12.86
C LEU K 196 -26.70 40.12 -13.52
N PHE K 197 -25.97 39.13 -14.04
CA PHE K 197 -24.68 39.37 -14.68
C PHE K 197 -24.75 40.45 -15.76
N TRP K 198 -25.62 40.22 -16.74
CA TRP K 198 -25.79 41.14 -17.85
C TRP K 198 -26.14 42.54 -17.32
N LYS K 199 -27.20 42.62 -16.53
CA LYS K 199 -27.62 43.87 -15.94
C LYS K 199 -26.39 44.57 -15.36
N VAL K 200 -25.81 43.98 -14.32
CA VAL K 200 -24.64 44.54 -13.66
C VAL K 200 -23.57 44.97 -14.64
N LYS K 201 -23.32 44.13 -15.63
CA LYS K 201 -22.29 44.45 -16.62
C LYS K 201 -22.55 45.80 -17.28
N GLU K 202 -23.75 45.96 -17.83
CA GLU K 202 -24.12 47.19 -18.52
C GLU K 202 -24.09 48.43 -17.62
N GLU K 203 -24.82 48.38 -16.52
CA GLU K 203 -24.90 49.50 -15.60
C GLU K 203 -23.59 49.88 -14.94
N GLU K 204 -22.70 48.90 -14.79
CA GLU K 204 -21.42 49.15 -14.13
C GLU K 204 -20.24 49.30 -15.06
N GLY K 205 -20.31 48.67 -16.22
CA GLY K 205 -19.21 48.74 -17.19
C GLY K 205 -18.12 47.68 -16.99
N SER K 206 -18.25 46.94 -15.90
CA SER K 206 -17.31 45.87 -15.54
C SER K 206 -17.52 44.61 -16.38
N PHE K 207 -16.66 43.61 -16.16
CA PHE K 207 -16.72 42.35 -16.91
C PHE K 207 -16.56 42.70 -18.37
N ASN K 208 -15.68 43.67 -18.60
CA ASN K 208 -15.44 44.14 -19.95
C ASN K 208 -15.11 42.99 -20.91
N ASN K 209 -14.25 42.11 -20.43
CA ASN K 209 -13.79 40.95 -21.20
C ASN K 209 -14.91 40.10 -21.79
N VAL K 210 -16.00 39.93 -21.06
CA VAL K 210 -17.11 39.12 -21.55
C VAL K 210 -17.86 39.83 -22.67
N ILE K 211 -18.25 39.07 -23.69
CA ILE K 211 -18.98 39.66 -24.82
C ILE K 211 -20.46 39.42 -24.70
N GLY K 212 -21.25 40.44 -25.04
CA GLY K 212 -22.69 40.32 -24.97
C GLY K 212 -23.41 41.60 -25.36
N GLN L 1 -12.61 -8.07 0.91
CA GLN L 1 -13.38 -7.55 2.09
C GLN L 1 -14.85 -7.41 1.72
N PHE L 2 -15.71 -7.36 2.74
CA PHE L 2 -17.15 -7.25 2.51
C PHE L 2 -17.64 -5.83 2.26
N ASN L 3 -18.35 -5.66 1.16
CA ASN L 3 -18.91 -4.36 0.82
C ASN L 3 -20.39 -4.39 1.11
N PRO L 4 -20.83 -3.61 2.11
CA PRO L 4 -22.21 -3.51 2.54
C PRO L 4 -23.15 -2.85 1.56
N TYR L 5 -22.61 -2.23 0.53
CA TYR L 5 -23.45 -1.54 -0.44
C TYR L 5 -23.50 -2.19 -1.82
N GLY L 6 -24.50 -1.79 -2.59
CA GLY L 6 -24.68 -2.31 -3.93
C GLY L 6 -25.46 -1.27 -4.73
N ASP L 7 -25.57 -1.45 -6.04
CA ASP L 7 -26.29 -0.50 -6.87
C ASP L 7 -27.27 -1.27 -7.75
N ASN L 8 -28.55 -0.98 -7.59
CA ASN L 8 -29.58 -1.65 -8.35
C ASN L 8 -30.17 -0.77 -9.43
N GLY L 9 -29.44 0.28 -9.76
CA GLY L 9 -29.84 1.21 -10.81
C GLY L 9 -31.21 1.84 -10.74
N GLY L 10 -31.86 1.94 -11.90
CA GLY L 10 -33.17 2.55 -11.95
C GLY L 10 -33.10 4.06 -11.86
N THR L 11 -34.22 4.70 -12.18
CA THR L 11 -34.29 6.15 -12.15
C THR L 11 -35.71 6.56 -11.76
N ILE L 12 -35.82 7.70 -11.09
CA ILE L 12 -37.11 8.19 -10.66
C ILE L 12 -37.28 9.67 -10.93
N LEU L 13 -38.53 10.10 -11.00
CA LEU L 13 -38.84 11.50 -11.29
C LEU L 13 -40.07 12.02 -10.56
N GLY L 14 -39.93 13.20 -9.96
CA GLY L 14 -41.05 13.79 -9.25
C GLY L 14 -41.34 15.18 -9.79
N ILE L 15 -42.58 15.43 -10.17
CA ILE L 15 -42.95 16.73 -10.67
C ILE L 15 -44.16 17.25 -9.94
N ALA L 16 -44.04 18.46 -9.40
CA ALA L 16 -45.13 19.05 -8.66
C ALA L 16 -45.98 19.98 -9.54
N GLY L 17 -47.21 19.56 -9.79
CA GLY L 17 -48.12 20.39 -10.58
C GLY L 17 -48.64 21.48 -9.65
N GLU L 18 -49.75 22.09 -10.01
CA GLU L 18 -50.30 23.15 -9.17
C GLU L 18 -51.26 22.58 -8.14
N ASP L 19 -52.10 21.65 -8.58
CA ASP L 19 -53.06 21.03 -7.68
C ASP L 19 -52.89 19.53 -7.72
N PHE L 20 -51.67 19.10 -8.07
CA PHE L 20 -51.34 17.69 -8.15
C PHE L 20 -49.83 17.53 -8.13
N ALA L 21 -49.37 16.28 -8.17
CA ALA L 21 -47.95 15.97 -8.17
C ALA L 21 -47.79 14.53 -8.62
N VAL L 22 -46.68 14.24 -9.28
CA VAL L 22 -46.43 12.87 -9.72
C VAL L 22 -45.03 12.43 -9.36
N LEU L 23 -44.90 11.14 -9.07
CA LEU L 23 -43.62 10.53 -8.73
C LEU L 23 -43.58 9.24 -9.53
N ALA L 24 -42.73 9.20 -10.55
CA ALA L 24 -42.62 8.02 -11.37
C ALA L 24 -41.24 7.39 -11.29
N GLY L 25 -41.13 6.15 -11.76
CA GLY L 25 -39.87 5.45 -11.76
C GLY L 25 -39.94 4.20 -12.61
N ASP L 26 -38.85 3.86 -13.29
CA ASP L 26 -38.83 2.66 -14.11
C ASP L 26 -38.99 1.48 -13.16
N THR L 27 -39.40 0.32 -13.68
CA THR L 27 -39.60 -0.82 -12.81
C THR L 27 -38.52 -1.88 -12.94
N ARG L 28 -37.36 -1.49 -13.47
CA ARG L 28 -36.28 -2.43 -13.64
C ARG L 28 -35.37 -2.43 -12.44
N ASN L 29 -34.86 -3.61 -12.09
CA ASN L 29 -33.96 -3.76 -10.95
C ASN L 29 -32.76 -4.52 -11.48
N ILE L 30 -31.56 -3.97 -11.31
CA ILE L 30 -30.38 -4.63 -11.84
C ILE L 30 -29.24 -4.83 -10.87
N THR L 31 -28.26 -5.61 -11.32
CA THR L 31 -27.05 -5.88 -10.57
C THR L 31 -25.98 -6.05 -11.63
N ASP L 32 -25.02 -5.13 -11.66
CA ASP L 32 -23.96 -5.22 -12.66
C ASP L 32 -24.62 -5.25 -14.03
N TYR L 33 -24.32 -6.28 -14.82
CA TYR L 33 -24.91 -6.36 -16.16
C TYR L 33 -26.05 -7.35 -16.30
N SER L 34 -26.69 -7.68 -15.19
CA SER L 34 -27.82 -8.60 -15.21
C SER L 34 -29.07 -7.91 -14.77
N ILE L 35 -30.21 -8.46 -15.17
CA ILE L 35 -31.49 -7.91 -14.77
C ILE L 35 -32.03 -8.86 -13.70
N ASN L 36 -32.34 -8.29 -12.54
CA ASN L 36 -32.88 -9.08 -11.44
C ASN L 36 -34.37 -9.24 -11.65
N SER L 37 -35.01 -8.14 -12.04
CA SER L 37 -36.44 -8.17 -12.27
C SER L 37 -36.81 -7.12 -13.29
N ARG L 38 -37.80 -7.40 -14.12
CA ARG L 38 -38.28 -6.46 -15.12
C ARG L 38 -39.44 -5.69 -14.52
N TYR L 39 -39.93 -6.17 -13.38
CA TYR L 39 -41.01 -5.51 -12.66
C TYR L 39 -40.91 -5.66 -11.15
N GLU L 40 -40.38 -4.63 -10.52
CA GLU L 40 -40.21 -4.57 -9.07
C GLU L 40 -40.49 -3.11 -8.72
N PRO L 41 -41.73 -2.79 -8.36
CA PRO L 41 -42.16 -1.44 -7.99
C PRO L 41 -41.16 -0.73 -7.10
N LYS L 42 -40.96 0.55 -7.37
CA LYS L 42 -39.98 1.35 -6.65
C LYS L 42 -40.58 2.61 -6.00
N VAL L 43 -41.78 3.00 -6.47
CA VAL L 43 -42.49 4.17 -5.96
C VAL L 43 -43.66 3.64 -5.13
N PHE L 44 -43.79 4.12 -3.89
CA PHE L 44 -44.83 3.63 -2.97
C PHE L 44 -45.83 4.64 -2.39
N ASP L 45 -47.01 4.13 -2.07
CA ASP L 45 -48.08 4.92 -1.46
C ASP L 45 -47.95 4.60 0.02
N CYS L 46 -47.64 5.61 0.82
CA CYS L 46 -47.45 5.43 2.26
C CYS L 46 -48.59 5.92 3.14
N GLY L 47 -49.68 6.35 2.53
CA GLY L 47 -50.81 6.85 3.30
C GLY L 47 -50.80 8.36 3.39
N ASP L 48 -51.80 8.93 4.04
CA ASP L 48 -51.92 10.38 4.20
C ASP L 48 -51.57 11.15 2.92
N ASN L 49 -51.87 10.52 1.80
CA ASN L 49 -51.61 11.10 0.48
C ASN L 49 -50.17 11.46 0.27
N ILE L 50 -49.28 10.52 0.58
CA ILE L 50 -47.86 10.72 0.41
C ILE L 50 -47.28 9.57 -0.40
N VAL L 51 -46.55 9.90 -1.46
CA VAL L 51 -45.90 8.88 -2.26
C VAL L 51 -44.41 9.11 -2.12
N MET L 52 -43.67 8.04 -1.91
CA MET L 52 -42.23 8.15 -1.74
C MET L 52 -41.46 7.09 -2.49
N SER L 53 -40.20 7.38 -2.80
CA SER L 53 -39.34 6.43 -3.48
C SER L 53 -37.92 6.71 -3.06
N ALA L 54 -37.19 5.64 -2.76
CA ALA L 54 -35.80 5.73 -2.33
C ALA L 54 -34.99 4.98 -3.35
N ASN L 55 -34.46 5.69 -4.34
CA ASN L 55 -33.69 5.03 -5.38
C ASN L 55 -32.22 4.91 -5.02
N GLY L 56 -31.56 3.88 -5.58
CA GLY L 56 -30.16 3.68 -5.29
C GLY L 56 -29.80 2.24 -4.99
N PHE L 57 -29.56 1.94 -3.72
CA PHE L 57 -29.23 0.60 -3.26
C PHE L 57 -30.51 0.04 -2.66
N ALA L 58 -31.25 -0.74 -3.46
CA ALA L 58 -32.54 -1.34 -3.06
C ALA L 58 -32.72 -1.80 -1.62
N ALA L 59 -31.72 -2.46 -1.03
CA ALA L 59 -31.85 -2.93 0.35
C ALA L 59 -32.07 -1.73 1.28
N ASP L 60 -31.25 -0.71 1.11
CA ASP L 60 -31.35 0.50 1.92
C ASP L 60 -32.62 1.24 1.57
N GLY L 61 -32.98 1.22 0.29
CA GLY L 61 -34.19 1.89 -0.14
C GLY L 61 -35.44 1.29 0.50
N ASP L 62 -35.49 -0.04 0.59
CA ASP L 62 -36.64 -0.71 1.21
C ASP L 62 -36.72 -0.45 2.69
N ALA L 63 -35.56 -0.50 3.35
CA ALA L 63 -35.51 -0.26 4.77
C ALA L 63 -36.09 1.11 5.09
N LEU L 64 -35.63 2.12 4.36
CA LEU L 64 -36.12 3.46 4.58
C LEU L 64 -37.62 3.55 4.37
N VAL L 65 -38.11 3.14 3.20
CA VAL L 65 -39.55 3.18 2.94
C VAL L 65 -40.36 2.49 4.03
N LYS L 66 -39.93 1.28 4.39
CA LYS L 66 -40.58 0.49 5.42
C LYS L 66 -40.60 1.22 6.74
N ARG L 67 -39.46 1.84 7.06
CA ARG L 67 -39.27 2.59 8.29
C ARG L 67 -40.12 3.86 8.28
N PHE L 68 -40.25 4.50 7.12
CA PHE L 68 -41.07 5.71 7.04
C PHE L 68 -42.55 5.39 7.16
N LYS L 69 -43.01 4.37 6.42
CA LYS L 69 -44.41 3.98 6.47
C LYS L 69 -44.80 3.72 7.91
N ASN L 70 -43.92 3.03 8.61
CA ASN L 70 -44.15 2.69 10.00
C ASN L 70 -44.07 3.96 10.86
N SER L 71 -43.35 4.95 10.36
CA SER L 71 -43.23 6.21 11.08
C SER L 71 -44.57 6.91 11.06
N VAL L 72 -45.25 6.82 9.91
CA VAL L 72 -46.58 7.41 9.72
C VAL L 72 -47.59 6.76 10.66
N LYS L 73 -47.57 5.43 10.72
CA LYS L 73 -48.48 4.66 11.57
C LYS L 73 -48.44 5.13 13.02
N TRP L 74 -47.22 5.30 13.54
CA TRP L 74 -47.07 5.74 14.91
C TRP L 74 -47.44 7.18 15.09
N TYR L 75 -47.36 7.96 14.02
CA TYR L 75 -47.74 9.35 14.12
C TYR L 75 -49.21 9.39 14.51
N HIS L 76 -50.01 8.62 13.78
CA HIS L 76 -51.43 8.52 14.06
C HIS L 76 -51.67 8.05 15.48
N PHE L 77 -50.89 7.08 15.94
CA PHE L 77 -51.03 6.57 17.29
C PHE L 77 -50.75 7.62 18.35
N ASP L 78 -49.60 8.29 18.22
CA ASP L 78 -49.20 9.29 19.18
C ASP L 78 -49.86 10.65 19.00
N HIS L 79 -50.63 10.85 17.94
CA HIS L 79 -51.24 12.15 17.76
C HIS L 79 -52.69 12.17 17.32
N ASN L 80 -53.49 11.27 17.88
CA ASN L 80 -54.90 11.24 17.55
C ASN L 80 -55.13 11.26 16.04
N ASP L 81 -54.80 10.16 15.37
CA ASP L 81 -54.97 10.05 13.92
C ASP L 81 -54.74 11.30 13.08
N LYS L 82 -53.92 12.23 13.57
CA LYS L 82 -53.65 13.45 12.82
C LYS L 82 -52.99 13.12 11.48
N LYS L 83 -53.37 13.85 10.43
CA LYS L 83 -52.78 13.60 9.14
C LYS L 83 -51.37 14.15 9.09
N LEU L 84 -50.46 13.37 8.52
CA LEU L 84 -49.06 13.79 8.40
C LEU L 84 -48.89 14.68 7.16
N SER L 85 -48.72 15.98 7.39
CA SER L 85 -48.53 16.90 6.29
C SER L 85 -47.21 16.61 5.62
N ILE L 86 -47.19 16.73 4.30
CA ILE L 86 -45.99 16.47 3.53
C ILE L 86 -44.75 17.18 4.07
N ASN L 87 -44.88 18.43 4.50
CA ASN L 87 -43.73 19.17 5.02
C ASN L 87 -43.19 18.49 6.29
N SER L 88 -44.10 17.92 7.07
CA SER L 88 -43.75 17.24 8.30
C SER L 88 -43.11 15.90 7.98
N ALA L 89 -43.65 15.20 6.99
CA ALA L 89 -43.08 13.93 6.58
C ALA L 89 -41.61 14.18 6.24
N ALA L 90 -41.37 15.17 5.38
CA ALA L 90 -40.03 15.54 4.97
C ALA L 90 -39.09 15.72 6.14
N ARG L 91 -39.45 16.58 7.10
CA ARG L 91 -38.60 16.82 8.28
C ARG L 91 -38.33 15.49 8.96
N ASN L 92 -39.36 14.68 9.05
CA ASN L 92 -39.21 13.37 9.67
C ASN L 92 -38.18 12.56 8.88
N ILE L 93 -38.37 12.45 7.56
CA ILE L 93 -37.44 11.71 6.71
C ILE L 93 -36.01 12.20 6.97
N GLN L 94 -35.82 13.51 7.08
CA GLN L 94 -34.48 14.03 7.33
C GLN L 94 -33.89 13.37 8.56
N HIS L 95 -34.65 13.28 9.63
CA HIS L 95 -34.10 12.66 10.82
C HIS L 95 -33.82 11.19 10.64
N LEU L 96 -34.67 10.51 9.88
CA LEU L 96 -34.49 9.09 9.62
C LEU L 96 -33.14 8.91 8.96
N LEU L 97 -32.90 9.70 7.92
CA LEU L 97 -31.66 9.62 7.16
C LEU L 97 -30.44 10.04 7.96
N TYR L 98 -30.47 11.23 8.54
CA TYR L 98 -29.33 11.71 9.29
C TYR L 98 -28.99 10.82 10.48
N GLY L 99 -29.95 9.98 10.87
CA GLY L 99 -29.71 9.07 11.98
C GLY L 99 -28.61 8.08 11.64
N LYS L 100 -28.41 7.82 10.35
CA LYS L 100 -27.37 6.90 9.91
C LYS L 100 -26.28 7.67 9.17
N ARG L 101 -26.00 8.87 9.67
CA ARG L 101 -25.00 9.76 9.10
C ARG L 101 -23.64 9.10 8.93
N PHE L 102 -23.35 8.11 9.76
CA PHE L 102 -22.06 7.48 9.64
C PHE L 102 -22.10 6.04 9.13
N PHE L 103 -23.17 5.73 8.41
CA PHE L 103 -23.41 4.45 7.76
C PHE L 103 -24.73 4.68 7.02
N PRO L 104 -24.71 5.63 6.08
CA PRO L 104 -25.81 6.08 5.24
C PRO L 104 -26.65 5.07 4.49
N TYR L 105 -27.90 5.46 4.27
CA TYR L 105 -28.81 4.66 3.49
C TYR L 105 -28.33 5.14 2.13
N TYR L 106 -27.71 4.26 1.35
CA TYR L 106 -27.20 4.66 0.05
C TYR L 106 -28.31 4.86 -0.97
N VAL L 107 -29.16 5.86 -0.75
CA VAL L 107 -30.25 6.14 -1.66
C VAL L 107 -30.54 7.63 -1.79
N HIS L 108 -31.11 8.01 -2.92
CA HIS L 108 -31.50 9.39 -3.15
C HIS L 108 -33.01 9.27 -3.06
N THR L 109 -33.59 9.85 -2.03
CA THR L 109 -35.03 9.73 -1.88
C THR L 109 -35.84 10.98 -2.19
N ILE L 110 -37.04 10.75 -2.71
CA ILE L 110 -37.99 11.78 -3.11
C ILE L 110 -39.40 11.37 -2.68
N ILE L 111 -40.17 12.34 -2.21
CA ILE L 111 -41.55 12.07 -1.83
C ILE L 111 -42.41 13.11 -2.53
N ALA L 112 -43.66 12.76 -2.78
CA ALA L 112 -44.57 13.66 -3.46
C ALA L 112 -45.96 13.65 -2.82
N GLY L 113 -46.67 14.76 -3.04
CA GLY L 113 -48.01 14.89 -2.49
C GLY L 113 -48.50 16.32 -2.60
N LEU L 114 -49.39 16.70 -1.70
CA LEU L 114 -49.95 18.05 -1.69
C LEU L 114 -49.62 18.67 -0.35
N ASP L 115 -49.41 19.98 -0.32
CA ASP L 115 -49.13 20.62 0.96
C ASP L 115 -50.44 20.99 1.63
N GLU L 116 -50.35 21.83 2.67
CA GLU L 116 -51.55 22.20 3.40
C GLU L 116 -52.49 23.17 2.70
N ASP L 117 -51.99 23.89 1.69
CA ASP L 117 -52.83 24.82 0.94
C ASP L 117 -53.39 24.12 -0.28
N GLY L 118 -53.20 22.80 -0.34
CA GLY L 118 -53.71 22.01 -1.45
C GLY L 118 -52.86 22.04 -2.72
N LYS L 119 -51.74 22.77 -2.68
CA LYS L 119 -50.86 22.87 -3.84
C LYS L 119 -49.99 21.62 -3.99
N GLY L 120 -49.57 21.33 -5.22
CA GLY L 120 -48.74 20.17 -5.48
C GLY L 120 -47.34 20.39 -4.93
N ALA L 121 -46.75 19.34 -4.35
CA ALA L 121 -45.42 19.44 -3.76
C ALA L 121 -44.51 18.22 -3.92
N VAL L 122 -43.20 18.51 -4.00
CA VAL L 122 -42.18 17.49 -4.15
C VAL L 122 -40.99 17.86 -3.30
N TYR L 123 -40.48 16.89 -2.55
CA TYR L 123 -39.31 17.07 -1.70
C TYR L 123 -38.28 16.02 -2.10
N SER L 124 -37.01 16.41 -2.13
CA SER L 124 -35.96 15.47 -2.49
C SER L 124 -34.88 15.49 -1.41
N PHE L 125 -34.34 14.32 -1.11
CA PHE L 125 -33.33 14.19 -0.07
C PHE L 125 -31.98 13.62 -0.46
N ASP L 126 -31.01 14.05 0.33
CA ASP L 126 -29.61 13.68 0.28
C ASP L 126 -29.54 12.25 0.80
N PRO L 127 -28.39 11.60 0.62
CA PRO L 127 -28.38 10.24 1.17
C PRO L 127 -28.25 10.40 2.69
N VAL L 128 -27.82 11.57 3.12
CA VAL L 128 -27.68 11.80 4.54
C VAL L 128 -28.67 12.78 5.16
N GLY L 129 -29.70 13.16 4.42
CA GLY L 129 -30.71 14.03 5.02
C GLY L 129 -30.87 15.46 4.57
N SER L 130 -30.03 15.93 3.67
CA SER L 130 -30.17 17.29 3.20
C SER L 130 -31.46 17.27 2.37
N TYR L 131 -32.35 18.23 2.58
CA TYR L 131 -33.59 18.26 1.79
C TYR L 131 -34.08 19.67 1.46
N GLU L 132 -34.79 19.78 0.33
CA GLU L 132 -35.31 21.05 -0.17
C GLU L 132 -36.66 20.79 -0.81
N ARG L 133 -37.57 21.77 -0.80
CA ARG L 133 -38.82 21.52 -1.48
C ARG L 133 -38.52 21.94 -2.90
N GLU L 134 -39.00 21.18 -3.88
CA GLU L 134 -38.67 21.50 -5.26
C GLU L 134 -39.79 21.39 -6.27
N GLN L 135 -39.55 21.99 -7.43
CA GLN L 135 -40.49 22.00 -8.55
C GLN L 135 -40.59 20.57 -9.08
N CYS L 136 -39.47 20.07 -9.57
CA CYS L 136 -39.40 18.72 -10.06
C CYS L 136 -37.97 18.23 -9.85
N ARG L 137 -37.82 16.92 -9.74
CA ARG L 137 -36.50 16.33 -9.49
C ARG L 137 -36.43 14.88 -9.95
N ALA L 138 -35.36 14.58 -10.68
CA ALA L 138 -35.12 13.24 -11.17
C ALA L 138 -33.95 12.69 -10.34
N GLY L 139 -34.05 11.42 -9.96
CA GLY L 139 -33.00 10.83 -9.17
C GLY L 139 -32.67 9.45 -9.69
N GLY L 140 -31.41 9.06 -9.57
CA GLY L 140 -31.04 7.75 -10.05
C GLY L 140 -30.00 7.87 -11.13
N ALA L 141 -29.80 6.78 -11.86
CA ALA L 141 -28.82 6.73 -12.92
C ALA L 141 -28.99 7.78 -14.00
N ALA L 142 -30.19 7.82 -14.58
CA ALA L 142 -30.51 8.73 -15.66
C ALA L 142 -30.76 10.21 -15.30
N ALA L 143 -30.65 10.55 -14.02
CA ALA L 143 -30.89 11.91 -13.57
C ALA L 143 -30.23 12.97 -14.44
N SER L 144 -28.96 12.76 -14.77
CA SER L 144 -28.22 13.71 -15.60
C SER L 144 -28.73 13.82 -17.04
N LEU L 145 -29.56 12.87 -17.47
CA LEU L 145 -30.10 12.91 -18.82
C LEU L 145 -31.49 13.50 -18.83
N ILE L 146 -32.14 13.53 -17.68
CA ILE L 146 -33.49 14.05 -17.60
C ILE L 146 -33.58 15.50 -17.19
N MET L 147 -32.78 15.92 -16.21
CA MET L 147 -32.84 17.29 -15.73
C MET L 147 -32.64 18.39 -16.76
N PRO L 148 -31.58 18.30 -17.56
CA PRO L 148 -31.38 19.36 -18.55
C PRO L 148 -32.66 19.56 -19.34
N PHE L 149 -33.25 18.44 -19.76
CA PHE L 149 -34.49 18.43 -20.52
C PHE L 149 -35.57 19.21 -19.79
N LEU L 150 -35.96 18.72 -18.62
CA LEU L 150 -36.98 19.36 -17.79
C LEU L 150 -36.73 20.84 -17.63
N ASP L 151 -35.48 21.23 -17.39
CA ASP L 151 -35.15 22.65 -17.25
C ASP L 151 -35.65 23.44 -18.45
N ASN L 152 -35.46 22.85 -19.63
CA ASN L 152 -35.85 23.48 -20.86
C ASN L 152 -37.34 23.39 -21.16
N GLN L 153 -37.93 22.21 -20.98
CA GLN L 153 -39.34 22.02 -21.29
C GLN L 153 -40.37 22.33 -20.20
N VAL L 154 -39.90 22.67 -18.99
CA VAL L 154 -40.81 22.98 -17.90
C VAL L 154 -40.65 24.41 -17.44
N ASN L 155 -39.42 24.87 -17.31
CA ASN L 155 -39.17 26.24 -16.89
C ASN L 155 -38.73 27.07 -18.08
N PHE L 156 -38.89 26.50 -19.27
CA PHE L 156 -38.53 27.14 -20.53
C PHE L 156 -37.21 27.89 -20.43
N LYS L 157 -36.17 27.20 -19.98
CA LYS L 157 -34.86 27.80 -19.84
C LYS L 157 -34.25 28.05 -21.21
N ASN L 158 -33.46 29.11 -21.31
CA ASN L 158 -32.80 29.46 -22.57
C ASN L 158 -33.75 29.76 -23.72
N GLN L 159 -35.05 29.67 -23.46
CA GLN L 159 -36.07 29.94 -24.48
C GLN L 159 -36.58 31.37 -24.35
N TYR L 160 -36.54 32.10 -25.46
CA TYR L 160 -36.99 33.49 -25.47
C TYR L 160 -38.12 33.72 -26.48
N GLU L 161 -38.68 34.93 -26.45
CA GLU L 161 -39.77 35.29 -27.36
C GLU L 161 -39.24 35.57 -28.75
N PRO L 162 -39.79 34.88 -29.75
CA PRO L 162 -39.35 35.09 -31.13
C PRO L 162 -39.48 36.56 -31.55
N GLY L 163 -38.38 37.14 -32.03
CA GLY L 163 -38.40 38.51 -32.47
C GLY L 163 -38.04 39.51 -31.40
N THR L 164 -37.88 39.05 -30.16
CA THR L 164 -37.54 39.96 -29.06
C THR L 164 -36.05 40.14 -28.85
N ASN L 165 -35.24 39.40 -29.61
CA ASN L 165 -33.78 39.52 -29.50
C ASN L 165 -33.32 38.84 -28.20
N GLY L 166 -34.08 37.87 -27.73
CA GLY L 166 -33.73 37.22 -26.48
C GLY L 166 -33.71 38.28 -25.38
N LYS L 167 -34.68 39.20 -25.47
CA LYS L 167 -34.82 40.27 -24.51
C LYS L 167 -36.07 40.04 -23.66
N VAL L 168 -36.88 39.09 -24.12
CA VAL L 168 -38.13 38.73 -23.45
C VAL L 168 -38.17 37.21 -23.25
N LYS L 169 -38.12 36.78 -21.98
CA LYS L 169 -38.15 35.35 -21.66
C LYS L 169 -39.50 34.72 -21.97
N LYS L 170 -39.49 33.55 -22.59
CA LYS L 170 -40.75 32.89 -22.88
C LYS L 170 -41.52 32.77 -21.57
N PRO L 171 -42.76 33.27 -21.55
CA PRO L 171 -43.65 33.23 -20.38
C PRO L 171 -43.85 31.83 -19.80
N LEU L 172 -43.79 31.73 -18.48
CA LEU L 172 -43.94 30.46 -17.76
C LEU L 172 -45.37 29.96 -17.55
N LYS L 173 -46.07 29.58 -18.60
CA LYS L 173 -47.43 29.07 -18.40
C LYS L 173 -47.31 27.73 -17.70
N TYR L 174 -48.28 27.35 -16.88
CA TYR L 174 -48.15 26.06 -16.22
C TYR L 174 -49.01 24.91 -16.70
N LEU L 175 -48.35 23.75 -16.74
CA LEU L 175 -48.87 22.49 -17.21
C LEU L 175 -49.90 21.77 -16.37
N SER L 176 -50.74 21.03 -17.08
CA SER L 176 -51.79 20.22 -16.49
C SER L 176 -51.19 18.85 -16.24
N VAL L 177 -51.90 18.02 -15.48
CA VAL L 177 -51.40 16.68 -15.21
C VAL L 177 -51.12 15.90 -16.49
N GLU L 178 -52.03 15.99 -17.46
CA GLU L 178 -51.85 15.28 -18.73
C GLU L 178 -50.62 15.74 -19.48
N GLU L 179 -50.32 17.04 -19.38
CA GLU L 179 -49.16 17.63 -20.04
C GLU L 179 -47.89 17.15 -19.35
N VAL L 180 -47.92 17.10 -18.03
CA VAL L 180 -46.78 16.64 -17.24
C VAL L 180 -46.46 15.17 -17.56
N ILE L 181 -47.49 14.33 -17.53
CA ILE L 181 -47.29 12.92 -17.81
C ILE L 181 -46.65 12.68 -19.17
N LYS L 182 -46.82 13.60 -20.12
CA LYS L 182 -46.21 13.43 -21.43
C LYS L 182 -44.72 13.60 -21.26
N LEU L 183 -44.34 14.67 -20.58
CA LEU L 183 -42.94 14.97 -20.32
C LEU L 183 -42.25 13.82 -19.60
N VAL L 184 -42.95 13.25 -18.62
CA VAL L 184 -42.42 12.13 -17.86
C VAL L 184 -42.11 10.97 -18.79
N ARG L 185 -43.13 10.55 -19.56
CA ARG L 185 -42.95 9.43 -20.49
C ARG L 185 -41.83 9.65 -21.49
N ASP L 186 -41.75 10.85 -22.06
CA ASP L 186 -40.68 11.11 -23.00
C ASP L 186 -39.35 11.06 -22.26
N SER L 187 -39.33 11.63 -21.06
CA SER L 187 -38.12 11.62 -20.26
C SER L 187 -37.62 10.18 -20.07
N PHE L 188 -38.55 9.26 -19.87
CA PHE L 188 -38.15 7.87 -19.67
C PHE L 188 -37.88 7.11 -20.96
N THR L 189 -38.64 7.35 -22.01
CA THR L 189 -38.34 6.62 -23.25
C THR L 189 -36.97 7.07 -23.71
N SER L 190 -36.64 8.34 -23.45
CA SER L 190 -35.34 8.87 -23.82
C SER L 190 -34.27 8.25 -22.94
N ALA L 191 -34.44 8.36 -21.62
CA ALA L 191 -33.48 7.80 -20.69
C ALA L 191 -33.22 6.32 -21.03
N THR L 192 -34.28 5.59 -21.34
CA THR L 192 -34.18 4.17 -21.69
C THR L 192 -33.27 3.91 -22.89
N GLU L 193 -33.31 4.82 -23.85
CA GLU L 193 -32.52 4.73 -25.06
C GLU L 193 -31.03 4.87 -24.83
N ARG L 194 -30.65 5.80 -23.96
CA ARG L 194 -29.24 6.05 -23.71
C ARG L 194 -28.62 5.52 -22.43
N HIS L 195 -29.42 4.96 -21.54
CA HIS L 195 -28.88 4.43 -20.31
C HIS L 195 -29.24 2.97 -20.14
N ILE L 196 -28.21 2.12 -20.08
CA ILE L 196 -28.41 0.68 -19.98
C ILE L 196 -29.09 0.18 -18.73
N GLN L 197 -29.19 1.03 -17.71
CA GLN L 197 -29.82 0.59 -16.47
C GLN L 197 -31.30 0.94 -16.39
N VAL L 198 -31.81 1.58 -17.42
CA VAL L 198 -33.22 1.98 -17.44
C VAL L 198 -34.00 1.31 -18.56
N GLY L 199 -35.18 0.81 -18.22
CA GLY L 199 -36.03 0.15 -19.20
C GLY L 199 -37.09 -0.75 -18.58
N ASP L 200 -37.63 -1.64 -19.40
CA ASP L 200 -38.64 -2.60 -18.98
C ASP L 200 -40.04 -2.02 -18.73
N GLY L 201 -40.16 -1.16 -17.73
CA GLY L 201 -41.46 -0.56 -17.44
C GLY L 201 -41.38 0.73 -16.65
N LEU L 202 -42.38 1.59 -16.82
CA LEU L 202 -42.46 2.87 -16.14
C LEU L 202 -43.76 2.88 -15.35
N GLU L 203 -43.66 3.15 -14.07
CA GLU L 203 -44.84 3.20 -13.23
C GLU L 203 -44.92 4.59 -12.64
N ILE L 204 -46.07 5.23 -12.79
CA ILE L 204 -46.27 6.57 -12.27
C ILE L 204 -47.33 6.60 -11.19
N LEU L 205 -47.13 7.42 -10.17
CA LEU L 205 -48.11 7.57 -9.11
C LEU L 205 -48.54 9.04 -9.11
N ILE L 206 -49.85 9.27 -9.14
CA ILE L 206 -50.38 10.63 -9.21
C ILE L 206 -51.23 11.03 -8.01
N VAL L 207 -50.81 12.12 -7.36
CA VAL L 207 -51.48 12.63 -6.17
C VAL L 207 -52.34 13.88 -6.41
N THR L 208 -53.63 13.75 -6.10
CA THR L 208 -54.60 14.83 -6.26
C THR L 208 -55.41 14.90 -4.97
N LYS L 209 -56.23 15.94 -4.84
CA LYS L 209 -57.06 16.08 -3.64
C LYS L 209 -57.88 14.81 -3.46
N ASP L 210 -58.13 14.11 -4.56
CA ASP L 210 -58.92 12.90 -4.52
C ASP L 210 -58.16 11.63 -4.15
N GLY L 211 -56.85 11.73 -4.02
CA GLY L 211 -56.08 10.55 -3.65
C GLY L 211 -54.96 10.15 -4.58
N VAL L 212 -54.55 8.88 -4.46
CA VAL L 212 -53.45 8.36 -5.24
C VAL L 212 -53.85 7.42 -6.39
N ARG L 213 -53.59 7.85 -7.62
CA ARG L 213 -53.89 7.04 -8.80
C ARG L 213 -52.56 6.51 -9.36
N LYS L 214 -52.62 5.39 -10.08
CA LYS L 214 -51.42 4.77 -10.63
C LYS L 214 -51.52 4.41 -12.12
N GLU L 215 -50.53 4.83 -12.91
CA GLU L 215 -50.49 4.52 -14.34
C GLU L 215 -49.21 3.74 -14.69
N PHE L 216 -49.28 2.88 -15.70
CA PHE L 216 -48.11 2.08 -16.09
C PHE L 216 -47.89 2.05 -17.59
N TYR L 217 -46.61 2.05 -17.97
CA TYR L 217 -46.25 2.00 -19.38
C TYR L 217 -45.05 1.09 -19.60
N GLU L 218 -45.05 0.41 -20.74
CA GLU L 218 -43.96 -0.47 -21.09
C GLU L 218 -42.77 0.34 -21.60
N LEU L 219 -41.57 -0.17 -21.41
CA LEU L 219 -40.32 0.46 -21.89
C LEU L 219 -39.48 -0.63 -22.57
N LYS L 220 -38.60 -0.24 -23.48
CA LYS L 220 -37.77 -1.23 -24.18
C LYS L 220 -37.04 -2.12 -23.19
N ARG L 221 -37.04 -3.42 -23.48
CA ARG L 221 -36.41 -4.39 -22.59
C ARG L 221 -34.97 -4.79 -22.87
N ASP L 222 -34.27 -4.06 -23.74
CA ASP L 222 -32.88 -4.40 -24.05
C ASP L 222 -31.85 -3.81 -23.08
N THR M 1 -17.35 -9.13 9.32
CA THR M 1 -16.94 -9.37 7.90
C THR M 1 -16.18 -10.68 7.84
N GLN M 2 -16.51 -11.49 6.85
CA GLN M 2 -15.89 -12.79 6.68
C GLN M 2 -15.60 -13.06 5.21
N GLN M 3 -15.53 -14.34 4.88
CA GLN M 3 -15.28 -14.82 3.53
C GLN M 3 -15.75 -16.26 3.50
N PRO M 4 -16.52 -16.63 2.48
CA PRO M 4 -17.06 -17.99 2.34
C PRO M 4 -15.96 -19.03 2.18
N ILE M 5 -16.27 -20.27 2.52
CA ILE M 5 -15.30 -21.35 2.42
C ILE M 5 -15.90 -22.56 1.68
N VAL M 6 -16.79 -23.30 2.32
CA VAL M 6 -17.44 -24.44 1.66
C VAL M 6 -18.67 -23.81 1.00
N THR M 7 -18.81 -23.98 -0.32
CA THR M 7 -19.92 -23.32 -0.99
C THR M 7 -20.80 -24.07 -1.97
N GLY M 8 -22.02 -23.56 -2.12
CA GLY M 8 -22.97 -24.15 -3.03
C GLY M 8 -23.22 -23.18 -4.18
N THR M 9 -23.29 -23.72 -5.38
CA THR M 9 -23.49 -22.90 -6.56
C THR M 9 -24.96 -22.51 -6.82
N SER M 10 -25.31 -22.39 -8.09
CA SER M 10 -26.66 -21.98 -8.52
C SER M 10 -27.88 -22.59 -7.85
N VAL M 11 -28.96 -21.82 -7.93
CA VAL M 11 -30.27 -22.19 -7.44
C VAL M 11 -31.20 -21.55 -8.42
N ILE M 12 -31.81 -22.33 -9.31
CA ILE M 12 -32.73 -21.76 -10.29
C ILE M 12 -34.17 -22.07 -9.94
N SER M 13 -35.08 -21.22 -10.40
CA SER M 13 -36.48 -21.41 -10.09
C SER M 13 -37.36 -20.52 -10.94
N MET M 14 -38.58 -21.00 -11.17
CA MET M 14 -39.55 -20.27 -11.97
C MET M 14 -40.92 -20.67 -11.45
N LYS M 15 -41.94 -19.95 -11.90
CA LYS M 15 -43.28 -20.26 -11.47
C LYS M 15 -44.14 -20.56 -12.69
N TYR M 16 -44.97 -21.60 -12.57
CA TYR M 16 -45.88 -21.99 -13.65
C TYR M 16 -47.29 -21.72 -13.17
N ASP M 17 -48.28 -21.99 -14.03
CA ASP M 17 -49.70 -21.74 -13.70
C ASP M 17 -50.25 -22.22 -12.36
N ASN M 18 -49.76 -23.36 -11.85
CA ASN M 18 -50.27 -23.92 -10.60
C ASN M 18 -49.35 -23.91 -9.39
N GLY M 19 -48.12 -23.48 -9.57
CA GLY M 19 -47.20 -23.47 -8.45
C GLY M 19 -45.82 -23.00 -8.85
N VAL M 20 -44.81 -23.48 -8.15
CA VAL M 20 -43.45 -23.09 -8.44
C VAL M 20 -42.53 -24.30 -8.44
N ILE M 21 -41.40 -24.16 -9.12
CA ILE M 21 -40.41 -25.22 -9.15
C ILE M 21 -39.08 -24.59 -8.79
N ILE M 22 -38.29 -25.32 -8.03
CA ILE M 22 -36.98 -24.84 -7.62
C ILE M 22 -36.01 -26.03 -7.61
N ALA M 23 -34.76 -25.77 -7.97
CA ALA M 23 -33.75 -26.82 -8.01
C ALA M 23 -32.33 -26.31 -7.71
N ALA M 24 -31.47 -27.21 -7.24
CA ALA M 24 -30.08 -26.90 -6.92
C ALA M 24 -29.28 -28.20 -6.85
N ASP M 25 -28.08 -28.22 -7.45
CA ASP M 25 -27.27 -29.43 -7.41
C ASP M 25 -26.85 -29.76 -6.00
N ASN M 26 -26.28 -30.95 -5.80
CA ASN M 26 -25.90 -31.37 -4.46
C ASN M 26 -24.42 -31.25 -4.17
N LEU M 27 -23.80 -30.22 -4.70
CA LEU M 27 -22.37 -30.03 -4.48
C LEU M 27 -21.98 -29.02 -3.40
N GLY M 28 -20.89 -29.30 -2.71
CA GLY M 28 -20.39 -28.41 -1.68
C GLY M 28 -18.92 -28.25 -2.02
N SER M 29 -18.56 -27.16 -2.68
CA SER M 29 -17.18 -26.93 -3.07
C SER M 29 -16.33 -26.24 -2.02
N TYR M 30 -15.02 -26.47 -2.10
CA TYR M 30 -14.06 -25.88 -1.19
C TYR M 30 -13.06 -25.21 -2.11
N GLY M 31 -13.49 -24.12 -2.72
CA GLY M 31 -12.63 -23.43 -3.65
C GLY M 31 -12.82 -24.14 -4.95
N SER M 32 -11.73 -24.63 -5.53
CA SER M 32 -11.80 -25.34 -6.80
C SER M 32 -11.94 -26.85 -6.55
N LEU M 33 -11.77 -27.27 -5.30
CA LEU M 33 -11.90 -28.68 -4.95
C LEU M 33 -13.37 -29.02 -4.74
N LEU M 34 -13.89 -29.94 -5.53
CA LEU M 34 -15.29 -30.33 -5.41
C LEU M 34 -15.38 -31.32 -4.26
N ARG M 35 -15.26 -30.81 -3.04
CA ARG M 35 -15.23 -31.63 -1.83
C ARG M 35 -16.43 -32.48 -1.43
N PHE M 36 -17.60 -31.88 -1.27
CA PHE M 36 -18.73 -32.67 -0.81
C PHE M 36 -19.83 -32.90 -1.83
N ASN M 37 -20.21 -34.16 -2.00
CA ASN M 37 -21.23 -34.48 -2.98
C ASN M 37 -22.59 -34.90 -2.50
N GLY M 38 -22.79 -34.92 -1.19
CA GLY M 38 -24.10 -35.32 -0.69
C GLY M 38 -24.76 -34.15 -0.02
N VAL M 39 -24.69 -32.97 -0.62
CA VAL M 39 -25.26 -31.79 -0.01
C VAL M 39 -26.61 -31.33 -0.55
N GLU M 40 -27.63 -31.45 0.29
CA GLU M 40 -28.96 -31.02 -0.10
C GLU M 40 -29.04 -29.55 0.21
N ARG M 41 -29.41 -28.74 -0.79
CA ARG M 41 -29.51 -27.30 -0.63
C ARG M 41 -30.92 -26.78 -0.79
N LEU M 42 -31.89 -27.70 -0.84
CA LEU M 42 -33.29 -27.33 -0.94
C LEU M 42 -33.88 -27.64 0.43
N ILE M 43 -34.36 -26.60 1.12
CA ILE M 43 -34.89 -26.75 2.45
C ILE M 43 -36.40 -26.59 2.46
N PRO M 44 -37.12 -27.70 2.62
CA PRO M 44 -38.58 -27.62 2.64
C PRO M 44 -38.98 -27.17 4.03
N VAL M 45 -39.85 -26.17 4.11
CA VAL M 45 -40.33 -25.67 5.38
C VAL M 45 -41.83 -25.88 5.38
N GLY M 46 -42.27 -26.95 6.05
CA GLY M 46 -43.69 -27.25 6.06
C GLY M 46 -44.00 -28.02 4.79
N ASP M 47 -45.12 -27.71 4.16
CA ASP M 47 -45.49 -28.41 2.93
C ASP M 47 -46.03 -27.46 1.87
N ASN M 48 -45.59 -26.20 1.94
CA ASN M 48 -46.00 -25.19 0.97
C ASN M 48 -44.83 -24.27 0.67
N THR M 49 -43.70 -24.53 1.32
CA THR M 49 -42.51 -23.71 1.16
C THR M 49 -41.24 -24.53 1.01
N VAL M 50 -40.38 -24.11 0.09
CA VAL M 50 -39.09 -24.75 -0.10
C VAL M 50 -38.09 -23.62 -0.26
N VAL M 51 -37.02 -23.66 0.54
CA VAL M 51 -36.01 -22.63 0.51
C VAL M 51 -34.70 -23.17 -0.08
N GLY M 52 -34.30 -22.61 -1.22
CA GLY M 52 -33.06 -23.01 -1.87
C GLY M 52 -32.00 -22.00 -1.49
N ILE M 53 -30.84 -22.51 -1.09
CA ILE M 53 -29.73 -21.68 -0.63
C ILE M 53 -28.42 -21.92 -1.37
N SER M 54 -27.73 -20.84 -1.71
CA SER M 54 -26.43 -20.95 -2.36
C SER M 54 -25.50 -20.08 -1.53
N GLY M 55 -24.22 -20.31 -1.63
CA GLY M 55 -23.30 -19.51 -0.86
C GLY M 55 -22.59 -20.34 0.18
N ASP M 56 -22.21 -19.70 1.28
CA ASP M 56 -21.49 -20.40 2.32
C ASP M 56 -22.35 -21.54 2.90
N ILE M 57 -21.79 -22.75 2.91
CA ILE M 57 -22.52 -23.90 3.42
C ILE M 57 -22.71 -23.88 4.94
N SER M 58 -21.71 -23.40 5.68
CA SER M 58 -21.84 -23.35 7.13
C SER M 58 -22.97 -22.40 7.50
N ASP M 59 -23.09 -21.30 6.75
CA ASP M 59 -24.15 -20.34 6.99
C ASP M 59 -25.48 -20.96 6.64
N MET M 60 -25.53 -21.67 5.52
CA MET M 60 -26.75 -22.33 5.10
C MET M 60 -27.28 -23.19 6.26
N GLN M 61 -26.44 -24.08 6.75
CA GLN M 61 -26.79 -24.98 7.85
C GLN M 61 -27.36 -24.18 9.02
N HIS M 62 -26.85 -22.96 9.20
CA HIS M 62 -27.33 -22.09 10.27
C HIS M 62 -28.74 -21.64 9.94
N ILE M 63 -28.96 -21.22 8.69
CA ILE M 63 -30.27 -20.75 8.27
C ILE M 63 -31.25 -21.90 8.34
N GLU M 64 -30.72 -23.11 8.17
CA GLU M 64 -31.52 -24.32 8.21
C GLU M 64 -32.06 -24.54 9.63
N ARG M 65 -31.17 -24.45 10.60
CA ARG M 65 -31.55 -24.60 12.01
C ARG M 65 -32.55 -23.50 12.36
N LEU M 66 -32.31 -22.29 11.87
CA LEU M 66 -33.21 -21.18 12.15
C LEU M 66 -34.62 -21.51 11.69
N LEU M 67 -34.72 -22.11 10.51
CA LEU M 67 -36.00 -22.47 9.95
C LEU M 67 -36.74 -23.53 10.76
N LYS M 68 -36.03 -24.55 11.25
CA LYS M 68 -36.67 -25.57 12.05
C LYS M 68 -37.21 -24.95 13.34
N ASP M 69 -36.49 -24.00 13.92
CA ASP M 69 -36.96 -23.36 15.13
C ASP M 69 -38.18 -22.52 14.84
N LEU M 70 -38.29 -22.04 13.61
CA LEU M 70 -39.42 -21.22 13.24
C LEU M 70 -40.67 -22.09 13.31
N VAL M 71 -40.54 -23.31 12.82
CA VAL M 71 -41.65 -24.26 12.83
C VAL M 71 -42.03 -24.62 14.26
N THR M 72 -41.06 -25.10 15.02
CA THR M 72 -41.27 -25.48 16.41
C THR M 72 -41.96 -24.33 17.14
N GLU M 73 -41.41 -23.13 17.01
CA GLU M 73 -41.94 -21.94 17.64
C GLU M 73 -43.37 -21.60 17.21
N ASN M 74 -43.71 -21.82 15.95
CA ASN M 74 -45.05 -21.50 15.50
C ASN M 74 -46.08 -22.44 16.08
N ALA M 75 -45.60 -23.60 16.53
CA ALA M 75 -46.46 -24.63 17.11
C ALA M 75 -46.89 -24.26 18.53
N TYR M 76 -46.05 -23.49 19.23
CA TYR M 76 -46.36 -23.09 20.60
C TYR M 76 -47.66 -22.31 20.78
N ASP M 77 -48.50 -22.79 21.70
CA ASP M 77 -49.77 -22.15 22.02
C ASP M 77 -50.55 -21.80 20.75
N ASN M 78 -50.37 -22.63 19.73
CA ASN M 78 -51.02 -22.41 18.45
C ASN M 78 -51.75 -23.68 18.02
N PRO M 79 -53.06 -23.74 18.29
CA PRO M 79 -53.91 -24.88 17.94
C PRO M 79 -54.19 -25.00 16.45
N LEU M 80 -53.82 -23.95 15.70
CA LEU M 80 -54.02 -23.92 14.27
C LEU M 80 -52.70 -23.94 13.51
N ALA M 81 -51.71 -24.60 14.11
CA ALA M 81 -50.37 -24.73 13.55
C ALA M 81 -50.38 -25.39 12.18
N ASP M 82 -51.34 -26.27 11.97
CA ASP M 82 -51.45 -26.96 10.68
C ASP M 82 -52.76 -26.61 10.01
N ALA M 83 -53.20 -25.38 10.20
CA ALA M 83 -54.43 -24.91 9.60
C ALA M 83 -54.25 -23.45 9.25
N GLU M 84 -55.20 -22.62 9.69
CA GLU M 84 -55.15 -21.19 9.41
C GLU M 84 -53.88 -20.49 9.86
N GLU M 85 -53.29 -20.93 10.98
CA GLU M 85 -52.09 -20.30 11.49
C GLU M 85 -50.81 -21.11 11.26
N ALA M 86 -50.69 -21.67 10.06
CA ALA M 86 -49.50 -22.43 9.72
C ALA M 86 -48.56 -21.45 9.04
N LEU M 87 -47.28 -21.81 8.95
CA LEU M 87 -46.30 -20.96 8.30
C LEU M 87 -46.53 -20.78 6.81
N GLU M 88 -46.64 -19.51 6.39
CA GLU M 88 -46.83 -19.15 4.99
C GLU M 88 -45.46 -18.85 4.38
N PRO M 89 -45.34 -18.98 3.05
CA PRO M 89 -44.04 -18.69 2.46
C PRO M 89 -43.67 -17.23 2.72
N SER M 90 -44.62 -16.33 2.52
CA SER M 90 -44.34 -14.91 2.73
C SER M 90 -43.77 -14.64 4.12
N TYR M 91 -44.20 -15.38 5.13
CA TYR M 91 -43.70 -15.18 6.49
C TYR M 91 -42.26 -15.67 6.57
N ILE M 92 -42.01 -16.85 6.03
CA ILE M 92 -40.67 -17.42 6.07
C ILE M 92 -39.72 -16.44 5.42
N PHE M 93 -40.14 -15.87 4.30
CA PHE M 93 -39.30 -14.93 3.59
C PHE M 93 -39.04 -13.64 4.38
N GLU M 94 -40.10 -12.95 4.75
CA GLU M 94 -39.96 -11.70 5.50
C GLU M 94 -38.98 -11.88 6.65
N TYR M 95 -39.05 -13.04 7.29
CA TYR M 95 -38.17 -13.38 8.40
C TYR M 95 -36.73 -13.40 7.91
N LEU M 96 -36.43 -14.38 7.06
CA LEU M 96 -35.11 -14.51 6.50
C LEU M 96 -34.59 -13.17 5.98
N ALA M 97 -35.41 -12.52 5.17
CA ALA M 97 -35.04 -11.22 4.61
C ALA M 97 -34.60 -10.30 5.74
N THR M 98 -35.40 -10.25 6.80
CA THR M 98 -35.09 -9.42 7.94
C THR M 98 -33.72 -9.75 8.49
N VAL M 99 -33.50 -11.03 8.77
CA VAL M 99 -32.23 -11.49 9.32
C VAL M 99 -31.05 -11.10 8.44
N MET M 100 -31.19 -11.38 7.14
CA MET M 100 -30.12 -11.09 6.19
C MET M 100 -29.66 -9.65 6.25
N TYR M 101 -30.61 -8.71 6.21
CA TYR M 101 -30.29 -7.30 6.25
C TYR M 101 -29.69 -6.86 7.60
N GLN M 102 -30.26 -7.35 8.70
CA GLN M 102 -29.72 -7.00 10.01
C GLN M 102 -28.26 -7.40 10.07
N ARG M 103 -27.96 -8.55 9.50
CA ARG M 103 -26.60 -9.06 9.52
C ARG M 103 -25.64 -8.28 8.65
N ARG M 104 -26.08 -7.81 7.47
CA ARG M 104 -25.15 -7.05 6.65
C ARG M 104 -25.00 -5.70 7.33
N SER M 105 -26.05 -5.27 8.01
CA SER M 105 -26.00 -3.98 8.69
C SER M 105 -25.14 -3.99 9.96
N LYS M 106 -24.65 -5.17 10.34
CA LYS M 106 -23.78 -5.30 11.48
C LYS M 106 -22.44 -5.72 10.95
N MET M 107 -22.26 -5.55 9.65
CA MET M 107 -21.01 -5.91 8.98
C MET M 107 -20.57 -7.34 9.25
N ASN M 108 -21.53 -8.24 9.35
CA ASN M 108 -21.24 -9.64 9.60
C ASN M 108 -22.35 -10.42 8.92
N PRO M 109 -22.33 -10.50 7.59
CA PRO M 109 -23.33 -11.19 6.78
C PRO M 109 -23.36 -12.71 6.79
N LEU M 110 -24.50 -13.24 6.35
CA LEU M 110 -24.71 -14.66 6.16
C LEU M 110 -24.41 -14.68 4.67
N TRP M 111 -23.27 -15.25 4.32
CA TRP M 111 -22.81 -15.27 2.95
C TRP M 111 -23.62 -16.16 2.01
N ASN M 112 -24.86 -15.76 1.76
CA ASN M 112 -25.72 -16.54 0.91
C ASN M 112 -26.59 -15.76 -0.03
N ALA M 113 -27.17 -16.49 -0.97
CA ALA M 113 -28.10 -15.98 -1.95
C ALA M 113 -29.21 -16.98 -1.72
N ILE M 114 -30.37 -16.52 -1.27
CA ILE M 114 -31.48 -17.41 -0.98
C ILE M 114 -32.71 -17.17 -1.85
N ILE M 115 -33.42 -18.26 -2.20
CA ILE M 115 -34.65 -18.13 -2.97
C ILE M 115 -35.74 -18.91 -2.25
N VAL M 116 -36.79 -18.21 -1.85
CA VAL M 116 -37.90 -18.83 -1.17
C VAL M 116 -38.99 -19.06 -2.18
N ALA M 117 -39.34 -20.33 -2.38
CA ALA M 117 -40.37 -20.71 -3.34
C ALA M 117 -41.50 -21.41 -2.63
N GLY M 118 -42.73 -21.14 -3.06
CA GLY M 118 -43.86 -21.79 -2.44
C GLY M 118 -45.21 -21.25 -2.89
N VAL M 119 -46.26 -21.82 -2.29
CA VAL M 119 -47.63 -21.43 -2.59
C VAL M 119 -48.31 -20.92 -1.32
N GLN M 120 -48.91 -19.74 -1.41
CA GLN M 120 -49.59 -19.16 -0.26
C GLN M 120 -50.83 -19.99 0.08
N SER M 121 -51.57 -19.57 1.09
CA SER M 121 -52.78 -20.30 1.49
C SER M 121 -53.92 -20.09 0.50
N ASN M 122 -53.97 -18.93 -0.15
CA ASN M 122 -55.03 -18.64 -1.10
C ASN M 122 -54.66 -19.12 -2.49
N GLY M 123 -53.59 -19.91 -2.58
CA GLY M 123 -53.16 -20.43 -3.87
C GLY M 123 -52.13 -19.61 -4.63
N ASP M 124 -52.04 -18.31 -4.32
CA ASP M 124 -51.07 -17.43 -4.97
C ASP M 124 -49.67 -18.04 -4.94
N GLN M 125 -48.93 -17.89 -6.04
CA GLN M 125 -47.57 -18.42 -6.11
C GLN M 125 -46.62 -17.40 -5.48
N PHE M 126 -45.62 -17.91 -4.75
CA PHE M 126 -44.66 -17.01 -4.13
C PHE M 126 -43.24 -17.40 -4.54
N LEU M 127 -42.51 -16.43 -5.06
CA LEU M 127 -41.15 -16.67 -5.48
C LEU M 127 -40.37 -15.38 -5.32
N ARG M 128 -39.53 -15.31 -4.29
CA ARG M 128 -38.75 -14.12 -4.06
C ARG M 128 -37.31 -14.45 -3.68
N TYR M 129 -36.42 -13.48 -3.87
CA TYR M 129 -34.99 -13.61 -3.62
C TYR M 129 -34.46 -12.69 -2.51
N VAL M 130 -33.34 -13.08 -1.90
CA VAL M 130 -32.71 -12.27 -0.85
C VAL M 130 -31.25 -12.73 -0.73
N ASN M 131 -30.32 -11.79 -0.68
CA ASN M 131 -28.92 -12.18 -0.56
C ASN M 131 -28.24 -11.59 0.67
N LEU M 132 -26.93 -11.78 0.76
CA LEU M 132 -26.13 -11.33 1.88
C LEU M 132 -26.16 -9.82 2.14
N LEU M 133 -26.58 -9.06 1.14
CA LEU M 133 -26.66 -7.60 1.29
C LEU M 133 -28.03 -7.21 1.79
N GLY M 134 -28.95 -8.17 1.80
CA GLY M 134 -30.29 -7.89 2.24
C GLY M 134 -31.16 -7.41 1.09
N VAL M 135 -30.64 -7.53 -0.12
CA VAL M 135 -31.38 -7.11 -1.31
C VAL M 135 -32.48 -8.14 -1.61
N THR M 136 -33.60 -7.67 -2.15
CA THR M 136 -34.70 -8.57 -2.46
C THR M 136 -35.48 -8.18 -3.71
N TYR M 137 -36.07 -9.20 -4.35
CA TYR M 137 -36.87 -8.99 -5.54
C TYR M 137 -37.57 -10.25 -6.04
N SER M 138 -38.66 -10.03 -6.76
CA SER M 138 -39.42 -11.12 -7.34
C SER M 138 -39.46 -10.97 -8.85
N SER M 139 -39.60 -12.10 -9.52
CA SER M 139 -39.65 -12.16 -10.98
C SER M 139 -40.18 -13.54 -11.34
N PRO M 140 -40.84 -13.69 -12.50
CA PRO M 140 -41.40 -14.98 -12.95
C PRO M 140 -40.35 -16.10 -12.84
N THR M 141 -39.08 -15.74 -12.96
CA THR M 141 -38.00 -16.70 -12.82
C THR M 141 -36.96 -16.05 -11.92
N LEU M 142 -36.23 -16.88 -11.18
CA LEU M 142 -35.19 -16.39 -10.27
C LEU M 142 -34.09 -17.44 -10.16
N ALA M 143 -32.85 -16.97 -10.18
CA ALA M 143 -31.70 -17.85 -10.07
C ALA M 143 -30.56 -17.09 -9.41
N THR M 144 -29.69 -17.81 -8.71
CA THR M 144 -28.55 -17.20 -8.04
C THR M 144 -27.25 -17.60 -8.74
N GLY M 145 -26.18 -16.84 -8.50
CA GLY M 145 -24.90 -17.15 -9.12
C GLY M 145 -24.98 -17.34 -10.62
N PHE M 146 -24.29 -18.35 -11.12
CA PHE M 146 -24.26 -18.66 -12.55
C PHE M 146 -25.64 -18.79 -13.17
N GLY M 147 -26.59 -19.30 -12.40
CA GLY M 147 -27.93 -19.45 -12.93
C GLY M 147 -28.51 -18.13 -13.41
N ALA M 148 -28.16 -17.06 -12.72
CA ALA M 148 -28.65 -15.74 -13.09
C ALA M 148 -28.19 -15.38 -14.49
N HIS M 149 -27.04 -15.91 -14.90
CA HIS M 149 -26.49 -15.61 -16.22
C HIS M 149 -26.86 -16.58 -17.31
N MET M 150 -27.06 -17.84 -16.95
CA MET M 150 -27.40 -18.83 -17.95
C MET M 150 -28.82 -19.36 -17.80
N ALA M 151 -29.19 -19.76 -16.60
CA ALA M 151 -30.53 -20.26 -16.39
C ALA M 151 -31.60 -19.24 -16.76
N ASN M 152 -31.52 -18.04 -16.20
CA ASN M 152 -32.52 -17.01 -16.49
C ASN M 152 -32.83 -16.84 -17.95
N PRO M 153 -31.80 -16.61 -18.80
CA PRO M 153 -32.05 -16.43 -20.23
C PRO M 153 -32.95 -17.50 -20.83
N LEU M 154 -32.73 -18.75 -20.42
CA LEU M 154 -33.52 -19.85 -20.94
C LEU M 154 -34.94 -19.82 -20.40
N LEU M 155 -35.06 -19.77 -19.07
CA LEU M 155 -36.38 -19.77 -18.42
C LEU M 155 -37.24 -18.61 -18.86
N ARG M 156 -36.62 -17.47 -19.13
CA ARG M 156 -37.37 -16.31 -19.54
C ARG M 156 -37.98 -16.46 -20.91
N LYS M 157 -37.50 -17.44 -21.67
CA LYS M 157 -38.04 -17.70 -23.01
C LYS M 157 -39.40 -18.38 -22.86
N VAL M 158 -39.59 -19.08 -21.74
CA VAL M 158 -40.85 -19.77 -21.43
C VAL M 158 -41.83 -18.78 -20.80
N VAL M 159 -41.35 -18.06 -19.79
CA VAL M 159 -42.16 -17.07 -19.07
C VAL M 159 -41.42 -15.72 -19.16
N ASP M 160 -41.72 -14.97 -20.22
CA ASP M 160 -41.06 -13.68 -20.44
C ASP M 160 -41.70 -12.60 -19.58
N ARG M 161 -43.00 -12.71 -19.35
CA ARG M 161 -43.69 -11.72 -18.52
C ARG M 161 -44.79 -12.39 -17.72
N GLU M 162 -45.39 -11.65 -16.80
CA GLU M 162 -46.44 -12.18 -15.94
C GLU M 162 -47.54 -12.97 -16.67
N SER M 163 -48.04 -12.41 -17.78
CA SER M 163 -49.11 -13.03 -18.54
C SER M 163 -48.81 -14.43 -19.04
N ASP M 164 -47.54 -14.82 -19.00
CA ASP M 164 -47.15 -16.15 -19.47
C ASP M 164 -47.19 -17.25 -18.40
N ILE M 165 -47.46 -16.89 -17.16
CA ILE M 165 -47.47 -17.92 -16.13
C ILE M 165 -48.65 -18.87 -16.27
N PRO M 166 -49.88 -18.33 -16.38
CA PRO M 166 -51.07 -19.17 -16.52
C PRO M 166 -51.01 -20.12 -17.71
N LYS M 167 -50.15 -19.77 -18.66
CA LYS M 167 -49.99 -20.56 -19.88
C LYS M 167 -48.92 -21.62 -19.76
N THR M 168 -48.24 -21.68 -18.62
CA THR M 168 -47.19 -22.67 -18.45
C THR M 168 -47.54 -23.86 -17.58
N THR M 169 -47.37 -25.06 -18.12
CA THR M 169 -47.68 -26.27 -17.39
C THR M 169 -46.48 -26.87 -16.68
N VAL M 170 -46.75 -27.65 -15.65
CA VAL M 170 -45.70 -28.31 -14.86
C VAL M 170 -44.77 -29.11 -15.76
N GLN M 171 -45.31 -29.64 -16.86
CA GLN M 171 -44.51 -30.43 -17.78
C GLN M 171 -43.51 -29.49 -18.45
N VAL M 172 -44.03 -28.39 -19.00
CA VAL M 172 -43.21 -27.39 -19.67
C VAL M 172 -42.20 -26.79 -18.69
N ALA M 173 -42.70 -26.28 -17.57
CA ALA M 173 -41.85 -25.68 -16.54
C ALA M 173 -40.76 -26.65 -16.12
N GLU M 174 -41.13 -27.79 -15.58
CA GLU M 174 -40.12 -28.75 -15.15
C GLU M 174 -39.12 -29.08 -16.24
N GLU M 175 -39.59 -29.12 -17.48
CA GLU M 175 -38.70 -29.43 -18.59
C GLU M 175 -37.64 -28.34 -18.72
N ALA M 176 -38.11 -27.09 -18.75
CA ALA M 176 -37.23 -25.93 -18.84
C ALA M 176 -36.18 -25.99 -17.74
N ILE M 177 -36.62 -26.15 -16.51
CA ILE M 177 -35.72 -26.23 -15.38
C ILE M 177 -34.65 -27.31 -15.60
N VAL M 178 -35.09 -28.53 -15.87
CA VAL M 178 -34.15 -29.64 -16.06
C VAL M 178 -33.14 -29.38 -17.16
N ASN M 179 -33.55 -28.63 -18.17
CA ASN M 179 -32.64 -28.30 -19.28
C ASN M 179 -31.55 -27.37 -18.74
N ALA M 180 -32.00 -26.31 -18.05
CA ALA M 180 -31.11 -25.34 -17.47
C ALA M 180 -30.04 -26.04 -16.64
N MET M 181 -30.47 -26.93 -15.77
CA MET M 181 -29.52 -27.66 -14.94
C MET M 181 -28.44 -28.33 -15.79
N ARG M 182 -28.84 -28.88 -16.93
CA ARG M 182 -27.87 -29.53 -17.81
C ARG M 182 -26.90 -28.50 -18.35
N VAL M 183 -27.43 -27.37 -18.80
CA VAL M 183 -26.60 -26.30 -19.34
C VAL M 183 -25.59 -25.87 -18.26
N LEU M 184 -26.08 -25.62 -17.06
CA LEU M 184 -25.20 -25.21 -15.97
C LEU M 184 -24.10 -26.24 -15.75
N TYR M 185 -24.43 -27.52 -15.91
CA TYR M 185 -23.44 -28.58 -15.71
C TYR M 185 -22.37 -28.54 -16.78
N TYR M 186 -22.72 -28.03 -17.95
CA TYR M 186 -21.75 -27.92 -19.05
C TYR M 186 -20.77 -26.76 -18.87
N ARG M 187 -21.30 -25.59 -18.46
CA ARG M 187 -20.47 -24.40 -18.30
C ARG M 187 -20.08 -23.90 -16.92
N ASP M 188 -20.59 -24.51 -15.84
CA ASP M 188 -20.21 -24.08 -14.49
C ASP M 188 -19.18 -25.04 -13.95
N ALA M 189 -17.97 -24.55 -13.74
CA ALA M 189 -16.85 -25.34 -13.25
C ALA M 189 -17.05 -25.79 -11.83
N ARG M 190 -18.03 -25.22 -11.14
CA ARG M 190 -18.31 -25.57 -9.76
C ARG M 190 -19.67 -26.24 -9.65
N SER M 191 -20.07 -26.98 -10.68
CA SER M 191 -21.36 -27.66 -10.67
C SER M 191 -21.24 -29.17 -10.57
N SER M 192 -22.35 -29.80 -10.23
CA SER M 192 -22.40 -31.24 -10.10
C SER M 192 -23.51 -31.77 -10.98
N ARG M 193 -23.44 -33.07 -11.29
CA ARG M 193 -24.42 -33.70 -12.16
C ARG M 193 -25.68 -34.05 -11.38
N ASN M 194 -25.49 -34.47 -10.14
CA ASN M 194 -26.62 -34.84 -9.31
C ASN M 194 -27.19 -33.62 -8.66
N PHE M 195 -28.51 -33.50 -8.67
CA PHE M 195 -29.16 -32.35 -8.09
C PHE M 195 -30.50 -32.72 -7.49
N SER M 196 -31.20 -31.73 -6.98
CA SER M 196 -32.51 -31.95 -6.38
C SER M 196 -33.47 -30.93 -6.97
N LEU M 197 -34.72 -31.35 -7.11
CA LEU M 197 -35.74 -30.48 -7.67
C LEU M 197 -36.97 -30.64 -6.83
N ALA M 198 -37.77 -29.58 -6.72
CA ALA M 198 -38.98 -29.64 -5.92
C ALA M 198 -40.04 -28.80 -6.59
N ILE M 199 -41.27 -29.31 -6.55
CA ILE M 199 -42.41 -28.61 -7.13
C ILE M 199 -43.42 -28.36 -6.02
N ILE M 200 -44.06 -27.20 -6.08
CA ILE M 200 -45.07 -26.86 -5.09
C ILE M 200 -46.26 -26.44 -5.91
N ASP M 201 -47.24 -27.33 -5.99
CA ASP M 201 -48.45 -27.12 -6.76
C ASP M 201 -49.60 -26.91 -5.78
N LYS M 202 -50.48 -25.97 -6.10
CA LYS M 202 -51.61 -25.69 -5.22
C LYS M 202 -52.62 -26.84 -5.17
N ASN M 203 -52.45 -27.84 -6.03
CA ASN M 203 -53.35 -28.98 -6.03
C ASN M 203 -52.63 -30.23 -5.56
N THR M 204 -51.50 -30.55 -6.19
CA THR M 204 -50.75 -31.76 -5.82
C THR M 204 -49.81 -31.58 -4.63
N GLY M 205 -49.73 -30.35 -4.13
CA GLY M 205 -48.87 -30.08 -2.99
C GLY M 205 -47.38 -30.05 -3.30
N LEU M 206 -46.56 -30.45 -2.33
CA LEU M 206 -45.13 -30.45 -2.51
C LEU M 206 -44.58 -31.79 -2.91
N THR M 207 -43.86 -31.81 -4.03
CA THR M 207 -43.22 -33.02 -4.53
C THR M 207 -41.74 -32.71 -4.45
N PHE M 208 -40.97 -33.61 -3.84
CA PHE M 208 -39.55 -33.35 -3.68
C PHE M 208 -38.72 -34.48 -4.28
N LYS M 209 -38.14 -34.23 -5.45
CA LYS M 209 -37.33 -35.23 -6.14
C LYS M 209 -35.86 -35.14 -5.79
N LYS M 210 -35.30 -36.26 -5.34
CA LYS M 210 -33.91 -36.33 -4.98
C LYS M 210 -33.11 -37.20 -5.93
N ASN M 211 -31.81 -36.99 -5.95
CA ASN M 211 -30.87 -37.74 -6.77
C ASN M 211 -31.10 -37.75 -8.28
N LEU M 212 -31.60 -36.64 -8.82
CA LEU M 212 -31.81 -36.56 -10.25
C LEU M 212 -30.42 -36.43 -10.87
N GLN M 213 -30.33 -36.60 -12.18
CA GLN M 213 -29.05 -36.49 -12.85
C GLN M 213 -29.18 -35.85 -14.20
N VAL M 214 -28.10 -35.22 -14.65
CA VAL M 214 -28.11 -34.59 -15.94
C VAL M 214 -27.90 -35.73 -16.92
N GLU M 215 -28.86 -35.90 -17.82
CA GLU M 215 -28.78 -36.97 -18.81
C GLU M 215 -28.84 -36.36 -20.20
N ASN M 216 -28.81 -37.21 -21.22
CA ASN M 216 -28.87 -36.75 -22.62
C ASN M 216 -27.84 -35.65 -22.91
N MET M 217 -26.57 -35.95 -22.65
CA MET M 217 -25.49 -34.99 -22.87
C MET M 217 -24.77 -35.17 -24.22
N LYS M 218 -24.65 -34.07 -24.96
CA LYS M 218 -23.96 -34.07 -26.25
C LYS M 218 -22.46 -33.82 -26.04
N TRP M 219 -21.64 -34.78 -26.43
CA TRP M 219 -20.19 -34.66 -26.32
C TRP M 219 -19.49 -35.19 -27.57
N ASP M 220 -20.18 -36.07 -28.30
CA ASP M 220 -19.65 -36.70 -29.51
C ASP M 220 -18.77 -35.81 -30.40
N PHE M 221 -19.25 -34.62 -30.73
CA PHE M 221 -18.49 -33.70 -31.59
C PHE M 221 -17.06 -33.47 -31.10
N ALA M 222 -16.82 -33.69 -29.82
CA ALA M 222 -15.49 -33.49 -29.25
C ALA M 222 -14.40 -34.25 -29.99
N LYS M 223 -14.76 -35.40 -30.57
CA LYS M 223 -13.82 -36.26 -31.31
C LYS M 223 -13.30 -35.60 -32.58
N ASP M 224 -14.19 -34.90 -33.27
CA ASP M 224 -13.88 -34.20 -34.52
C ASP M 224 -13.00 -32.99 -34.29
N ILE M 225 -12.77 -32.65 -33.03
CA ILE M 225 -11.96 -31.50 -32.72
C ILE M 225 -10.58 -31.90 -32.21
N LYS M 226 -9.55 -31.41 -32.91
CA LYS M 226 -8.17 -31.68 -32.54
C LYS M 226 -7.32 -30.44 -32.81
N GLY M 227 -6.31 -30.21 -31.97
CA GLY M 227 -5.44 -29.05 -32.13
C GLY M 227 -6.15 -27.77 -31.76
N TYR M 228 -5.42 -26.66 -31.76
CA TYR M 228 -6.03 -25.37 -31.44
C TYR M 228 -5.92 -24.38 -32.60
N GLY M 229 -5.88 -24.92 -33.82
CA GLY M 229 -5.80 -24.07 -35.00
C GLY M 229 -5.33 -24.70 -36.29
N THR M 230 -4.02 -24.89 -36.41
CA THR M 230 -3.42 -25.44 -37.63
C THR M 230 -3.20 -26.95 -37.64
N GLN M 231 -3.26 -27.57 -36.47
CA GLN M 231 -3.05 -29.01 -36.36
C GLN M 231 -4.12 -29.79 -37.13
N LYS M 232 -3.69 -30.83 -37.84
CA LYS M 232 -4.61 -31.66 -38.63
C LYS M 232 -4.97 -33.01 -38.02
N ILE M 233 -4.07 -33.58 -37.23
CA ILE M 233 -4.34 -34.88 -36.60
C ILE M 233 -4.43 -34.82 -35.06
N THR N 1 0.14 -31.57 8.17
CA THR N 1 -0.82 -32.43 8.92
C THR N 1 -1.57 -33.36 7.95
N SER N 2 -1.59 -34.66 8.25
CA SER N 2 -2.31 -35.66 7.44
C SER N 2 -3.14 -36.49 8.40
N ILE N 3 -4.46 -36.47 8.25
CA ILE N 3 -5.33 -37.18 9.16
C ILE N 3 -6.58 -37.72 8.47
N MET N 4 -7.14 -38.78 9.03
CA MET N 4 -8.35 -39.38 8.47
C MET N 4 -9.04 -40.27 9.50
N ALA N 5 -10.34 -40.46 9.31
CA ALA N 5 -11.12 -41.32 10.17
C ALA N 5 -11.94 -42.21 9.22
N VAL N 6 -11.89 -43.52 9.45
CA VAL N 6 -12.62 -44.47 8.63
C VAL N 6 -13.53 -45.37 9.46
N THR N 7 -14.79 -45.50 9.04
CA THR N 7 -15.72 -46.34 9.76
C THR N 7 -15.73 -47.70 9.08
N PHE N 8 -15.61 -48.76 9.85
CA PHE N 8 -15.63 -50.10 9.28
C PHE N 8 -16.70 -50.94 9.99
N LYS N 9 -16.64 -52.25 9.75
CA LYS N 9 -17.59 -53.20 10.32
C LYS N 9 -17.78 -53.12 11.86
N ASP N 10 -16.66 -53.21 12.59
CA ASP N 10 -16.68 -53.20 14.06
C ASP N 10 -16.69 -51.81 14.71
N GLY N 11 -16.67 -50.77 13.91
CA GLY N 11 -16.65 -49.42 14.47
C GLY N 11 -15.92 -48.39 13.63
N VAL N 12 -14.85 -47.79 14.17
CA VAL N 12 -14.10 -46.77 13.44
C VAL N 12 -12.64 -46.63 13.89
N ILE N 13 -11.80 -46.12 12.99
CA ILE N 13 -10.39 -45.92 13.29
C ILE N 13 -9.88 -44.53 12.89
N LEU N 14 -9.03 -43.96 13.74
CA LEU N 14 -8.47 -42.65 13.49
C LEU N 14 -6.99 -42.77 13.21
N GLY N 15 -6.52 -42.06 12.20
CA GLY N 15 -5.11 -42.11 11.86
C GLY N 15 -4.57 -40.72 11.64
N ALA N 16 -3.27 -40.53 11.84
CA ALA N 16 -2.63 -39.22 11.67
C ALA N 16 -1.12 -39.33 11.61
N ASP N 17 -0.45 -38.33 11.06
CA ASP N 17 1.01 -38.35 11.01
C ASP N 17 1.41 -37.76 12.36
N SER N 18 2.69 -37.47 12.54
CA SER N 18 3.12 -36.93 13.83
C SER N 18 4.08 -35.76 13.70
N ARG N 19 3.97 -35.02 12.61
CA ARG N 19 4.87 -33.90 12.38
C ARG N 19 4.25 -32.50 12.48
N THR N 20 4.96 -31.62 13.18
CA THR N 20 4.55 -30.22 13.31
C THR N 20 5.75 -29.42 12.86
N THR N 21 5.49 -28.38 12.07
CA THR N 21 6.56 -27.55 11.53
C THR N 21 6.32 -26.07 11.62
N THR N 22 7.40 -25.32 11.83
CA THR N 22 7.34 -23.87 11.84
C THR N 22 8.30 -23.56 10.70
N GLY N 23 7.74 -23.41 9.51
CA GLY N 23 8.56 -23.16 8.36
C GLY N 23 8.95 -24.50 7.81
N ALA N 24 10.22 -24.67 7.47
CA ALA N 24 10.68 -25.93 6.94
C ALA N 24 11.30 -26.72 8.10
N TYR N 25 11.30 -26.11 9.28
CA TYR N 25 11.86 -26.78 10.45
C TYR N 25 10.82 -27.64 11.13
N ILE N 26 11.19 -28.90 11.38
CA ILE N 26 10.27 -29.81 12.04
C ILE N 26 10.45 -29.57 13.54
N ALA N 27 9.50 -28.85 14.14
CA ALA N 27 9.54 -28.51 15.56
C ALA N 27 9.36 -29.72 16.46
N ASN N 28 8.44 -30.61 16.07
CA ASN N 28 8.19 -31.82 16.84
C ASN N 28 7.83 -32.92 15.84
N ARG N 29 8.45 -34.09 15.98
CA ARG N 29 8.21 -35.21 15.08
C ARG N 29 7.46 -36.38 15.72
N VAL N 30 7.02 -36.21 16.96
CA VAL N 30 6.30 -37.28 17.62
C VAL N 30 5.01 -36.71 18.23
N THR N 31 4.39 -35.81 17.49
CA THR N 31 3.14 -35.17 17.91
C THR N 31 1.99 -36.16 17.91
N ASP N 32 1.02 -35.94 18.78
CA ASP N 32 -0.15 -36.80 18.81
C ASP N 32 -1.33 -35.92 18.39
N LYS N 33 -1.69 -36.04 17.13
CA LYS N 33 -2.78 -35.27 16.56
C LYS N 33 -4.14 -35.90 16.82
N LEU N 34 -4.13 -37.06 17.47
CA LEU N 34 -5.37 -37.77 17.79
C LEU N 34 -5.72 -37.42 19.23
N THR N 35 -6.78 -36.63 19.40
CA THR N 35 -7.20 -36.19 20.71
C THR N 35 -8.51 -36.80 21.19
N ARG N 36 -8.51 -37.16 22.48
CA ARG N 36 -9.65 -37.77 23.13
C ARG N 36 -10.53 -36.71 23.78
N VAL N 37 -11.83 -36.73 23.50
CA VAL N 37 -12.75 -35.78 24.12
C VAL N 37 -13.70 -36.57 25.01
N HIS N 38 -13.62 -37.89 24.90
CA HIS N 38 -14.43 -38.81 25.72
C HIS N 38 -13.88 -40.22 25.58
N ASP N 39 -14.34 -41.12 26.45
CA ASP N 39 -13.89 -42.51 26.43
C ASP N 39 -13.91 -43.06 25.01
N LYS N 40 -15.02 -42.89 24.32
CA LYS N 40 -15.10 -43.38 22.97
C LYS N 40 -15.45 -42.36 21.89
N ILE N 41 -14.99 -41.11 22.08
CA ILE N 41 -15.18 -40.05 21.11
C ILE N 41 -13.83 -39.36 21.00
N TRP N 42 -13.23 -39.41 19.83
CA TRP N 42 -11.92 -38.80 19.59
C TRP N 42 -11.98 -37.87 18.39
N CYS N 43 -10.89 -37.16 18.15
CA CYS N 43 -10.85 -36.25 17.01
C CYS N 43 -9.46 -36.15 16.40
N CYS N 44 -9.45 -35.74 15.14
CA CYS N 44 -8.22 -35.54 14.40
C CYS N 44 -8.09 -34.04 14.30
N ARG N 45 -6.93 -33.52 14.68
CA ARG N 45 -6.68 -32.09 14.65
C ARG N 45 -5.86 -31.60 13.45
N SER N 46 -6.35 -30.55 12.78
CA SER N 46 -5.66 -29.93 11.63
C SER N 46 -5.79 -28.40 11.70
N GLY N 47 -4.71 -27.71 11.35
CA GLY N 47 -4.73 -26.27 11.38
C GLY N 47 -3.83 -25.70 12.47
N SER N 48 -4.37 -24.78 13.25
CA SER N 48 -3.60 -24.19 14.32
C SER N 48 -3.52 -25.15 15.50
N ALA N 49 -2.30 -25.52 15.91
CA ALA N 49 -2.17 -26.39 17.07
C ALA N 49 -2.82 -25.66 18.23
N ALA N 50 -2.39 -24.43 18.47
CA ALA N 50 -2.94 -23.65 19.55
C ALA N 50 -4.46 -23.58 19.49
N ASP N 51 -5.01 -23.30 18.31
CA ASP N 51 -6.47 -23.21 18.19
C ASP N 51 -7.15 -24.54 18.48
N THR N 52 -6.83 -25.57 17.69
CA THR N 52 -7.45 -26.87 17.86
C THR N 52 -7.31 -27.42 19.29
N GLN N 53 -6.12 -27.28 19.87
CA GLN N 53 -5.86 -27.74 21.24
C GLN N 53 -6.87 -27.11 22.18
N ALA N 54 -6.96 -25.79 22.12
CA ALA N 54 -7.91 -25.05 22.94
C ALA N 54 -9.32 -25.55 22.64
N ILE N 55 -9.66 -25.69 21.36
CA ILE N 55 -10.99 -26.14 20.98
C ILE N 55 -11.30 -27.48 21.61
N ALA N 56 -10.37 -28.42 21.44
CA ALA N 56 -10.53 -29.76 21.99
C ALA N 56 -10.72 -29.69 23.49
N ASP N 57 -9.78 -29.05 24.19
CA ASP N 57 -9.84 -28.94 25.62
C ASP N 57 -11.23 -28.49 26.09
N ILE N 58 -11.81 -27.52 25.38
CA ILE N 58 -13.14 -27.00 25.75
C ILE N 58 -14.24 -28.02 25.49
N VAL N 59 -14.10 -28.79 24.41
CA VAL N 59 -15.12 -29.79 24.09
C VAL N 59 -15.09 -30.88 25.15
N GLN N 60 -13.88 -31.34 25.48
CA GLN N 60 -13.70 -32.37 26.49
C GLN N 60 -14.40 -31.93 27.77
N TYR N 61 -14.24 -30.65 28.12
CA TYR N 61 -14.88 -30.08 29.30
C TYR N 61 -16.39 -30.21 29.19
N HIS N 62 -16.95 -29.78 28.07
CA HIS N 62 -18.39 -29.83 27.87
C HIS N 62 -19.01 -31.22 27.91
N LEU N 63 -18.35 -32.19 27.28
CA LEU N 63 -18.87 -33.55 27.28
C LEU N 63 -18.76 -34.17 28.68
N GLU N 64 -17.73 -33.80 29.43
CA GLU N 64 -17.55 -34.30 30.78
C GLU N 64 -18.67 -33.79 31.70
N LEU N 65 -19.14 -32.56 31.46
CA LEU N 65 -20.22 -32.00 32.26
C LEU N 65 -21.53 -32.60 31.79
N TYR N 66 -21.62 -32.81 30.48
CA TYR N 66 -22.80 -33.40 29.86
C TYR N 66 -23.02 -34.79 30.46
N THR N 67 -21.92 -35.52 30.58
CA THR N 67 -21.95 -36.87 31.13
C THR N 67 -22.46 -36.89 32.57
N SER N 68 -21.91 -36.03 33.41
CA SER N 68 -22.31 -35.96 34.81
C SER N 68 -23.78 -35.73 34.96
N GLN N 69 -24.36 -34.96 34.04
CA GLN N 69 -25.77 -34.66 34.10
C GLN N 69 -26.67 -35.59 33.31
N TYR N 70 -26.28 -35.95 32.10
CA TYR N 70 -27.14 -36.80 31.28
C TYR N 70 -26.52 -38.08 30.75
N GLY N 71 -25.42 -38.51 31.36
CA GLY N 71 -24.79 -39.73 30.93
C GLY N 71 -24.05 -39.59 29.62
N THR N 72 -23.57 -40.72 29.11
CA THR N 72 -22.82 -40.76 27.86
C THR N 72 -23.49 -40.03 26.69
N PRO N 73 -22.72 -39.16 26.02
CA PRO N 73 -23.16 -38.36 24.87
C PRO N 73 -22.99 -39.06 23.53
N SER N 74 -23.85 -38.75 22.58
CA SER N 74 -23.76 -39.36 21.26
C SER N 74 -22.62 -38.71 20.49
N THR N 75 -22.04 -39.43 19.54
CA THR N 75 -20.96 -38.88 18.75
C THR N 75 -21.51 -37.67 18.02
N GLU N 76 -22.80 -37.71 17.70
CA GLU N 76 -23.41 -36.60 17.00
C GLU N 76 -23.38 -35.33 17.86
N THR N 77 -23.56 -35.48 19.16
CA THR N 77 -23.53 -34.36 20.08
C THR N 77 -22.12 -33.81 20.21
N ALA N 78 -21.13 -34.70 20.21
CA ALA N 78 -19.75 -34.27 20.32
C ALA N 78 -19.44 -33.38 19.14
N ALA N 79 -19.82 -33.84 17.95
CA ALA N 79 -19.60 -33.09 16.73
C ALA N 79 -20.35 -31.77 16.79
N SER N 80 -21.52 -31.77 17.42
CA SER N 80 -22.31 -30.56 17.53
C SER N 80 -21.56 -29.52 18.35
N VAL N 81 -21.05 -29.92 19.50
CA VAL N 81 -20.30 -28.99 20.35
C VAL N 81 -19.09 -28.45 19.59
N PHE N 82 -18.38 -29.31 18.87
CA PHE N 82 -17.22 -28.87 18.12
C PHE N 82 -17.63 -27.80 17.13
N LYS N 83 -18.70 -28.07 16.38
CA LYS N 83 -19.19 -27.13 15.38
C LYS N 83 -19.61 -25.80 15.98
N GLU N 84 -20.27 -25.86 17.13
CA GLU N 84 -20.72 -24.65 17.76
C GLU N 84 -19.54 -23.70 18.01
N LEU N 85 -18.44 -24.23 18.51
CA LEU N 85 -17.26 -23.43 18.78
C LEU N 85 -16.63 -22.91 17.48
N CYS N 86 -16.45 -23.83 16.54
CA CYS N 86 -15.83 -23.52 15.27
C CYS N 86 -16.58 -22.53 14.40
N TYR N 87 -17.90 -22.65 14.36
CA TYR N 87 -18.70 -21.76 13.54
C TYR N 87 -18.86 -20.39 14.16
N GLU N 88 -19.23 -20.38 15.43
CA GLU N 88 -19.45 -19.15 16.16
C GLU N 88 -18.17 -18.32 16.28
N ASN N 89 -17.01 -18.97 16.25
CA ASN N 89 -15.73 -18.27 16.36
C ASN N 89 -14.88 -18.41 15.11
N LYS N 90 -15.54 -18.55 13.96
CA LYS N 90 -14.83 -18.73 12.70
C LYS N 90 -13.81 -17.64 12.35
N ASP N 91 -14.09 -16.41 12.74
CA ASP N 91 -13.20 -15.31 12.45
C ASP N 91 -11.85 -15.37 13.17
N ASN N 92 -11.78 -16.09 14.28
CA ASN N 92 -10.53 -16.15 15.03
C ASN N 92 -9.97 -17.56 15.19
N LEU N 93 -10.39 -18.47 14.33
CA LEU N 93 -9.91 -19.83 14.40
C LEU N 93 -9.45 -20.36 13.05
N THR N 94 -8.51 -21.26 13.11
CA THR N 94 -7.99 -21.92 11.93
C THR N 94 -7.90 -23.36 12.39
N ALA N 95 -9.01 -24.08 12.24
CA ALA N 95 -9.08 -25.48 12.65
C ALA N 95 -10.02 -26.32 11.81
N GLY N 96 -9.51 -27.47 11.38
CA GLY N 96 -10.31 -28.42 10.61
C GLY N 96 -10.32 -29.64 11.50
N ILE N 97 -11.50 -30.04 11.98
CA ILE N 97 -11.59 -31.19 12.88
C ILE N 97 -12.38 -32.36 12.34
N ILE N 98 -11.87 -33.57 12.59
CA ILE N 98 -12.56 -34.79 12.20
C ILE N 98 -12.94 -35.46 13.52
N VAL N 99 -14.23 -35.63 13.74
CA VAL N 99 -14.71 -36.25 14.96
C VAL N 99 -15.13 -37.66 14.66
N ALA N 100 -14.65 -38.60 15.47
CA ALA N 100 -14.97 -40.01 15.27
C ALA N 100 -15.26 -40.67 16.60
N GLY N 101 -16.40 -41.36 16.69
CA GLY N 101 -16.73 -42.01 17.94
C GLY N 101 -17.40 -43.35 17.77
N TYR N 102 -17.49 -44.11 18.86
CA TYR N 102 -18.15 -45.42 18.84
C TYR N 102 -19.30 -45.51 19.82
N ASP N 103 -20.47 -45.69 19.25
CA ASP N 103 -21.71 -45.82 19.98
C ASP N 103 -22.04 -47.30 19.81
N ASP N 104 -22.90 -47.85 20.66
CA ASP N 104 -23.21 -49.26 20.49
C ASP N 104 -24.45 -49.41 19.63
N LYS N 105 -25.35 -48.45 19.77
CA LYS N 105 -26.58 -48.43 18.99
C LYS N 105 -26.22 -48.04 17.56
N ASN N 106 -25.39 -47.00 17.42
CA ASN N 106 -24.98 -46.46 16.12
C ASN N 106 -23.69 -47.03 15.51
N LYS N 107 -22.97 -47.86 16.27
CA LYS N 107 -21.72 -48.45 15.78
C LYS N 107 -20.71 -47.30 15.63
N GLY N 108 -19.98 -47.26 14.52
CA GLY N 108 -19.00 -46.20 14.32
C GLY N 108 -19.54 -45.04 13.49
N GLU N 109 -19.17 -43.82 13.83
CA GLU N 109 -19.60 -42.64 13.07
C GLU N 109 -18.46 -41.65 12.84
N VAL N 110 -18.52 -40.92 11.74
CA VAL N 110 -17.50 -39.93 11.42
C VAL N 110 -18.08 -38.61 10.95
N TYR N 111 -17.65 -37.53 11.59
CA TYR N 111 -18.09 -36.19 11.24
C TYR N 111 -16.87 -35.32 10.94
N THR N 112 -16.94 -34.57 9.85
CA THR N 112 -15.85 -33.70 9.48
C THR N 112 -16.31 -32.25 9.59
N ILE N 113 -15.47 -31.47 10.25
CA ILE N 113 -15.73 -30.04 10.44
C ILE N 113 -14.60 -29.24 9.80
N PRO N 114 -14.84 -28.72 8.59
CA PRO N 114 -13.83 -27.93 7.89
C PRO N 114 -13.73 -26.50 8.41
N LEU N 115 -12.89 -25.69 7.76
CA LEU N 115 -12.67 -24.30 8.16
C LEU N 115 -13.92 -23.48 8.39
N GLY N 116 -14.86 -23.55 7.47
CA GLY N 116 -16.07 -22.77 7.67
C GLY N 116 -16.75 -22.94 9.01
N GLY N 117 -16.86 -24.17 9.46
CA GLY N 117 -17.54 -24.43 10.72
C GLY N 117 -18.74 -25.30 10.41
N SER N 118 -18.86 -25.72 9.16
CA SER N 118 -19.96 -26.59 8.75
C SER N 118 -19.68 -28.03 9.18
N VAL N 119 -20.71 -28.88 9.20
CA VAL N 119 -20.51 -30.27 9.59
C VAL N 119 -20.94 -31.24 8.52
N HIS N 120 -20.16 -32.31 8.37
CA HIS N 120 -20.44 -33.32 7.38
C HIS N 120 -20.23 -34.73 7.94
N LYS N 121 -21.28 -35.53 7.86
CA LYS N 121 -21.23 -36.92 8.33
C LYS N 121 -20.81 -37.75 7.14
N LEU N 122 -19.81 -38.60 7.32
CA LEU N 122 -19.31 -39.41 6.21
C LEU N 122 -18.82 -40.79 6.61
N PRO N 123 -18.65 -41.69 5.62
CA PRO N 123 -18.18 -43.05 5.83
C PRO N 123 -16.73 -42.95 6.30
N TYR N 124 -16.01 -42.01 5.70
CA TYR N 124 -14.62 -41.75 6.04
C TYR N 124 -14.36 -40.30 5.68
N ALA N 125 -13.29 -39.74 6.23
CA ALA N 125 -12.95 -38.37 5.97
C ALA N 125 -11.45 -38.21 6.04
N ILE N 126 -10.91 -37.42 5.12
CA ILE N 126 -9.47 -37.14 5.12
C ILE N 126 -9.31 -35.62 5.15
N ALA N 127 -8.25 -35.16 5.81
CA ALA N 127 -8.01 -33.75 5.93
C ALA N 127 -6.56 -33.48 6.23
N GLY N 128 -6.18 -32.20 6.18
CA GLY N 128 -4.81 -31.80 6.42
C GLY N 128 -4.17 -31.51 5.08
N SER N 129 -2.98 -30.93 5.10
CA SER N 129 -2.31 -30.61 3.85
C SER N 129 -2.09 -31.86 3.00
N GLY N 130 -1.49 -32.89 3.60
CA GLY N 130 -1.22 -34.13 2.87
C GLY N 130 -2.43 -34.83 2.25
N SER N 131 -3.62 -34.57 2.77
CA SER N 131 -4.81 -35.20 2.24
C SER N 131 -5.01 -34.96 0.74
N THR N 132 -4.68 -33.77 0.27
CA THR N 132 -4.90 -33.47 -1.15
C THR N 132 -4.31 -34.51 -2.09
N PHE N 133 -3.22 -35.13 -1.68
CA PHE N 133 -2.56 -36.12 -2.51
C PHE N 133 -3.19 -37.50 -2.49
N ILE N 134 -4.06 -37.77 -1.52
CA ILE N 134 -4.67 -39.07 -1.46
C ILE N 134 -6.18 -39.08 -1.75
N TYR N 135 -6.70 -37.99 -2.29
CA TYR N 135 -8.12 -37.93 -2.61
C TYR N 135 -8.46 -39.00 -3.64
N GLY N 136 -7.60 -39.13 -4.64
CA GLY N 136 -7.81 -40.11 -5.68
C GLY N 136 -7.73 -41.51 -5.11
N TYR N 137 -6.61 -41.81 -4.48
CA TYR N 137 -6.38 -43.12 -3.88
C TYR N 137 -7.51 -43.58 -2.97
N CYS N 138 -7.88 -42.75 -2.01
CA CYS N 138 -8.95 -43.13 -1.10
C CYS N 138 -10.29 -43.43 -1.77
N ASP N 139 -10.74 -42.54 -2.65
CA ASP N 139 -12.01 -42.76 -3.33
C ASP N 139 -12.03 -44.09 -4.08
N LYS N 140 -10.87 -44.51 -4.60
CA LYS N 140 -10.77 -45.75 -5.35
C LYS N 140 -10.61 -47.00 -4.49
N ASN N 141 -10.13 -46.84 -3.26
CA ASN N 141 -9.91 -47.99 -2.38
C ASN N 141 -10.81 -48.13 -1.14
N PHE N 142 -11.77 -47.22 -0.95
CA PHE N 142 -12.62 -47.34 0.21
C PHE N 142 -13.85 -48.18 -0.04
N ARG N 143 -14.14 -49.08 0.91
CA ARG N 143 -15.31 -49.95 0.84
C ARG N 143 -15.96 -49.93 2.22
N GLU N 144 -17.28 -49.91 2.27
CA GLU N 144 -17.96 -49.90 3.55
C GLU N 144 -17.97 -51.28 4.18
N ASN N 145 -17.88 -51.32 5.51
CA ASN N 145 -17.90 -52.57 6.24
C ASN N 145 -16.67 -53.41 6.06
N MET N 146 -15.51 -52.77 6.05
CA MET N 146 -14.25 -53.48 5.91
C MET N 146 -13.97 -54.09 7.27
N SER N 147 -12.98 -54.96 7.33
CA SER N 147 -12.63 -55.60 8.60
C SER N 147 -11.62 -54.69 9.25
N LYS N 148 -11.31 -54.95 10.51
CA LYS N 148 -10.33 -54.12 11.20
C LYS N 148 -9.03 -54.16 10.43
N GLU N 149 -8.51 -55.35 10.18
CA GLU N 149 -7.25 -55.49 9.45
C GLU N 149 -7.30 -54.78 8.10
N GLU N 150 -8.43 -54.87 7.42
CA GLU N 150 -8.60 -54.21 6.12
C GLU N 150 -8.48 -52.70 6.29
N THR N 151 -9.19 -52.18 7.30
CA THR N 151 -9.21 -50.77 7.61
C THR N 151 -7.86 -50.22 8.06
N VAL N 152 -7.15 -50.99 8.88
CA VAL N 152 -5.84 -50.53 9.33
C VAL N 152 -4.90 -50.42 8.13
N ASP N 153 -5.07 -51.30 7.16
CA ASP N 153 -4.21 -51.28 5.99
C ASP N 153 -4.56 -50.15 5.03
N PHE N 154 -5.84 -49.82 4.97
CA PHE N 154 -6.33 -48.72 4.12
C PHE N 154 -5.71 -47.41 4.62
N ILE N 155 -5.79 -47.21 5.93
CA ILE N 155 -5.27 -46.02 6.55
C ILE N 155 -3.75 -46.01 6.50
N LYS N 156 -3.11 -47.16 6.69
CA LYS N 156 -1.66 -47.22 6.66
C LYS N 156 -1.13 -46.84 5.27
N HIS N 157 -1.83 -47.31 4.24
CA HIS N 157 -1.43 -47.02 2.86
C HIS N 157 -1.74 -45.58 2.51
N SER N 158 -2.98 -45.18 2.70
CA SER N 158 -3.34 -43.80 2.40
C SER N 158 -2.33 -42.83 3.02
N LEU N 159 -2.26 -42.81 4.34
CA LEU N 159 -1.35 -41.90 5.03
C LEU N 159 0.11 -42.02 4.64
N SER N 160 0.58 -43.22 4.35
CA SER N 160 1.98 -43.35 3.98
C SER N 160 2.21 -42.59 2.67
N GLN N 161 1.19 -42.54 1.82
CA GLN N 161 1.31 -41.80 0.57
C GLN N 161 1.26 -40.29 0.86
N ALA N 162 0.31 -39.86 1.69
CA ALA N 162 0.18 -38.47 2.07
C ALA N 162 1.51 -38.00 2.61
N ILE N 163 2.07 -38.77 3.55
CA ILE N 163 3.36 -38.42 4.13
C ILE N 163 4.45 -38.39 3.07
N LYS N 164 4.33 -39.26 2.09
CA LYS N 164 5.32 -39.33 1.02
C LYS N 164 5.48 -38.04 0.25
N TRP N 165 4.35 -37.44 -0.13
CA TRP N 165 4.32 -36.22 -0.91
C TRP N 165 4.28 -34.89 -0.15
N ASP N 166 3.53 -34.83 0.94
CA ASP N 166 3.43 -33.59 1.70
C ASP N 166 4.57 -33.43 2.68
N GLY N 167 5.40 -32.42 2.46
CA GLY N 167 6.53 -32.19 3.33
C GLY N 167 6.12 -31.78 4.72
N SER N 168 4.89 -31.33 4.85
CA SER N 168 4.38 -30.89 6.15
C SER N 168 4.04 -32.08 7.03
N SER N 169 3.85 -33.24 6.41
CA SER N 169 3.53 -34.46 7.13
C SER N 169 4.72 -35.41 7.20
N GLY N 170 4.71 -36.27 8.20
CA GLY N 170 5.81 -37.21 8.36
C GLY N 170 5.85 -37.80 9.76
N GLY N 171 6.94 -38.49 10.07
CA GLY N 171 7.09 -39.12 11.37
C GLY N 171 6.47 -40.51 11.40
N VAL N 172 5.78 -40.83 12.49
CA VAL N 172 5.14 -42.14 12.63
C VAL N 172 3.66 -42.02 12.28
N ILE N 173 3.01 -43.14 11.97
CA ILE N 173 1.58 -43.07 11.70
C ILE N 173 0.94 -43.55 13.00
N ARG N 174 -0.01 -42.79 13.53
CA ARG N 174 -0.70 -43.17 14.75
C ARG N 174 -2.12 -43.54 14.41
N MET N 175 -2.67 -44.46 15.18
CA MET N 175 -4.03 -44.87 14.96
C MET N 175 -4.69 -45.14 16.28
N VAL N 176 -6.01 -45.01 16.29
CA VAL N 176 -6.77 -45.29 17.49
C VAL N 176 -8.00 -46.03 17.03
N VAL N 177 -8.15 -47.25 17.54
CA VAL N 177 -9.29 -48.09 17.16
C VAL N 177 -10.39 -47.95 18.19
N LEU N 178 -11.60 -47.68 17.70
CA LEU N 178 -12.75 -47.50 18.55
C LEU N 178 -13.84 -48.52 18.22
N THR N 179 -13.90 -49.60 19.00
CA THR N 179 -14.92 -50.65 18.82
C THR N 179 -15.51 -50.99 20.17
N ALA N 180 -16.58 -51.78 20.17
CA ALA N 180 -17.24 -52.18 21.42
C ALA N 180 -16.21 -52.81 22.36
N ALA N 181 -15.21 -53.46 21.77
CA ALA N 181 -14.17 -54.12 22.53
C ALA N 181 -13.37 -53.16 23.41
N GLY N 182 -13.26 -51.91 22.99
CA GLY N 182 -12.49 -50.95 23.77
C GLY N 182 -11.76 -49.93 22.91
N VAL N 183 -10.64 -49.44 23.44
CA VAL N 183 -9.86 -48.44 22.75
C VAL N 183 -8.44 -48.93 22.52
N GLU N 184 -8.04 -48.98 21.26
CA GLU N 184 -6.70 -49.46 20.94
C GLU N 184 -5.81 -48.48 20.22
N ARG N 185 -4.60 -48.33 20.73
CA ARG N 185 -3.57 -47.45 20.18
C ARG N 185 -2.61 -48.23 19.29
N LEU N 186 -2.38 -47.74 18.07
CA LEU N 186 -1.47 -48.37 17.13
C LEU N 186 -0.43 -47.36 16.68
N ILE N 187 0.75 -47.83 16.34
CA ILE N 187 1.81 -46.93 15.87
C ILE N 187 2.60 -47.67 14.77
N PHE N 188 2.94 -46.97 13.70
CA PHE N 188 3.68 -47.56 12.61
C PHE N 188 4.86 -46.66 12.30
N TYR N 189 6.05 -47.25 12.30
CA TYR N 189 7.26 -46.50 12.06
C TYR N 189 7.63 -46.34 10.59
N PRO N 190 8.47 -45.35 10.29
CA PRO N 190 8.91 -45.07 8.92
C PRO N 190 9.42 -46.31 8.19
N ASP N 191 10.41 -46.97 8.79
CA ASP N 191 11.00 -48.16 8.20
C ASP N 191 9.96 -49.15 7.70
N GLU N 192 8.71 -49.00 8.11
CA GLU N 192 7.70 -49.90 7.62
C GLU N 192 6.86 -49.29 6.50
N TYR N 193 6.00 -48.33 6.82
CA TYR N 193 5.12 -47.72 5.82
C TYR N 193 5.81 -47.07 4.63
N GLU N 194 7.08 -46.71 4.78
CA GLU N 194 7.80 -46.10 3.67
C GLU N 194 8.07 -47.11 2.57
N GLN N 195 8.08 -48.38 2.95
CA GLN N 195 8.34 -49.44 1.99
C GLN N 195 7.06 -50.12 1.54
N LEU N 196 5.96 -49.38 1.50
CA LEU N 196 4.69 -49.96 1.07
C LEU N 196 4.44 -49.57 -0.38
N MET O 1 32.21 -7.84 -44.82
CA MET O 1 30.81 -7.78 -45.33
C MET O 1 30.37 -6.33 -45.28
N THR O 2 29.08 -6.14 -45.00
CA THR O 2 28.46 -4.82 -44.91
C THR O 2 28.58 -4.10 -46.25
N ASP O 3 27.44 -3.75 -46.82
CA ASP O 3 27.44 -3.04 -48.09
C ASP O 3 28.35 -1.83 -47.88
N ARG O 4 29.51 -1.83 -48.54
CA ARG O 4 30.44 -0.72 -48.41
C ARG O 4 30.23 0.25 -49.57
N TYR O 5 29.25 -0.08 -50.41
CA TYR O 5 28.88 0.73 -51.57
C TYR O 5 27.85 1.77 -51.11
N SER O 6 28.34 2.81 -50.44
CA SER O 6 27.50 3.88 -49.94
C SER O 6 27.58 5.13 -50.80
N PHE O 7 28.08 4.97 -52.03
CA PHE O 7 28.20 6.09 -52.97
C PHE O 7 27.38 5.80 -54.22
N SER O 8 27.01 6.85 -54.94
CA SER O 8 26.20 6.69 -56.14
C SER O 8 26.91 5.92 -57.23
N LEU O 9 26.14 5.09 -57.93
CA LEU O 9 26.64 4.30 -59.03
C LEU O 9 26.13 4.92 -60.30
N THR O 10 25.33 5.97 -60.13
CA THR O 10 24.79 6.73 -61.24
C THR O 10 25.29 8.14 -60.98
N THR O 11 26.14 8.66 -61.87
CA THR O 11 26.66 10.02 -61.69
C THR O 11 26.57 10.80 -63.00
N PHE O 12 26.87 12.10 -62.93
CA PHE O 12 26.82 12.93 -64.12
C PHE O 12 28.11 12.86 -64.92
N SER O 13 27.96 12.66 -66.23
CA SER O 13 29.13 12.62 -67.11
C SER O 13 29.24 14.04 -67.64
N PRO O 14 30.43 14.44 -68.10
CA PRO O 14 30.65 15.80 -68.62
C PRO O 14 29.57 16.36 -69.54
N SER O 15 29.03 15.53 -70.41
CA SER O 15 27.99 15.97 -71.33
C SER O 15 26.68 16.21 -70.59
N GLY O 16 26.65 15.85 -69.31
CA GLY O 16 25.47 16.04 -68.49
C GLY O 16 24.50 14.90 -68.61
N LYS O 17 25.00 13.74 -69.05
CA LYS O 17 24.14 12.59 -69.18
C LYS O 17 24.27 11.73 -67.93
N LEU O 18 23.22 10.98 -67.61
CA LEU O 18 23.28 10.07 -66.49
C LEU O 18 23.35 8.67 -67.08
N GLY O 19 24.58 8.22 -67.31
CA GLY O 19 24.83 6.92 -67.92
C GLY O 19 23.83 5.84 -67.64
N GLN O 20 23.78 5.38 -66.40
CA GLN O 20 22.89 4.30 -66.01
C GLN O 20 21.43 4.52 -66.42
N ILE O 21 20.92 5.74 -66.27
CA ILE O 21 19.53 6.01 -66.64
C ILE O 21 19.42 5.66 -68.11
N ASP O 22 20.37 6.16 -68.88
CA ASP O 22 20.42 5.91 -70.31
C ASP O 22 20.47 4.43 -70.63
N TYR O 23 21.47 3.73 -70.10
CA TYR O 23 21.61 2.30 -70.37
C TYR O 23 20.38 1.52 -69.96
N ALA O 24 19.79 1.89 -68.84
CA ALA O 24 18.59 1.20 -68.41
C ALA O 24 17.52 1.41 -69.48
N LEU O 25 17.35 2.65 -69.92
CA LEU O 25 16.37 2.94 -70.97
C LEU O 25 16.62 2.05 -72.18
N THR O 26 17.90 1.86 -72.50
CA THR O 26 18.32 1.02 -73.61
C THR O 26 17.78 -0.39 -73.38
N ALA O 27 18.00 -0.90 -72.18
CA ALA O 27 17.54 -2.23 -71.81
C ALA O 27 16.05 -2.31 -72.00
N VAL O 28 15.36 -1.20 -71.80
CA VAL O 28 13.91 -1.17 -71.93
C VAL O 28 13.48 -1.26 -73.39
N LYS O 29 14.21 -0.56 -74.26
CA LYS O 29 13.93 -0.56 -75.69
C LYS O 29 13.96 -1.95 -76.30
N GLN O 30 14.67 -2.86 -75.62
CA GLN O 30 14.80 -4.24 -76.07
C GLN O 30 13.64 -5.11 -75.57
N GLY O 31 12.96 -4.63 -74.54
CA GLY O 31 11.86 -5.40 -73.98
C GLY O 31 10.74 -5.61 -74.96
N VAL O 32 9.91 -6.61 -74.69
CA VAL O 32 8.77 -6.88 -75.54
C VAL O 32 7.83 -5.68 -75.50
N THR O 33 7.24 -5.35 -76.62
CA THR O 33 6.32 -4.23 -76.71
C THR O 33 5.11 -4.38 -75.80
N SER O 34 4.73 -3.28 -75.16
CA SER O 34 3.53 -3.23 -74.32
C SER O 34 2.90 -1.86 -74.58
N LEU O 35 1.59 -1.78 -74.50
CA LEU O 35 0.91 -0.51 -74.80
C LEU O 35 -0.28 -0.26 -73.90
N GLY O 36 -0.83 0.94 -74.01
CA GLY O 36 -1.98 1.32 -73.22
C GLY O 36 -2.81 2.34 -73.95
N ILE O 37 -4.14 2.19 -73.90
CA ILE O 37 -5.05 3.11 -74.56
C ILE O 37 -6.16 3.51 -73.60
N LYS O 38 -6.42 4.80 -73.52
CA LYS O 38 -7.46 5.30 -72.64
C LYS O 38 -8.70 5.62 -73.46
N ALA O 39 -9.83 5.07 -73.07
CA ALA O 39 -11.09 5.35 -73.76
C ALA O 39 -11.84 6.35 -72.88
N THR O 40 -13.11 6.56 -73.17
CA THR O 40 -13.90 7.49 -72.37
C THR O 40 -14.41 6.78 -71.12
N ASN O 41 -14.63 5.49 -71.23
CA ASN O 41 -15.16 4.74 -70.11
C ASN O 41 -14.28 3.56 -69.74
N GLY O 42 -12.98 3.75 -69.81
CA GLY O 42 -12.07 2.67 -69.47
C GLY O 42 -10.67 2.84 -70.01
N VAL O 43 -9.78 1.95 -69.61
CA VAL O 43 -8.40 1.97 -70.07
C VAL O 43 -8.01 0.55 -70.38
N VAL O 44 -7.13 0.37 -71.35
CA VAL O 44 -6.68 -0.98 -71.71
C VAL O 44 -5.16 -1.01 -71.83
N ILE O 45 -4.58 -2.04 -71.25
CA ILE O 45 -3.14 -2.23 -71.32
C ILE O 45 -2.97 -3.64 -71.81
N ALA O 46 -1.95 -3.84 -72.63
CA ALA O 46 -1.69 -5.15 -73.17
C ALA O 46 -0.24 -5.30 -73.57
N THR O 47 0.22 -6.55 -73.54
CA THR O 47 1.59 -6.87 -73.90
C THR O 47 1.55 -8.25 -74.52
N GLU O 48 2.72 -8.80 -74.80
CA GLU O 48 2.82 -10.11 -75.43
C GLU O 48 3.55 -11.10 -74.53
N LYS O 49 2.96 -12.27 -74.31
CA LYS O 49 3.57 -13.30 -73.48
C LYS O 49 4.56 -14.12 -74.32
N LYS O 50 5.80 -13.64 -74.36
CA LYS O 50 6.88 -14.27 -75.13
C LYS O 50 7.43 -15.51 -74.43
N SER O 51 6.66 -16.60 -74.47
CA SER O 51 7.08 -17.85 -73.84
C SER O 51 8.52 -18.21 -74.24
N SER O 52 9.43 -18.20 -73.26
CA SER O 52 10.85 -18.50 -73.50
C SER O 52 11.11 -19.99 -73.73
N SER O 53 10.03 -20.73 -73.99
CA SER O 53 10.07 -22.19 -74.23
C SER O 53 8.63 -22.71 -74.28
N PRO O 54 8.34 -23.66 -75.17
CA PRO O 54 6.98 -24.21 -75.27
C PRO O 54 6.64 -25.10 -74.08
N LEU O 55 7.65 -25.43 -73.28
CA LEU O 55 7.46 -26.25 -72.10
C LEU O 55 7.02 -25.42 -70.89
N ALA O 56 7.30 -24.13 -70.96
CA ALA O 56 6.92 -23.22 -69.91
C ALA O 56 5.41 -23.00 -70.00
N MET O 57 4.79 -22.75 -68.85
CA MET O 57 3.36 -22.51 -68.81
C MET O 57 3.12 -21.02 -68.81
N SER O 58 2.85 -20.49 -70.00
CA SER O 58 2.59 -19.08 -70.22
C SER O 58 1.75 -18.40 -69.12
N GLU O 59 0.78 -19.12 -68.59
CA GLU O 59 -0.09 -18.59 -67.55
C GLU O 59 0.69 -18.24 -66.28
N THR O 60 1.57 -19.14 -65.84
CA THR O 60 2.38 -18.97 -64.64
C THR O 60 3.32 -17.78 -64.74
N LEU O 61 2.99 -16.84 -65.59
CA LEU O 61 3.83 -15.67 -65.72
C LEU O 61 2.98 -14.56 -66.31
N SER O 62 2.56 -13.65 -65.45
CA SER O 62 1.76 -12.53 -65.89
C SER O 62 2.67 -11.33 -65.99
N LYS O 63 2.41 -10.51 -67.00
CA LYS O 63 3.17 -9.28 -67.19
C LYS O 63 2.21 -8.17 -66.80
N VAL O 64 0.93 -8.53 -66.67
CA VAL O 64 -0.11 -7.60 -66.28
C VAL O 64 -0.53 -7.87 -64.84
N SER O 65 -0.20 -6.95 -63.96
CA SER O 65 -0.50 -7.11 -62.54
C SER O 65 -1.48 -6.08 -61.96
N LEU O 66 -2.24 -6.54 -60.97
CA LEU O 66 -3.20 -5.68 -60.28
C LEU O 66 -2.45 -5.09 -59.09
N LEU O 67 -2.47 -3.77 -58.96
CA LEU O 67 -1.81 -3.10 -57.86
C LEU O 67 -2.83 -2.81 -56.76
N THR O 68 -3.99 -2.34 -57.19
CA THR O 68 -5.12 -2.02 -56.32
C THR O 68 -6.34 -2.44 -57.12
N PRO O 69 -7.48 -2.66 -56.48
CA PRO O 69 -8.64 -3.08 -57.27
C PRO O 69 -9.09 -2.15 -58.42
N ASP O 70 -8.42 -1.00 -58.53
CA ASP O 70 -8.75 -0.05 -59.60
C ASP O 70 -7.50 0.39 -60.34
N ILE O 71 -6.39 -0.29 -60.11
CA ILE O 71 -5.14 0.07 -60.78
C ILE O 71 -4.39 -1.16 -61.26
N GLY O 72 -3.94 -1.12 -62.51
CA GLY O 72 -3.20 -2.24 -63.07
C GLY O 72 -1.92 -1.74 -63.72
N ALA O 73 -0.90 -2.59 -63.75
CA ALA O 73 0.36 -2.20 -64.36
C ALA O 73 0.85 -3.23 -65.37
N VAL O 74 1.73 -2.77 -66.25
CA VAL O 74 2.31 -3.61 -67.27
C VAL O 74 3.66 -2.98 -67.57
N TYR O 75 4.56 -3.75 -68.19
CA TYR O 75 5.88 -3.20 -68.45
C TYR O 75 6.58 -3.65 -69.73
N SER O 76 7.80 -3.17 -69.86
CA SER O 76 8.69 -3.50 -70.95
C SER O 76 10.07 -3.30 -70.34
N GLY O 77 10.91 -4.33 -70.45
CA GLY O 77 12.24 -4.25 -69.88
C GLY O 77 12.49 -5.52 -69.12
N MET O 78 13.26 -5.42 -68.03
CA MET O 78 13.59 -6.58 -67.20
C MET O 78 12.47 -7.09 -66.29
N GLY O 79 11.92 -8.25 -66.63
CA GLY O 79 10.86 -8.86 -65.84
C GLY O 79 11.09 -8.87 -64.33
N PRO O 80 12.24 -9.36 -63.85
CA PRO O 80 12.49 -9.39 -62.41
C PRO O 80 12.40 -8.02 -61.72
N ASP O 81 12.91 -6.97 -62.37
CA ASP O 81 12.82 -5.64 -61.79
C ASP O 81 11.35 -5.23 -61.71
N TYR O 82 10.57 -5.65 -62.71
CA TYR O 82 9.15 -5.35 -62.74
C TYR O 82 8.43 -6.03 -61.58
N ARG O 83 8.65 -7.32 -61.42
CA ARG O 83 8.02 -8.09 -60.36
C ARG O 83 8.23 -7.49 -58.97
N VAL O 84 9.46 -7.14 -58.61
CA VAL O 84 9.66 -6.57 -57.28
C VAL O 84 9.07 -5.18 -57.18
N LEU O 85 8.97 -4.48 -58.30
CA LEU O 85 8.39 -3.14 -58.25
C LEU O 85 6.92 -3.26 -57.96
N VAL O 86 6.30 -4.33 -58.44
CA VAL O 86 4.89 -4.61 -58.23
C VAL O 86 4.62 -4.92 -56.76
N ASP O 87 5.52 -5.65 -56.12
CA ASP O 87 5.32 -5.99 -54.72
C ASP O 87 5.43 -4.70 -53.91
N LYS O 88 6.49 -3.94 -54.16
CA LYS O 88 6.69 -2.68 -53.46
C LYS O 88 5.51 -1.73 -53.69
N SER O 89 4.98 -1.75 -54.91
CA SER O 89 3.85 -0.89 -55.25
C SER O 89 2.60 -1.27 -54.49
N ARG O 90 2.31 -2.55 -54.44
CA ARG O 90 1.13 -3.01 -53.72
C ARG O 90 1.24 -2.69 -52.25
N LYS O 91 2.45 -2.86 -51.71
CA LYS O 91 2.65 -2.59 -50.29
C LYS O 91 2.53 -1.13 -49.94
N VAL O 92 3.20 -0.28 -50.71
CA VAL O 92 3.13 1.16 -50.43
C VAL O 92 1.70 1.66 -50.61
N ALA O 93 0.95 0.96 -51.48
CA ALA O 93 -0.44 1.33 -51.72
C ALA O 93 -1.19 1.23 -50.41
N HIS O 94 -0.72 0.38 -49.52
CA HIS O 94 -1.35 0.19 -48.21
C HIS O 94 -0.70 1.03 -47.13
N THR O 95 0.60 0.85 -46.94
CA THR O 95 1.36 1.56 -45.92
C THR O 95 1.28 3.07 -45.98
N SER O 96 1.41 3.64 -47.17
CA SER O 96 1.39 5.08 -47.30
C SER O 96 0.03 5.65 -47.63
N TYR O 97 -0.99 4.81 -47.74
CA TYR O 97 -2.28 5.35 -48.09
C TYR O 97 -3.51 4.68 -47.49
N LYS O 98 -3.75 3.41 -47.81
CA LYS O 98 -4.92 2.74 -47.27
C LYS O 98 -4.96 2.69 -45.75
N ARG O 99 -3.83 2.39 -45.14
CA ARG O 99 -3.77 2.31 -43.68
C ARG O 99 -3.84 3.68 -43.01
N ILE O 100 -4.00 4.74 -43.82
CA ILE O 100 -4.07 6.08 -43.27
C ILE O 100 -5.43 6.71 -43.55
N TYR O 101 -5.83 6.69 -44.83
CA TYR O 101 -7.09 7.30 -45.24
C TYR O 101 -8.23 6.31 -45.40
N GLY O 102 -7.95 5.04 -45.22
CA GLY O 102 -9.02 4.06 -45.34
C GLY O 102 -9.51 3.81 -46.75
N GLU O 103 -8.79 4.31 -47.75
CA GLU O 103 -9.18 4.08 -49.12
C GLU O 103 -7.92 3.89 -49.96
N TYR O 104 -8.07 3.31 -51.14
CA TYR O 104 -6.91 3.07 -52.00
C TYR O 104 -6.43 4.35 -52.62
N PRO O 105 -5.12 4.43 -52.88
CA PRO O 105 -4.61 5.67 -53.47
C PRO O 105 -5.14 5.93 -54.87
N PRO O 106 -5.15 7.21 -55.27
CA PRO O 106 -5.64 7.55 -56.61
C PRO O 106 -4.47 7.29 -57.57
N THR O 107 -4.77 6.87 -58.78
CA THR O 107 -3.73 6.55 -59.75
C THR O 107 -2.48 7.46 -59.74
N LYS O 108 -2.66 8.75 -59.96
CA LYS O 108 -1.52 9.66 -59.98
C LYS O 108 -0.60 9.54 -58.76
N LEU O 109 -1.18 9.41 -57.58
CA LEU O 109 -0.36 9.30 -56.37
C LEU O 109 0.42 8.00 -56.31
N LEU O 110 -0.28 6.89 -56.53
CA LEU O 110 0.38 5.59 -56.50
C LEU O 110 1.52 5.61 -57.50
N VAL O 111 1.23 6.09 -58.69
CA VAL O 111 2.24 6.19 -59.75
C VAL O 111 3.38 7.02 -59.19
N SER O 112 3.00 8.13 -58.57
CA SER O 112 3.96 9.05 -57.97
C SER O 112 4.84 8.29 -56.97
N GLU O 113 4.22 7.37 -56.25
CA GLU O 113 4.94 6.58 -55.27
C GLU O 113 5.95 5.63 -55.90
N VAL O 114 5.54 4.94 -56.97
CA VAL O 114 6.43 4.01 -57.66
C VAL O 114 7.58 4.79 -58.23
N ALA O 115 7.27 5.93 -58.83
CA ALA O 115 8.28 6.80 -59.41
C ALA O 115 9.32 7.18 -58.37
N LYS O 116 8.89 7.37 -57.13
CA LYS O 116 9.81 7.73 -56.08
C LYS O 116 10.80 6.58 -55.86
N ILE O 117 10.26 5.37 -55.82
CA ILE O 117 11.08 4.17 -55.63
C ILE O 117 12.15 4.13 -56.69
N MET O 118 11.74 4.34 -57.94
CA MET O 118 12.69 4.33 -59.05
C MET O 118 13.69 5.46 -58.98
N GLN O 119 13.25 6.65 -58.59
CA GLN O 119 14.16 7.77 -58.51
C GLN O 119 15.33 7.42 -57.61
N GLU O 120 15.02 6.82 -56.47
CA GLU O 120 16.04 6.47 -55.50
C GLU O 120 17.12 5.53 -56.02
N ALA O 121 16.71 4.52 -56.77
CA ALA O 121 17.66 3.56 -57.34
C ALA O 121 18.52 4.25 -58.39
N THR O 122 18.35 5.55 -58.48
CA THR O 122 19.06 6.39 -59.43
C THR O 122 20.05 7.29 -58.73
N GLN O 123 19.94 7.36 -57.40
CA GLN O 123 20.79 8.23 -56.62
C GLN O 123 21.33 7.63 -55.32
N SER O 124 20.62 6.65 -54.76
CA SER O 124 21.05 5.98 -53.52
C SER O 124 22.38 5.29 -53.72
N GLY O 125 23.08 5.02 -52.62
CA GLY O 125 24.37 4.37 -52.71
C GLY O 125 24.30 2.91 -53.12
N GLY O 126 25.30 2.47 -53.86
CA GLY O 126 25.40 1.08 -54.29
C GLY O 126 24.28 0.34 -55.01
N VAL O 127 23.62 0.99 -55.97
CA VAL O 127 22.56 0.34 -56.73
C VAL O 127 22.50 0.83 -58.16
N ARG O 128 21.72 0.12 -58.97
CA ARG O 128 21.55 0.45 -60.37
C ARG O 128 20.09 0.76 -60.61
N PRO O 129 19.79 1.67 -61.55
CA PRO O 129 18.40 2.01 -61.83
C PRO O 129 17.64 0.78 -62.28
N PHE O 130 16.32 0.77 -62.09
CA PHE O 130 15.51 -0.36 -62.53
C PHE O 130 15.57 -0.40 -64.04
N GLY O 131 15.63 -1.60 -64.60
CA GLY O 131 15.70 -1.73 -66.03
C GLY O 131 14.33 -1.92 -66.63
N VAL O 132 13.37 -1.10 -66.21
CA VAL O 132 12.04 -1.24 -66.75
C VAL O 132 11.34 0.10 -66.91
N SER O 133 10.21 0.05 -67.59
CA SER O 133 9.36 1.20 -67.79
C SER O 133 8.00 0.57 -67.64
N LEU O 134 7.11 1.25 -66.92
CA LEU O 134 5.81 0.69 -66.70
C LEU O 134 4.73 1.59 -67.26
N LEU O 135 3.57 0.98 -67.48
CA LEU O 135 2.42 1.69 -67.95
C LEU O 135 1.41 1.29 -66.91
N ILE O 136 1.00 2.25 -66.08
CA ILE O 136 0.02 1.99 -65.03
C ILE O 136 -1.29 2.62 -65.45
N ALA O 137 -2.38 1.88 -65.29
CA ALA O 137 -3.68 2.38 -65.68
C ALA O 137 -4.64 2.17 -64.54
N GLY O 138 -5.38 3.21 -64.19
CA GLY O 138 -6.33 3.09 -63.11
C GLY O 138 -7.45 4.11 -63.15
N HIS O 139 -8.28 4.07 -62.13
CA HIS O 139 -9.39 4.99 -62.02
C HIS O 139 -9.74 5.32 -60.58
N ASP O 140 -9.82 6.60 -60.27
CA ASP O 140 -10.20 7.01 -58.92
C ASP O 140 -11.40 7.92 -59.10
N GLU O 141 -12.16 8.11 -58.03
CA GLU O 141 -13.38 8.92 -58.11
C GLU O 141 -13.28 10.36 -58.57
N PHE O 142 -12.27 11.08 -58.11
CA PHE O 142 -12.16 12.48 -58.49
C PHE O 142 -11.34 12.78 -59.74
N ASN O 143 -10.71 11.76 -60.33
CA ASN O 143 -9.90 11.98 -61.51
C ASN O 143 -10.35 11.13 -62.68
N GLY O 144 -11.23 10.17 -62.41
CA GLY O 144 -11.71 9.31 -63.47
C GLY O 144 -10.66 8.30 -63.92
N PHE O 145 -10.59 8.08 -65.24
CA PHE O 145 -9.64 7.14 -65.78
C PHE O 145 -8.36 7.84 -66.15
N SER O 146 -7.24 7.14 -66.01
CA SER O 146 -5.95 7.72 -66.36
C SER O 146 -4.94 6.66 -66.76
N LEU O 147 -3.91 7.09 -67.47
CA LEU O 147 -2.86 6.21 -67.94
C LEU O 147 -1.55 6.97 -67.77
N TYR O 148 -0.60 6.34 -67.12
CA TYR O 148 0.68 6.95 -66.89
C TYR O 148 1.83 6.07 -67.36
N GLN O 149 2.99 6.68 -67.58
CA GLN O 149 4.15 5.93 -67.99
C GLN O 149 5.22 6.30 -67.00
N VAL O 150 6.03 5.33 -66.56
CA VAL O 150 7.09 5.61 -65.59
C VAL O 150 8.40 5.05 -66.10
N ASP O 151 9.42 5.90 -66.11
CA ASP O 151 10.73 5.51 -66.61
C ASP O 151 11.76 5.31 -65.53
N PRO O 152 12.85 4.58 -65.85
CA PRO O 152 13.95 4.28 -64.95
C PRO O 152 14.48 5.52 -64.27
N SER O 153 14.31 6.66 -64.93
CA SER O 153 14.77 7.93 -64.41
C SER O 153 13.93 8.31 -63.21
N GLY O 154 12.68 7.85 -63.22
CA GLY O 154 11.76 8.15 -62.15
C GLY O 154 10.73 9.14 -62.66
N SER O 155 10.91 9.56 -63.90
CA SER O 155 10.01 10.51 -64.54
C SER O 155 8.75 9.78 -64.99
N TYR O 156 7.60 10.44 -64.89
CA TYR O 156 6.35 9.85 -65.31
C TYR O 156 5.47 10.91 -65.97
N PHE O 157 4.65 10.48 -66.92
CA PHE O 157 3.76 11.37 -67.64
C PHE O 157 2.47 10.65 -68.00
N PRO O 158 1.36 11.40 -68.08
CA PRO O 158 0.04 10.88 -68.42
C PRO O 158 -0.16 10.84 -69.93
N TRP O 159 -0.77 9.77 -70.41
CA TRP O 159 -1.00 9.60 -71.85
C TRP O 159 -2.45 9.34 -72.17
N LYS O 160 -2.78 9.46 -73.44
CA LYS O 160 -4.11 9.18 -73.93
C LYS O 160 -3.93 7.77 -74.47
N ALA O 161 -2.74 7.55 -75.00
CA ALA O 161 -2.33 6.27 -75.56
C ALA O 161 -0.83 6.33 -75.80
N THR O 162 -0.17 5.19 -75.70
CA THR O 162 1.27 5.13 -75.93
C THR O 162 1.75 3.70 -75.83
N ALA O 163 2.98 3.45 -76.25
CA ALA O 163 3.56 2.13 -76.22
C ALA O 163 5.04 2.23 -75.84
N ILE O 164 5.55 1.17 -75.23
CA ILE O 164 6.94 1.14 -74.80
C ILE O 164 7.58 -0.16 -75.25
N GLY O 165 8.90 -0.15 -75.33
CA GLY O 165 9.62 -1.35 -75.72
C GLY O 165 9.90 -1.42 -77.20
N LYS O 166 10.39 -2.58 -77.64
CA LYS O 166 10.73 -2.87 -79.03
C LYS O 166 10.14 -1.95 -80.10
N GLY O 167 8.94 -2.26 -80.58
CA GLY O 167 8.33 -1.45 -81.63
C GLY O 167 7.48 -0.30 -81.14
N SER O 168 7.99 0.43 -80.16
CA SER O 168 7.25 1.55 -79.61
C SER O 168 7.02 2.66 -80.63
N VAL O 169 8.06 3.04 -81.36
CA VAL O 169 7.92 4.12 -82.34
C VAL O 169 6.82 3.81 -83.35
N ALA O 170 6.90 2.63 -83.96
CA ALA O 170 5.89 2.19 -84.94
C ALA O 170 4.50 2.20 -84.30
N ALA O 171 4.41 1.62 -83.12
CA ALA O 171 3.15 1.54 -82.40
C ALA O 171 2.60 2.91 -82.04
N LYS O 172 3.46 3.78 -81.51
CA LYS O 172 3.00 5.12 -81.12
C LYS O 172 2.39 5.79 -82.34
N THR O 173 3.03 5.60 -83.49
CA THR O 173 2.54 6.18 -84.72
C THR O 173 1.17 5.61 -85.08
N PHE O 174 1.06 4.28 -85.06
CA PHE O 174 -0.22 3.68 -85.40
C PHE O 174 -1.32 4.12 -84.45
N LEU O 175 -0.94 4.45 -83.22
CA LEU O 175 -1.93 4.87 -82.24
C LEU O 175 -2.40 6.31 -82.47
N GLU O 176 -1.48 7.20 -82.84
CA GLU O 176 -1.84 8.58 -83.10
C GLU O 176 -2.92 8.69 -84.18
N LYS O 177 -2.92 7.74 -85.12
CA LYS O 177 -3.90 7.73 -86.19
C LYS O 177 -5.30 7.32 -85.75
N ARG O 178 -5.37 6.17 -85.09
CA ARG O 178 -6.63 5.61 -84.63
C ARG O 178 -7.27 6.21 -83.36
N TRP O 179 -6.49 6.91 -82.53
CA TRP O 179 -7.03 7.48 -81.30
C TRP O 179 -7.78 8.82 -81.42
N ASN O 180 -8.90 8.92 -80.72
CA ASN O 180 -9.71 10.14 -80.70
C ASN O 180 -10.32 10.24 -79.30
N ASP O 181 -10.88 11.39 -78.96
CA ASP O 181 -11.45 11.56 -77.63
C ASP O 181 -12.89 11.08 -77.44
N GLU O 182 -13.40 10.31 -78.38
CA GLU O 182 -14.77 9.80 -78.28
C GLU O 182 -14.80 8.28 -78.34
N LEU O 183 -13.67 7.65 -78.05
CA LEU O 183 -13.55 6.20 -78.09
C LEU O 183 -14.29 5.54 -76.93
N GLU O 184 -14.84 4.37 -77.19
CA GLU O 184 -15.54 3.60 -76.18
C GLU O 184 -14.55 2.50 -75.81
N LEU O 185 -14.68 1.90 -74.64
CA LEU O 185 -13.74 0.86 -74.23
C LEU O 185 -13.49 -0.21 -75.28
N GLU O 186 -14.55 -0.88 -75.73
CA GLU O 186 -14.45 -1.94 -76.75
C GLU O 186 -13.67 -1.49 -77.96
N ASP O 187 -13.91 -0.25 -78.36
CA ASP O 187 -13.23 0.32 -79.51
C ASP O 187 -11.73 0.32 -79.22
N ALA O 188 -11.37 0.73 -78.01
CA ALA O 188 -9.96 0.78 -77.61
C ALA O 188 -9.33 -0.61 -77.60
N ILE O 189 -10.03 -1.58 -77.02
CA ILE O 189 -9.52 -2.95 -76.95
C ILE O 189 -9.18 -3.40 -78.36
N HIS O 190 -10.07 -3.06 -79.28
CA HIS O 190 -9.90 -3.41 -80.67
C HIS O 190 -8.61 -2.76 -81.17
N ILE O 191 -8.53 -1.44 -81.06
CA ILE O 191 -7.33 -0.71 -81.48
C ILE O 191 -6.09 -1.32 -80.84
N ALA O 192 -6.23 -1.76 -79.59
CA ALA O 192 -5.13 -2.36 -78.86
C ALA O 192 -4.63 -3.60 -79.57
N LEU O 193 -5.55 -4.53 -79.81
CA LEU O 193 -5.23 -5.78 -80.50
C LEU O 193 -4.57 -5.55 -81.85
N LEU O 194 -5.09 -4.59 -82.61
CA LEU O 194 -4.55 -4.27 -83.92
C LEU O 194 -3.11 -3.81 -83.80
N THR O 195 -2.88 -2.83 -82.95
CA THR O 195 -1.54 -2.27 -82.76
C THR O 195 -0.54 -3.31 -82.34
N LEU O 196 -0.99 -4.24 -81.51
CA LEU O 196 -0.15 -5.29 -80.99
C LEU O 196 0.22 -6.30 -82.08
N LYS O 197 -0.76 -6.63 -82.93
CA LYS O 197 -0.57 -7.57 -84.03
C LYS O 197 0.68 -7.25 -84.87
N GLU O 198 0.97 -5.97 -85.02
CA GLU O 198 2.14 -5.53 -85.80
C GLU O 198 3.44 -5.97 -85.12
N SER O 199 3.49 -5.84 -83.80
CA SER O 199 4.69 -6.18 -83.03
C SER O 199 4.83 -7.67 -82.74
N VAL O 200 3.85 -8.46 -83.14
CA VAL O 200 3.88 -9.90 -82.90
C VAL O 200 4.35 -10.71 -84.11
N GLU O 201 5.43 -11.48 -83.91
CA GLU O 201 6.00 -12.31 -84.96
C GLU O 201 5.21 -13.59 -85.17
N GLY O 202 5.38 -14.54 -84.24
CA GLY O 202 4.71 -15.83 -84.34
C GLY O 202 3.20 -15.88 -84.15
N GLU O 203 2.76 -16.81 -83.31
CA GLU O 203 1.34 -16.97 -83.05
C GLU O 203 0.74 -15.75 -82.36
N PHE O 204 -0.47 -15.38 -82.78
CA PHE O 204 -1.16 -14.22 -82.22
C PHE O 204 -2.57 -14.61 -81.78
N ASN O 205 -2.69 -15.11 -80.56
CA ASN O 205 -3.99 -15.52 -80.02
C ASN O 205 -4.08 -15.22 -78.52
N GLY O 206 -5.24 -15.53 -77.93
CA GLY O 206 -5.45 -15.28 -76.52
C GLY O 206 -4.57 -16.05 -75.55
N ASP O 207 -3.66 -16.86 -76.08
CA ASP O 207 -2.77 -17.62 -75.22
C ASP O 207 -1.36 -17.04 -75.28
N THR O 208 -1.18 -16.09 -76.19
CA THR O 208 0.13 -15.44 -76.36
C THR O 208 0.03 -13.94 -76.10
N ILE O 209 -1.20 -13.47 -75.92
CA ILE O 209 -1.52 -12.07 -75.66
C ILE O 209 -2.11 -11.94 -74.24
N GLU O 210 -1.52 -11.06 -73.44
CA GLU O 210 -2.01 -10.81 -72.09
C GLU O 210 -2.63 -9.42 -72.18
N LEU O 211 -3.90 -9.32 -71.81
CA LEU O 211 -4.58 -8.04 -71.90
C LEU O 211 -5.58 -7.85 -70.76
N ALA O 212 -5.54 -6.67 -70.15
CA ALA O 212 -6.43 -6.34 -69.03
C ALA O 212 -6.93 -4.91 -69.17
N ILE O 213 -8.09 -4.62 -68.58
CA ILE O 213 -8.65 -3.28 -68.67
C ILE O 213 -9.08 -2.69 -67.33
N ILE O 214 -9.40 -1.41 -67.32
CA ILE O 214 -9.88 -0.74 -66.13
C ILE O 214 -11.20 -0.14 -66.61
N GLY O 215 -12.33 -0.66 -66.13
CA GLY O 215 -13.61 -0.14 -66.58
C GLY O 215 -14.67 -0.10 -65.51
N ASP O 216 -15.83 -0.67 -65.80
CA ASP O 216 -16.93 -0.68 -64.84
C ASP O 216 -16.55 -1.50 -63.61
N GLU O 217 -17.37 -1.37 -62.58
CA GLU O 217 -17.17 -2.10 -61.34
C GLU O 217 -17.69 -3.53 -61.55
N ASN O 218 -16.93 -4.51 -61.07
CA ASN O 218 -17.29 -5.93 -61.22
C ASN O 218 -17.77 -6.55 -59.92
N PRO O 219 -19.05 -6.35 -59.58
CA PRO O 219 -19.59 -6.92 -58.34
C PRO O 219 -19.34 -8.43 -58.23
N ASP O 220 -19.50 -9.12 -59.35
CA ASP O 220 -19.30 -10.56 -59.39
C ASP O 220 -17.88 -10.98 -58.97
N LEU O 221 -16.97 -10.04 -58.88
CA LEU O 221 -15.58 -10.34 -58.50
C LEU O 221 -15.22 -9.83 -57.12
N LEU O 222 -16.20 -9.26 -56.42
CA LEU O 222 -15.96 -8.73 -55.08
C LEU O 222 -15.76 -9.84 -54.06
N GLY O 223 -16.64 -10.85 -54.10
CA GLY O 223 -16.51 -11.96 -53.18
C GLY O 223 -17.47 -11.95 -52.00
N TYR O 224 -18.22 -10.86 -51.86
CA TYR O 224 -19.18 -10.72 -50.77
C TYR O 224 -20.24 -9.66 -51.10
N THR O 225 -21.34 -9.67 -50.35
CA THR O 225 -22.40 -8.70 -50.56
C THR O 225 -22.92 -8.18 -49.24
N GLY O 226 -23.53 -7.00 -49.27
CA GLY O 226 -24.08 -6.42 -48.07
C GLY O 226 -23.54 -5.04 -47.77
N ILE O 227 -22.63 -4.55 -48.60
CA ILE O 227 -22.08 -3.22 -48.40
C ILE O 227 -22.28 -2.42 -49.68
N PRO O 228 -23.41 -1.70 -49.78
CA PRO O 228 -23.75 -0.89 -50.95
C PRO O 228 -22.64 -0.02 -51.53
N THR O 229 -21.74 0.46 -50.69
CA THR O 229 -20.64 1.30 -51.19
C THR O 229 -19.49 0.49 -51.77
N ASP O 230 -19.53 -0.83 -51.57
CA ASP O 230 -18.50 -1.73 -52.09
C ASP O 230 -19.10 -2.48 -53.28
N LYS O 231 -18.82 -1.99 -54.49
CA LYS O 231 -19.38 -2.60 -55.71
C LYS O 231 -18.45 -3.50 -56.52
N GLY O 232 -17.19 -3.61 -56.09
CA GLY O 232 -16.27 -4.47 -56.82
C GLY O 232 -15.16 -3.72 -57.53
N PRO O 233 -14.13 -4.45 -57.99
CA PRO O 233 -12.97 -3.88 -58.69
C PRO O 233 -13.21 -3.45 -60.13
N ARG O 234 -12.52 -2.39 -60.54
CA ARG O 234 -12.65 -1.87 -61.90
C ARG O 234 -11.56 -2.49 -62.78
N PHE O 235 -10.69 -3.28 -62.16
CA PHE O 235 -9.61 -3.94 -62.87
C PHE O 235 -9.98 -5.37 -63.21
N ARG O 236 -10.02 -5.68 -64.50
CA ARG O 236 -10.32 -7.03 -64.93
C ARG O 236 -9.34 -7.43 -66.03
N LYS O 237 -8.79 -8.63 -65.89
CA LYS O 237 -7.85 -9.17 -66.85
C LYS O 237 -8.69 -10.06 -67.77
N LEU O 238 -8.55 -9.91 -69.08
CA LEU O 238 -9.33 -10.74 -69.98
C LEU O 238 -8.83 -12.18 -70.02
N THR O 239 -9.73 -13.10 -70.37
CA THR O 239 -9.36 -14.52 -70.43
C THR O 239 -8.92 -14.90 -71.83
N SER O 240 -8.13 -15.96 -71.92
CA SER O 240 -7.65 -16.44 -73.21
C SER O 240 -8.83 -16.48 -74.18
N GLN O 241 -9.95 -17.02 -73.72
CA GLN O 241 -11.15 -17.12 -74.53
C GLN O 241 -11.71 -15.77 -74.96
N GLU O 242 -11.76 -14.80 -74.05
CA GLU O 242 -12.29 -13.48 -74.36
C GLU O 242 -11.47 -12.75 -75.42
N ILE O 243 -10.18 -13.04 -75.47
CA ILE O 243 -9.29 -12.41 -76.45
C ILE O 243 -9.72 -12.89 -77.83
N ASN O 244 -9.73 -14.21 -78.02
CA ASN O 244 -10.09 -14.83 -79.28
C ASN O 244 -11.40 -14.34 -79.87
N ASP O 245 -12.44 -14.27 -79.04
CA ASP O 245 -13.73 -13.81 -79.53
C ASP O 245 -13.63 -12.45 -80.24
N ARG O 246 -12.71 -11.60 -79.79
CA ARG O 246 -12.54 -10.29 -80.39
C ARG O 246 -11.56 -10.31 -81.56
N LEU O 247 -10.78 -11.39 -81.65
CA LEU O 247 -9.81 -11.53 -82.74
C LEU O 247 -10.54 -11.98 -84.00
N GLU O 248 -11.64 -12.70 -83.82
CA GLU O 248 -12.45 -13.18 -84.93
C GLU O 248 -13.10 -12.01 -85.67
N ALA O 249 -13.40 -10.94 -84.94
CA ALA O 249 -13.99 -9.74 -85.53
C ALA O 249 -12.89 -8.70 -85.72
N LEU O 250 -11.70 -9.18 -86.05
CA LEU O 250 -10.55 -8.30 -86.25
C LEU O 250 -10.45 -7.91 -87.73
N GLY P 1 38.53 -4.19 -52.64
CA GLY P 1 37.33 -3.57 -51.99
C GLY P 1 36.45 -2.78 -52.94
N SER P 2 35.60 -1.93 -52.38
CA SER P 2 34.68 -1.11 -53.16
C SER P 2 35.27 0.19 -53.69
N ARG P 3 36.21 0.77 -52.95
CA ARG P 3 36.87 2.02 -53.31
C ARG P 3 37.07 2.14 -54.83
N ARG P 4 37.28 1.01 -55.45
CA ARG P 4 37.50 0.93 -56.89
C ARG P 4 36.44 1.65 -57.72
N TYR P 5 35.17 1.30 -57.50
CA TYR P 5 34.06 1.86 -58.26
C TYR P 5 33.49 3.20 -57.79
N ASP P 6 34.13 3.81 -56.80
CA ASP P 6 33.67 5.10 -56.27
C ASP P 6 34.05 6.29 -57.15
N SER P 7 33.04 6.99 -57.65
CA SER P 7 33.25 8.15 -58.52
C SER P 7 33.66 9.39 -57.76
N ARG P 8 33.51 9.38 -56.44
CA ARG P 8 33.89 10.52 -55.61
C ARG P 8 33.17 11.75 -56.13
N THR P 9 31.86 11.72 -56.01
CA THR P 9 31.01 12.79 -56.48
C THR P 9 31.22 14.12 -55.80
N THR P 10 31.91 14.14 -54.66
CA THR P 10 32.10 15.40 -53.97
C THR P 10 33.52 15.90 -53.82
N ILE P 11 34.28 15.95 -54.90
CA ILE P 11 35.64 16.47 -54.75
C ILE P 11 35.88 17.69 -55.64
N PHE P 12 36.95 18.40 -55.35
CA PHE P 12 37.34 19.58 -56.08
C PHE P 12 38.21 19.27 -57.29
N SER P 13 38.03 20.04 -58.36
CA SER P 13 38.86 19.88 -59.55
C SER P 13 40.10 20.69 -59.22
N PRO P 14 41.22 20.43 -59.90
CA PRO P 14 42.43 21.20 -59.60
C PRO P 14 42.20 22.70 -59.66
N GLU P 15 41.16 23.10 -60.39
CA GLU P 15 40.81 24.51 -60.55
C GLU P 15 39.90 25.01 -59.41
N GLY P 16 39.50 24.10 -58.53
CA GLY P 16 38.64 24.47 -57.42
C GLY P 16 37.17 24.48 -57.79
N ARG P 17 36.79 23.69 -58.78
CA ARG P 17 35.38 23.62 -59.20
C ARG P 17 34.84 22.27 -58.78
N LEU P 18 33.52 22.13 -58.79
CA LEU P 18 32.89 20.88 -58.41
C LEU P 18 32.35 20.09 -59.60
N TYR P 19 33.17 19.18 -60.10
CA TYR P 19 32.83 18.35 -61.24
C TYR P 19 31.36 18.08 -61.41
N GLN P 20 30.82 17.26 -60.52
CA GLN P 20 29.42 16.87 -60.57
C GLN P 20 28.44 18.03 -60.63
N VAL P 21 28.72 19.11 -59.91
CA VAL P 21 27.82 20.26 -59.94
C VAL P 21 27.80 20.83 -61.36
N GLU P 22 28.99 21.06 -61.91
CA GLU P 22 29.14 21.59 -63.24
C GLU P 22 28.40 20.74 -64.25
N TYR P 23 28.57 19.42 -64.14
CA TYR P 23 27.92 18.51 -65.06
C TYR P 23 26.41 18.51 -64.88
N ALA P 24 25.95 18.63 -63.65
CA ALA P 24 24.53 18.65 -63.41
C ALA P 24 24.00 19.91 -64.08
N LEU P 25 24.72 21.02 -63.85
CA LEU P 25 24.37 22.32 -64.45
C LEU P 25 24.25 22.18 -65.95
N GLU P 26 25.11 21.35 -66.52
CA GLU P 26 25.12 21.08 -67.95
C GLU P 26 23.84 20.33 -68.30
N SER P 27 23.48 19.36 -67.48
CA SER P 27 22.28 18.58 -67.73
C SER P 27 21.09 19.51 -67.74
N ILE P 28 21.10 20.45 -66.80
CA ILE P 28 20.01 21.43 -66.65
C ILE P 28 19.84 22.28 -67.90
N SER P 29 20.95 22.66 -68.52
CA SER P 29 20.91 23.48 -69.72
C SER P 29 20.10 22.86 -70.86
N HIS P 30 19.94 21.55 -70.87
CA HIS P 30 19.16 20.91 -71.93
C HIS P 30 17.69 20.77 -71.54
N ALA P 31 17.30 21.40 -70.44
CA ALA P 31 15.92 21.30 -69.98
C ALA P 31 14.98 22.40 -70.50
N GLY P 32 13.69 22.09 -70.55
CA GLY P 32 12.73 23.07 -71.02
C GLY P 32 12.95 24.37 -70.27
N THR P 33 12.93 25.50 -70.99
CA THR P 33 13.17 26.79 -70.36
C THR P 33 12.04 27.28 -69.46
N ALA P 34 12.41 27.87 -68.33
CA ALA P 34 11.45 28.39 -67.38
C ALA P 34 11.80 29.85 -67.13
N ILE P 35 10.78 30.68 -67.01
CA ILE P 35 10.97 32.10 -66.78
C ILE P 35 10.18 32.62 -65.61
N GLY P 36 10.80 33.53 -64.87
CA GLY P 36 10.16 34.15 -63.73
C GLY P 36 10.36 35.65 -63.83
N ILE P 37 9.24 36.39 -63.88
CA ILE P 37 9.29 37.85 -63.97
C ILE P 37 8.43 38.44 -62.86
N MET P 38 9.00 39.36 -62.10
CA MET P 38 8.29 39.98 -61.01
C MET P 38 7.85 41.41 -61.29
N ALA P 39 6.54 41.64 -61.23
CA ALA P 39 5.98 42.96 -61.47
C ALA P 39 5.74 43.67 -60.14
N SER P 40 5.05 44.81 -60.22
CA SER P 40 4.74 45.61 -59.04
C SER P 40 3.55 45.02 -58.29
N ASP P 41 2.61 44.45 -59.04
CA ASP P 41 1.41 43.88 -58.46
C ASP P 41 1.35 42.35 -58.57
N GLY P 42 2.49 41.71 -58.84
CA GLY P 42 2.46 40.26 -58.93
C GLY P 42 3.72 39.59 -59.48
N ILE P 43 3.65 38.27 -59.62
CA ILE P 43 4.78 37.50 -60.14
C ILE P 43 4.27 36.53 -61.19
N VAL P 44 5.06 36.32 -62.24
CA VAL P 44 4.67 35.42 -63.32
C VAL P 44 5.68 34.30 -63.54
N LEU P 45 5.16 33.06 -63.60
CA LEU P 45 6.00 31.92 -63.86
C LEU P 45 5.52 31.29 -65.16
N ALA P 46 6.46 31.07 -66.06
CA ALA P 46 6.14 30.46 -67.35
C ALA P 46 7.24 29.47 -67.71
N ALA P 47 6.85 28.31 -68.24
CA ALA P 47 7.83 27.31 -68.62
C ALA P 47 7.40 26.48 -69.83
N GLU P 48 8.38 26.04 -70.61
CA GLU P 48 8.16 25.27 -71.81
C GLU P 48 8.28 23.77 -71.55
N ARG P 49 7.20 23.03 -71.79
CA ARG P 49 7.21 21.58 -71.60
C ARG P 49 8.15 20.93 -72.59
N LYS P 50 9.20 20.30 -72.08
CA LYS P 50 10.17 19.64 -72.94
C LYS P 50 9.58 18.33 -73.50
N VAL P 51 9.59 18.21 -74.83
CA VAL P 51 9.07 17.05 -75.54
C VAL P 51 7.62 16.68 -75.18
N THR P 52 6.80 16.54 -76.20
CA THR P 52 5.41 16.19 -76.00
C THR P 52 4.97 15.27 -77.13
N SER P 53 3.68 15.00 -77.17
CA SER P 53 3.09 14.15 -78.20
C SER P 53 1.65 14.60 -78.36
N THR P 54 0.97 14.03 -79.34
CA THR P 54 -0.42 14.38 -79.57
C THR P 54 -1.25 13.65 -78.53
N LEU P 55 -0.72 12.52 -78.09
CA LEU P 55 -1.40 11.69 -77.11
C LEU P 55 -1.11 12.04 -75.67
N LEU P 56 -0.13 12.90 -75.44
CA LEU P 56 0.20 13.28 -74.09
C LEU P 56 -1.00 14.02 -73.48
N GLU P 57 -1.52 13.48 -72.38
CA GLU P 57 -2.65 14.09 -71.68
C GLU P 57 -2.10 15.34 -71.00
N GLN P 58 -2.50 16.52 -71.49
CA GLN P 58 -1.98 17.75 -70.90
C GLN P 58 -2.76 18.32 -69.73
N ASP P 59 -4.08 18.15 -69.74
CA ASP P 59 -4.89 18.65 -68.64
C ASP P 59 -4.38 18.04 -67.34
N THR P 60 -4.26 16.71 -67.35
CA THR P 60 -3.81 15.93 -66.20
C THR P 60 -2.30 15.98 -65.98
N SER P 61 -1.61 16.94 -66.59
CA SER P 61 -0.15 17.02 -66.45
C SER P 61 0.41 18.22 -65.70
N THR P 62 1.60 18.02 -65.13
CA THR P 62 2.33 19.03 -64.37
C THR P 62 3.78 18.54 -64.23
N GLU P 63 4.70 19.18 -64.92
CA GLU P 63 6.11 18.79 -64.86
C GLU P 63 7.03 19.98 -64.63
N LYS P 64 6.49 21.19 -64.56
CA LYS P 64 7.35 22.35 -64.37
C LYS P 64 6.91 23.39 -63.33
N LEU P 65 5.62 23.45 -63.05
CA LEU P 65 5.10 24.40 -62.07
C LEU P 65 4.46 23.67 -60.90
N TYR P 66 5.09 23.81 -59.75
CA TYR P 66 4.62 23.15 -58.54
C TYR P 66 4.28 24.13 -57.43
N LYS P 67 3.23 23.79 -56.69
CA LYS P 67 2.77 24.60 -55.58
C LYS P 67 3.43 24.07 -54.31
N LEU P 68 4.21 24.89 -53.61
CA LEU P 68 4.88 24.45 -52.38
C LEU P 68 4.03 24.83 -51.16
N ASN P 69 3.44 26.00 -51.25
CA ASN P 69 2.65 26.59 -50.18
C ASN P 69 1.48 27.26 -50.88
N ASP P 70 0.78 28.14 -50.17
CA ASP P 70 -0.34 28.86 -50.78
C ASP P 70 0.19 30.21 -51.25
N LYS P 71 1.44 30.49 -50.90
CA LYS P 71 2.08 31.75 -51.26
C LYS P 71 3.41 31.54 -51.95
N ILE P 72 3.82 30.29 -52.09
CA ILE P 72 5.08 30.00 -52.75
C ILE P 72 4.92 28.90 -53.78
N ALA P 73 5.43 29.13 -54.99
CA ALA P 73 5.35 28.16 -56.07
C ALA P 73 6.71 28.14 -56.74
N VAL P 74 7.06 27.04 -57.40
CA VAL P 74 8.35 26.98 -58.07
C VAL P 74 8.26 26.49 -59.49
N ALA P 75 9.24 26.88 -60.28
CA ALA P 75 9.32 26.45 -61.67
C ALA P 75 10.55 25.53 -61.69
N VAL P 76 10.38 24.34 -62.25
CA VAL P 76 11.44 23.34 -62.30
C VAL P 76 12.17 23.21 -63.62
N ALA P 77 13.48 23.01 -63.53
CA ALA P 77 14.29 22.82 -64.72
C ALA P 77 15.29 21.72 -64.37
N GLY P 78 15.21 20.60 -65.09
CA GLY P 78 16.11 19.48 -64.84
C GLY P 78 15.32 18.21 -64.61
N LEU P 79 15.89 17.29 -63.82
CA LEU P 79 15.25 16.01 -63.50
C LEU P 79 13.92 16.14 -62.76
N THR P 80 12.82 15.79 -63.43
CA THR P 80 11.52 15.89 -62.79
C THR P 80 11.50 15.15 -61.46
N ALA P 81 11.88 13.88 -61.50
CA ALA P 81 11.92 13.03 -60.30
C ALA P 81 12.76 13.64 -59.19
N ASP P 82 13.95 14.14 -59.50
CA ASP P 82 14.80 14.75 -58.47
C ASP P 82 14.07 15.94 -57.85
N ALA P 83 13.39 16.70 -58.70
CA ALA P 83 12.68 17.86 -58.23
C ALA P 83 11.62 17.44 -57.22
N GLU P 84 10.78 16.49 -57.60
CA GLU P 84 9.72 16.05 -56.70
C GLU P 84 10.22 15.69 -55.31
N ILE P 85 11.40 15.09 -55.20
CA ILE P 85 11.94 14.74 -53.89
C ILE P 85 12.12 16.03 -53.10
N LEU P 86 12.82 16.99 -53.69
CA LEU P 86 13.08 18.25 -53.03
C LEU P 86 11.79 19.02 -52.74
N ILE P 87 10.91 19.07 -53.72
CA ILE P 87 9.64 19.77 -53.57
C ILE P 87 8.89 19.30 -52.34
N ASN P 88 8.75 17.98 -52.19
CA ASN P 88 8.04 17.44 -51.05
C ASN P 88 8.70 17.83 -49.73
N THR P 89 10.02 17.72 -49.63
CA THR P 89 10.63 18.08 -48.37
C THR P 89 10.38 19.56 -48.13
N ALA P 90 10.33 20.33 -49.22
CA ALA P 90 10.10 21.78 -49.16
C ALA P 90 8.73 22.02 -48.55
N ARG P 91 7.73 21.31 -49.05
CA ARG P 91 6.37 21.43 -48.54
C ARG P 91 6.32 21.10 -47.05
N ILE P 92 7.13 20.13 -46.61
CA ILE P 92 7.15 19.74 -45.21
C ILE P 92 7.71 20.88 -44.36
N HIS P 93 8.86 21.40 -44.78
CA HIS P 93 9.50 22.48 -44.03
C HIS P 93 8.51 23.61 -43.79
N ALA P 94 7.80 23.98 -44.84
CA ALA P 94 6.81 25.06 -44.80
C ALA P 94 5.76 24.81 -43.74
N GLN P 95 5.30 23.56 -43.66
CA GLN P 95 4.30 23.21 -42.67
C GLN P 95 4.89 23.10 -41.27
N ASN P 96 6.16 22.74 -41.13
CA ASN P 96 6.75 22.66 -39.80
C ASN P 96 6.80 24.06 -39.24
N TYR P 97 7.21 25.01 -40.08
CA TYR P 97 7.31 26.41 -39.70
C TYR P 97 5.95 26.91 -39.25
N LEU P 98 4.93 26.65 -40.08
CA LEU P 98 3.58 27.07 -39.76
C LEU P 98 3.11 26.51 -38.41
N LYS P 99 3.39 25.24 -38.16
CA LYS P 99 2.98 24.62 -36.90
C LYS P 99 3.74 25.19 -35.71
N THR P 100 5.01 25.50 -35.91
CA THR P 100 5.83 26.04 -34.85
C THR P 100 5.55 27.49 -34.49
N TYR P 101 5.33 28.32 -35.51
CA TYR P 101 5.13 29.74 -35.27
C TYR P 101 3.75 30.28 -35.53
N ASN P 102 2.93 29.49 -36.20
CA ASN P 102 1.58 29.94 -36.54
C ASN P 102 1.60 31.16 -37.45
N GLU P 103 2.50 31.10 -38.43
CA GLU P 103 2.68 32.13 -39.42
C GLU P 103 3.25 31.42 -40.64
N ASP P 104 2.95 31.91 -41.84
CA ASP P 104 3.47 31.28 -43.04
C ASP P 104 4.97 31.50 -43.14
N ILE P 105 5.66 30.46 -43.62
CA ILE P 105 7.10 30.48 -43.78
C ILE P 105 7.53 31.61 -44.75
N PRO P 106 8.45 32.49 -44.31
CA PRO P 106 8.94 33.59 -45.15
C PRO P 106 9.68 33.03 -46.36
N VAL P 107 9.32 33.48 -47.55
CA VAL P 107 9.91 32.97 -48.77
C VAL P 107 11.41 32.67 -48.75
N GLU P 108 12.23 33.59 -48.26
CA GLU P 108 13.67 33.32 -48.25
C GLU P 108 14.09 32.21 -47.31
N ILE P 109 13.39 32.08 -46.18
CA ILE P 109 13.73 31.05 -45.23
C ILE P 109 13.53 29.68 -45.87
N LEU P 110 12.47 29.53 -46.66
CA LEU P 110 12.18 28.28 -47.34
C LEU P 110 13.21 28.03 -48.43
N VAL P 111 13.50 29.06 -49.21
CA VAL P 111 14.48 28.94 -50.29
C VAL P 111 15.86 28.56 -49.74
N ARG P 112 16.23 29.13 -48.60
CA ARG P 112 17.54 28.83 -48.02
C ARG P 112 17.61 27.37 -47.56
N ARG P 113 16.60 26.97 -46.80
CA ARG P 113 16.51 25.63 -46.26
C ARG P 113 16.69 24.60 -47.38
N LEU P 114 15.99 24.79 -48.48
CA LEU P 114 16.09 23.86 -49.60
C LEU P 114 17.46 23.91 -50.27
N SER P 115 18.03 25.10 -50.36
CA SER P 115 19.34 25.25 -50.98
C SER P 115 20.39 24.58 -50.13
N ASP P 116 20.21 24.65 -48.82
CA ASP P 116 21.14 24.05 -47.87
C ASP P 116 21.17 22.54 -48.06
N ILE P 117 20.02 21.97 -48.36
CA ILE P 117 19.93 20.54 -48.61
C ILE P 117 20.75 20.22 -49.85
N LYS P 118 20.54 20.98 -50.91
CA LYS P 118 21.28 20.74 -52.14
C LYS P 118 22.77 20.84 -51.83
N GLN P 119 23.17 21.88 -51.11
CA GLN P 119 24.56 22.09 -50.78
C GLN P 119 25.15 20.89 -50.04
N GLY P 120 24.30 20.18 -49.30
CA GLY P 120 24.77 19.04 -48.55
C GLY P 120 25.31 17.95 -49.45
N TYR P 121 24.53 17.61 -50.46
CA TYR P 121 24.93 16.58 -51.39
C TYR P 121 26.20 16.99 -52.12
N THR P 122 26.65 18.20 -51.83
CA THR P 122 27.84 18.78 -52.45
C THR P 122 29.11 18.60 -51.61
N GLN P 123 28.94 18.45 -50.31
CA GLN P 123 30.11 18.36 -49.44
C GLN P 123 30.34 17.02 -48.76
N HIS P 124 29.34 16.17 -48.77
CA HIS P 124 29.49 14.87 -48.11
C HIS P 124 28.41 13.87 -48.51
N GLY P 125 28.72 12.59 -48.36
CA GLY P 125 27.72 11.59 -48.68
C GLY P 125 27.99 10.69 -49.86
N GLY P 126 28.93 11.10 -50.71
CA GLY P 126 29.27 10.28 -51.87
C GLY P 126 28.14 10.04 -52.85
N LEU P 127 27.08 10.84 -52.76
CA LEU P 127 25.94 10.70 -53.66
C LEU P 127 25.98 11.78 -54.74
N ARG P 128 25.24 11.56 -55.82
CA ARG P 128 25.20 12.54 -56.91
C ARG P 128 24.28 13.71 -56.53
N PRO P 129 24.58 14.91 -57.02
CA PRO P 129 23.76 16.08 -56.74
C PRO P 129 22.41 15.87 -57.40
N PHE P 130 21.47 16.77 -57.12
CA PHE P 130 20.15 16.68 -57.76
C PHE P 130 20.27 17.48 -59.04
N GLY P 131 19.84 16.89 -60.15
CA GLY P 131 19.92 17.61 -61.42
C GLY P 131 18.72 18.52 -61.51
N VAL P 132 18.71 19.56 -60.68
CA VAL P 132 17.57 20.47 -60.67
C VAL P 132 17.90 21.92 -60.32
N SER P 133 17.21 22.84 -61.00
CA SER P 133 17.34 24.25 -60.74
C SER P 133 15.91 24.75 -60.54
N PHE P 134 15.75 25.65 -59.58
CA PHE P 134 14.44 26.18 -59.26
C PHE P 134 14.34 27.68 -59.36
N ILE P 135 13.13 28.15 -59.67
CA ILE P 135 12.81 29.56 -59.70
C ILE P 135 11.68 29.59 -58.70
N TYR P 136 11.87 30.32 -57.60
CA TYR P 136 10.83 30.41 -56.57
C TYR P 136 10.07 31.72 -56.70
N ALA P 137 8.75 31.62 -56.76
CA ALA P 137 7.90 32.79 -56.85
C ALA P 137 6.99 32.77 -55.63
N GLY P 138 7.17 33.75 -54.76
CA GLY P 138 6.33 33.80 -53.57
C GLY P 138 6.14 35.17 -52.97
N TYR P 139 5.27 35.23 -51.97
CA TYR P 139 4.95 36.46 -51.28
C TYR P 139 4.84 36.30 -49.78
N ASP P 140 5.39 37.26 -49.05
CA ASP P 140 5.32 37.25 -47.60
C ASP P 140 5.25 38.70 -47.15
N ASP P 141 4.70 38.95 -45.97
CA ASP P 141 4.54 40.30 -45.46
C ASP P 141 5.79 40.97 -44.95
N ARG P 142 6.94 40.65 -45.53
CA ARG P 142 8.17 41.30 -45.09
C ARG P 142 8.90 41.90 -46.26
N TYR P 143 8.87 41.20 -47.39
CA TYR P 143 9.54 41.65 -48.60
C TYR P 143 8.56 41.65 -49.76
N GLY P 144 7.30 41.36 -49.44
CA GLY P 144 6.30 41.31 -50.49
C GLY P 144 6.67 40.29 -51.54
N TYR P 145 6.31 40.57 -52.78
CA TYR P 145 6.61 39.68 -53.88
C TYR P 145 8.11 39.47 -53.99
N GLN P 146 8.51 38.20 -54.12
CA GLN P 146 9.91 37.86 -54.25
C GLN P 146 10.09 36.83 -55.33
N LEU P 147 11.30 36.79 -55.90
CA LEU P 147 11.64 35.84 -56.95
C LEU P 147 13.05 35.34 -56.70
N TYR P 148 13.19 34.03 -56.57
CA TYR P 148 14.48 33.42 -56.29
C TYR P 148 14.89 32.34 -57.27
N THR P 149 16.13 31.90 -57.13
CA THR P 149 16.65 30.88 -58.00
C THR P 149 17.70 30.06 -57.24
N SER P 150 17.69 28.75 -57.44
CA SER P 150 18.67 27.88 -56.82
C SER P 150 19.06 26.78 -57.82
N ASN P 151 20.31 26.35 -57.74
CA ASN P 151 20.84 25.32 -58.63
C ASN P 151 21.55 24.23 -57.82
N PRO P 152 21.97 23.13 -58.48
CA PRO P 152 22.65 22.01 -57.84
C PRO P 152 23.76 22.38 -56.85
N SER P 153 24.43 23.50 -57.08
CA SER P 153 25.51 23.93 -56.20
C SER P 153 25.01 24.19 -54.80
N GLY P 154 23.76 24.64 -54.71
CA GLY P 154 23.17 24.94 -53.42
C GLY P 154 23.20 26.44 -53.19
N ASN P 155 23.40 27.17 -54.27
CA ASN P 155 23.46 28.62 -54.18
C ASN P 155 22.14 29.22 -54.65
N TYR P 156 21.74 30.33 -54.04
CA TYR P 156 20.50 30.98 -54.44
C TYR P 156 20.68 32.49 -54.46
N THR P 157 19.87 33.15 -55.28
CA THR P 157 19.90 34.59 -55.43
C THR P 157 18.53 35.15 -55.81
N GLY P 158 18.35 36.46 -55.61
CA GLY P 158 17.07 37.08 -55.90
C GLY P 158 17.07 37.82 -57.22
N TRP P 159 15.91 37.90 -57.87
CA TRP P 159 15.82 38.56 -59.17
C TRP P 159 14.54 39.33 -59.41
N LYS P 160 14.58 40.20 -60.42
CA LYS P 160 13.42 41.00 -60.83
C LYS P 160 12.78 40.18 -61.94
N ALA P 161 13.64 39.48 -62.66
CA ALA P 161 13.22 38.60 -63.74
C ALA P 161 14.37 37.65 -64.04
N ILE P 162 14.07 36.37 -64.21
CA ILE P 162 15.13 35.43 -64.49
C ILE P 162 14.61 34.17 -65.19
N SER P 163 15.55 33.37 -65.69
CA SER P 163 15.22 32.14 -66.39
C SER P 163 16.20 31.04 -66.06
N VAL P 164 15.77 29.80 -66.30
CA VAL P 164 16.60 28.65 -66.05
C VAL P 164 16.29 27.61 -67.12
N GLY P 165 17.26 26.74 -67.36
CA GLY P 165 17.07 25.70 -68.34
C GLY P 165 17.83 25.99 -69.61
N ALA P 166 17.20 25.67 -70.74
CA ALA P 166 17.79 25.90 -72.06
C ALA P 166 17.84 27.37 -72.48
N ASN P 167 18.90 27.73 -73.19
CA ASN P 167 19.10 29.08 -73.69
C ASN P 167 18.87 30.18 -72.67
N THR P 168 19.45 30.03 -71.48
CA THR P 168 19.27 31.04 -70.46
C THR P 168 19.87 32.34 -70.93
N SER P 169 21.04 32.25 -71.56
CA SER P 169 21.77 33.43 -72.04
C SER P 169 20.92 34.28 -72.98
N ALA P 170 20.34 33.64 -73.99
CA ALA P 170 19.50 34.34 -74.95
C ALA P 170 18.30 34.99 -74.27
N ALA P 171 17.64 34.24 -73.38
CA ALA P 171 16.47 34.74 -72.68
C ALA P 171 16.83 35.87 -71.71
N GLN P 172 17.91 35.67 -70.95
CA GLN P 172 18.36 36.65 -69.98
C GLN P 172 18.64 37.99 -70.65
N THR P 173 19.01 37.95 -71.93
CA THR P 173 19.30 39.17 -72.65
C THR P 173 18.01 39.86 -73.09
N LEU P 174 17.06 39.08 -73.60
CA LEU P 174 15.78 39.63 -74.04
C LEU P 174 14.99 40.26 -72.90
N LEU P 175 15.16 39.73 -71.69
CA LEU P 175 14.47 40.22 -70.52
C LEU P 175 15.15 41.49 -70.05
N GLN P 176 16.47 41.44 -69.98
CA GLN P 176 17.27 42.56 -69.54
C GLN P 176 17.05 43.74 -70.49
N MET P 177 16.37 43.45 -71.59
CA MET P 177 16.12 44.45 -72.62
C MET P 177 14.76 45.14 -72.55
N ASP P 178 13.70 44.38 -72.30
CA ASP P 178 12.36 44.96 -72.23
C ASP P 178 11.76 45.04 -70.84
N TYR P 179 12.56 44.78 -69.82
CA TYR P 179 12.04 44.83 -68.47
C TYR P 179 12.12 46.23 -67.85
N LYS P 180 11.07 46.61 -67.14
CA LYS P 180 11.04 47.90 -66.46
C LYS P 180 10.40 47.76 -65.07
N ASP P 181 11.07 48.31 -64.05
CA ASP P 181 10.62 48.25 -62.66
C ASP P 181 9.11 48.40 -62.45
N ASP P 182 8.58 49.53 -62.91
CA ASP P 182 7.17 49.83 -62.76
C ASP P 182 6.26 48.95 -63.62
N MET P 183 6.74 47.79 -64.02
CA MET P 183 5.91 46.90 -64.82
C MET P 183 4.61 46.57 -64.12
N LYS P 184 3.76 45.82 -64.81
CA LYS P 184 2.49 45.42 -64.25
C LYS P 184 2.38 43.95 -64.63
N VAL P 185 1.67 43.16 -63.83
CA VAL P 185 1.53 41.74 -64.10
C VAL P 185 1.19 41.43 -65.56
N ASP P 186 0.17 42.08 -66.09
CA ASP P 186 -0.23 41.84 -67.48
C ASP P 186 0.94 42.07 -68.43
N ASP P 187 1.75 43.08 -68.10
CA ASP P 187 2.90 43.41 -68.93
C ASP P 187 3.91 42.24 -68.87
N ALA P 188 4.17 41.76 -67.65
CA ALA P 188 5.10 40.66 -67.43
C ALA P 188 4.66 39.40 -68.16
N ILE P 189 3.40 39.05 -68.02
CA ILE P 189 2.86 37.87 -68.69
C ILE P 189 3.27 37.89 -70.15
N GLU P 190 3.05 39.04 -70.78
CA GLU P 190 3.37 39.25 -72.19
C GLU P 190 4.87 39.08 -72.45
N LEU P 191 5.71 39.74 -71.67
CA LEU P 191 7.16 39.63 -71.84
C LEU P 191 7.59 38.18 -71.72
N ALA P 192 7.07 37.49 -70.70
CA ALA P 192 7.40 36.09 -70.45
C ALA P 192 7.16 35.26 -71.70
N LEU P 193 5.95 35.36 -72.25
CA LEU P 193 5.59 34.64 -73.45
C LEU P 193 6.46 34.98 -74.65
N LYS P 194 6.73 36.27 -74.85
CA LYS P 194 7.56 36.70 -75.96
C LYS P 194 8.93 36.04 -75.86
N THR P 195 9.55 36.18 -74.68
CA THR P 195 10.87 35.62 -74.46
C THR P 195 10.94 34.15 -74.82
N LEU P 196 10.03 33.36 -74.27
CA LEU P 196 10.02 31.92 -74.55
C LEU P 196 9.81 31.70 -76.03
N SER P 197 8.88 32.47 -76.59
CA SER P 197 8.56 32.40 -78.00
C SER P 197 9.76 32.59 -78.92
N LYS P 198 10.75 33.35 -78.45
CA LYS P 198 11.94 33.62 -79.23
C LYS P 198 13.15 32.77 -78.87
N THR P 199 13.04 31.98 -77.79
CA THR P 199 14.14 31.13 -77.34
C THR P 199 13.81 29.65 -77.45
N THR P 200 12.69 29.33 -78.06
CA THR P 200 12.29 27.95 -78.24
C THR P 200 13.24 27.25 -79.21
N ASP P 201 13.13 25.94 -79.28
CA ASP P 201 13.93 25.16 -80.19
C ASP P 201 12.94 24.41 -81.05
N SER P 202 11.66 24.75 -80.87
CA SER P 202 10.58 24.11 -81.61
C SER P 202 9.91 25.06 -82.58
N SER P 203 9.18 24.47 -83.51
CA SER P 203 8.45 25.19 -84.56
C SER P 203 7.92 26.53 -84.05
N ALA P 204 6.71 26.49 -83.51
CA ALA P 204 6.07 27.68 -82.94
C ALA P 204 5.95 27.46 -81.44
N LEU P 205 5.03 28.19 -80.83
CA LEU P 205 4.82 28.08 -79.39
C LEU P 205 3.33 27.95 -79.18
N THR P 206 2.85 26.73 -79.03
CA THR P 206 1.43 26.49 -78.80
C THR P 206 1.17 26.25 -77.31
N TYR P 207 -0.08 26.42 -76.90
CA TYR P 207 -0.45 26.22 -75.50
C TYR P 207 -0.07 24.83 -75.00
N ASP P 208 -0.33 23.81 -75.81
CA ASP P 208 -0.03 22.43 -75.44
C ASP P 208 1.42 22.18 -75.04
N ARG P 209 2.26 23.20 -75.09
CA ARG P 209 3.67 23.04 -74.73
C ARG P 209 4.06 24.03 -73.66
N LEU P 210 3.07 24.50 -72.91
CA LEU P 210 3.32 25.49 -71.88
C LEU P 210 2.63 25.30 -70.55
N GLU P 211 3.24 25.88 -69.53
CA GLU P 211 2.68 25.85 -68.19
C GLU P 211 2.78 27.31 -67.77
N PHE P 212 1.72 27.81 -67.16
CA PHE P 212 1.71 29.20 -66.75
C PHE P 212 1.13 29.36 -65.36
N ALA P 213 1.72 30.24 -64.58
CA ALA P 213 1.23 30.48 -63.23
C ALA P 213 1.52 31.92 -62.82
N THR P 214 0.63 32.49 -62.02
CA THR P 214 0.76 33.86 -61.54
C THR P 214 0.40 33.97 -60.07
N ILE P 215 1.11 34.82 -59.34
CA ILE P 215 0.82 35.06 -57.94
C ILE P 215 0.42 36.53 -57.79
N ARG P 216 -0.87 36.80 -57.79
CA ARG P 216 -1.37 38.17 -57.65
C ARG P 216 -1.97 38.35 -56.27
N LYS P 217 -2.36 39.58 -55.96
CA LYS P 217 -2.98 39.87 -54.68
C LYS P 217 -4.41 40.36 -54.92
N GLY P 218 -5.01 39.87 -56.01
CA GLY P 218 -6.38 40.21 -56.39
C GLY P 218 -7.02 41.39 -55.66
N ALA P 219 -6.76 42.59 -56.16
CA ALA P 219 -7.28 43.85 -55.59
C ALA P 219 -8.56 43.69 -54.77
N ASN P 220 -9.58 43.08 -55.38
CA ASN P 220 -10.87 42.86 -54.73
C ASN P 220 -10.76 41.64 -53.80
N ASP P 221 -10.04 41.80 -52.69
CA ASP P 221 -9.85 40.73 -51.72
C ASP P 221 -8.89 41.16 -50.61
N GLY P 222 -7.68 41.58 -50.98
CA GLY P 222 -6.70 42.00 -50.01
C GLY P 222 -5.69 40.92 -49.66
N GLU P 223 -5.89 39.72 -50.19
CA GLU P 223 -4.96 38.60 -49.94
C GLU P 223 -4.37 38.03 -51.24
N VAL P 224 -3.30 37.26 -51.10
CA VAL P 224 -2.58 36.64 -52.23
C VAL P 224 -3.19 35.34 -52.75
N TYR P 225 -3.21 35.19 -54.08
CA TYR P 225 -3.77 34.01 -54.72
C TYR P 225 -2.92 33.47 -55.87
N GLN P 226 -2.64 32.16 -55.85
CA GLN P 226 -1.85 31.52 -56.90
C GLN P 226 -2.79 30.99 -57.97
N LYS P 227 -2.39 31.16 -59.22
CA LYS P 227 -3.21 30.69 -60.31
C LYS P 227 -2.39 29.91 -61.31
N ILE P 228 -2.64 28.60 -61.40
CA ILE P 228 -1.94 27.78 -62.37
C ILE P 228 -2.90 27.69 -63.54
N PHE P 229 -2.58 28.40 -64.62
CA PHE P 229 -3.44 28.43 -65.79
C PHE P 229 -3.72 27.06 -66.36
N LYS P 230 -4.97 26.91 -66.80
CA LYS P 230 -5.42 25.67 -67.40
C LYS P 230 -5.09 25.76 -68.88
N PRO P 231 -4.97 24.62 -69.57
CA PRO P 231 -4.65 24.60 -71.00
C PRO P 231 -5.42 25.65 -71.80
N GLN P 232 -6.74 25.67 -71.65
CA GLN P 232 -7.57 26.64 -72.37
C GLN P 232 -7.17 28.08 -72.04
N GLU P 233 -6.83 28.33 -70.78
CA GLU P 233 -6.44 29.67 -70.37
C GLU P 233 -5.11 30.10 -70.98
N ILE P 234 -4.21 29.13 -71.20
CA ILE P 234 -2.93 29.46 -71.80
C ILE P 234 -3.18 29.69 -73.29
N LYS P 235 -4.17 28.97 -73.82
CA LYS P 235 -4.52 29.09 -75.23
C LYS P 235 -5.05 30.50 -75.48
N ASP P 236 -5.84 31.00 -74.54
CA ASP P 236 -6.41 32.33 -74.63
C ASP P 236 -5.32 33.38 -74.55
N ILE P 237 -4.69 33.48 -73.39
CA ILE P 237 -3.62 34.43 -73.17
C ILE P 237 -2.63 34.43 -74.31
N LEU P 238 -2.59 33.33 -75.07
CA LEU P 238 -1.66 33.20 -76.18
C LEU P 238 -2.16 33.92 -77.44
N VAL P 239 -3.49 33.97 -77.61
CA VAL P 239 -4.12 34.63 -78.75
C VAL P 239 -4.13 36.15 -78.59
N LYS P 240 -4.47 36.59 -77.39
CA LYS P 240 -4.54 38.02 -77.08
C LYS P 240 -3.17 38.67 -77.19
N THR P 241 -2.14 38.00 -76.69
CA THR P 241 -0.79 38.56 -76.76
C THR P 241 -0.32 38.57 -78.20
N GLY P 242 -1.18 38.05 -79.09
CA GLY P 242 -0.86 38.02 -80.50
C GLY P 242 0.16 36.99 -80.94
N ILE P 243 -0.12 35.72 -80.63
CA ILE P 243 0.75 34.61 -81.02
C ILE P 243 -0.19 33.50 -81.53
N THR P 244 -1.48 33.84 -81.63
CA THR P 244 -2.55 32.92 -82.06
C THR P 244 -2.31 31.47 -81.61
N GLY Q 1 26.75 6.45 -44.42
CA GLY Q 1 27.76 5.38 -44.17
C GLY Q 1 29.00 5.60 -45.02
N TYR Q 2 28.95 6.62 -45.87
CA TYR Q 2 30.06 6.95 -46.74
C TYR Q 2 31.20 7.58 -45.94
N ASP Q 3 32.40 7.01 -46.00
CA ASP Q 3 33.51 7.56 -45.25
C ASP Q 3 34.86 7.55 -45.98
N ARG Q 4 34.82 7.54 -47.32
CA ARG Q 4 36.04 7.53 -48.13
C ARG Q 4 36.91 8.71 -47.74
N ALA Q 5 38.21 8.46 -47.56
CA ALA Q 5 39.12 9.53 -47.19
C ALA Q 5 39.36 10.39 -48.43
N LEU Q 6 38.72 11.55 -48.49
CA LEU Q 6 38.85 12.44 -49.64
C LEU Q 6 40.03 13.41 -49.48
N SER Q 7 40.35 13.78 -48.25
CA SER Q 7 41.47 14.67 -47.99
C SER Q 7 42.59 13.80 -47.44
N ILE Q 8 43.58 13.50 -48.27
CA ILE Q 8 44.70 12.67 -47.83
C ILE Q 8 46.04 13.23 -48.32
N PHE Q 9 47.14 12.71 -47.79
CA PHE Q 9 48.45 13.18 -48.18
C PHE Q 9 48.89 12.61 -49.52
N SER Q 10 49.69 13.39 -50.25
CA SER Q 10 50.25 12.96 -51.53
C SER Q 10 51.74 12.86 -51.24
N PRO Q 11 52.51 12.21 -52.14
CA PRO Q 11 53.96 12.03 -51.97
C PRO Q 11 54.79 13.24 -51.54
N ASP Q 12 54.47 14.42 -52.05
CA ASP Q 12 55.23 15.61 -51.71
C ASP Q 12 54.78 16.22 -50.39
N GLY Q 13 53.83 15.55 -49.72
CA GLY Q 13 53.33 16.05 -48.44
C GLY Q 13 52.21 17.07 -48.55
N HIS Q 14 51.44 17.02 -49.63
CA HIS Q 14 50.36 17.96 -49.82
C HIS Q 14 49.00 17.31 -49.70
N ILE Q 15 48.00 18.12 -49.38
CA ILE Q 15 46.65 17.59 -49.27
C ILE Q 15 45.86 18.34 -50.34
N PHE Q 16 45.85 17.76 -51.53
CA PHE Q 16 45.18 18.36 -52.68
C PHE Q 16 43.76 18.85 -52.54
N GLN Q 17 42.93 18.21 -51.73
CA GLN Q 17 41.58 18.71 -51.58
C GLN Q 17 41.61 20.06 -50.87
N VAL Q 18 42.48 20.18 -49.87
CA VAL Q 18 42.60 21.44 -49.15
C VAL Q 18 43.20 22.48 -50.10
N GLU Q 19 44.16 22.02 -50.90
CA GLU Q 19 44.84 22.84 -51.88
C GLU Q 19 43.82 23.44 -52.86
N TYR Q 20 43.05 22.55 -53.46
CA TYR Q 20 42.03 22.93 -54.43
C TYR Q 20 40.94 23.77 -53.81
N ALA Q 21 40.72 23.57 -52.51
CA ALA Q 21 39.71 24.37 -51.83
C ALA Q 21 40.19 25.80 -51.91
N LEU Q 22 41.48 26.00 -51.63
CA LEU Q 22 42.07 27.33 -51.69
C LEU Q 22 41.84 27.92 -53.07
N GLU Q 23 42.02 27.09 -54.10
CA GLU Q 23 41.83 27.52 -55.48
C GLU Q 23 40.42 28.07 -55.71
N ALA Q 24 39.45 27.52 -54.99
CA ALA Q 24 38.07 27.97 -55.09
C ALA Q 24 37.96 29.34 -54.43
N VAL Q 25 38.78 29.58 -53.42
CA VAL Q 25 38.75 30.87 -52.73
C VAL Q 25 39.27 31.98 -53.64
N LYS Q 26 40.38 31.72 -54.33
CA LYS Q 26 40.95 32.70 -55.26
C LYS Q 26 39.84 33.16 -56.20
N ARG Q 27 39.14 32.19 -56.78
CA ARG Q 27 38.05 32.46 -57.71
C ARG Q 27 36.91 33.29 -57.12
N GLY Q 28 36.77 33.29 -55.81
CA GLY Q 28 35.72 34.06 -55.19
C GLY Q 28 36.00 35.54 -55.24
N THR Q 29 34.95 36.36 -55.15
CA THR Q 29 35.09 37.82 -55.19
C THR Q 29 35.99 38.32 -54.05
N CYS Q 30 36.68 39.42 -54.28
CA CYS Q 30 37.59 39.96 -53.28
C CYS Q 30 36.93 40.49 -52.02
N ALA Q 31 37.62 40.28 -50.90
CA ALA Q 31 37.16 40.74 -49.60
C ALA Q 31 38.36 41.34 -48.88
N VAL Q 32 38.11 42.41 -48.14
CA VAL Q 32 39.17 43.08 -47.41
C VAL Q 32 38.65 43.60 -46.09
N GLY Q 33 39.57 43.83 -45.17
CA GLY Q 33 39.22 44.34 -43.87
C GLY Q 33 40.42 45.06 -43.30
N VAL Q 34 40.19 46.23 -42.73
CA VAL Q 34 41.28 47.01 -42.14
C VAL Q 34 40.83 47.57 -40.80
N LYS Q 35 41.71 47.48 -39.81
CA LYS Q 35 41.35 47.98 -38.50
C LYS Q 35 41.92 49.35 -38.23
N GLY Q 36 41.07 50.19 -37.65
CA GLY Q 36 41.45 51.54 -37.30
C GLY Q 36 41.97 51.58 -35.87
N LYS Q 37 41.72 52.70 -35.19
CA LYS Q 37 42.17 52.84 -33.82
C LYS Q 37 40.97 52.62 -32.92
N ASN Q 38 39.78 52.79 -33.49
CA ASN Q 38 38.54 52.64 -32.74
C ASN Q 38 37.47 52.03 -33.64
N CYS Q 39 37.89 51.21 -34.59
CA CYS Q 39 36.95 50.56 -35.49
C CYS Q 39 37.64 49.59 -36.45
N VAL Q 40 36.83 48.78 -37.11
CA VAL Q 40 37.31 47.82 -38.09
C VAL Q 40 36.38 47.96 -39.27
N VAL Q 41 36.91 47.92 -40.48
CA VAL Q 41 36.07 48.08 -41.65
C VAL Q 41 36.20 46.88 -42.58
N LEU Q 42 35.06 46.45 -43.12
CA LEU Q 42 35.05 45.31 -44.02
C LEU Q 42 34.48 45.71 -45.38
N GLY Q 43 35.28 45.49 -46.42
CA GLY Q 43 34.86 45.82 -47.77
C GLY Q 43 34.83 44.57 -48.62
N CYS Q 44 33.88 44.52 -49.55
CA CYS Q 44 33.74 43.37 -50.44
C CYS Q 44 33.30 43.90 -51.80
N GLU Q 45 33.63 43.18 -52.86
CA GLU Q 45 33.25 43.61 -54.19
C GLU Q 45 32.06 42.79 -54.69
N ARG Q 46 31.34 43.31 -55.67
CA ARG Q 46 30.20 42.61 -56.23
C ARG Q 46 30.45 42.26 -57.69
N ARG Q 47 30.36 40.98 -57.99
CA ARG Q 47 30.55 40.50 -59.36
C ARG Q 47 29.48 41.19 -60.22
N SER Q 48 29.63 41.10 -61.53
CA SER Q 48 28.67 41.67 -62.46
C SER Q 48 28.41 40.74 -63.65
N THR Q 49 28.73 39.45 -63.48
CA THR Q 49 28.53 38.41 -64.49
C THR Q 49 27.09 38.53 -65.04
N LEU Q 50 26.16 38.80 -64.11
CA LEU Q 50 24.75 38.99 -64.41
C LEU Q 50 24.23 40.09 -63.45
N LYS Q 51 23.71 41.19 -64.00
CA LYS Q 51 23.16 42.28 -63.19
C LYS Q 51 21.73 42.58 -63.66
N LEU Q 52 20.77 42.26 -62.79
CA LEU Q 52 19.34 42.44 -63.02
C LEU Q 52 18.74 41.82 -61.75
N GLN Q 53 19.60 41.82 -60.72
CA GLN Q 53 19.31 41.28 -59.41
C GLN Q 53 18.31 42.10 -58.62
N ASP Q 54 18.11 41.69 -57.37
CA ASP Q 54 17.22 42.36 -56.45
C ASP Q 54 17.99 42.57 -55.14
N THR Q 55 18.85 43.59 -55.14
CA THR Q 55 19.69 43.93 -53.99
C THR Q 55 19.06 43.85 -52.60
N ARG Q 56 17.74 44.06 -52.52
CA ARG Q 56 17.05 43.98 -51.25
C ARG Q 56 17.23 42.60 -50.63
N ILE Q 57 16.71 41.58 -51.32
CA ILE Q 57 16.77 40.21 -50.87
C ILE Q 57 18.07 39.45 -51.08
N THR Q 58 18.63 39.47 -52.30
CA THR Q 58 19.88 38.75 -52.56
C THR Q 58 20.86 38.90 -51.40
N PRO Q 59 21.32 37.74 -50.87
CA PRO Q 59 22.27 37.67 -49.75
C PRO Q 59 23.51 38.56 -49.89
N SER Q 60 23.78 39.35 -48.85
CA SER Q 60 24.96 40.24 -48.85
C SER Q 60 26.17 39.56 -48.17
N LYS Q 61 27.36 39.92 -48.62
CA LYS Q 61 28.62 39.33 -48.13
C LYS Q 61 28.95 39.40 -46.64
N VAL Q 62 28.78 40.55 -46.01
CA VAL Q 62 29.09 40.64 -44.59
C VAL Q 62 27.90 40.17 -43.77
N SER Q 63 28.17 39.22 -42.87
CA SER Q 63 27.13 38.65 -42.00
C SER Q 63 27.47 38.81 -40.52
N LYS Q 64 26.44 38.99 -39.69
CA LYS Q 64 26.63 39.13 -38.25
C LYS Q 64 26.52 37.79 -37.56
N ILE Q 65 27.51 37.45 -36.74
CA ILE Q 65 27.47 36.20 -36.01
C ILE Q 65 26.75 36.57 -34.74
N ASP Q 66 27.07 37.76 -34.22
CA ASP Q 66 26.43 38.27 -33.02
C ASP Q 66 26.39 39.79 -33.19
N SER Q 67 25.68 40.45 -32.28
CA SER Q 67 25.52 41.90 -32.33
C SER Q 67 26.85 42.68 -32.36
N HIS Q 68 27.93 42.03 -31.96
CA HIS Q 68 29.24 42.69 -31.90
C HIS Q 68 30.32 42.05 -32.78
N VAL Q 69 29.96 41.06 -33.59
CA VAL Q 69 30.95 40.41 -34.42
C VAL Q 69 30.40 40.07 -35.80
N VAL Q 70 31.20 40.35 -36.81
CA VAL Q 70 30.78 40.07 -38.18
C VAL Q 70 31.77 39.19 -38.93
N LEU Q 71 31.26 38.51 -39.95
CA LEU Q 71 32.07 37.62 -40.76
C LEU Q 71 31.81 37.79 -42.26
N SER Q 72 32.89 37.99 -43.01
CA SER Q 72 32.83 38.12 -44.46
C SER Q 72 33.65 36.97 -44.99
N PHE Q 73 33.50 36.65 -46.27
CA PHE Q 73 34.22 35.51 -46.82
C PHE Q 73 34.47 35.61 -48.32
N SER Q 74 35.19 34.61 -48.83
CA SER Q 74 35.50 34.51 -50.25
C SER Q 74 35.57 33.03 -50.57
N GLY Q 75 34.87 32.63 -51.62
CA GLY Q 75 34.89 31.23 -51.98
C GLY Q 75 33.47 30.79 -52.28
N LEU Q 76 33.20 29.52 -52.07
CA LEU Q 76 31.87 28.97 -52.34
C LEU Q 76 30.84 29.54 -51.38
N ASN Q 77 29.84 30.23 -51.92
CA ASN Q 77 28.80 30.83 -51.11
C ASN Q 77 28.08 29.77 -50.30
N ALA Q 78 27.55 28.75 -50.98
CA ALA Q 78 26.83 27.68 -50.30
C ALA Q 78 27.59 27.18 -49.06
N ASP Q 79 28.91 27.02 -49.18
CA ASP Q 79 29.71 26.56 -48.05
C ASP Q 79 29.75 27.59 -46.93
N SER Q 80 29.88 28.86 -47.30
CA SER Q 80 29.93 29.90 -46.29
C SER Q 80 28.69 29.89 -45.41
N ARG Q 81 27.54 29.52 -45.98
CA ARG Q 81 26.30 29.49 -45.21
C ARG Q 81 26.39 28.50 -44.04
N ILE Q 82 26.97 27.34 -44.31
CA ILE Q 82 27.11 26.31 -43.29
C ILE Q 82 27.93 26.84 -42.14
N LEU Q 83 29.09 27.41 -42.44
CA LEU Q 83 29.95 27.96 -41.40
C LEU Q 83 29.25 29.06 -40.59
N ILE Q 84 28.58 29.98 -41.27
CA ILE Q 84 27.91 31.07 -40.60
C ILE Q 84 26.90 30.54 -39.57
N GLU Q 85 26.03 29.65 -40.01
CA GLU Q 85 25.03 29.08 -39.11
C GLU Q 85 25.70 28.46 -37.89
N LYS Q 86 26.69 27.61 -38.14
CA LYS Q 86 27.40 26.94 -37.06
C LYS Q 86 28.01 27.93 -36.10
N ALA Q 87 28.42 29.09 -36.61
CA ALA Q 87 29.03 30.12 -35.77
C ALA Q 87 27.97 30.85 -34.94
N ARG Q 88 26.86 31.19 -35.59
CA ARG Q 88 25.78 31.90 -34.90
C ARG Q 88 25.19 31.07 -33.77
N VAL Q 89 25.23 29.75 -33.94
CA VAL Q 89 24.71 28.87 -32.91
C VAL Q 89 25.71 28.78 -31.78
N GLU Q 90 26.98 28.62 -32.11
CA GLU Q 90 28.00 28.54 -31.08
C GLU Q 90 28.08 29.84 -30.32
N ALA Q 91 27.59 30.91 -30.95
CA ALA Q 91 27.59 32.22 -30.34
C ALA Q 91 26.55 32.26 -29.23
N GLN Q 92 25.34 31.87 -29.57
CA GLN Q 92 24.26 31.85 -28.60
C GLN Q 92 24.54 30.84 -27.48
N SER Q 93 25.16 29.71 -27.83
CA SER Q 93 25.49 28.69 -26.86
C SER Q 93 26.49 29.22 -25.85
N HIS Q 94 27.49 29.95 -26.33
CA HIS Q 94 28.50 30.51 -25.46
C HIS Q 94 27.89 31.54 -24.49
N ARG Q 95 27.00 32.38 -24.97
CA ARG Q 95 26.35 33.38 -24.13
C ARG Q 95 25.55 32.65 -23.06
N LEU Q 96 24.92 31.55 -23.46
CA LEU Q 96 24.08 30.74 -22.58
C LEU Q 96 24.80 30.02 -21.44
N THR Q 97 26.03 29.56 -21.67
CA THR Q 97 26.72 28.84 -20.61
C THR Q 97 27.84 29.58 -19.88
N LEU Q 98 28.33 30.67 -20.46
CA LEU Q 98 29.40 31.45 -19.81
C LEU Q 98 28.85 32.79 -19.37
N GLU Q 99 27.63 33.07 -19.82
CA GLU Q 99 26.95 34.32 -19.50
C GLU Q 99 27.79 35.51 -19.94
N ASP Q 100 28.26 35.45 -21.17
CA ASP Q 100 29.09 36.50 -21.74
C ASP Q 100 29.33 36.18 -23.21
N PRO Q 101 29.04 37.12 -24.13
CA PRO Q 101 29.25 36.86 -25.55
C PRO Q 101 30.69 36.49 -25.88
N VAL Q 102 30.87 35.84 -27.02
CA VAL Q 102 32.17 35.39 -27.45
C VAL Q 102 33.16 36.50 -27.76
N THR Q 103 34.45 36.21 -27.56
CA THR Q 103 35.47 37.19 -27.91
C THR Q 103 35.56 36.99 -29.41
N VAL Q 104 36.31 37.82 -30.11
CA VAL Q 104 36.41 37.64 -31.56
C VAL Q 104 37.39 36.50 -31.85
N GLU Q 105 38.39 36.38 -31.00
CA GLU Q 105 39.40 35.34 -31.15
C GLU Q 105 38.77 33.98 -30.96
N TYR Q 106 37.84 33.88 -30.01
CA TYR Q 106 37.16 32.62 -29.75
C TYR Q 106 36.31 32.23 -30.94
N LEU Q 107 35.33 33.08 -31.25
CA LEU Q 107 34.42 32.82 -32.36
C LEU Q 107 35.20 32.42 -33.60
N THR Q 108 36.39 32.99 -33.74
CA THR Q 108 37.23 32.68 -34.90
C THR Q 108 37.82 31.30 -34.72
N ARG Q 109 38.44 31.08 -33.57
CA ARG Q 109 39.04 29.78 -33.26
C ARG Q 109 38.03 28.66 -33.50
N TYR Q 110 36.75 28.94 -33.23
CA TYR Q 110 35.71 27.94 -33.44
C TYR Q 110 35.55 27.63 -34.91
N VAL Q 111 35.23 28.66 -35.70
CA VAL Q 111 35.06 28.49 -37.14
C VAL Q 111 36.23 27.75 -37.74
N ALA Q 112 37.45 28.13 -37.38
CA ALA Q 112 38.63 27.47 -37.90
C ALA Q 112 38.58 25.97 -37.56
N GLY Q 113 38.28 25.67 -36.30
CA GLY Q 113 38.19 24.28 -35.89
C GLY Q 113 37.25 23.47 -36.77
N VAL Q 114 36.11 24.08 -37.11
CA VAL Q 114 35.13 23.41 -37.96
C VAL Q 114 35.76 23.12 -39.31
N GLN Q 115 36.40 24.13 -39.89
CA GLN Q 115 37.02 23.96 -41.18
C GLN Q 115 38.08 22.88 -41.13
N GLN Q 116 38.91 22.93 -40.09
CA GLN Q 116 39.96 21.94 -39.94
C GLN Q 116 39.39 20.53 -39.91
N ARG Q 117 38.39 20.32 -39.06
CA ARG Q 117 37.74 19.02 -38.90
C ARG Q 117 37.34 18.43 -40.25
N TYR Q 118 36.88 19.28 -41.16
CA TYR Q 118 36.46 18.84 -42.48
C TYR Q 118 37.63 18.48 -43.40
N THR Q 119 38.85 18.68 -42.90
CA THR Q 119 40.02 18.37 -43.71
C THR Q 119 40.56 16.99 -43.36
N GLN Q 120 40.04 16.38 -42.30
CA GLN Q 120 40.50 15.04 -41.96
C GLN Q 120 39.42 14.12 -41.39
N SER Q 121 38.26 14.18 -42.05
CA SER Q 121 37.11 13.35 -41.70
C SER Q 121 36.69 12.63 -42.97
N GLY Q 122 36.23 11.40 -42.84
CA GLY Q 122 35.83 10.66 -44.02
C GLY Q 122 34.55 11.12 -44.69
N GLY Q 123 34.43 10.87 -45.99
CA GLY Q 123 33.24 11.24 -46.74
C GLY Q 123 32.87 12.72 -46.80
N VAL Q 124 33.85 13.61 -46.61
CA VAL Q 124 33.59 15.05 -46.65
C VAL Q 124 34.73 15.80 -47.30
N ARG Q 125 34.40 16.86 -48.03
CA ARG Q 125 35.42 17.69 -48.67
C ARG Q 125 35.54 18.98 -47.87
N PRO Q 126 36.73 19.60 -47.90
CA PRO Q 126 36.97 20.84 -47.18
C PRO Q 126 36.10 21.98 -47.66
N PHE Q 127 35.98 23.01 -46.84
CA PHE Q 127 35.19 24.18 -47.20
C PHE Q 127 35.95 25.01 -48.21
N GLY Q 128 35.27 25.36 -49.29
CA GLY Q 128 35.90 26.18 -50.31
C GLY Q 128 35.69 27.61 -49.89
N VAL Q 129 36.15 27.94 -48.67
CA VAL Q 129 35.97 29.27 -48.14
C VAL Q 129 37.13 29.71 -47.27
N SER Q 130 37.30 31.02 -47.18
CA SER Q 130 38.29 31.65 -46.34
C SER Q 130 37.49 32.77 -45.73
N THR Q 131 37.77 33.11 -44.48
CA THR Q 131 36.98 34.17 -43.85
C THR Q 131 37.75 35.24 -43.11
N LEU Q 132 37.07 36.37 -42.98
CA LEU Q 132 37.54 37.54 -42.28
C LEU Q 132 36.47 37.74 -41.23
N ILE Q 133 36.88 37.76 -39.97
CA ILE Q 133 35.97 37.94 -38.86
C ILE Q 133 36.48 39.14 -38.09
N ALA Q 134 35.58 40.06 -37.78
CA ALA Q 134 35.97 41.25 -37.06
C ALA Q 134 34.91 41.67 -36.07
N GLY Q 135 35.35 42.39 -35.04
CA GLY Q 135 34.43 42.85 -34.02
C GLY Q 135 35.17 43.31 -32.78
N PHE Q 136 34.43 43.47 -31.69
CA PHE Q 136 35.03 43.93 -30.45
C PHE Q 136 34.66 43.00 -29.28
N ASP Q 137 35.68 42.53 -28.57
CA ASP Q 137 35.44 41.67 -27.41
C ASP Q 137 34.50 42.47 -26.51
N PRO Q 138 33.64 41.78 -25.74
CA PRO Q 138 32.72 42.51 -24.86
C PRO Q 138 33.47 43.41 -23.87
N ARG Q 139 32.93 44.62 -23.66
CA ARG Q 139 33.52 45.60 -22.73
C ARG Q 139 34.96 46.02 -23.06
N ASP Q 140 35.32 45.92 -24.34
CA ASP Q 140 36.66 46.30 -24.80
C ASP Q 140 36.49 47.22 -26.01
N ASP Q 141 37.48 48.09 -26.22
CA ASP Q 141 37.45 49.05 -27.33
C ASP Q 141 38.51 48.77 -28.39
N GLU Q 142 39.52 47.97 -28.03
CA GLU Q 142 40.58 47.60 -28.95
C GLU Q 142 39.98 46.72 -30.06
N PRO Q 143 40.04 47.19 -31.33
CA PRO Q 143 39.50 46.44 -32.47
C PRO Q 143 40.17 45.09 -32.75
N LYS Q 144 39.39 44.15 -33.31
CA LYS Q 144 39.89 42.82 -33.62
C LYS Q 144 39.56 42.40 -35.06
N LEU Q 145 40.56 41.83 -35.73
CA LEU Q 145 40.40 41.36 -37.10
C LEU Q 145 41.15 40.05 -37.25
N TYR Q 146 40.43 39.01 -37.68
CA TYR Q 146 41.01 37.69 -37.86
C TYR Q 146 40.69 37.12 -39.22
N GLN Q 147 41.43 36.09 -39.61
CA GLN Q 147 41.21 35.45 -40.88
C GLN Q 147 41.41 33.95 -40.81
N THR Q 148 40.55 33.21 -41.50
CA THR Q 148 40.65 31.74 -41.53
C THR Q 148 40.66 31.23 -42.97
N GLU Q 149 41.18 30.01 -43.14
CA GLU Q 149 41.23 29.40 -44.46
C GLU Q 149 40.90 27.91 -44.38
N PRO Q 150 40.63 27.29 -45.53
CA PRO Q 150 40.29 25.87 -45.58
C PRO Q 150 41.11 24.93 -44.70
N SER Q 151 42.43 25.07 -44.72
CA SER Q 151 43.31 24.23 -43.91
C SER Q 151 42.93 24.26 -42.43
N GLY Q 152 42.20 25.31 -42.05
CA GLY Q 152 41.77 25.45 -40.67
C GLY Q 152 42.70 26.36 -39.90
N ILE Q 153 43.63 27.02 -40.59
CA ILE Q 153 44.55 27.91 -39.91
C ILE Q 153 43.97 29.31 -39.78
N TYR Q 154 44.27 29.97 -38.67
CA TYR Q 154 43.77 31.33 -38.46
C TYR Q 154 44.81 32.19 -37.75
N SER Q 155 44.62 33.51 -37.85
CA SER Q 155 45.52 34.49 -37.22
C SER Q 155 44.92 35.89 -37.35
N SER Q 156 45.50 36.86 -36.66
CA SER Q 156 44.98 38.23 -36.74
C SER Q 156 45.83 39.11 -37.65
N TRP Q 157 45.20 40.16 -38.18
CA TRP Q 157 45.87 41.07 -39.08
C TRP Q 157 45.52 42.51 -38.74
N SER Q 158 46.35 43.43 -39.21
CA SER Q 158 46.12 44.85 -38.99
C SER Q 158 45.19 45.22 -40.14
N ALA Q 159 45.36 44.51 -41.24
CA ALA Q 159 44.54 44.68 -42.43
C ALA Q 159 44.86 43.47 -43.28
N GLN Q 160 43.87 42.96 -44.01
CA GLN Q 160 44.09 41.78 -44.83
C GLN Q 160 42.98 41.66 -45.85
N THR Q 161 43.21 40.83 -46.86
CA THR Q 161 42.24 40.63 -47.93
C THR Q 161 42.35 39.20 -48.45
N ILE Q 162 41.26 38.71 -49.02
CA ILE Q 162 41.24 37.36 -49.57
C ILE Q 162 40.37 37.38 -50.81
N GLY Q 163 40.57 36.41 -51.69
CA GLY Q 163 39.80 36.36 -52.92
C GLY Q 163 40.66 36.68 -54.12
N ARG Q 164 40.01 36.98 -55.23
CA ARG Q 164 40.71 37.29 -56.48
C ARG Q 164 41.42 38.64 -56.43
N ASN Q 165 42.64 38.65 -56.95
CA ASN Q 165 43.43 39.86 -56.99
C ASN Q 165 43.77 40.34 -55.58
N SER Q 166 43.51 39.49 -54.60
CA SER Q 166 43.83 39.82 -53.22
C SER Q 166 45.33 40.06 -53.17
N LYS Q 167 46.04 39.38 -54.06
CA LYS Q 167 47.49 39.50 -54.17
C LYS Q 167 47.80 40.99 -54.29
N THR Q 168 47.13 41.60 -55.26
CA THR Q 168 47.26 43.01 -55.57
C THR Q 168 46.93 43.90 -54.38
N VAL Q 169 45.65 43.92 -54.01
CA VAL Q 169 45.19 44.75 -52.92
C VAL Q 169 45.97 44.57 -51.62
N ARG Q 170 46.53 43.39 -51.41
CA ARG Q 170 47.30 43.18 -50.19
C ARG Q 170 48.53 44.09 -50.25
N GLU Q 171 49.17 44.07 -51.42
CA GLU Q 171 50.36 44.89 -51.63
C GLU Q 171 50.03 46.34 -51.32
N PHE Q 172 48.93 46.84 -51.92
CA PHE Q 172 48.50 48.20 -51.67
C PHE Q 172 48.56 48.48 -50.18
N LEU Q 173 47.88 47.63 -49.42
CA LEU Q 173 47.82 47.77 -47.98
C LEU Q 173 49.18 47.69 -47.30
N GLU Q 174 50.08 46.86 -47.84
CA GLU Q 174 51.41 46.73 -47.24
C GLU Q 174 52.23 48.00 -47.33
N LYS Q 175 51.91 48.84 -48.32
CA LYS Q 175 52.63 50.09 -48.51
C LYS Q 175 51.66 51.26 -48.39
N ASN Q 176 50.66 51.09 -47.52
CA ASN Q 176 49.66 52.12 -47.28
C ASN Q 176 49.07 52.01 -45.87
N TYR Q 177 49.49 50.99 -45.13
CA TYR Q 177 49.01 50.80 -43.76
C TYR Q 177 50.17 50.93 -42.77
N ASP Q 178 50.11 51.98 -41.98
CA ASP Q 178 51.14 52.26 -40.99
C ASP Q 178 50.62 51.79 -39.64
N ARG Q 179 51.36 50.87 -39.01
CA ARG Q 179 50.97 50.39 -37.68
C ARG Q 179 51.24 51.50 -36.68
N LYS Q 180 52.17 52.38 -37.02
CA LYS Q 180 52.53 53.51 -36.16
C LYS Q 180 51.36 54.50 -36.06
N GLU Q 181 50.52 54.53 -37.09
CA GLU Q 181 49.38 55.45 -37.09
C GLU Q 181 48.15 54.94 -37.85
N PRO Q 182 47.56 53.82 -37.38
CA PRO Q 182 46.38 53.25 -38.04
C PRO Q 182 45.24 54.27 -38.10
N PRO Q 183 44.48 54.27 -39.20
CA PRO Q 183 43.34 55.18 -39.42
C PRO Q 183 42.63 55.66 -38.16
N ALA Q 184 43.08 56.80 -37.63
CA ALA Q 184 42.51 57.38 -36.42
C ALA Q 184 41.04 57.80 -36.57
N THR Q 185 40.49 57.68 -37.77
CA THR Q 185 39.10 58.07 -38.00
C THR Q 185 38.33 56.97 -38.70
N VAL Q 186 37.05 56.91 -38.39
CA VAL Q 186 36.18 55.93 -39.02
C VAL Q 186 36.23 56.29 -40.50
N GLU Q 187 36.20 57.59 -40.77
CA GLU Q 187 36.23 58.12 -42.13
C GLU Q 187 37.52 57.78 -42.87
N GLU Q 188 38.67 58.13 -42.30
CA GLU Q 188 39.93 57.83 -42.97
C GLU Q 188 40.24 56.34 -43.04
N CYS Q 189 39.46 55.54 -42.31
CA CYS Q 189 39.66 54.09 -42.32
C CYS Q 189 38.84 53.50 -43.46
N VAL Q 190 37.62 54.02 -43.64
CA VAL Q 190 36.77 53.54 -44.71
C VAL Q 190 37.36 53.94 -46.06
N LYS Q 191 38.05 55.08 -46.08
CA LYS Q 191 38.68 55.57 -47.31
C LYS Q 191 39.81 54.63 -47.70
N LEU Q 192 40.73 54.40 -46.76
CA LEU Q 192 41.85 53.50 -47.00
C LEU Q 192 41.36 52.17 -47.54
N THR Q 193 40.16 51.77 -47.11
CA THR Q 193 39.56 50.53 -47.57
C THR Q 193 39.11 50.69 -49.01
N VAL Q 194 38.34 51.73 -49.29
CA VAL Q 194 37.86 51.98 -50.64
C VAL Q 194 39.05 52.01 -51.59
N ARG Q 195 40.06 52.79 -51.25
CA ARG Q 195 41.27 52.90 -52.07
C ARG Q 195 41.80 51.53 -52.47
N SER Q 196 42.04 50.66 -51.49
CA SER Q 196 42.55 49.32 -51.74
C SER Q 196 41.66 48.53 -52.69
N LEU Q 197 40.35 48.69 -52.55
CA LEU Q 197 39.42 47.98 -53.41
C LEU Q 197 39.42 48.51 -54.83
N LEU Q 198 39.59 49.81 -54.99
CA LEU Q 198 39.59 50.41 -56.32
C LEU Q 198 40.77 49.92 -57.16
N GLU Q 199 41.81 49.43 -56.48
CA GLU Q 199 42.97 48.89 -57.18
C GLU Q 199 42.55 47.67 -57.99
N VAL Q 200 41.38 47.11 -57.68
CA VAL Q 200 40.91 45.90 -58.35
C VAL Q 200 39.46 45.91 -58.87
N VAL Q 201 38.57 46.61 -58.18
CA VAL Q 201 37.17 46.62 -58.59
C VAL Q 201 36.90 47.24 -59.96
N GLN Q 202 37.67 48.26 -60.32
CA GLN Q 202 37.50 48.92 -61.61
C GLN Q 202 36.10 49.52 -61.75
N THR Q 203 35.97 50.80 -61.40
CA THR Q 203 34.71 51.53 -61.46
C THR Q 203 33.52 50.68 -61.09
N GLY Q 204 33.23 50.64 -59.80
CA GLY Q 204 32.12 49.84 -59.32
C GLY Q 204 31.44 50.44 -58.10
N ALA Q 205 30.72 51.53 -58.31
CA ALA Q 205 30.00 52.17 -57.22
C ALA Q 205 29.04 51.12 -56.66
N LYS Q 206 28.30 50.47 -57.54
CA LYS Q 206 27.34 49.44 -57.16
C LYS Q 206 28.07 48.11 -56.93
N ASN Q 207 29.37 48.10 -57.20
CA ASN Q 207 30.20 46.90 -57.03
C ASN Q 207 31.08 46.96 -55.78
N ILE Q 208 30.80 47.90 -54.89
CA ILE Q 208 31.55 48.03 -53.65
C ILE Q 208 30.64 48.31 -52.46
N GLU Q 209 30.80 47.53 -51.40
CA GLU Q 209 30.02 47.70 -50.20
C GLU Q 209 30.94 47.74 -49.00
N ILE Q 210 30.61 48.60 -48.05
CA ILE Q 210 31.43 48.74 -46.85
C ILE Q 210 30.59 48.70 -45.58
N THR Q 211 31.07 47.94 -44.60
CA THR Q 211 30.39 47.80 -43.32
C THR Q 211 31.37 48.24 -42.23
N VAL Q 212 30.90 49.12 -41.34
CA VAL Q 212 31.73 49.61 -40.26
C VAL Q 212 31.31 49.06 -38.91
N VAL Q 213 32.28 48.54 -38.18
CA VAL Q 213 32.04 47.98 -36.86
C VAL Q 213 32.76 48.82 -35.81
N LYS Q 214 32.01 49.31 -34.83
CA LYS Q 214 32.55 50.11 -33.74
C LYS Q 214 32.29 49.38 -32.44
N PRO Q 215 32.96 49.79 -31.35
CA PRO Q 215 32.76 49.15 -30.05
C PRO Q 215 31.29 49.11 -29.61
N ASP Q 216 30.99 48.17 -28.72
CA ASP Q 216 29.65 48.01 -28.17
C ASP Q 216 28.55 47.78 -29.20
N SER Q 217 28.70 46.72 -29.98
CA SER Q 217 27.72 46.32 -30.99
C SER Q 217 27.23 47.40 -31.95
N ASP Q 218 28.06 48.41 -32.21
CA ASP Q 218 27.67 49.45 -33.16
C ASP Q 218 28.07 48.98 -34.56
N ILE Q 219 27.11 48.45 -35.30
CA ILE Q 219 27.41 47.96 -36.63
C ILE Q 219 26.45 48.51 -37.66
N VAL Q 220 27.00 49.22 -38.65
CA VAL Q 220 26.22 49.81 -39.71
C VAL Q 220 26.86 49.61 -41.08
N ALA Q 221 26.02 49.48 -42.09
CA ALA Q 221 26.49 49.28 -43.46
C ALA Q 221 26.18 50.55 -44.25
N LEU Q 222 27.15 51.03 -45.02
CA LEU Q 222 26.96 52.23 -45.82
C LEU Q 222 26.07 51.98 -47.03
N SER Q 223 25.56 53.06 -47.62
CA SER Q 223 24.71 52.96 -48.79
C SER Q 223 25.48 53.47 -50.01
N SER Q 224 25.04 53.03 -51.18
CA SER Q 224 25.67 53.39 -52.44
C SER Q 224 26.28 54.79 -52.40
N GLU Q 225 25.44 55.79 -52.14
CA GLU Q 225 25.87 57.18 -52.10
C GLU Q 225 26.99 57.47 -51.12
N GLU Q 226 26.81 57.05 -49.86
CA GLU Q 226 27.83 57.28 -48.84
C GLU Q 226 29.20 56.84 -49.36
N ILE Q 227 29.23 55.70 -50.04
CA ILE Q 227 30.47 55.16 -50.61
C ILE Q 227 30.78 55.95 -51.86
N ASN Q 228 29.73 56.19 -52.65
CA ASN Q 228 29.80 56.93 -53.90
C ASN Q 228 30.53 58.25 -53.69
N GLN Q 229 30.35 58.82 -52.50
CA GLN Q 229 31.00 60.09 -52.13
C GLN Q 229 32.46 59.86 -51.79
N TYR Q 230 32.78 58.64 -51.37
CA TYR Q 230 34.16 58.29 -51.04
C TYR Q 230 34.92 58.07 -52.34
N VAL Q 231 34.33 57.26 -53.21
CA VAL Q 231 34.93 56.98 -54.52
C VAL Q 231 35.23 58.32 -55.20
N THR Q 232 34.21 59.16 -55.26
CA THR Q 232 34.30 60.49 -55.88
C THR Q 232 35.51 61.30 -55.42
N GLN Q 233 35.65 61.49 -54.11
CA GLN Q 233 36.76 62.27 -53.58
C GLN Q 233 38.12 61.58 -53.73
N ILE Q 234 38.15 60.28 -54.04
CA ILE Q 234 39.42 59.57 -54.20
C ILE Q 234 39.98 59.76 -55.60
N GLU Q 235 39.10 59.87 -56.60
CA GLU Q 235 39.52 60.07 -57.98
C GLU Q 235 39.88 61.54 -58.19
N GLN Q 236 39.74 62.33 -57.14
CA GLN Q 236 40.09 63.74 -57.17
C GLN Q 236 41.51 63.86 -56.62
N GLU Q 237 41.85 62.97 -55.69
CA GLU Q 237 43.18 62.95 -55.10
C GLU Q 237 44.15 62.53 -56.21
N LYS Q 238 43.66 61.69 -57.12
CA LYS Q 238 44.43 61.19 -58.26
C LYS Q 238 44.54 62.26 -59.34
N GLN Q 239 43.38 62.79 -59.75
CA GLN Q 239 43.33 63.82 -60.80
C GLN Q 239 44.15 65.06 -60.44
N GLU Q 240 44.08 65.49 -59.18
CA GLU Q 240 44.84 66.66 -58.74
C GLU Q 240 46.32 66.28 -58.70
N GLN Q 241 46.70 65.38 -59.61
CA GLN Q 241 48.07 64.91 -59.73
C GLN Q 241 48.19 64.07 -61.00
N ASP R 1 41.08 3.56 -56.16
CA ASP R 1 42.34 4.17 -55.64
C ASP R 1 43.09 3.17 -54.74
N ARG R 2 43.88 3.67 -53.79
CA ARG R 2 44.63 2.82 -52.87
C ARG R 2 44.35 3.17 -51.40
N GLY R 3 44.24 2.14 -50.56
CA GLY R 3 43.94 2.34 -49.15
C GLY R 3 44.84 3.34 -48.44
N VAL R 4 44.26 4.09 -47.48
CA VAL R 4 45.03 5.09 -46.73
C VAL R 4 45.87 4.45 -45.64
N SER R 5 45.72 3.14 -45.46
CA SER R 5 46.48 2.41 -44.47
C SER R 5 47.16 1.23 -45.15
N THR R 6 47.77 1.51 -46.31
CA THR R 6 48.45 0.48 -47.08
C THR R 6 49.95 0.54 -46.83
N PHE R 7 50.59 -0.62 -46.95
CA PHE R 7 52.02 -0.78 -46.75
C PHE R 7 52.79 -0.73 -48.06
N SER R 8 53.95 -0.08 -48.03
CA SER R 8 54.80 0.00 -49.21
C SER R 8 55.58 -1.31 -49.24
N PRO R 9 56.17 -1.64 -50.39
CA PRO R 9 56.93 -2.89 -50.47
C PRO R 9 58.09 -2.94 -49.49
N GLU R 10 58.48 -1.77 -48.96
CA GLU R 10 59.58 -1.70 -48.01
C GLU R 10 59.09 -1.78 -46.56
N GLY R 11 57.78 -1.96 -46.40
CA GLY R 11 57.22 -2.08 -45.07
C GLY R 11 56.90 -0.76 -44.38
N ARG R 12 56.64 0.27 -45.17
CA ARG R 12 56.30 1.56 -44.61
C ARG R 12 54.87 1.93 -44.95
N LEU R 13 54.28 2.80 -44.15
CA LEU R 13 52.91 3.24 -44.38
C LEU R 13 52.97 4.56 -45.16
N PHE R 14 52.50 4.51 -46.40
CA PHE R 14 52.52 5.68 -47.26
C PHE R 14 52.00 6.94 -46.58
N GLN R 15 50.76 6.91 -46.12
CA GLN R 15 50.18 8.09 -45.51
C GLN R 15 51.05 8.67 -44.41
N VAL R 16 51.78 7.82 -43.69
CA VAL R 16 52.63 8.30 -42.61
C VAL R 16 53.88 8.95 -43.17
N GLU R 17 54.43 8.32 -44.21
CA GLU R 17 55.63 8.85 -44.85
C GLU R 17 55.35 10.20 -45.46
N TYR R 18 54.33 10.25 -46.31
CA TYR R 18 53.94 11.50 -46.96
C TYR R 18 53.64 12.55 -45.91
N SER R 19 53.21 12.08 -44.74
CA SER R 19 52.90 12.95 -43.64
C SER R 19 54.20 13.64 -43.21
N LEU R 20 55.21 12.81 -42.96
CA LEU R 20 56.53 13.29 -42.55
C LEU R 20 57.12 14.31 -43.51
N GLU R 21 56.62 14.31 -44.75
CA GLU R 21 57.10 15.25 -45.75
C GLU R 21 56.51 16.63 -45.49
N ALA R 22 55.21 16.67 -45.26
CA ALA R 22 54.52 17.92 -45.01
C ALA R 22 55.16 18.64 -43.82
N ILE R 23 55.64 17.84 -42.88
CA ILE R 23 56.26 18.35 -41.67
C ILE R 23 57.61 18.99 -41.96
N LYS R 24 58.37 18.42 -42.87
CA LYS R 24 59.68 18.99 -43.21
C LYS R 24 59.50 20.40 -43.73
N LEU R 25 58.28 20.73 -44.15
CA LEU R 25 57.99 22.06 -44.68
C LEU R 25 57.57 23.05 -43.60
N GLY R 26 57.37 22.57 -42.39
CA GLY R 26 56.96 23.47 -41.31
C GLY R 26 58.03 24.38 -40.76
N SER R 27 57.61 25.35 -39.96
CA SER R 27 58.52 26.28 -39.34
C SER R 27 59.40 25.49 -38.41
N THR R 28 60.68 25.84 -38.35
CA THR R 28 61.62 25.15 -37.49
C THR R 28 61.23 25.30 -36.02
N ALA R 29 61.43 24.24 -35.25
CA ALA R 29 61.14 24.24 -33.82
C ALA R 29 62.26 23.45 -33.15
N ILE R 30 62.81 23.98 -32.06
CA ILE R 30 63.91 23.33 -31.36
C ILE R 30 63.69 23.24 -29.85
N GLY R 31 64.24 22.19 -29.24
CA GLY R 31 64.13 22.03 -27.81
C GLY R 31 65.43 21.47 -27.25
N ILE R 32 65.85 21.98 -26.09
CA ILE R 32 67.07 21.52 -25.43
C ILE R 32 66.73 21.18 -23.97
N ALA R 33 67.18 20.01 -23.52
CA ALA R 33 66.91 19.56 -22.17
C ALA R 33 68.15 19.61 -21.28
N THR R 34 68.15 20.50 -20.30
CA THR R 34 69.27 20.62 -19.38
C THR R 34 68.84 20.16 -18.01
N LYS R 35 69.76 20.13 -17.05
CA LYS R 35 69.42 19.71 -15.71
C LYS R 35 68.83 20.88 -14.94
N GLU R 36 68.66 22.01 -15.64
CA GLU R 36 68.11 23.21 -15.03
C GLU R 36 66.78 23.57 -15.68
N GLY R 37 66.32 22.71 -16.59
CA GLY R 37 65.06 22.98 -17.28
C GLY R 37 65.11 22.61 -18.74
N VAL R 38 64.00 22.78 -19.44
CA VAL R 38 63.97 22.44 -20.85
C VAL R 38 63.56 23.70 -21.60
N VAL R 39 64.24 23.99 -22.70
CA VAL R 39 63.93 25.17 -23.49
C VAL R 39 63.30 24.78 -24.81
N LEU R 40 62.27 25.52 -25.18
CA LEU R 40 61.56 25.28 -26.43
C LEU R 40 61.59 26.58 -27.21
N GLY R 41 61.96 26.49 -28.48
CA GLY R 41 62.00 27.68 -29.30
C GLY R 41 61.42 27.38 -30.65
N VAL R 42 60.71 28.36 -31.22
CA VAL R 42 60.10 28.18 -32.53
C VAL R 42 60.31 29.38 -33.44
N GLU R 43 60.12 29.15 -34.73
CA GLU R 43 60.24 30.18 -35.75
C GLU R 43 58.82 30.60 -36.08
N LYS R 44 58.45 31.83 -35.74
CA LYS R 44 57.10 32.30 -36.04
C LYS R 44 56.80 32.15 -37.54
N ARG R 45 57.60 32.84 -38.35
CA ARG R 45 57.44 32.79 -39.80
C ARG R 45 56.11 33.32 -40.34
N ALA R 46 55.84 34.60 -40.17
CA ALA R 46 54.61 35.20 -40.68
C ALA R 46 54.69 35.25 -42.20
N THR R 47 53.56 35.31 -42.89
CA THR R 47 53.56 35.36 -44.34
C THR R 47 53.33 36.77 -44.89
N SER R 48 53.46 37.77 -44.02
CA SER R 48 53.26 39.16 -44.41
C SER R 48 53.43 40.08 -43.21
N PRO R 49 54.03 41.26 -43.44
CA PRO R 49 54.26 42.23 -42.36
C PRO R 49 52.95 42.76 -41.76
N LEU R 50 51.82 42.51 -42.43
CA LEU R 50 50.51 42.95 -41.95
C LEU R 50 49.92 42.00 -40.90
N LEU R 51 50.37 40.74 -40.92
CA LEU R 51 49.93 39.72 -39.99
C LEU R 51 50.56 40.04 -38.62
N GLU R 52 49.73 40.13 -37.59
CA GLU R 52 50.25 40.43 -36.26
C GLU R 52 50.99 39.21 -35.75
N SER R 53 52.31 39.31 -35.73
CA SER R 53 53.20 38.22 -35.33
C SER R 53 52.98 37.51 -33.99
N ASP R 54 52.38 38.19 -33.02
CA ASP R 54 52.17 37.54 -31.73
C ASP R 54 50.92 36.66 -31.66
N SER R 55 50.11 36.69 -32.71
CA SER R 55 48.91 35.85 -32.76
C SER R 55 49.32 34.53 -33.40
N ILE R 56 50.61 34.23 -33.41
CA ILE R 56 51.09 32.98 -33.98
C ILE R 56 51.51 32.10 -32.79
N GLU R 57 50.62 31.18 -32.43
CA GLU R 57 50.80 30.29 -31.29
C GLU R 57 51.33 28.93 -31.73
N LYS R 58 52.62 28.70 -31.54
CA LYS R 58 53.21 27.42 -31.90
C LYS R 58 53.87 26.78 -30.69
N ILE R 59 53.69 27.43 -29.55
CA ILE R 59 54.20 26.92 -28.29
C ILE R 59 53.03 27.04 -27.32
N VAL R 60 52.52 25.90 -26.87
CA VAL R 60 51.38 25.90 -25.96
C VAL R 60 51.65 25.15 -24.68
N GLU R 61 50.83 25.43 -23.67
CA GLU R 61 50.94 24.79 -22.37
C GLU R 61 49.96 23.62 -22.29
N ILE R 62 50.48 22.45 -21.90
CA ILE R 62 49.65 21.26 -21.74
C ILE R 62 49.18 21.32 -20.29
N ASP R 63 50.12 21.58 -19.41
CA ASP R 63 49.85 21.72 -17.99
C ASP R 63 50.96 22.60 -17.41
N ARG R 64 50.96 22.84 -16.11
CA ARG R 64 51.98 23.70 -15.53
C ARG R 64 53.37 23.09 -15.56
N HIS R 65 53.46 21.78 -15.79
CA HIS R 65 54.75 21.11 -15.83
C HIS R 65 55.03 20.50 -17.20
N ILE R 66 54.21 20.85 -18.18
CA ILE R 66 54.36 20.33 -19.53
C ILE R 66 53.95 21.37 -20.56
N GLY R 67 54.76 21.53 -21.60
CA GLY R 67 54.46 22.48 -22.65
C GLY R 67 54.98 21.86 -23.92
N CYS R 68 54.53 22.33 -25.08
CA CYS R 68 55.04 21.75 -26.30
C CYS R 68 55.06 22.69 -27.48
N ALA R 69 55.94 22.38 -28.44
CA ALA R 69 56.10 23.15 -29.66
C ALA R 69 55.68 22.26 -30.82
N MET R 70 55.14 22.88 -31.86
CA MET R 70 54.68 22.16 -33.02
C MET R 70 55.35 22.59 -34.31
N SER R 71 55.32 21.71 -35.30
CA SER R 71 55.91 22.00 -36.59
C SER R 71 55.12 21.25 -37.67
N GLY R 72 54.77 21.95 -38.74
CA GLY R 72 54.02 21.31 -39.82
C GLY R 72 52.65 21.94 -39.93
N LEU R 73 51.67 21.18 -40.39
CA LEU R 73 50.30 21.69 -40.48
C LEU R 73 49.84 21.94 -39.05
N THR R 74 49.95 23.18 -38.60
CA THR R 74 49.59 23.52 -37.22
C THR R 74 48.12 23.35 -36.82
N ALA R 75 47.19 23.57 -37.75
CA ALA R 75 45.79 23.40 -37.39
C ALA R 75 45.53 21.95 -36.94
N ASP R 76 46.32 21.03 -37.49
CA ASP R 76 46.18 19.61 -37.15
C ASP R 76 46.51 19.32 -35.69
N ALA R 77 47.25 20.20 -35.04
CA ALA R 77 47.63 19.96 -33.65
C ALA R 77 46.62 20.48 -32.64
N ARG R 78 45.62 21.24 -33.08
CA ARG R 78 44.64 21.78 -32.14
C ARG R 78 43.99 20.71 -31.30
N SER R 79 43.49 19.66 -31.95
CA SER R 79 42.83 18.57 -31.23
C SER R 79 43.83 17.74 -30.43
N MET R 80 45.07 17.67 -30.90
CA MET R 80 46.10 16.92 -30.19
C MET R 80 46.38 17.62 -28.86
N ILE R 81 46.35 18.94 -28.88
CA ILE R 81 46.60 19.72 -27.68
C ILE R 81 45.43 19.54 -26.72
N GLU R 82 44.22 19.67 -27.27
CA GLU R 82 43.01 19.51 -26.49
C GLU R 82 43.08 18.18 -25.76
N HIS R 83 43.36 17.12 -26.52
CA HIS R 83 43.48 15.79 -25.96
C HIS R 83 44.55 15.70 -24.88
N ALA R 84 45.70 16.32 -25.14
CA ALA R 84 46.80 16.32 -24.18
C ALA R 84 46.40 17.05 -22.90
N ARG R 85 45.84 18.24 -23.06
CA ARG R 85 45.43 19.02 -21.91
C ARG R 85 44.41 18.22 -21.09
N THR R 86 43.46 17.61 -21.79
CA THR R 86 42.43 16.81 -21.15
C THR R 86 43.01 15.60 -20.43
N ALA R 87 43.98 14.93 -21.03
CA ALA R 87 44.59 13.77 -20.40
C ALA R 87 45.31 14.15 -19.11
N ALA R 88 46.03 15.27 -19.12
CA ALA R 88 46.76 15.72 -17.93
C ALA R 88 45.81 16.09 -16.81
N VAL R 89 44.78 16.86 -17.13
CA VAL R 89 43.79 17.26 -16.13
C VAL R 89 43.08 16.01 -15.59
N THR R 90 42.62 15.15 -16.49
CA THR R 90 41.92 13.93 -16.09
C THR R 90 42.79 13.09 -15.18
N HIS R 91 44.02 12.85 -15.59
CA HIS R 91 44.90 12.06 -14.74
C HIS R 91 44.97 12.68 -13.37
N ASN R 92 44.97 14.01 -13.30
CA ASN R 92 45.04 14.67 -12.01
C ASN R 92 43.78 14.45 -11.19
N LEU R 93 42.63 14.57 -11.84
CA LEU R 93 41.36 14.36 -11.17
C LEU R 93 41.28 12.96 -10.55
N TYR R 94 41.72 11.96 -11.31
CA TYR R 94 41.70 10.58 -10.82
C TYR R 94 42.75 10.24 -9.79
N TYR R 95 43.94 10.82 -9.89
CA TYR R 95 44.97 10.46 -8.93
C TYR R 95 45.54 11.52 -8.02
N ASP R 96 45.03 12.73 -8.09
CA ASP R 96 45.52 13.80 -7.24
C ASP R 96 47.03 13.93 -7.35
N GLU R 97 47.52 14.06 -8.58
CA GLU R 97 48.96 14.17 -8.80
C GLU R 97 49.19 14.62 -10.22
N ASP R 98 50.46 14.81 -10.58
CA ASP R 98 50.86 15.26 -11.91
C ASP R 98 51.10 14.09 -12.85
N ILE R 99 50.50 14.15 -14.03
CA ILE R 99 50.70 13.10 -15.02
C ILE R 99 52.18 13.10 -15.45
N ASN R 100 52.80 11.93 -15.47
CA ASN R 100 54.21 11.83 -15.87
C ASN R 100 54.34 12.27 -17.33
N VAL R 101 55.39 13.02 -17.62
CA VAL R 101 55.63 13.52 -18.97
C VAL R 101 55.57 12.43 -20.06
N GLU R 102 56.17 11.29 -19.79
CA GLU R 102 56.17 10.22 -20.76
C GLU R 102 54.73 9.75 -21.04
N SER R 103 53.94 9.64 -19.98
CA SER R 103 52.55 9.21 -20.08
C SER R 103 51.75 10.17 -20.94
N LEU R 104 51.86 11.45 -20.65
CA LEU R 104 51.13 12.44 -21.44
C LEU R 104 51.50 12.24 -22.91
N THR R 105 52.79 12.05 -23.16
CA THR R 105 53.26 11.85 -24.52
C THR R 105 52.64 10.61 -25.12
N GLN R 106 52.78 9.48 -24.41
CA GLN R 106 52.24 8.21 -24.89
C GLN R 106 50.75 8.30 -25.19
N SER R 107 50.05 9.07 -24.38
CA SER R 107 48.61 9.27 -24.55
C SER R 107 48.33 9.99 -25.87
N VAL R 108 49.16 10.98 -26.17
CA VAL R 108 48.98 11.76 -27.39
C VAL R 108 49.27 10.90 -28.61
N CYS R 109 50.35 10.12 -28.54
CA CYS R 109 50.74 9.25 -29.64
C CYS R 109 49.74 8.15 -29.93
N ASP R 110 48.87 7.87 -28.98
CA ASP R 110 47.89 6.82 -29.18
C ASP R 110 46.89 7.21 -30.28
N LEU R 111 46.71 8.51 -30.49
CA LEU R 111 45.79 8.98 -31.53
C LEU R 111 46.41 8.75 -32.90
N ALA R 112 47.69 9.09 -32.99
CA ALA R 112 48.45 8.97 -34.22
C ALA R 112 47.89 8.04 -35.30
N LEU R 113 48.05 6.73 -35.10
CA LEU R 113 47.61 5.76 -36.10
C LEU R 113 46.11 5.49 -36.13
N ARG R 114 45.34 6.25 -35.36
CA ARG R 114 43.89 6.08 -35.35
C ARG R 114 43.25 6.63 -36.61
N PHE R 115 43.74 6.20 -37.76
CA PHE R 115 43.17 6.67 -39.02
C PHE R 115 42.91 5.51 -39.94
N GLY R 116 42.05 5.74 -40.93
CA GLY R 116 41.71 4.70 -41.89
C GLY R 116 40.30 4.87 -42.43
N GLU R 117 39.78 3.82 -43.04
CA GLU R 117 38.42 3.86 -43.61
C GLU R 117 37.57 2.72 -43.04
N GLY R 118 37.88 2.31 -41.82
CA GLY R 118 37.14 1.23 -41.18
C GLY R 118 38.07 0.09 -40.78
N ALA R 119 39.24 0.45 -40.25
CA ALA R 119 40.25 -0.51 -39.81
C ALA R 119 39.81 -1.40 -38.64
N SER R 120 39.99 -2.71 -38.80
CA SER R 120 39.62 -3.72 -37.79
C SER R 120 40.54 -3.73 -36.55
N GLY R 121 39.98 -3.33 -35.41
CA GLY R 121 40.73 -3.30 -34.17
C GLY R 121 40.06 -2.44 -33.10
N GLU R 122 38.93 -1.82 -33.48
CA GLU R 122 38.14 -0.94 -32.61
C GLU R 122 37.35 -0.02 -33.57
N GLU R 123 37.48 1.29 -33.39
CA GLU R 123 36.80 2.24 -34.29
C GLU R 123 37.66 3.48 -34.52
N ARG R 124 38.65 3.33 -35.40
CA ARG R 124 39.57 4.43 -35.73
C ARG R 124 39.09 5.28 -36.92
N LEU R 125 38.27 6.28 -36.61
CA LEU R 125 37.75 7.17 -37.63
C LEU R 125 38.57 8.45 -37.63
N MET R 126 39.22 8.70 -38.77
CA MET R 126 40.07 9.86 -38.99
C MET R 126 40.65 9.56 -40.36
N SER R 127 40.20 10.28 -41.38
CA SER R 127 40.64 10.02 -42.73
C SER R 127 42.14 10.02 -43.02
N ARG R 128 42.92 10.78 -42.26
CA ARG R 128 44.36 10.85 -42.52
C ARG R 128 45.15 11.10 -41.26
N PRO R 129 46.47 10.85 -41.31
CA PRO R 129 47.33 11.05 -40.14
C PRO R 129 47.52 12.55 -39.92
N PHE R 130 47.94 12.94 -38.72
CA PHE R 130 48.17 14.35 -38.44
C PHE R 130 49.36 14.79 -39.27
N GLY R 131 49.34 16.03 -39.76
CA GLY R 131 50.44 16.54 -40.55
C GLY R 131 51.28 17.48 -39.70
N VAL R 132 51.68 17.01 -38.52
CA VAL R 132 52.45 17.85 -37.65
C VAL R 132 53.21 17.03 -36.62
N ALA R 133 54.39 17.50 -36.24
CA ALA R 133 55.21 16.82 -35.25
C ALA R 133 55.13 17.67 -34.00
N LEU R 134 55.50 17.10 -32.86
CA LEU R 134 55.45 17.87 -31.63
C LEU R 134 56.61 17.58 -30.72
N LEU R 135 57.10 18.64 -30.10
CA LEU R 135 58.18 18.51 -29.15
C LEU R 135 57.48 18.76 -27.82
N ILE R 136 57.39 17.72 -27.00
CA ILE R 136 56.75 17.84 -25.70
C ILE R 136 57.82 17.88 -24.65
N ALA R 137 57.87 18.97 -23.91
CA ALA R 137 58.88 19.12 -22.88
C ALA R 137 58.24 19.32 -21.52
N GLY R 138 58.85 18.76 -20.49
CA GLY R 138 58.29 18.92 -19.17
C GLY R 138 59.14 18.30 -18.08
N HIS R 139 58.60 18.30 -16.87
CA HIS R 139 59.31 17.74 -15.73
C HIS R 139 58.38 16.95 -14.82
N ASP R 140 58.91 15.89 -14.23
CA ASP R 140 58.16 15.10 -13.29
C ASP R 140 59.14 14.50 -12.30
N ALA R 141 58.69 14.32 -11.07
CA ALA R 141 59.56 13.80 -10.01
C ALA R 141 60.33 12.51 -10.30
N ASP R 142 59.81 11.63 -11.13
CA ASP R 142 60.50 10.36 -11.39
C ASP R 142 61.68 10.40 -12.36
N ASP R 143 61.53 11.15 -13.46
CA ASP R 143 62.58 11.23 -14.48
C ASP R 143 63.04 12.65 -14.77
N GLY R 144 62.74 13.57 -13.85
CA GLY R 144 63.14 14.95 -14.02
C GLY R 144 62.76 15.60 -15.34
N TYR R 145 63.64 16.49 -15.83
CA TYR R 145 63.39 17.21 -17.07
C TYR R 145 63.46 16.29 -18.28
N GLN R 146 62.41 16.31 -19.09
CA GLN R 146 62.33 15.46 -20.26
C GLN R 146 61.88 16.20 -21.52
N LEU R 147 62.41 15.75 -22.66
CA LEU R 147 62.09 16.30 -23.98
C LEU R 147 61.69 15.13 -24.87
N PHE R 148 60.52 15.24 -25.49
CA PHE R 148 60.00 14.18 -26.34
C PHE R 148 59.61 14.68 -27.72
N HIS R 149 59.74 13.80 -28.70
CA HIS R 149 59.38 14.12 -30.07
C HIS R 149 58.26 13.16 -30.46
N ALA R 150 57.07 13.70 -30.76
CA ALA R 150 55.93 12.87 -31.14
C ALA R 150 55.64 12.99 -32.63
N GLU R 151 55.60 11.86 -33.31
CA GLU R 151 55.35 11.85 -34.74
C GLU R 151 53.96 11.34 -35.09
N PRO R 152 53.55 11.53 -36.36
CA PRO R 152 52.22 11.06 -36.80
C PRO R 152 52.26 9.54 -36.92
N SER R 153 53.48 8.99 -36.85
CA SER R 153 53.70 7.56 -36.95
C SER R 153 53.06 6.88 -35.75
N GLY R 154 53.06 7.57 -34.63
CA GLY R 154 52.50 7.01 -33.42
C GLY R 154 53.62 6.72 -32.44
N THR R 155 54.86 6.71 -32.94
CA THR R 155 56.00 6.46 -32.06
C THR R 155 56.60 7.78 -31.59
N PHE R 156 57.24 7.75 -30.43
CA PHE R 156 57.84 8.96 -29.89
C PHE R 156 59.22 8.63 -29.34
N TYR R 157 60.10 9.62 -29.38
CA TYR R 157 61.46 9.46 -28.93
C TYR R 157 61.81 10.50 -27.90
N ARG R 158 62.77 10.17 -27.05
CA ARG R 158 63.22 11.11 -26.06
C ARG R 158 64.60 11.58 -26.54
N TYR R 159 64.82 12.89 -26.51
CA TYR R 159 66.08 13.47 -26.94
C TYR R 159 66.61 14.38 -25.86
N ASN R 160 67.90 14.71 -25.94
CA ASN R 160 68.52 15.62 -25.00
C ASN R 160 68.37 16.98 -25.65
N ALA R 161 68.14 16.93 -26.96
CA ALA R 161 67.93 18.10 -27.79
C ALA R 161 67.38 17.55 -29.09
N LYS R 162 66.54 18.33 -29.76
CA LYS R 162 65.96 17.88 -31.00
C LYS R 162 65.37 19.05 -31.76
N ALA R 163 65.47 18.98 -33.08
CA ALA R 163 64.95 20.02 -33.94
C ALA R 163 64.08 19.37 -35.00
N ILE R 164 62.93 19.99 -35.26
CA ILE R 164 62.01 19.48 -36.27
C ILE R 164 61.60 20.66 -37.13
N GLY R 165 61.24 20.39 -38.38
CA GLY R 165 60.83 21.47 -39.27
C GLY R 165 61.72 21.58 -40.49
N SER R 166 61.67 22.73 -41.15
CA SER R 166 62.46 22.94 -42.34
C SER R 166 63.97 22.78 -42.12
N GLY R 167 64.54 23.48 -41.16
CA GLY R 167 65.98 23.34 -40.95
C GLY R 167 66.39 22.24 -39.99
N SER R 168 65.56 21.21 -39.87
CA SER R 168 65.80 20.10 -38.94
C SER R 168 67.13 19.34 -39.06
N GLU R 169 67.37 18.69 -40.20
CA GLU R 169 68.62 17.94 -40.39
C GLU R 169 69.84 18.83 -40.21
N GLY R 170 69.74 20.08 -40.65
CA GLY R 170 70.84 21.00 -40.49
C GLY R 170 71.05 21.33 -39.03
N ALA R 171 70.03 21.93 -38.42
CA ALA R 171 70.07 22.31 -37.02
C ALA R 171 70.38 21.15 -36.08
N GLN R 172 69.97 19.95 -36.48
CA GLN R 172 70.22 18.78 -35.65
C GLN R 172 71.72 18.57 -35.49
N ALA R 173 72.39 18.39 -36.61
CA ALA R 173 73.84 18.19 -36.62
C ALA R 173 74.51 19.26 -35.77
N GLU R 174 73.94 20.46 -35.83
CA GLU R 174 74.46 21.57 -35.04
C GLU R 174 74.40 21.21 -33.57
N LEU R 175 73.24 20.73 -33.13
CA LEU R 175 73.01 20.35 -31.74
C LEU R 175 73.96 19.23 -31.31
N LEU R 176 74.29 18.34 -32.23
CA LEU R 176 75.20 17.23 -31.96
C LEU R 176 76.50 17.69 -31.29
N ASN R 177 77.05 18.81 -31.78
CA ASN R 177 78.28 19.36 -31.25
C ASN R 177 78.05 20.17 -29.99
N GLU R 178 77.12 21.11 -30.09
CA GLU R 178 76.81 22.02 -28.99
C GLU R 178 76.31 21.44 -27.67
N TRP R 179 75.55 20.34 -27.72
CA TRP R 179 75.00 19.74 -26.51
C TRP R 179 75.93 18.88 -25.64
N HIS R 180 75.91 19.16 -24.34
CA HIS R 180 76.68 18.40 -23.35
C HIS R 180 75.87 18.34 -22.05
N SER R 181 76.04 17.24 -21.33
CA SER R 181 75.32 17.00 -20.08
C SER R 181 75.52 18.01 -18.95
N SER R 182 76.11 19.16 -19.26
CA SER R 182 76.36 20.17 -18.23
C SER R 182 75.88 21.56 -18.61
N LEU R 183 75.06 21.65 -19.65
CA LEU R 183 74.53 22.92 -20.09
C LEU R 183 73.69 23.57 -19.00
N THR R 184 73.61 24.90 -19.04
CA THR R 184 72.82 25.62 -18.06
C THR R 184 71.65 26.22 -18.82
N LEU R 185 70.58 26.56 -18.13
CA LEU R 185 69.41 27.12 -18.79
C LEU R 185 69.82 28.28 -19.69
N LYS R 186 70.55 29.24 -19.11
CA LYS R 186 71.03 30.41 -19.85
C LYS R 186 71.71 30.00 -21.16
N GLU R 187 72.57 28.99 -21.07
CA GLU R 187 73.31 28.50 -22.23
C GLU R 187 72.37 27.92 -23.27
N ALA R 188 71.44 27.07 -22.83
CA ALA R 188 70.49 26.45 -23.74
C ALA R 188 69.65 27.51 -24.43
N GLU R 189 69.20 28.50 -23.67
CA GLU R 189 68.39 29.57 -24.25
C GLU R 189 69.13 30.20 -25.42
N LEU R 190 70.35 30.64 -25.14
CA LEU R 190 71.18 31.26 -26.17
C LEU R 190 71.36 30.33 -27.34
N LEU R 191 71.78 29.11 -27.05
CA LEU R 191 72.00 28.09 -28.06
C LEU R 191 70.79 27.94 -29.00
N VAL R 192 69.61 27.69 -28.43
CA VAL R 192 68.40 27.55 -29.26
C VAL R 192 68.25 28.75 -30.15
N LEU R 193 68.32 29.92 -29.51
CA LEU R 193 68.19 31.21 -30.16
C LEU R 193 69.19 31.33 -31.32
N LYS R 194 70.37 30.74 -31.14
CA LYS R 194 71.41 30.75 -32.16
C LYS R 194 71.06 29.89 -33.36
N ILE R 195 70.87 28.60 -33.13
CA ILE R 195 70.53 27.68 -34.23
C ILE R 195 69.32 28.21 -35.01
N LEU R 196 68.32 28.72 -34.30
CA LEU R 196 67.16 29.26 -34.98
C LEU R 196 67.65 30.25 -36.01
N LYS R 197 68.47 31.18 -35.55
CA LYS R 197 69.04 32.22 -36.40
C LYS R 197 69.72 31.66 -37.66
N GLN R 198 70.44 30.54 -37.52
CA GLN R 198 71.11 29.96 -38.67
C GLN R 198 70.12 29.45 -39.70
N VAL R 199 69.27 28.50 -39.29
CA VAL R 199 68.29 27.89 -40.20
C VAL R 199 67.12 28.75 -40.66
N MET R 200 66.86 29.83 -39.93
CA MET R 200 65.76 30.71 -40.33
C MET R 200 66.08 31.47 -41.61
N GLU R 201 65.05 31.73 -42.41
CA GLU R 201 65.22 32.49 -43.64
C GLU R 201 65.39 33.95 -43.26
N GLU R 202 64.49 34.42 -42.42
CA GLU R 202 64.48 35.81 -41.95
C GLU R 202 65.57 36.11 -40.95
N LYS R 203 65.75 37.39 -40.66
CA LYS R 203 66.75 37.81 -39.70
C LYS R 203 66.06 37.76 -38.35
N LEU R 204 66.45 36.77 -37.55
CA LEU R 204 65.88 36.54 -36.24
C LEU R 204 65.88 37.72 -35.28
N ASP R 205 64.68 38.22 -34.98
CA ASP R 205 64.51 39.32 -34.03
C ASP R 205 63.47 38.76 -33.06
N GLU R 206 63.07 39.52 -32.04
CA GLU R 206 62.11 39.00 -31.07
C GLU R 206 60.65 39.03 -31.52
N ASN R 207 60.43 39.22 -32.82
CA ASN R 207 59.08 39.26 -33.35
C ASN R 207 58.76 38.12 -34.31
N ASN R 208 59.79 37.40 -34.74
CA ASN R 208 59.58 36.27 -35.65
C ASN R 208 60.11 34.97 -35.06
N ALA R 209 60.45 35.02 -33.77
CA ALA R 209 60.95 33.84 -33.07
C ALA R 209 60.43 33.92 -31.64
N GLN R 210 60.27 32.75 -31.00
CA GLN R 210 59.75 32.74 -29.65
C GLN R 210 60.40 31.65 -28.82
N LEU R 211 60.73 32.01 -27.58
CA LEU R 211 61.36 31.09 -26.63
C LEU R 211 60.41 30.82 -25.47
N SER R 212 60.72 29.78 -24.72
CA SER R 212 59.94 29.39 -23.56
C SER R 212 60.69 28.24 -22.93
N CYS R 213 60.35 27.93 -21.69
CA CYS R 213 61.00 26.83 -20.99
C CYS R 213 60.05 26.24 -19.97
N ILE R 214 60.58 25.36 -19.13
CA ILE R 214 59.79 24.74 -18.10
C ILE R 214 60.75 24.22 -17.04
N THR R 215 60.66 24.83 -15.86
CA THR R 215 61.49 24.47 -14.73
C THR R 215 60.62 24.00 -13.58
N LYS R 216 61.21 23.15 -12.73
CA LYS R 216 60.51 22.60 -11.59
C LYS R 216 59.93 23.72 -10.73
N GLN R 217 60.71 24.79 -10.54
CA GLN R 217 60.25 25.89 -9.71
C GLN R 217 59.05 26.67 -10.26
N ASP R 218 59.18 27.26 -11.43
CA ASP R 218 58.08 28.06 -11.96
C ASP R 218 57.23 27.42 -13.03
N GLY R 219 57.51 26.16 -13.36
CA GLY R 219 56.73 25.49 -14.37
C GLY R 219 56.96 26.03 -15.78
N PHE R 220 56.01 25.78 -16.67
CA PHE R 220 56.12 26.22 -18.05
C PHE R 220 55.73 27.68 -18.30
N LYS R 221 56.71 28.46 -18.78
CA LYS R 221 56.52 29.88 -19.08
C LYS R 221 56.95 30.18 -20.52
N ILE R 222 56.24 31.10 -21.16
CA ILE R 222 56.59 31.51 -22.51
C ILE R 222 57.22 32.89 -22.39
N TYR R 223 58.47 33.00 -22.81
CA TYR R 223 59.19 34.27 -22.76
C TYR R 223 58.52 35.37 -23.57
N ASP R 224 58.22 36.48 -22.92
CA ASP R 224 57.61 37.62 -23.62
C ASP R 224 58.71 38.23 -24.47
N ASN R 225 58.31 38.91 -25.55
CA ASN R 225 59.25 39.52 -26.47
C ASN R 225 60.42 40.29 -25.82
N GLU R 226 60.12 41.18 -24.88
CA GLU R 226 61.17 41.95 -24.23
C GLU R 226 62.26 41.06 -23.62
N LYS R 227 61.85 39.97 -22.98
CA LYS R 227 62.82 39.07 -22.36
C LYS R 227 63.66 38.37 -23.42
N THR R 228 63.04 38.11 -24.57
CA THR R 228 63.72 37.45 -25.67
C THR R 228 64.69 38.43 -26.33
N ALA R 229 64.19 39.64 -26.59
CA ALA R 229 64.98 40.69 -27.21
C ALA R 229 66.38 40.78 -26.62
N GLU R 230 66.46 40.87 -25.30
CA GLU R 230 67.77 40.97 -24.64
C GLU R 230 68.60 39.70 -24.74
N LEU R 231 67.95 38.57 -24.93
CA LEU R 231 68.67 37.32 -25.06
C LEU R 231 69.29 37.25 -26.46
N ILE R 232 68.62 37.90 -27.41
CA ILE R 232 69.08 37.96 -28.79
C ILE R 232 70.35 38.79 -28.76
N LYS R 233 70.26 39.96 -28.13
CA LYS R 233 71.37 40.89 -27.99
C LYS R 233 72.54 40.17 -27.29
N GLU R 234 72.26 39.60 -26.12
CA GLU R 234 73.29 38.88 -25.36
C GLU R 234 73.97 37.82 -26.24
N LEU R 235 73.25 37.35 -27.26
CA LEU R 235 73.77 36.35 -28.18
C LEU R 235 74.74 37.05 -29.14
N LYS R 236 74.22 38.05 -29.84
CA LYS R 236 75.00 38.84 -30.80
C LYS R 236 76.38 39.20 -30.26
N GLU R 237 76.39 39.70 -29.02
CA GLU R 237 77.63 40.09 -28.35
C GLU R 237 78.63 38.97 -28.12
N LYS R 238 78.17 37.84 -27.60
CA LYS R 238 79.07 36.73 -27.34
C LYS R 238 79.61 36.09 -28.62
N GLU R 239 78.96 36.38 -29.74
CA GLU R 239 79.39 35.84 -31.03
C GLU R 239 80.37 36.81 -31.68
N ALA R 240 80.04 38.09 -31.60
CA ALA R 240 80.90 39.13 -32.16
C ALA R 240 82.16 39.22 -31.30
N ALA R 241 82.23 38.38 -30.26
CA ALA R 241 83.38 38.35 -29.36
C ALA R 241 84.39 37.27 -29.74
N GLU R 242 84.30 36.80 -30.97
CA GLU R 242 85.18 35.76 -31.52
C GLU R 242 84.50 35.03 -32.65
N PHE S 1 52.55 -7.22 -62.60
CA PHE S 1 52.36 -8.28 -61.56
C PHE S 1 52.07 -7.61 -60.21
N ARG S 2 52.83 -8.02 -59.19
CA ARG S 2 52.72 -7.54 -57.82
C ARG S 2 52.02 -6.19 -57.70
N ASN S 3 52.41 -5.25 -58.56
CA ASN S 3 51.84 -3.92 -58.56
C ASN S 3 50.30 -3.89 -58.50
N ASN S 4 49.65 -4.94 -59.01
CA ASN S 4 48.20 -4.99 -59.00
C ASN S 4 47.61 -5.88 -57.91
N TYR S 5 48.47 -6.61 -57.21
CA TYR S 5 47.99 -7.50 -56.16
C TYR S 5 48.47 -7.13 -54.77
N ASP S 6 49.09 -5.96 -54.63
CA ASP S 6 49.59 -5.53 -53.32
C ASP S 6 48.88 -4.28 -52.80
N GLY S 7 47.67 -4.04 -53.30
CA GLY S 7 46.92 -2.86 -52.91
C GLY S 7 46.22 -2.92 -51.57
N ASP S 8 46.04 -4.12 -51.03
CA ASP S 8 45.40 -4.33 -49.74
C ASP S 8 45.40 -5.82 -49.39
N THR S 9 45.37 -6.10 -48.09
CA THR S 9 45.43 -7.45 -47.57
C THR S 9 44.35 -8.42 -48.04
N VAL S 10 43.22 -7.88 -48.46
CA VAL S 10 42.13 -8.73 -48.89
C VAL S 10 42.32 -9.37 -50.27
N THR S 11 43.45 -9.09 -50.91
CA THR S 11 43.71 -9.64 -52.24
C THR S 11 44.85 -10.66 -52.32
N PHE S 12 44.56 -11.79 -52.98
CA PHE S 12 45.53 -12.86 -53.16
C PHE S 12 46.26 -12.64 -54.47
N SER S 13 47.55 -12.96 -54.51
CA SER S 13 48.29 -12.82 -55.76
C SER S 13 47.94 -14.07 -56.57
N PRO S 14 48.34 -14.13 -57.84
CA PRO S 14 48.01 -15.32 -58.62
C PRO S 14 48.74 -16.57 -58.14
N THR S 15 49.84 -16.39 -57.43
CA THR S 15 50.61 -17.52 -56.92
C THR S 15 50.10 -17.97 -55.54
N GLY S 16 49.23 -17.16 -54.94
CA GLY S 16 48.67 -17.48 -53.64
C GLY S 16 49.32 -16.73 -52.50
N ARG S 17 49.84 -15.55 -52.79
CA ARG S 17 50.51 -14.77 -51.76
C ARG S 17 49.72 -13.53 -51.32
N LEU S 18 50.11 -12.99 -50.16
CA LEU S 18 49.47 -11.81 -49.61
C LEU S 18 50.56 -10.77 -49.37
N PHE S 19 50.83 -10.00 -50.41
CA PHE S 19 51.89 -9.00 -50.37
C PHE S 19 51.79 -8.02 -49.24
N GLN S 20 50.61 -7.45 -49.02
CA GLN S 20 50.48 -6.50 -47.92
C GLN S 20 51.11 -7.05 -46.64
N VAL S 21 50.86 -8.33 -46.39
CA VAL S 21 51.41 -9.00 -45.21
C VAL S 21 52.91 -9.10 -45.32
N GLU S 22 53.38 -9.58 -46.47
CA GLU S 22 54.80 -9.73 -46.70
C GLU S 22 55.49 -8.38 -46.52
N TYR S 23 54.82 -7.32 -46.94
CA TYR S 23 55.36 -5.98 -46.80
C TYR S 23 55.45 -5.68 -45.32
N ALA S 24 54.45 -6.15 -44.57
CA ALA S 24 54.42 -5.94 -43.14
C ALA S 24 55.66 -6.62 -42.57
N LEU S 25 55.80 -7.91 -42.90
CA LEU S 25 56.94 -8.70 -42.45
C LEU S 25 58.26 -7.98 -42.68
N GLU S 26 58.26 -7.05 -43.63
CA GLU S 26 59.46 -6.32 -43.93
C GLU S 26 59.80 -5.25 -42.89
N ALA S 27 58.79 -4.55 -42.38
CA ALA S 27 59.03 -3.49 -41.39
C ALA S 27 59.79 -4.08 -40.23
N ILE S 28 59.70 -5.40 -40.11
CA ILE S 28 60.37 -6.15 -39.05
C ILE S 28 61.88 -6.09 -39.21
N LYS S 29 62.37 -6.67 -40.31
CA LYS S 29 63.80 -6.70 -40.60
C LYS S 29 64.41 -5.30 -40.58
N GLN S 30 63.57 -4.28 -40.65
CA GLN S 30 64.05 -2.91 -40.64
C GLN S 30 64.15 -2.40 -39.20
N GLY S 31 63.73 -3.23 -38.25
CA GLY S 31 63.79 -2.85 -36.86
C GLY S 31 65.02 -3.39 -36.18
N SER S 32 65.39 -2.79 -35.04
CA SER S 32 66.56 -3.23 -34.31
C SER S 32 66.42 -4.69 -33.91
N VAL S 33 67.53 -5.37 -33.68
CA VAL S 33 67.49 -6.78 -33.33
C VAL S 33 67.20 -7.01 -31.85
N THR S 34 66.69 -8.20 -31.56
CA THR S 34 66.36 -8.62 -30.20
C THR S 34 66.49 -10.13 -30.18
N VAL S 35 66.80 -10.68 -29.01
CA VAL S 35 67.00 -12.13 -28.90
C VAL S 35 66.28 -12.76 -27.73
N GLY S 36 65.92 -14.03 -27.89
CA GLY S 36 65.25 -14.77 -26.85
C GLY S 36 65.77 -16.19 -26.79
N LEU S 37 65.91 -16.70 -25.56
CA LEU S 37 66.40 -18.06 -25.34
C LEU S 37 65.96 -18.53 -23.95
N ARG S 38 65.88 -19.84 -23.77
CA ARG S 38 65.45 -20.39 -22.49
C ARG S 38 66.14 -21.69 -22.10
N SER S 39 66.26 -21.92 -20.80
CA SER S 39 66.84 -23.17 -20.29
C SER S 39 65.57 -23.93 -19.87
N ASN S 40 65.64 -24.70 -18.78
CA ASN S 40 64.44 -25.41 -18.35
C ASN S 40 63.88 -24.68 -17.14
N THR S 41 64.62 -23.68 -16.67
CA THR S 41 64.21 -22.92 -15.51
C THR S 41 64.04 -21.43 -15.79
N HIS S 42 64.58 -20.95 -16.91
CA HIS S 42 64.45 -19.53 -17.24
C HIS S 42 64.31 -19.27 -18.72
N ALA S 43 63.94 -18.03 -19.04
CA ALA S 43 63.78 -17.55 -20.41
C ALA S 43 64.27 -16.11 -20.36
N VAL S 44 65.08 -15.75 -21.35
CA VAL S 44 65.63 -14.40 -21.39
C VAL S 44 65.38 -13.67 -22.69
N LEU S 45 65.18 -12.38 -22.56
CA LEU S 45 65.00 -11.53 -23.71
C LEU S 45 66.12 -10.49 -23.66
N VAL S 46 66.94 -10.48 -24.70
CA VAL S 46 68.02 -9.51 -24.81
C VAL S 46 67.67 -8.70 -26.04
N ALA S 47 67.35 -7.44 -25.83
CA ALA S 47 66.98 -6.61 -26.97
C ALA S 47 67.90 -5.42 -27.10
N LEU S 48 68.25 -5.12 -28.34
CA LEU S 48 69.11 -4.00 -28.65
C LEU S 48 68.26 -2.75 -28.90
N LYS S 49 68.20 -1.87 -27.91
CA LYS S 49 67.43 -0.65 -28.07
C LYS S 49 68.16 0.19 -29.13
N ARG S 50 67.42 0.90 -29.96
CA ARG S 50 68.03 1.74 -31.01
C ARG S 50 67.72 3.22 -30.85
N ASN S 51 68.73 4.06 -31.07
CA ASN S 51 68.55 5.51 -30.95
C ASN S 51 68.50 6.23 -32.31
N ALA S 52 67.67 7.27 -32.40
CA ALA S 52 67.53 8.03 -33.64
C ALA S 52 68.80 8.86 -33.87
N ASP S 53 69.09 9.78 -32.95
CA ASP S 53 70.27 10.63 -33.01
C ASP S 53 71.11 10.30 -31.79
N GLU S 54 72.22 11.02 -31.63
CA GLU S 54 73.09 10.79 -30.49
C GLU S 54 72.64 11.66 -29.32
N LEU S 55 71.42 12.15 -29.43
CA LEU S 55 70.83 12.95 -28.37
C LEU S 55 69.49 12.32 -28.02
N SER S 56 69.14 11.27 -28.77
CA SER S 56 67.88 10.54 -28.55
C SER S 56 68.06 9.33 -27.64
N SER S 57 66.94 8.87 -27.07
CA SER S 57 66.94 7.72 -26.19
C SER S 57 66.92 6.52 -27.12
N TYR S 58 67.28 5.36 -26.58
CA TYR S 58 67.30 4.12 -27.35
C TYR S 58 65.97 3.38 -27.10
N GLN S 59 64.89 3.89 -27.72
CA GLN S 59 63.53 3.36 -27.60
C GLN S 59 63.38 1.96 -26.98
N LYS S 60 62.58 1.89 -25.92
CA LYS S 60 62.32 0.65 -25.18
C LYS S 60 61.73 -0.45 -26.06
N LYS S 61 62.26 -1.67 -25.93
CA LYS S 61 61.77 -2.77 -26.74
C LYS S 61 61.26 -4.00 -25.98
N ILE S 62 61.19 -3.90 -24.66
CA ILE S 62 60.67 -5.02 -23.85
C ILE S 62 59.50 -4.54 -22.97
N ILE S 63 58.40 -5.29 -23.06
CA ILE S 63 57.19 -4.97 -22.32
C ILE S 63 56.72 -6.14 -21.45
N LYS S 64 56.31 -5.83 -20.24
CA LYS S 64 55.83 -6.84 -19.29
C LYS S 64 54.33 -6.99 -19.42
N CYS S 65 53.86 -8.18 -19.75
CA CYS S 65 52.43 -8.43 -19.90
C CYS S 65 51.79 -8.93 -18.62
N ASP S 66 52.59 -9.54 -17.76
CA ASP S 66 52.10 -10.03 -16.47
C ASP S 66 53.34 -10.36 -15.62
N GLU S 67 53.13 -10.92 -14.44
CA GLU S 67 54.24 -11.26 -13.56
C GLU S 67 55.03 -12.44 -14.09
N HIS S 68 54.39 -13.23 -14.95
CA HIS S 68 55.03 -14.42 -15.50
C HIS S 68 55.17 -14.40 -17.01
N MET S 69 54.95 -13.24 -17.64
CA MET S 69 55.03 -13.18 -19.10
C MET S 69 55.43 -11.80 -19.62
N GLY S 70 56.17 -11.80 -20.72
CA GLY S 70 56.62 -10.56 -21.32
C GLY S 70 57.13 -10.79 -22.73
N LEU S 71 57.32 -9.71 -23.48
CA LEU S 71 57.79 -9.85 -24.85
C LEU S 71 58.74 -8.76 -25.32
N SER S 72 59.43 -9.05 -26.42
CA SER S 72 60.35 -8.09 -27.02
C SER S 72 59.78 -7.80 -28.40
N LEU S 73 59.88 -6.54 -28.82
CA LEU S 73 59.36 -6.12 -30.11
C LEU S 73 60.43 -5.69 -31.10
N ALA S 74 60.11 -5.82 -32.39
CA ALA S 74 61.00 -5.43 -33.48
C ALA S 74 60.10 -5.01 -34.62
N GLY S 75 60.06 -3.71 -34.88
CA GLY S 75 59.21 -3.20 -35.95
C GLY S 75 58.46 -1.97 -35.48
N LEU S 76 57.21 -1.84 -35.90
CA LEU S 76 56.39 -0.70 -35.49
C LEU S 76 56.06 -0.69 -34.01
N ALA S 77 56.59 0.30 -33.28
CA ALA S 77 56.33 0.43 -31.85
C ALA S 77 54.82 0.43 -31.55
N PRO S 78 54.07 1.36 -32.17
CA PRO S 78 52.63 1.45 -31.93
C PRO S 78 51.94 0.09 -31.93
N ASP S 79 52.21 -0.72 -32.95
CA ASP S 79 51.59 -2.04 -33.03
C ASP S 79 51.94 -2.95 -31.86
N ALA S 80 53.18 -2.92 -31.41
CA ALA S 80 53.58 -3.76 -30.30
C ALA S 80 52.80 -3.31 -29.07
N ARG S 81 52.59 -2.00 -28.97
CA ARG S 81 51.85 -1.42 -27.86
C ARG S 81 50.44 -1.97 -27.85
N VAL S 82 49.84 -1.99 -29.04
CA VAL S 82 48.49 -2.51 -29.20
C VAL S 82 48.43 -3.97 -28.79
N LEU S 83 49.25 -4.79 -29.43
CA LEU S 83 49.30 -6.24 -29.17
C LEU S 83 49.71 -6.62 -27.74
N SER S 84 50.70 -5.93 -27.19
CA SER S 84 51.14 -6.23 -25.83
C SER S 84 50.02 -5.86 -24.88
N ASN S 85 49.38 -4.72 -25.16
CA ASN S 85 48.29 -4.28 -24.32
C ASN S 85 47.17 -5.32 -24.34
N TYR S 86 46.86 -5.85 -25.51
CA TYR S 86 45.82 -6.85 -25.62
C TYR S 86 46.25 -8.08 -24.86
N LEU S 87 47.52 -8.43 -24.95
CA LEU S 87 48.03 -9.59 -24.22
C LEU S 87 47.96 -9.33 -22.71
N ARG S 88 48.11 -8.08 -22.32
CA ARG S 88 48.02 -7.74 -20.90
C ARG S 88 46.62 -8.00 -20.37
N GLN S 89 45.63 -7.74 -21.22
CA GLN S 89 44.23 -7.95 -20.84
C GLN S 89 43.88 -9.41 -20.77
N GLN S 90 44.30 -10.18 -21.78
CA GLN S 90 44.01 -11.60 -21.77
C GLN S 90 44.60 -12.28 -20.54
N CYS S 91 45.77 -11.82 -20.11
CA CYS S 91 46.39 -12.36 -18.92
C CYS S 91 45.52 -12.00 -17.73
N ASN S 92 45.22 -10.70 -17.64
CA ASN S 92 44.38 -10.14 -16.57
C ASN S 92 43.05 -10.87 -16.48
N TYR S 93 42.41 -11.08 -17.61
CA TYR S 93 41.13 -11.76 -17.63
C TYR S 93 41.27 -13.15 -17.02
N SER S 94 42.28 -13.89 -17.43
CA SER S 94 42.51 -15.23 -16.91
C SER S 94 42.68 -15.26 -15.40
N SER S 95 43.42 -14.29 -14.87
CA SER S 95 43.67 -14.19 -13.43
C SER S 95 42.42 -13.79 -12.67
N LEU S 96 41.75 -12.75 -13.15
CA LEU S 96 40.54 -12.27 -12.51
C LEU S 96 39.41 -13.28 -12.51
N VAL S 97 39.01 -13.74 -13.68
CA VAL S 97 37.90 -14.66 -13.78
C VAL S 97 38.19 -16.09 -13.33
N PHE S 98 39.37 -16.62 -13.64
CA PHE S 98 39.69 -17.99 -13.27
C PHE S 98 40.75 -18.18 -12.22
N ASN S 99 41.38 -17.09 -11.82
CA ASN S 99 42.42 -17.15 -10.79
C ASN S 99 43.48 -18.13 -11.28
N ARG S 100 43.80 -18.00 -12.57
CA ARG S 100 44.76 -18.87 -13.24
C ARG S 100 45.70 -18.07 -14.12
N LYS S 101 47.00 -18.29 -13.94
CA LYS S 101 47.97 -17.57 -14.75
C LYS S 101 47.82 -18.13 -16.17
N LEU S 102 47.74 -17.23 -17.15
CA LEU S 102 47.57 -17.61 -18.55
C LEU S 102 48.78 -18.33 -19.15
N ALA S 103 48.50 -19.48 -19.77
CA ALA S 103 49.52 -20.31 -20.40
C ALA S 103 50.20 -19.57 -21.54
N VAL S 104 51.53 -19.60 -21.57
CA VAL S 104 52.29 -18.93 -22.60
C VAL S 104 51.88 -19.45 -23.96
N GLU S 105 51.58 -20.73 -24.04
CA GLU S 105 51.17 -21.31 -25.29
C GLU S 105 49.84 -20.75 -25.73
N ARG S 106 49.01 -20.39 -24.77
CA ARG S 106 47.68 -19.87 -25.10
C ARG S 106 47.75 -18.39 -25.51
N ALA S 107 48.73 -17.68 -24.96
CA ALA S 107 48.95 -16.28 -25.28
C ALA S 107 49.32 -16.22 -26.75
N GLY S 108 50.07 -17.22 -27.20
CA GLY S 108 50.48 -17.27 -28.59
C GLY S 108 49.26 -17.46 -29.45
N HIS S 109 48.41 -18.41 -29.07
CA HIS S 109 47.19 -18.69 -29.81
C HIS S 109 46.40 -17.41 -29.99
N LEU S 110 46.21 -16.70 -28.86
CA LEU S 110 45.46 -15.45 -28.88
C LEU S 110 46.06 -14.47 -29.86
N LEU S 111 47.34 -14.13 -29.67
CA LEU S 111 47.99 -13.18 -30.57
C LEU S 111 47.82 -13.61 -32.02
N CYS S 112 48.04 -14.88 -32.30
CA CYS S 112 47.89 -15.37 -33.65
C CYS S 112 46.50 -15.01 -34.17
N ASP S 113 45.46 -15.39 -33.41
CA ASP S 113 44.10 -15.12 -33.82
C ASP S 113 43.79 -13.64 -34.01
N LYS S 114 44.47 -12.78 -33.25
CA LYS S 114 44.21 -11.35 -33.37
C LYS S 114 44.80 -10.80 -34.66
N ALA S 115 46.03 -11.21 -34.96
CA ALA S 115 46.72 -10.76 -36.17
C ALA S 115 46.04 -11.27 -37.43
N GLN S 116 45.47 -12.46 -37.36
CA GLN S 116 44.82 -13.05 -38.51
C GLN S 116 43.65 -12.23 -39.03
N LYS S 117 42.89 -11.66 -38.10
CA LYS S 117 41.72 -10.85 -38.47
C LYS S 117 42.11 -9.63 -39.31
N ASN S 118 43.31 -9.14 -39.11
CA ASN S 118 43.78 -7.99 -39.86
C ASN S 118 44.39 -8.40 -41.19
N THR S 119 44.10 -9.62 -41.65
CA THR S 119 44.66 -10.09 -42.91
C THR S 119 43.59 -10.70 -43.81
N GLN S 120 42.33 -10.57 -43.44
CA GLN S 120 41.28 -11.15 -44.26
C GLN S 120 40.14 -10.18 -44.51
N SER S 121 40.16 -9.06 -43.78
CA SER S 121 39.11 -8.05 -43.94
C SER S 121 39.62 -6.75 -44.54
N TYR S 122 38.82 -6.24 -45.48
CA TYR S 122 39.11 -5.01 -46.19
C TYR S 122 39.18 -3.84 -45.24
N GLY S 123 39.97 -2.83 -45.60
CA GLY S 123 40.07 -1.64 -44.77
C GLY S 123 41.13 -1.67 -43.67
N GLY S 124 41.53 -2.86 -43.23
CA GLY S 124 42.53 -2.96 -42.18
C GLY S 124 43.93 -3.13 -42.74
N ARG S 125 44.90 -3.38 -41.88
CA ARG S 125 46.28 -3.60 -42.31
C ARG S 125 46.94 -4.53 -41.33
N PRO S 126 47.85 -5.39 -41.81
CA PRO S 126 48.54 -6.33 -40.92
C PRO S 126 49.36 -5.55 -39.91
N TYR S 127 49.67 -6.18 -38.79
CA TYR S 127 50.47 -5.51 -37.79
C TYR S 127 51.90 -5.53 -38.31
N GLY S 128 52.59 -4.40 -38.20
CA GLY S 128 53.96 -4.32 -38.70
C GLY S 128 55.00 -4.44 -37.60
N VAL S 129 54.95 -5.55 -36.88
CA VAL S 129 55.89 -5.76 -35.81
C VAL S 129 55.99 -7.23 -35.45
N GLY S 130 57.20 -7.66 -35.14
CA GLY S 130 57.43 -9.04 -34.76
C GLY S 130 57.62 -9.04 -33.27
N LEU S 131 57.30 -10.15 -32.62
CA LEU S 131 57.42 -10.22 -31.17
C LEU S 131 58.00 -11.53 -30.67
N LEU S 132 58.74 -11.43 -29.58
CA LEU S 132 59.34 -12.58 -28.92
C LEU S 132 58.74 -12.59 -27.52
N ILE S 133 58.02 -13.66 -27.20
CA ILE S 133 57.37 -13.77 -25.90
C ILE S 133 57.96 -14.88 -25.06
N ILE S 134 58.37 -14.54 -23.84
CA ILE S 134 58.94 -15.51 -22.91
C ILE S 134 58.01 -15.57 -21.71
N GLY S 135 58.08 -16.66 -20.97
CA GLY S 135 57.24 -16.80 -19.80
C GLY S 135 57.43 -18.11 -19.07
N TYR S 136 57.21 -18.09 -17.77
CA TYR S 136 57.32 -19.30 -16.97
C TYR S 136 55.92 -19.61 -16.44
N ASP S 137 55.32 -20.67 -16.96
CA ASP S 137 53.99 -21.04 -16.51
C ASP S 137 54.00 -22.42 -15.87
N LYS S 138 52.83 -23.03 -15.75
CA LYS S 138 52.70 -24.34 -15.12
C LYS S 138 53.43 -25.48 -15.83
N SER S 139 53.93 -25.25 -17.04
CA SER S 139 54.64 -26.30 -17.74
C SER S 139 56.09 -25.91 -18.04
N GLY S 140 56.65 -25.05 -17.18
CA GLY S 140 58.03 -24.65 -17.35
C GLY S 140 58.28 -23.36 -18.10
N ALA S 141 59.51 -23.18 -18.58
CA ALA S 141 59.90 -21.99 -19.33
C ALA S 141 59.45 -22.07 -20.78
N HIS S 142 59.16 -20.91 -21.37
CA HIS S 142 58.69 -20.85 -22.75
C HIS S 142 59.20 -19.63 -23.51
N LEU S 143 59.40 -19.83 -24.81
CA LEU S 143 59.83 -18.77 -25.72
C LEU S 143 58.95 -18.87 -26.97
N LEU S 144 58.37 -17.74 -27.36
CA LEU S 144 57.50 -17.70 -28.52
C LEU S 144 57.93 -16.64 -29.51
N GLU S 145 57.74 -16.94 -30.80
CA GLU S 145 58.08 -15.99 -31.86
C GLU S 145 56.81 -15.68 -32.65
N PHE S 146 56.40 -14.41 -32.59
CA PHE S 146 55.21 -13.94 -33.26
C PHE S 146 55.50 -13.17 -34.55
N GLN S 147 54.84 -13.58 -35.64
CA GLN S 147 55.01 -12.90 -36.92
C GLN S 147 53.66 -12.34 -37.37
N PRO S 148 53.64 -11.06 -37.81
CA PRO S 148 52.45 -10.34 -38.27
C PRO S 148 51.53 -11.13 -39.18
N SER S 149 52.05 -12.19 -39.78
CA SER S 149 51.24 -13.01 -40.67
C SER S 149 50.31 -13.81 -39.79
N GLY S 150 50.59 -13.78 -38.49
CA GLY S 150 49.79 -14.50 -37.52
C GLY S 150 50.39 -15.85 -37.22
N ASN S 151 51.69 -15.98 -37.42
CA ASN S 151 52.39 -17.23 -37.17
C ASN S 151 53.22 -17.17 -35.92
N VAL S 152 52.83 -17.98 -34.94
CA VAL S 152 53.53 -18.04 -33.67
C VAL S 152 54.13 -19.42 -33.53
N THR S 153 55.40 -19.47 -33.14
CA THR S 153 56.10 -20.74 -32.97
C THR S 153 56.88 -20.80 -31.66
N GLU S 154 56.92 -21.99 -31.05
CA GLU S 154 57.64 -22.18 -29.79
C GLU S 154 59.06 -22.64 -30.11
N LEU S 155 60.03 -22.01 -29.46
CA LEU S 155 61.43 -22.32 -29.70
C LEU S 155 62.24 -22.31 -28.42
N TYR S 156 63.48 -22.82 -28.51
CA TYR S 156 64.40 -22.84 -27.36
C TYR S 156 65.06 -21.47 -27.36
N GLY S 157 65.18 -20.91 -28.56
CA GLY S 157 65.78 -19.60 -28.72
C GLY S 157 65.54 -19.06 -30.11
N THR S 158 65.84 -17.77 -30.30
CA THR S 158 65.68 -17.11 -31.59
C THR S 158 65.86 -15.59 -31.49
N ALA S 159 65.84 -14.96 -32.66
CA ALA S 159 65.98 -13.51 -32.74
C ALA S 159 65.32 -13.03 -34.02
N ILE S 160 64.94 -11.75 -34.02
CA ILE S 160 64.28 -11.12 -35.16
C ILE S 160 64.83 -9.71 -35.35
N GLY S 161 64.64 -9.18 -36.56
CA GLY S 161 65.11 -7.84 -36.85
C GLY S 161 66.28 -7.77 -37.82
N ALA S 162 67.02 -6.68 -37.75
CA ALA S 162 68.18 -6.46 -38.61
C ALA S 162 69.34 -7.35 -38.22
N ARG S 163 69.80 -8.17 -39.16
CA ARG S 163 70.93 -9.06 -38.93
C ARG S 163 70.57 -10.19 -37.98
N SER S 164 69.28 -10.33 -37.72
CA SER S 164 68.78 -11.36 -36.83
C SER S 164 69.45 -12.72 -37.10
N GLN S 165 69.50 -13.08 -38.38
CA GLN S 165 70.09 -14.36 -38.80
C GLN S 165 71.47 -14.61 -38.18
N GLY S 166 72.14 -13.54 -37.76
CA GLY S 166 73.45 -13.70 -37.14
C GLY S 166 73.33 -14.48 -35.85
N ALA S 167 72.67 -13.88 -34.87
CA ALA S 167 72.47 -14.50 -33.57
C ALA S 167 71.67 -15.79 -33.69
N LYS S 168 70.80 -15.88 -34.70
CA LYS S 168 69.99 -17.07 -34.86
C LYS S 168 70.85 -18.29 -35.18
N THR S 169 71.96 -18.07 -35.87
CA THR S 169 72.86 -19.18 -36.22
C THR S 169 73.62 -19.54 -34.94
N TYR S 170 74.11 -18.52 -34.26
CA TYR S 170 74.84 -18.69 -33.02
C TYR S 170 74.06 -19.62 -32.09
N LEU S 171 72.81 -19.26 -31.84
CA LEU S 171 71.94 -20.04 -30.97
C LEU S 171 71.73 -21.46 -31.49
N GLU S 172 71.51 -21.58 -32.79
CA GLU S 172 71.27 -22.89 -33.40
C GLU S 172 72.43 -23.83 -33.15
N ARG S 173 73.56 -23.26 -32.74
CA ARG S 173 74.77 -24.01 -32.45
C ARG S 173 74.96 -24.16 -30.94
N THR S 174 74.92 -23.02 -30.24
CA THR S 174 75.09 -22.98 -28.78
C THR S 174 73.94 -23.71 -28.05
N LEU S 175 73.01 -24.28 -28.79
CA LEU S 175 71.85 -24.97 -28.20
C LEU S 175 72.14 -25.92 -27.04
N ASP S 176 72.59 -27.14 -27.36
CA ASP S 176 72.89 -28.14 -26.34
C ASP S 176 73.57 -27.58 -25.08
N THR S 177 74.17 -26.41 -25.23
CA THR S 177 74.87 -25.73 -24.15
C THR S 177 73.96 -24.94 -23.21
N PHE S 178 73.23 -23.96 -23.77
CA PHE S 178 72.36 -23.11 -22.96
C PHE S 178 71.04 -23.75 -22.48
N ILE S 179 70.51 -24.71 -23.24
CA ILE S 179 69.27 -25.36 -22.85
C ILE S 179 69.48 -26.07 -21.52
N LYS S 180 70.68 -25.92 -20.98
CA LYS S 180 71.01 -26.56 -19.72
C LYS S 180 71.47 -25.56 -18.65
N ILE S 181 71.43 -24.27 -18.95
CA ILE S 181 71.83 -23.27 -17.97
C ILE S 181 70.69 -23.13 -16.95
N ASP S 182 70.37 -24.22 -16.26
CA ASP S 182 69.32 -24.21 -15.27
C ASP S 182 69.91 -23.83 -13.92
N GLY S 183 69.20 -23.01 -13.17
CA GLY S 183 69.70 -22.63 -11.86
C GLY S 183 70.64 -21.45 -11.89
N ASN S 184 71.01 -20.98 -13.07
CA ASN S 184 71.90 -19.81 -13.14
C ASN S 184 71.47 -18.83 -14.22
N PRO S 185 70.70 -17.81 -13.81
CA PRO S 185 70.23 -16.78 -14.73
C PRO S 185 71.39 -15.98 -15.32
N ASP S 186 72.32 -15.57 -14.46
CA ASP S 186 73.48 -14.79 -14.89
C ASP S 186 74.16 -15.36 -16.13
N GLU S 187 74.19 -16.68 -16.23
CA GLU S 187 74.81 -17.32 -17.38
C GLU S 187 73.92 -17.25 -18.62
N LEU S 188 72.62 -17.51 -18.45
CA LEU S 188 71.70 -17.46 -19.58
C LEU S 188 71.75 -16.06 -20.21
N ILE S 189 71.74 -15.03 -19.38
CA ILE S 189 71.81 -13.66 -19.89
C ILE S 189 73.12 -13.45 -20.64
N LYS S 190 74.24 -13.83 -20.02
CA LYS S 190 75.56 -13.69 -20.65
C LYS S 190 75.51 -14.34 -22.04
N ALA S 191 74.85 -15.49 -22.13
CA ALA S 191 74.71 -16.21 -23.38
C ALA S 191 73.77 -15.47 -24.32
N GLY S 192 72.79 -14.79 -23.75
CA GLY S 192 71.85 -14.03 -24.56
C GLY S 192 72.53 -12.83 -25.17
N VAL S 193 73.52 -12.30 -24.45
CA VAL S 193 74.26 -11.14 -24.90
C VAL S 193 75.34 -11.55 -25.89
N GLU S 194 75.79 -12.80 -25.79
CA GLU S 194 76.81 -13.32 -26.69
C GLU S 194 76.17 -13.66 -28.03
N ALA S 195 74.86 -13.80 -28.01
CA ALA S 195 74.11 -14.11 -29.22
C ALA S 195 73.74 -12.80 -29.92
N ILE S 196 73.31 -11.83 -29.13
CA ILE S 196 72.91 -10.54 -29.69
C ILE S 196 74.10 -9.81 -30.31
N SER S 197 75.31 -10.11 -29.84
CA SER S 197 76.50 -9.48 -30.39
C SER S 197 76.84 -10.11 -31.74
N GLN S 198 76.33 -11.33 -31.94
CA GLN S 198 76.53 -12.10 -33.18
C GLN S 198 75.80 -11.41 -34.35
N SER S 199 75.13 -10.30 -34.04
CA SER S 199 74.39 -9.55 -35.05
C SER S 199 74.75 -8.08 -35.02
N LEU S 200 75.89 -7.79 -34.41
CA LEU S 200 76.39 -6.41 -34.33
C LEU S 200 77.18 -6.16 -35.60
N ARG S 201 77.77 -4.98 -35.73
CA ARG S 201 78.51 -4.63 -36.93
C ARG S 201 78.74 -3.13 -36.86
N ASP S 202 77.66 -2.41 -36.56
CA ASP S 202 77.67 -0.96 -36.42
C ASP S 202 78.59 -0.61 -35.24
N GLU S 203 78.01 -0.64 -34.05
CA GLU S 203 78.72 -0.33 -32.81
C GLU S 203 78.85 -1.57 -31.95
N SER S 204 79.01 -1.35 -30.65
CA SER S 204 79.12 -2.40 -29.66
C SER S 204 78.16 -2.03 -28.53
N LEU S 205 77.26 -2.96 -28.19
CA LEU S 205 76.28 -2.74 -27.14
C LEU S 205 76.86 -2.03 -25.91
N THR S 206 76.35 -0.83 -25.65
CA THR S 206 76.78 -0.01 -24.53
C THR S 206 75.78 -0.12 -23.37
N VAL S 207 76.06 0.57 -22.26
CA VAL S 207 75.19 0.52 -21.09
C VAL S 207 73.77 1.04 -21.34
N ASP S 208 73.62 2.34 -21.57
CA ASP S 208 72.31 2.94 -21.82
C ASP S 208 71.70 2.44 -23.13
N ASN S 209 72.44 1.59 -23.82
CA ASN S 209 72.00 1.05 -25.09
C ASN S 209 71.33 -0.32 -24.94
N LEU S 210 71.96 -1.20 -24.16
CA LEU S 210 71.44 -2.56 -23.95
C LEU S 210 70.17 -2.60 -23.12
N SER S 211 69.47 -3.73 -23.20
CA SER S 211 68.23 -3.96 -22.47
C SER S 211 67.96 -5.46 -22.36
N ILE S 212 67.75 -5.93 -21.14
CA ILE S 212 67.50 -7.34 -20.89
C ILE S 212 66.35 -7.57 -19.93
N ALA S 213 65.64 -8.68 -20.12
CA ALA S 213 64.52 -9.03 -19.28
C ALA S 213 64.59 -10.51 -18.98
N ILE S 214 64.13 -10.89 -17.80
CA ILE S 214 64.15 -12.29 -17.40
C ILE S 214 62.93 -12.72 -16.59
N VAL S 215 62.66 -14.03 -16.63
CA VAL S 215 61.54 -14.61 -15.90
C VAL S 215 61.83 -16.09 -15.69
N GLY S 216 61.42 -16.63 -14.55
CA GLY S 216 61.68 -18.04 -14.30
C GLY S 216 61.26 -18.57 -12.94
N LYS S 217 61.36 -19.89 -12.79
CA LYS S 217 61.03 -20.62 -11.57
C LYS S 217 60.74 -19.71 -10.38
N ASP S 218 61.80 -19.13 -9.83
CA ASP S 218 61.62 -18.24 -8.69
C ASP S 218 62.08 -16.84 -9.04
N THR S 219 61.51 -16.32 -10.12
CA THR S 219 61.85 -14.99 -10.59
C THR S 219 60.71 -14.45 -11.45
N PRO S 220 60.09 -13.36 -10.99
CA PRO S 220 58.98 -12.74 -11.71
C PRO S 220 59.56 -11.89 -12.85
N PHE S 221 58.90 -11.93 -14.01
CA PHE S 221 59.34 -11.18 -15.17
C PHE S 221 59.76 -9.75 -14.79
N THR S 222 61.04 -9.44 -14.97
CA THR S 222 61.55 -8.11 -14.65
C THR S 222 62.54 -7.58 -15.68
N ILE S 223 62.49 -6.26 -15.86
CA ILE S 223 63.30 -5.55 -16.84
C ILE S 223 64.55 -4.85 -16.29
N TYR S 224 65.69 -5.12 -16.92
CA TYR S 224 66.94 -4.52 -16.51
C TYR S 224 67.48 -3.59 -17.59
N ASP S 225 67.60 -2.31 -17.24
CA ASP S 225 68.10 -1.29 -18.16
C ASP S 225 69.22 -0.44 -17.59
N GLY S 226 70.21 -0.13 -18.44
CA GLY S 226 71.34 0.67 -18.03
C GLY S 226 72.26 -0.04 -17.05
N GLU S 227 72.89 0.74 -16.17
CA GLU S 227 73.77 0.24 -15.12
C GLU S 227 73.41 -1.18 -14.68
N ALA S 228 72.12 -1.46 -14.66
CA ALA S 228 71.62 -2.77 -14.26
C ALA S 228 72.15 -3.89 -15.15
N VAL S 229 72.54 -3.55 -16.37
CA VAL S 229 73.06 -4.54 -17.30
C VAL S 229 74.55 -4.35 -17.56
N ALA S 230 75.14 -3.36 -16.88
CA ALA S 230 76.56 -3.05 -17.00
C ALA S 230 77.46 -4.28 -16.81
N LYS S 231 77.14 -5.09 -15.80
CA LYS S 231 77.92 -6.28 -15.52
C LYS S 231 77.81 -7.37 -16.59
N TYR S 232 77.38 -6.98 -17.78
CA TYR S 232 77.23 -7.91 -18.91
C TYR S 232 77.94 -7.39 -20.16
N ILE S 233 78.53 -6.21 -20.05
CA ILE S 233 79.25 -5.60 -21.17
C ILE S 233 80.74 -5.93 -21.14
N GLY T 1 37.50 -7.27 -71.29
CA GLY T 1 38.81 -6.78 -70.74
C GLY T 1 39.40 -7.73 -69.70
N THR T 2 40.04 -7.17 -68.67
CA THR T 2 40.63 -7.96 -67.59
C THR T 2 40.38 -7.30 -66.24
N GLY T 3 40.98 -7.87 -65.19
CA GLY T 3 40.80 -7.33 -63.85
C GLY T 3 39.82 -8.20 -63.06
N TYR T 4 39.24 -9.18 -63.76
CA TYR T 4 38.29 -10.10 -63.18
C TYR T 4 38.86 -10.86 -61.99
N ASP T 5 40.18 -10.76 -61.79
CA ASP T 5 40.83 -11.48 -60.69
C ASP T 5 41.34 -10.59 -59.57
N LEU T 6 40.89 -9.34 -59.52
CA LEU T 6 41.36 -8.45 -58.47
C LEU T 6 40.39 -8.38 -57.29
N SER T 7 39.09 -8.46 -57.57
CA SER T 7 38.10 -8.43 -56.51
C SER T 7 37.61 -9.84 -56.24
N ASN T 8 37.19 -10.11 -55.02
CA ASN T 8 36.75 -11.43 -54.65
C ASN T 8 35.48 -11.93 -55.35
N SER T 9 34.31 -11.53 -54.89
CA SER T 9 33.07 -12.03 -55.47
C SER T 9 32.80 -11.83 -56.95
N VAL T 10 33.80 -11.46 -57.74
CA VAL T 10 33.61 -11.20 -59.17
C VAL T 10 33.68 -12.41 -60.08
N PHE T 11 32.64 -12.61 -60.89
CA PHE T 11 32.61 -13.72 -61.84
C PHE T 11 33.44 -13.31 -63.04
N SER T 12 34.28 -14.21 -63.54
CA SER T 12 35.08 -13.91 -64.73
C SER T 12 34.20 -14.40 -65.88
N PRO T 13 34.48 -13.97 -67.12
CA PRO T 13 33.67 -14.38 -68.28
C PRO T 13 33.33 -15.86 -68.41
N ASP T 14 34.22 -16.73 -67.92
CA ASP T 14 33.98 -18.16 -68.00
C ASP T 14 33.30 -18.71 -66.74
N GLY T 15 32.86 -17.82 -65.86
CA GLY T 15 32.14 -18.24 -64.65
C GLY T 15 32.95 -18.62 -63.43
N ARG T 16 34.24 -18.33 -63.45
CA ARG T 16 35.11 -18.68 -62.33
C ARG T 16 35.31 -17.51 -61.38
N ASN T 17 35.84 -17.81 -60.20
CA ASN T 17 36.12 -16.78 -59.21
C ASN T 17 37.61 -16.90 -58.96
N PHE T 18 38.40 -16.18 -59.75
CA PHE T 18 39.84 -16.25 -59.65
C PHE T 18 40.43 -16.07 -58.27
N GLN T 19 39.89 -15.13 -57.50
CA GLN T 19 40.43 -14.92 -56.16
C GLN T 19 40.41 -16.21 -55.33
N VAL T 20 39.38 -17.02 -55.51
CA VAL T 20 39.26 -18.29 -54.80
C VAL T 20 40.35 -19.24 -55.29
N GLU T 21 40.51 -19.30 -56.60
CA GLU T 21 41.49 -20.16 -57.22
C GLU T 21 42.89 -19.78 -56.77
N TYR T 22 43.12 -18.49 -56.60
CA TYR T 22 44.42 -18.01 -56.16
C TYR T 22 44.60 -18.47 -54.73
N ALA T 23 43.50 -18.52 -53.98
CA ALA T 23 43.56 -18.96 -52.60
C ALA T 23 44.04 -20.40 -52.61
N VAL T 24 43.42 -21.23 -53.45
CA VAL T 24 43.82 -22.61 -53.54
C VAL T 24 45.32 -22.74 -53.72
N LYS T 25 45.92 -21.79 -54.44
CA LYS T 25 47.36 -21.85 -54.64
C LYS T 25 48.12 -21.82 -53.32
N ALA T 26 47.67 -20.97 -52.39
CA ALA T 26 48.34 -20.88 -51.10
C ALA T 26 48.19 -22.20 -50.35
N VAL T 27 47.12 -22.92 -50.67
CA VAL T 27 46.84 -24.21 -50.05
C VAL T 27 47.80 -25.28 -50.52
N GLU T 28 48.05 -25.30 -51.82
CA GLU T 28 48.95 -26.29 -52.36
C GLU T 28 50.36 -25.99 -51.89
N ASN T 29 50.67 -24.72 -51.71
CA ASN T 29 52.01 -24.36 -51.27
C ASN T 29 52.26 -24.75 -49.82
N GLY T 30 51.25 -25.32 -49.17
CA GLY T 30 51.44 -25.70 -47.79
C GLY T 30 51.74 -27.16 -47.55
N THR T 31 52.04 -27.46 -46.29
CA THR T 31 52.33 -28.82 -45.80
C THR T 31 51.20 -29.76 -46.20
N THR T 32 51.50 -31.05 -46.30
CA THR T 32 50.44 -31.99 -46.65
C THR T 32 49.84 -32.59 -45.38
N SER T 33 48.56 -32.92 -45.45
CA SER T 33 47.84 -33.49 -44.31
C SER T 33 46.76 -34.41 -44.88
N ILE T 34 46.39 -35.44 -44.13
CA ILE T 34 45.38 -36.36 -44.65
C ILE T 34 44.40 -36.86 -43.64
N GLY T 35 43.46 -37.64 -44.13
CA GLY T 35 42.46 -38.22 -43.28
C GLY T 35 42.10 -39.57 -43.83
N ILE T 36 41.96 -40.55 -42.94
CA ILE T 36 41.62 -41.91 -43.34
C ILE T 36 40.42 -42.39 -42.54
N LYS T 37 39.34 -42.69 -43.24
CA LYS T 37 38.13 -43.16 -42.59
C LYS T 37 38.24 -44.66 -42.42
N CYS T 38 38.17 -45.13 -41.18
CA CYS T 38 38.23 -46.57 -40.94
C CYS T 38 36.83 -47.15 -40.75
N ASN T 39 36.78 -48.38 -40.25
CA ASN T 39 35.50 -49.08 -40.05
C ASN T 39 34.66 -48.59 -38.87
N ASP T 40 35.25 -47.78 -37.99
CA ASP T 40 34.51 -47.23 -36.85
C ASP T 40 35.09 -45.89 -36.36
N GLY T 41 35.64 -45.10 -37.28
CA GLY T 41 36.19 -43.82 -36.89
C GLY T 41 37.03 -43.18 -37.98
N VAL T 42 37.94 -42.30 -37.58
CA VAL T 42 38.79 -41.63 -38.54
C VAL T 42 40.14 -41.33 -37.92
N VAL T 43 41.13 -41.13 -38.77
CA VAL T 43 42.47 -40.82 -38.32
C VAL T 43 42.90 -39.58 -39.06
N PHE T 44 43.60 -38.71 -38.37
CA PHE T 44 44.08 -37.49 -38.96
C PHE T 44 45.57 -37.48 -38.75
N ALA T 45 46.30 -36.93 -39.73
CA ALA T 45 47.75 -36.87 -39.65
C ALA T 45 48.27 -35.70 -40.49
N VAL T 46 49.34 -35.07 -40.03
CA VAL T 46 49.88 -33.94 -40.76
C VAL T 46 51.40 -33.84 -40.64
N GLU T 47 52.01 -33.33 -41.70
CA GLU T 47 53.44 -33.13 -41.78
C GLU T 47 53.80 -31.80 -41.13
N LYS T 48 54.85 -31.78 -40.31
CA LYS T 48 55.27 -30.55 -39.65
C LYS T 48 56.72 -30.26 -40.04
N LEU T 49 56.96 -29.18 -40.77
CA LEU T 49 58.32 -28.85 -41.21
C LEU T 49 59.22 -28.26 -40.14
N ILE T 50 60.37 -28.90 -39.93
CA ILE T 50 61.34 -28.46 -38.93
C ILE T 50 62.29 -27.45 -39.55
N THR T 51 61.95 -26.17 -39.42
CA THR T 51 62.76 -25.09 -39.98
C THR T 51 64.19 -25.16 -39.43
N SER T 52 64.32 -25.58 -38.17
CA SER T 52 65.63 -25.69 -37.54
C SER T 52 65.55 -26.54 -36.27
N LYS T 53 66.67 -26.62 -35.55
CA LYS T 53 66.72 -27.40 -34.33
C LYS T 53 66.14 -26.61 -33.16
N LEU T 54 65.94 -25.31 -33.37
CA LEU T 54 65.40 -24.47 -32.32
C LEU T 54 63.93 -24.74 -32.00
N LEU T 55 63.24 -25.38 -32.95
CA LEU T 55 61.83 -25.72 -32.72
C LEU T 55 61.69 -26.79 -31.64
N VAL T 56 60.99 -26.47 -30.57
CA VAL T 56 60.81 -27.48 -29.52
C VAL T 56 60.01 -28.64 -30.11
N PRO T 57 60.56 -29.84 -30.06
CA PRO T 57 59.89 -31.03 -30.60
C PRO T 57 58.58 -31.35 -29.91
N GLN T 58 57.59 -31.73 -30.70
CA GLN T 58 56.26 -32.09 -30.21
C GLN T 58 55.38 -30.93 -29.70
N LYS T 59 55.93 -29.73 -29.62
CA LYS T 59 55.16 -28.59 -29.10
C LYS T 59 54.15 -27.92 -30.03
N ASN T 60 54.63 -27.23 -31.06
CA ASN T 60 53.76 -26.52 -31.98
C ASN T 60 52.70 -27.40 -32.61
N VAL T 61 51.70 -27.82 -31.83
CA VAL T 61 50.64 -28.69 -32.34
C VAL T 61 49.85 -28.03 -33.46
N LYS T 62 49.37 -28.84 -34.40
CA LYS T 62 48.62 -28.30 -35.53
C LYS T 62 47.21 -28.85 -35.69
N ILE T 63 46.98 -30.05 -35.19
CA ILE T 63 45.64 -30.64 -35.30
C ILE T 63 44.77 -30.01 -34.22
N GLN T 64 43.50 -29.79 -34.53
CA GLN T 64 42.61 -29.20 -33.56
C GLN T 64 41.31 -29.98 -33.38
N VAL T 65 40.81 -29.96 -32.16
CA VAL T 65 39.57 -30.65 -31.85
C VAL T 65 38.45 -29.64 -31.70
N VAL T 66 37.30 -29.98 -32.27
CA VAL T 66 36.14 -29.14 -32.17
C VAL T 66 35.20 -29.92 -31.28
N ASP T 67 34.75 -29.29 -30.20
CA ASP T 67 33.87 -29.93 -29.26
C ASP T 67 34.68 -31.02 -28.57
N ARG T 68 34.11 -32.21 -28.49
CA ARG T 68 34.81 -33.30 -27.84
C ARG T 68 35.05 -34.49 -28.79
N HIS T 69 34.27 -34.51 -29.88
CA HIS T 69 34.33 -35.60 -30.86
C HIS T 69 34.75 -35.25 -32.28
N ILE T 70 35.16 -34.03 -32.55
CA ILE T 70 35.51 -33.68 -33.91
C ILE T 70 36.99 -33.33 -34.03
N GLY T 71 37.59 -33.79 -35.13
CA GLY T 71 38.99 -33.49 -35.35
C GLY T 71 39.15 -32.72 -36.63
N CYS T 72 40.00 -31.71 -36.58
CA CYS T 72 40.26 -30.88 -37.75
C CYS T 72 41.73 -30.72 -38.03
N VAL T 73 42.07 -30.76 -39.31
CA VAL T 73 43.44 -30.59 -39.75
C VAL T 73 43.34 -29.85 -41.08
N TYR T 74 44.25 -28.91 -41.28
CA TYR T 74 44.25 -28.12 -42.50
C TYR T 74 45.63 -27.83 -43.05
N SER T 75 45.67 -27.52 -44.35
CA SER T 75 46.90 -27.20 -45.05
C SER T 75 46.76 -25.80 -45.65
N GLY T 76 47.85 -25.04 -45.61
CA GLY T 76 47.80 -23.71 -46.16
C GLY T 76 48.18 -22.65 -45.16
N LEU T 77 47.37 -21.59 -45.09
CA LEU T 77 47.61 -20.50 -44.17
C LEU T 77 47.11 -20.89 -42.78
N ILE T 78 48.05 -21.36 -41.94
CA ILE T 78 47.72 -21.79 -40.60
C ILE T 78 46.73 -20.87 -39.89
N PRO T 79 47.04 -19.58 -39.78
CA PRO T 79 46.11 -18.68 -39.11
C PRO T 79 44.68 -18.78 -39.63
N ASP T 80 44.51 -18.87 -40.96
CA ASP T 80 43.17 -18.99 -41.51
C ASP T 80 42.50 -20.27 -41.01
N GLY T 81 43.31 -21.29 -40.75
CA GLY T 81 42.77 -22.56 -40.27
C GLY T 81 42.20 -22.42 -38.87
N ARG T 82 42.98 -21.82 -37.97
CA ARG T 82 42.54 -21.62 -36.60
C ARG T 82 41.22 -20.85 -36.59
N HIS T 83 41.19 -19.74 -37.33
CA HIS T 83 39.99 -18.91 -37.45
C HIS T 83 38.78 -19.79 -37.80
N LEU T 84 38.94 -20.66 -38.78
CA LEU T 84 37.87 -21.53 -39.18
C LEU T 84 37.47 -22.46 -38.01
N VAL T 85 38.46 -22.95 -37.26
CA VAL T 85 38.17 -23.83 -36.12
C VAL T 85 37.41 -23.05 -35.05
N ASN T 86 37.86 -21.83 -34.76
CA ASN T 86 37.22 -20.99 -33.78
C ASN T 86 35.75 -20.87 -34.10
N ARG T 87 35.46 -20.59 -35.36
CA ARG T 87 34.08 -20.48 -35.80
C ARG T 87 33.41 -21.83 -35.63
N GLY T 88 34.15 -22.88 -35.97
CA GLY T 88 33.59 -24.22 -35.84
C GLY T 88 33.15 -24.50 -34.41
N ARG T 89 34.03 -24.17 -33.47
CA ARG T 89 33.76 -24.39 -32.06
C ARG T 89 32.50 -23.63 -31.61
N GLU T 90 32.35 -22.40 -32.07
CA GLU T 90 31.18 -21.59 -31.74
C GLU T 90 29.94 -22.22 -32.33
N GLU T 91 30.06 -22.60 -33.59
CA GLU T 91 28.96 -23.20 -34.31
C GLU T 91 28.52 -24.47 -33.58
N ALA T 92 29.49 -25.22 -33.05
CA ALA T 92 29.20 -26.45 -32.34
C ALA T 92 28.54 -26.25 -30.98
N ALA T 93 29.02 -25.26 -30.23
CA ALA T 93 28.46 -24.94 -28.91
C ALA T 93 27.01 -24.52 -29.08
N SER T 94 26.76 -23.62 -30.03
CA SER T 94 25.42 -23.14 -30.31
C SER T 94 24.48 -24.32 -30.53
N PHE T 95 24.91 -25.26 -31.37
CA PHE T 95 24.11 -26.43 -31.70
C PHE T 95 23.81 -27.33 -30.50
N LYS T 96 24.83 -27.64 -29.72
CA LYS T 96 24.64 -28.51 -28.55
C LYS T 96 23.80 -27.81 -27.48
N LYS T 97 23.95 -26.49 -27.38
CA LYS T 97 23.20 -25.71 -26.41
C LYS T 97 21.70 -25.78 -26.68
N LEU T 98 21.31 -25.74 -27.94
CA LEU T 98 19.90 -25.77 -28.28
C LEU T 98 19.35 -27.18 -28.39
N TYR T 99 20.13 -28.08 -28.98
CA TYR T 99 19.69 -29.45 -29.20
C TYR T 99 20.15 -30.52 -28.22
N LYS T 100 21.04 -30.15 -27.30
CA LYS T 100 21.55 -31.05 -26.26
C LYS T 100 22.53 -32.08 -26.80
N THR T 101 22.14 -32.75 -27.88
CA THR T 101 23.01 -33.73 -28.50
C THR T 101 24.17 -33.04 -29.22
N PRO T 102 25.40 -33.55 -29.04
CA PRO T 102 26.56 -32.95 -29.71
C PRO T 102 26.36 -33.00 -31.23
N ILE T 103 26.83 -31.94 -31.91
CA ILE T 103 26.66 -31.78 -33.34
C ILE T 103 27.15 -32.90 -34.25
N PRO T 104 26.22 -33.45 -35.07
CA PRO T 104 26.49 -34.53 -36.03
C PRO T 104 27.55 -34.06 -37.02
N ILE T 105 28.46 -34.94 -37.43
CA ILE T 105 29.51 -34.55 -38.35
C ILE T 105 28.99 -33.93 -39.64
N PRO T 106 27.96 -34.53 -40.24
CA PRO T 106 27.45 -33.95 -41.48
C PRO T 106 27.04 -32.49 -41.25
N ALA T 107 26.27 -32.27 -40.18
CA ALA T 107 25.81 -30.93 -39.84
C ALA T 107 26.99 -30.01 -39.63
N PHE T 108 27.97 -30.46 -38.85
CA PHE T 108 29.15 -29.64 -38.57
C PHE T 108 29.86 -29.21 -39.84
N ALA T 109 29.82 -30.09 -40.84
CA ALA T 109 30.49 -29.79 -42.09
C ALA T 109 29.77 -28.66 -42.80
N ASP T 110 28.45 -28.71 -42.85
CA ASP T 110 27.70 -27.67 -43.52
C ASP T 110 27.92 -26.32 -42.84
N ARG T 111 28.05 -26.34 -41.52
CA ARG T 111 28.28 -25.12 -40.77
C ARG T 111 29.57 -24.50 -41.28
N LEU T 112 30.64 -25.29 -41.34
CA LEU T 112 31.91 -24.80 -41.84
C LEU T 112 31.77 -24.43 -43.30
N GLY T 113 31.03 -25.25 -44.03
CA GLY T 113 30.82 -25.03 -45.45
C GLY T 113 30.16 -23.71 -45.77
N GLN T 114 28.98 -23.50 -45.19
CA GLN T 114 28.23 -22.26 -45.38
C GLN T 114 29.06 -21.03 -45.00
N TYR T 115 29.81 -21.12 -43.91
CA TYR T 115 30.66 -20.02 -43.44
C TYR T 115 31.79 -19.72 -44.42
N VAL T 116 32.44 -20.77 -44.93
CA VAL T 116 33.53 -20.54 -45.87
C VAL T 116 32.95 -19.99 -47.18
N GLN T 117 31.86 -20.58 -47.65
CA GLN T 117 31.21 -20.14 -48.87
C GLN T 117 30.91 -18.65 -48.77
N ALA T 118 30.53 -18.26 -47.56
CA ALA T 118 30.21 -16.88 -47.28
C ALA T 118 31.33 -15.95 -47.66
N HIS T 119 32.58 -16.33 -47.39
CA HIS T 119 33.71 -15.48 -47.72
C HIS T 119 34.06 -15.43 -49.20
N THR T 120 33.09 -15.73 -50.05
CA THR T 120 33.26 -15.69 -51.49
C THR T 120 32.10 -14.92 -52.11
N LEU T 121 31.34 -14.22 -51.27
CA LEU T 121 30.18 -13.46 -51.70
C LEU T 121 30.40 -11.96 -51.80
N TYR T 122 31.39 -11.43 -51.09
CA TYR T 122 31.66 -10.00 -51.06
C TYR T 122 33.11 -9.71 -51.35
N ASN T 123 33.38 -8.57 -51.97
CA ASN T 123 34.76 -8.21 -52.28
C ASN T 123 35.39 -7.53 -51.08
N SER T 124 34.63 -7.45 -50.00
CA SER T 124 35.13 -6.82 -48.79
C SER T 124 35.87 -7.84 -47.91
N VAL T 125 35.92 -9.09 -48.35
CA VAL T 125 36.63 -10.11 -47.60
C VAL T 125 37.43 -11.01 -48.51
N ARG T 126 38.42 -11.67 -47.91
CA ARG T 126 39.31 -12.58 -48.61
C ARG T 126 38.86 -14.02 -48.36
N PRO T 127 39.05 -14.89 -49.35
CA PRO T 127 38.65 -16.30 -49.17
C PRO T 127 39.60 -16.98 -48.20
N PHE T 128 39.24 -18.17 -47.74
CA PHE T 128 40.09 -18.89 -46.81
C PHE T 128 41.25 -19.58 -47.49
N GLY T 129 42.45 -19.26 -47.02
CA GLY T 129 43.65 -19.86 -47.57
C GLY T 129 43.98 -21.25 -47.06
N VAL T 130 42.97 -22.11 -46.92
CA VAL T 130 43.21 -23.45 -46.42
C VAL T 130 42.17 -24.46 -46.85
N SER T 131 42.57 -25.72 -46.84
CA SER T 131 41.69 -26.84 -47.14
C SER T 131 41.66 -27.53 -45.80
N THR T 132 40.52 -28.10 -45.44
CA THR T 132 40.42 -28.73 -44.15
C THR T 132 39.87 -30.15 -44.22
N ILE T 133 40.58 -31.06 -43.55
CA ILE T 133 40.15 -32.44 -43.48
C ILE T 133 39.67 -32.57 -42.05
N PHE T 134 38.44 -33.01 -41.87
CA PHE T 134 37.90 -33.11 -40.53
C PHE T 134 36.85 -34.21 -40.48
N GLY T 135 36.55 -34.66 -39.27
CA GLY T 135 35.56 -35.71 -39.11
C GLY T 135 35.42 -36.14 -37.67
N GLY T 136 34.64 -37.19 -37.47
CA GLY T 136 34.42 -37.70 -36.13
C GLY T 136 33.37 -38.78 -36.17
N VAL T 137 32.91 -39.20 -34.99
CA VAL T 137 31.91 -40.26 -34.87
C VAL T 137 30.60 -39.72 -34.32
N ASP T 138 29.47 -40.20 -34.81
CA ASP T 138 28.20 -39.72 -34.29
C ASP T 138 27.11 -40.78 -34.22
N LYS T 139 25.89 -40.34 -33.92
CA LYS T 139 24.73 -41.23 -33.79
C LYS T 139 24.74 -42.36 -34.79
N ASN T 140 25.22 -42.11 -35.99
CA ASN T 140 25.25 -43.17 -36.98
C ASN T 140 26.51 -43.21 -37.82
N GLY T 141 27.57 -43.78 -37.24
CA GLY T 141 28.81 -43.93 -37.96
C GLY T 141 29.89 -42.89 -37.85
N ALA T 142 30.93 -43.12 -38.65
CA ALA T 142 32.09 -42.26 -38.72
C ALA T 142 31.93 -41.46 -40.01
N HIS T 143 32.52 -40.27 -40.04
CA HIS T 143 32.42 -39.44 -41.22
C HIS T 143 33.73 -38.69 -41.41
N LEU T 144 34.19 -38.62 -42.65
CA LEU T 144 35.42 -37.90 -43.00
C LEU T 144 35.07 -36.83 -44.04
N TYR T 145 35.62 -35.64 -43.87
CA TYR T 145 35.32 -34.54 -44.78
C TYR T 145 36.52 -33.68 -45.13
N MET T 146 36.43 -33.03 -46.28
CA MET T 146 37.47 -32.12 -46.73
C MET T 146 36.78 -30.91 -47.35
N LEU T 147 37.20 -29.72 -46.91
CA LEU T 147 36.63 -28.45 -47.34
C LEU T 147 37.59 -27.58 -48.13
N GLU T 148 37.13 -27.10 -49.28
CA GLU T 148 37.95 -26.25 -50.16
C GLU T 148 37.63 -24.76 -49.94
N PRO T 149 38.58 -23.88 -50.27
CA PRO T 149 38.37 -22.43 -50.09
C PRO T 149 37.10 -21.93 -50.78
N SER T 150 36.65 -22.65 -51.79
CA SER T 150 35.44 -22.29 -52.52
C SER T 150 34.23 -22.62 -51.64
N GLY T 151 34.51 -23.21 -50.49
CA GLY T 151 33.44 -23.58 -49.58
C GLY T 151 32.87 -24.93 -49.95
N SER T 152 33.43 -25.56 -50.99
CA SER T 152 32.95 -26.88 -51.39
C SER T 152 33.53 -27.98 -50.50
N TYR T 153 32.75 -29.05 -50.32
CA TYR T 153 33.18 -30.15 -49.47
C TYR T 153 32.36 -31.40 -49.76
N TRP T 154 32.94 -32.56 -49.43
CA TRP T 154 32.25 -33.83 -49.63
C TRP T 154 32.73 -34.85 -48.59
N GLY T 155 32.03 -35.98 -48.54
CA GLY T 155 32.40 -37.05 -47.64
C GLY T 155 33.49 -37.85 -48.32
N TYR T 156 34.45 -38.36 -47.56
CA TYR T 156 35.55 -39.13 -48.14
C TYR T 156 35.86 -40.43 -47.45
N LYS T 157 36.48 -41.33 -48.22
CA LYS T 157 36.92 -42.63 -47.73
C LYS T 157 38.30 -42.29 -47.19
N GLY T 158 38.98 -41.44 -47.93
CA GLY T 158 40.30 -40.99 -47.54
C GLY T 158 40.44 -39.64 -48.18
N ALA T 159 41.27 -38.77 -47.62
CA ALA T 159 41.44 -37.44 -48.17
C ALA T 159 42.79 -36.88 -47.82
N ALA T 160 43.28 -36.02 -48.69
CA ALA T 160 44.59 -35.42 -48.48
C ALA T 160 44.65 -34.11 -49.23
N THR T 161 45.54 -33.24 -48.77
CA THR T 161 45.71 -31.94 -49.39
C THR T 161 47.06 -31.37 -48.97
N GLY T 162 47.56 -30.44 -49.75
CA GLY T 162 48.86 -29.84 -49.44
C GLY T 162 49.88 -30.17 -50.51
N LYS T 163 51.14 -29.84 -50.23
CA LYS T 163 52.26 -30.10 -51.15
C LYS T 163 52.29 -31.51 -51.72
N GLY T 164 52.28 -32.52 -50.84
CA GLY T 164 52.32 -33.90 -51.28
C GLY T 164 50.98 -34.57 -51.51
N ARG T 165 49.98 -33.75 -51.83
CA ARG T 165 48.63 -34.24 -52.04
C ARG T 165 48.43 -35.40 -53.03
N GLN T 166 49.21 -35.42 -54.10
CA GLN T 166 49.07 -36.47 -55.13
C GLN T 166 49.61 -37.82 -54.69
N SER T 167 50.76 -37.81 -54.01
CA SER T 167 51.36 -39.05 -53.50
C SER T 167 50.31 -39.71 -52.62
N ALA T 168 49.84 -38.91 -51.67
CA ALA T 168 48.84 -39.36 -50.72
C ALA T 168 47.66 -39.98 -51.45
N LYS T 169 46.93 -39.17 -52.20
CA LYS T 169 45.76 -39.67 -52.93
C LYS T 169 46.03 -41.02 -53.58
N ALA T 170 47.21 -41.15 -54.20
CA ALA T 170 47.59 -42.40 -54.84
C ALA T 170 47.57 -43.50 -53.77
N GLU T 171 48.42 -43.33 -52.77
CA GLU T 171 48.52 -44.26 -51.66
C GLU T 171 47.15 -44.60 -51.09
N LEU T 172 46.29 -43.60 -51.03
CA LEU T 172 44.95 -43.77 -50.50
C LEU T 172 44.10 -44.63 -51.42
N GLU T 173 44.14 -44.35 -52.72
CA GLU T 173 43.34 -45.13 -53.67
C GLU T 173 43.72 -46.60 -53.55
N LYS T 174 45.00 -46.86 -53.29
CA LYS T 174 45.48 -48.23 -53.14
C LYS T 174 44.74 -48.87 -51.98
N LEU T 175 44.89 -48.26 -50.80
CA LEU T 175 44.23 -48.73 -49.58
C LEU T 175 42.75 -48.99 -49.80
N VAL T 176 42.10 -48.14 -50.60
CA VAL T 176 40.67 -48.28 -50.85
C VAL T 176 40.31 -49.54 -51.63
N ASP T 177 41.12 -49.87 -52.63
CA ASP T 177 40.88 -51.05 -53.42
C ASP T 177 41.21 -52.32 -52.67
N HIS T 178 42.39 -52.34 -52.03
CA HIS T 178 42.86 -53.50 -51.28
C HIS T 178 42.09 -53.80 -49.99
N HIS T 179 41.16 -52.93 -49.62
CA HIS T 179 40.38 -53.15 -48.40
C HIS T 179 38.94 -52.70 -48.57
N PRO T 180 38.16 -53.44 -49.37
CA PRO T 180 36.75 -53.12 -49.62
C PRO T 180 35.87 -53.35 -48.39
N GLU T 181 36.42 -54.07 -47.41
CA GLU T 181 35.72 -54.39 -46.18
C GLU T 181 35.96 -53.31 -45.12
N GLY T 182 36.94 -52.45 -45.36
CA GLY T 182 37.23 -51.38 -44.43
C GLY T 182 38.40 -51.61 -43.49
N LEU T 183 39.37 -50.71 -43.53
CA LEU T 183 40.55 -50.77 -42.68
C LEU T 183 40.13 -50.66 -41.21
N SER T 184 41.09 -50.71 -40.29
CA SER T 184 40.73 -50.61 -38.88
C SER T 184 41.38 -49.39 -38.26
N ALA T 185 40.88 -48.99 -37.09
CA ALA T 185 41.41 -47.84 -36.38
C ALA T 185 42.91 -48.04 -36.23
N ARG T 186 43.27 -49.14 -35.57
CA ARG T 186 44.66 -49.51 -35.32
C ARG T 186 45.49 -49.45 -36.60
N GLU T 187 44.97 -50.08 -37.64
CA GLU T 187 45.62 -50.13 -38.96
C GLU T 187 45.87 -48.76 -39.56
N ALA T 188 44.78 -48.00 -39.71
CA ALA T 188 44.81 -46.65 -40.28
C ALA T 188 45.85 -45.76 -39.65
N VAL T 189 46.06 -45.91 -38.35
CA VAL T 189 47.04 -45.10 -37.64
C VAL T 189 48.44 -45.22 -38.24
N LYS T 190 48.87 -46.46 -38.47
CA LYS T 190 50.19 -46.72 -39.05
C LYS T 190 50.13 -46.34 -40.52
N GLN T 191 49.09 -46.84 -41.19
CA GLN T 191 48.85 -46.61 -42.60
C GLN T 191 49.01 -45.11 -42.90
N ALA T 192 48.43 -44.29 -42.05
CA ALA T 192 48.51 -42.84 -42.22
C ALA T 192 49.94 -42.39 -41.98
N ALA T 193 50.61 -43.01 -41.00
CA ALA T 193 51.99 -42.67 -40.68
C ALA T 193 52.87 -42.89 -41.90
N LYS T 194 52.49 -43.87 -42.70
CA LYS T 194 53.21 -44.20 -43.91
C LYS T 194 52.96 -43.12 -44.95
N ILE T 195 51.70 -43.00 -45.37
CA ILE T 195 51.31 -42.04 -46.40
C ILE T 195 51.90 -40.63 -46.21
N ILE T 196 52.20 -40.24 -44.98
CA ILE T 196 52.78 -38.93 -44.75
C ILE T 196 54.27 -39.02 -45.03
N TYR T 197 54.86 -40.15 -44.64
CA TYR T 197 56.28 -40.37 -44.86
C TYR T 197 56.56 -40.34 -46.36
N LEU T 198 55.69 -40.98 -47.14
CA LEU T 198 55.85 -40.99 -48.59
C LEU T 198 55.61 -39.58 -49.10
N ALA T 199 54.41 -39.08 -48.87
CA ALA T 199 54.04 -37.74 -49.30
C ALA T 199 55.07 -36.68 -48.89
N HIS T 200 55.96 -37.01 -47.96
CA HIS T 200 56.97 -36.05 -47.52
C HIS T 200 58.07 -35.85 -48.56
N GLU T 201 58.20 -36.80 -49.49
CA GLU T 201 59.22 -36.73 -50.53
C GLU T 201 59.20 -35.40 -51.29
N ASP T 202 58.00 -34.91 -51.58
CA ASP T 202 57.82 -33.66 -52.29
C ASP T 202 58.28 -32.49 -51.41
N ASN T 203 58.99 -32.81 -50.33
CA ASN T 203 59.47 -31.80 -49.40
C ASN T 203 60.71 -32.33 -48.66
N LYS T 204 61.27 -33.42 -49.18
CA LYS T 204 62.43 -34.09 -48.60
C LYS T 204 63.64 -33.22 -48.23
N GLU T 205 63.60 -31.95 -48.64
CA GLU T 205 64.70 -31.03 -48.36
C GLU T 205 64.82 -30.62 -46.89
N LYS T 206 63.68 -30.58 -46.18
CA LYS T 206 63.68 -30.20 -44.78
C LYS T 206 63.26 -31.39 -43.91
N ASP T 207 63.74 -31.40 -42.68
CA ASP T 207 63.40 -32.47 -41.74
C ASP T 207 61.99 -32.17 -41.22
N PHE T 208 61.26 -33.20 -40.81
CA PHE T 208 59.90 -32.98 -40.32
C PHE T 208 59.54 -33.72 -39.03
N GLU T 209 58.28 -33.58 -38.62
CA GLU T 209 57.75 -34.22 -37.42
C GLU T 209 56.32 -34.71 -37.72
N LEU T 210 56.05 -35.97 -37.42
CA LEU T 210 54.73 -36.52 -37.68
C LEU T 210 53.75 -36.23 -36.56
N GLU T 211 52.48 -36.06 -36.92
CA GLU T 211 51.44 -35.80 -35.93
C GLU T 211 50.21 -36.57 -36.38
N ILE T 212 49.69 -37.39 -35.50
CA ILE T 212 48.50 -38.20 -35.80
C ILE T 212 47.49 -38.11 -34.68
N SER T 213 46.21 -38.24 -35.04
CA SER T 213 45.14 -38.20 -34.06
C SER T 213 44.04 -39.13 -34.58
N TRP T 214 43.13 -39.53 -33.70
CA TRP T 214 42.08 -40.41 -34.14
C TRP T 214 40.83 -40.32 -33.29
N CYS T 215 39.76 -40.87 -33.85
CA CYS T 215 38.47 -40.86 -33.23
C CYS T 215 37.87 -42.21 -33.61
N SER T 216 37.79 -43.12 -32.65
CA SER T 216 37.26 -44.46 -32.88
C SER T 216 36.29 -44.89 -31.81
N LEU T 217 35.13 -45.34 -32.26
CA LEU T 217 34.07 -45.79 -31.38
C LEU T 217 34.60 -46.81 -30.37
N SER T 218 35.52 -47.66 -30.82
CA SER T 218 36.07 -48.70 -29.98
C SER T 218 37.44 -48.38 -29.38
N GLU T 219 38.25 -47.60 -30.07
CA GLU T 219 39.57 -47.31 -29.54
C GLU T 219 39.68 -46.04 -28.68
N THR T 220 38.72 -45.12 -28.83
CA THR T 220 38.75 -43.87 -28.07
C THR T 220 37.40 -43.54 -27.45
N ASN T 221 36.42 -44.41 -27.70
CA ASN T 221 35.08 -44.20 -27.17
C ASN T 221 34.35 -43.09 -27.90
N GLY T 222 34.72 -42.86 -29.14
CA GLY T 222 34.04 -41.83 -29.91
C GLY T 222 34.60 -40.46 -29.68
N LEU T 223 35.60 -40.35 -28.83
CA LEU T 223 36.19 -39.04 -28.55
C LEU T 223 37.45 -38.86 -29.38
N HIS T 224 37.75 -37.63 -29.73
CA HIS T 224 38.94 -37.36 -30.52
C HIS T 224 40.17 -37.28 -29.61
N LYS T 225 41.15 -38.14 -29.87
CA LYS T 225 42.36 -38.14 -29.07
C LYS T 225 43.62 -38.15 -29.95
N PHE T 226 44.72 -37.69 -29.36
CA PHE T 226 46.01 -37.65 -30.05
C PHE T 226 46.76 -38.97 -29.87
N VAL T 227 47.48 -39.37 -30.92
CA VAL T 227 48.25 -40.59 -30.84
C VAL T 227 49.61 -40.15 -30.27
N LYS T 228 49.87 -40.55 -29.03
CA LYS T 228 51.11 -40.18 -28.34
C LYS T 228 51.89 -41.42 -27.86
N GLY T 229 53.13 -41.20 -27.46
CA GLY T 229 53.97 -42.27 -26.95
C GLY T 229 54.14 -43.55 -27.75
N ASP T 230 53.92 -44.68 -27.09
CA ASP T 230 54.06 -46.00 -27.72
C ASP T 230 53.37 -46.16 -29.06
N LEU T 231 52.04 -46.08 -29.06
CA LEU T 231 51.29 -46.24 -30.29
C LEU T 231 51.80 -45.32 -31.39
N LEU T 232 52.35 -44.18 -30.99
CA LEU T 232 52.89 -43.22 -31.95
C LEU T 232 54.19 -43.76 -32.53
N GLN T 233 55.17 -44.00 -31.64
CA GLN T 233 56.47 -44.52 -32.03
C GLN T 233 56.35 -45.80 -32.87
N GLU T 234 55.41 -46.67 -32.49
CA GLU T 234 55.16 -47.91 -33.21
C GLU T 234 54.79 -47.67 -34.68
N ALA T 235 54.02 -46.62 -34.95
CA ALA T 235 53.61 -46.30 -36.32
C ALA T 235 54.68 -45.49 -37.04
N ILE T 236 55.60 -44.90 -36.28
CA ILE T 236 56.68 -44.13 -36.89
C ILE T 236 57.70 -45.15 -37.39
N ASP T 237 57.79 -46.28 -36.68
CA ASP T 237 58.70 -47.33 -37.07
C ASP T 237 58.13 -47.97 -38.32
N PHE T 238 56.85 -48.34 -38.29
CA PHE T 238 56.18 -48.96 -39.42
C PHE T 238 56.38 -48.15 -40.70
N ALA T 239 56.57 -46.85 -40.54
CA ALA T 239 56.77 -45.96 -41.69
C ALA T 239 58.23 -46.04 -42.14
N GLN T 240 59.15 -45.76 -41.23
CA GLN T 240 60.58 -45.80 -41.52
C GLN T 240 61.01 -47.14 -42.09
N LYS T 241 60.16 -48.14 -41.95
CA LYS T 241 60.45 -49.48 -42.47
C LYS T 241 60.01 -49.64 -43.92
N GLU T 242 58.76 -49.26 -44.21
CA GLU T 242 58.25 -49.39 -45.56
C GLU T 242 58.65 -48.23 -46.48
N ILE T 243 59.45 -47.31 -45.97
CA ILE T 243 59.93 -46.18 -46.77
C ILE T 243 61.19 -46.68 -47.49
N ASN T 244 61.68 -47.84 -47.05
CA ASN T 244 62.85 -48.50 -47.64
C ASN T 244 62.41 -49.90 -48.09
N ALA U 1 35.77 2.67 -66.29
CA ALA U 1 34.81 2.34 -67.40
C ALA U 1 34.59 0.82 -67.52
N GLY U 2 35.69 0.08 -67.68
CA GLY U 2 35.61 -1.37 -67.81
C GLY U 2 35.05 -2.08 -66.59
N TYR U 3 34.75 -1.31 -65.53
CA TYR U 3 34.21 -1.87 -64.31
C TYR U 3 32.75 -2.23 -64.44
N ASP U 4 32.09 -1.80 -65.51
CA ASP U 4 30.69 -2.13 -65.68
C ASP U 4 30.56 -3.60 -66.02
N ARG U 5 31.62 -4.35 -65.81
CA ARG U 5 31.62 -5.77 -66.08
C ARG U 5 31.98 -6.56 -64.85
N HIS U 6 32.31 -5.84 -63.78
CA HIS U 6 32.68 -6.47 -62.52
C HIS U 6 31.55 -6.44 -61.51
N ILE U 7 30.76 -5.37 -61.52
CA ILE U 7 29.64 -5.25 -60.62
C ILE U 7 28.37 -5.21 -61.45
N THR U 8 27.22 -5.36 -60.80
CA THR U 8 25.97 -5.38 -61.53
C THR U 8 25.37 -4.03 -61.90
N ILE U 9 26.09 -3.25 -62.68
CA ILE U 9 25.57 -1.98 -63.14
C ILE U 9 25.31 -2.22 -64.63
N PHE U 10 24.72 -1.26 -65.32
CA PHE U 10 24.44 -1.48 -66.73
C PHE U 10 25.60 -1.26 -67.68
N SER U 11 25.61 -2.04 -68.76
CA SER U 11 26.64 -1.89 -69.79
C SER U 11 25.95 -0.90 -70.72
N PRO U 12 26.72 -0.21 -71.57
CA PRO U 12 26.06 0.75 -72.47
C PRO U 12 24.96 0.14 -73.33
N GLU U 13 24.96 -1.18 -73.46
CA GLU U 13 23.94 -1.87 -74.25
C GLU U 13 22.76 -2.20 -73.35
N GLY U 14 22.89 -1.84 -72.08
CA GLY U 14 21.83 -2.11 -71.11
C GLY U 14 21.85 -3.56 -70.67
N ARG U 15 23.05 -4.09 -70.47
CA ARG U 15 23.20 -5.48 -70.07
C ARG U 15 23.94 -5.61 -68.74
N LEU U 16 23.80 -6.77 -68.12
CA LEU U 16 24.44 -7.03 -66.84
C LEU U 16 25.38 -8.24 -66.99
N TYR U 17 26.63 -7.98 -67.35
CA TYR U 17 27.59 -9.05 -67.55
C TYR U 17 27.75 -10.02 -66.40
N GLN U 18 27.83 -9.50 -65.19
CA GLN U 18 27.99 -10.38 -64.04
C GLN U 18 26.88 -11.40 -63.97
N VAL U 19 25.69 -11.04 -64.41
CA VAL U 19 24.56 -11.96 -64.38
C VAL U 19 24.78 -13.02 -65.44
N GLU U 20 25.33 -12.61 -66.57
CA GLU U 20 25.58 -13.51 -67.66
C GLU U 20 26.61 -14.54 -67.23
N TYR U 21 27.77 -14.06 -66.83
CA TYR U 21 28.85 -14.94 -66.39
C TYR U 21 28.36 -15.88 -65.29
N ALA U 22 27.40 -15.43 -64.49
CA ALA U 22 26.86 -16.25 -63.43
C ALA U 22 26.11 -17.40 -64.08
N PHE U 23 25.41 -17.10 -65.16
CA PHE U 23 24.68 -18.15 -65.87
C PHE U 23 25.71 -19.16 -66.35
N LYS U 24 26.87 -18.65 -66.74
CA LYS U 24 27.94 -19.52 -67.22
C LYS U 24 28.31 -20.52 -66.13
N ALA U 25 28.56 -20.02 -64.93
CA ALA U 25 28.93 -20.89 -63.82
C ALA U 25 27.97 -22.06 -63.59
N THR U 26 26.69 -21.89 -63.93
CA THR U 26 25.73 -22.98 -63.72
C THR U 26 26.09 -24.28 -64.41
N ASN U 27 26.89 -24.21 -65.46
CA ASN U 27 27.27 -25.42 -66.18
C ASN U 27 28.60 -26.00 -65.72
N GLN U 28 29.30 -25.28 -64.86
CA GLN U 28 30.61 -25.70 -64.35
C GLN U 28 30.68 -27.17 -63.93
N THR U 29 29.55 -27.71 -63.46
CA THR U 29 29.50 -29.09 -63.00
C THR U 29 29.38 -30.08 -64.15
N ASN U 30 28.91 -29.60 -65.29
CA ASN U 30 28.74 -30.45 -66.45
C ASN U 30 27.75 -31.55 -66.12
N ILE U 31 26.62 -31.18 -65.53
CA ILE U 31 25.61 -32.13 -65.17
C ILE U 31 24.26 -31.70 -65.75
N ASN U 32 23.51 -32.67 -66.26
CA ASN U 32 22.20 -32.37 -66.83
C ASN U 32 21.12 -32.96 -65.94
N SER U 33 19.96 -32.31 -65.91
CA SER U 33 18.83 -32.80 -65.12
C SER U 33 17.53 -32.43 -65.83
N LEU U 34 16.44 -33.07 -65.42
CA LEU U 34 15.18 -32.78 -66.05
C LEU U 34 14.07 -33.13 -65.09
N ALA U 35 12.89 -32.56 -65.32
CA ALA U 35 11.78 -32.84 -64.46
C ALA U 35 10.53 -33.02 -65.30
N VAL U 36 9.68 -33.95 -64.90
CA VAL U 36 8.46 -34.21 -65.62
C VAL U 36 7.35 -34.35 -64.62
N ARG U 37 6.12 -34.13 -65.08
CA ARG U 37 4.98 -34.23 -64.20
C ARG U 37 4.12 -35.44 -64.48
N GLY U 38 3.86 -36.20 -63.42
CA GLY U 38 3.02 -37.37 -63.53
C GLY U 38 1.56 -36.95 -63.49
N LYS U 39 0.67 -37.90 -63.23
CA LYS U 39 -0.75 -37.61 -63.16
C LYS U 39 -0.99 -37.04 -61.77
N ASP U 40 -0.14 -37.45 -60.83
CA ASP U 40 -0.24 -37.04 -59.43
C ASP U 40 1.11 -37.09 -58.72
N CYS U 41 2.18 -36.80 -59.44
CA CYS U 41 3.52 -36.80 -58.86
C CYS U 41 4.46 -35.98 -59.72
N THR U 42 5.64 -35.68 -59.21
CA THR U 42 6.61 -34.91 -59.98
C THR U 42 7.96 -35.60 -59.80
N VAL U 43 8.64 -35.81 -60.92
CA VAL U 43 9.92 -36.49 -60.90
C VAL U 43 11.04 -35.66 -61.50
N VAL U 44 12.22 -35.75 -60.89
CA VAL U 44 13.38 -35.02 -61.39
C VAL U 44 14.55 -35.98 -61.47
N ILE U 45 15.12 -36.09 -62.66
CA ILE U 45 16.28 -36.94 -62.87
C ILE U 45 17.46 -36.01 -62.97
N SER U 46 18.60 -36.45 -62.48
CA SER U 46 19.77 -35.63 -62.55
C SER U 46 20.93 -36.59 -62.65
N GLN U 47 21.94 -36.22 -63.40
CA GLN U 47 23.09 -37.08 -63.57
C GLN U 47 23.92 -37.06 -62.29
N LYS U 48 24.45 -38.22 -61.93
CA LYS U 48 25.30 -38.30 -60.75
C LYS U 48 26.66 -38.72 -61.28
N LYS U 49 27.64 -37.86 -61.12
CA LYS U 49 28.98 -38.16 -61.60
C LYS U 49 30.00 -38.05 -60.48
N VAL U 50 30.68 -39.15 -60.18
CA VAL U 50 31.68 -39.17 -59.12
C VAL U 50 33.05 -39.48 -59.70
N PRO U 51 33.90 -38.46 -59.88
CA PRO U 51 35.24 -38.69 -60.43
C PRO U 51 36.20 -39.37 -59.45
N ASP U 52 36.67 -38.62 -58.46
CA ASP U 52 37.59 -39.14 -57.46
C ASP U 52 37.08 -40.45 -56.85
N LYS U 53 37.97 -41.43 -56.69
CA LYS U 53 37.59 -42.73 -56.11
C LYS U 53 37.51 -42.64 -54.60
N LEU U 54 38.26 -41.69 -54.03
CA LEU U 54 38.31 -41.44 -52.60
C LEU U 54 37.07 -40.75 -52.02
N LEU U 55 36.13 -40.40 -52.88
CA LEU U 55 34.91 -39.75 -52.45
C LEU U 55 33.91 -40.76 -51.93
N ASP U 56 33.12 -40.34 -50.95
CA ASP U 56 32.08 -41.17 -50.41
C ASP U 56 30.87 -40.87 -51.28
N PRO U 57 30.57 -41.76 -52.24
CA PRO U 57 29.46 -41.65 -53.20
C PRO U 57 28.13 -41.18 -52.64
N THR U 58 27.83 -41.57 -51.40
CA THR U 58 26.57 -41.20 -50.79
C THR U 58 26.43 -39.70 -50.48
N THR U 59 27.55 -39.00 -50.34
CA THR U 59 27.52 -37.59 -50.03
C THR U 59 27.55 -36.69 -51.25
N VAL U 60 27.62 -37.27 -52.44
CA VAL U 60 27.65 -36.46 -53.65
C VAL U 60 26.28 -36.32 -54.29
N SER U 61 25.54 -35.31 -53.85
CA SER U 61 24.21 -35.07 -54.39
C SER U 61 23.94 -33.61 -54.67
N TYR U 62 23.07 -33.36 -55.65
CA TYR U 62 22.68 -32.01 -56.00
C TYR U 62 21.16 -31.93 -55.92
N ILE U 63 20.56 -32.94 -55.30
CA ILE U 63 19.12 -32.99 -55.10
C ILE U 63 18.92 -32.64 -53.64
N PHE U 64 17.91 -31.82 -53.35
CA PHE U 64 17.65 -31.41 -51.96
C PHE U 64 16.21 -31.58 -51.48
N CYS U 65 16.07 -31.78 -50.18
CA CYS U 65 14.76 -31.91 -49.56
C CYS U 65 14.56 -30.61 -48.76
N ILE U 66 13.81 -29.67 -49.32
CA ILE U 66 13.58 -28.38 -48.70
C ILE U 66 12.54 -28.50 -47.57
N SER U 67 11.45 -29.18 -47.86
CA SER U 67 10.41 -29.38 -46.85
C SER U 67 9.79 -30.74 -47.08
N ARG U 68 8.94 -31.16 -46.15
CA ARG U 68 8.30 -32.44 -46.30
C ARG U 68 7.70 -32.54 -47.71
N THR U 69 7.28 -31.42 -48.27
CA THR U 69 6.65 -31.41 -49.60
C THR U 69 7.46 -30.88 -50.78
N ILE U 70 8.30 -29.86 -50.57
CA ILE U 70 9.10 -29.29 -51.66
C ILE U 70 10.47 -29.96 -51.83
N GLY U 71 10.79 -30.29 -53.08
CA GLY U 71 12.07 -30.88 -53.43
C GLY U 71 12.77 -29.93 -54.40
N MET U 72 14.08 -29.81 -54.30
CA MET U 72 14.81 -28.91 -55.18
C MET U 72 16.12 -29.47 -55.70
N VAL U 73 16.32 -29.37 -57.01
CA VAL U 73 17.55 -29.83 -57.65
C VAL U 73 18.34 -28.61 -58.14
N VAL U 74 19.66 -28.64 -57.98
CA VAL U 74 20.48 -27.50 -58.37
C VAL U 74 21.50 -27.78 -59.45
N ASN U 75 21.53 -26.89 -60.44
CA ASN U 75 22.50 -26.98 -61.53
C ASN U 75 23.51 -25.87 -61.30
N GLY U 76 24.67 -26.22 -60.79
CA GLY U 76 25.71 -25.23 -60.55
C GLY U 76 26.64 -25.72 -59.46
N PRO U 77 27.67 -24.96 -59.11
CA PRO U 77 28.66 -25.30 -58.08
C PRO U 77 27.98 -25.76 -56.78
N ILE U 78 28.62 -26.64 -56.04
CA ILE U 78 28.00 -27.12 -54.82
C ILE U 78 27.88 -26.08 -53.72
N PRO U 79 28.92 -25.25 -53.49
CA PRO U 79 28.78 -24.26 -52.42
C PRO U 79 27.58 -23.33 -52.60
N ASP U 80 27.42 -22.76 -53.80
CA ASP U 80 26.29 -21.87 -54.05
C ASP U 80 25.00 -22.67 -53.94
N ALA U 81 24.99 -23.87 -54.48
CA ALA U 81 23.80 -24.72 -54.42
C ALA U 81 23.37 -24.92 -52.97
N ARG U 82 24.33 -25.19 -52.09
CA ARG U 82 24.04 -25.41 -50.67
C ARG U 82 23.58 -24.13 -49.96
N ASN U 83 24.14 -23.00 -50.38
CA ASN U 83 23.75 -21.70 -49.84
C ASN U 83 22.26 -21.51 -50.18
N ALA U 84 21.90 -21.75 -51.43
CA ALA U 84 20.54 -21.62 -51.89
C ALA U 84 19.62 -22.61 -51.20
N ALA U 85 20.12 -23.81 -50.96
CA ALA U 85 19.34 -24.87 -50.31
C ALA U 85 19.01 -24.53 -48.86
N LEU U 86 19.98 -24.01 -48.13
CA LEU U 86 19.76 -23.65 -46.74
C LEU U 86 18.71 -22.55 -46.62
N ARG U 87 18.94 -21.46 -47.36
CA ARG U 87 18.02 -20.34 -47.36
C ARG U 87 16.61 -20.80 -47.68
N ALA U 88 16.50 -21.65 -48.70
CA ALA U 88 15.19 -22.14 -49.08
C ALA U 88 14.50 -22.92 -47.97
N LYS U 89 15.26 -23.75 -47.26
CA LYS U 89 14.71 -24.55 -46.16
C LYS U 89 14.23 -23.65 -45.03
N ALA U 90 15.03 -22.62 -44.73
CA ALA U 90 14.71 -21.64 -43.69
C ALA U 90 13.42 -20.92 -44.07
N GLU U 91 13.39 -20.42 -45.30
CA GLU U 91 12.23 -19.69 -45.81
C GLU U 91 10.96 -20.53 -45.72
N ALA U 92 11.06 -21.81 -46.04
CA ALA U 92 9.90 -22.68 -46.02
C ALA U 92 9.44 -23.02 -44.63
N ALA U 93 10.38 -23.01 -43.68
CA ALA U 93 10.03 -23.32 -42.30
C ALA U 93 9.33 -22.10 -41.69
N GLU U 94 9.92 -20.93 -41.92
CA GLU U 94 9.37 -19.69 -41.41
C GLU U 94 7.98 -19.43 -41.97
N PHE U 95 7.80 -19.65 -43.27
CA PHE U 95 6.50 -19.44 -43.88
C PHE U 95 5.43 -20.23 -43.14
N ARG U 96 5.73 -21.47 -42.79
CA ARG U 96 4.77 -22.31 -42.08
C ARG U 96 4.38 -21.68 -40.74
N TYR U 97 5.40 -21.29 -39.98
CA TYR U 97 5.19 -20.68 -38.68
C TYR U 97 4.31 -19.44 -38.75
N LYS U 98 4.62 -18.55 -39.70
CA LYS U 98 3.90 -17.30 -39.86
C LYS U 98 2.52 -17.39 -40.47
N TYR U 99 2.33 -18.27 -41.44
CA TYR U 99 1.03 -18.34 -42.12
C TYR U 99 0.15 -19.56 -41.90
N GLY U 100 0.63 -20.50 -41.10
CA GLY U 100 -0.16 -21.69 -40.79
C GLY U 100 -0.38 -22.78 -41.81
N TYR U 101 0.34 -22.74 -42.92
CA TYR U 101 0.21 -23.79 -43.91
C TYR U 101 1.52 -23.91 -44.66
N ASP U 102 1.73 -25.09 -45.24
CA ASP U 102 2.96 -25.39 -45.97
C ASP U 102 3.20 -24.46 -47.14
N MET U 103 4.42 -23.93 -47.22
CA MET U 103 4.78 -23.03 -48.29
C MET U 103 4.65 -23.73 -49.64
N PRO U 104 3.92 -23.12 -50.58
CA PRO U 104 3.72 -23.67 -51.92
C PRO U 104 4.99 -23.57 -52.75
N CYS U 105 5.25 -24.63 -53.50
CA CYS U 105 6.40 -24.73 -54.38
C CYS U 105 6.64 -23.45 -55.21
N ASP U 106 5.60 -22.98 -55.88
CA ASP U 106 5.70 -21.78 -56.72
C ASP U 106 6.03 -20.54 -55.92
N VAL U 107 5.46 -20.43 -54.73
CA VAL U 107 5.73 -19.27 -53.90
C VAL U 107 7.20 -19.26 -53.49
N LEU U 108 7.69 -20.41 -53.03
CA LEU U 108 9.08 -20.56 -52.62
C LEU U 108 10.00 -20.18 -53.77
N ALA U 109 9.61 -20.56 -54.98
CA ALA U 109 10.43 -20.22 -56.13
C ALA U 109 10.42 -18.72 -56.28
N LYS U 110 9.24 -18.11 -56.22
CA LYS U 110 9.15 -16.67 -56.36
C LYS U 110 10.02 -15.98 -55.33
N ARG U 111 9.91 -16.42 -54.08
CA ARG U 111 10.70 -15.84 -53.02
C ARG U 111 12.20 -15.93 -53.29
N MET U 112 12.65 -17.08 -53.75
CA MET U 112 14.06 -17.29 -54.05
C MET U 112 14.49 -16.47 -55.25
N ALA U 113 13.56 -16.27 -56.18
CA ALA U 113 13.82 -15.49 -57.38
C ALA U 113 13.98 -14.02 -56.98
N ASN U 114 13.10 -13.55 -56.10
CA ASN U 114 13.17 -12.16 -55.65
C ASN U 114 14.50 -11.88 -54.99
N LEU U 115 15.00 -12.85 -54.22
CA LEU U 115 16.29 -12.72 -53.55
C LEU U 115 17.39 -12.62 -54.57
N SER U 116 17.27 -13.37 -55.66
CA SER U 116 18.30 -13.31 -56.69
C SER U 116 18.20 -11.97 -57.40
N GLN U 117 16.96 -11.54 -57.68
CA GLN U 117 16.75 -10.28 -58.36
C GLN U 117 17.56 -9.21 -57.66
N ILE U 118 17.63 -9.31 -56.33
CA ILE U 118 18.36 -8.34 -55.54
C ILE U 118 19.87 -8.32 -55.80
N TYR U 119 20.52 -9.47 -55.84
CA TYR U 119 21.97 -9.49 -56.08
C TYR U 119 22.28 -8.85 -57.44
N THR U 120 21.21 -8.78 -58.24
CA THR U 120 21.20 -8.20 -59.59
C THR U 120 21.19 -6.68 -59.60
N GLN U 121 20.70 -6.08 -58.52
CA GLN U 121 20.59 -4.62 -58.39
C GLN U 121 21.56 -4.02 -57.38
N ARG U 122 21.76 -4.70 -56.26
CA ARG U 122 22.67 -4.22 -55.23
C ARG U 122 24.07 -4.64 -55.62
N ALA U 123 25.00 -3.69 -55.59
CA ALA U 123 26.36 -3.94 -56.00
C ALA U 123 27.29 -4.79 -55.14
N TYR U 124 27.07 -4.86 -53.83
CA TYR U 124 27.97 -5.64 -52.99
C TYR U 124 27.69 -7.15 -52.99
N MET U 125 26.48 -7.53 -53.39
CA MET U 125 26.10 -8.94 -53.43
C MET U 125 26.28 -9.51 -54.84
N ARG U 126 26.97 -10.65 -54.95
CA ARG U 126 27.17 -11.28 -56.26
C ARG U 126 26.07 -12.28 -56.49
N PRO U 127 25.70 -12.53 -57.76
CA PRO U 127 24.62 -13.50 -57.98
C PRO U 127 25.13 -14.91 -57.66
N LEU U 128 24.22 -15.83 -57.38
CA LEU U 128 24.63 -17.21 -57.11
C LEU U 128 24.61 -17.90 -58.46
N GLY U 129 25.72 -18.55 -58.81
CA GLY U 129 25.81 -19.21 -60.09
C GLY U 129 25.05 -20.51 -60.14
N VAL U 130 23.73 -20.44 -59.97
CA VAL U 130 22.96 -21.65 -60.00
C VAL U 130 21.56 -21.45 -60.56
N ILE U 131 20.96 -22.56 -60.94
CA ILE U 131 19.62 -22.57 -61.47
C ILE U 131 18.91 -23.54 -60.54
N LEU U 132 17.77 -23.12 -60.01
CA LEU U 132 17.03 -23.94 -59.06
C LEU U 132 15.71 -24.42 -59.62
N THR U 133 15.51 -25.73 -59.55
CA THR U 133 14.28 -26.33 -60.03
C THR U 133 13.55 -26.85 -58.80
N PHE U 134 12.34 -26.33 -58.58
CA PHE U 134 11.57 -26.75 -57.44
C PHE U 134 10.43 -27.61 -57.92
N VAL U 135 10.17 -28.70 -57.19
CA VAL U 135 9.11 -29.61 -57.56
C VAL U 135 8.36 -30.05 -56.33
N SER U 136 7.10 -30.39 -56.56
CA SER U 136 6.23 -30.87 -55.50
C SER U 136 4.87 -31.15 -56.10
N VAL U 137 3.96 -31.59 -55.27
CA VAL U 137 2.60 -31.83 -55.71
C VAL U 137 1.78 -30.87 -54.85
N ASP U 138 1.79 -29.60 -55.23
CA ASP U 138 1.08 -28.57 -54.48
C ASP U 138 -0.36 -28.99 -54.19
N GLU U 139 -0.84 -28.67 -52.98
CA GLU U 139 -2.20 -29.04 -52.60
C GLU U 139 -3.26 -28.32 -53.40
N GLU U 140 -2.91 -27.21 -54.04
CA GLU U 140 -3.88 -26.47 -54.83
C GLU U 140 -3.67 -26.62 -56.32
N LEU U 141 -2.41 -26.53 -56.73
CA LEU U 141 -2.04 -26.62 -58.13
C LEU U 141 -1.78 -28.03 -58.66
N GLY U 142 -1.35 -28.93 -57.78
CA GLY U 142 -1.05 -30.29 -58.22
C GLY U 142 0.42 -30.39 -58.54
N PRO U 143 0.83 -31.42 -59.33
CA PRO U 143 2.24 -31.58 -59.68
C PRO U 143 2.78 -30.26 -60.20
N SER U 144 3.92 -29.82 -59.66
CA SER U 144 4.48 -28.53 -60.06
C SER U 144 5.99 -28.45 -60.24
N ILE U 145 6.40 -27.71 -61.27
CA ILE U 145 7.81 -27.51 -61.54
C ILE U 145 8.03 -26.01 -61.74
N TYR U 146 8.84 -25.41 -60.89
CA TYR U 146 9.15 -23.99 -60.98
C TYR U 146 10.68 -23.86 -60.89
N LYS U 147 11.25 -23.08 -61.80
CA LYS U 147 12.69 -22.90 -61.84
C LYS U 147 13.09 -21.44 -61.89
N THR U 148 14.20 -21.13 -61.23
CA THR U 148 14.71 -19.76 -61.17
C THR U 148 16.17 -19.75 -61.57
N ASP U 149 16.63 -18.61 -62.03
CA ASP U 149 18.02 -18.46 -62.47
C ASP U 149 18.69 -17.27 -61.79
N PRO U 150 19.92 -16.93 -62.21
CA PRO U 150 20.61 -15.81 -61.59
C PRO U 150 20.10 -14.44 -62.00
N ALA U 151 19.18 -14.42 -62.95
CA ALA U 151 18.61 -13.18 -63.43
C ALA U 151 17.48 -12.75 -62.52
N GLY U 152 17.03 -13.69 -61.68
CA GLY U 152 15.95 -13.41 -60.79
C GLY U 152 14.65 -13.73 -61.48
N TYR U 153 14.75 -14.45 -62.59
CA TYR U 153 13.60 -14.83 -63.38
C TYR U 153 13.11 -16.19 -62.91
N TYR U 154 11.81 -16.45 -63.03
CA TYR U 154 11.26 -17.74 -62.64
C TYR U 154 9.94 -18.02 -63.35
N VAL U 155 9.64 -19.29 -63.54
CA VAL U 155 8.41 -19.64 -64.20
C VAL U 155 8.08 -21.10 -63.98
N GLY U 156 6.84 -21.48 -64.29
CA GLY U 156 6.41 -22.85 -64.14
C GLY U 156 6.47 -23.56 -65.46
N TYR U 157 6.84 -24.84 -65.44
CA TYR U 157 6.94 -25.63 -66.66
C TYR U 157 6.05 -26.88 -66.61
N LYS U 158 5.77 -27.44 -67.78
CA LYS U 158 4.99 -28.67 -67.90
C LYS U 158 6.03 -29.78 -67.65
N ALA U 159 7.27 -29.46 -68.02
CA ALA U 159 8.44 -30.31 -67.87
C ALA U 159 9.62 -29.39 -68.22
N THR U 160 10.82 -29.73 -67.78
CA THR U 160 11.95 -28.87 -68.07
C THR U 160 13.28 -29.61 -67.93
N ALA U 161 14.33 -29.01 -68.49
CA ALA U 161 15.67 -29.59 -68.44
C ALA U 161 16.70 -28.51 -68.22
N THR U 162 17.80 -28.87 -67.58
CA THR U 162 18.86 -27.91 -67.30
C THR U 162 20.22 -28.60 -67.33
N GLY U 163 21.20 -27.88 -67.88
CA GLY U 163 22.55 -28.41 -67.97
C GLY U 163 23.17 -28.09 -69.31
N PRO U 164 24.38 -28.58 -69.57
CA PRO U 164 25.07 -28.32 -70.84
C PRO U 164 24.24 -28.79 -72.03
N LYS U 165 23.62 -29.95 -71.89
CA LYS U 165 22.80 -30.52 -72.96
C LYS U 165 21.32 -30.24 -72.78
N GLN U 166 21.03 -29.09 -72.18
CA GLN U 166 19.67 -28.65 -71.94
C GLN U 166 18.78 -28.70 -73.19
N GLN U 167 19.29 -28.20 -74.31
CA GLN U 167 18.50 -28.17 -75.53
C GLN U 167 18.01 -29.52 -76.05
N GLU U 168 18.88 -30.53 -76.08
CA GLU U 168 18.47 -31.82 -76.58
C GLU U 168 17.34 -32.39 -75.73
N ILE U 169 17.51 -32.35 -74.40
CA ILE U 169 16.50 -32.89 -73.52
C ILE U 169 15.20 -32.16 -73.75
N THR U 170 15.29 -30.83 -73.79
CA THR U 170 14.13 -29.99 -73.99
C THR U 170 13.38 -30.31 -75.28
N THR U 171 14.09 -30.33 -76.39
CA THR U 171 13.45 -30.64 -77.67
C THR U 171 12.93 -32.08 -77.68
N ASN U 172 13.64 -32.99 -77.01
CA ASN U 172 13.21 -34.38 -76.95
C ASN U 172 11.82 -34.37 -76.31
N LEU U 173 11.75 -33.71 -75.16
CA LEU U 173 10.49 -33.60 -74.41
C LEU U 173 9.44 -32.82 -75.20
N GLU U 174 9.87 -31.70 -75.77
CA GLU U 174 8.98 -30.87 -76.57
C GLU U 174 8.20 -31.76 -77.54
N ASN U 175 8.95 -32.65 -78.19
CA ASN U 175 8.40 -33.57 -79.16
C ASN U 175 7.33 -34.47 -78.60
N HIS U 176 7.70 -35.23 -77.57
CA HIS U 176 6.77 -36.14 -76.94
C HIS U 176 5.41 -35.53 -76.59
N PHE U 177 5.40 -34.26 -76.19
CA PHE U 177 4.15 -33.60 -75.82
C PHE U 177 3.35 -33.12 -77.02
N LYS U 178 4.04 -32.79 -78.12
CA LYS U 178 3.36 -32.35 -79.33
C LYS U 178 2.55 -33.55 -79.80
N LYS U 179 3.15 -34.73 -79.59
CA LYS U 179 2.55 -36.00 -79.98
C LYS U 179 1.39 -36.43 -79.07
N SER U 180 1.67 -36.54 -77.77
CA SER U 180 0.65 -36.95 -76.79
C SER U 180 -0.48 -35.95 -76.64
N LYS U 181 -0.24 -34.71 -77.05
CA LYS U 181 -1.24 -33.63 -76.98
C LYS U 181 -1.70 -33.24 -75.56
N ILE U 182 -1.01 -33.76 -74.55
CA ILE U 182 -1.32 -33.42 -73.17
C ILE U 182 -0.06 -32.82 -72.54
N ASP U 183 -0.21 -32.32 -71.32
CA ASP U 183 0.90 -31.67 -70.62
C ASP U 183 1.41 -32.46 -69.41
N HIS U 184 1.56 -33.77 -69.57
CA HIS U 184 2.04 -34.62 -68.48
C HIS U 184 2.07 -36.09 -68.87
N ILE U 185 2.83 -36.88 -68.10
CA ILE U 185 2.92 -38.31 -68.35
C ILE U 185 1.60 -38.89 -67.84
N ASN U 186 0.83 -39.56 -68.70
CA ASN U 186 -0.45 -40.11 -68.26
C ASN U 186 -0.29 -41.45 -67.58
N GLU U 187 0.63 -41.51 -66.62
CA GLU U 187 0.87 -42.75 -65.89
C GLU U 187 0.36 -42.63 -64.45
N GLU U 188 0.01 -43.77 -63.85
CA GLU U 188 -0.53 -43.76 -62.50
C GLU U 188 0.54 -43.85 -61.44
N SER U 189 1.45 -44.81 -61.58
CA SER U 189 2.49 -44.95 -60.58
C SER U 189 3.63 -44.01 -60.88
N TRP U 190 4.25 -43.47 -59.84
CA TRP U 190 5.36 -42.58 -60.06
C TRP U 190 6.49 -43.40 -60.66
N GLU U 191 6.52 -44.69 -60.34
CA GLU U 191 7.55 -45.60 -60.84
C GLU U 191 7.67 -45.58 -62.37
N LYS U 192 6.53 -45.59 -63.05
CA LYS U 192 6.53 -45.54 -64.51
C LYS U 192 6.91 -44.13 -65.00
N VAL U 193 6.56 -43.11 -64.21
CA VAL U 193 6.91 -41.73 -64.56
C VAL U 193 8.42 -41.61 -64.43
N VAL U 194 8.98 -42.17 -63.37
CA VAL U 194 10.43 -42.14 -63.19
C VAL U 194 11.07 -42.86 -64.36
N GLU U 195 10.43 -43.95 -64.81
CA GLU U 195 10.96 -44.73 -65.93
C GLU U 195 10.92 -43.94 -67.23
N PHE U 196 9.80 -43.25 -67.47
CA PHE U 196 9.66 -42.43 -68.66
C PHE U 196 10.75 -41.37 -68.63
N ALA U 197 10.89 -40.75 -67.47
CA ALA U 197 11.90 -39.72 -67.27
C ALA U 197 13.28 -40.23 -67.67
N ILE U 198 13.72 -41.32 -67.04
CA ILE U 198 15.03 -41.90 -67.32
C ILE U 198 15.19 -42.32 -68.80
N THR U 199 14.13 -42.86 -69.39
CA THR U 199 14.18 -43.27 -70.78
C THR U 199 14.56 -42.08 -71.65
N HIS U 200 13.72 -41.06 -71.70
CA HIS U 200 14.00 -39.88 -72.51
C HIS U 200 15.33 -39.23 -72.18
N MET U 201 15.73 -39.29 -70.91
CA MET U 201 17.01 -38.72 -70.52
C MET U 201 18.11 -39.43 -71.34
N ILE U 202 17.89 -40.71 -71.62
CA ILE U 202 18.82 -41.53 -72.38
C ILE U 202 18.81 -41.20 -73.86
N ASP U 203 17.61 -41.12 -74.44
CA ASP U 203 17.48 -40.82 -75.88
C ASP U 203 18.16 -39.51 -76.23
N ALA U 204 17.95 -38.51 -75.38
CA ALA U 204 18.51 -37.19 -75.60
C ALA U 204 20.02 -37.12 -75.39
N LEU U 205 20.50 -37.76 -74.35
CA LEU U 205 21.93 -37.72 -74.09
C LEU U 205 22.65 -38.84 -74.85
N GLY U 206 21.87 -39.77 -75.40
CA GLY U 206 22.43 -40.90 -76.12
C GLY U 206 23.39 -41.69 -75.25
N THR U 207 23.03 -41.89 -73.99
CA THR U 207 23.89 -42.62 -73.07
C THR U 207 23.13 -43.63 -72.23
N GLU U 208 23.86 -44.67 -71.81
CA GLU U 208 23.31 -45.73 -71.00
C GLU U 208 23.72 -45.40 -69.56
N PHE U 209 22.82 -45.67 -68.61
CA PHE U 209 23.10 -45.38 -67.21
C PHE U 209 23.08 -46.62 -66.32
N SER U 210 23.95 -46.63 -65.31
CA SER U 210 23.97 -47.73 -64.37
C SER U 210 23.26 -47.15 -63.14
N LYS U 211 23.02 -47.97 -62.13
CA LYS U 211 22.34 -47.49 -60.92
C LYS U 211 23.08 -46.38 -60.18
N ASN U 212 24.32 -46.08 -60.57
CA ASN U 212 25.09 -45.03 -59.90
C ASN U 212 25.46 -43.84 -60.78
N ASP U 213 24.79 -43.73 -61.93
CA ASP U 213 25.03 -42.63 -62.86
C ASP U 213 23.90 -41.60 -62.75
N LEU U 214 22.84 -42.01 -62.05
CA LEU U 214 21.67 -41.17 -61.84
C LEU U 214 21.40 -40.81 -60.39
N GLU U 215 20.44 -39.90 -60.24
CA GLU U 215 19.99 -39.38 -58.95
C GLU U 215 18.51 -39.10 -59.25
N VAL U 216 17.62 -39.59 -58.42
CA VAL U 216 16.19 -39.37 -58.67
C VAL U 216 15.45 -38.87 -57.44
N GLY U 217 14.50 -37.98 -57.68
CA GLY U 217 13.70 -37.43 -56.60
C GLY U 217 12.26 -37.56 -57.05
N VAL U 218 11.36 -37.85 -56.11
CA VAL U 218 9.96 -37.99 -56.46
C VAL U 218 9.12 -37.20 -55.47
N ALA U 219 8.13 -36.50 -56.01
CA ALA U 219 7.24 -35.71 -55.19
C ALA U 219 5.85 -36.25 -55.38
N THR U 220 5.16 -36.53 -54.27
CA THR U 220 3.81 -37.05 -54.28
C THR U 220 2.99 -36.28 -53.27
N LYS U 221 1.68 -36.54 -53.26
CA LYS U 221 0.79 -35.87 -52.31
C LYS U 221 1.39 -36.01 -50.91
N ASP U 222 1.73 -34.88 -50.33
CA ASP U 222 2.29 -34.83 -48.98
C ASP U 222 3.66 -35.44 -48.75
N LYS U 223 4.47 -35.54 -49.78
CA LYS U 223 5.81 -36.06 -49.59
C LYS U 223 6.74 -36.01 -50.78
N PHE U 224 8.00 -35.68 -50.50
CA PHE U 224 9.04 -35.65 -51.52
C PHE U 224 10.20 -36.48 -50.99
N PHE U 225 10.62 -37.44 -51.79
CA PHE U 225 11.72 -38.34 -51.42
C PHE U 225 12.65 -38.64 -52.59
N THR U 226 13.84 -39.16 -52.26
CA THR U 226 14.82 -39.49 -53.27
C THR U 226 15.14 -40.99 -53.27
N LEU U 227 15.03 -41.62 -54.43
CA LEU U 227 15.30 -43.05 -54.60
C LEU U 227 16.77 -43.36 -54.28
N SER U 228 17.01 -44.62 -53.92
CA SER U 228 18.36 -45.06 -53.60
C SER U 228 18.90 -45.84 -54.80
N ALA U 229 20.20 -46.11 -54.78
CA ALA U 229 20.82 -46.85 -55.87
C ALA U 229 19.96 -48.06 -56.25
N GLU U 230 19.54 -48.84 -55.26
CA GLU U 230 18.73 -50.01 -55.52
C GLU U 230 17.36 -49.69 -56.07
N ASN U 231 16.77 -48.60 -55.58
CA ASN U 231 15.44 -48.19 -56.06
C ASN U 231 15.58 -47.88 -57.53
N ILE U 232 16.70 -47.22 -57.86
CA ILE U 232 17.00 -46.84 -59.22
C ILE U 232 17.20 -48.07 -60.08
N GLU U 233 18.06 -48.97 -59.61
CA GLU U 233 18.35 -50.22 -60.31
C GLU U 233 17.08 -50.93 -60.72
N GLU U 234 16.14 -51.03 -59.78
CA GLU U 234 14.86 -51.67 -60.03
C GLU U 234 14.19 -50.98 -61.22
N ARG U 235 14.42 -49.67 -61.33
CA ARG U 235 13.86 -48.86 -62.41
C ARG U 235 14.56 -49.18 -63.72
N LEU U 236 15.89 -49.22 -63.68
CA LEU U 236 16.70 -49.51 -64.85
C LEU U 236 16.38 -50.89 -65.42
N VAL U 237 16.19 -51.87 -64.55
CA VAL U 237 15.87 -53.23 -64.96
C VAL U 237 14.51 -53.30 -65.67
N ALA U 238 13.58 -52.47 -65.22
CA ALA U 238 12.25 -52.46 -65.79
C ALA U 238 12.26 -51.93 -67.23
N ILE U 239 12.98 -50.84 -67.47
CA ILE U 239 13.03 -50.30 -68.82
C ILE U 239 13.89 -51.17 -69.74
N ALA U 240 14.57 -52.13 -69.15
CA ALA U 240 15.41 -53.04 -69.94
C ALA U 240 14.48 -53.94 -70.75
N GLU U 241 13.56 -54.60 -70.04
CA GLU U 241 12.58 -55.49 -70.66
C GLU U 241 11.51 -54.63 -71.32
N GLN U 242 11.77 -54.20 -72.55
CA GLN U 242 10.84 -53.36 -73.29
C GLN U 242 11.62 -52.95 -74.55
N ASP U 243 12.91 -52.70 -74.33
CA ASP U 243 13.87 -52.35 -75.37
C ASP U 243 14.59 -53.65 -75.75
N THR V 1 -21.49 -6.36 -25.14
CA THR V 1 -21.17 -6.93 -26.49
C THR V 1 -21.56 -8.43 -26.51
N THR V 2 -22.30 -8.87 -27.52
CA THR V 2 -22.67 -10.29 -27.65
C THR V 2 -22.37 -10.78 -29.05
N ILE V 3 -21.40 -11.68 -29.18
CA ILE V 3 -21.06 -12.20 -30.49
C ILE V 3 -20.99 -13.72 -30.47
N VAL V 4 -21.43 -14.34 -31.58
CA VAL V 4 -21.40 -15.79 -31.72
C VAL V 4 -20.94 -16.26 -33.10
N GLY V 5 -20.53 -17.52 -33.14
CA GLY V 5 -20.10 -18.14 -34.37
C GLY V 5 -20.76 -19.51 -34.36
N VAL V 6 -21.28 -19.93 -35.50
CA VAL V 6 -21.94 -21.22 -35.59
C VAL V 6 -21.64 -21.91 -36.92
N LYS V 7 -21.16 -23.15 -36.84
CA LYS V 7 -20.85 -23.94 -38.03
C LYS V 7 -22.07 -24.73 -38.52
N PHE V 8 -22.25 -24.81 -39.83
CA PHE V 8 -23.35 -25.57 -40.40
C PHE V 8 -22.82 -26.48 -41.49
N ASN V 9 -23.62 -27.46 -41.92
CA ASN V 9 -23.21 -28.45 -42.92
C ASN V 9 -22.27 -27.98 -44.04
N ASN V 10 -22.46 -26.78 -44.57
CA ASN V 10 -21.60 -26.32 -45.66
C ASN V 10 -21.11 -24.88 -45.55
N GLY V 11 -20.73 -24.47 -44.34
CA GLY V 11 -20.24 -23.12 -44.15
C GLY V 11 -20.18 -22.75 -42.69
N VAL V 12 -20.24 -21.45 -42.42
CA VAL V 12 -20.19 -20.94 -41.06
C VAL V 12 -20.89 -19.59 -41.06
N VAL V 13 -21.50 -19.24 -39.92
CA VAL V 13 -22.19 -17.98 -39.79
C VAL V 13 -21.80 -17.30 -38.48
N ILE V 14 -21.69 -15.98 -38.48
CA ILE V 14 -21.36 -15.26 -37.27
C ILE V 14 -22.34 -14.11 -37.15
N ALA V 15 -22.66 -13.72 -35.92
CA ALA V 15 -23.60 -12.62 -35.68
C ALA V 15 -23.23 -11.89 -34.40
N ALA V 16 -23.79 -10.70 -34.24
CA ALA V 16 -23.52 -9.87 -33.06
C ALA V 16 -24.58 -8.78 -32.91
N ASP V 17 -24.60 -8.13 -31.75
CA ASP V 17 -25.54 -7.06 -31.50
C ASP V 17 -24.95 -5.74 -32.02
N THR V 18 -25.61 -4.62 -31.75
CA THR V 18 -25.13 -3.35 -32.25
C THR V 18 -24.97 -2.24 -31.22
N ARG V 19 -25.03 -2.57 -29.95
CA ARG V 19 -24.90 -1.57 -28.91
C ARG V 19 -23.45 -1.30 -28.51
N SER V 20 -23.10 -0.03 -28.40
CA SER V 20 -21.76 0.40 -28.02
C SER V 20 -21.97 1.23 -26.75
N THR V 21 -21.11 1.04 -25.74
CA THR V 21 -21.31 1.79 -24.50
C THR V 21 -20.11 2.41 -23.82
N GLN V 22 -20.35 3.59 -23.23
CA GLN V 22 -19.34 4.33 -22.47
C GLN V 22 -19.83 4.18 -21.04
N GLY V 23 -19.20 3.31 -20.29
CA GLY V 23 -19.65 3.11 -18.92
C GLY V 23 -21.08 2.63 -19.02
N PRO V 24 -22.04 3.34 -18.41
CA PRO V 24 -23.43 2.87 -18.51
C PRO V 24 -24.24 3.59 -19.58
N ILE V 25 -23.60 4.44 -20.38
CA ILE V 25 -24.32 5.17 -21.41
C ILE V 25 -24.15 4.57 -22.79
N VAL V 26 -25.25 4.55 -23.54
CA VAL V 26 -25.25 4.02 -24.89
C VAL V 26 -24.75 5.10 -25.84
N ALA V 27 -23.52 4.93 -26.35
CA ALA V 27 -22.93 5.89 -27.29
C ALA V 27 -23.51 5.68 -28.69
N ASP V 28 -23.31 4.49 -29.25
CA ASP V 28 -23.81 4.17 -30.58
C ASP V 28 -24.88 3.08 -30.41
N LYS V 29 -26.08 3.35 -30.92
CA LYS V 29 -27.17 2.39 -30.80
C LYS V 29 -27.15 1.41 -31.96
N ASN V 30 -26.21 1.62 -32.87
CA ASN V 30 -26.10 0.74 -34.03
C ASN V 30 -24.69 0.76 -34.59
N CYS V 31 -23.76 0.13 -33.89
CA CYS V 31 -22.40 0.09 -34.35
C CYS V 31 -22.15 -1.31 -34.87
N ALA V 32 -21.22 -1.45 -35.80
CA ALA V 32 -20.92 -2.76 -36.36
C ALA V 32 -19.83 -3.48 -35.58
N LYS V 33 -20.12 -4.71 -35.20
CA LYS V 33 -19.15 -5.52 -34.45
C LYS V 33 -18.61 -6.64 -35.35
N LEU V 34 -19.08 -6.67 -36.59
CA LEU V 34 -18.65 -7.65 -37.58
C LEU V 34 -17.61 -6.98 -38.47
N HIS V 35 -16.46 -7.63 -38.64
CA HIS V 35 -15.36 -7.09 -39.44
C HIS V 35 -14.95 -8.00 -40.58
N ARG V 36 -14.55 -7.40 -41.71
CA ARG V 36 -14.10 -8.20 -42.84
C ARG V 36 -12.57 -8.22 -42.85
N ILE V 37 -11.99 -9.41 -42.96
CA ILE V 37 -10.54 -9.53 -43.01
C ILE V 37 -10.17 -9.71 -44.47
N SER V 38 -10.92 -10.60 -45.11
CA SER V 38 -10.77 -10.94 -46.52
C SER V 38 -12.21 -11.05 -46.99
N PRO V 39 -12.44 -11.11 -48.31
CA PRO V 39 -13.83 -11.22 -48.77
C PRO V 39 -14.57 -12.38 -48.13
N LYS V 40 -13.86 -13.48 -47.88
CA LYS V 40 -14.51 -14.64 -47.29
C LYS V 40 -14.09 -15.04 -45.89
N ILE V 41 -13.33 -14.18 -45.22
CA ILE V 41 -12.92 -14.42 -43.85
C ILE V 41 -13.47 -13.25 -43.05
N TRP V 42 -14.49 -13.50 -42.26
CA TRP V 42 -15.04 -12.41 -41.46
C TRP V 42 -14.79 -12.61 -39.99
N CYS V 43 -14.80 -11.51 -39.26
CA CYS V 43 -14.52 -11.55 -37.85
C CYS V 43 -15.60 -10.87 -37.02
N ALA V 44 -15.78 -11.35 -35.79
CA ALA V 44 -16.74 -10.77 -34.85
C ALA V 44 -15.87 -10.36 -33.67
N GLY V 45 -15.94 -9.10 -33.27
CA GLY V 45 -15.09 -8.66 -32.19
C GLY V 45 -15.72 -8.03 -30.97
N ALA V 46 -15.18 -8.42 -29.81
CA ALA V 46 -15.61 -7.92 -28.51
C ALA V 46 -14.35 -7.41 -27.82
N GLY V 47 -14.51 -6.58 -26.79
CA GLY V 47 -13.36 -6.01 -26.10
C GLY V 47 -13.26 -4.52 -26.36
N THR V 48 -12.06 -4.02 -26.64
CA THR V 48 -11.87 -2.60 -26.91
C THR V 48 -12.11 -2.36 -28.40
N ALA V 49 -13.20 -1.67 -28.72
CA ALA V 49 -13.63 -1.37 -30.09
C ALA V 49 -12.56 -0.86 -31.05
N ALA V 50 -11.72 0.05 -30.59
CA ALA V 50 -10.67 0.58 -31.44
C ALA V 50 -9.70 -0.54 -31.77
N ASP V 51 -9.49 -1.43 -30.80
CA ASP V 51 -8.58 -2.55 -30.95
C ASP V 51 -9.10 -3.62 -31.90
N THR V 52 -10.37 -4.01 -31.76
CA THR V 52 -10.90 -5.03 -32.66
C THR V 52 -10.88 -4.53 -34.09
N GLU V 53 -11.21 -3.27 -34.29
CA GLU V 53 -11.20 -2.71 -35.64
C GLU V 53 -9.77 -2.63 -36.14
N ALA V 54 -8.90 -2.09 -35.30
CA ALA V 54 -7.50 -1.89 -35.65
C ALA V 54 -6.77 -3.17 -36.02
N VAL V 55 -6.88 -4.18 -35.16
CA VAL V 55 -6.22 -5.45 -35.37
C VAL V 55 -6.83 -6.17 -36.59
N THR V 56 -8.15 -6.09 -36.72
CA THR V 56 -8.85 -6.72 -37.81
C THR V 56 -8.41 -6.16 -39.17
N GLN V 57 -8.18 -4.86 -39.23
CA GLN V 57 -7.77 -4.24 -40.48
C GLN V 57 -6.30 -4.38 -40.79
N LEU V 58 -5.47 -4.45 -39.75
CA LEU V 58 -4.02 -4.60 -39.93
C LEU V 58 -3.75 -5.96 -40.56
N ILE V 59 -4.36 -6.99 -39.99
CA ILE V 59 -4.17 -8.32 -40.50
C ILE V 59 -4.83 -8.41 -41.88
N GLY V 60 -6.02 -7.83 -42.01
CA GLY V 60 -6.70 -7.84 -43.29
C GLY V 60 -5.81 -7.28 -44.40
N SER V 61 -5.11 -6.20 -44.08
CA SER V 61 -4.19 -5.57 -45.02
C SER V 61 -3.08 -6.55 -45.39
N ASN V 62 -2.44 -7.13 -44.38
CA ASN V 62 -1.37 -8.07 -44.64
C ASN V 62 -1.89 -9.30 -45.34
N ILE V 63 -3.09 -9.75 -44.98
CA ILE V 63 -3.66 -10.92 -45.65
C ILE V 63 -3.82 -10.62 -47.13
N GLU V 64 -4.42 -9.47 -47.45
CA GLU V 64 -4.61 -9.06 -48.84
C GLU V 64 -3.28 -9.06 -49.60
N LEU V 65 -2.25 -8.49 -48.98
CA LEU V 65 -0.93 -8.43 -49.60
C LEU V 65 -0.33 -9.82 -49.79
N HIS V 66 -0.67 -10.72 -48.88
CA HIS V 66 -0.17 -12.09 -48.95
C HIS V 66 -0.87 -12.79 -50.11
N SER V 67 -2.18 -12.59 -50.19
CA SER V 67 -2.97 -13.19 -51.26
C SER V 67 -2.42 -12.81 -52.63
N LEU V 68 -2.11 -11.53 -52.82
CA LEU V 68 -1.60 -11.08 -54.10
C LEU V 68 -0.24 -11.66 -54.38
N TYR V 69 0.60 -11.73 -53.36
CA TYR V 69 1.95 -12.27 -53.53
C TYR V 69 1.94 -13.77 -53.82
N THR V 70 0.99 -14.49 -53.25
CA THR V 70 0.91 -15.94 -53.44
C THR V 70 -0.16 -16.38 -54.41
N SER V 71 -0.83 -15.43 -55.06
CA SER V 71 -1.87 -15.75 -56.03
C SER V 71 -2.91 -16.76 -55.55
N ARG V 72 -3.10 -16.83 -54.23
CA ARG V 72 -4.07 -17.75 -53.65
C ARG V 72 -5.11 -17.06 -52.77
N GLU V 73 -6.29 -17.66 -52.69
CA GLU V 73 -7.35 -17.15 -51.83
C GLU V 73 -6.79 -17.23 -50.41
N PRO V 74 -7.06 -16.23 -49.57
CA PRO V 74 -6.57 -16.21 -48.20
C PRO V 74 -7.17 -17.36 -47.41
N ARG V 75 -6.41 -17.89 -46.46
CA ARG V 75 -6.87 -18.97 -45.61
C ARG V 75 -7.12 -18.49 -44.18
N VAL V 76 -8.18 -19.01 -43.56
CA VAL V 76 -8.51 -18.63 -42.20
C VAL V 76 -7.36 -18.91 -41.24
N VAL V 77 -6.70 -20.06 -41.35
CA VAL V 77 -5.58 -20.33 -40.45
C VAL V 77 -4.47 -19.28 -40.56
N SER V 78 -4.42 -18.56 -41.68
CA SER V 78 -3.41 -17.52 -41.83
C SER V 78 -3.86 -16.31 -41.03
N ALA V 79 -5.10 -15.88 -41.26
CA ALA V 79 -5.64 -14.75 -40.54
C ALA V 79 -5.45 -15.04 -39.05
N LEU V 80 -5.76 -16.28 -38.67
CA LEU V 80 -5.66 -16.74 -37.27
C LEU V 80 -4.25 -16.74 -36.74
N GLN V 81 -3.31 -17.23 -37.53
CA GLN V 81 -1.94 -17.29 -37.08
C GLN V 81 -1.39 -15.89 -36.91
N MET V 82 -1.77 -14.99 -37.81
CA MET V 82 -1.29 -13.62 -37.76
C MET V 82 -1.88 -12.85 -36.60
N LEU V 83 -3.19 -12.96 -36.43
CA LEU V 83 -3.86 -12.29 -35.33
C LEU V 83 -3.23 -12.77 -34.04
N LYS V 84 -3.29 -14.07 -33.84
CA LYS V 84 -2.72 -14.69 -32.66
C LYS V 84 -1.32 -14.22 -32.28
N GLN V 85 -0.40 -14.27 -33.22
CA GLN V 85 0.97 -13.87 -32.92
C GLN V 85 1.09 -12.37 -32.64
N HIS V 86 0.17 -11.58 -33.18
CA HIS V 86 0.18 -10.14 -32.96
C HIS V 86 -0.33 -9.82 -31.56
N LEU V 87 -1.50 -10.35 -31.24
CA LEU V 87 -2.08 -10.12 -29.94
C LEU V 87 -1.16 -10.61 -28.85
N PHE V 88 -0.47 -11.71 -29.12
CA PHE V 88 0.44 -12.29 -28.14
C PHE V 88 1.59 -11.35 -27.86
N LYS V 89 2.17 -10.80 -28.90
CA LYS V 89 3.29 -9.89 -28.73
C LYS V 89 2.92 -8.81 -27.72
N TYR V 90 1.69 -8.31 -27.82
CA TYR V 90 1.22 -7.25 -26.94
C TYR V 90 0.67 -7.67 -25.59
N GLN V 91 1.08 -8.84 -25.14
CA GLN V 91 0.67 -9.37 -23.85
C GLN V 91 -0.72 -9.01 -23.35
N GLY V 92 -1.70 -8.91 -24.25
CA GLY V 92 -3.05 -8.59 -23.82
C GLY V 92 -3.43 -7.11 -23.76
N HIS V 93 -2.47 -6.23 -24.02
CA HIS V 93 -2.75 -4.80 -24.00
C HIS V 93 -3.59 -4.36 -25.18
N ILE V 94 -3.89 -5.27 -26.09
CA ILE V 94 -4.75 -4.95 -27.20
C ILE V 94 -5.98 -5.75 -26.89
N GLY V 95 -6.98 -5.07 -26.35
CA GLY V 95 -8.23 -5.70 -25.95
C GLY V 95 -9.08 -6.28 -27.05
N ALA V 96 -8.50 -7.16 -27.85
CA ALA V 96 -9.25 -7.78 -28.93
C ALA V 96 -9.62 -9.21 -28.57
N TYR V 97 -10.90 -9.50 -28.60
CA TYR V 97 -11.40 -10.84 -28.34
C TYR V 97 -12.28 -11.10 -29.55
N LEU V 98 -11.80 -11.97 -30.44
CA LEU V 98 -12.51 -12.24 -31.69
C LEU V 98 -12.99 -13.65 -31.92
N ILE V 99 -14.03 -13.74 -32.76
CA ILE V 99 -14.61 -14.99 -33.21
C ILE V 99 -14.30 -14.84 -34.71
N VAL V 100 -13.34 -15.60 -35.23
CA VAL V 100 -12.98 -15.48 -36.64
C VAL V 100 -13.41 -16.70 -37.44
N ALA V 101 -14.17 -16.45 -38.50
CA ALA V 101 -14.70 -17.51 -39.36
C ALA V 101 -14.44 -17.22 -40.82
N GLY V 102 -14.84 -18.15 -41.68
CA GLY V 102 -14.65 -17.95 -43.10
C GLY V 102 -14.44 -19.24 -43.87
N VAL V 103 -14.45 -19.13 -45.20
CA VAL V 103 -14.24 -20.27 -46.07
C VAL V 103 -13.06 -20.00 -46.99
N ASP V 104 -12.41 -21.06 -47.43
CA ASP V 104 -11.26 -20.94 -48.30
C ASP V 104 -11.06 -22.29 -49.00
N PRO V 105 -10.03 -22.42 -49.84
CA PRO V 105 -9.79 -23.68 -50.54
C PRO V 105 -9.85 -24.94 -49.67
N THR V 106 -9.44 -24.84 -48.41
CA THR V 106 -9.45 -26.01 -47.56
C THR V 106 -10.77 -26.33 -46.85
N GLY V 107 -11.75 -25.43 -46.95
CA GLY V 107 -13.03 -25.68 -46.30
C GLY V 107 -13.55 -24.53 -45.44
N SER V 108 -14.45 -24.82 -44.50
CA SER V 108 -15.00 -23.77 -43.64
C SER V 108 -14.40 -23.91 -42.25
N HIS V 109 -14.17 -22.77 -41.58
CA HIS V 109 -13.55 -22.76 -40.27
C HIS V 109 -14.20 -21.83 -39.24
N LEU V 110 -13.98 -22.13 -37.96
CA LEU V 110 -14.52 -21.32 -36.88
C LEU V 110 -13.52 -21.35 -35.74
N PHE V 111 -13.05 -20.17 -35.34
CA PHE V 111 -12.08 -20.05 -34.25
C PHE V 111 -12.42 -18.86 -33.36
N SER V 112 -11.71 -18.79 -32.25
CA SER V 112 -11.86 -17.70 -31.31
C SER V 112 -10.46 -17.32 -30.85
N ILE V 113 -10.25 -16.04 -30.57
CA ILE V 113 -8.94 -15.58 -30.11
C ILE V 113 -9.14 -14.63 -28.94
N HIS V 114 -8.33 -14.80 -27.90
CA HIS V 114 -8.45 -13.90 -26.79
C HIS V 114 -7.30 -12.89 -26.85
N ALA V 115 -7.52 -11.72 -26.25
CA ALA V 115 -6.55 -10.65 -26.26
C ALA V 115 -5.12 -11.08 -25.99
N HIS V 116 -4.95 -12.13 -25.20
CA HIS V 116 -3.62 -12.60 -24.87
C HIS V 116 -2.92 -13.45 -25.92
N GLY V 117 -3.68 -13.91 -26.91
CA GLY V 117 -3.08 -14.70 -27.95
C GLY V 117 -3.49 -16.15 -28.02
N SER V 118 -4.30 -16.61 -27.08
CA SER V 118 -4.74 -18.01 -27.10
C SER V 118 -5.89 -18.18 -28.10
N THR V 119 -5.98 -19.36 -28.71
CA THR V 119 -7.04 -19.62 -29.68
C THR V 119 -7.67 -20.97 -29.43
N ASP V 120 -8.96 -21.08 -29.77
CA ASP V 120 -9.70 -22.32 -29.59
C ASP V 120 -10.52 -22.60 -30.84
N VAL V 121 -10.97 -23.84 -30.98
CA VAL V 121 -11.79 -24.21 -32.12
C VAL V 121 -13.07 -24.87 -31.63
N GLY V 122 -14.14 -24.72 -32.39
CA GLY V 122 -15.41 -25.30 -31.99
C GLY V 122 -16.47 -25.15 -33.06
N TYR V 123 -17.63 -25.77 -32.88
CA TYR V 123 -18.70 -25.66 -33.86
C TYR V 123 -19.61 -24.49 -33.55
N TYR V 124 -19.59 -24.08 -32.29
CA TYR V 124 -20.37 -22.95 -31.83
C TYR V 124 -19.60 -22.25 -30.73
N LEU V 125 -19.46 -20.94 -30.87
CA LEU V 125 -18.72 -20.14 -29.89
C LEU V 125 -19.46 -18.84 -29.59
N SER V 126 -19.08 -18.20 -28.49
CA SER V 126 -19.66 -16.92 -28.09
C SER V 126 -18.61 -16.12 -27.30
N LEU V 127 -18.75 -14.81 -27.30
CA LEU V 127 -17.84 -13.93 -26.56
C LEU V 127 -18.57 -12.64 -26.23
N GLY V 128 -18.07 -11.91 -25.23
CA GLY V 128 -18.69 -10.66 -24.85
C GLY V 128 -19.39 -10.78 -23.50
N SER V 129 -20.00 -9.70 -23.04
CA SER V 129 -20.70 -9.73 -21.77
C SER V 129 -21.95 -10.58 -21.88
N GLY V 130 -22.43 -10.79 -23.11
CA GLY V 130 -23.63 -11.60 -23.32
C GLY V 130 -23.24 -13.04 -23.58
N SER V 131 -21.94 -13.27 -23.52
CA SER V 131 -21.33 -14.57 -23.73
C SER V 131 -22.20 -15.69 -23.14
N LEU V 132 -22.47 -15.60 -21.85
CA LEU V 132 -23.24 -16.62 -21.16
C LEU V 132 -24.69 -16.75 -21.58
N ALA V 133 -25.34 -15.65 -21.90
CA ALA V 133 -26.74 -15.70 -22.30
C ALA V 133 -26.85 -16.42 -23.64
N ALA V 134 -25.99 -16.04 -24.58
CA ALA V 134 -25.95 -16.64 -25.90
C ALA V 134 -25.61 -18.12 -25.79
N MET V 135 -24.52 -18.41 -25.08
CA MET V 135 -24.07 -19.79 -24.90
C MET V 135 -25.14 -20.68 -24.30
N ALA V 136 -26.00 -20.14 -23.44
CA ALA V 136 -27.04 -20.97 -22.86
C ALA V 136 -27.92 -21.46 -23.99
N VAL V 137 -28.29 -20.54 -24.88
CA VAL V 137 -29.11 -20.87 -26.01
C VAL V 137 -28.42 -21.89 -26.94
N LEU V 138 -27.18 -21.63 -27.29
CA LEU V 138 -26.46 -22.55 -28.16
C LEU V 138 -26.39 -23.92 -27.52
N GLU V 139 -26.01 -23.99 -26.26
CA GLU V 139 -25.91 -25.28 -25.59
C GLU V 139 -27.23 -26.01 -25.63
N SER V 140 -28.32 -25.26 -25.78
CA SER V 140 -29.64 -25.86 -25.81
C SER V 140 -30.20 -26.30 -27.16
N HIS V 141 -29.80 -25.65 -28.24
CA HIS V 141 -30.34 -26.01 -29.54
C HIS V 141 -29.36 -26.48 -30.60
N TRP V 142 -28.07 -26.42 -30.33
CA TRP V 142 -27.13 -26.85 -31.34
C TRP V 142 -27.17 -28.36 -31.54
N LYS V 143 -26.96 -28.75 -32.79
CA LYS V 143 -26.93 -30.14 -33.19
C LYS V 143 -26.03 -30.17 -34.42
N GLN V 144 -25.44 -31.32 -34.68
CA GLN V 144 -24.55 -31.46 -35.83
C GLN V 144 -25.40 -31.51 -37.11
N ASP V 145 -24.91 -30.86 -38.17
CA ASP V 145 -25.62 -30.84 -39.45
C ASP V 145 -26.79 -29.88 -39.48
N LEU V 146 -26.51 -28.61 -39.20
CA LEU V 146 -27.55 -27.60 -39.24
C LEU V 146 -27.60 -27.07 -40.65
N THR V 147 -28.79 -26.70 -41.12
CA THR V 147 -28.91 -26.15 -42.46
C THR V 147 -28.51 -24.69 -42.35
N LYS V 148 -28.26 -24.04 -43.47
CA LYS V 148 -27.91 -22.64 -43.47
C LYS V 148 -29.00 -21.84 -42.74
N GLU V 149 -30.26 -22.20 -42.95
CA GLU V 149 -31.35 -21.49 -42.31
C GLU V 149 -31.46 -21.83 -40.83
N GLU V 150 -31.14 -23.08 -40.49
CA GLU V 150 -31.19 -23.53 -39.10
C GLU V 150 -30.08 -22.81 -38.33
N ALA V 151 -28.97 -22.52 -39.02
CA ALA V 151 -27.84 -21.84 -38.39
C ALA V 151 -28.15 -20.38 -38.11
N ILE V 152 -28.62 -19.66 -39.12
CA ILE V 152 -28.97 -18.25 -38.94
C ILE V 152 -29.94 -18.12 -37.75
N LYS V 153 -31.01 -18.91 -37.80
CA LYS V 153 -32.01 -18.91 -36.74
C LYS V 153 -31.32 -19.02 -35.38
N LEU V 154 -30.47 -20.03 -35.27
CA LEU V 154 -29.73 -20.31 -34.04
C LEU V 154 -28.80 -19.19 -33.64
N ALA V 155 -27.96 -18.74 -34.57
CA ALA V 155 -27.03 -17.65 -34.27
C ALA V 155 -27.83 -16.41 -33.89
N SER V 156 -28.85 -16.12 -34.68
CA SER V 156 -29.71 -14.97 -34.46
C SER V 156 -30.35 -15.04 -33.06
N ASP V 157 -30.85 -16.22 -32.70
CA ASP V 157 -31.48 -16.40 -31.40
C ASP V 157 -30.49 -16.16 -30.28
N ALA V 158 -29.26 -16.66 -30.45
CA ALA V 158 -28.22 -16.50 -29.44
C ALA V 158 -27.96 -15.03 -29.15
N ILE V 159 -27.82 -14.22 -30.20
CA ILE V 159 -27.57 -12.79 -29.99
C ILE V 159 -28.74 -12.18 -29.22
N GLN V 160 -29.95 -12.48 -29.64
CA GLN V 160 -31.12 -11.96 -28.95
C GLN V 160 -31.08 -12.25 -27.45
N ALA V 161 -30.49 -13.39 -27.09
CA ALA V 161 -30.38 -13.77 -25.68
C ALA V 161 -29.61 -12.68 -24.94
N GLY V 162 -28.48 -12.30 -25.53
CA GLY V 162 -27.66 -11.26 -24.95
C GLY V 162 -28.34 -9.90 -25.02
N ILE V 163 -29.05 -9.64 -26.10
CA ILE V 163 -29.73 -8.36 -26.23
C ILE V 163 -30.67 -8.11 -25.03
N TRP V 164 -31.62 -9.01 -24.88
CA TRP V 164 -32.61 -8.92 -23.82
C TRP V 164 -32.06 -9.07 -22.41
N ASN V 165 -31.32 -10.15 -22.17
CA ASN V 165 -30.80 -10.43 -20.83
C ASN V 165 -29.50 -9.76 -20.40
N ASP V 166 -28.73 -9.24 -21.35
CA ASP V 166 -27.47 -8.57 -21.02
C ASP V 166 -27.58 -7.05 -21.18
N LEU V 167 -27.15 -6.34 -20.15
CA LEU V 167 -27.21 -4.87 -20.16
C LEU V 167 -26.15 -4.26 -21.05
N GLY V 168 -25.12 -5.03 -21.35
CA GLY V 168 -24.06 -4.51 -22.20
C GLY V 168 -24.34 -4.74 -23.66
N SER V 169 -25.44 -5.43 -23.94
CA SER V 169 -25.83 -5.74 -25.31
C SER V 169 -27.25 -5.30 -25.58
N GLY V 170 -27.52 -4.95 -26.84
CA GLY V 170 -28.85 -4.52 -27.24
C GLY V 170 -28.98 -4.04 -28.68
N SER V 171 -30.10 -3.38 -28.97
CA SER V 171 -30.41 -2.85 -30.29
C SER V 171 -30.68 -3.88 -31.37
N ASN V 172 -29.82 -3.95 -32.37
CA ASN V 172 -30.01 -4.86 -33.49
C ASN V 172 -29.09 -6.06 -33.60
N VAL V 173 -29.41 -6.94 -34.54
CA VAL V 173 -28.65 -8.16 -34.81
C VAL V 173 -27.99 -8.17 -36.19
N ASP V 174 -26.66 -8.19 -36.22
CA ASP V 174 -25.94 -8.24 -37.49
C ASP V 174 -25.52 -9.68 -37.70
N VAL V 175 -25.54 -10.11 -38.96
CA VAL V 175 -25.16 -11.48 -39.29
C VAL V 175 -24.38 -11.53 -40.60
N CYS V 176 -23.47 -12.50 -40.69
CA CYS V 176 -22.69 -12.70 -41.90
C CYS V 176 -22.59 -14.19 -42.16
N VAL V 177 -22.97 -14.61 -43.35
CA VAL V 177 -22.93 -16.01 -43.72
C VAL V 177 -21.87 -16.30 -44.76
N MET V 178 -21.06 -17.31 -44.48
CA MET V 178 -19.99 -17.71 -45.40
C MET V 178 -20.21 -19.16 -45.79
N GLU V 179 -20.77 -19.40 -46.97
CA GLU V 179 -21.03 -20.76 -47.43
C GLU V 179 -19.91 -21.19 -48.36
N ILE V 180 -19.51 -22.45 -48.27
CA ILE V 180 -18.39 -22.98 -49.06
C ILE V 180 -18.38 -22.67 -50.55
N GLY V 181 -19.51 -22.78 -51.21
CA GLY V 181 -19.47 -22.51 -52.64
C GLY V 181 -19.80 -21.09 -53.11
N LYS V 182 -20.55 -20.35 -52.30
CA LYS V 182 -20.99 -19.02 -52.69
C LYS V 182 -20.18 -17.83 -52.17
N ASP V 183 -20.71 -16.64 -52.38
CA ASP V 183 -20.09 -15.40 -51.92
C ASP V 183 -20.48 -15.28 -50.46
N ALA V 184 -19.68 -14.55 -49.68
CA ALA V 184 -20.01 -14.36 -48.28
C ALA V 184 -21.08 -13.29 -48.27
N GLU V 185 -22.15 -13.47 -47.50
CA GLU V 185 -23.17 -12.44 -47.46
C GLU V 185 -23.36 -11.80 -46.10
N TYR V 186 -23.09 -10.51 -46.08
CA TYR V 186 -23.17 -9.68 -44.90
C TYR V 186 -24.55 -9.05 -44.75
N LEU V 187 -25.28 -9.51 -43.74
CA LEU V 187 -26.62 -9.02 -43.47
C LEU V 187 -26.58 -8.05 -42.30
N ARG V 188 -26.39 -6.77 -42.60
CA ARG V 188 -26.36 -5.73 -41.58
C ARG V 188 -27.79 -5.50 -41.10
N ASN V 189 -27.97 -5.38 -39.80
CA ASN V 189 -29.31 -5.16 -39.24
C ASN V 189 -30.26 -6.22 -39.77
N TYR V 190 -29.83 -7.48 -39.70
CA TYR V 190 -30.63 -8.60 -40.14
C TYR V 190 -31.91 -8.63 -39.31
N LEU V 191 -31.84 -8.03 -38.12
CA LEU V 191 -32.96 -7.95 -37.19
C LEU V 191 -32.96 -6.62 -36.45
N THR V 192 -34.12 -5.98 -36.38
CA THR V 192 -34.25 -4.71 -35.68
C THR V 192 -35.49 -4.81 -34.80
N PRO V 193 -35.38 -5.52 -33.66
CA PRO V 193 -36.49 -5.71 -32.72
C PRO V 193 -36.58 -4.65 -31.62
N ASN V 194 -35.88 -3.53 -31.81
CA ASN V 194 -35.89 -2.46 -30.83
C ASN V 194 -36.14 -1.06 -31.41
N VAL V 195 -37.28 -0.91 -32.08
CA VAL V 195 -37.63 0.38 -32.68
C VAL V 195 -38.28 1.27 -31.62
N ARG V 196 -37.67 2.42 -31.34
CA ARG V 196 -38.20 3.34 -30.34
C ARG V 196 -39.60 3.83 -30.71
N GLU V 197 -40.54 3.73 -29.77
CA GLU V 197 -41.92 4.16 -30.01
C GLU V 197 -41.96 5.66 -30.25
N GLU V 198 -42.95 6.11 -31.01
CA GLU V 198 -43.08 7.53 -31.32
C GLU V 198 -43.19 8.33 -30.04
N LYS V 199 -42.50 9.48 -29.99
CA LYS V 199 -42.55 10.30 -28.80
C LYS V 199 -43.94 10.85 -28.57
N GLN V 200 -44.17 11.34 -27.36
CA GLN V 200 -45.47 11.86 -26.96
C GLN V 200 -45.72 13.30 -27.40
N LYS V 201 -44.68 13.98 -27.86
CA LYS V 201 -44.80 15.38 -28.24
C LYS V 201 -43.65 15.76 -29.19
N SER V 202 -43.80 16.89 -29.89
CA SER V 202 -42.72 17.31 -30.79
C SER V 202 -42.01 18.48 -30.13
N TYR V 203 -40.68 18.41 -30.09
CA TYR V 203 -39.91 19.45 -29.43
C TYR V 203 -39.30 20.45 -30.38
N LYS V 204 -39.93 20.55 -31.54
CA LYS V 204 -39.51 21.46 -32.57
C LYS V 204 -39.76 22.88 -32.05
N PHE V 205 -38.69 23.64 -31.86
CA PHE V 205 -38.79 25.01 -31.35
C PHE V 205 -39.25 26.04 -32.39
N PRO V 206 -39.88 27.14 -31.94
CA PRO V 206 -40.32 28.17 -32.89
C PRO V 206 -39.09 29.03 -33.21
N ARG V 207 -38.85 29.31 -34.48
CA ARG V 207 -37.68 30.08 -34.88
C ARG V 207 -37.57 31.42 -34.15
N GLY V 208 -36.36 31.71 -33.67
CA GLY V 208 -36.12 32.94 -32.95
C GLY V 208 -36.07 32.67 -31.46
N THR V 209 -36.26 31.41 -31.09
CA THR V 209 -36.26 31.01 -29.70
C THR V 209 -34.92 31.22 -29.04
N THR V 210 -33.84 31.03 -29.80
CA THR V 210 -32.50 31.18 -29.24
C THR V 210 -31.96 32.59 -29.35
N ALA V 211 -31.33 33.05 -28.28
CA ALA V 211 -30.75 34.37 -28.26
C ALA V 211 -29.38 34.36 -28.93
N VAL V 212 -29.20 35.22 -29.93
CA VAL V 212 -27.95 35.34 -30.68
C VAL V 212 -27.25 36.67 -30.44
N LEU V 213 -25.93 36.67 -30.32
CA LEU V 213 -25.17 37.90 -30.09
C LEU V 213 -24.51 38.43 -31.35
N LYS V 214 -23.82 37.56 -32.08
CA LYS V 214 -23.14 37.94 -33.30
C LYS V 214 -23.45 36.92 -34.39
N GLU V 215 -23.31 37.31 -35.65
CA GLU V 215 -23.62 36.42 -36.75
C GLU V 215 -22.68 36.72 -37.91
N SER V 216 -22.07 35.69 -38.49
CA SER V 216 -21.15 35.90 -39.60
C SER V 216 -21.11 34.73 -40.59
N ILE V 217 -20.53 34.98 -41.76
CA ILE V 217 -20.41 33.95 -42.78
C ILE V 217 -19.00 33.41 -42.67
N VAL V 218 -18.87 32.09 -42.78
CA VAL V 218 -17.56 31.48 -42.68
C VAL V 218 -16.99 31.24 -44.07
N ASN V 219 -15.73 31.61 -44.26
CA ASN V 219 -15.09 31.42 -45.54
C ASN V 219 -14.46 30.03 -45.72
N ILE V 220 -15.07 29.24 -46.57
CA ILE V 220 -14.60 27.89 -46.88
C ILE V 220 -13.60 27.95 -48.02
N CYS V 221 -14.00 28.63 -49.10
CA CYS V 221 -13.17 28.79 -50.30
C CYS V 221 -11.76 29.32 -50.03
N ASP V 222 -10.84 28.98 -50.94
CA ASP V 222 -9.45 29.37 -50.84
C ASP V 222 -9.03 30.52 -51.78
N SER W 1 -7.23 15.22 -12.00
CA SER W 1 -6.36 14.02 -12.22
C SER W 1 -6.79 13.28 -13.48
N ASP W 2 -7.98 13.61 -13.97
CA ASP W 2 -8.47 13.02 -15.22
C ASP W 2 -8.30 14.11 -16.25
N PRO W 3 -7.31 13.95 -17.15
CA PRO W 3 -7.04 14.95 -18.18
C PRO W 3 -8.30 15.37 -18.94
N SER W 4 -9.26 14.47 -19.03
CA SER W 4 -10.49 14.75 -19.73
C SER W 4 -11.43 15.71 -19.03
N SER W 5 -11.10 16.06 -17.79
CA SER W 5 -11.95 16.94 -17.00
C SER W 5 -11.22 18.09 -16.34
N ILE W 6 -10.11 18.53 -16.90
CA ILE W 6 -9.37 19.61 -16.29
C ILE W 6 -9.82 20.94 -16.83
N ASN W 7 -9.96 21.02 -18.16
CA ASN W 7 -10.34 22.25 -18.85
C ASN W 7 -11.83 22.35 -19.17
N GLY W 8 -12.52 21.21 -19.14
CA GLY W 8 -13.94 21.19 -19.43
C GLY W 8 -14.29 21.58 -20.87
N GLY W 9 -15.57 21.69 -21.14
CA GLY W 9 -15.99 22.07 -22.48
C GLY W 9 -16.79 20.99 -23.17
N ILE W 10 -17.62 21.40 -24.13
CA ILE W 10 -18.43 20.45 -24.90
C ILE W 10 -18.53 20.80 -26.37
N VAL W 11 -18.96 19.80 -27.15
CA VAL W 11 -19.15 19.91 -28.59
C VAL W 11 -20.29 18.99 -28.98
N VAL W 12 -21.02 19.34 -30.04
CA VAL W 12 -22.14 18.52 -30.49
C VAL W 12 -22.42 18.76 -31.96
N ALA W 13 -22.68 17.68 -32.70
CA ALA W 13 -22.97 17.79 -34.11
C ALA W 13 -24.29 17.09 -34.39
N MET W 14 -25.00 17.58 -35.40
CA MET W 14 -26.29 17.03 -35.79
C MET W 14 -26.50 17.10 -37.29
N THR W 15 -27.38 16.24 -37.81
CA THR W 15 -27.67 16.24 -39.24
C THR W 15 -29.07 16.76 -39.49
N GLY W 16 -29.25 17.35 -40.66
CA GLY W 16 -30.54 17.89 -41.04
C GLY W 16 -30.76 17.67 -42.53
N LYS W 17 -31.81 18.26 -43.06
CA LYS W 17 -32.12 18.12 -44.47
C LYS W 17 -31.06 18.88 -45.26
N ASP W 18 -30.21 18.15 -45.96
CA ASP W 18 -29.15 18.74 -46.78
C ASP W 18 -28.26 19.70 -46.01
N CYS W 19 -28.02 19.41 -44.73
CA CYS W 19 -27.15 20.27 -43.91
C CYS W 19 -26.71 19.56 -42.64
N VAL W 20 -25.72 20.13 -41.96
CA VAL W 20 -25.20 19.60 -40.71
C VAL W 20 -24.93 20.77 -39.80
N ALA W 21 -24.85 20.51 -38.50
CA ALA W 21 -24.58 21.57 -37.53
C ALA W 21 -23.60 21.07 -36.49
N ILE W 22 -22.66 21.92 -36.11
CA ILE W 22 -21.64 21.59 -35.11
C ILE W 22 -21.56 22.77 -34.13
N ALA W 23 -21.65 22.49 -32.83
CA ALA W 23 -21.62 23.57 -31.84
C ALA W 23 -20.76 23.27 -30.61
N CYS W 24 -20.25 24.32 -29.97
CA CYS W 24 -19.43 24.14 -28.79
C CYS W 24 -19.54 25.31 -27.81
N ASP W 25 -19.15 25.08 -26.56
CA ASP W 25 -19.17 26.14 -25.56
C ASP W 25 -17.84 26.86 -25.72
N LEU W 26 -17.57 27.87 -24.92
CA LEU W 26 -16.32 28.60 -25.08
C LEU W 26 -15.46 28.59 -23.86
N ARG W 27 -15.84 27.81 -22.87
CA ARG W 27 -15.06 27.78 -21.64
C ARG W 27 -13.76 26.99 -21.68
N LEU W 28 -12.78 27.50 -20.94
CA LEU W 28 -11.48 26.89 -20.76
C LEU W 28 -11.16 27.25 -19.32
N GLY W 29 -11.14 26.25 -18.45
CA GLY W 29 -10.84 26.52 -17.07
C GLY W 29 -9.68 25.68 -16.63
N SER W 30 -9.44 25.69 -15.33
CA SER W 30 -8.38 24.90 -14.71
C SER W 30 -9.05 24.45 -13.42
N GLN W 31 -9.72 23.30 -13.50
CA GLN W 31 -10.45 22.74 -12.37
C GLN W 31 -11.60 23.72 -12.13
N SER W 32 -11.73 24.23 -10.92
CA SER W 32 -12.82 25.15 -10.63
C SER W 32 -12.66 26.56 -11.21
N LEU W 33 -11.41 26.99 -11.40
CA LEU W 33 -11.14 28.32 -11.92
C LEU W 33 -11.35 28.51 -13.41
N GLY W 34 -12.24 29.43 -13.78
CA GLY W 34 -12.47 29.72 -15.18
C GLY W 34 -11.29 30.54 -15.70
N VAL W 35 -10.77 30.21 -16.89
CA VAL W 35 -9.63 30.97 -17.41
C VAL W 35 -9.91 31.77 -18.68
N SER W 36 -10.65 31.19 -19.60
CA SER W 36 -10.97 31.89 -20.84
C SER W 36 -12.38 31.60 -21.31
N ASN W 37 -13.05 32.65 -21.79
CA ASN W 37 -14.41 32.57 -22.30
C ASN W 37 -14.34 32.66 -23.81
N LYS W 38 -13.15 32.40 -24.35
CA LYS W 38 -12.95 32.50 -25.79
C LYS W 38 -12.29 31.30 -26.41
N PHE W 39 -12.24 30.20 -25.68
CA PHE W 39 -11.61 29.00 -26.22
C PHE W 39 -12.59 28.26 -27.11
N GLU W 40 -12.55 28.56 -28.39
CA GLU W 40 -13.45 27.87 -29.32
C GLU W 40 -12.91 26.47 -29.53
N LYS W 41 -13.81 25.52 -29.76
CA LYS W 41 -13.39 24.15 -29.93
C LYS W 41 -13.72 23.59 -31.30
N ILE W 42 -14.11 24.48 -32.22
CA ILE W 42 -14.44 24.07 -33.59
C ILE W 42 -13.42 24.66 -34.56
N PHE W 43 -12.89 23.81 -35.44
CA PHE W 43 -11.91 24.23 -36.43
C PHE W 43 -12.36 23.64 -37.74
N HIS W 44 -11.82 24.16 -38.84
CA HIS W 44 -12.20 23.61 -40.13
C HIS W 44 -11.02 23.60 -41.09
N TYR W 45 -11.04 22.62 -41.98
CA TYR W 45 -10.00 22.44 -42.98
C TYR W 45 -10.80 22.29 -44.27
N GLY W 46 -10.87 23.38 -45.02
CA GLY W 46 -11.63 23.37 -46.24
C GLY W 46 -13.07 23.40 -45.79
N HIS W 47 -13.88 22.48 -46.30
CA HIS W 47 -15.27 22.44 -45.90
C HIS W 47 -15.51 21.43 -44.80
N VAL W 48 -14.44 20.83 -44.27
CA VAL W 48 -14.60 19.84 -43.22
C VAL W 48 -14.40 20.48 -41.85
N PHE W 49 -15.32 20.21 -40.93
CA PHE W 49 -15.25 20.77 -39.59
C PHE W 49 -14.94 19.76 -38.53
N LEU W 50 -14.10 20.19 -37.60
CA LEU W 50 -13.66 19.35 -36.51
C LEU W 50 -13.81 20.02 -35.15
N GLY W 51 -14.49 19.34 -34.23
CA GLY W 51 -14.64 19.85 -32.88
C GLY W 51 -13.80 18.95 -32.00
N ILE W 52 -13.13 19.52 -30.99
CA ILE W 52 -12.31 18.69 -30.12
C ILE W 52 -12.47 19.10 -28.66
N THR W 53 -13.06 18.23 -27.84
CA THR W 53 -13.22 18.49 -26.41
C THR W 53 -12.09 17.72 -25.72
N GLY W 54 -11.80 18.04 -24.47
CA GLY W 54 -10.75 17.31 -23.77
C GLY W 54 -9.66 18.21 -23.22
N LEU W 55 -8.47 17.66 -23.04
CA LEU W 55 -7.34 18.42 -22.51
C LEU W 55 -7.01 19.50 -23.54
N ALA W 56 -7.07 20.77 -23.12
CA ALA W 56 -6.82 21.90 -24.03
C ALA W 56 -5.51 21.85 -24.81
N THR W 57 -4.40 21.52 -24.15
CA THR W 57 -3.13 21.44 -24.87
C THR W 57 -3.22 20.48 -26.05
N ASP W 58 -3.93 19.36 -25.87
CA ASP W 58 -4.11 18.37 -26.92
C ASP W 58 -5.07 18.83 -27.99
N VAL W 59 -6.12 19.55 -27.59
CA VAL W 59 -7.07 20.08 -28.55
C VAL W 59 -6.27 20.97 -29.51
N THR W 60 -5.48 21.86 -28.92
CA THR W 60 -4.63 22.76 -29.67
C THR W 60 -3.68 22.00 -30.59
N THR W 61 -2.97 21.02 -30.01
CA THR W 61 -2.03 20.23 -30.78
C THR W 61 -2.68 19.49 -31.95
N LEU W 62 -3.82 18.84 -31.72
CA LEU W 62 -4.46 18.11 -32.79
C LEU W 62 -4.90 19.02 -33.91
N ASN W 63 -5.41 20.19 -33.54
CA ASN W 63 -5.84 21.12 -34.56
C ASN W 63 -4.64 21.47 -35.43
N GLU W 64 -3.53 21.81 -34.79
CA GLU W 64 -2.30 22.15 -35.49
C GLU W 64 -1.83 20.97 -36.33
N MET W 65 -2.04 19.76 -35.84
CA MET W 65 -1.63 18.58 -36.58
C MET W 65 -2.48 18.37 -37.83
N PHE W 66 -3.79 18.41 -37.70
CA PHE W 66 -4.66 18.20 -38.86
C PHE W 66 -4.55 19.33 -39.90
N ARG W 67 -4.21 20.54 -39.47
CA ARG W 67 -4.06 21.63 -40.42
C ARG W 67 -2.92 21.12 -41.30
N TYR W 68 -1.79 20.86 -40.65
CA TYR W 68 -0.59 20.32 -41.28
C TYR W 68 -0.89 19.17 -42.23
N LYS W 69 -1.56 18.13 -41.74
CA LYS W 69 -1.87 16.97 -42.56
C LYS W 69 -2.81 17.25 -43.74
N THR W 70 -3.87 18.00 -43.52
CA THR W 70 -4.82 18.33 -44.61
C THR W 70 -4.19 19.28 -45.65
N ASN W 71 -3.22 20.07 -45.21
CA ASN W 71 -2.54 20.98 -46.12
C ASN W 71 -1.76 20.18 -47.13
N LEU W 72 -0.93 19.27 -46.63
CA LEU W 72 -0.11 18.43 -47.48
C LEU W 72 -1.01 17.52 -48.30
N TYR W 73 -2.18 17.19 -47.77
CA TYR W 73 -3.10 16.32 -48.49
C TYR W 73 -3.59 17.07 -49.72
N LYS W 74 -4.01 18.31 -49.50
CA LYS W 74 -4.53 19.13 -50.58
C LYS W 74 -3.50 19.33 -51.70
N LEU W 75 -2.25 19.54 -51.30
CA LEU W 75 -1.16 19.76 -52.24
C LEU W 75 -0.89 18.55 -53.14
N LYS W 76 -1.11 17.35 -52.61
CA LYS W 76 -0.86 16.13 -53.36
C LYS W 76 -2.08 15.68 -54.15
N GLU W 77 -3.21 15.60 -53.49
CA GLU W 77 -4.44 15.17 -54.13
C GLU W 77 -5.00 16.25 -55.05
N GLU W 78 -4.55 17.49 -54.86
CA GLU W 78 -5.03 18.63 -55.63
C GLU W 78 -6.54 18.78 -55.54
N ARG W 79 -7.07 18.55 -54.35
CA ARG W 79 -8.48 18.67 -54.07
C ARG W 79 -8.55 18.69 -52.55
N ALA W 80 -9.65 19.19 -52.00
CA ALA W 80 -9.79 19.26 -50.55
C ALA W 80 -10.31 17.96 -49.97
N ILE W 81 -9.81 17.62 -48.79
CA ILE W 81 -10.18 16.41 -48.07
C ILE W 81 -11.69 16.37 -47.79
N GLU W 82 -12.29 15.18 -47.83
CA GLU W 82 -13.74 15.03 -47.57
C GLU W 82 -14.01 14.57 -46.15
N PRO W 83 -15.25 14.76 -45.66
CA PRO W 83 -15.57 14.33 -44.31
C PRO W 83 -15.17 12.89 -44.04
N GLU W 84 -15.68 11.98 -44.87
CA GLU W 84 -15.38 10.57 -44.73
C GLU W 84 -13.89 10.27 -44.67
N THR W 85 -13.16 10.72 -45.68
CA THR W 85 -11.72 10.49 -45.69
C THR W 85 -11.05 11.14 -44.47
N PHE W 86 -11.51 12.31 -44.08
CA PHE W 86 -10.89 12.98 -42.94
C PHE W 86 -11.08 12.15 -41.68
N THR W 87 -12.29 11.65 -41.50
CA THR W 87 -12.62 10.82 -40.34
C THR W 87 -11.60 9.69 -40.25
N GLN W 88 -11.42 8.99 -41.37
CA GLN W 88 -10.46 7.91 -41.42
C GLN W 88 -9.09 8.38 -40.99
N LEU W 89 -8.74 9.62 -41.32
CA LEU W 89 -7.43 10.15 -40.95
C LEU W 89 -7.36 10.45 -39.45
N VAL W 90 -8.40 11.07 -38.92
CA VAL W 90 -8.44 11.39 -37.50
C VAL W 90 -8.26 10.09 -36.72
N SER W 91 -8.97 9.07 -37.18
CA SER W 91 -8.97 7.76 -36.56
C SER W 91 -7.57 7.13 -36.54
N SER W 92 -6.95 7.02 -37.71
CA SER W 92 -5.64 6.42 -37.78
C SER W 92 -4.63 7.26 -37.01
N SER W 93 -4.80 8.58 -37.04
CA SER W 93 -3.86 9.46 -36.34
C SER W 93 -3.95 9.27 -34.84
N LEU W 94 -5.16 9.05 -34.33
CA LEU W 94 -5.32 8.86 -32.90
C LEU W 94 -4.77 7.51 -32.45
N TYR W 95 -5.14 6.44 -33.17
CA TYR W 95 -4.71 5.09 -32.81
C TYR W 95 -3.19 4.93 -32.86
N GLU W 96 -2.54 5.82 -33.57
CA GLU W 96 -1.09 5.77 -33.66
C GLU W 96 -0.46 6.01 -32.30
N ARG W 97 -1.21 6.62 -31.39
CA ARG W 97 -0.74 6.92 -30.05
C ARG W 97 -1.51 6.03 -29.09
N ARG W 98 -1.87 4.83 -29.56
CA ARG W 98 -2.62 3.88 -28.75
C ARG W 98 -2.18 3.73 -27.30
N PHE W 99 -0.88 3.81 -27.02
CA PHE W 99 -0.45 3.63 -25.64
C PHE W 99 0.09 4.87 -24.96
N GLY W 100 -0.51 6.00 -25.29
CA GLY W 100 -0.13 7.30 -24.74
C GLY W 100 -0.92 8.26 -25.59
N PRO W 101 -2.25 8.08 -25.62
CA PRO W 101 -3.23 8.87 -26.37
C PRO W 101 -3.38 10.33 -26.02
N TYR W 102 -4.05 11.03 -26.92
CA TYR W 102 -4.37 12.42 -26.75
C TYR W 102 -5.69 12.31 -26.01
N PHE W 103 -5.84 13.08 -24.95
CA PHE W 103 -7.06 13.04 -24.17
C PHE W 103 -8.06 14.00 -24.79
N VAL W 104 -8.72 13.52 -25.83
CA VAL W 104 -9.64 14.34 -26.56
C VAL W 104 -10.84 13.54 -27.02
N GLY W 105 -11.91 14.25 -27.37
CA GLY W 105 -13.12 13.62 -27.84
C GLY W 105 -13.48 14.34 -29.13
N PRO W 106 -12.88 13.93 -30.26
CA PRO W 106 -13.13 14.55 -31.57
C PRO W 106 -14.53 14.36 -32.15
N VAL W 107 -14.92 15.32 -32.98
CA VAL W 107 -16.21 15.31 -33.66
C VAL W 107 -16.04 15.89 -35.06
N VAL W 108 -16.45 15.13 -36.07
CA VAL W 108 -16.33 15.58 -37.45
C VAL W 108 -17.70 15.86 -38.04
N ALA W 109 -17.80 16.98 -38.76
CA ALA W 109 -19.04 17.39 -39.40
C ALA W 109 -18.73 18.02 -40.75
N GLY W 110 -19.54 17.70 -41.77
CA GLY W 110 -19.33 18.27 -43.08
C GLY W 110 -20.26 17.72 -44.14
N ILE W 111 -20.26 18.33 -45.32
CA ILE W 111 -21.09 17.87 -46.43
C ILE W 111 -20.15 17.42 -47.53
N ASN W 112 -20.40 16.23 -48.07
CA ASN W 112 -19.56 15.74 -49.14
C ASN W 112 -19.74 16.63 -50.37
N SER W 113 -18.67 17.23 -50.83
CA SER W 113 -18.74 18.11 -51.99
C SER W 113 -19.30 17.44 -53.25
N LYS W 114 -19.10 16.15 -53.40
CA LYS W 114 -19.56 15.45 -54.59
C LYS W 114 -20.93 14.79 -54.45
N SER W 115 -21.17 14.11 -53.33
CA SER W 115 -22.46 13.44 -53.13
C SER W 115 -23.50 14.35 -52.50
N GLY W 116 -23.04 15.41 -51.86
CA GLY W 116 -23.95 16.34 -51.21
C GLY W 116 -24.56 15.79 -49.93
N LYS W 117 -24.18 14.56 -49.60
CA LYS W 117 -24.69 13.88 -48.41
C LYS W 117 -24.08 14.41 -47.11
N PRO W 118 -24.94 14.71 -46.11
CA PRO W 118 -24.47 15.22 -44.82
C PRO W 118 -23.73 14.12 -44.06
N PHE W 119 -22.71 14.51 -43.32
CA PHE W 119 -21.90 13.55 -42.57
C PHE W 119 -21.40 14.06 -41.22
N ILE W 120 -21.48 13.20 -40.21
CA ILE W 120 -21.02 13.53 -38.87
C ILE W 120 -20.45 12.25 -38.27
N ALA W 121 -19.50 12.41 -37.35
CA ALA W 121 -18.90 11.27 -36.68
C ALA W 121 -18.14 11.69 -35.42
N GLY W 122 -17.96 10.74 -34.51
CA GLY W 122 -17.24 11.01 -33.28
C GLY W 122 -16.25 9.88 -33.02
N PHE W 123 -15.27 10.13 -32.17
CA PHE W 123 -14.28 9.10 -31.86
C PHE W 123 -13.88 9.16 -30.40
N ASP W 124 -13.33 8.06 -29.88
CA ASP W 124 -12.85 8.05 -28.50
C ASP W 124 -11.37 8.44 -28.57
N LEU W 125 -10.75 8.72 -27.43
CA LEU W 125 -9.35 9.15 -27.43
C LEU W 125 -8.42 8.27 -28.24
N ILE W 126 -8.79 7.02 -28.50
CA ILE W 126 -7.90 6.18 -29.28
C ILE W 126 -8.32 5.91 -30.72
N GLY W 127 -9.25 6.70 -31.24
CA GLY W 127 -9.62 6.53 -32.63
C GLY W 127 -10.82 5.70 -33.05
N CYS W 128 -11.44 4.98 -32.15
CA CYS W 128 -12.60 4.20 -32.58
C CYS W 128 -13.62 5.15 -33.18
N ILE W 129 -14.09 4.83 -34.38
CA ILE W 129 -15.06 5.67 -35.07
C ILE W 129 -16.53 5.35 -34.81
N ASP W 130 -17.32 6.39 -34.55
CA ASP W 130 -18.76 6.25 -34.33
C ASP W 130 -19.46 7.08 -35.40
N GLU W 131 -20.05 6.42 -36.39
CA GLU W 131 -20.73 7.16 -37.44
C GLU W 131 -22.22 7.08 -37.22
N ALA W 132 -22.77 8.16 -36.70
CA ALA W 132 -24.19 8.22 -36.43
C ALA W 132 -24.89 9.04 -37.48
N LYS W 133 -26.17 8.77 -37.64
CA LYS W 133 -26.98 9.48 -38.59
C LYS W 133 -27.64 10.69 -37.91
N ASP W 134 -27.95 10.54 -36.63
CA ASP W 134 -28.58 11.61 -35.89
C ASP W 134 -27.64 12.65 -35.30
N PHE W 135 -26.96 12.30 -34.22
CA PHE W 135 -26.07 13.24 -33.55
C PHE W 135 -24.89 12.59 -32.83
N ILE W 136 -23.90 13.42 -32.51
CA ILE W 136 -22.69 13.02 -31.80
C ILE W 136 -22.45 14.04 -30.70
N VAL W 137 -22.10 13.58 -29.50
CA VAL W 137 -21.82 14.49 -28.39
C VAL W 137 -20.45 14.19 -27.81
N SER W 138 -19.87 15.17 -27.14
CA SER W 138 -18.54 15.03 -26.58
C SER W 138 -18.30 16.10 -25.53
N GLY W 139 -17.50 15.79 -24.52
CA GLY W 139 -17.25 16.79 -23.50
C GLY W 139 -17.66 16.40 -22.09
N THR W 140 -17.40 17.29 -21.15
CA THR W 140 -17.72 17.04 -19.75
C THR W 140 -19.22 17.02 -19.44
N ALA W 141 -20.04 17.36 -20.42
CA ALA W 141 -21.49 17.35 -20.22
C ALA W 141 -22.17 16.49 -21.27
N SER W 142 -21.47 15.43 -21.65
CA SER W 142 -21.94 14.48 -22.67
C SER W 142 -23.21 13.72 -22.27
N ASP W 143 -23.35 13.43 -20.99
CA ASP W 143 -24.55 12.73 -20.53
C ASP W 143 -25.75 13.65 -20.72
N GLN W 144 -25.58 14.89 -20.27
CA GLN W 144 -26.61 15.90 -20.40
C GLN W 144 -26.93 16.10 -21.87
N LEU W 145 -25.90 16.14 -22.70
CA LEU W 145 -26.09 16.30 -24.14
C LEU W 145 -26.87 15.14 -24.72
N PHE W 146 -26.57 13.93 -24.23
CA PHE W 146 -27.25 12.74 -24.72
C PHE W 146 -28.71 12.85 -24.36
N GLY W 147 -28.97 13.37 -23.18
CA GLY W 147 -30.34 13.52 -22.75
C GLY W 147 -31.04 14.55 -23.61
N MET W 148 -30.40 15.70 -23.81
CA MET W 148 -31.01 16.73 -24.63
C MET W 148 -31.33 16.16 -26.01
N CYS W 149 -30.28 15.83 -26.75
CA CYS W 149 -30.42 15.29 -28.09
C CYS W 149 -31.44 14.17 -28.25
N GLU W 150 -31.42 13.22 -27.34
CA GLU W 150 -32.33 12.09 -27.45
C GLU W 150 -33.80 12.52 -27.56
N SER W 151 -34.17 13.57 -26.83
CA SER W 151 -35.55 14.04 -26.86
C SER W 151 -35.75 15.14 -27.90
N LEU W 152 -34.93 16.18 -27.83
CA LEU W 152 -35.02 17.31 -28.74
C LEU W 152 -34.89 17.02 -30.22
N TYR W 153 -34.14 15.99 -30.56
CA TYR W 153 -33.87 15.68 -31.97
C TYR W 153 -34.95 14.97 -32.79
N GLU W 154 -34.96 15.30 -34.08
CA GLU W 154 -35.82 14.69 -35.07
C GLU W 154 -35.14 14.88 -36.45
N PRO W 155 -35.32 13.92 -37.37
CA PRO W 155 -34.77 13.88 -38.72
C PRO W 155 -35.14 14.98 -39.69
N ASN W 156 -34.25 15.20 -40.65
CA ASN W 156 -34.44 16.16 -41.72
C ASN W 156 -34.92 17.57 -41.36
N LEU W 157 -34.38 18.12 -40.28
CA LEU W 157 -34.75 19.47 -39.91
C LEU W 157 -34.09 20.43 -40.90
N GLU W 158 -34.77 21.52 -41.23
CA GLU W 158 -34.21 22.50 -42.14
C GLU W 158 -33.15 23.26 -41.37
N PRO W 159 -32.25 23.94 -42.07
CA PRO W 159 -31.18 24.72 -41.44
C PRO W 159 -31.62 25.66 -40.32
N GLU W 160 -32.73 26.38 -40.52
CA GLU W 160 -33.22 27.32 -39.50
C GLU W 160 -33.79 26.61 -38.29
N ASP W 161 -34.27 25.39 -38.52
CA ASP W 161 -34.84 24.58 -37.46
C ASP W 161 -33.72 23.87 -36.69
N LEU W 162 -32.84 23.19 -37.42
CA LEU W 162 -31.74 22.48 -36.80
C LEU W 162 -30.97 23.40 -35.88
N PHE W 163 -30.79 24.65 -36.32
CA PHE W 163 -30.08 25.62 -35.50
C PHE W 163 -30.69 25.78 -34.12
N GLU W 164 -32.00 26.01 -34.09
CA GLU W 164 -32.69 26.18 -32.83
C GLU W 164 -32.48 24.94 -31.99
N THR W 165 -32.71 23.77 -32.58
CA THR W 165 -32.57 22.52 -31.86
C THR W 165 -31.18 22.31 -31.29
N ILE W 166 -30.16 22.34 -32.14
CA ILE W 166 -28.80 22.15 -31.66
C ILE W 166 -28.41 23.18 -30.59
N SER W 167 -28.88 24.41 -30.74
CA SER W 167 -28.56 25.47 -29.79
C SER W 167 -29.16 25.18 -28.41
N GLN W 168 -30.39 24.74 -28.42
CA GLN W 168 -31.07 24.44 -27.17
C GLN W 168 -30.46 23.22 -26.52
N ALA W 169 -29.94 22.31 -27.35
CA ALA W 169 -29.32 21.10 -26.84
C ALA W 169 -28.04 21.50 -26.11
N LEU W 170 -27.17 22.20 -26.82
CA LEU W 170 -25.90 22.65 -26.25
C LEU W 170 -26.14 23.50 -25.01
N LEU W 171 -26.91 24.55 -25.18
CA LEU W 171 -27.25 25.50 -24.13
C LEU W 171 -27.76 24.93 -22.80
N ASN W 172 -28.72 24.03 -22.86
CA ASN W 172 -29.28 23.47 -21.64
C ASN W 172 -28.38 22.46 -20.99
N ALA W 173 -27.60 21.75 -21.80
CA ALA W 173 -26.69 20.77 -21.26
C ALA W 173 -25.57 21.52 -20.54
N ALA W 174 -25.06 22.58 -21.18
CA ALA W 174 -23.98 23.35 -20.59
C ALA W 174 -24.35 24.01 -19.28
N ASP W 175 -25.61 24.36 -19.13
CA ASP W 175 -26.04 25.01 -17.91
C ASP W 175 -26.09 24.07 -16.74
N ARG W 176 -26.08 22.76 -17.04
CA ARG W 176 -26.10 21.70 -16.02
C ARG W 176 -24.71 21.10 -15.80
N ASP W 177 -23.71 21.69 -16.43
CA ASP W 177 -22.34 21.23 -16.29
C ASP W 177 -21.53 22.38 -15.72
N ALA W 178 -20.84 22.13 -14.61
CA ALA W 178 -20.04 23.14 -13.93
C ALA W 178 -18.84 23.58 -14.72
N LEU W 179 -18.31 22.67 -15.54
CA LEU W 179 -17.13 22.97 -16.33
C LEU W 179 -17.39 23.44 -17.75
N SER W 180 -18.66 23.63 -18.09
CA SER W 180 -19.02 24.10 -19.43
C SER W 180 -19.81 25.42 -19.41
N GLY W 181 -19.79 26.14 -20.53
CA GLY W 181 -20.49 27.40 -20.62
C GLY W 181 -19.59 28.58 -20.98
N TRP W 182 -19.89 29.75 -20.42
CA TRP W 182 -19.13 30.96 -20.67
C TRP W 182 -19.14 31.35 -22.14
N GLY W 183 -20.25 31.10 -22.81
CA GLY W 183 -20.34 31.41 -24.23
C GLY W 183 -20.54 30.14 -25.02
N ALA W 184 -20.93 30.28 -26.28
CA ALA W 184 -21.17 29.14 -27.14
C ALA W 184 -21.27 29.65 -28.56
N VAL W 185 -20.78 28.87 -29.52
CA VAL W 185 -20.83 29.24 -30.92
C VAL W 185 -21.42 28.07 -31.70
N VAL W 186 -22.31 28.36 -32.64
CA VAL W 186 -22.95 27.32 -33.43
C VAL W 186 -22.66 27.51 -34.90
N TYR W 187 -22.47 26.40 -35.61
CA TYR W 187 -22.16 26.43 -37.03
C TYR W 187 -23.24 25.69 -37.79
N ILE W 188 -23.84 26.38 -38.76
CA ILE W 188 -24.85 25.76 -39.61
C ILE W 188 -24.18 25.61 -40.96
N ILE W 189 -23.85 24.38 -41.33
CA ILE W 189 -23.17 24.08 -42.57
C ILE W 189 -24.10 23.55 -43.65
N LYS W 190 -23.96 24.13 -44.85
CA LYS W 190 -24.75 23.75 -46.02
C LYS W 190 -23.78 23.50 -47.17
N LYS W 191 -24.27 22.87 -48.25
CA LYS W 191 -23.42 22.57 -49.41
C LYS W 191 -22.62 23.77 -49.91
N ASP W 192 -23.31 24.91 -50.00
CA ASP W 192 -22.72 26.15 -50.49
C ASP W 192 -22.16 27.10 -49.44
N GLU W 193 -22.95 27.44 -48.42
CA GLU W 193 -22.50 28.37 -47.40
C GLU W 193 -22.54 27.84 -45.97
N VAL W 194 -21.75 28.50 -45.12
CA VAL W 194 -21.65 28.16 -43.71
C VAL W 194 -21.81 29.42 -42.88
N VAL W 195 -22.71 29.36 -41.89
CA VAL W 195 -22.98 30.50 -41.01
C VAL W 195 -22.56 30.18 -39.56
N LYS W 196 -21.93 31.14 -38.91
CA LYS W 196 -21.46 30.98 -37.54
C LYS W 196 -22.13 32.00 -36.62
N ARG W 197 -22.85 31.53 -35.61
CA ARG W 197 -23.54 32.40 -34.66
C ARG W 197 -23.09 32.21 -33.21
N TYR W 198 -22.96 33.30 -32.47
CA TYR W 198 -22.58 33.22 -31.07
C TYR W 198 -23.86 33.32 -30.28
N LEU W 199 -24.05 32.46 -29.29
CA LEU W 199 -25.26 32.48 -28.49
C LEU W 199 -25.10 33.27 -27.19
N LYS W 200 -26.22 33.68 -26.60
CA LYS W 200 -26.20 34.42 -25.34
C LYS W 200 -26.64 33.48 -24.23
N MET W 201 -25.76 33.27 -23.25
CA MET W 201 -26.06 32.36 -22.14
C MET W 201 -25.52 32.85 -20.81
N ARG W 202 -25.94 32.20 -19.73
CA ARG W 202 -25.49 32.56 -18.38
C ARG W 202 -23.99 32.63 -18.41
N GLN W 203 -23.40 33.43 -17.54
CA GLN W 203 -21.96 33.50 -17.50
C GLN W 203 -21.43 33.03 -16.15
N ASP W 204 -22.06 31.99 -15.61
CA ASP W 204 -21.63 31.44 -14.32
C ASP W 204 -21.50 29.92 -14.39
N MET X 1 3.21 28.63 -4.33
CA MET X 1 3.93 29.06 -5.55
C MET X 1 4.18 30.58 -5.58
N ASP X 2 4.87 31.04 -6.63
CA ASP X 2 5.22 32.45 -6.80
C ASP X 2 4.14 33.22 -7.53
N ILE X 3 4.16 34.55 -7.39
CA ILE X 3 3.17 35.37 -8.08
C ILE X 3 3.66 35.71 -9.47
N ILE X 4 2.75 35.61 -10.42
CA ILE X 4 3.02 35.90 -11.81
C ILE X 4 1.77 36.55 -12.38
N LEU X 5 1.82 37.87 -12.51
CA LEU X 5 0.67 38.62 -13.03
C LEU X 5 0.97 39.31 -14.32
N GLY X 6 -0.10 39.57 -15.06
CA GLY X 6 0.06 40.23 -16.33
C GLY X 6 -1.18 40.97 -16.76
N ILE X 7 -1.00 42.19 -17.25
CA ILE X 7 -2.12 42.98 -17.70
C ILE X 7 -1.80 43.77 -18.96
N ARG X 8 -2.66 43.60 -19.95
CA ARG X 8 -2.56 44.27 -21.24
C ARG X 8 -3.46 45.50 -21.26
N VAL X 9 -2.84 46.67 -21.24
CA VAL X 9 -3.59 47.91 -21.25
C VAL X 9 -3.79 48.43 -22.67
N GLN X 10 -3.75 49.74 -22.85
CA GLN X 10 -3.94 50.34 -24.17
C GLN X 10 -2.72 50.22 -25.06
N ASP X 11 -1.58 50.68 -24.56
CA ASP X 11 -0.39 50.65 -25.37
C ASP X 11 0.79 49.94 -24.76
N SER X 12 0.52 48.93 -23.92
CA SER X 12 1.60 48.18 -23.31
C SER X 12 1.11 46.99 -22.50
N VAL X 13 2.06 46.18 -22.07
CA VAL X 13 1.76 45.02 -21.25
C VAL X 13 2.52 45.19 -19.95
N ILE X 14 1.87 44.89 -18.82
CA ILE X 14 2.52 45.02 -17.53
C ILE X 14 2.69 43.63 -16.92
N LEU X 15 3.88 43.34 -16.40
CA LEU X 15 4.13 42.05 -15.77
C LEU X 15 4.63 42.21 -14.34
N ALA X 16 3.86 41.69 -13.39
CA ALA X 16 4.23 41.77 -11.99
C ALA X 16 4.62 40.36 -11.57
N SER X 17 5.78 40.24 -10.95
CA SER X 17 6.28 38.94 -10.53
C SER X 17 6.91 39.02 -9.16
N SER X 18 6.47 38.15 -8.24
CA SER X 18 6.99 38.15 -6.87
C SER X 18 8.51 38.06 -6.84
N LYS X 19 9.10 38.46 -5.73
CA LYS X 19 10.56 38.46 -5.62
C LYS X 19 11.11 37.42 -4.67
N ALA X 20 10.22 36.70 -3.99
CA ALA X 20 10.66 35.69 -3.04
C ALA X 20 11.09 34.37 -3.67
N VAL X 21 12.08 33.74 -3.03
CA VAL X 21 12.60 32.45 -3.44
C VAL X 21 12.81 31.69 -2.14
N THR X 22 11.89 30.78 -1.86
CA THR X 22 11.95 29.97 -0.65
C THR X 22 12.46 28.58 -0.98
N ARG X 23 13.33 28.10 -0.10
CA ARG X 23 13.91 26.77 -0.23
C ARG X 23 13.79 26.08 1.12
N GLY X 24 12.69 25.36 1.28
CA GLY X 24 12.46 24.66 2.52
C GLY X 24 12.00 25.53 3.67
N ILE X 25 12.88 25.68 4.67
CA ILE X 25 12.60 26.45 5.88
C ILE X 25 12.87 27.97 5.79
N SER X 26 13.80 28.36 4.93
CA SER X 26 14.12 29.78 4.81
C SER X 26 13.84 30.38 3.45
N VAL X 27 13.95 31.69 3.40
CA VAL X 27 13.75 32.46 2.18
C VAL X 27 15.15 32.90 1.74
N LEU X 28 15.70 32.16 0.79
CA LEU X 28 17.04 32.43 0.27
C LEU X 28 17.24 33.79 -0.38
N LYS X 29 16.21 34.30 -1.05
CA LYS X 29 16.34 35.58 -1.71
C LYS X 29 15.01 36.31 -1.73
N ASP X 30 15.07 37.63 -1.68
CA ASP X 30 13.89 38.48 -1.67
C ASP X 30 13.94 39.49 -2.83
N SER X 31 14.85 39.25 -3.76
CA SER X 31 15.03 40.13 -4.90
C SER X 31 15.14 39.40 -6.23
N ASP X 32 14.47 38.25 -6.33
CA ASP X 32 14.52 37.45 -7.55
C ASP X 32 13.73 38.06 -8.71
N ASP X 33 14.38 38.14 -9.86
CA ASP X 33 13.74 38.67 -11.05
C ASP X 33 13.29 37.52 -11.90
N LYS X 34 12.04 37.11 -11.74
CA LYS X 34 11.51 35.98 -12.47
C LYS X 34 11.09 36.26 -13.90
N THR X 35 12.00 36.85 -14.67
CA THR X 35 11.72 37.19 -16.06
C THR X 35 12.96 37.21 -16.96
N ARG X 36 12.75 37.05 -18.27
CA ARG X 36 13.83 37.08 -19.27
C ARG X 36 13.35 37.88 -20.45
N GLN X 37 14.26 38.54 -21.15
CA GLN X 37 13.90 39.31 -22.32
C GLN X 37 14.18 38.47 -23.55
N LEU X 38 13.13 38.04 -24.25
CA LEU X 38 13.32 37.20 -25.41
C LEU X 38 13.80 38.00 -26.62
N SER X 39 13.28 39.21 -26.77
CA SER X 39 13.67 40.09 -27.87
C SER X 39 13.44 41.50 -27.35
N PRO X 40 13.90 42.51 -28.09
CA PRO X 40 13.71 43.89 -27.62
C PRO X 40 12.28 44.31 -27.28
N HIS X 41 11.28 43.60 -27.80
CA HIS X 41 9.89 43.94 -27.51
C HIS X 41 9.07 42.79 -26.96
N THR X 42 9.73 41.71 -26.55
CA THR X 42 9.02 40.57 -25.98
C THR X 42 9.61 40.14 -24.64
N LEU X 43 8.76 40.07 -23.63
CA LEU X 43 9.17 39.68 -22.28
C LEU X 43 8.38 38.48 -21.79
N MET X 44 9.07 37.57 -21.10
CA MET X 44 8.43 36.38 -20.57
C MET X 44 8.76 36.18 -19.10
N SER X 45 7.71 36.08 -18.29
CA SER X 45 7.83 35.85 -16.85
C SER X 45 7.52 34.37 -16.65
N PHE X 46 8.06 33.80 -15.58
CA PHE X 46 7.88 32.36 -15.35
C PHE X 46 7.87 31.97 -13.89
N ALA X 47 7.14 30.90 -13.58
CA ALA X 47 7.07 30.38 -12.23
C ALA X 47 6.92 28.86 -12.23
N GLY X 48 7.55 28.19 -11.26
CA GLY X 48 7.42 26.74 -11.22
C GLY X 48 8.54 25.99 -10.51
N GLU X 49 8.74 24.74 -10.95
CA GLU X 49 9.74 23.83 -10.40
C GLU X 49 11.15 24.41 -10.30
N ALA X 50 11.77 24.23 -9.13
CA ALA X 50 13.10 24.71 -8.83
C ALA X 50 14.09 24.93 -9.97
N GLY X 51 14.51 23.88 -10.65
CA GLY X 51 15.48 24.11 -11.70
C GLY X 51 14.92 24.43 -13.07
N ASP X 52 13.88 23.69 -13.45
CA ASP X 52 13.22 23.83 -14.74
C ASP X 52 12.88 25.26 -15.11
N THR X 53 12.35 25.98 -14.13
CA THR X 53 11.95 27.36 -14.28
C THR X 53 12.96 28.24 -15.07
N VAL X 54 14.14 28.49 -14.51
CA VAL X 54 15.16 29.30 -15.17
C VAL X 54 15.71 28.62 -16.42
N GLN X 55 16.01 27.32 -16.33
CA GLN X 55 16.55 26.56 -17.47
C GLN X 55 15.71 26.71 -18.72
N PHE X 56 14.40 26.54 -18.56
CA PHE X 56 13.48 26.66 -19.67
C PHE X 56 13.50 28.05 -20.24
N ALA X 57 13.30 29.05 -19.37
CA ALA X 57 13.30 30.44 -19.79
C ALA X 57 14.57 30.79 -20.56
N GLU X 58 15.73 30.42 -20.02
CA GLU X 58 16.98 30.71 -20.69
C GLU X 58 17.11 29.94 -22.01
N TYR X 59 16.56 28.73 -22.07
CA TYR X 59 16.60 27.93 -23.28
C TYR X 59 15.77 28.62 -24.35
N ILE X 60 14.58 29.09 -23.98
CA ILE X 60 13.70 29.80 -24.91
C ILE X 60 14.31 31.11 -25.38
N GLN X 61 14.94 31.84 -24.46
CA GLN X 61 15.58 33.10 -24.80
C GLN X 61 16.69 32.88 -25.85
N ALA X 62 17.56 31.92 -25.58
CA ALA X 62 18.65 31.60 -26.48
C ALA X 62 18.14 31.34 -27.88
N ASN X 63 17.01 30.65 -27.99
CA ASN X 63 16.45 30.34 -29.29
C ASN X 63 15.87 31.51 -30.04
N ILE X 64 15.25 32.44 -29.30
CA ILE X 64 14.68 33.60 -29.96
C ILE X 64 15.83 34.50 -30.46
N GLN X 65 16.82 34.72 -29.60
CA GLN X 65 17.99 35.53 -29.97
C GLN X 65 18.67 34.94 -31.21
N LEU X 66 18.82 33.61 -31.26
CA LEU X 66 19.42 32.97 -32.42
C LEU X 66 18.57 33.25 -33.66
N TYR X 67 17.25 33.19 -33.51
CA TYR X 67 16.38 33.43 -34.64
C TYR X 67 16.53 34.88 -35.11
N SER X 68 16.64 35.80 -34.16
CA SER X 68 16.78 37.21 -34.50
C SER X 68 18.06 37.46 -35.29
N ILE X 69 19.17 36.89 -34.86
CA ILE X 69 20.42 37.08 -35.56
C ILE X 69 20.38 36.49 -36.96
N ARG X 70 19.80 35.30 -37.10
CA ARG X 70 19.73 34.64 -38.39
C ARG X 70 18.94 35.39 -39.44
N GLU X 71 17.75 35.85 -39.07
CA GLU X 71 16.88 36.55 -40.00
C GLU X 71 16.92 38.08 -39.87
N ASP X 72 17.70 38.59 -38.92
CA ASP X 72 17.76 40.04 -38.68
C ASP X 72 16.34 40.58 -38.69
N TYR X 73 15.51 39.98 -37.85
CA TYR X 73 14.11 40.34 -37.75
C TYR X 73 13.66 39.93 -36.35
N GLU X 74 12.57 40.52 -35.88
CA GLU X 74 12.06 40.18 -34.56
C GLU X 74 10.70 39.50 -34.71
N LEU X 75 10.64 38.22 -34.37
CA LEU X 75 9.40 37.45 -34.47
C LEU X 75 8.31 38.16 -33.72
N SER X 76 7.08 38.04 -34.19
CA SER X 76 5.96 38.67 -33.54
C SER X 76 5.72 38.00 -32.20
N PRO X 77 5.07 38.69 -31.26
CA PRO X 77 4.82 38.07 -29.96
C PRO X 77 4.04 36.78 -30.20
N GLN X 78 3.03 36.84 -31.04
CA GLN X 78 2.21 35.68 -31.35
C GLN X 78 3.06 34.50 -31.76
N ALA X 79 4.06 34.74 -32.59
CA ALA X 79 4.92 33.66 -33.04
C ALA X 79 5.74 33.13 -31.88
N VAL X 80 6.44 34.03 -31.19
CA VAL X 80 7.27 33.63 -30.06
C VAL X 80 6.47 32.76 -29.09
N SER X 81 5.22 33.11 -28.84
CA SER X 81 4.43 32.32 -27.91
C SER X 81 4.08 30.94 -28.48
N SER X 82 3.77 30.85 -29.77
CA SER X 82 3.44 29.55 -30.36
C SER X 82 4.65 28.64 -30.31
N PHE X 83 5.83 29.24 -30.40
CA PHE X 83 7.05 28.47 -30.33
C PHE X 83 7.14 27.92 -28.91
N VAL X 84 6.97 28.81 -27.94
CA VAL X 84 7.02 28.43 -26.55
C VAL X 84 5.96 27.40 -26.19
N ARG X 85 4.77 27.47 -26.76
CA ARG X 85 3.76 26.48 -26.43
C ARG X 85 4.22 25.12 -26.91
N GLN X 86 4.66 25.06 -28.16
CA GLN X 86 5.14 23.81 -28.72
C GLN X 86 6.26 23.21 -27.91
N GLU X 87 7.15 24.04 -27.39
CA GLU X 87 8.23 23.50 -26.59
C GLU X 87 7.64 22.83 -25.35
N LEU X 88 6.71 23.50 -24.68
CA LEU X 88 6.09 22.94 -23.49
C LEU X 88 5.25 21.72 -23.84
N ALA X 89 4.50 21.78 -24.93
CA ALA X 89 3.67 20.67 -25.35
C ALA X 89 4.47 19.38 -25.59
N LYS X 90 5.74 19.51 -25.98
CA LYS X 90 6.60 18.35 -26.19
C LYS X 90 6.96 17.84 -24.82
N SER X 91 7.64 18.70 -24.08
CA SER X 91 8.07 18.44 -22.73
C SER X 91 7.04 17.69 -21.88
N ILE X 92 5.77 17.95 -22.14
CA ILE X 92 4.72 17.31 -21.36
C ILE X 92 4.68 15.78 -21.51
N ARG X 93 5.02 15.25 -22.68
CA ARG X 93 4.97 13.81 -22.85
C ARG X 93 6.36 13.17 -22.86
N SER X 94 7.34 13.88 -22.31
CA SER X 94 8.71 13.37 -22.26
C SER X 94 9.00 12.64 -20.93
N ARG X 95 10.22 12.14 -20.81
CA ARG X 95 10.63 11.41 -19.61
C ARG X 95 10.48 12.27 -18.37
N ARG X 96 11.05 13.48 -18.42
CA ARG X 96 10.94 14.39 -17.28
C ARG X 96 10.52 15.78 -17.76
N PRO X 97 9.20 16.06 -17.76
CA PRO X 97 8.64 17.32 -18.19
C PRO X 97 9.06 18.54 -17.39
N TYR X 98 9.16 19.66 -18.10
CA TYR X 98 9.50 20.94 -17.51
C TYR X 98 8.25 21.35 -16.75
N GLN X 99 8.42 21.75 -15.50
CA GLN X 99 7.29 22.18 -14.71
C GLN X 99 7.36 23.70 -14.60
N VAL X 100 7.04 24.37 -15.70
CA VAL X 100 7.12 25.81 -15.72
C VAL X 100 5.87 26.41 -16.33
N ASN X 101 5.43 27.53 -15.77
CA ASN X 101 4.27 28.25 -16.28
C ASN X 101 4.82 29.60 -16.70
N VAL X 102 4.27 30.16 -17.76
CA VAL X 102 4.80 31.44 -18.19
C VAL X 102 3.78 32.42 -18.71
N LEU X 103 4.20 33.68 -18.71
CA LEU X 103 3.39 34.79 -19.23
C LEU X 103 4.28 35.46 -20.25
N ILE X 104 3.75 35.69 -21.43
CA ILE X 104 4.55 36.35 -22.43
C ILE X 104 3.88 37.64 -22.83
N GLY X 105 4.58 38.73 -22.55
CA GLY X 105 4.08 40.06 -22.86
C GLY X 105 4.98 40.71 -23.90
N GLY X 106 4.36 41.21 -24.95
CA GLY X 106 5.12 41.85 -25.99
C GLY X 106 4.32 42.88 -26.76
N TYR X 107 5.03 43.75 -27.46
CA TYR X 107 4.42 44.78 -28.26
C TYR X 107 4.72 44.45 -29.72
N ASP X 108 3.67 44.15 -30.47
CA ASP X 108 3.81 43.80 -31.87
C ASP X 108 4.05 45.07 -32.68
N LYS X 109 5.31 45.38 -32.96
CA LYS X 109 5.65 46.58 -33.72
C LYS X 109 4.94 46.67 -35.07
N LYS X 110 4.40 45.56 -35.55
CA LYS X 110 3.70 45.54 -36.82
C LYS X 110 2.21 45.89 -36.73
N LYS X 111 1.50 45.31 -35.77
CA LYS X 111 0.07 45.62 -35.58
C LYS X 111 -0.07 46.88 -34.72
N ASN X 112 1.04 47.27 -34.09
CA ASN X 112 1.13 48.41 -33.18
C ASN X 112 0.14 48.29 -32.05
N LYS X 113 0.16 47.13 -31.41
CA LYS X 113 -0.72 46.82 -30.30
C LYS X 113 0.00 45.87 -29.33
N PRO X 114 -0.30 45.96 -28.03
CA PRO X 114 0.34 45.08 -27.07
C PRO X 114 -0.37 43.74 -27.01
N GLU X 115 0.32 42.70 -26.56
CA GLU X 115 -0.27 41.39 -26.47
C GLU X 115 0.22 40.61 -25.23
N LEU X 116 -0.71 39.91 -24.57
CA LEU X 116 -0.39 39.11 -23.41
C LEU X 116 -0.80 37.66 -23.60
N TYR X 117 0.17 36.76 -23.44
CA TYR X 117 -0.07 35.34 -23.59
C TYR X 117 0.22 34.55 -22.30
N GLN X 118 -0.69 33.64 -21.99
CA GLN X 118 -0.56 32.81 -20.80
C GLN X 118 -0.44 31.35 -21.24
N ILE X 119 0.60 30.68 -20.76
CA ILE X 119 0.83 29.28 -21.11
C ILE X 119 1.29 28.44 -19.92
N ASP X 120 0.57 27.37 -19.61
CA ASP X 120 0.97 26.51 -18.48
C ASP X 120 1.91 25.41 -18.93
N TYR X 121 2.50 24.70 -17.98
CA TYR X 121 3.45 23.66 -18.31
C TYR X 121 2.89 22.56 -19.19
N LEU X 122 1.57 22.49 -19.32
CA LEU X 122 0.96 21.45 -20.15
C LEU X 122 0.97 21.85 -21.61
N GLY X 123 1.25 23.12 -21.88
CA GLY X 123 1.25 23.61 -23.23
C GLY X 123 -0.11 24.19 -23.56
N THR X 124 -0.80 24.69 -22.53
CA THR X 124 -2.11 25.28 -22.69
C THR X 124 -1.91 26.79 -22.83
N LYS X 125 -2.11 27.30 -24.05
CA LYS X 125 -1.96 28.72 -24.34
C LYS X 125 -3.31 29.38 -24.58
N VAL X 126 -3.39 30.64 -24.16
CA VAL X 126 -4.59 31.43 -24.34
C VAL X 126 -4.17 32.90 -24.30
N GLU X 127 -4.88 33.74 -25.05
CA GLU X 127 -4.56 35.17 -25.08
C GLU X 127 -5.57 35.93 -24.23
N LEU X 128 -5.07 36.82 -23.39
CA LEU X 128 -5.95 37.54 -22.48
C LEU X 128 -5.61 38.99 -22.24
N PRO X 129 -6.54 39.76 -21.64
CA PRO X 129 -6.40 41.17 -21.29
C PRO X 129 -5.49 41.21 -20.07
N TYR X 130 -5.72 40.25 -19.18
CA TYR X 130 -4.96 40.08 -17.95
C TYR X 130 -4.99 38.62 -17.58
N GLY X 131 -3.88 38.14 -17.00
CA GLY X 131 -3.80 36.74 -16.62
C GLY X 131 -2.90 36.56 -15.42
N ALA X 132 -2.96 35.35 -14.86
CA ALA X 132 -2.17 34.96 -13.69
C ALA X 132 -2.05 33.44 -13.64
N HIS X 133 -0.96 32.95 -13.04
CA HIS X 133 -0.74 31.52 -12.93
C HIS X 133 -0.94 31.03 -11.51
N GLY X 134 -1.26 29.75 -11.38
CA GLY X 134 -1.44 29.15 -10.08
C GLY X 134 -2.61 29.72 -9.30
N TYR X 135 -2.34 30.07 -8.05
CA TYR X 135 -3.36 30.60 -7.14
C TYR X 135 -3.65 32.07 -7.34
N SER X 136 -2.67 32.80 -7.86
CA SER X 136 -2.81 34.23 -8.05
C SER X 136 -4.14 34.66 -8.66
N GLY X 137 -4.64 33.92 -9.65
CA GLY X 137 -5.91 34.29 -10.24
C GLY X 137 -7.02 34.41 -9.20
N PHE X 138 -7.09 33.39 -8.36
CA PHE X 138 -8.08 33.32 -7.28
C PHE X 138 -8.26 34.60 -6.46
N TYR X 139 -7.18 35.31 -6.18
CA TYR X 139 -7.24 36.52 -5.37
C TYR X 139 -7.45 37.80 -6.17
N THR X 140 -6.94 37.82 -7.39
CA THR X 140 -7.02 39.02 -8.21
C THR X 140 -7.99 39.06 -9.39
N PHE X 141 -8.54 37.93 -9.80
CA PHE X 141 -9.44 37.98 -10.95
C PHE X 141 -10.74 38.73 -10.73
N SER X 142 -11.27 38.73 -9.53
CA SER X 142 -12.53 39.44 -9.30
C SER X 142 -12.27 40.92 -9.36
N LEU X 143 -11.07 41.34 -8.98
CA LEU X 143 -10.72 42.75 -9.03
C LEU X 143 -10.55 43.17 -10.49
N LEU X 144 -9.67 42.49 -11.21
CA LEU X 144 -9.45 42.79 -12.61
C LEU X 144 -10.77 42.74 -13.39
N ASP X 145 -11.57 41.70 -13.17
CA ASP X 145 -12.85 41.60 -13.88
C ASP X 145 -13.67 42.87 -13.74
N HIS X 146 -13.60 43.45 -12.55
CA HIS X 146 -14.34 44.65 -12.21
C HIS X 146 -13.77 45.92 -12.83
N HIS X 147 -12.55 46.27 -12.42
CA HIS X 147 -11.87 47.47 -12.88
C HIS X 147 -11.18 47.47 -14.25
N TYR X 148 -11.29 46.39 -15.01
CA TYR X 148 -10.58 46.39 -16.29
C TYR X 148 -11.32 47.05 -17.44
N ARG X 149 -10.57 47.85 -18.19
CA ARG X 149 -11.07 48.55 -19.37
C ARG X 149 -9.93 48.50 -20.41
N PRO X 150 -10.24 48.06 -21.64
CA PRO X 150 -9.28 47.95 -22.74
C PRO X 150 -8.47 49.20 -23.06
N ASP X 151 -9.02 50.37 -22.70
CA ASP X 151 -8.34 51.63 -22.99
C ASP X 151 -7.62 52.28 -21.80
N MET X 152 -7.28 51.48 -20.80
CA MET X 152 -6.57 51.99 -19.63
C MET X 152 -5.21 52.51 -20.02
N THR X 153 -4.78 53.58 -19.37
CA THR X 153 -3.47 54.12 -19.68
C THR X 153 -2.52 53.26 -18.87
N THR X 154 -1.23 53.36 -19.17
CA THR X 154 -0.26 52.56 -18.44
C THR X 154 -0.34 52.89 -16.95
N GLU X 155 -0.64 54.14 -16.63
CA GLU X 155 -0.73 54.54 -15.23
C GLU X 155 -1.92 53.90 -14.52
N GLU X 156 -3.02 53.78 -15.26
CA GLU X 156 -4.24 53.17 -14.74
C GLU X 156 -4.02 51.69 -14.50
N GLY X 157 -3.20 51.07 -15.34
CA GLY X 157 -2.88 49.66 -15.18
C GLY X 157 -2.09 49.46 -13.90
N LEU X 158 -1.02 50.20 -13.73
CA LEU X 158 -0.20 50.10 -12.53
C LEU X 158 -1.01 50.32 -11.26
N ASP X 159 -2.10 51.06 -11.37
CA ASP X 159 -2.93 51.32 -10.21
C ASP X 159 -3.78 50.09 -9.91
N LEU X 160 -4.34 49.51 -10.98
CA LEU X 160 -5.16 48.32 -10.84
C LEU X 160 -4.29 47.19 -10.33
N LEU X 161 -3.06 47.14 -10.81
CA LEU X 161 -2.10 46.13 -10.39
C LEU X 161 -1.80 46.29 -8.91
N LYS X 162 -1.46 47.52 -8.54
CA LYS X 162 -1.15 47.84 -7.16
C LYS X 162 -2.29 47.34 -6.28
N LEU X 163 -3.52 47.54 -6.74
CA LEU X 163 -4.66 47.09 -5.97
C LEU X 163 -4.62 45.57 -5.78
N CYS X 164 -4.34 44.85 -6.88
CA CYS X 164 -4.26 43.39 -6.86
C CYS X 164 -3.19 42.89 -5.89
N VAL X 165 -2.01 43.51 -5.94
CA VAL X 165 -0.92 43.11 -5.08
C VAL X 165 -1.27 43.31 -3.62
N GLN X 166 -2.08 44.31 -3.32
CA GLN X 166 -2.47 44.57 -1.94
C GLN X 166 -3.40 43.46 -1.47
N GLU X 167 -4.35 43.07 -2.33
CA GLU X 167 -5.27 42.01 -2.00
C GLU X 167 -4.48 40.72 -1.77
N LEU X 168 -3.47 40.50 -2.61
CA LEU X 168 -2.62 39.32 -2.48
C LEU X 168 -1.84 39.36 -1.18
N GLU X 169 -1.34 40.54 -0.82
CA GLU X 169 -0.59 40.65 0.41
C GLU X 169 -1.49 40.50 1.63
N LYS X 170 -2.79 40.72 1.44
CA LYS X 170 -3.72 40.62 2.55
C LYS X 170 -4.24 39.22 2.81
N ARG X 171 -4.93 38.67 1.81
CA ARG X 171 -5.54 37.34 1.92
C ARG X 171 -4.66 36.10 1.67
N MET X 172 -3.50 36.28 1.05
CA MET X 172 -2.65 35.13 0.78
C MET X 172 -1.67 34.78 1.90
N PRO X 173 -1.73 33.51 2.38
CA PRO X 173 -0.94 32.90 3.45
C PRO X 173 0.56 33.11 3.47
N MET X 174 1.18 33.34 2.31
CA MET X 174 2.62 33.50 2.30
C MET X 174 3.19 34.87 1.94
N ASP X 175 4.34 35.18 2.51
CA ASP X 175 5.02 36.44 2.26
C ASP X 175 5.86 36.27 1.00
N PHE X 176 5.39 36.78 -0.13
CA PHE X 176 6.16 36.62 -1.36
C PHE X 176 7.14 37.77 -1.57
N LYS X 177 7.44 38.49 -0.49
CA LYS X 177 8.37 39.63 -0.49
C LYS X 177 8.19 40.69 -1.60
N GLY X 178 6.95 41.04 -1.90
CA GLY X 178 6.68 42.04 -2.92
C GLY X 178 6.94 41.58 -4.34
N VAL X 179 6.68 42.47 -5.31
CA VAL X 179 6.88 42.14 -6.71
C VAL X 179 7.84 43.08 -7.45
N ILE X 180 8.08 42.76 -8.72
CA ILE X 180 8.92 43.56 -9.60
C ILE X 180 8.06 43.72 -10.83
N VAL X 181 7.78 44.97 -11.21
CA VAL X 181 6.94 45.25 -12.37
C VAL X 181 7.78 45.66 -13.56
N LYS X 182 7.26 45.41 -14.76
CA LYS X 182 7.94 45.77 -15.98
C LYS X 182 6.95 46.12 -17.08
N ILE X 183 7.31 47.10 -17.90
CA ILE X 183 6.43 47.52 -18.98
C ILE X 183 7.05 47.22 -20.34
N VAL X 184 6.23 46.70 -21.24
CA VAL X 184 6.67 46.38 -22.58
C VAL X 184 5.78 47.24 -23.48
N ASP X 185 6.40 48.13 -24.26
CA ASP X 185 5.65 48.99 -25.18
C ASP X 185 6.47 49.27 -26.43
N LYS X 186 5.89 50.05 -27.34
CA LYS X 186 6.55 50.38 -28.59
C LYS X 186 8.01 50.78 -28.42
N ASP X 187 8.41 51.12 -27.20
CA ASP X 187 9.78 51.54 -26.94
C ASP X 187 10.64 50.55 -26.17
N GLY X 188 10.24 49.28 -26.13
CA GLY X 188 11.02 48.29 -25.41
C GLY X 188 10.52 47.89 -24.03
N ILE X 189 11.41 47.29 -23.25
CA ILE X 189 11.07 46.84 -21.91
C ILE X 189 11.78 47.70 -20.87
N ARG X 190 11.01 48.27 -19.95
CA ARG X 190 11.60 49.09 -18.89
C ARG X 190 11.02 48.62 -17.55
N GLN X 191 11.79 48.79 -16.48
CA GLN X 191 11.37 48.36 -15.16
C GLN X 191 11.00 49.49 -14.20
N VAL X 192 9.80 49.39 -13.61
CA VAL X 192 9.31 50.39 -12.67
C VAL X 192 10.07 50.23 -11.35
N ASP X 193 11.28 50.79 -11.29
CA ASP X 193 12.12 50.68 -10.10
C ASP X 193 11.50 51.23 -8.81
N ASP X 194 10.28 51.74 -8.90
CA ASP X 194 9.61 52.29 -7.73
C ASP X 194 8.16 51.80 -7.54
N PHE X 195 8.03 50.60 -7.00
CA PHE X 195 6.71 50.01 -6.72
C PHE X 195 6.70 49.61 -5.24
N GLN X 196 7.79 49.97 -4.54
CA GLN X 196 7.95 49.67 -3.12
C GLN X 196 7.07 50.65 -2.32
N ALA X 197 6.70 51.74 -2.97
CA ALA X 197 5.86 52.79 -2.38
C ALA X 197 5.43 53.78 -3.47
N GLN X 198 4.63 53.31 -4.43
CA GLN X 198 4.15 54.14 -5.54
C GLN X 198 2.82 54.82 -5.18
N THR Y 1 24.56 20.06 9.80
CA THR Y 1 25.45 20.90 8.95
C THR Y 1 25.06 22.36 8.88
N THR Y 2 26.04 23.22 9.03
CA THR Y 2 25.85 24.65 8.95
C THR Y 2 26.99 25.25 8.14
N THR Y 3 26.62 25.93 7.06
CA THR Y 3 27.60 26.58 6.21
C THR Y 3 27.06 27.93 5.78
N LEU Y 4 27.95 28.92 5.77
CA LEU Y 4 27.57 30.26 5.34
C LEU Y 4 28.68 30.92 4.56
N ALA Y 5 28.28 31.92 3.78
CA ALA Y 5 29.21 32.70 2.98
C ALA Y 5 28.57 34.05 2.73
N PHE Y 6 29.34 35.11 2.93
CA PHE Y 6 28.81 36.43 2.67
C PHE Y 6 29.83 37.37 2.03
N ARG Y 7 29.29 38.37 1.34
CA ARG Y 7 30.03 39.37 0.59
C ARG Y 7 30.12 40.67 1.37
N PHE Y 8 31.23 41.39 1.21
CA PHE Y 8 31.42 42.68 1.86
C PHE Y 8 32.60 43.43 1.25
N GLN Y 9 32.91 44.59 1.83
CA GLN Y 9 34.02 45.42 1.39
C GLN Y 9 35.32 44.63 1.17
N GLY Y 10 35.73 43.85 2.16
CA GLY Y 10 36.96 43.08 2.05
C GLY Y 10 36.90 41.77 1.28
N GLY Y 11 35.80 41.52 0.58
CA GLY Y 11 35.66 40.29 -0.17
C GLY Y 11 34.57 39.34 0.30
N ILE Y 12 34.96 38.09 0.56
CA ILE Y 12 34.03 37.06 0.99
C ILE Y 12 34.51 36.25 2.18
N ILE Y 13 33.61 36.02 3.12
CA ILE Y 13 33.93 35.21 4.28
C ILE Y 13 33.16 33.91 4.11
N VAL Y 14 33.80 32.81 4.46
CA VAL Y 14 33.17 31.50 4.34
C VAL Y 14 33.41 30.73 5.63
N ALA Y 15 32.32 30.28 6.24
CA ALA Y 15 32.43 29.55 7.48
C ALA Y 15 31.54 28.29 7.47
N VAL Y 16 32.11 27.20 7.95
CA VAL Y 16 31.42 25.93 8.00
C VAL Y 16 31.70 25.20 9.32
N ASP Y 17 30.87 24.23 9.66
CA ASP Y 17 31.07 23.44 10.87
C ASP Y 17 31.81 22.18 10.39
N SER Y 18 32.05 21.21 11.26
CA SER Y 18 32.76 20.03 10.80
C SER Y 18 32.22 18.71 11.33
N ARG Y 19 30.93 18.68 11.66
CA ARG Y 19 30.29 17.46 12.17
C ARG Y 19 29.61 16.61 11.08
N ALA Y 20 29.68 15.29 11.26
CA ALA Y 20 29.08 14.35 10.33
C ALA Y 20 28.43 13.23 11.14
N THR Y 21 27.16 12.96 10.87
CA THR Y 21 26.42 11.96 11.61
C THR Y 21 25.67 10.93 10.79
N ALA Y 22 25.57 9.72 11.32
CA ALA Y 22 24.83 8.64 10.68
C ALA Y 22 23.70 8.36 11.64
N GLY Y 23 22.59 9.06 11.44
CA GLY Y 23 21.47 8.89 12.33
C GLY Y 23 21.73 9.80 13.51
N ASN Y 24 21.88 9.23 14.70
CA ASN Y 24 22.13 10.03 15.90
C ASN Y 24 23.57 9.85 16.30
N TRP Y 25 24.26 9.01 15.54
CA TRP Y 25 25.64 8.69 15.78
C TRP Y 25 26.55 9.69 15.09
N VAL Y 26 27.43 10.31 15.87
CA VAL Y 26 28.38 11.29 15.35
C VAL Y 26 29.60 10.54 14.83
N ALA Y 27 29.69 10.45 13.51
CA ALA Y 27 30.79 9.73 12.87
C ALA Y 27 32.08 10.52 12.82
N SER Y 28 31.98 11.84 12.70
CA SER Y 28 33.16 12.67 12.65
C SER Y 28 32.91 14.11 13.08
N GLN Y 29 33.92 14.70 13.71
CA GLN Y 29 33.84 16.09 14.18
C GLN Y 29 34.98 16.84 13.50
N THR Y 30 35.64 16.17 12.55
CA THR Y 30 36.77 16.72 11.83
C THR Y 30 36.61 16.62 10.31
N VAL Y 31 35.43 17.02 9.83
CA VAL Y 31 35.13 16.96 8.40
C VAL Y 31 35.37 18.29 7.68
N LYS Y 32 35.96 18.24 6.50
CA LYS Y 32 36.19 19.46 5.73
C LYS Y 32 34.94 19.71 4.89
N LYS Y 33 34.22 20.78 5.18
CA LYS Y 33 33.03 21.07 4.43
C LYS Y 33 33.22 22.20 3.44
N VAL Y 34 34.47 22.54 3.19
CA VAL Y 34 34.80 23.56 2.22
C VAL Y 34 35.76 22.91 1.25
N ILE Y 35 35.38 22.87 -0.02
CA ILE Y 35 36.22 22.28 -1.03
C ILE Y 35 36.98 23.39 -1.73
N GLU Y 36 38.30 23.23 -1.81
CA GLU Y 36 39.13 24.22 -2.47
C GLU Y 36 39.17 23.90 -3.97
N ILE Y 37 38.20 24.43 -4.71
CA ILE Y 37 38.09 24.22 -6.15
C ILE Y 37 39.46 24.47 -6.78
N ASN Y 38 40.11 25.53 -6.33
CA ASN Y 38 41.45 25.91 -6.77
C ASN Y 38 41.86 27.07 -5.89
N PRO Y 39 43.03 27.67 -6.13
CA PRO Y 39 43.45 28.80 -5.27
C PRO Y 39 42.58 30.06 -5.29
N PHE Y 40 41.62 30.13 -6.21
CA PHE Y 40 40.78 31.31 -6.29
C PHE Y 40 39.30 31.06 -6.01
N LEU Y 41 38.88 29.80 -6.10
CA LEU Y 41 37.48 29.45 -5.88
C LEU Y 41 37.27 28.52 -4.70
N LEU Y 42 36.17 28.74 -3.98
CA LEU Y 42 35.80 27.92 -2.83
C LEU Y 42 34.38 27.37 -2.96
N GLY Y 43 34.17 26.14 -2.50
CA GLY Y 43 32.85 25.56 -2.57
C GLY Y 43 32.47 25.01 -1.21
N THR Y 44 31.23 25.21 -0.79
CA THR Y 44 30.76 24.71 0.49
C THR Y 44 30.08 23.38 0.27
N MET Y 45 30.10 22.55 1.30
CA MET Y 45 29.53 21.21 1.23
C MET Y 45 28.30 21.07 2.13
N ALA Y 46 27.17 20.69 1.55
CA ALA Y 46 25.93 20.50 2.33
C ALA Y 46 25.04 19.49 1.63
N GLY Y 47 24.46 18.59 2.40
CA GLY Y 47 23.61 17.57 1.81
C GLY Y 47 24.40 16.29 1.77
N GLY Y 48 24.75 15.83 0.57
CA GLY Y 48 25.54 14.61 0.44
C GLY Y 48 27.02 14.92 0.30
N ALA Y 49 27.83 14.44 1.23
CA ALA Y 49 29.28 14.67 1.20
C ALA Y 49 29.89 14.21 -0.12
N ALA Y 50 29.63 12.97 -0.50
CA ALA Y 50 30.15 12.43 -1.74
C ALA Y 50 29.78 13.32 -2.91
N ASP Y 51 28.48 13.54 -3.09
CA ASP Y 51 28.00 14.35 -4.18
C ASP Y 51 28.67 15.71 -4.27
N CYS Y 52 28.77 16.41 -3.15
CA CYS Y 52 29.40 17.72 -3.15
C CYS Y 52 30.90 17.62 -3.40
N GLN Y 53 31.57 16.82 -2.59
CA GLN Y 53 33.00 16.61 -2.70
C GLN Y 53 33.42 16.21 -4.11
N PHE Y 54 32.74 15.20 -4.65
CA PHE Y 54 33.03 14.70 -5.99
C PHE Y 54 32.85 15.73 -7.09
N TRP Y 55 31.61 16.23 -7.25
CA TRP Y 55 31.32 17.18 -8.29
C TRP Y 55 32.01 18.52 -8.20
N GLU Y 56 32.37 18.94 -6.99
CA GLU Y 56 33.07 20.21 -6.86
C GLU Y 56 34.56 20.03 -7.18
N THR Y 57 35.08 18.80 -6.99
CA THR Y 57 36.47 18.52 -7.31
C THR Y 57 36.48 18.46 -8.83
N TRP Y 58 35.44 17.87 -9.39
CA TRP Y 58 35.30 17.77 -10.83
C TRP Y 58 35.21 19.18 -11.40
N LEU Y 59 34.52 20.06 -10.69
CA LEU Y 59 34.38 21.44 -11.12
C LEU Y 59 35.77 22.02 -11.27
N GLY Y 60 36.58 21.85 -10.24
CA GLY Y 60 37.95 22.34 -10.25
C GLY Y 60 38.68 21.98 -11.52
N SER Y 61 38.44 20.77 -12.01
CA SER Y 61 39.09 20.32 -13.24
C SER Y 61 38.52 21.04 -14.45
N GLN Y 62 37.20 21.24 -14.46
CA GLN Y 62 36.57 21.93 -15.57
C GLN Y 62 37.10 23.34 -15.68
N CYS Y 63 37.34 23.96 -14.52
CA CYS Y 63 37.86 25.32 -14.46
C CYS Y 63 39.29 25.41 -15.01
N ARG Y 64 40.14 24.48 -14.58
CA ARG Y 64 41.53 24.45 -15.03
C ARG Y 64 41.61 24.31 -16.55
N LEU Y 65 40.69 23.52 -17.10
CA LEU Y 65 40.62 23.28 -18.53
C LEU Y 65 40.15 24.53 -19.25
N HIS Y 66 39.25 25.28 -18.62
CA HIS Y 66 38.76 26.51 -19.20
C HIS Y 66 39.94 27.47 -19.34
N GLU Y 67 40.65 27.66 -18.25
CA GLU Y 67 41.79 28.57 -18.20
C GLU Y 67 42.95 28.20 -19.12
N LEU Y 68 43.07 26.93 -19.47
CA LEU Y 68 44.14 26.54 -20.39
C LEU Y 68 43.69 26.93 -21.78
N ARG Y 69 42.42 26.67 -22.06
CA ARG Y 69 41.82 26.95 -23.35
C ARG Y 69 41.73 28.45 -23.66
N GLU Y 70 41.15 29.21 -22.74
CA GLU Y 70 40.96 30.65 -22.94
C GLU Y 70 42.02 31.57 -22.35
N LYS Y 71 43.09 30.98 -21.83
CA LYS Y 71 44.17 31.77 -21.24
C LYS Y 71 43.68 32.96 -20.42
N GLU Y 72 42.68 32.71 -19.57
CA GLU Y 72 42.13 33.76 -18.74
C GLU Y 72 41.40 33.13 -17.56
N ARG Y 73 41.56 33.73 -16.39
CA ARG Y 73 40.90 33.24 -15.18
C ARG Y 73 39.38 33.14 -15.36
N ILE Y 74 38.86 31.94 -15.13
CA ILE Y 74 37.42 31.66 -15.28
C ILE Y 74 36.57 32.49 -14.32
N SER Y 75 35.41 32.95 -14.78
CA SER Y 75 34.54 33.78 -13.96
C SER Y 75 33.63 32.99 -13.02
N VAL Y 76 33.45 33.51 -11.81
CA VAL Y 76 32.60 32.87 -10.82
C VAL Y 76 31.23 32.53 -11.39
N ALA Y 77 30.75 33.35 -12.33
CA ALA Y 77 29.45 33.11 -12.94
C ALA Y 77 29.50 31.83 -13.74
N ALA Y 78 30.54 31.70 -14.56
CA ALA Y 78 30.71 30.53 -15.40
C ALA Y 78 30.99 29.24 -14.62
N ALA Y 79 31.85 29.32 -13.61
CA ALA Y 79 32.18 28.14 -12.83
C ALA Y 79 30.91 27.59 -12.19
N SER Y 80 30.11 28.49 -11.64
CA SER Y 80 28.88 28.08 -10.99
C SER Y 80 27.95 27.42 -11.99
N LYS Y 81 27.77 28.04 -13.14
CA LYS Y 81 26.88 27.48 -14.13
C LYS Y 81 27.36 26.11 -14.62
N ILE Y 82 28.68 25.92 -14.66
CA ILE Y 82 29.21 24.62 -15.10
C ILE Y 82 28.66 23.54 -14.18
N LEU Y 83 28.78 23.78 -12.87
CA LEU Y 83 28.30 22.84 -11.87
C LEU Y 83 26.80 22.73 -11.95
N SER Y 84 26.15 23.87 -11.90
CA SER Y 84 24.71 23.96 -11.99
C SER Y 84 24.16 23.10 -13.12
N ASN Y 85 24.67 23.34 -14.32
CA ASN Y 85 24.19 22.61 -15.48
C ASN Y 85 24.43 21.11 -15.37
N LEU Y 86 25.54 20.72 -14.75
CA LEU Y 86 25.86 19.31 -14.59
C LEU Y 86 24.77 18.71 -13.73
N VAL Y 87 24.65 19.25 -12.54
CA VAL Y 87 23.65 18.81 -11.60
C VAL Y 87 22.26 18.70 -12.24
N TYR Y 88 21.89 19.68 -13.05
CA TYR Y 88 20.58 19.67 -13.68
C TYR Y 88 20.42 18.47 -14.59
N GLN Y 89 21.53 17.96 -15.09
CA GLN Y 89 21.53 16.79 -15.94
C GLN Y 89 20.99 15.59 -15.16
N TYR Y 90 21.26 15.60 -13.87
CA TYR Y 90 20.86 14.53 -12.96
C TYR Y 90 19.59 14.79 -12.17
N LYS Y 91 18.82 15.80 -12.56
CA LYS Y 91 17.59 16.11 -11.81
C LYS Y 91 16.71 14.87 -11.72
N GLY Y 92 16.37 14.54 -10.48
CA GLY Y 92 15.52 13.38 -10.22
C GLY Y 92 16.28 12.11 -9.89
N ALA Y 93 17.55 12.05 -10.27
CA ALA Y 93 18.35 10.86 -10.02
C ALA Y 93 18.68 10.63 -8.54
N GLY Y 94 18.50 11.65 -7.71
CA GLY Y 94 18.80 11.46 -6.31
C GLY Y 94 20.03 12.17 -5.77
N LEU Y 95 20.71 12.96 -6.57
CA LEU Y 95 21.86 13.70 -6.08
C LEU Y 95 21.37 14.62 -4.97
N SER Y 96 22.19 14.86 -3.97
CA SER Y 96 21.80 15.76 -2.89
C SER Y 96 22.91 16.71 -2.55
N MET Y 97 22.68 18.00 -2.82
CA MET Y 97 23.69 19.00 -2.52
C MET Y 97 23.23 20.45 -2.55
N GLY Y 98 23.52 21.16 -1.46
CA GLY Y 98 23.22 22.57 -1.32
C GLY Y 98 24.60 23.17 -1.23
N THR Y 99 24.95 24.06 -2.14
CA THR Y 99 26.31 24.57 -2.13
C THR Y 99 26.50 26.03 -2.52
N MET Y 100 27.54 26.64 -1.96
CA MET Y 100 27.89 28.02 -2.27
C MET Y 100 29.17 28.02 -3.07
N ILE Y 101 29.19 28.73 -4.19
CA ILE Y 101 30.40 28.80 -5.01
C ILE Y 101 30.90 30.23 -4.89
N CYS Y 102 32.05 30.39 -4.25
CA CYS Y 102 32.58 31.72 -3.99
C CYS Y 102 33.86 32.07 -4.73
N GLY Y 103 33.89 33.29 -5.27
CA GLY Y 103 35.05 33.75 -6.00
C GLY Y 103 35.13 35.25 -6.07
N TYR Y 104 36.34 35.77 -6.31
CA TYR Y 104 36.57 37.20 -6.40
C TYR Y 104 37.38 37.51 -7.66
N THR Y 105 36.69 37.76 -8.76
CA THR Y 105 37.36 38.06 -10.01
C THR Y 105 37.35 39.57 -10.24
N ARG Y 106 38.38 40.06 -10.92
CA ARG Y 106 38.49 41.48 -11.20
C ARG Y 106 37.24 41.97 -11.94
N LYS Y 107 36.76 41.14 -12.84
CA LYS Y 107 35.59 41.43 -13.66
C LYS Y 107 34.28 41.54 -12.90
N GLU Y 108 34.11 40.72 -11.86
CA GLU Y 108 32.86 40.69 -11.08
C GLU Y 108 32.90 41.21 -9.66
N GLY Y 109 34.07 41.15 -9.03
CA GLY Y 109 34.20 41.60 -7.66
C GLY Y 109 33.86 40.42 -6.78
N PRO Y 110 33.51 40.62 -5.50
CA PRO Y 110 33.20 39.44 -4.70
C PRO Y 110 31.91 38.83 -5.24
N THR Y 111 31.90 37.52 -5.45
CA THR Y 111 30.70 36.86 -5.96
C THR Y 111 30.42 35.53 -5.28
N ILE Y 112 29.14 35.31 -4.96
CA ILE Y 112 28.70 34.07 -4.32
C ILE Y 112 27.47 33.55 -5.08
N TYR Y 113 27.55 32.30 -5.50
CA TYR Y 113 26.45 31.66 -6.21
C TYR Y 113 25.97 30.45 -5.41
N TYR Y 114 24.68 30.41 -5.14
CA TYR Y 114 24.08 29.30 -4.41
C TYR Y 114 23.64 28.30 -5.47
N VAL Y 115 24.06 27.04 -5.31
CA VAL Y 115 23.66 26.00 -6.26
C VAL Y 115 23.20 24.76 -5.51
N ASP Y 116 22.04 24.23 -5.89
CA ASP Y 116 21.57 23.03 -5.23
C ASP Y 116 21.17 21.96 -6.23
N SER Y 117 21.11 20.72 -5.76
CA SER Y 117 20.78 19.58 -6.59
C SER Y 117 19.42 19.61 -7.26
N ASP Y 118 18.65 20.68 -7.07
CA ASP Y 118 17.35 20.80 -7.71
C ASP Y 118 17.51 21.58 -9.00
N GLY Y 119 18.72 22.11 -9.21
CA GLY Y 119 19.00 22.88 -10.39
C GLY Y 119 18.96 24.38 -10.16
N THR Y 120 18.85 24.76 -8.90
CA THR Y 120 18.80 26.16 -8.54
C THR Y 120 20.17 26.81 -8.54
N ARG Y 121 20.24 27.99 -9.17
CA ARG Y 121 21.45 28.80 -9.23
C ARG Y 121 21.03 30.22 -8.91
N LEU Y 122 21.56 30.76 -7.81
CA LEU Y 122 21.24 32.12 -7.36
C LEU Y 122 22.45 32.92 -6.94
N LYS Y 123 22.44 34.20 -7.28
CA LYS Y 123 23.54 35.09 -6.91
C LYS Y 123 23.07 35.84 -5.67
N GLY Y 124 23.98 36.04 -4.72
CA GLY Y 124 23.60 36.75 -3.53
C GLY Y 124 24.74 37.30 -2.71
N ASP Y 125 24.41 37.91 -1.58
CA ASP Y 125 25.39 38.51 -0.69
C ASP Y 125 25.56 37.71 0.59
N ILE Y 126 24.48 37.07 1.06
CA ILE Y 126 24.52 36.27 2.27
C ILE Y 126 23.74 34.99 2.07
N PHE Y 127 24.41 33.85 2.27
CA PHE Y 127 23.73 32.56 2.12
C PHE Y 127 24.08 31.62 3.24
N CYS Y 128 23.08 30.85 3.67
CA CYS Y 128 23.26 29.85 4.72
C CYS Y 128 22.59 28.56 4.28
N VAL Y 129 23.29 27.45 4.45
CA VAL Y 129 22.75 26.16 4.05
C VAL Y 129 23.02 25.10 5.08
N GLY Y 130 22.00 24.32 5.39
CA GLY Y 130 22.18 23.25 6.36
C GLY Y 130 21.14 23.21 7.46
N SER Y 131 21.16 22.14 8.24
CA SER Y 131 20.23 21.96 9.33
C SER Y 131 20.38 23.06 10.37
N GLY Y 132 21.51 23.76 10.34
CA GLY Y 132 21.72 24.82 11.32
C GLY Y 132 21.59 26.21 10.74
N GLN Y 133 21.22 26.29 9.47
CA GLN Y 133 21.09 27.55 8.77
C GLN Y 133 20.37 28.68 9.51
N THR Y 134 19.14 28.45 9.94
CA THR Y 134 18.36 29.49 10.60
C THR Y 134 19.04 30.11 11.81
N PHE Y 135 19.93 29.36 12.45
CA PHE Y 135 20.65 29.86 13.61
C PHE Y 135 21.71 30.84 13.15
N ALA Y 136 22.42 30.47 12.09
CA ALA Y 136 23.47 31.32 11.55
C ALA Y 136 22.88 32.60 10.95
N TYR Y 137 21.75 32.47 10.24
CA TYR Y 137 21.08 33.62 9.63
C TYR Y 137 20.69 34.65 10.68
N GLY Y 138 20.36 34.16 11.87
CA GLY Y 138 19.99 35.08 12.94
C GLY Y 138 21.11 36.04 13.23
N VAL Y 139 22.24 35.51 13.68
CA VAL Y 139 23.42 36.30 13.99
C VAL Y 139 23.76 37.24 12.82
N LEU Y 140 23.89 36.66 11.63
CA LEU Y 140 24.22 37.40 10.42
C LEU Y 140 23.28 38.58 10.12
N ASP Y 141 21.99 38.31 9.98
CA ASP Y 141 21.05 39.37 9.66
C ASP Y 141 21.15 40.64 10.52
N SER Y 142 21.47 40.49 11.80
CA SER Y 142 21.54 41.64 12.69
C SER Y 142 22.92 42.26 12.91
N ASN Y 143 23.96 41.64 12.40
CA ASN Y 143 25.30 42.18 12.57
C ASN Y 143 25.96 42.51 11.26
N TYR Y 144 25.39 42.05 10.15
CA TYR Y 144 26.01 42.30 8.86
C TYR Y 144 25.90 43.73 8.35
N LYS Y 145 27.06 44.25 7.96
CA LYS Y 145 27.24 45.59 7.42
C LYS Y 145 28.18 45.37 6.24
N TRP Y 146 28.00 46.13 5.16
CA TRP Y 146 28.89 46.00 4.01
C TRP Y 146 30.28 46.52 4.36
N ASP Y 147 30.32 47.50 5.26
CA ASP Y 147 31.57 48.14 5.67
C ASP Y 147 32.33 47.43 6.77
N LEU Y 148 32.04 46.16 7.00
CA LEU Y 148 32.72 45.42 8.05
C LEU Y 148 34.20 45.30 7.77
N SER Y 149 35.01 45.32 8.82
CA SER Y 149 36.45 45.16 8.60
C SER Y 149 36.64 43.67 8.34
N VAL Y 150 37.80 43.27 7.84
CA VAL Y 150 38.04 41.87 7.57
C VAL Y 150 38.09 41.10 8.90
N GLU Y 151 38.83 41.65 9.86
CA GLU Y 151 38.97 41.04 11.17
C GLU Y 151 37.59 40.77 11.77
N ASP Y 152 36.71 41.77 11.68
CA ASP Y 152 35.35 41.69 12.20
C ASP Y 152 34.49 40.73 11.39
N ALA Y 153 34.61 40.79 10.07
CA ALA Y 153 33.84 39.91 9.20
C ALA Y 153 34.14 38.46 9.60
N LEU Y 154 35.42 38.12 9.65
CA LEU Y 154 35.84 36.77 10.03
C LEU Y 154 35.18 36.35 11.34
N TYR Y 155 35.09 37.27 12.28
CA TYR Y 155 34.48 36.95 13.55
C TYR Y 155 32.98 36.73 13.41
N LEU Y 156 32.28 37.65 12.72
CA LEU Y 156 30.83 37.52 12.53
C LEU Y 156 30.53 36.14 11.99
N GLY Y 157 31.33 35.70 11.02
CA GLY Y 157 31.12 34.38 10.47
C GLY Y 157 31.28 33.40 11.62
N LYS Y 158 32.53 33.17 12.02
CA LYS Y 158 32.83 32.26 13.12
C LYS Y 158 31.73 32.23 14.18
N ARG Y 159 31.27 33.41 14.58
CA ARG Y 159 30.25 33.52 15.60
C ARG Y 159 28.93 32.90 15.17
N SER Y 160 28.51 33.20 13.95
CA SER Y 160 27.26 32.67 13.41
C SER Y 160 27.22 31.13 13.38
N ILE Y 161 28.33 30.50 13.07
CA ILE Y 161 28.40 29.06 13.05
C ILE Y 161 28.27 28.58 14.50
N LEU Y 162 28.97 29.25 15.42
CA LEU Y 162 28.90 28.87 16.83
C LEU Y 162 27.44 28.85 17.27
N ALA Y 163 26.69 29.88 16.85
CA ALA Y 163 25.28 29.96 17.19
C ALA Y 163 24.58 28.68 16.74
N ALA Y 164 24.88 28.22 15.54
CA ALA Y 164 24.28 27.00 15.00
C ALA Y 164 24.78 25.81 15.80
N ALA Y 165 26.09 25.61 15.80
CA ALA Y 165 26.70 24.49 16.52
C ALA Y 165 26.05 24.25 17.88
N HIS Y 166 25.69 25.32 18.57
CA HIS Y 166 25.07 25.19 19.89
C HIS Y 166 23.68 24.61 19.86
N ARG Y 167 22.79 25.21 19.07
CA ARG Y 167 21.40 24.78 18.99
C ARG Y 167 21.14 23.56 18.12
N ASP Y 168 21.79 23.49 16.97
CA ASP Y 168 21.58 22.37 16.06
C ASP Y 168 22.33 21.13 16.51
N ALA Y 169 21.62 20.03 16.68
CA ALA Y 169 22.25 18.81 17.11
C ALA Y 169 23.15 18.23 16.04
N TYR Y 170 22.87 18.53 14.78
CA TYR Y 170 23.65 17.98 13.70
C TYR Y 170 24.84 18.82 13.24
N SER Y 171 25.07 19.93 13.93
CA SER Y 171 26.19 20.80 13.61
C SER Y 171 27.06 20.93 14.85
N GLY Y 172 28.37 21.10 14.61
CA GLY Y 172 29.31 21.22 15.71
C GLY Y 172 30.71 20.76 15.36
N GLY Y 173 31.48 20.40 16.39
CA GLY Y 173 32.84 19.94 16.20
C GLY Y 173 33.82 21.11 16.25
N SER Y 174 33.96 21.78 15.11
CA SER Y 174 34.85 22.91 15.03
C SER Y 174 34.43 23.78 13.86
N VAL Y 175 34.95 25.00 13.81
CA VAL Y 175 34.62 25.93 12.75
C VAL Y 175 35.82 26.14 11.84
N ASN Y 176 35.59 26.11 10.52
CA ASN Y 176 36.64 26.35 9.55
C ASN Y 176 36.33 27.69 8.90
N LEU Y 177 37.34 28.56 8.86
CA LEU Y 177 37.22 29.90 8.30
C LEU Y 177 38.03 30.19 7.06
N TYR Y 178 37.44 30.97 6.16
CA TYR Y 178 38.11 31.35 4.93
C TYR Y 178 37.80 32.78 4.52
N HIS Y 179 38.79 33.46 3.96
CA HIS Y 179 38.62 34.83 3.48
C HIS Y 179 38.97 34.79 2.00
N VAL Y 180 38.04 35.21 1.15
CA VAL Y 180 38.28 35.19 -0.28
C VAL Y 180 38.56 36.60 -0.82
N THR Y 181 39.77 36.78 -1.34
CA THR Y 181 40.22 38.06 -1.91
C THR Y 181 40.42 37.87 -3.40
N GLU Y 182 40.65 38.97 -4.12
CA GLU Y 182 40.85 38.89 -5.56
C GLU Y 182 42.11 38.11 -5.90
N ASP Y 183 43.07 38.05 -4.97
CA ASP Y 183 44.33 37.33 -5.22
C ASP Y 183 44.27 35.88 -4.75
N GLY Y 184 43.07 35.45 -4.33
CA GLY Y 184 42.89 34.08 -3.86
C GLY Y 184 42.26 34.06 -2.48
N TRP Y 185 42.07 32.87 -1.92
CA TRP Y 185 41.49 32.78 -0.59
C TRP Y 185 42.58 32.56 0.46
N ILE Y 186 42.29 32.95 1.67
CA ILE Y 186 43.23 32.76 2.75
C ILE Y 186 42.53 31.95 3.82
N TYR Y 187 43.15 30.84 4.24
CA TYR Y 187 42.56 30.01 5.28
C TYR Y 187 42.82 30.68 6.61
N HIS Y 188 41.79 30.77 7.45
CA HIS Y 188 41.92 31.39 8.76
C HIS Y 188 41.71 30.48 9.95
N GLY Y 189 42.16 29.25 9.81
CA GLY Y 189 42.10 28.28 10.89
C GLY Y 189 40.86 27.49 11.21
N ASN Y 190 41.08 26.44 12.01
CA ASN Y 190 40.02 25.55 12.46
C ASN Y 190 39.87 25.79 13.96
N HIS Y 191 38.65 26.07 14.39
CA HIS Y 191 38.42 26.36 15.79
C HIS Y 191 37.47 25.40 16.50
N ASP Y 192 38.02 24.57 17.38
CA ASP Y 192 37.20 23.63 18.13
C ASP Y 192 36.05 24.36 18.80
N VAL Y 193 34.82 24.02 18.41
CA VAL Y 193 33.65 24.68 18.98
C VAL Y 193 33.65 24.50 20.49
N GLY Y 194 34.15 23.36 20.94
CA GLY Y 194 34.19 23.09 22.36
C GLY Y 194 34.79 24.27 23.08
N GLU Y 195 36.08 24.48 22.87
CA GLU Y 195 36.83 25.57 23.49
C GLU Y 195 36.33 26.94 23.07
N LEU Y 196 35.94 27.10 21.81
CA LEU Y 196 35.46 28.39 21.32
C LEU Y 196 34.25 28.90 22.10
N PHE Y 197 33.29 28.00 22.35
CA PHE Y 197 32.08 28.35 23.06
C PHE Y 197 32.35 29.08 24.37
N TRP Y 198 33.13 28.43 25.24
CA TRP Y 198 33.47 29.00 26.54
C TRP Y 198 34.14 30.37 26.38
N LYS Y 199 35.19 30.41 25.58
CA LYS Y 199 35.90 31.65 25.33
C LYS Y 199 34.86 32.72 24.95
N VAL Y 200 34.21 32.56 23.80
CA VAL Y 200 33.20 33.49 23.33
C VAL Y 200 32.23 33.89 24.43
N LYS Y 201 31.75 32.91 25.19
CA LYS Y 201 30.81 33.18 26.25
C LYS Y 201 31.32 34.23 27.22
N GLU Y 202 32.51 34.01 27.75
CA GLU Y 202 33.12 34.92 28.70
C GLU Y 202 33.39 36.32 28.15
N GLU Y 203 34.13 36.37 27.05
CA GLU Y 203 34.47 37.64 26.43
C GLU Y 203 33.27 38.44 25.92
N GLU Y 204 32.21 37.74 25.55
CA GLU Y 204 31.04 38.39 25.00
C GLU Y 204 29.88 38.57 25.97
N GLY Y 205 29.78 37.68 26.96
CA GLY Y 205 28.71 37.76 27.93
C GLY Y 205 27.43 37.04 27.49
N SER Y 206 27.42 36.56 26.25
CA SER Y 206 26.29 35.86 25.68
C SER Y 206 26.19 34.42 26.18
N PHE Y 207 25.15 33.71 25.74
CA PHE Y 207 24.90 32.33 26.17
C PHE Y 207 24.77 32.35 27.66
N ASN Y 208 24.12 33.39 28.16
CA ASN Y 208 23.95 33.55 29.59
C ASN Y 208 23.36 32.31 30.25
N ASN Y 209 22.34 31.77 29.59
CA ASN Y 209 21.62 30.59 30.06
C ASN Y 209 22.50 29.40 30.40
N VAL Y 210 23.55 29.19 29.62
CA VAL Y 210 24.45 28.07 29.86
C VAL Y 210 25.30 28.31 31.11
N ILE Y 211 25.49 27.27 31.91
CA ILE Y 211 26.30 27.37 33.13
C ILE Y 211 27.71 26.84 32.90
N GLY Y 212 28.68 27.56 33.46
CA GLY Y 212 30.07 27.17 33.32
C GLY Y 212 31.02 28.12 34.02
N GLN Z 1 10.56 -10.14 -3.19
CA GLN Z 1 11.45 -9.52 -4.22
C GLN Z 1 12.93 -9.80 -3.87
N PHE Z 2 13.79 -9.70 -4.87
CA PHE Z 2 15.21 -9.96 -4.66
C PHE Z 2 15.98 -8.79 -4.08
N ASN Z 3 16.70 -9.06 -2.99
CA ASN Z 3 17.50 -8.03 -2.37
C ASN Z 3 18.95 -8.30 -2.70
N PRO Z 4 19.56 -7.41 -3.49
CA PRO Z 4 20.95 -7.52 -3.93
C PRO Z 4 21.98 -7.33 -2.84
N TYR Z 5 21.55 -6.89 -1.66
CA TYR Z 5 22.49 -6.65 -0.59
C TYR Z 5 22.37 -7.61 0.59
N GLY Z 6 23.41 -7.62 1.42
CA GLY Z 6 23.44 -8.47 2.60
C GLY Z 6 24.40 -7.85 3.60
N ASP Z 7 24.42 -8.34 4.83
CA ASP Z 7 25.33 -7.81 5.83
C ASP Z 7 26.11 -8.96 6.46
N ASN Z 8 27.44 -8.91 6.36
CA ASN Z 8 28.27 -9.96 6.91
C ASN Z 8 29.03 -9.52 8.13
N GLY Z 9 28.50 -8.47 8.76
CA GLY Z 9 29.08 -7.94 9.98
C GLY Z 9 30.55 -7.61 10.01
N GLY Z 10 31.17 -7.94 11.14
CA GLY Z 10 32.58 -7.65 11.29
C GLY Z 10 32.83 -6.19 11.59
N THR Z 11 34.06 -5.90 12.00
CA THR Z 11 34.43 -4.54 12.33
C THR Z 11 35.91 -4.35 12.00
N ILE Z 12 36.30 -3.13 11.64
CA ILE Z 12 37.68 -2.85 11.31
C ILE Z 12 38.16 -1.55 11.96
N LEU Z 13 39.47 -1.40 12.06
CA LEU Z 13 40.04 -0.22 12.69
C LEU Z 13 41.38 0.17 12.08
N GLY Z 14 41.53 1.46 11.79
CA GLY Z 14 42.76 1.95 11.22
C GLY Z 14 43.33 3.07 12.06
N ILE Z 15 44.59 2.95 12.45
CA ILE Z 15 45.20 3.99 13.24
C ILE Z 15 46.53 4.38 12.61
N ALA Z 16 46.69 5.68 12.39
CA ALA Z 16 47.90 6.19 11.79
C ALA Z 16 48.89 6.66 12.84
N GLY Z 17 50.02 5.95 12.96
CA GLY Z 17 51.05 6.34 13.90
C GLY Z 17 51.82 7.48 13.25
N GLU Z 18 53.02 7.74 13.73
CA GLU Z 18 53.80 8.83 13.16
C GLU Z 18 54.65 8.33 11.98
N ASP Z 19 55.26 7.17 12.16
CA ASP Z 19 56.08 6.60 11.10
C ASP Z 19 55.57 5.20 10.79
N PHE Z 20 54.29 4.98 11.05
CA PHE Z 20 53.67 3.68 10.80
C PHE Z 20 52.17 3.87 10.78
N ALA Z 21 51.44 2.79 10.54
CA ALA Z 21 49.99 2.80 10.50
C ALA Z 21 49.50 1.36 10.60
N VAL Z 22 48.33 1.16 11.16
CA VAL Z 22 47.80 -0.18 11.27
C VAL Z 22 46.35 -0.22 10.83
N LEU Z 23 45.96 -1.36 10.25
CA LEU Z 23 44.59 -1.56 9.83
C LEU Z 23 44.24 -2.97 10.29
N ALA Z 24 43.37 -3.07 11.29
CA ALA Z 24 43.00 -4.37 11.81
C ALA Z 24 41.51 -4.65 11.61
N GLY Z 25 41.13 -5.91 11.80
CA GLY Z 25 39.74 -6.29 11.67
C GLY Z 25 39.53 -7.70 12.19
N ASP Z 26 38.36 -7.96 12.78
CA ASP Z 26 38.07 -9.29 13.28
C ASP Z 26 38.01 -10.21 12.07
N THR Z 27 38.11 -11.51 12.27
CA THR Z 27 38.10 -12.42 11.14
C THR Z 27 36.81 -13.21 11.04
N ARG Z 28 35.77 -12.73 11.70
CA ARG Z 28 34.50 -13.44 11.65
C ARG Z 28 33.63 -12.94 10.49
N ASN Z 29 32.89 -13.86 9.90
CA ASN Z 29 32.01 -13.55 8.78
C ASN Z 29 30.67 -14.16 9.13
N ILE Z 30 29.62 -13.33 9.17
CA ILE Z 30 28.30 -13.83 9.54
C ILE Z 30 27.18 -13.52 8.59
N THR Z 31 26.04 -14.14 8.86
CA THR Z 31 24.81 -13.96 8.10
C THR Z 31 23.70 -14.15 9.09
N ASP Z 32 22.99 -13.08 9.41
CA ASP Z 32 21.89 -13.18 10.37
C ASP Z 32 22.49 -13.68 11.67
N TYR Z 33 21.96 -14.77 12.22
CA TYR Z 33 22.48 -15.30 13.47
C TYR Z 33 23.39 -16.51 13.33
N SER Z 34 23.97 -16.69 12.15
CA SER Z 34 24.86 -17.81 11.90
C SER Z 34 26.27 -17.33 11.62
N ILE Z 35 27.24 -18.20 11.84
CA ILE Z 35 28.61 -17.86 11.56
C ILE Z 35 28.96 -18.59 10.28
N ASN Z 36 29.42 -17.84 9.29
CA ASN Z 36 29.80 -18.44 8.02
C ASN Z 36 31.22 -18.96 8.13
N SER Z 37 32.07 -18.18 8.77
CA SER Z 37 33.45 -18.57 8.94
C SER Z 37 34.02 -17.89 10.16
N ARG Z 38 34.91 -18.60 10.87
CA ARG Z 38 35.55 -18.04 12.05
C ARG Z 38 36.87 -17.40 11.63
N TYR Z 39 37.27 -17.69 10.40
CA TYR Z 39 38.50 -17.13 9.84
C TYR Z 39 38.39 -16.89 8.33
N GLU Z 40 38.12 -15.64 7.98
CA GLU Z 40 38.00 -15.19 6.58
C GLU Z 40 38.58 -13.78 6.60
N PRO Z 41 39.89 -13.67 6.31
CA PRO Z 41 40.61 -12.40 6.29
C PRO Z 41 39.80 -11.29 5.61
N LYS Z 42 39.89 -10.10 6.19
CA LYS Z 42 39.13 -8.96 5.71
C LYS Z 42 40.00 -7.76 5.37
N VAL Z 43 41.22 -7.76 5.89
CA VAL Z 43 42.19 -6.68 5.64
C VAL Z 43 43.24 -7.22 4.67
N PHE Z 44 43.49 -6.50 3.58
CA PHE Z 44 44.43 -6.96 2.56
C PHE Z 44 45.65 -6.06 2.21
N ASP Z 45 46.69 -6.72 1.73
CA ASP Z 45 47.92 -6.07 1.31
C ASP Z 45 47.76 -5.98 -0.21
N CYS Z 46 47.71 -4.77 -0.75
CA CYS Z 46 47.51 -4.54 -2.18
C CYS Z 46 48.74 -4.09 -2.94
N GLY Z 47 49.89 -4.08 -2.26
CA GLY Z 47 51.11 -3.66 -2.91
C GLY Z 47 51.42 -2.21 -2.63
N ASP Z 48 52.55 -1.73 -3.16
CA ASP Z 48 52.99 -0.35 -2.96
C ASP Z 48 52.78 0.13 -1.53
N ASN Z 49 52.90 -0.79 -0.60
CA ASN Z 49 52.75 -0.52 0.82
C ASN Z 49 51.40 0.09 1.16
N ILE Z 50 50.35 -0.54 0.65
CA ILE Z 50 49.00 -0.09 0.90
C ILE Z 50 48.17 -1.24 1.41
N VAL Z 51 47.49 -1.04 2.54
CA VAL Z 51 46.63 -2.06 3.10
C VAL Z 51 45.22 -1.47 3.06
N MET Z 52 44.27 -2.28 2.64
CA MET Z 52 42.89 -1.82 2.53
C MET Z 52 41.89 -2.85 3.00
N SER Z 53 40.73 -2.37 3.42
CA SER Z 53 39.67 -3.27 3.86
C SER Z 53 38.34 -2.59 3.55
N ALA Z 54 37.41 -3.37 3.02
CA ALA Z 54 36.09 -2.89 2.66
C ALA Z 54 35.10 -3.65 3.49
N ASN Z 55 34.73 -3.10 4.64
CA ASN Z 55 33.78 -3.79 5.51
C ASN Z 55 32.33 -3.52 5.17
N GLY Z 56 31.45 -4.47 5.50
CA GLY Z 56 30.05 -4.29 5.21
C GLY Z 56 29.42 -5.52 4.58
N PHE Z 57 29.15 -5.45 3.28
CA PHE Z 57 28.55 -6.54 2.51
C PHE Z 57 29.71 -7.19 1.76
N ALA Z 58 30.22 -8.29 2.31
CA ALA Z 58 31.36 -9.02 1.76
C ALA Z 58 31.48 -9.16 0.25
N ALA Z 59 30.38 -9.43 -0.45
CA ALA Z 59 30.45 -9.57 -1.90
C ALA Z 59 30.94 -8.26 -2.51
N ASP Z 60 30.34 -7.15 -2.09
CA ASP Z 60 30.74 -5.84 -2.60
C ASP Z 60 32.13 -5.51 -2.11
N GLY Z 61 32.43 -5.89 -0.88
CA GLY Z 61 33.74 -5.63 -0.31
C GLY Z 61 34.82 -6.30 -1.12
N ASP Z 62 34.58 -7.53 -1.55
CA ASP Z 62 35.57 -8.28 -2.34
C ASP Z 62 35.76 -7.66 -3.71
N ALA Z 63 34.64 -7.35 -4.35
CA ALA Z 63 34.68 -6.76 -5.67
C ALA Z 63 35.56 -5.51 -5.65
N LEU Z 64 35.31 -4.64 -4.68
CA LEU Z 64 36.08 -3.43 -4.59
C LEU Z 64 37.57 -3.72 -4.39
N VAL Z 65 37.93 -4.49 -3.38
CA VAL Z 65 39.34 -4.81 -3.15
C VAL Z 65 39.99 -5.39 -4.40
N LYS Z 66 39.31 -6.34 -5.03
CA LYS Z 66 39.82 -6.98 -6.23
C LYS Z 66 40.04 -5.95 -7.33
N ARG Z 67 39.06 -5.06 -7.46
CA ARG Z 67 39.07 -4.01 -8.46
C ARG Z 67 40.19 -3.00 -8.17
N PHE Z 68 40.42 -2.70 -6.90
CA PHE Z 68 41.47 -1.76 -6.55
C PHE Z 68 42.86 -2.36 -6.79
N LYS Z 69 43.07 -3.59 -6.35
CA LYS Z 69 44.35 -4.25 -6.53
C LYS Z 69 44.72 -4.22 -8.00
N ASN Z 70 43.73 -4.53 -8.83
CA ASN Z 70 43.92 -4.56 -10.25
C ASN Z 70 44.14 -3.15 -10.78
N SER Z 71 43.64 -2.17 -10.03
CA SER Z 71 43.79 -0.77 -10.41
C SER Z 71 45.25 -0.41 -10.26
N VAL Z 72 45.86 -0.92 -9.19
CA VAL Z 72 47.28 -0.70 -8.90
C VAL Z 72 48.16 -1.28 -10.01
N LYS Z 73 47.86 -2.52 -10.37
CA LYS Z 73 48.59 -3.25 -11.41
C LYS Z 73 48.69 -2.44 -12.69
N TRP Z 74 47.56 -1.89 -13.12
CA TRP Z 74 47.55 -1.11 -14.36
C TRP Z 74 48.23 0.22 -14.18
N TYR Z 75 48.27 0.72 -12.95
CA TYR Z 75 48.93 1.99 -12.73
C TYR Z 75 50.39 1.78 -13.14
N HIS Z 76 50.99 0.71 -12.63
CA HIS Z 76 52.37 0.39 -12.96
C HIS Z 76 52.56 0.24 -14.47
N PHE Z 77 51.59 -0.40 -15.12
CA PHE Z 77 51.66 -0.59 -16.56
C PHE Z 77 51.63 0.73 -17.31
N ASP Z 78 50.64 1.56 -16.99
CA ASP Z 78 50.49 2.84 -17.68
C ASP Z 78 51.43 3.92 -17.20
N HIS Z 79 52.18 3.68 -16.14
CA HIS Z 79 53.07 4.73 -15.67
C HIS Z 79 54.48 4.35 -15.29
N ASN Z 80 55.07 3.44 -16.07
CA ASN Z 80 56.44 3.04 -15.79
C ASN Z 80 56.61 2.65 -14.31
N ASP Z 81 56.03 1.53 -13.92
CA ASP Z 81 56.13 1.03 -12.55
C ASP Z 81 56.17 2.08 -11.44
N LYS Z 82 55.57 3.24 -11.67
CA LYS Z 82 55.56 4.26 -10.63
C LYS Z 82 54.82 3.76 -9.41
N LYS Z 83 55.31 4.11 -8.22
CA LYS Z 83 54.66 3.68 -6.99
C LYS Z 83 53.39 4.50 -6.76
N LEU Z 84 52.32 3.83 -6.39
CA LEU Z 84 51.04 4.49 -6.14
C LEU Z 84 51.03 5.08 -4.73
N SER Z 85 51.16 6.39 -4.64
CA SER Z 85 51.15 7.06 -3.35
C SER Z 85 49.76 6.91 -2.72
N ILE Z 86 49.73 6.69 -1.42
CA ILE Z 86 48.48 6.51 -0.68
C ILE Z 86 47.43 7.58 -1.00
N ASN Z 87 47.85 8.84 -1.12
CA ASN Z 87 46.91 9.91 -1.42
C ASN Z 87 46.27 9.69 -2.79
N SER Z 88 47.07 9.16 -3.71
CA SER Z 88 46.61 8.88 -5.06
C SER Z 88 45.66 7.68 -5.07
N ALA Z 89 46.02 6.66 -4.29
CA ALA Z 89 45.17 5.48 -4.19
C ALA Z 89 43.78 5.94 -3.75
N ALA Z 90 43.74 6.72 -2.66
CA ALA Z 90 42.50 7.26 -2.13
C ALA Z 90 41.65 7.92 -3.21
N ARG Z 91 42.21 8.89 -3.91
CA ARG Z 91 41.47 9.58 -4.97
C ARG Z 91 40.93 8.56 -5.95
N ASN Z 92 41.77 7.57 -6.26
CA ASN Z 92 41.37 6.52 -7.18
C ASN Z 92 40.17 5.78 -6.60
N ILE Z 93 40.29 5.36 -5.34
CA ILE Z 93 39.21 4.65 -4.68
C ILE Z 93 37.93 5.47 -4.79
N GLN Z 94 38.03 6.77 -4.58
CA GLN Z 94 36.84 7.61 -4.66
C GLN Z 94 36.15 7.41 -5.97
N HIS Z 95 36.90 7.43 -7.06
CA HIS Z 95 36.26 7.24 -8.36
C HIS Z 95 35.67 5.86 -8.54
N LEU Z 96 36.33 4.87 -7.97
CA LEU Z 96 35.85 3.50 -8.05
C LEU Z 96 34.47 3.45 -7.42
N LEU Z 97 34.39 3.99 -6.21
CA LEU Z 97 33.15 4.01 -5.46
C LEU Z 97 32.06 4.85 -6.11
N TYR Z 98 32.36 6.11 -6.40
CA TYR Z 98 31.36 7.00 -6.98
C TYR Z 98 30.88 6.50 -8.33
N GLY Z 99 31.65 5.61 -8.94
CA GLY Z 99 31.24 5.08 -10.22
C GLY Z 99 29.95 4.31 -10.11
N LYS Z 100 29.66 3.80 -8.91
CA LYS Z 100 28.43 3.04 -8.67
C LYS Z 100 27.52 3.81 -7.73
N ARG Z 101 27.50 5.12 -7.92
CA ARG Z 101 26.70 6.05 -7.13
C ARG Z 101 25.23 5.67 -7.09
N PHE Z 102 24.76 4.99 -8.12
CA PHE Z 102 23.35 4.64 -8.13
C PHE Z 102 23.06 3.16 -7.98
N PHE Z 103 24.02 2.45 -7.39
CA PHE Z 103 23.96 1.02 -7.08
C PHE Z 103 25.29 0.80 -6.36
N PRO Z 104 25.47 1.47 -5.22
CA PRO Z 104 26.62 1.46 -4.33
C PRO Z 104 27.19 0.14 -3.86
N TYR Z 105 28.50 0.18 -3.60
CA TYR Z 105 29.21 -0.95 -3.03
C TYR Z 105 28.79 -0.75 -1.58
N TYR Z 106 27.98 -1.64 -1.04
CA TYR Z 106 27.52 -1.47 0.34
C TYR Z 106 28.62 -1.75 1.37
N VAL Z 107 29.67 -0.93 1.37
CA VAL Z 107 30.77 -1.13 2.30
C VAL Z 107 31.35 0.18 2.77
N HIS Z 108 31.97 0.16 3.93
CA HIS Z 108 32.65 1.33 4.47
C HIS Z 108 34.10 0.90 4.33
N THR Z 109 34.83 1.57 3.44
CA THR Z 109 36.20 1.19 3.22
C THR Z 109 37.26 2.12 3.82
N ILE Z 110 38.37 1.52 4.22
CA ILE Z 110 39.49 2.21 4.82
C ILE Z 110 40.78 1.62 4.28
N ILE Z 111 41.78 2.48 4.04
CA ILE Z 111 43.07 2.03 3.56
C ILE Z 111 44.13 2.66 4.46
N ALA Z 112 45.26 1.99 4.59
CA ALA Z 112 46.33 2.49 5.45
C ALA Z 112 47.69 2.34 4.80
N GLY Z 113 48.63 3.15 5.27
CA GLY Z 113 49.98 3.12 4.74
C GLY Z 113 50.75 4.34 5.16
N LEU Z 114 51.73 4.73 4.35
CA LEU Z 114 52.56 5.90 4.65
C LEU Z 114 52.41 6.87 3.50
N ASP Z 115 52.50 8.17 3.79
CA ASP Z 115 52.38 9.15 2.72
C ASP Z 115 53.75 9.40 2.14
N GLU Z 116 53.88 10.44 1.33
CA GLU Z 116 55.14 10.71 0.68
C GLU Z 116 56.27 11.27 1.58
N ASP Z 117 55.91 11.80 2.74
CA ASP Z 117 56.90 12.33 3.68
C ASP Z 117 57.27 11.25 4.67
N GLY Z 118 56.80 10.03 4.42
CA GLY Z 118 57.09 8.91 5.30
C GLY Z 118 56.25 8.81 6.55
N LYS Z 119 55.31 9.73 6.72
CA LYS Z 119 54.44 9.74 7.89
C LYS Z 119 53.32 8.71 7.76
N GLY Z 120 52.80 8.25 8.90
CA GLY Z 120 51.74 7.26 8.88
C GLY Z 120 50.43 7.89 8.43
N ALA Z 121 49.63 7.16 7.65
CA ALA Z 121 48.38 7.70 7.15
C ALA Z 121 47.23 6.71 7.01
N VAL Z 122 46.02 7.24 7.22
CA VAL Z 122 44.80 6.45 7.13
C VAL Z 122 43.71 7.25 6.42
N TYR Z 123 43.05 6.62 5.46
CA TYR Z 123 41.97 7.26 4.73
C TYR Z 123 40.73 6.39 4.89
N SER Z 124 39.57 7.02 5.03
CA SER Z 124 38.32 6.28 5.19
C SER Z 124 37.30 6.80 4.18
N PHE Z 125 36.53 5.87 3.60
CA PHE Z 125 35.55 6.21 2.60
C PHE Z 125 34.09 5.86 2.86
N ASP Z 126 33.26 6.67 2.23
CA ASP Z 126 31.82 6.62 2.23
C ASP Z 126 31.45 5.42 1.39
N PRO Z 127 30.21 4.98 1.43
CA PRO Z 127 29.92 3.84 0.57
C PRO Z 127 29.87 4.38 -0.84
N VAL Z 128 29.72 5.70 -0.97
CA VAL Z 128 29.66 6.30 -2.29
C VAL Z 128 30.85 7.17 -2.66
N GLY Z 129 31.92 7.11 -1.89
CA GLY Z 129 33.10 7.87 -2.29
C GLY Z 129 33.54 9.08 -1.52
N SER Z 130 32.80 9.47 -0.49
CA SER Z 130 33.22 10.62 0.28
C SER Z 130 34.46 10.15 1.04
N TYR Z 131 35.55 10.90 1.04
CA TYR Z 131 36.73 10.46 1.78
C TYR Z 131 37.52 11.59 2.42
N GLU Z 132 38.19 11.27 3.52
CA GLU Z 132 38.96 12.24 4.30
C GLU Z 132 40.21 11.55 4.81
N ARG Z 133 41.29 12.28 5.01
CA ARG Z 133 42.47 11.62 5.59
C ARG Z 133 42.22 11.75 7.08
N GLU Z 134 42.47 10.68 7.84
CA GLU Z 134 42.21 10.73 9.27
C GLU Z 134 43.26 10.13 10.19
N GLN Z 135 43.14 10.47 11.47
CA GLN Z 135 44.01 10.00 12.54
C GLN Z 135 43.78 8.51 12.69
N CYS Z 136 42.57 8.16 13.07
CA CYS Z 136 42.19 6.76 13.23
C CYS Z 136 40.70 6.67 12.94
N ARG Z 137 40.25 5.49 12.54
CA ARG Z 137 38.87 5.28 12.18
C ARG Z 137 38.46 3.82 12.28
N ALA Z 138 37.34 3.58 12.94
CA ALA Z 138 36.80 2.25 13.08
C ALA Z 138 35.58 2.17 12.18
N GLY Z 139 35.41 1.05 11.50
CA GLY Z 139 34.28 0.90 10.62
C GLY Z 139 33.65 -0.46 10.79
N GLY Z 140 32.33 -0.53 10.64
CA GLY Z 140 31.67 -1.80 10.80
C GLY Z 140 30.65 -1.73 11.90
N ALA Z 141 30.19 -2.89 12.33
CA ALA Z 141 29.19 -2.99 13.36
C ALA Z 141 29.57 -2.29 14.66
N ALA Z 142 30.73 -2.65 15.20
CA ALA Z 142 31.21 -2.11 16.48
C ALA Z 142 31.79 -0.69 16.46
N ALA Z 143 31.80 -0.03 15.31
CA ALA Z 143 32.33 1.32 15.20
C ALA Z 143 31.89 2.25 16.33
N SER Z 144 30.60 2.24 16.62
CA SER Z 144 30.06 3.09 17.68
C SER Z 144 30.55 2.74 19.08
N LEU Z 145 31.12 1.55 19.24
CA LEU Z 145 31.62 1.13 20.56
C LEU Z 145 33.12 1.38 20.68
N ILE Z 146 33.80 1.55 19.55
CA ILE Z 146 35.23 1.78 19.56
C ILE Z 146 35.64 3.25 19.52
N MET Z 147 34.96 4.04 18.70
CA MET Z 147 35.32 5.44 18.56
C MET Z 147 35.34 6.28 19.81
N PRO Z 148 34.27 6.22 20.62
CA PRO Z 148 34.28 7.02 21.84
C PRO Z 148 35.55 6.76 22.61
N PHE Z 149 35.87 5.47 22.72
CA PHE Z 149 37.06 5.01 23.41
C PHE Z 149 38.31 5.70 22.88
N LEU Z 150 38.62 5.43 21.61
CA LEU Z 150 39.78 6.02 20.96
C LEU Z 150 39.84 7.53 21.17
N ASP Z 151 38.70 8.21 21.07
CA ASP Z 151 38.69 9.66 21.28
C ASP Z 151 39.30 9.98 22.61
N ASN Z 152 38.96 9.18 23.61
CA ASN Z 152 39.44 9.39 24.94
C ASN Z 152 40.88 8.92 25.17
N GLN Z 153 41.21 7.73 24.67
CA GLN Z 153 42.53 7.16 24.89
C GLN Z 153 43.64 7.51 23.89
N VAL Z 154 43.28 8.21 22.82
CA VAL Z 154 44.27 8.58 21.82
C VAL Z 154 44.44 10.09 21.74
N ASN Z 155 43.34 10.82 21.76
CA ASN Z 155 43.41 12.28 21.68
C ASN Z 155 43.12 12.87 23.05
N PHE Z 156 43.13 12.00 24.06
CA PHE Z 156 42.88 12.39 25.45
C PHE Z 156 41.76 13.41 25.56
N LYS Z 157 40.61 13.08 24.99
CA LYS Z 157 39.46 13.97 25.03
C LYS Z 157 38.89 13.99 26.44
N ASN Z 158 38.32 15.14 26.82
CA ASN Z 158 37.73 15.32 28.14
C ASN Z 158 38.70 15.12 29.30
N GLN Z 159 39.96 14.81 28.98
CA GLN Z 159 40.98 14.60 30.01
C GLN Z 159 41.78 15.87 30.21
N TYR Z 160 41.88 16.31 31.47
CA TYR Z 160 42.63 17.51 31.81
C TYR Z 160 43.75 17.24 32.81
N GLU Z 161 44.56 18.27 33.06
CA GLU Z 161 45.67 18.15 33.99
C GLU Z 161 45.18 18.20 35.43
N PRO Z 162 45.54 17.19 36.23
CA PRO Z 162 45.12 17.16 37.62
C PRO Z 162 45.54 18.42 38.39
N GLY Z 163 44.58 19.07 39.04
CA GLY Z 163 44.88 20.27 39.79
C GLY Z 163 44.78 21.55 38.99
N THR Z 164 44.56 21.44 37.68
CA THR Z 164 44.45 22.64 36.85
C THR Z 164 43.03 23.19 36.72
N ASN Z 165 42.07 22.48 37.30
CA ASN Z 165 40.67 22.94 37.26
C ASN Z 165 40.13 22.72 35.86
N GLY Z 166 40.67 21.74 35.14
CA GLY Z 166 40.20 21.52 33.79
C GLY Z 166 40.45 22.78 33.00
N LYS Z 167 41.58 23.42 33.26
CA LYS Z 167 41.97 24.64 32.59
C LYS Z 167 43.17 24.35 31.68
N VAL Z 168 43.76 23.17 31.87
CA VAL Z 168 44.91 22.73 31.09
C VAL Z 168 44.64 21.33 30.53
N LYS Z 169 44.51 21.24 29.21
CA LYS Z 169 44.24 19.96 28.55
C LYS Z 169 45.42 19.00 28.65
N LYS Z 170 45.15 17.74 28.96
CA LYS Z 170 46.22 16.76 29.06
C LYS Z 170 46.99 16.79 27.74
N PRO Z 171 48.30 17.01 27.80
CA PRO Z 171 49.19 17.07 26.64
C PRO Z 171 49.11 15.84 25.73
N LEU Z 172 49.07 16.09 24.43
CA LEU Z 172 48.96 15.04 23.41
C LEU Z 172 50.26 14.33 23.04
N LYS Z 173 50.83 13.55 23.94
CA LYS Z 173 52.05 12.82 23.61
C LYS Z 173 51.65 11.73 22.61
N TYR Z 174 52.54 11.36 21.69
CA TYR Z 174 52.15 10.33 20.73
C TYR Z 174 52.73 8.94 20.89
N LEU Z 175 51.83 7.98 20.68
CA LEU Z 175 52.05 6.56 20.81
C LEU Z 175 52.93 5.86 19.79
N SER Z 176 53.58 4.81 20.28
CA SER Z 176 54.45 3.96 19.48
C SER Z 176 53.58 2.86 18.94
N VAL Z 177 54.10 2.09 17.98
CA VAL Z 177 53.33 1.01 17.39
C VAL Z 177 52.86 0.02 18.46
N GLU Z 178 53.73 -0.32 19.40
CA GLU Z 178 53.39 -1.26 20.46
C GLU Z 178 52.24 -0.74 21.33
N GLU Z 179 52.26 0.57 21.57
CA GLU Z 179 51.23 1.21 22.38
C GLU Z 179 49.89 1.19 21.64
N VAL Z 180 49.95 1.46 20.33
CA VAL Z 180 48.76 1.47 19.49
C VAL Z 180 48.13 0.08 19.45
N ILE Z 181 48.96 -0.93 19.21
CA ILE Z 181 48.45 -2.29 19.12
C ILE Z 181 47.74 -2.73 20.41
N LYS Z 182 48.07 -2.11 21.53
CA LYS Z 182 47.40 -2.47 22.78
C LYS Z 182 45.96 -1.95 22.68
N LEU Z 183 45.85 -0.68 22.31
CA LEU Z 183 44.56 -0.02 22.16
C LEU Z 183 43.68 -0.79 21.18
N VAL Z 184 44.27 -1.25 20.09
CA VAL Z 184 43.53 -2.00 19.11
C VAL Z 184 42.95 -3.27 19.73
N ARG Z 185 43.81 -4.05 20.37
CA ARG Z 185 43.39 -5.30 21.00
C ARG Z 185 42.29 -5.10 22.04
N ASP Z 186 42.47 -4.10 22.89
CA ASP Z 186 41.45 -3.85 23.90
C ASP Z 186 40.17 -3.44 23.19
N SER Z 187 40.29 -2.59 22.18
CA SER Z 187 39.13 -2.15 21.41
C SER Z 187 38.35 -3.34 20.91
N PHE Z 188 39.05 -4.38 20.46
CA PHE Z 188 38.37 -5.55 19.95
C PHE Z 188 37.91 -6.53 21.02
N THR Z 189 38.68 -6.72 22.08
CA THR Z 189 38.21 -7.65 23.09
C THR Z 189 36.95 -7.03 23.70
N SER Z 190 36.91 -5.70 23.77
CA SER Z 190 35.74 -5.02 24.30
C SER Z 190 34.56 -5.16 23.32
N ALA Z 191 34.79 -4.77 22.07
CA ALA Z 191 33.75 -4.87 21.06
C ALA Z 191 33.18 -6.28 21.04
N THR Z 192 34.06 -7.27 21.14
CA THR Z 192 33.65 -8.67 21.12
C THR Z 192 32.67 -9.03 22.24
N GLU Z 193 32.89 -8.41 23.39
CA GLU Z 193 32.06 -8.62 24.58
C GLU Z 193 30.64 -8.12 24.42
N ARG Z 194 30.49 -6.95 23.81
CA ARG Z 194 29.19 -6.33 23.67
C ARG Z 194 28.51 -6.40 22.32
N HIS Z 195 29.21 -6.88 21.29
CA HIS Z 195 28.57 -6.97 19.98
C HIS Z 195 28.60 -8.40 19.45
N ILE Z 196 27.41 -8.95 19.23
CA ILE Z 196 27.30 -10.32 18.77
C ILE Z 196 27.88 -10.64 17.41
N GLN Z 197 28.22 -9.63 16.63
CA GLN Z 197 28.76 -9.89 15.31
C GLN Z 197 30.28 -9.85 15.27
N VAL Z 198 30.90 -9.60 16.43
CA VAL Z 198 32.34 -9.52 16.50
C VAL Z 198 32.94 -10.60 17.39
N GLY Z 199 34.00 -11.24 16.90
CA GLY Z 199 34.67 -12.28 17.67
C GLY Z 199 35.52 -13.22 16.83
N ASP Z 200 35.84 -14.37 17.41
CA ASP Z 200 36.64 -15.40 16.74
C ASP Z 200 38.13 -15.08 16.61
N GLY Z 201 38.46 -14.07 15.81
CA GLY Z 201 39.86 -13.71 15.63
C GLY Z 201 40.08 -12.27 15.20
N LEU Z 202 41.24 -11.73 15.55
CA LEU Z 202 41.60 -10.37 15.20
C LEU Z 202 42.89 -10.43 14.41
N GLU Z 203 42.89 -9.86 13.22
CA GLU Z 203 44.09 -9.86 12.40
C GLU Z 203 44.48 -8.41 12.15
N ILE Z 204 45.74 -8.09 12.44
CA ILE Z 204 46.23 -6.74 12.26
C ILE Z 204 47.30 -6.69 11.18
N LEU Z 205 47.30 -5.62 10.37
CA LEU Z 205 48.34 -5.44 9.36
C LEU Z 205 49.05 -4.15 9.72
N ILE Z 206 50.38 -4.20 9.74
CA ILE Z 206 51.20 -3.05 10.13
C ILE Z 206 52.14 -2.54 9.04
N VAL Z 207 51.98 -1.27 8.69
CA VAL Z 207 52.77 -0.65 7.64
C VAL Z 207 53.88 0.29 8.16
N THR Z 208 55.12 -0.04 7.78
CA THR Z 208 56.29 0.74 8.18
C THR Z 208 57.12 0.94 6.93
N LYS Z 209 58.15 1.78 7.01
CA LYS Z 209 59.02 2.02 5.87
C LYS Z 209 59.56 0.69 5.37
N ASP Z 210 59.64 -0.29 6.27
CA ASP Z 210 60.15 -1.59 5.90
C ASP Z 210 59.14 -2.54 5.26
N GLY Z 211 57.89 -2.13 5.21
CA GLY Z 211 56.90 -3.00 4.60
C GLY Z 211 55.68 -3.36 5.42
N VAL Z 212 55.01 -4.43 5.01
CA VAL Z 212 53.80 -4.89 5.66
C VAL Z 212 53.95 -6.14 6.52
N ARG Z 213 53.77 -5.98 7.84
CA ARG Z 213 53.85 -7.10 8.79
C ARG Z 213 52.44 -7.46 9.23
N LYS Z 214 52.22 -8.70 9.65
CA LYS Z 214 50.90 -9.17 10.06
C LYS Z 214 50.88 -9.89 11.43
N GLU Z 215 49.99 -9.47 12.33
CA GLU Z 215 49.86 -10.10 13.65
C GLU Z 215 48.44 -10.64 13.82
N PHE Z 216 48.28 -11.72 14.58
CA PHE Z 216 46.96 -12.32 14.80
C PHE Z 216 46.68 -12.66 16.25
N TYR Z 217 45.43 -12.48 16.66
CA TYR Z 217 45.03 -12.79 18.02
C TYR Z 217 43.67 -13.45 18.05
N GLU Z 218 43.47 -14.36 18.99
CA GLU Z 218 42.20 -15.05 19.14
C GLU Z 218 41.23 -14.15 19.88
N LEU Z 219 39.94 -14.34 19.60
CA LEU Z 219 38.86 -13.59 20.25
C LEU Z 219 37.78 -14.60 20.67
N LYS Z 220 36.97 -14.25 21.68
CA LYS Z 220 35.93 -15.17 22.13
C LYS Z 220 35.06 -15.64 20.98
N ARG Z 221 34.75 -16.93 20.95
CA ARG Z 221 33.97 -17.50 19.86
C ARG Z 221 32.45 -17.62 20.07
N ASP Z 222 31.92 -17.00 21.11
CA ASP Z 222 30.47 -17.10 21.35
C ASP Z 222 29.63 -16.08 20.57
N THR AA 1 15.24 -10.17 -11.65
CA THR AA 1 14.74 -10.65 -10.34
C THR AA 1 13.69 -11.72 -10.58
N GLN AA 2 13.80 -12.81 -9.82
CA GLN AA 2 12.93 -13.95 -9.96
C GLN AA 2 12.56 -14.50 -8.59
N GLN AA 3 12.20 -15.78 -8.57
CA GLN AA 3 11.82 -16.49 -7.38
C GLN AA 3 11.99 -17.97 -7.71
N PRO AA 4 12.64 -18.73 -6.82
CA PRO AA 4 12.86 -20.15 -7.03
C PRO AA 4 11.56 -20.95 -7.10
N ILE AA 5 11.61 -22.10 -7.77
CA ILE AA 5 10.43 -22.95 -7.88
C ILE AA 5 10.73 -24.39 -7.47
N VAL AA 6 11.48 -25.14 -8.28
CA VAL AA 6 11.85 -26.52 -7.94
C VAL AA 6 13.16 -26.34 -7.18
N THR AA 7 13.24 -26.85 -5.96
CA THR AA 7 14.45 -26.62 -5.17
C THR AA 7 15.13 -27.76 -4.43
N GLY AA 8 16.42 -27.56 -4.19
CA GLY AA 8 17.21 -28.55 -3.47
C GLY AA 8 17.63 -27.97 -2.14
N THR AA 9 17.53 -28.78 -1.09
CA THR AA 9 17.88 -28.33 0.25
C THR AA 9 19.38 -28.34 0.56
N SER AA 10 19.72 -28.60 1.81
CA SER AA 10 21.10 -28.60 2.28
C SER AA 10 22.19 -29.28 1.47
N VAL AA 11 23.40 -28.80 1.69
CA VAL AA 11 24.62 -29.32 1.09
C VAL AA 11 25.67 -29.15 2.16
N ILE AA 12 26.03 -30.24 2.83
CA ILE AA 12 27.04 -30.14 3.88
C ILE AA 12 28.40 -30.65 3.44
N SER AA 13 29.45 -30.15 4.06
CA SER AA 13 30.77 -30.55 3.68
C SER AA 13 31.81 -30.11 4.69
N MET AA 14 32.90 -30.87 4.77
CA MET AA 14 33.99 -30.57 5.69
C MET AA 14 35.24 -31.11 5.06
N LYS AA 15 36.37 -30.74 5.62
CA LYS AA 15 37.63 -31.22 5.10
C LYS AA 15 38.38 -31.99 6.18
N TYR AA 16 38.96 -33.13 5.80
CA TYR AA 16 39.74 -33.95 6.72
C TYR AA 16 41.20 -33.89 6.29
N ASP AA 17 42.08 -34.58 7.03
CA ASP AA 17 43.52 -34.56 6.73
C ASP AA 17 44.00 -34.80 5.29
N ASN AA 18 43.28 -35.64 4.54
CA ASN AA 18 43.71 -35.97 3.18
C ASN AA 18 42.84 -35.49 2.05
N GLY AA 19 41.71 -34.86 2.36
CA GLY AA 19 40.85 -34.39 1.30
C GLY AA 19 39.60 -33.74 1.84
N VAL AA 20 38.52 -33.82 1.07
CA VAL AA 20 37.27 -33.22 1.49
C VAL AA 20 36.11 -34.14 1.22
N ILE AA 21 35.02 -33.95 1.94
CA ILE AA 21 33.84 -34.76 1.74
C ILE AA 21 32.68 -33.79 1.58
N ILE AA 22 31.76 -34.14 0.69
CA ILE AA 22 30.60 -33.31 0.45
C ILE AA 22 29.41 -34.23 0.18
N ALA AA 23 28.23 -33.79 0.61
CA ALA AA 23 27.01 -34.57 0.42
C ALA AA 23 25.75 -33.72 0.29
N ALA AA 24 24.74 -34.29 -0.36
CA ALA AA 24 23.44 -33.63 -0.56
C ALA AA 24 22.37 -34.65 -0.92
N ASP AA 25 21.20 -34.54 -0.31
CA ASP AA 25 20.14 -35.51 -0.61
C ASP AA 25 19.69 -35.40 -2.04
N ASN AA 26 18.89 -36.35 -2.50
CA ASN AA 26 18.47 -36.36 -3.89
C ASN AA 26 17.07 -35.86 -4.12
N LEU AA 27 16.65 -34.88 -3.32
CA LEU AA 27 15.31 -34.34 -3.46
C LEU AA 27 15.19 -33.05 -4.26
N GLY AA 28 14.07 -32.92 -4.96
CA GLY AA 28 13.78 -31.73 -5.75
C GLY AA 28 12.38 -31.34 -5.32
N SER AA 29 12.26 -30.37 -4.41
CA SER AA 29 10.94 -29.95 -3.94
C SER AA 29 10.30 -28.88 -4.78
N TYR AA 30 8.97 -28.85 -4.73
CA TYR AA 30 8.17 -27.86 -5.44
C TYR AA 30 7.30 -27.22 -4.35
N GLY AA 31 7.95 -26.45 -3.49
CA GLY AA 31 7.23 -25.83 -2.42
C GLY AA 31 7.22 -26.85 -1.32
N SER AA 32 6.05 -27.23 -0.85
CA SER AA 32 5.94 -28.22 0.21
C SER AA 32 5.77 -29.60 -0.41
N LEU AA 33 5.53 -29.65 -1.72
CA LEU AA 33 5.37 -30.93 -2.41
C LEU AA 33 6.75 -31.51 -2.72
N LEU AA 34 7.04 -32.69 -2.19
CA LEU AA 34 8.32 -33.33 -2.45
C LEU AA 34 8.21 -34.02 -3.81
N ARG AA 35 8.25 -33.22 -4.87
CA ARG AA 35 8.07 -33.69 -6.23
C ARG AA 35 9.06 -34.66 -6.87
N PHE AA 36 10.34 -34.30 -6.91
CA PHE AA 36 11.30 -35.18 -7.56
C PHE AA 36 12.27 -35.88 -6.64
N ASN AA 37 12.38 -37.19 -6.79
CA ASN AA 37 13.29 -37.94 -5.95
C ASN AA 37 14.53 -38.52 -6.57
N GLY AA 38 14.75 -38.26 -7.86
CA GLY AA 38 15.95 -38.79 -8.47
C GLY AA 38 16.87 -37.66 -8.86
N VAL AA 39 17.04 -36.68 -7.99
CA VAL AA 39 17.87 -35.53 -8.31
C VAL AA 39 19.26 -35.52 -7.72
N GLU AA 40 20.26 -35.63 -8.58
CA GLU AA 40 21.63 -35.61 -8.13
C GLU AA 40 22.03 -34.15 -8.08
N ARG AA 41 22.54 -33.71 -6.92
CA ARG AA 41 22.96 -32.33 -6.75
C ARG AA 41 24.45 -32.19 -6.49
N LEU AA 42 25.20 -33.28 -6.69
CA LEU AA 42 26.65 -33.25 -6.53
C LEU AA 42 27.19 -33.34 -7.95
N ILE AA 43 27.90 -32.29 -8.37
CA ILE AA 43 28.43 -32.23 -9.72
C ILE AA 43 29.93 -32.39 -9.75
N PRO AA 44 30.40 -33.57 -10.20
CA PRO AA 44 31.85 -33.80 -10.25
C PRO AA 44 32.38 -33.13 -11.50
N VAL AA 45 33.43 -32.33 -11.34
CA VAL AA 45 34.04 -31.65 -12.47
C VAL AA 45 35.45 -32.18 -12.56
N GLY AA 46 35.66 -33.13 -13.47
CA GLY AA 46 36.97 -33.73 -13.60
C GLY AA 46 37.09 -34.83 -12.57
N ASP AA 47 38.24 -34.90 -11.92
CA ASP AA 47 38.42 -35.93 -10.91
C ASP AA 47 39.12 -35.40 -9.68
N ASN AA 48 38.96 -34.10 -9.42
CA ASN AA 48 39.56 -33.47 -8.25
C ASN AA 48 38.60 -32.41 -7.70
N THR AA 49 37.45 -32.28 -8.35
CA THR AA 49 36.47 -31.29 -7.94
C THR AA 49 35.06 -31.83 -7.98
N VAL AA 50 34.29 -31.47 -6.97
CA VAL AA 50 32.89 -31.84 -6.89
C VAL AA 50 32.14 -30.59 -6.42
N VAL AA 51 31.12 -30.21 -7.18
CA VAL AA 51 30.33 -29.03 -6.87
C VAL AA 51 28.94 -29.42 -6.41
N GLY AA 52 28.63 -29.04 -5.17
CA GLY AA 52 27.33 -29.33 -4.60
C GLY AA 52 26.51 -28.08 -4.71
N ILE AA 53 25.27 -28.21 -5.17
CA ILE AA 53 24.39 -27.07 -5.38
C ILE AA 53 23.05 -27.19 -4.68
N SER AA 54 22.59 -26.10 -4.07
CA SER AA 54 21.28 -26.08 -3.44
C SER AA 54 20.57 -24.88 -3.99
N GLY AA 55 19.25 -24.86 -3.92
CA GLY AA 55 18.54 -23.72 -4.45
C GLY AA 55 17.68 -24.08 -5.64
N ASP AA 56 17.51 -23.14 -6.57
CA ASP AA 56 16.69 -23.40 -7.72
C ASP AA 56 17.29 -24.51 -8.58
N ILE AA 57 16.50 -25.54 -8.86
CA ILE AA 57 16.98 -26.66 -9.65
C ILE AA 57 17.22 -26.30 -11.10
N SER AA 58 16.35 -25.47 -11.69
CA SER AA 58 16.53 -25.09 -13.09
C SER AA 58 17.84 -24.34 -13.24
N ASP AA 59 18.16 -23.51 -12.26
CA ASP AA 59 19.41 -22.76 -12.30
C ASP AA 59 20.57 -23.71 -12.14
N MET AA 60 20.42 -24.68 -11.23
CA MET AA 60 21.48 -25.66 -11.02
C MET AA 60 21.83 -26.31 -12.36
N GLN AA 61 20.82 -26.84 -13.04
CA GLN AA 61 20.99 -27.50 -14.32
C GLN AA 61 21.74 -26.60 -15.29
N HIS AA 62 21.54 -25.30 -15.16
CA HIS AA 62 22.22 -24.32 -16.00
C HIS AA 62 23.69 -24.27 -15.61
N ILE AA 63 23.96 -24.20 -14.31
CA ILE AA 63 25.34 -24.16 -13.81
C ILE AA 63 26.05 -25.44 -14.18
N GLU AA 64 25.28 -26.51 -14.30
CA GLU AA 64 25.80 -27.82 -14.67
C GLU AA 64 26.32 -27.80 -16.10
N ARG AA 65 25.49 -27.29 -17.00
CA ARG AA 65 25.85 -27.18 -18.40
C ARG AA 65 27.08 -26.27 -18.50
N LEU AA 66 27.08 -25.19 -17.73
CA LEU AA 66 28.21 -24.26 -17.76
C LEU AA 66 29.50 -24.98 -17.43
N LEU AA 67 29.45 -25.86 -16.44
CA LEU AA 67 30.62 -26.62 -16.00
C LEU AA 67 31.13 -27.59 -17.08
N LYS AA 68 30.21 -28.28 -17.76
CA LYS AA 68 30.64 -29.19 -18.82
C LYS AA 68 31.36 -28.39 -19.92
N ASP AA 69 30.86 -27.21 -20.25
CA ASP AA 69 31.48 -26.41 -21.28
C ASP AA 69 32.85 -25.94 -20.83
N LEU AA 70 33.01 -25.78 -19.53
CA LEU AA 70 34.30 -25.34 -19.00
C LEU AA 70 35.34 -26.42 -19.30
N VAL AA 71 34.94 -27.68 -19.13
CA VAL AA 71 35.81 -28.80 -19.39
C VAL AA 71 36.13 -28.88 -20.87
N THR AA 72 35.10 -28.96 -21.70
CA THR AA 72 35.27 -29.01 -23.15
C THR AA 72 36.22 -27.91 -23.60
N GLU AA 73 35.93 -26.69 -23.16
CA GLU AA 73 36.72 -25.51 -23.50
C GLU AA 73 38.18 -25.59 -23.03
N ASN AA 74 38.42 -26.19 -21.88
CA ASN AA 74 39.79 -26.28 -21.39
C ASN AA 74 40.61 -27.27 -22.22
N ALA AA 75 39.91 -28.15 -22.92
CA ALA AA 75 40.54 -29.15 -23.77
C ALA AA 75 41.09 -28.54 -25.06
N TYR AA 76 40.45 -27.49 -25.53
CA TYR AA 76 40.86 -26.84 -26.78
C TYR AA 76 42.29 -26.33 -26.79
N ASP AA 77 43.04 -26.73 -27.82
CA ASP AA 77 44.42 -26.30 -28.01
C ASP AA 77 45.22 -26.43 -26.72
N ASN AA 78 44.85 -27.43 -25.92
CA ASN AA 78 45.50 -27.68 -24.65
C ASN AA 78 45.94 -29.15 -24.56
N PRO AA 79 47.22 -29.43 -24.87
CA PRO AA 79 47.79 -30.77 -24.83
C PRO AA 79 48.00 -31.30 -23.41
N LEU AA 80 47.83 -30.41 -22.43
CA LEU AA 80 48.01 -30.77 -21.03
C LEU AA 80 46.68 -30.68 -20.29
N ALA AA 81 45.61 -30.97 -21.00
CA ALA AA 81 44.26 -30.93 -20.45
C ALA AA 81 44.09 -31.89 -19.29
N ASP AA 82 44.82 -32.98 -19.30
CA ASP AA 82 44.75 -33.96 -18.23
C ASP AA 82 46.08 -34.08 -17.52
N ALA AA 83 46.78 -32.96 -17.42
CA ALA AA 83 48.05 -32.92 -16.76
C ALA AA 83 48.21 -31.57 -16.08
N GLU AA 84 49.32 -30.89 -16.32
CA GLU AA 84 49.57 -29.60 -15.69
C GLU AA 84 48.48 -28.56 -15.93
N GLU AA 85 47.85 -28.57 -17.10
CA GLU AA 85 46.82 -27.59 -17.41
C GLU AA 85 45.39 -28.15 -17.35
N ALA AA 86 45.12 -28.95 -16.34
CA ALA AA 86 43.79 -29.50 -16.14
C ALA AA 86 43.07 -28.55 -15.19
N LEU AA 87 41.74 -28.63 -15.16
CA LEU AA 87 40.94 -27.75 -14.31
C LEU AA 87 41.18 -27.99 -12.82
N GLU AA 88 41.54 -26.93 -12.13
CA GLU AA 88 41.78 -26.95 -10.69
C GLU AA 88 40.49 -26.54 -9.99
N PRO AA 89 40.31 -26.96 -8.72
CA PRO AA 89 39.07 -26.54 -8.06
C PRO AA 89 39.02 -25.02 -7.94
N SER AA 90 40.15 -24.41 -7.57
CA SER AA 90 40.18 -22.96 -7.42
C SER AA 90 39.73 -22.24 -8.68
N TYR AA 91 40.01 -22.81 -9.85
CA TYR AA 91 39.59 -22.19 -11.11
C TYR AA 91 38.09 -22.32 -11.26
N ILE AA 92 37.57 -23.53 -11.06
CA ILE AA 92 36.14 -23.75 -11.18
C ILE AA 92 35.39 -22.78 -10.27
N PHE AA 93 35.91 -22.60 -9.06
CA PHE AA 93 35.27 -21.70 -8.12
C PHE AA 93 35.31 -20.24 -8.56
N GLU AA 94 36.50 -19.72 -8.79
CA GLU AA 94 36.66 -18.33 -9.21
C GLU AA 94 35.70 -17.99 -10.33
N TYR AA 95 35.53 -18.96 -11.24
CA TYR AA 95 34.63 -18.82 -12.37
C TYR AA 95 33.22 -18.67 -11.86
N LEU AA 96 32.70 -19.73 -11.26
CA LEU AA 96 31.35 -19.70 -10.71
C LEU AA 96 31.12 -18.45 -9.87
N ALA AA 97 32.03 -18.20 -8.94
CA ALA AA 97 31.93 -17.03 -8.07
C ALA AA 97 31.72 -15.79 -8.94
N THR AA 98 32.55 -15.66 -9.97
CA THR AA 98 32.45 -14.54 -10.87
C THR AA 98 31.05 -14.45 -11.47
N VAL AA 99 30.58 -15.53 -12.05
CA VAL AA 99 29.25 -15.56 -12.65
C VAL AA 99 28.16 -15.15 -11.66
N MET AA 100 28.20 -15.76 -10.49
CA MET AA 100 27.20 -15.48 -9.47
C MET AA 100 27.05 -14.00 -9.18
N TYR AA 101 28.18 -13.32 -8.95
CA TYR AA 101 28.17 -11.90 -8.63
C TYR AA 101 27.72 -11.03 -9.80
N GLN AA 102 28.16 -11.37 -11.00
CA GLN AA 102 27.76 -10.60 -12.17
C GLN AA 102 26.25 -10.66 -12.27
N ARG AA 103 25.69 -11.83 -12.00
CA ARG AA 103 24.27 -12.01 -12.11
C ARG AA 103 23.48 -11.26 -11.03
N ARG AA 104 23.97 -11.21 -9.80
CA ARG AA 104 23.20 -10.49 -8.81
C ARG AA 104 23.35 -9.03 -9.16
N SER AA 105 24.50 -8.66 -9.72
CA SER AA 105 24.72 -7.28 -10.06
C SER AA 105 23.91 -6.81 -11.25
N LYS AA 106 23.21 -7.72 -11.90
CA LYS AA 106 22.37 -7.37 -13.02
C LYS AA 106 20.94 -7.61 -12.56
N MET AA 107 20.78 -7.73 -11.25
CA MET AA 107 19.46 -7.96 -10.66
C MET AA 107 18.73 -9.17 -11.27
N ASN AA 108 19.48 -10.20 -11.62
CA ASN AA 108 18.91 -11.40 -12.19
C ASN AA 108 19.82 -12.54 -11.74
N PRO AA 109 19.73 -12.92 -10.46
CA PRO AA 109 20.55 -13.98 -9.87
C PRO AA 109 20.24 -15.43 -10.24
N LEU AA 110 21.23 -16.28 -9.97
CA LEU AA 110 21.13 -17.71 -10.14
C LEU AA 110 20.80 -18.02 -8.70
N TRP AA 111 19.55 -18.44 -8.47
CA TRP AA 111 19.07 -18.70 -7.13
C TRP AA 111 19.65 -19.92 -6.46
N ASN AA 112 20.93 -19.85 -6.12
CA ASN AA 112 21.58 -20.98 -5.52
C ASN AA 112 22.59 -20.64 -4.45
N ALA AA 113 22.95 -21.69 -3.71
CA ALA AA 113 23.97 -21.64 -2.67
C ALA AA 113 24.83 -22.80 -3.17
N ILE AA 114 26.08 -22.50 -3.52
CA ILE AA 114 26.99 -23.50 -4.06
C ILE AA 114 28.22 -23.74 -3.18
N ILE AA 115 28.66 -25.00 -3.12
CA ILE AA 115 29.88 -25.32 -2.38
C ILE AA 115 30.79 -26.13 -3.31
N VAL AA 116 31.98 -25.61 -3.53
CA VAL AA 116 32.95 -26.27 -4.39
C VAL AA 116 33.93 -26.96 -3.49
N ALA AA 117 34.00 -28.28 -3.61
CA ALA AA 117 34.90 -29.07 -2.80
C ALA AA 117 35.88 -29.81 -3.68
N GLY AA 118 37.12 -29.91 -3.23
CA GLY AA 118 38.11 -30.61 -4.02
C GLY AA 118 39.53 -30.52 -3.51
N VAL AA 119 40.44 -31.14 -4.26
CA VAL AA 119 41.86 -31.13 -3.92
C VAL AA 119 42.67 -30.50 -5.03
N GLN AA 120 43.49 -29.51 -4.68
CA GLN AA 120 44.32 -28.83 -5.67
C GLN AA 120 45.36 -29.79 -6.22
N SER AA 121 46.20 -29.32 -7.13
CA SER AA 121 47.24 -30.16 -7.73
C SER AA 121 48.37 -30.46 -6.75
N ASN AA 122 48.66 -29.52 -5.85
CA ASN AA 122 49.72 -29.70 -4.89
C ASN AA 122 49.20 -30.40 -3.63
N GLY AA 123 47.99 -30.94 -3.72
CA GLY AA 123 47.43 -31.66 -2.58
C GLY AA 123 46.57 -30.83 -1.63
N ASP AA 124 46.78 -29.51 -1.62
CA ASP AA 124 46.01 -28.64 -0.74
C ASP AA 124 44.52 -28.92 -0.87
N GLN AA 125 43.79 -28.89 0.24
CA GLN AA 125 42.35 -29.11 0.22
C GLN AA 125 41.67 -27.80 -0.12
N PHE AA 126 40.61 -27.89 -0.92
CA PHE AA 126 39.86 -26.70 -1.29
C PHE AA 126 38.39 -26.85 -0.94
N LEU AA 127 37.88 -25.91 -0.15
CA LEU AA 127 36.48 -25.94 0.24
C LEU AA 127 35.99 -24.50 0.40
N ARG AA 128 35.21 -24.01 -0.56
CA ARG AA 128 34.71 -22.65 -0.47
C ARG AA 128 33.24 -22.56 -0.89
N TYR AA 129 32.59 -21.50 -0.44
CA TYR AA 129 31.16 -21.25 -0.67
C TYR AA 129 30.86 -20.00 -1.50
N VAL AA 130 29.70 -19.99 -2.17
CA VAL AA 130 29.28 -18.86 -2.97
C VAL AA 130 27.77 -18.96 -3.18
N ASN AA 131 27.05 -17.86 -2.97
CA ASN AA 131 25.60 -17.89 -3.15
C ASN AA 131 25.11 -16.89 -4.19
N LEU AA 132 23.79 -16.78 -4.28
CA LEU AA 132 23.14 -15.90 -5.25
C LEU AA 132 23.51 -14.42 -5.12
N LEU AA 133 24.04 -14.03 -3.98
CA LEU AA 133 24.43 -12.63 -3.77
C LEU AA 133 25.87 -12.44 -4.19
N GLY AA 134 26.55 -13.55 -4.48
CA GLY AA 134 27.95 -13.47 -4.87
C GLY AA 134 28.85 -13.45 -3.66
N VAL AA 135 28.30 -13.78 -2.49
CA VAL AA 135 29.08 -13.81 -1.27
C VAL AA 135 29.92 -15.08 -1.24
N THR AA 136 31.10 -15.01 -0.64
CA THR AA 136 31.98 -16.18 -0.58
C THR AA 136 32.79 -16.28 0.69
N TYR AA 137 33.14 -17.52 1.05
CA TYR AA 137 33.93 -17.76 2.24
C TYR AA 137 34.33 -19.23 2.40
N SER AA 138 35.41 -19.43 3.13
CA SER AA 138 35.91 -20.77 3.41
C SER AA 138 35.94 -21.00 4.91
N SER AA 139 35.83 -22.27 5.29
CA SER AA 139 35.83 -22.69 6.68
C SER AA 139 36.04 -24.19 6.66
N PRO AA 140 36.63 -24.76 7.74
CA PRO AA 140 36.89 -26.20 7.86
C PRO AA 140 35.64 -27.01 7.50
N THR AA 141 34.47 -26.41 7.75
CA THR AA 141 33.20 -27.05 7.42
C THR AA 141 32.34 -26.01 6.73
N LEU AA 142 31.46 -26.45 5.84
CA LEU AA 142 30.58 -25.55 5.10
C LEU AA 142 29.30 -26.27 4.77
N ALA AA 143 28.18 -25.57 4.96
CA ALA AA 143 26.88 -26.13 4.67
C ALA AA 143 25.94 -25.01 4.22
N THR AA 144 24.96 -25.35 3.39
CA THR AA 144 24.00 -24.35 2.92
C THR AA 144 22.63 -24.65 3.53
N GLY AA 145 21.76 -23.64 3.52
CA GLY AA 145 20.42 -23.81 4.06
C GLY AA 145 20.41 -24.35 5.48
N PHE AA 146 19.51 -25.30 5.74
CA PHE AA 146 19.38 -25.93 7.05
C PHE AA 146 20.68 -26.51 7.59
N GLY AA 147 21.52 -27.01 6.70
CA GLY AA 147 22.79 -27.56 7.13
C GLY AA 147 23.60 -26.54 7.90
N ALA AA 148 23.51 -25.27 7.49
CA ALA AA 148 24.27 -24.24 8.16
C ALA AA 148 23.87 -24.14 9.61
N HIS AA 149 22.62 -24.50 9.91
CA HIS AA 149 22.12 -24.41 11.28
C HIS AA 149 22.24 -25.68 12.10
N MET AA 150 22.16 -26.82 11.45
CA MET AA 150 22.25 -28.09 12.16
C MET AA 150 23.54 -28.82 11.86
N ALA AA 151 23.85 -29.00 10.58
CA ALA AA 151 25.07 -29.70 10.22
C ALA AA 151 26.32 -29.04 10.80
N ASN AA 152 26.51 -27.75 10.55
CA ASN AA 152 27.69 -27.07 11.06
C ASN AA 152 27.99 -27.32 12.53
N PRO AA 153 27.02 -27.09 13.42
CA PRO AA 153 27.27 -27.32 14.84
C PRO AA 153 27.90 -28.69 15.15
N LEU AA 154 27.43 -29.73 14.46
CA LEU AA 154 27.96 -31.08 14.66
C LEU AA 154 29.37 -31.22 14.07
N LEU AA 155 29.52 -30.90 12.79
CA LEU AA 155 30.83 -31.01 12.14
C LEU AA 155 31.90 -30.18 12.85
N ARG AA 156 31.52 -29.04 13.40
CA ARG AA 156 32.50 -28.19 14.04
C ARG AA 156 33.03 -28.78 15.33
N LYS AA 157 32.34 -29.80 15.84
CA LYS AA 157 32.78 -30.49 17.06
C LYS AA 157 33.97 -31.40 16.71
N VAL AA 158 34.03 -31.83 15.46
CA VAL AA 158 35.12 -32.68 14.97
C VAL AA 158 36.30 -31.79 14.56
N VAL AA 159 36.02 -30.76 13.76
CA VAL AA 159 37.02 -29.81 13.29
C VAL AA 159 36.58 -28.41 13.73
N ASP AA 160 37.01 -28.00 14.91
CA ASP AA 160 36.65 -26.70 15.45
C ASP AA 160 37.52 -25.61 14.87
N ARG AA 161 38.77 -25.93 14.57
CA ARG AA 161 39.66 -24.95 13.98
C ARG AA 161 40.61 -25.63 13.00
N GLU AA 162 41.42 -24.82 12.32
CA GLU AA 162 42.35 -25.33 11.31
C GLU AA 162 43.23 -26.48 11.80
N SER AA 163 43.83 -26.32 12.99
CA SER AA 163 44.71 -27.34 13.55
C SER AA 163 44.09 -28.72 13.69
N ASP AA 164 42.76 -28.81 13.61
CA ASP AA 164 42.10 -30.10 13.75
C ASP AA 164 41.92 -30.89 12.44
N ILE AA 165 42.30 -30.32 11.31
CA ILE AA 165 42.10 -31.04 10.07
C ILE AA 165 43.05 -32.23 9.94
N PRO AA 166 44.36 -32.00 10.14
CA PRO AA 166 45.35 -33.08 10.04
C PRO AA 166 45.06 -34.27 10.97
N LYS AA 167 44.27 -33.99 12.01
CA LYS AA 167 43.90 -34.99 13.01
C LYS AA 167 42.64 -35.73 12.65
N THR AA 168 42.01 -35.38 11.54
CA THR AA 168 40.76 -36.04 11.18
C THR AA 168 40.88 -37.04 10.03
N THR AA 169 40.43 -38.25 10.28
CA THR AA 169 40.51 -39.30 9.28
C THR AA 169 39.22 -39.44 8.48
N VAL AA 170 39.35 -39.97 7.28
CA VAL AA 170 38.21 -40.18 6.40
C VAL AA 170 37.10 -40.97 7.09
N GLN AA 171 37.49 -41.83 8.03
CA GLN AA 171 36.52 -42.63 8.75
C GLN AA 171 35.72 -41.73 9.65
N VAL AA 172 36.45 -40.90 10.41
CA VAL AA 172 35.84 -39.93 11.34
C VAL AA 172 35.00 -38.91 10.56
N ALA AA 173 35.64 -38.26 9.59
CA ALA AA 173 34.95 -37.28 8.76
C ALA AA 173 33.70 -37.86 8.15
N GLU AA 174 33.82 -38.90 7.33
CA GLU AA 174 32.64 -39.49 6.71
C GLU AA 174 31.57 -39.87 7.70
N GLU AA 175 31.98 -40.27 8.89
CA GLU AA 175 31.02 -40.66 9.93
C GLU AA 175 30.21 -39.44 10.34
N ALA AA 176 30.93 -38.36 10.65
CA ALA AA 176 30.33 -37.09 11.05
C ALA AA 176 29.31 -36.66 10.00
N ILE AA 177 29.76 -36.61 8.75
CA ILE AA 177 28.89 -36.24 7.65
C ILE AA 177 27.61 -37.08 7.62
N VAL AA 178 27.76 -38.40 7.59
CA VAL AA 178 26.60 -39.27 7.53
C VAL AA 178 25.64 -39.09 8.72
N ASN AA 179 26.18 -38.70 9.86
CA ASN AA 179 25.33 -38.46 11.03
C ASN AA 179 24.48 -37.23 10.76
N ALA AA 180 25.16 -36.15 10.36
CA ALA AA 180 24.50 -34.89 10.04
C ALA AA 180 23.34 -35.14 9.09
N MET AA 181 23.60 -35.85 7.99
CA MET AA 181 22.53 -36.14 7.05
C MET AA 181 21.32 -36.76 7.74
N ARG AA 182 21.57 -37.63 8.71
CA ARG AA 182 20.46 -38.26 9.43
C ARG AA 182 19.71 -37.20 10.23
N VAL AA 183 20.46 -36.36 10.94
CA VAL AA 183 19.85 -35.30 11.73
C VAL AA 183 18.99 -34.41 10.84
N LEU AA 184 19.56 -33.98 9.70
CA LEU AA 184 18.82 -33.15 8.77
C LEU AA 184 17.54 -33.85 8.34
N TYR AA 185 17.59 -35.17 8.17
CA TYR AA 185 16.40 -35.91 7.74
C TYR AA 185 15.32 -35.89 8.80
N TYR AA 186 15.73 -35.75 10.06
CA TYR AA 186 14.78 -35.72 11.19
C TYR AA 186 14.08 -34.37 11.31
N ARG AA 187 14.85 -33.30 11.18
CA ARG AA 187 14.32 -31.96 11.35
C ARG AA 187 14.07 -31.07 10.14
N ASP AA 188 14.46 -31.49 8.94
CA ASP AA 188 14.21 -30.66 7.76
C ASP AA 188 13.00 -31.23 7.03
N ALA AA 189 11.94 -30.44 6.99
CA ALA AA 189 10.70 -30.86 6.34
C ALA AA 189 10.84 -31.00 4.84
N ARG AA 190 11.92 -30.48 4.30
CA ARG AA 190 12.16 -30.53 2.86
C ARG AA 190 13.35 -31.45 2.55
N SER AA 191 13.55 -32.47 3.36
CA SER AA 191 14.67 -33.39 3.15
C SER AA 191 14.22 -34.76 2.67
N SER AA 192 15.19 -35.51 2.17
CA SER AA 192 14.93 -36.85 1.69
C SER AA 192 15.88 -37.81 2.39
N ARG AA 193 15.52 -39.08 2.39
CA ARG AA 193 16.34 -40.11 3.04
C ARG AA 193 17.50 -40.52 2.17
N ASN AA 194 17.27 -40.58 0.86
CA ASN AA 194 18.31 -40.97 -0.06
C ASN AA 194 19.15 -39.77 -0.42
N PHE AA 195 20.46 -39.95 -0.38
CA PHE AA 195 21.36 -38.86 -0.70
C PHE AA 195 22.61 -39.35 -1.41
N SER AA 196 23.52 -38.42 -1.69
CA SER AA 196 24.75 -38.77 -2.36
C SER AA 196 25.89 -38.17 -1.57
N LEU AA 197 27.03 -38.85 -1.57
CA LEU AA 197 28.19 -38.39 -0.85
C LEU AA 197 29.39 -38.60 -1.75
N ALA AA 198 30.39 -37.74 -1.60
CA ALA AA 198 31.58 -37.85 -2.42
C ALA AA 198 32.79 -37.45 -1.61
N ILE AA 199 33.89 -38.18 -1.81
CA ILE AA 199 35.12 -37.91 -1.10
C ILE AA 199 36.17 -37.61 -2.14
N ILE AA 200 37.06 -36.68 -1.83
CA ILE AA 200 38.14 -36.32 -2.73
C ILE AA 200 39.37 -36.37 -1.86
N ASP AA 201 40.14 -37.44 -2.03
CA ASP AA 201 41.35 -37.69 -1.26
C ASP AA 201 42.53 -37.51 -2.19
N LYS AA 202 43.59 -36.87 -1.69
CA LYS AA 202 44.78 -36.64 -2.50
C LYS AA 202 45.52 -37.92 -2.87
N ASN AA 203 45.12 -39.05 -2.27
CA ASN AA 203 45.75 -40.33 -2.56
C ASN AA 203 44.79 -41.25 -3.29
N THR AA 204 43.60 -41.47 -2.73
CA THR AA 204 42.63 -42.36 -3.35
C THR AA 204 41.77 -41.69 -4.43
N GLY AA 205 41.96 -40.39 -4.62
CA GLY AA 205 41.20 -39.66 -5.62
C GLY AA 205 39.76 -39.39 -5.27
N LEU AA 206 38.90 -39.36 -6.29
CA LEU AA 206 37.49 -39.11 -6.09
C LEU AA 206 36.66 -40.37 -6.02
N THR AA 207 35.93 -40.50 -4.92
CA THR AA 207 35.04 -41.64 -4.71
C THR AA 207 33.65 -41.00 -4.67
N PHE AA 208 32.73 -41.53 -5.44
CA PHE AA 208 31.39 -40.96 -5.50
C PHE AA 208 30.34 -41.98 -5.17
N LYS AA 209 29.80 -41.91 -3.95
CA LYS AA 209 28.78 -42.85 -3.51
C LYS AA 209 27.36 -42.37 -3.79
N LYS AA 210 26.60 -43.20 -4.49
CA LYS AA 210 25.22 -42.88 -4.82
C LYS AA 210 24.23 -43.76 -4.08
N ASN AA 211 23.00 -43.29 -3.98
CA ASN AA 211 21.90 -44.00 -3.32
C ASN AA 211 22.09 -44.41 -1.88
N LEU AA 212 22.82 -43.61 -1.12
CA LEU AA 212 23.00 -43.93 0.29
C LEU AA 212 21.64 -43.68 0.96
N GLN AA 213 21.49 -44.12 2.19
CA GLN AA 213 20.24 -43.91 2.91
C GLN AA 213 20.48 -43.63 4.37
N VAL AA 214 19.55 -42.92 4.99
CA VAL AA 214 19.66 -42.63 6.40
C VAL AA 214 19.19 -43.90 7.07
N GLU AA 215 20.06 -44.51 7.88
CA GLU AA 215 19.73 -45.74 8.59
C GLU AA 215 19.89 -45.51 10.08
N ASN AA 216 19.64 -46.56 10.87
CA ASN AA 216 19.75 -46.48 12.34
C ASN AA 216 18.98 -45.30 12.92
N MET AA 217 17.68 -45.25 12.63
CA MET AA 217 16.83 -44.16 13.11
C MET AA 217 16.06 -44.50 14.38
N LYS AA 218 16.16 -43.60 15.37
CA LYS AA 218 15.45 -43.76 16.63
C LYS AA 218 14.05 -43.15 16.53
N TRP AA 219 13.03 -43.98 16.71
CA TRP AA 219 11.64 -43.53 16.66
C TRP AA 219 10.82 -44.20 17.77
N ASP AA 220 11.28 -45.35 18.24
CA ASP AA 220 10.58 -46.12 19.27
C ASP AA 220 9.90 -45.30 20.38
N PHE AA 221 10.62 -44.36 20.98
CA PHE AA 221 10.05 -43.55 22.06
C PHE AA 221 8.70 -42.90 21.68
N ALA AA 222 8.45 -42.76 20.39
CA ALA AA 222 7.21 -42.15 19.92
C ALA AA 222 5.99 -42.82 20.50
N LYS AA 223 6.08 -44.12 20.76
CA LYS AA 223 4.96 -44.89 21.29
C LYS AA 223 4.54 -44.47 22.70
N ASP AA 224 5.55 -44.15 23.51
CA ASP AA 224 5.36 -43.75 24.90
C ASP AA 224 4.77 -42.34 25.01
N ILE AA 225 4.64 -41.67 23.88
CA ILE AA 225 4.09 -40.32 23.87
C ILE AA 225 2.67 -40.28 23.31
N LYS AA 226 1.76 -39.77 24.12
CA LYS AA 226 0.37 -39.65 23.73
C LYS AA 226 -0.20 -38.37 24.32
N GLY AA 227 -1.11 -37.73 23.59
CA GLY AA 227 -1.72 -36.49 24.03
C GLY AA 227 -0.75 -35.33 23.97
N TYR AA 228 -1.22 -34.13 24.28
CA TYR AA 228 -0.36 -32.96 24.27
C TYR AA 228 -0.27 -32.29 25.63
N GLY AA 229 -0.46 -33.08 26.69
CA GLY AA 229 -0.39 -32.53 28.03
C GLY AA 229 -1.01 -33.34 29.15
N THR AA 230 -2.33 -33.27 29.26
CA THR AA 230 -3.06 -33.96 30.31
C THR AA 230 -3.60 -35.34 29.96
N GLN AA 231 -3.63 -35.66 28.67
CA GLN AA 231 -4.14 -36.96 28.21
C GLN AA 231 -3.30 -38.12 28.75
N LYS AA 232 -3.95 -39.18 29.20
CA LYS AA 232 -3.25 -40.35 29.75
C LYS AA 232 -3.19 -41.57 28.82
N ILE AA 233 -4.16 -41.72 27.93
CA ILE AA 233 -4.14 -42.86 27.02
C ILE AA 233 -3.98 -42.45 25.55
N THR BA 1 -6.64 -27.88 -15.50
CA THR BA 1 -5.88 -28.71 -16.47
C THR BA 1 -5.36 -30.00 -15.78
N SER BA 2 -5.62 -31.15 -16.37
CA SER BA 2 -5.15 -32.45 -15.86
C SER BA 2 -4.51 -33.21 -17.03
N ILE BA 3 -3.21 -33.47 -16.91
CA ILE BA 3 -2.47 -34.12 -17.98
C ILE BA 3 -1.37 -35.06 -17.48
N MET BA 4 -1.06 -36.07 -18.28
CA MET BA 4 -0.02 -37.03 -17.92
C MET BA 4 0.48 -37.76 -19.15
N ALA BA 5 1.71 -38.27 -19.04
CA ALA BA 5 2.34 -39.04 -20.10
C ALA BA 5 2.93 -40.27 -19.41
N VAL BA 6 2.60 -41.44 -19.95
CA VAL BA 6 3.09 -42.72 -19.40
C VAL BA 6 3.82 -43.56 -20.44
N THR BA 7 5.01 -44.02 -20.10
CA THR BA 7 5.76 -44.86 -21.03
C THR BA 7 5.48 -46.30 -20.68
N PHE BA 8 5.14 -47.09 -21.69
CA PHE BA 8 4.86 -48.50 -21.47
C PHE BA 8 5.73 -49.36 -22.39
N LYS BA 9 5.39 -50.64 -22.48
CA LYS BA 9 6.12 -51.61 -23.29
C LYS BA 9 6.35 -51.20 -24.76
N ASP BA 10 5.28 -50.87 -25.47
CA ASP BA 10 5.36 -50.52 -26.88
C ASP BA 10 5.67 -49.06 -27.19
N GLY BA 11 5.84 -48.24 -26.15
CA GLY BA 11 6.13 -46.82 -26.37
C GLY BA 11 5.61 -45.89 -25.29
N VAL BA 12 4.71 -44.98 -25.64
CA VAL BA 12 4.17 -44.02 -24.67
C VAL BA 12 2.79 -43.46 -25.03
N ILE BA 13 2.04 -43.03 -24.02
CA ILE BA 13 0.71 -42.47 -24.21
C ILE BA 13 0.49 -41.16 -23.47
N LEU BA 14 -0.18 -40.24 -24.14
CA LEU BA 14 -0.46 -38.93 -23.58
C LEU BA 14 -1.95 -38.80 -23.31
N GLY BA 15 -2.28 -38.27 -22.14
CA GLY BA 15 -3.67 -38.08 -21.78
C GLY BA 15 -3.90 -36.71 -21.19
N ALA BA 16 -5.13 -36.20 -21.31
CA ALA BA 16 -5.47 -34.88 -20.80
C ALA BA 16 -6.99 -34.68 -20.74
N ASP BA 17 -7.44 -33.72 -19.95
CA ASP BA 17 -8.86 -33.43 -19.87
C ASP BA 17 -9.12 -32.46 -21.03
N SER BA 18 -10.31 -31.87 -21.10
CA SER BA 18 -10.58 -30.97 -22.21
C SER BA 18 -11.28 -29.70 -21.78
N ARG BA 19 -11.03 -29.26 -20.56
CA ARG BA 19 -11.67 -28.06 -20.05
C ARG BA 19 -10.77 -26.84 -19.82
N THR BA 20 -11.25 -25.69 -20.28
CA THR BA 20 -10.55 -24.43 -20.06
C THR BA 20 -11.56 -23.51 -19.40
N THR BA 21 -11.11 -22.78 -18.39
CA THR BA 21 -12.00 -21.91 -17.65
C THR BA 21 -11.44 -20.53 -17.38
N THR BA 22 -12.32 -19.54 -17.38
CA THR BA 22 -11.96 -18.16 -17.03
C THR BA 22 -12.86 -17.95 -15.83
N GLY BA 23 -12.31 -18.17 -14.64
CA GLY BA 23 -13.11 -18.05 -13.45
C GLY BA 23 -13.78 -19.39 -13.23
N ALA BA 24 -15.06 -19.37 -12.93
CA ALA BA 24 -15.79 -20.61 -12.72
C ALA BA 24 -16.54 -20.92 -14.01
N TYR BA 25 -16.37 -20.08 -15.01
CA TYR BA 25 -17.03 -20.32 -16.28
C TYR BA 25 -16.18 -21.20 -17.17
N ILE BA 26 -16.79 -22.25 -17.69
CA ILE BA 26 -16.07 -23.15 -18.58
C ILE BA 26 -16.16 -22.53 -19.98
N ALA BA 27 -15.08 -21.87 -20.40
CA ALA BA 27 -15.01 -21.22 -21.70
C ALA BA 27 -15.06 -22.19 -22.87
N ASN BA 28 -14.37 -23.31 -22.76
CA ASN BA 28 -14.36 -24.33 -23.79
C ASN BA 28 -14.28 -25.69 -23.08
N ARG BA 29 -15.13 -26.62 -23.51
CA ARG BA 29 -15.14 -27.94 -22.89
C ARG BA 29 -14.65 -29.06 -23.81
N VAL BA 30 -14.14 -28.70 -24.98
CA VAL BA 30 -13.64 -29.69 -25.91
C VAL BA 30 -12.24 -29.29 -26.38
N THR BA 31 -11.47 -28.73 -25.47
CA THR BA 31 -10.10 -28.29 -25.76
C THR BA 31 -9.20 -29.48 -26.04
N ASP BA 32 -8.17 -29.26 -26.85
CA ASP BA 32 -7.20 -30.31 -27.12
C ASP BA 32 -5.88 -29.84 -26.52
N LYS BA 33 -5.57 -30.34 -25.34
CA LYS BA 33 -4.36 -29.97 -24.63
C LYS BA 33 -3.16 -30.79 -25.06
N LEU BA 34 -3.39 -31.73 -25.98
CA LEU BA 34 -2.32 -32.59 -26.48
C LEU BA 34 -1.88 -31.98 -27.80
N THR BA 35 -0.67 -31.45 -27.81
CA THR BA 35 -0.14 -30.78 -29.00
C THR BA 35 1.00 -31.52 -29.66
N ARG BA 36 0.97 -31.56 -30.99
CA ARG BA 36 1.97 -32.22 -31.79
C ARG BA 36 3.08 -31.25 -32.19
N VAL BA 37 4.33 -31.61 -31.94
CA VAL BA 37 5.44 -30.76 -32.34
C VAL BA 37 6.23 -31.50 -33.42
N HIS BA 38 5.89 -32.77 -33.64
CA HIS BA 38 6.51 -33.60 -34.66
C HIS BA 38 5.67 -34.85 -34.87
N ASP BA 39 5.96 -35.59 -35.94
CA ASP BA 39 5.22 -36.82 -36.23
C ASP BA 39 5.07 -37.68 -35.00
N LYS BA 40 6.19 -37.91 -34.31
CA LYS BA 40 6.12 -38.73 -33.11
C LYS BA 40 6.65 -38.10 -31.83
N ILE BA 41 6.48 -36.77 -31.71
CA ILE BA 41 6.87 -36.03 -30.51
C ILE BA 41 5.68 -35.14 -30.21
N TRP BA 42 5.05 -35.34 -29.06
CA TRP BA 42 3.90 -34.54 -28.66
C TRP BA 42 4.14 -33.95 -27.27
N CYS BA 43 3.21 -33.12 -26.82
CA CYS BA 43 3.31 -32.51 -25.51
C CYS BA 43 1.96 -32.26 -24.86
N CYS BA 44 2.01 -32.19 -23.54
CA CYS BA 44 0.84 -31.92 -22.73
C CYS BA 44 1.01 -30.49 -22.25
N ARG BA 45 0.01 -29.65 -22.48
CA ARG BA 45 0.06 -28.24 -22.10
C ARG BA 45 -0.67 -27.91 -20.79
N SER BA 46 -0.01 -27.16 -19.92
CA SER BA 46 -0.57 -26.73 -18.64
C SER BA 46 -0.11 -25.30 -18.33
N GLY BA 47 -1.02 -24.49 -17.81
CA GLY BA 47 -0.69 -23.11 -17.48
C GLY BA 47 -1.42 -22.14 -18.38
N SER BA 48 -0.70 -21.17 -18.92
CA SER BA 48 -1.30 -20.19 -19.81
C SER BA 48 -1.55 -20.79 -21.19
N ALA BA 49 -2.79 -20.78 -21.64
CA ALA BA 49 -3.08 -21.33 -22.96
C ALA BA 49 -2.26 -20.50 -23.95
N ALA BA 50 -2.41 -19.19 -23.86
CA ALA BA 50 -1.68 -18.30 -24.74
C ALA BA 50 -0.18 -18.58 -24.70
N ASP BA 51 0.40 -18.69 -23.50
CA ASP BA 51 1.83 -18.95 -23.39
C ASP BA 51 2.23 -20.29 -24.00
N THR BA 52 1.69 -21.38 -23.48
CA THR BA 52 2.01 -22.72 -23.99
C THR BA 52 1.78 -22.85 -25.49
N GLN BA 53 0.67 -22.33 -26.00
CA GLN BA 53 0.36 -22.39 -27.43
C GLN BA 53 1.50 -21.75 -28.23
N ALA BA 54 1.87 -20.55 -27.84
CA ALA BA 54 2.95 -19.85 -28.48
C ALA BA 54 4.24 -20.68 -28.36
N ILE BA 55 4.51 -21.20 -27.17
CA ILE BA 55 5.70 -22.01 -26.94
C ILE BA 55 5.74 -23.21 -27.88
N ALA BA 56 4.62 -23.94 -27.93
CA ALA BA 56 4.50 -25.12 -28.78
C ALA BA 56 4.75 -24.75 -30.23
N ASP BA 57 3.98 -23.77 -30.72
CA ASP BA 57 4.11 -23.32 -32.10
C ASP BA 57 5.57 -23.07 -32.47
N ILE BA 58 6.33 -22.43 -31.59
CA ILE BA 58 7.73 -22.13 -31.84
C ILE BA 58 8.59 -23.39 -31.84
N VAL BA 59 8.27 -24.35 -30.97
CA VAL BA 59 9.03 -25.59 -30.93
C VAL BA 59 8.80 -26.36 -32.24
N GLN BA 60 7.53 -26.48 -32.62
CA GLN BA 60 7.17 -27.17 -33.86
C GLN BA 60 7.99 -26.58 -35.02
N TYR BA 61 8.10 -25.27 -35.04
CA TYR BA 61 8.87 -24.58 -36.07
C TYR BA 61 10.32 -25.06 -36.02
N HIS BA 62 10.93 -25.01 -34.84
CA HIS BA 62 12.32 -25.42 -34.70
C HIS BA 62 12.63 -26.85 -35.09
N LEU BA 63 11.75 -27.78 -34.71
CA LEU BA 63 11.96 -29.18 -35.04
C LEU BA 63 11.77 -29.41 -36.54
N GLU BA 64 10.86 -28.66 -37.15
CA GLU BA 64 10.63 -28.78 -38.58
C GLU BA 64 11.85 -28.32 -39.36
N LEU BA 65 12.57 -27.31 -38.85
CA LEU BA 65 13.77 -26.82 -39.53
C LEU BA 65 14.91 -27.75 -39.26
N TYR BA 66 14.93 -28.29 -38.04
CA TYR BA 66 15.94 -29.25 -37.61
C TYR BA 66 15.88 -30.48 -38.53
N THR BA 67 14.65 -30.92 -38.80
CA THR BA 67 14.41 -32.07 -39.65
C THR BA 67 14.93 -31.84 -41.07
N SER BA 68 14.59 -30.69 -41.65
CA SER BA 68 15.03 -30.38 -43.01
C SER BA 68 16.53 -30.43 -43.13
N GLN BA 69 17.22 -30.05 -42.08
CA GLN BA 69 18.67 -30.03 -42.10
C GLN BA 69 19.34 -31.31 -41.59
N TYR BA 70 18.83 -31.87 -40.50
CA TYR BA 70 19.48 -33.05 -39.93
C TYR BA 70 18.58 -34.27 -39.71
N GLY BA 71 17.45 -34.31 -40.40
CA GLY BA 71 16.56 -35.44 -40.24
C GLY BA 71 15.84 -35.46 -38.91
N THR BA 72 15.11 -36.55 -38.67
CA THR BA 72 14.33 -36.72 -37.45
C THR BA 72 15.12 -36.44 -36.16
N PRO BA 73 14.53 -35.63 -35.26
CA PRO BA 73 15.09 -35.24 -33.96
C PRO BA 73 14.75 -36.20 -32.82
N SER BA 74 15.63 -36.29 -31.84
CA SER BA 74 15.38 -37.17 -30.70
C SER BA 74 14.38 -36.49 -29.78
N THR BA 75 13.64 -37.29 -29.02
CA THR BA 75 12.68 -36.72 -28.09
C THR BA 75 13.45 -35.88 -27.09
N GLU BA 76 14.70 -36.24 -26.87
CA GLU BA 76 15.52 -35.50 -25.92
C GLU BA 76 15.77 -34.10 -26.44
N THR BA 77 15.95 -33.97 -27.76
CA THR BA 77 16.20 -32.67 -28.37
C THR BA 77 14.92 -31.82 -28.33
N ALA BA 78 13.77 -32.46 -28.54
CA ALA BA 78 12.51 -31.75 -28.50
C ALA BA 78 12.40 -31.11 -27.12
N ALA BA 79 12.62 -31.91 -26.08
CA ALA BA 79 12.53 -31.43 -24.71
C ALA BA 79 13.55 -30.34 -24.47
N SER BA 80 14.70 -30.43 -25.11
CA SER BA 80 15.73 -29.43 -24.95
C SER BA 80 15.25 -28.10 -25.48
N VAL BA 81 14.66 -28.10 -26.67
CA VAL BA 81 14.16 -26.86 -27.23
C VAL BA 81 13.08 -26.25 -26.35
N PHE BA 82 12.17 -27.08 -25.85
CA PHE BA 82 11.12 -26.60 -24.97
C PHE BA 82 11.72 -25.91 -23.76
N LYS BA 83 12.69 -26.56 -23.15
CA LYS BA 83 13.35 -26.04 -21.96
C LYS BA 83 14.06 -24.72 -22.24
N GLU BA 84 14.73 -24.64 -23.37
CA GLU BA 84 15.45 -23.43 -23.72
C GLU BA 84 14.50 -22.22 -23.70
N LEU BA 85 13.32 -22.38 -24.28
CA LEU BA 85 12.34 -21.31 -24.32
C LEU BA 85 11.80 -21.01 -22.92
N CYS BA 86 11.40 -22.06 -22.22
CA CYS BA 86 10.83 -21.94 -20.89
C CYS BA 86 11.74 -21.37 -19.83
N TYR BA 87 13.00 -21.73 -19.87
CA TYR BA 87 13.95 -21.28 -18.87
C TYR BA 87 14.42 -19.87 -19.15
N GLU BA 88 14.82 -19.63 -20.39
CA GLU BA 88 15.32 -18.34 -20.82
C GLU BA 88 14.25 -17.25 -20.68
N ASN BA 89 12.98 -17.62 -20.78
CA ASN BA 89 11.87 -16.68 -20.68
C ASN BA 89 10.98 -16.94 -19.47
N LYS BA 90 11.56 -17.48 -18.40
CA LYS BA 90 10.77 -17.81 -17.22
C LYS BA 90 10.01 -16.65 -16.60
N ASP BA 91 10.56 -15.45 -16.70
CA ASP BA 91 9.92 -14.29 -16.12
C ASP BA 91 8.60 -13.88 -16.78
N ASN BA 92 8.42 -14.27 -18.04
CA ASN BA 92 7.20 -13.89 -18.75
C ASN BA 92 6.37 -15.06 -19.22
N LEU BA 93 6.58 -16.21 -18.61
CA LEU BA 93 5.81 -17.39 -18.99
C LEU BA 93 5.22 -18.12 -17.80
N THR BA 94 4.11 -18.78 -18.06
CA THR BA 94 3.42 -19.57 -17.06
C THR BA 94 3.03 -20.81 -17.85
N ALA BA 95 3.97 -21.75 -17.91
CA ALA BA 95 3.75 -22.99 -18.64
C ALA BA 95 4.49 -24.19 -18.06
N GLY BA 96 3.74 -25.28 -17.92
CA GLY BA 96 4.29 -26.52 -17.44
C GLY BA 96 4.06 -27.47 -18.60
N ILE BA 97 5.13 -27.98 -19.17
CA ILE BA 97 4.99 -28.87 -20.32
C ILE BA 97 5.52 -30.29 -20.09
N ILE BA 98 4.76 -31.26 -20.60
CA ILE BA 98 5.16 -32.65 -20.53
C ILE BA 98 5.43 -33.05 -21.98
N VAL BA 99 6.67 -33.43 -22.27
CA VAL BA 99 7.03 -33.81 -23.62
C VAL BA 99 7.13 -35.33 -23.68
N ALA BA 100 6.49 -35.92 -24.69
CA ALA BA 100 6.49 -37.36 -24.84
C ALA BA 100 6.67 -37.75 -26.30
N GLY BA 101 7.66 -38.59 -26.58
CA GLY BA 101 7.87 -38.99 -27.97
C GLY BA 101 8.25 -40.44 -28.14
N TYR BA 102 8.17 -40.93 -29.38
CA TYR BA 102 8.53 -42.30 -29.68
C TYR BA 102 9.67 -42.41 -30.70
N ASP BA 103 10.77 -42.95 -30.22
CA ASP BA 103 11.98 -43.16 -30.98
C ASP BA 103 11.98 -44.68 -31.19
N ASP BA 104 12.73 -45.17 -32.17
CA ASP BA 104 12.73 -46.63 -32.35
C ASP BA 104 13.89 -47.24 -31.58
N LYS BA 105 14.97 -46.48 -31.49
CA LYS BA 105 16.15 -46.90 -30.78
C LYS BA 105 15.85 -46.80 -29.29
N ASN BA 106 15.26 -45.68 -28.88
CA ASN BA 106 14.93 -45.39 -27.48
C ASN BA 106 13.54 -45.81 -26.99
N LYS BA 107 12.68 -46.26 -27.90
CA LYS BA 107 11.32 -46.66 -27.54
C LYS BA 107 10.56 -45.40 -27.09
N GLY BA 108 9.81 -45.48 -25.99
CA GLY BA 108 9.08 -44.31 -25.51
C GLY BA 108 9.85 -43.53 -24.44
N GLU BA 109 9.73 -42.21 -24.45
CA GLU BA 109 10.41 -41.38 -23.45
C GLU BA 109 9.49 -40.26 -22.95
N VAL BA 110 9.67 -39.85 -21.71
CA VAL BA 110 8.88 -38.78 -21.14
C VAL BA 110 9.73 -37.75 -20.36
N TYR BA 111 9.54 -36.48 -20.72
CA TYR BA 111 10.25 -35.39 -20.07
C TYR BA 111 9.23 -34.38 -19.53
N THR BA 112 9.44 -33.96 -18.30
CA THR BA 112 8.54 -32.99 -17.70
C THR BA 112 9.29 -31.68 -17.47
N ILE BA 113 8.67 -30.59 -17.91
CA ILE BA 113 9.23 -29.27 -17.76
C ILE BA 113 8.29 -28.42 -16.92
N PRO BA 114 8.59 -28.26 -15.63
CA PRO BA 114 7.76 -27.46 -14.73
C PRO BA 114 7.97 -25.96 -14.90
N LEU BA 115 7.30 -25.16 -14.06
CA LEU BA 115 7.40 -23.71 -14.10
C LEU BA 115 8.80 -23.15 -14.18
N GLY BA 116 9.67 -23.60 -13.30
CA GLY BA 116 11.02 -23.06 -13.36
C GLY BA 116 11.70 -23.07 -14.72
N GLY BA 117 11.53 -24.15 -15.47
CA GLY BA 117 12.17 -24.25 -16.76
C GLY BA 117 13.16 -25.42 -16.70
N SER BA 118 13.18 -26.13 -15.58
CA SER BA 118 14.07 -27.28 -15.42
C SER BA 118 13.48 -28.49 -16.16
N VAL BA 119 14.32 -29.50 -16.41
CA VAL BA 119 13.83 -30.68 -17.11
C VAL BA 119 14.02 -31.96 -16.32
N HIS BA 120 13.03 -32.84 -16.42
CA HIS BA 120 13.05 -34.10 -15.70
C HIS BA 120 12.57 -35.25 -16.57
N LYS BA 121 13.43 -36.25 -16.73
CA LYS BA 121 13.10 -37.43 -17.52
C LYS BA 121 12.48 -38.42 -16.54
N LEU BA 122 11.33 -38.97 -16.90
CA LEU BA 122 10.63 -39.89 -16.01
C LEU BA 122 9.86 -41.00 -16.72
N PRO BA 123 9.48 -42.05 -15.97
CA PRO BA 123 8.72 -43.19 -16.50
C PRO BA 123 7.35 -42.68 -16.89
N TYR BA 124 6.84 -41.79 -16.06
CA TYR BA 124 5.55 -41.16 -16.30
C TYR BA 124 5.60 -39.83 -15.59
N ALA BA 125 4.69 -38.94 -15.96
CA ALA BA 125 4.63 -37.63 -15.35
C ALA BA 125 3.20 -37.13 -15.35
N ILE BA 126 2.81 -36.50 -14.26
CA ILE BA 126 1.48 -35.93 -14.14
C ILE BA 126 1.64 -34.44 -13.81
N ALA BA 127 0.72 -33.62 -14.30
CA ALA BA 127 0.80 -32.19 -14.06
C ALA BA 127 -0.58 -31.57 -14.25
N GLY BA 128 -0.67 -30.29 -13.90
CA GLY BA 128 -1.93 -29.58 -14.01
C GLY BA 128 -2.53 -29.49 -12.62
N SER BA 129 -3.56 -28.68 -12.46
CA SER BA 129 -4.19 -28.53 -11.16
C SER BA 129 -4.68 -29.88 -10.63
N GLY BA 130 -5.47 -30.59 -11.45
CA GLY BA 130 -6.01 -31.88 -11.07
C GLY BA 130 -5.00 -32.93 -10.65
N SER BA 131 -3.77 -32.82 -11.12
CA SER BA 131 -2.75 -33.79 -10.78
C SER BA 131 -2.53 -33.96 -9.28
N THR BA 132 -2.62 -32.89 -8.51
CA THR BA 132 -2.37 -32.99 -7.07
C THR BA 132 -3.20 -34.09 -6.40
N PHE BA 133 -4.39 -34.33 -6.92
CA PHE BA 133 -5.26 -35.34 -6.34
C PHE BA 133 -4.95 -36.77 -6.72
N ILE BA 134 -4.12 -36.99 -7.73
CA ILE BA 134 -3.79 -38.35 -8.11
C ILE BA 134 -2.33 -38.74 -7.88
N TYR BA 135 -1.59 -37.94 -7.11
CA TYR BA 135 -0.20 -38.26 -6.82
C TYR BA 135 -0.13 -39.58 -6.07
N GLY BA 136 -1.02 -39.76 -5.11
CA GLY BA 136 -1.06 -40.98 -4.34
C GLY BA 136 -1.43 -42.15 -5.23
N TYR BA 137 -2.59 -42.06 -5.87
CA TYR BA 137 -3.06 -43.13 -6.75
C TYR BA 137 -2.03 -43.57 -7.79
N CYS BA 138 -1.45 -42.63 -8.52
CA CYS BA 138 -0.47 -42.99 -9.54
C CYS BA 138 0.74 -43.72 -8.99
N ASP BA 139 1.37 -43.18 -7.95
CA ASP BA 139 2.55 -43.82 -7.38
C ASP BA 139 2.26 -45.26 -6.97
N LYS BA 140 1.03 -45.53 -6.52
CA LYS BA 140 0.65 -46.87 -6.10
C LYS BA 140 0.25 -47.82 -7.22
N ASN BA 141 -0.15 -47.27 -8.38
CA ASN BA 141 -0.58 -48.11 -9.50
C ASN BA 141 0.29 -48.13 -10.75
N PHE BA 142 1.42 -47.43 -10.74
CA PHE BA 142 2.26 -47.44 -11.93
C PHE BA 142 3.28 -48.56 -11.92
N ARG BA 143 3.41 -49.23 -13.06
CA ARG BA 143 4.36 -50.33 -13.25
C ARG BA 143 5.02 -50.12 -14.60
N GLU BA 144 6.32 -50.37 -14.67
CA GLU BA 144 7.02 -50.20 -15.93
C GLU BA 144 6.76 -51.35 -16.88
N ASN BA 145 6.70 -51.05 -18.16
CA ASN BA 145 6.48 -52.07 -19.18
C ASN BA 145 5.09 -52.64 -19.18
N MET BA 146 4.10 -51.79 -18.97
CA MET BA 146 2.72 -52.24 -18.98
C MET BA 146 2.35 -52.43 -20.44
N SER BA 147 1.19 -53.03 -20.70
CA SER BA 147 0.75 -53.25 -22.06
C SER BA 147 -0.03 -52.01 -22.46
N LYS BA 148 -0.35 -51.88 -23.73
CA LYS BA 148 -1.11 -50.73 -24.17
C LYS BA 148 -2.42 -50.68 -23.39
N GLU BA 149 -3.19 -51.76 -23.42
CA GLU BA 149 -4.48 -51.80 -22.71
C GLU BA 149 -4.32 -51.45 -21.23
N GLU BA 150 -3.24 -51.94 -20.62
CA GLU BA 150 -2.98 -51.67 -19.21
C GLU BA 150 -2.75 -50.17 -19.01
N THR BA 151 -1.92 -49.59 -19.87
CA THR BA 151 -1.59 -48.17 -19.83
C THR BA 151 -2.79 -47.26 -20.08
N VAL BA 152 -3.64 -47.61 -21.05
CA VAL BA 152 -4.80 -46.81 -21.35
C VAL BA 152 -5.72 -46.80 -20.14
N ASP BA 153 -5.77 -47.90 -19.42
CA ASP BA 153 -6.63 -48.00 -18.25
C ASP BA 153 -6.08 -47.23 -17.07
N PHE BA 154 -4.75 -47.20 -16.96
CA PHE BA 154 -4.08 -46.48 -15.89
C PHE BA 154 -4.39 -44.99 -16.03
N ILE BA 155 -4.22 -44.49 -17.25
CA ILE BA 155 -4.48 -43.10 -17.57
C ILE BA 155 -5.96 -42.79 -17.47
N LYS BA 156 -6.81 -43.69 -17.94
CA LYS BA 156 -8.24 -43.44 -17.87
C LYS BA 156 -8.72 -43.32 -16.42
N HIS BA 157 -8.18 -44.16 -15.55
CA HIS BA 157 -8.53 -44.12 -14.13
C HIS BA 157 -7.94 -42.91 -13.45
N SER BA 158 -6.63 -42.75 -13.56
CA SER BA 158 -5.99 -41.59 -12.95
C SER BA 158 -6.76 -40.31 -13.29
N LEU BA 159 -6.80 -39.96 -14.57
CA LEU BA 159 -7.48 -38.75 -14.99
C LEU BA 159 -8.95 -38.67 -14.62
N SER BA 160 -9.66 -39.79 -14.61
CA SER BA 160 -11.06 -39.69 -14.23
C SER BA 160 -11.16 -39.20 -12.78
N GLN BA 161 -10.18 -39.56 -11.97
CA GLN BA 161 -10.16 -39.14 -10.58
C GLN BA 161 -9.78 -37.68 -10.51
N ALA BA 162 -8.73 -37.27 -11.22
CA ALA BA 162 -8.30 -35.88 -11.24
C ALA BA 162 -9.51 -35.04 -11.64
N ILE BA 163 -10.19 -35.41 -12.71
CA ILE BA 163 -11.35 -34.67 -13.16
C ILE BA 163 -12.42 -34.65 -12.08
N LYS BA 164 -12.53 -35.74 -11.35
CA LYS BA 164 -13.54 -35.85 -10.31
C LYS BA 164 -13.43 -34.79 -9.24
N TRP BA 165 -12.21 -34.55 -8.77
CA TRP BA 165 -11.96 -33.59 -7.71
C TRP BA 165 -11.62 -32.17 -8.12
N ASP BA 166 -10.84 -32.01 -9.17
CA ASP BA 166 -10.47 -30.67 -9.63
C ASP BA 166 -11.55 -30.05 -10.51
N GLY BA 167 -12.14 -28.96 -10.04
CA GLY BA 167 -13.18 -28.30 -10.79
C GLY BA 167 -12.65 -27.66 -12.07
N SER BA 168 -11.35 -27.42 -12.12
CA SER BA 168 -10.72 -26.81 -13.28
C SER BA 168 -10.59 -27.81 -14.44
N SER BA 169 -10.71 -29.10 -14.12
CA SER BA 169 -10.61 -30.15 -15.11
C SER BA 169 -11.95 -30.77 -15.37
N GLY BA 170 -12.11 -31.34 -16.56
CA GLY BA 170 -13.37 -31.98 -16.91
C GLY BA 170 -13.50 -32.21 -18.40
N GLY BA 171 -14.70 -32.55 -18.83
CA GLY BA 171 -14.92 -32.79 -20.25
C GLY BA 171 -14.64 -34.23 -20.62
N VAL BA 172 -14.01 -34.43 -21.77
CA VAL BA 172 -13.68 -35.77 -22.24
C VAL BA 172 -12.21 -36.05 -21.91
N ILE BA 173 -11.82 -37.32 -21.91
CA ILE BA 173 -10.42 -37.62 -21.67
C ILE BA 173 -9.85 -37.92 -23.07
N ARG BA 174 -8.76 -37.26 -23.41
CA ARG BA 174 -8.13 -37.47 -24.71
C ARG BA 174 -6.82 -38.20 -24.51
N MET BA 175 -6.47 -39.01 -25.49
CA MET BA 175 -5.22 -39.74 -25.40
C MET BA 175 -4.62 -39.82 -26.78
N VAL BA 176 -3.31 -39.95 -26.79
CA VAL BA 176 -2.58 -40.10 -28.04
C VAL BA 176 -1.54 -41.17 -27.81
N VAL BA 177 -1.63 -42.25 -28.59
CA VAL BA 177 -0.71 -43.35 -28.45
C VAL BA 177 0.42 -43.21 -29.44
N LEU BA 178 1.64 -43.32 -28.94
CA LEU BA 178 2.83 -43.20 -29.76
C LEU BA 178 3.67 -44.47 -29.73
N THR BA 179 3.52 -45.32 -30.74
CA THR BA 179 4.28 -46.57 -30.84
C THR BA 179 4.85 -46.70 -32.25
N ALA BA 180 5.72 -47.67 -32.46
CA ALA BA 180 6.30 -47.89 -33.78
C ALA BA 180 5.19 -48.05 -34.81
N ALA BA 181 4.07 -48.59 -34.38
CA ALA BA 181 2.92 -48.81 -35.25
C ALA BA 181 2.35 -47.53 -35.86
N GLY BA 182 2.50 -46.42 -35.16
CA GLY BA 182 1.97 -45.17 -35.67
C GLY BA 182 1.46 -44.25 -34.57
N VAL BA 183 0.48 -43.41 -34.93
CA VAL BA 183 -0.08 -42.46 -33.99
C VAL BA 183 -1.57 -42.69 -33.85
N GLU BA 184 -2.01 -42.97 -32.62
CA GLU BA 184 -3.43 -43.21 -32.39
C GLU BA 184 -4.11 -42.27 -31.42
N ARG BA 185 -5.27 -41.77 -31.86
CA ARG BA 185 -6.10 -40.85 -31.09
C ARG BA 185 -7.23 -41.58 -30.39
N LEU BA 186 -7.36 -41.36 -29.08
CA LEU BA 186 -8.41 -41.98 -28.28
C LEU BA 186 -9.22 -40.91 -27.57
N ILE BA 187 -10.49 -41.19 -27.32
CA ILE BA 187 -11.34 -40.24 -26.62
C ILE BA 187 -12.29 -41.03 -25.74
N PHE BA 188 -12.48 -40.55 -24.51
CA PHE BA 188 -13.38 -41.21 -23.57
C PHE BA 188 -14.35 -40.18 -23.02
N TYR BA 189 -15.63 -40.48 -23.14
CA TYR BA 189 -16.68 -39.58 -22.70
C TYR BA 189 -17.02 -39.72 -21.22
N PRO BA 190 -17.65 -38.67 -20.64
CA PRO BA 190 -18.07 -38.64 -19.24
C PRO BA 190 -18.85 -39.88 -18.82
N ASP BA 191 -19.94 -40.15 -19.55
CA ASP BA 191 -20.78 -41.29 -19.25
C ASP BA 191 -20.00 -42.58 -19.03
N GLU BA 192 -18.73 -42.60 -19.41
CA GLU BA 192 -17.93 -43.78 -19.19
C GLU BA 192 -17.02 -43.64 -17.97
N TYR BA 193 -15.96 -42.84 -18.08
CA TYR BA 193 -15.01 -42.69 -16.99
C TYR BA 193 -15.57 -42.22 -15.66
N GLU BA 194 -16.72 -41.59 -15.68
CA GLU BA 194 -17.33 -41.10 -14.45
C GLU BA 194 -17.84 -42.27 -13.62
N GLN BA 195 -18.11 -43.38 -14.29
CA GLN BA 195 -18.63 -44.56 -13.61
C GLN BA 195 -17.53 -45.59 -13.36
N LEU BA 196 -16.29 -45.13 -13.17
CA LEU BA 196 -15.19 -46.05 -12.93
C LEU BA 196 -14.91 -46.08 -11.44
C1 ESY CA . -11.44 25.55 -5.64
C2 ESY CA . -12.03 24.58 -4.82
C3 ESY CA . -12.03 24.79 -3.39
C4 ESY CA . -11.44 25.96 -2.80
C5 ESY CA . -11.49 26.03 -1.28
O6 ESY CA . -10.71 27.20 -0.73
C7 ESY CA . -10.77 27.07 0.65
N8 ESY CA . -11.49 25.96 1.12
C9 ESY CA . -11.86 25.36 2.35
C10 ESY CA . -13.26 25.26 1.85
N11 ESY CA . -13.67 24.07 1.06
C12 ESY CA . -14.99 24.17 0.23
C13 ESY CA . -15.22 22.89 -0.66
C14 ESY CA . -15.90 23.11 -2.05
C15 ESY CA . -17.44 23.28 -2.01
C16 ESY CA . -18.04 23.49 -3.45
N17 ESY CA . -19.50 23.64 -3.28
C18 ESY CA . -20.35 22.58 -3.04
C19 ESY CA . -21.83 22.87 -2.85
C20 ESY CA . -21.97 23.27 -1.33
C21 ESY CA . -21.11 24.52 -1.06
O22 ESY CA . -20.49 24.65 -0.01
C23 ESY CA . -23.43 23.61 -0.83
C24 ESY CA . -23.32 23.93 0.73
C25 ESY CA . -24.64 24.30 1.45
C26 ESY CA . -24.41 22.42 -1.08
O27 ESY CA . -22.26 23.96 -3.71
C29 ESY CA . -16.15 24.35 1.23
O30 ESY CA . -15.75 24.15 2.51
C31 ESY CA . -16.64 24.32 3.60
C32 ESY CA . -15.73 24.06 4.81
C33 ESY CA . -14.88 25.08 5.31
C34 ESY CA . -14.01 24.85 6.42
C35 ESY CA . -14.00 23.56 7.02
C36 ESY CA . -14.84 22.53 6.53
C37 ESY CA . -15.71 22.77 5.44
O28 ESY CA . -19.98 21.41 -2.93
O38 ESY CA . -17.27 24.68 0.84
O39 ESY CA . -14.06 26.20 2.05
C40 ESY CA . -11.71 26.33 3.59
O41 ESY CA . -10.23 27.85 1.36
C42 ESY CA . -10.85 26.95 -3.64
C43 ESY CA . -10.84 26.75 -5.06
C1 ESY DA . 16.43 20.34 11.29
C2 ESY DA . 16.81 19.47 10.22
C3 ESY DA . 16.90 20.03 8.92
C4 ESY DA . 16.61 21.40 8.64
C5 ESY DA . 16.72 21.84 7.19
O6 ESY DA . 16.23 23.26 6.92
C7 ESY DA . 16.30 23.44 5.58
N8 ESY DA . 16.76 22.35 4.85
C9 ESY DA . 17.04 22.02 3.50
C10 ESY DA . 18.38 21.48 3.87
N11 ESY DA . 18.49 20.10 4.39
C12 ESY DA . 19.77 19.69 5.16
C13 ESY DA . 19.66 18.21 5.70
C14 ESY DA . 20.36 17.94 7.10
C15 ESY DA . 21.91 17.77 7.08
C16 ESY DA . 22.49 17.48 8.49
N17 ESY DA . 23.95 17.36 8.35
C18 ESY DA . 24.56 16.24 7.82
C19 ESY DA . 26.07 16.24 7.67
C20 ESY DA . 26.36 16.95 6.26
C21 ESY DA . 25.79 18.38 6.33
O22 ESY DA . 25.23 18.88 5.34
C23 ESY DA . 27.86 17.08 5.84
C24 ESY DA . 27.87 17.77 4.41
C25 ESY DA . 29.24 18.01 3.79
C26 ESY DA . 28.55 15.67 5.76
O27 ESY DA . 26.71 16.99 8.74
C29 ESY DA . 20.95 19.86 4.21
O30 ESY DA . 20.55 20.08 2.93
C31 ESY DA . 21.51 20.30 1.87
C32 ESY DA . 20.58 20.54 0.67
C33 ESY DA . 19.99 21.80 0.46
C34 ESY DA . 19.13 22.04 -0.64
C35 ESY DA . 18.84 20.98 -1.55
C36 ESY DA . 19.43 19.70 -1.36
C37 ESY DA . 20.30 19.49 -0.25
O28 ESY DA . 23.94 15.25 7.41
O38 ESY DA . 22.12 19.80 4.62
O39 ESY DA . 19.34 22.25 3.94
C40 ESY DA . 17.15 23.26 2.49
O41 ESY DA . 15.98 24.52 5.09
C42 ESY DA . 16.23 22.24 9.69
C43 ESY DA . 16.13 21.73 11.03
#